data_8ZBM
#
_entry.id   8ZBM
#
loop_
_entity.id
_entity.type
_entity.pdbx_description
1 polymer 'Actin, alpha skeletal muscle'
2 polymer 'Tropomyosin beta chain'
3 polymer 'Myosin heavy chain 4'
4 non-polymer "ADENOSINE-5'-DIPHOSPHATE"
#
loop_
_entity_poly.entity_id
_entity_poly.type
_entity_poly.pdbx_seq_one_letter_code
_entity_poly.pdbx_strand_id
1 'polypeptide(L)'
;TTALVCDNGSGLVKAGFAGDDAPRAVFPSIVGRPRHQGVMVGMGQKDSYVGDEAQSKRGILTLKYPIEHGIITNWDDMEK
IWHHTFYNELRVAPEEHPTLLTEAPLNPKANREKMTQIMFETFNVPAMYVAIQAVLSLYASGRTTGIVLDSGDGVTHNVP
IYEGYALPHAIMRLDLAGRDLTDYLMKILTERGYSFVTTAEREIVRDIKEKLCYVALDFENEMATAASSSSLEKSYELPD
GQVITIGNERFRCPETLFQPSFIGMESAGIHETTYNSIMKCDIDIRKDLYANNVMSGGTTMYPGIADRMQKEITALAPST
MKIKIIAPPERKYSVWIGGSILASLSTFQQMWITKQEYDEAGPSIVHRKCF
;
E,H,O,Q,P,R
2 'polypeptide(L)'
;ALQKKLKGTEDEVEKYSESVKDAQEKLEQAEKKATDAEADVASLNRRIQLVEEELDRAQERLATALQKLEEAEKAADESE
RGMKVIENRAMKDEEKMELQEMQLKEAKHIAEDSDRKYEEVARKLVILEGELERSEERAEVAESKCGDLEEELKIVTNNL
KSLEAQ
;
C,B,G,F
3 'polypeptide(L)'
;MAVFGEAAPYLRKSEKERIEAQNKPFDAKSSVFVVDAKESFVKATVQSREGGKVTAKTEGGATVTVKDDQVFPMNPPKYD
KIEDMAMMTHLHEPAVLYNLKERYAAWMIYTYSGLFCVTVNPYKWLPVYNAEVVAAYRGKKRQEAPPHIFSISDNAYQFM
LTDRENQSILITGESGAGKTVNTKRVIQYFATIAVTGEKKKEEAPSGKMQGTLEDQIISANPLLEAFGNAKTVRNDNSSR
FGKFIRIHFGTTGKLASADIETYLLEKSRVTFQLKAERSYHIFYQIMSNKKPDLIEMLLITTNPYDYAFVSQGEITVPSI
DDQEELMATDSAIDILGFTSDERVSIYKLTGAVMHYGNMKFKQKQREEQAEPDGTEVADKAAYLQNLNSADLLKALCYPR
VKVGNEYVTKGQTVQQVYNAVGALAKAVYEKMFLWMVTRINQQLDTKQPRQYFIGVLDIAGFEIFDFNSLEQLCINFTNE
KLQQFFNHHMFVLEQEEYKKEGIEWEFIDFGMDLAACIELIEKPMGIFSILEEECMFPKATDTSFKNKLYEQHLGKSNNF
QKPKPAKGKVEAHFSLVHYAGTVDYNIAGWLDKNKDPLNETVVGLYQKSSMKTLAYLFSGAAAAAEAESGGGGGKKGAKK
KGSSFQTVSALFRENLNKLMTNLRSTHPHFVRCIIPNETKTPGAMEHELVLHQLRCNGVLEGIRICRKGFPSRILYADFK
QRYKVLNASAIPEGQFIDSKKASEKLLGSIDIDHTQYKFGHTKVFFKAGLLGLLEEMRDD
;
A,D,J,L,K,N
#
# COMPACT_ATOMS: atom_id res chain seq x y z
N THR A 1 -25.39 46.21 37.45
CA THR A 1 -24.59 47.28 38.02
C THR A 1 -23.11 47.02 37.81
N THR A 2 -22.29 47.86 38.43
CA THR A 2 -20.85 47.74 38.30
C THR A 2 -20.37 46.46 38.96
N ALA A 3 -19.30 45.90 38.40
CA ALA A 3 -18.66 44.71 38.96
C ALA A 3 -17.34 45.11 39.60
N LEU A 4 -16.97 44.37 40.64
CA LEU A 4 -15.72 44.58 41.34
C LEU A 4 -14.65 43.64 40.78
N VAL A 5 -13.42 44.10 40.77
CA VAL A 5 -12.29 43.34 40.27
C VAL A 5 -11.21 43.39 41.32
N CYS A 6 -11.10 42.35 42.13
CA CYS A 6 -10.09 42.25 43.17
C CYS A 6 -9.07 41.20 42.74
N ASP A 7 -7.86 41.63 42.48
CA ASP A 7 -6.75 40.75 42.11
C ASP A 7 -5.84 40.60 43.32
N ASN A 8 -6.05 39.53 44.08
CA ASN A 8 -5.34 39.36 45.34
C ASN A 8 -3.84 39.26 45.14
N GLY A 9 -3.39 38.19 44.49
CA GLY A 9 -1.97 38.05 44.37
C GLY A 9 -1.27 37.98 45.72
N SER A 10 0.03 37.80 45.65
CA SER A 10 0.89 37.92 46.81
C SER A 10 1.55 39.29 46.79
N GLY A 11 1.93 39.77 47.95
CA GLY A 11 2.61 41.05 48.02
C GLY A 11 1.70 42.25 47.87
N LEU A 12 0.85 42.26 46.86
CA LEU A 12 0.06 43.45 46.53
C LEU A 12 -1.36 43.08 46.18
N VAL A 13 -2.31 43.59 46.94
CA VAL A 13 -3.71 43.55 46.54
C VAL A 13 -4.00 44.77 45.70
N LYS A 14 -4.74 44.58 44.62
CA LYS A 14 -5.12 45.68 43.73
C LYS A 14 -6.57 45.48 43.33
N ALA A 15 -7.40 46.44 43.65
CA ALA A 15 -8.83 46.34 43.43
C ALA A 15 -9.34 47.60 42.74
N GLY A 16 -10.55 47.50 42.23
CA GLY A 16 -11.16 48.59 41.50
C GLY A 16 -12.46 48.13 40.88
N PHE A 17 -13.11 49.02 40.17
CA PHE A 17 -14.37 48.73 39.54
C PHE A 17 -14.14 48.33 38.09
N ALA A 18 -14.99 47.43 37.60
CA ALA A 18 -14.91 47.03 36.21
C ALA A 18 -15.13 48.24 35.31
N GLY A 19 -14.58 48.18 34.11
CA GLY A 19 -14.69 49.26 33.17
C GLY A 19 -13.75 50.41 33.41
N ASP A 20 -13.15 50.52 34.59
CA ASP A 20 -12.19 51.58 34.82
C ASP A 20 -10.91 51.31 34.05
N ASP A 21 -9.93 52.19 34.21
CA ASP A 21 -8.69 52.10 33.45
C ASP A 21 -7.51 51.66 34.29
N ALA A 22 -7.64 51.66 35.62
CA ALA A 22 -6.56 51.27 36.50
C ALA A 22 -7.17 50.95 37.85
N PRO A 23 -6.59 50.02 38.60
CA PRO A 23 -7.15 49.69 39.92
C PRO A 23 -7.13 50.90 40.82
N ARG A 24 -8.27 51.19 41.45
CA ARG A 24 -8.37 52.39 42.27
C ARG A 24 -7.46 52.31 43.48
N ALA A 25 -7.47 51.18 44.18
CA ALA A 25 -6.76 51.02 45.44
C ALA A 25 -5.72 49.92 45.31
N VAL A 26 -4.50 50.19 45.79
CA VAL A 26 -3.39 49.27 45.69
C VAL A 26 -2.59 49.37 46.98
N PHE A 27 -2.41 48.26 47.68
CA PHE A 27 -1.79 48.28 48.99
C PHE A 27 -1.20 46.91 49.26
N PRO A 28 -0.21 46.81 50.14
CA PRO A 28 0.42 45.52 50.38
C PRO A 28 -0.50 44.57 51.12
N SER A 29 -0.49 43.32 50.69
CA SER A 29 -1.39 42.31 51.24
C SER A 29 -0.75 41.65 52.46
N ILE A 30 -0.55 42.45 53.51
CA ILE A 30 0.05 41.98 54.74
C ILE A 30 -0.88 42.28 55.89
N VAL A 31 -0.69 41.55 56.98
CA VAL A 31 -1.39 41.78 58.23
C VAL A 31 -0.36 41.84 59.33
N GLY A 32 -0.41 42.88 60.15
CA GLY A 32 0.56 43.07 61.20
C GLY A 32 -0.13 43.01 62.55
N ARG A 33 0.64 42.60 63.56
CA ARG A 33 0.16 42.57 64.91
C ARG A 33 1.29 43.08 65.80
N PRO A 34 0.97 43.85 66.83
CA PRO A 34 2.03 44.34 67.71
C PRO A 34 2.71 43.18 68.40
N ARG A 35 4.00 43.34 68.65
CA ARG A 35 4.77 42.30 69.31
C ARG A 35 5.38 42.76 70.63
N HIS A 36 5.23 44.03 70.98
CA HIS A 36 5.48 44.51 72.32
C HIS A 36 4.14 44.67 73.02
N GLN A 37 4.16 45.21 74.25
CA GLN A 37 2.95 45.18 75.04
C GLN A 37 2.19 46.49 75.06
N GLY A 38 2.86 47.62 74.91
CA GLY A 38 2.15 48.88 74.93
C GLY A 38 1.83 49.31 76.35
N VAL A 39 2.11 50.56 76.68
CA VAL A 39 1.98 51.03 78.05
C VAL A 39 1.06 52.22 78.20
N MET A 40 0.81 53.00 77.15
CA MET A 40 -0.02 54.18 77.27
C MET A 40 -1.48 53.76 77.25
N VAL A 41 -2.14 53.81 78.41
CA VAL A 41 -3.57 53.52 78.44
C VAL A 41 -4.33 54.64 77.74
N GLY A 42 -5.56 54.33 77.34
CA GLY A 42 -6.35 55.25 76.56
C GLY A 42 -5.91 55.39 75.13
N MET A 43 -4.74 54.87 74.77
CA MET A 43 -4.31 54.89 73.38
C MET A 43 -5.23 54.06 72.50
N GLY A 44 -5.88 53.06 73.09
CA GLY A 44 -6.84 52.24 72.36
C GLY A 44 -6.29 51.60 71.10
N GLN A 45 -5.04 51.17 71.14
CA GLN A 45 -4.44 50.54 69.96
C GLN A 45 -5.23 49.30 69.58
N LYS A 46 -5.58 49.19 68.31
CA LYS A 46 -6.26 48.00 67.83
C LYS A 46 -5.30 46.82 67.85
N ASP A 47 -5.83 45.64 67.57
CA ASP A 47 -5.07 44.41 67.76
C ASP A 47 -4.39 43.91 66.50
N SER A 48 -4.81 44.38 65.32
CA SER A 48 -4.20 43.89 64.08
C SER A 48 -4.43 44.92 62.99
N TYR A 49 -3.37 45.56 62.53
CA TYR A 49 -3.47 46.45 61.40
C TYR A 49 -3.36 45.65 60.11
N VAL A 50 -3.55 46.33 58.99
CA VAL A 50 -3.68 45.66 57.71
C VAL A 50 -3.38 46.65 56.59
N GLY A 51 -2.67 46.19 55.58
CA GLY A 51 -2.40 47.04 54.43
C GLY A 51 -1.43 48.16 54.75
N ASP A 52 -1.64 49.30 54.09
CA ASP A 52 -0.73 50.44 54.23
C ASP A 52 -0.60 50.89 55.68
N GLU A 53 -1.66 50.77 56.47
CA GLU A 53 -1.56 51.07 57.89
C GLU A 53 -0.46 50.25 58.55
N ALA A 54 -0.46 48.94 58.31
CA ALA A 54 0.60 48.09 58.85
C ALA A 54 1.95 48.44 58.24
N GLN A 55 1.99 48.68 56.93
CA GLN A 55 3.23 49.06 56.29
C GLN A 55 3.83 50.31 56.91
N SER A 56 3.00 51.19 57.46
CA SER A 56 3.52 52.36 58.15
C SER A 56 3.88 52.06 59.60
N LYS A 57 3.13 51.21 60.27
CA LYS A 57 3.44 50.84 61.65
C LYS A 57 4.52 49.77 61.75
N ARG A 58 5.17 49.42 60.64
CA ARG A 58 6.18 48.37 60.58
C ARG A 58 7.07 48.24 61.81
N GLY A 59 7.48 49.37 62.38
CA GLY A 59 8.49 49.35 63.41
C GLY A 59 8.14 48.51 64.62
N ILE A 60 6.86 48.28 64.88
CA ILE A 60 6.46 47.65 66.12
C ILE A 60 5.53 46.47 65.85
N LEU A 61 5.49 46.02 64.61
CA LEU A 61 4.59 44.94 64.24
C LEU A 61 5.37 43.72 63.80
N THR A 62 4.64 42.66 63.48
CA THR A 62 5.18 41.49 62.84
C THR A 62 4.29 41.16 61.64
N LEU A 63 4.83 41.31 60.45
CA LEU A 63 4.05 41.22 59.24
C LEU A 63 4.01 39.79 58.73
N LYS A 64 2.87 39.41 58.17
CA LYS A 64 2.68 38.03 57.73
C LYS A 64 1.78 38.02 56.51
N TYR A 65 2.38 37.86 55.34
CA TYR A 65 1.63 37.68 54.11
C TYR A 65 0.75 36.45 54.24
N PRO A 66 -0.57 36.57 54.08
CA PRO A 66 -1.44 35.40 54.15
C PRO A 66 -1.51 34.57 52.88
N ILE A 67 -0.66 34.85 51.89
CA ILE A 67 -0.58 34.07 50.67
C ILE A 67 0.88 33.72 50.45
N GLU A 68 1.18 32.43 50.34
CA GLU A 68 2.58 32.00 50.30
C GLU A 68 3.09 31.83 48.88
N HIS A 69 2.53 30.91 48.11
CA HIS A 69 2.83 30.80 46.69
C HIS A 69 1.50 30.65 45.99
N GLY A 70 0.83 31.76 45.75
CA GLY A 70 -0.45 31.71 45.08
C GLY A 70 -1.55 31.07 45.88
N ILE A 71 -1.20 30.36 46.96
CA ILE A 71 -2.17 29.65 47.77
C ILE A 71 -2.39 30.42 49.06
N ILE A 72 -3.60 30.36 49.57
CA ILE A 72 -3.95 31.05 50.80
C ILE A 72 -3.78 30.10 51.96
N THR A 73 -3.01 30.51 52.96
CA THR A 73 -2.72 29.66 54.09
C THR A 73 -3.43 30.07 55.36
N ASN A 74 -3.48 31.35 55.68
CA ASN A 74 -4.17 31.84 56.86
C ASN A 74 -5.47 32.46 56.40
N TRP A 75 -6.56 31.73 56.56
CA TRP A 75 -7.82 32.18 55.98
C TRP A 75 -8.40 33.36 56.74
N ASP A 76 -8.11 33.48 58.03
CA ASP A 76 -8.67 34.59 58.78
C ASP A 76 -8.03 35.91 58.39
N ASP A 77 -6.71 35.90 58.18
CA ASP A 77 -6.07 37.10 57.68
C ASP A 77 -6.54 37.44 56.28
N MET A 78 -6.83 36.42 55.46
CA MET A 78 -7.36 36.70 54.12
C MET A 78 -8.72 37.35 54.21
N GLU A 79 -9.57 36.88 55.12
CA GLU A 79 -10.87 37.52 55.31
C GLU A 79 -10.71 38.94 55.81
N LYS A 80 -9.77 39.17 56.72
CA LYS A 80 -9.49 40.53 57.16
C LYS A 80 -9.09 41.40 55.98
N ILE A 81 -8.23 40.88 55.10
CA ILE A 81 -7.78 41.64 53.95
C ILE A 81 -8.96 42.01 53.08
N TRP A 82 -9.79 41.03 52.74
CA TRP A 82 -10.93 41.30 51.86
C TRP A 82 -11.87 42.31 52.48
N HIS A 83 -12.18 42.13 53.76
CA HIS A 83 -13.10 43.04 54.43
C HIS A 83 -12.55 44.46 54.44
N HIS A 84 -11.27 44.61 54.77
CA HIS A 84 -10.67 45.92 54.74
C HIS A 84 -10.72 46.52 53.35
N THR A 85 -10.44 45.71 52.33
CA THR A 85 -10.53 46.20 50.96
C THR A 85 -11.92 46.76 50.69
N PHE A 86 -12.95 45.94 50.85
CA PHE A 86 -14.30 46.36 50.50
C PHE A 86 -14.74 47.58 51.30
N TYR A 87 -14.47 47.59 52.60
CA TYR A 87 -15.08 48.60 53.45
C TYR A 87 -14.23 49.83 53.68
N ASN A 88 -12.97 49.83 53.27
CA ASN A 88 -12.15 51.02 53.45
C ASN A 88 -11.44 51.46 52.19
N GLU A 89 -11.00 50.53 51.36
CA GLU A 89 -10.31 50.95 50.15
C GLU A 89 -11.29 51.38 49.07
N LEU A 90 -12.48 50.78 49.06
CA LEU A 90 -13.47 51.09 48.04
C LEU A 90 -14.75 51.72 48.59
N ARG A 91 -15.01 51.60 49.88
CA ARG A 91 -16.23 52.10 50.49
C ARG A 91 -17.45 51.67 49.67
N VAL A 92 -17.66 50.37 49.62
CA VAL A 92 -18.70 49.81 48.79
C VAL A 92 -19.37 48.66 49.54
N ALA A 93 -20.68 48.59 49.46
CA ALA A 93 -21.40 47.46 50.01
C ALA A 93 -21.28 46.29 49.04
N PRO A 94 -20.61 45.21 49.42
CA PRO A 94 -20.41 44.10 48.49
C PRO A 94 -21.66 43.28 48.22
N GLU A 95 -22.80 43.63 48.81
CA GLU A 95 -24.00 42.83 48.61
C GLU A 95 -24.55 42.95 47.20
N GLU A 96 -24.26 44.06 46.53
CA GLU A 96 -24.82 44.34 45.21
C GLU A 96 -23.71 44.50 44.17
N HIS A 97 -22.70 43.66 44.23
CA HIS A 97 -21.60 43.82 43.29
C HIS A 97 -21.01 42.47 42.95
N PRO A 98 -21.22 41.97 41.74
CA PRO A 98 -20.49 40.76 41.33
C PRO A 98 -19.00 41.06 41.33
N THR A 99 -18.22 40.15 41.89
CA THR A 99 -16.78 40.35 42.04
C THR A 99 -16.03 39.33 41.21
N LEU A 100 -14.90 39.76 40.66
CA LEU A 100 -14.03 38.90 39.88
C LEU A 100 -12.77 38.62 40.68
N LEU A 101 -12.41 37.35 40.81
CA LEU A 101 -11.25 36.94 41.56
C LEU A 101 -10.28 36.20 40.65
N THR A 102 -9.00 36.28 40.98
CA THR A 102 -7.95 35.69 40.17
C THR A 102 -7.17 34.67 40.98
N GLU A 103 -6.59 33.71 40.28
CA GLU A 103 -5.67 32.78 40.93
C GLU A 103 -4.76 32.18 39.87
N ALA A 104 -3.57 31.78 40.30
CA ALA A 104 -2.63 31.14 39.41
C ALA A 104 -3.15 29.78 38.97
N PRO A 105 -2.59 29.22 37.92
CA PRO A 105 -2.96 27.86 37.53
C PRO A 105 -2.28 26.84 38.41
N LEU A 106 -2.82 25.63 38.42
CA LEU A 106 -2.30 24.52 39.22
C LEU A 106 -2.23 24.91 40.69
N ASN A 107 -3.40 25.20 41.25
CA ASN A 107 -3.52 25.49 42.67
C ASN A 107 -4.38 24.42 43.33
N PRO A 108 -4.25 24.24 44.64
CA PRO A 108 -5.15 23.33 45.35
C PRO A 108 -6.59 23.73 45.13
N LYS A 109 -7.41 22.76 44.71
CA LYS A 109 -8.81 23.05 44.46
C LYS A 109 -9.52 23.53 45.71
N ALA A 110 -9.07 23.09 46.87
CA ALA A 110 -9.67 23.54 48.12
C ALA A 110 -9.51 25.04 48.28
N ASN A 111 -8.40 25.60 47.80
CA ASN A 111 -8.18 27.04 47.88
C ASN A 111 -9.30 27.79 47.20
N ARG A 112 -9.49 27.53 45.90
CA ARG A 112 -10.53 28.19 45.13
C ARG A 112 -11.91 27.91 45.70
N GLU A 113 -12.16 26.69 46.16
CA GLU A 113 -13.46 26.36 46.74
C GLU A 113 -13.75 27.23 47.95
N LYS A 114 -12.85 27.18 48.95
CA LYS A 114 -13.05 27.98 50.14
C LYS A 114 -13.15 29.45 49.82
N MET A 115 -12.42 29.90 48.79
CA MET A 115 -12.56 31.28 48.33
C MET A 115 -14.00 31.59 47.96
N THR A 116 -14.57 30.79 47.07
CA THR A 116 -15.96 30.96 46.68
C THR A 116 -16.89 30.95 47.90
N GLN A 117 -16.69 29.97 48.78
CA GLN A 117 -17.59 29.81 49.91
C GLN A 117 -17.56 31.04 50.79
N ILE A 118 -16.37 31.51 51.17
CA ILE A 118 -16.29 32.70 52.00
C ILE A 118 -16.90 33.89 51.30
N MET A 119 -16.66 34.03 50.00
CA MET A 119 -17.23 35.14 49.26
C MET A 119 -18.75 35.14 49.37
N PHE A 120 -19.37 33.98 49.21
CA PHE A 120 -20.83 33.94 49.24
C PHE A 120 -21.39 34.03 50.66
N GLU A 121 -20.66 33.57 51.67
CA GLU A 121 -21.21 33.57 53.02
C GLU A 121 -20.89 34.86 53.78
N THR A 122 -19.61 35.14 53.97
CA THR A 122 -19.23 36.28 54.80
C THR A 122 -19.65 37.58 54.16
N PHE A 123 -19.21 37.82 52.93
CA PHE A 123 -19.49 39.08 52.28
C PHE A 123 -20.81 39.09 51.54
N ASN A 124 -21.32 37.92 51.17
CA ASN A 124 -22.65 37.79 50.60
C ASN A 124 -22.79 38.60 49.31
N VAL A 125 -21.94 38.27 48.34
CA VAL A 125 -21.98 38.93 47.04
C VAL A 125 -23.18 38.41 46.26
N PRO A 126 -23.59 39.06 45.19
CA PRO A 126 -24.69 38.52 44.39
C PRO A 126 -24.20 37.45 43.42
N ALA A 127 -22.94 37.55 43.02
CA ALA A 127 -22.33 36.59 42.12
C ALA A 127 -20.82 36.80 42.15
N MET A 128 -20.09 35.85 41.59
CA MET A 128 -18.65 35.96 41.51
C MET A 128 -18.14 35.03 40.44
N TYR A 129 -16.82 35.01 40.28
CA TYR A 129 -16.16 34.23 39.25
C TYR A 129 -14.67 34.28 39.50
N VAL A 130 -13.99 33.18 39.18
CA VAL A 130 -12.55 33.07 39.38
C VAL A 130 -11.89 32.87 38.03
N ALA A 131 -10.87 33.68 37.74
CA ALA A 131 -10.21 33.66 36.45
C ALA A 131 -8.72 33.40 36.62
N ILE A 132 -8.11 32.94 35.54
CA ILE A 132 -6.69 32.62 35.53
C ILE A 132 -5.91 33.87 35.19
N GLN A 133 -4.96 34.24 36.06
CA GLN A 133 -4.26 35.52 35.92
C GLN A 133 -3.70 35.72 34.52
N ALA A 134 -3.19 34.65 33.90
CA ALA A 134 -2.51 34.81 32.62
C ALA A 134 -3.50 35.14 31.51
N VAL A 135 -4.69 34.55 31.55
CA VAL A 135 -5.69 34.86 30.54
C VAL A 135 -6.02 36.35 30.57
N LEU A 136 -6.27 36.89 31.75
CA LEU A 136 -6.51 38.31 31.87
C LEU A 136 -5.34 39.12 31.37
N SER A 137 -4.12 38.70 31.72
CA SER A 137 -2.96 39.45 31.25
C SER A 137 -2.88 39.46 29.73
N LEU A 138 -3.39 38.43 29.08
CA LEU A 138 -3.44 38.44 27.62
C LEU A 138 -4.52 39.40 27.13
N TYR A 139 -5.70 39.33 27.76
CA TYR A 139 -6.78 40.27 27.43
C TYR A 139 -6.27 41.71 27.45
N ALA A 140 -5.51 42.07 28.47
CA ALA A 140 -5.08 43.46 28.62
C ALA A 140 -4.11 43.89 27.53
N SER A 141 -3.50 42.95 26.82
CA SER A 141 -2.53 43.30 25.79
C SER A 141 -3.13 43.26 24.39
N GLY A 142 -4.44 43.18 24.28
CA GLY A 142 -5.06 43.19 22.97
C GLY A 142 -4.72 42.01 22.10
N ARG A 143 -4.02 41.01 22.63
CA ARG A 143 -3.68 39.84 21.85
C ARG A 143 -4.80 38.82 21.87
N THR A 144 -4.63 37.78 21.07
CA THR A 144 -5.45 36.59 21.18
C THR A 144 -4.65 35.32 21.02
N THR A 145 -3.33 35.42 20.85
CA THR A 145 -2.44 34.28 20.81
C THR A 145 -1.24 34.63 21.67
N GLY A 146 -0.20 33.83 21.57
CA GLY A 146 1.04 34.12 22.27
C GLY A 146 1.03 33.59 23.68
N ILE A 147 2.21 33.23 24.15
CA ILE A 147 2.39 32.74 25.51
C ILE A 147 2.59 33.95 26.40
N VAL A 148 2.09 33.86 27.61
CA VAL A 148 2.22 34.92 28.60
C VAL A 148 3.04 34.39 29.76
N LEU A 149 3.98 35.20 30.22
CA LEU A 149 4.85 34.83 31.32
C LEU A 149 4.51 35.78 32.46
N ASP A 150 3.52 35.42 33.25
CA ASP A 150 3.26 36.17 34.46
C ASP A 150 4.25 35.75 35.54
N SER A 151 4.70 36.72 36.31
CA SER A 151 5.59 36.42 37.43
C SER A 151 5.32 37.46 38.51
N GLY A 152 4.45 37.11 39.44
CA GLY A 152 4.08 38.06 40.47
C GLY A 152 5.09 38.08 41.59
N ASP A 153 4.61 37.98 42.81
CA ASP A 153 5.49 37.95 43.97
C ASP A 153 5.67 36.56 44.54
N GLY A 154 4.77 35.64 44.26
CA GLY A 154 4.85 34.32 44.83
C GLY A 154 5.05 33.18 43.84
N VAL A 155 4.50 33.32 42.64
CA VAL A 155 4.48 32.23 41.67
C VAL A 155 4.85 32.80 40.30
N THR A 156 5.12 31.91 39.36
CA THR A 156 5.59 32.30 38.04
C THR A 156 5.13 31.24 37.05
N HIS A 157 4.21 31.58 36.17
CA HIS A 157 3.64 30.59 35.26
C HIS A 157 3.68 31.08 33.83
N ASN A 158 3.74 30.13 32.91
CA ASN A 158 3.57 30.40 31.49
C ASN A 158 2.31 29.72 31.02
N VAL A 159 1.49 30.43 30.26
CA VAL A 159 0.27 29.84 29.73
C VAL A 159 0.21 30.11 28.23
N PRO A 160 0.56 29.13 27.39
CA PRO A 160 0.48 29.33 25.95
C PRO A 160 -0.98 29.33 25.50
N ILE A 161 -1.41 30.45 24.92
CA ILE A 161 -2.76 30.58 24.40
C ILE A 161 -2.67 30.84 22.91
N TYR A 162 -3.55 30.21 22.14
CA TYR A 162 -3.56 30.38 20.71
C TYR A 162 -5.00 30.53 20.26
N GLU A 163 -5.29 31.60 19.54
CA GLU A 163 -6.61 31.81 18.94
C GLU A 163 -7.71 31.77 19.99
N GLY A 164 -7.38 32.10 21.23
CA GLY A 164 -8.35 32.03 22.30
C GLY A 164 -8.45 30.69 22.97
N TYR A 165 -7.71 29.69 22.48
CA TYR A 165 -7.67 28.37 23.11
C TYR A 165 -6.43 28.26 23.97
N ALA A 166 -6.57 27.63 25.13
CA ALA A 166 -5.46 27.41 26.04
C ALA A 166 -5.05 25.95 25.98
N LEU A 167 -3.76 25.73 25.91
CA LEU A 167 -3.26 24.36 25.90
C LEU A 167 -2.80 24.02 27.31
N PRO A 168 -3.66 23.40 28.12
CA PRO A 168 -3.33 23.25 29.54
C PRO A 168 -2.16 22.33 29.78
N HIS A 169 -1.97 21.32 28.93
CA HIS A 169 -0.89 20.37 29.14
C HIS A 169 0.48 21.01 28.98
N ALA A 170 0.56 22.25 28.52
CA ALA A 170 1.83 22.94 28.37
C ALA A 170 1.99 24.06 29.37
N ILE A 171 1.05 24.25 30.28
CA ILE A 171 1.21 25.24 31.33
C ILE A 171 2.39 24.84 32.18
N MET A 172 3.21 25.83 32.56
CA MET A 172 4.41 25.59 33.33
C MET A 172 4.40 26.52 34.53
N ARG A 173 4.06 26.00 35.69
CA ARG A 173 4.10 26.76 36.93
C ARG A 173 5.45 26.54 37.59
N LEU A 174 5.98 27.59 38.20
CA LEU A 174 7.27 27.53 38.87
C LEU A 174 7.21 28.44 40.08
N ASP A 175 7.66 27.94 41.22
CA ASP A 175 7.44 28.60 42.50
C ASP A 175 8.58 29.53 42.88
N LEU A 176 9.23 30.13 41.91
CA LEU A 176 10.28 31.13 42.14
C LEU A 176 9.76 32.48 41.70
N ALA A 177 9.78 33.45 42.60
CA ALA A 177 9.17 34.74 42.29
C ALA A 177 9.80 35.80 43.19
N GLY A 178 9.14 36.96 43.26
CA GLY A 178 9.74 38.13 43.88
C GLY A 178 10.14 37.92 45.33
N ARG A 179 9.33 37.16 46.07
CA ARG A 179 9.67 36.93 47.47
C ARG A 179 10.97 36.16 47.61
N ASP A 180 11.18 35.18 46.73
CA ASP A 180 12.43 34.42 46.76
C ASP A 180 13.61 35.30 46.40
N LEU A 181 13.45 36.19 45.42
CA LEU A 181 14.52 37.11 45.09
C LEU A 181 14.81 38.03 46.26
N THR A 182 13.78 38.48 46.95
CA THR A 182 14.00 39.31 48.13
C THR A 182 14.82 38.57 49.17
N ASP A 183 14.49 37.30 49.39
CA ASP A 183 15.22 36.53 50.38
C ASP A 183 16.66 36.31 49.97
N TYR A 184 16.89 35.98 48.70
CA TYR A 184 18.25 35.79 48.23
C TYR A 184 19.06 37.07 48.35
N LEU A 185 18.43 38.20 48.10
CA LEU A 185 19.11 39.47 48.28
C LEU A 185 19.43 39.73 49.75
N MET A 186 18.48 39.42 50.63
CA MET A 186 18.75 39.52 52.06
C MET A 186 19.97 38.69 52.43
N LYS A 187 20.11 37.52 51.81
CA LYS A 187 21.21 36.64 52.17
C LYS A 187 22.52 37.19 51.66
N ILE A 188 22.61 37.51 50.37
CA ILE A 188 23.88 37.99 49.83
C ILE A 188 24.23 39.39 50.26
N LEU A 189 23.31 40.12 50.86
CA LEU A 189 23.67 41.42 51.41
C LEU A 189 24.47 41.29 52.69
N THR A 190 24.52 40.09 53.28
CA THR A 190 25.31 39.90 54.49
C THR A 190 26.79 39.99 54.18
N GLU A 191 27.21 39.52 53.01
CA GLU A 191 28.63 39.48 52.73
C GLU A 191 29.25 40.85 52.55
N ARG A 192 28.48 41.92 52.73
CA ARG A 192 29.04 43.26 52.87
C ARG A 192 28.95 43.78 54.29
N GLY A 193 28.34 43.02 55.19
CA GLY A 193 28.16 43.45 56.55
C GLY A 193 26.79 43.99 56.88
N TYR A 194 25.86 43.93 55.95
CA TYR A 194 24.51 44.43 56.17
C TYR A 194 23.63 43.25 56.58
N SER A 195 22.97 43.38 57.72
CA SER A 195 22.16 42.29 58.26
C SER A 195 20.73 42.78 58.42
N PHE A 196 19.83 42.19 57.65
CA PHE A 196 18.40 42.45 57.76
C PHE A 196 17.72 41.14 58.06
N VAL A 197 17.09 41.03 59.24
CA VAL A 197 16.53 39.76 59.66
C VAL A 197 15.05 39.90 60.02
N THR A 198 14.64 41.10 60.42
CA THR A 198 13.28 41.29 60.88
C THR A 198 12.31 41.29 59.71
N THR A 199 11.06 40.90 59.99
CA THR A 199 10.03 40.96 58.97
C THR A 199 9.76 42.39 58.51
N ALA A 200 10.13 43.38 59.32
CA ALA A 200 10.01 44.76 58.89
C ALA A 200 11.06 45.08 57.83
N GLU A 201 12.33 44.88 58.17
CA GLU A 201 13.41 45.23 57.27
C GLU A 201 13.49 44.34 56.04
N ARG A 202 12.74 43.24 56.00
CA ARG A 202 12.52 42.57 54.73
C ARG A 202 11.87 43.52 53.73
N GLU A 203 11.00 44.42 54.20
CA GLU A 203 10.40 45.41 53.32
C GLU A 203 11.44 46.40 52.83
N ILE A 204 12.35 46.81 53.71
CA ILE A 204 13.46 47.65 53.29
C ILE A 204 14.23 46.98 52.17
N VAL A 205 14.50 45.69 52.32
CA VAL A 205 15.23 44.97 51.28
C VAL A 205 14.42 44.91 50.00
N ARG A 206 13.10 44.77 50.12
CA ARG A 206 12.26 44.76 48.93
C ARG A 206 12.36 46.08 48.18
N ASP A 207 12.40 47.19 48.92
CA ASP A 207 12.55 48.49 48.26
C ASP A 207 13.92 48.60 47.59
N ILE A 208 14.97 48.17 48.29
CA ILE A 208 16.29 48.17 47.69
C ILE A 208 16.28 47.40 46.38
N LYS A 209 15.58 46.27 46.36
CA LYS A 209 15.51 45.46 45.14
C LYS A 209 14.76 46.18 44.04
N GLU A 210 13.61 46.76 44.37
CA GLU A 210 12.82 47.46 43.37
C GLU A 210 13.54 48.69 42.83
N LYS A 211 14.51 49.22 43.56
CA LYS A 211 15.16 50.43 43.10
C LYS A 211 16.50 50.18 42.40
N LEU A 212 17.34 49.31 42.92
CA LEU A 212 18.70 49.24 42.42
C LEU A 212 19.00 48.04 41.54
N CYS A 213 18.20 46.98 41.62
CA CYS A 213 18.55 45.78 40.88
C CYS A 213 18.21 45.92 39.41
N TYR A 214 18.80 45.05 38.60
CA TYR A 214 18.56 45.03 37.16
C TYR A 214 19.18 43.76 36.60
N VAL A 215 18.66 43.31 35.48
CA VAL A 215 19.20 42.13 34.81
C VAL A 215 20.38 42.53 33.95
N ALA A 216 21.40 41.68 33.92
CA ALA A 216 22.61 41.93 33.16
C ALA A 216 22.56 41.17 31.85
N LEU A 217 22.78 41.87 30.74
CA LEU A 217 22.68 41.23 29.44
C LEU A 217 23.65 40.08 29.28
N ASP A 218 24.78 40.13 29.97
CA ASP A 218 25.73 39.02 29.95
C ASP A 218 26.36 38.92 31.32
N PHE A 219 26.11 37.82 32.01
CA PHE A 219 26.46 37.72 33.43
C PHE A 219 27.97 37.79 33.63
N GLU A 220 28.72 37.01 32.86
CA GLU A 220 30.15 36.92 33.10
C GLU A 220 30.84 38.26 32.85
N ASN A 221 30.45 38.94 31.77
CA ASN A 221 31.06 40.24 31.48
C ASN A 221 30.77 41.23 32.59
N GLU A 222 29.52 41.27 33.06
CA GLU A 222 29.19 42.22 34.11
C GLU A 222 29.92 41.87 35.40
N MET A 223 30.10 40.59 35.67
CA MET A 223 30.85 40.19 36.86
C MET A 223 32.29 40.66 36.77
N ALA A 224 32.94 40.39 35.63
CA ALA A 224 34.31 40.82 35.44
C ALA A 224 34.43 42.34 35.52
N THR A 225 33.45 43.05 34.97
CA THR A 225 33.45 44.50 35.02
C THR A 225 33.38 45.01 36.45
N ALA A 226 32.32 44.61 37.17
CA ALA A 226 32.20 45.00 38.57
C ALA A 226 33.44 44.63 39.37
N ALA A 227 34.13 43.57 38.97
CA ALA A 227 35.40 43.25 39.61
C ALA A 227 36.44 44.31 39.31
N SER A 228 36.56 44.70 38.04
CA SER A 228 37.63 45.63 37.66
C SER A 228 37.33 47.04 38.13
N SER A 229 36.27 47.64 37.60
CA SER A 229 35.96 49.03 37.88
C SER A 229 35.14 49.13 39.16
N SER A 230 34.58 50.32 39.40
CA SER A 230 33.58 50.49 40.44
C SER A 230 32.42 51.35 39.95
N SER A 231 32.23 51.44 38.64
CA SER A 231 31.17 52.26 38.06
C SER A 231 29.78 51.68 38.28
N LEU A 232 29.66 50.49 38.88
CA LEU A 232 28.37 49.87 39.10
C LEU A 232 27.83 50.10 40.50
N GLU A 233 28.66 50.56 41.42
CA GLU A 233 28.20 50.76 42.79
C GLU A 233 27.24 51.92 42.86
N LYS A 234 26.11 51.71 43.51
CA LYS A 234 25.17 52.76 43.81
C LYS A 234 24.85 52.72 45.30
N SER A 235 24.50 53.86 45.85
CA SER A 235 24.25 53.96 47.27
C SER A 235 22.75 54.02 47.53
N TYR A 236 22.41 53.95 48.81
CA TYR A 236 21.01 53.92 49.21
C TYR A 236 20.94 54.26 50.69
N GLU A 237 19.97 55.06 51.06
CA GLU A 237 19.84 55.56 52.42
C GLU A 237 18.71 54.84 53.13
N LEU A 238 19.03 54.16 54.22
CA LEU A 238 18.06 53.42 54.99
C LEU A 238 17.16 54.40 55.74
N PRO A 239 16.08 53.92 56.37
CA PRO A 239 15.17 54.83 57.07
C PRO A 239 15.79 55.54 58.27
N ASP A 240 17.07 55.36 58.55
CA ASP A 240 17.72 56.10 59.63
C ASP A 240 19.08 56.59 59.17
N GLY A 241 19.16 57.10 57.95
CA GLY A 241 20.44 57.49 57.40
C GLY A 241 21.28 56.27 57.11
N GLN A 242 22.54 56.31 57.54
CA GLN A 242 23.51 55.23 57.33
C GLN A 242 23.39 54.64 55.94
N VAL A 243 23.68 55.51 54.96
CA VAL A 243 23.69 55.10 53.56
C VAL A 243 24.56 53.87 53.39
N ILE A 244 24.11 52.96 52.52
CA ILE A 244 24.84 51.75 52.19
C ILE A 244 25.12 51.74 50.70
N THR A 245 26.01 50.86 50.28
CA THR A 245 26.34 50.72 48.87
C THR A 245 26.29 49.24 48.48
N ILE A 246 25.88 48.99 47.24
CA ILE A 246 25.87 47.64 46.69
C ILE A 246 26.43 47.68 45.29
N GLY A 247 27.23 46.68 44.95
CA GLY A 247 27.80 46.58 43.62
C GLY A 247 27.27 45.37 42.87
N ASN A 248 28.07 44.31 42.88
CA ASN A 248 27.74 43.03 42.26
C ASN A 248 26.30 42.60 42.50
N GLU A 249 25.79 42.88 43.68
CA GLU A 249 24.48 42.40 44.07
C GLU A 249 23.40 42.88 43.11
N ARG A 250 23.54 44.11 42.60
CA ARG A 250 22.49 44.72 41.80
C ARG A 250 22.03 43.80 40.67
N PHE A 251 22.97 43.08 40.06
CA PHE A 251 22.59 42.16 39.01
C PHE A 251 22.77 40.71 39.40
N ARG A 252 23.41 40.42 40.53
CA ARG A 252 23.44 39.04 41.00
C ARG A 252 22.08 38.60 41.50
N CYS A 253 21.35 39.50 42.15
CA CYS A 253 20.04 39.13 42.70
C CYS A 253 19.06 38.67 41.63
N PRO A 254 18.66 39.49 40.67
CA PRO A 254 17.66 39.03 39.69
C PRO A 254 18.18 38.01 38.71
N GLU A 255 19.48 37.74 38.73
CA GLU A 255 20.02 36.70 37.87
C GLU A 255 19.45 35.34 38.22
N THR A 256 19.00 35.18 39.47
CA THR A 256 18.42 33.93 39.93
C THR A 256 17.39 33.40 38.96
N LEU A 257 16.49 34.27 38.49
CA LEU A 257 15.44 33.85 37.57
C LEU A 257 15.97 33.06 36.38
N PHE A 258 17.24 33.24 36.04
CA PHE A 258 17.84 32.48 34.95
C PHE A 258 18.74 31.37 35.43
N GLN A 259 19.17 31.40 36.69
CA GLN A 259 19.97 30.33 37.27
C GLN A 259 19.42 30.02 38.65
N PRO A 260 18.30 29.30 38.72
CA PRO A 260 17.68 29.03 40.02
C PRO A 260 18.59 28.25 40.96
N SER A 261 19.71 27.73 40.47
CA SER A 261 20.65 27.04 41.35
C SER A 261 21.15 27.94 42.45
N PHE A 262 21.16 29.25 42.24
CA PHE A 262 21.66 30.17 43.25
C PHE A 262 20.94 30.01 44.58
N ILE A 263 19.68 29.61 44.54
CA ILE A 263 18.92 29.41 45.76
C ILE A 263 18.61 27.93 45.97
N GLY A 264 19.40 27.05 45.38
CA GLY A 264 19.25 25.63 45.61
C GLY A 264 18.13 24.96 44.86
N MET A 265 17.29 25.71 44.15
CA MET A 265 16.27 25.06 43.35
C MET A 265 16.92 24.35 42.17
N GLU A 266 16.23 23.34 41.67
CA GLU A 266 16.77 22.50 40.61
C GLU A 266 16.19 22.81 39.24
N SER A 267 15.04 23.45 39.19
CA SER A 267 14.36 23.69 37.92
C SER A 267 15.21 24.55 37.01
N ALA A 268 14.80 24.64 35.75
CA ALA A 268 15.53 25.41 34.77
C ALA A 268 15.06 26.86 34.78
N GLY A 269 15.89 27.73 34.23
CA GLY A 269 15.64 29.15 34.27
C GLY A 269 14.40 29.56 33.52
N ILE A 270 14.07 30.85 33.66
CA ILE A 270 12.86 31.40 33.05
C ILE A 270 12.84 31.14 31.56
N HIS A 271 13.91 31.53 30.87
CA HIS A 271 13.98 31.31 29.43
C HIS A 271 13.79 29.85 29.09
N GLU A 272 14.34 28.97 29.91
CA GLU A 272 14.26 27.53 29.62
C GLU A 272 12.83 27.03 29.76
N THR A 273 12.15 27.39 30.84
CA THR A 273 10.77 26.95 30.99
C THR A 273 9.90 27.52 29.88
N THR A 274 10.17 28.76 29.47
CA THR A 274 9.43 29.34 28.36
C THR A 274 9.62 28.51 27.10
N TYR A 275 10.87 28.28 26.72
CA TYR A 275 11.15 27.54 25.49
C TYR A 275 10.57 26.14 25.57
N ASN A 276 10.62 25.52 26.74
CA ASN A 276 10.06 24.18 26.87
C ASN A 276 8.55 24.21 26.71
N SER A 277 7.89 25.20 27.30
CA SER A 277 6.45 25.32 27.12
C SER A 277 6.10 25.52 25.67
N ILE A 278 6.91 26.28 24.94
CA ILE A 278 6.72 26.40 23.50
C ILE A 278 6.80 25.02 22.85
N MET A 279 7.93 24.33 23.08
CA MET A 279 8.16 23.06 22.41
C MET A 279 7.10 22.03 22.74
N LYS A 280 6.46 22.12 23.90
CA LYS A 280 5.39 21.20 24.22
C LYS A 280 4.14 21.46 23.39
N CYS A 281 4.00 22.65 22.82
CA CYS A 281 2.84 23.00 22.03
C CYS A 281 2.99 22.43 20.63
N ASP A 282 1.86 22.35 19.92
CA ASP A 282 1.87 21.78 18.59
C ASP A 282 2.76 22.60 17.67
N ILE A 283 3.31 21.93 16.66
CA ILE A 283 4.36 22.56 15.84
C ILE A 283 3.80 23.67 14.99
N ASP A 284 2.52 23.60 14.61
CA ASP A 284 1.99 24.58 13.68
C ASP A 284 1.82 25.95 14.31
N ILE A 285 1.85 26.06 15.63
CA ILE A 285 1.59 27.32 16.28
C ILE A 285 2.83 27.85 16.99
N ARG A 286 4.00 27.29 16.69
CA ARG A 286 5.17 27.71 17.44
C ARG A 286 5.70 29.06 16.98
N LYS A 287 5.53 29.41 15.70
CA LYS A 287 6.04 30.70 15.23
C LYS A 287 5.33 31.86 15.90
N ASP A 288 4.00 31.80 15.99
CA ASP A 288 3.26 32.88 16.62
C ASP A 288 3.62 32.99 18.09
N LEU A 289 3.70 31.86 18.79
CA LEU A 289 4.11 31.89 20.17
C LEU A 289 5.49 32.51 20.32
N TYR A 290 6.41 32.18 19.41
CA TYR A 290 7.71 32.83 19.42
C TYR A 290 7.56 34.34 19.28
N ALA A 291 6.61 34.76 18.46
CA ALA A 291 6.48 36.18 18.18
C ALA A 291 5.68 36.94 19.23
N ASN A 292 5.07 36.27 20.20
CA ASN A 292 4.17 36.98 21.11
C ASN A 292 4.44 36.61 22.57
N ASN A 293 5.69 36.68 23.02
CA ASN A 293 5.99 36.44 24.43
C ASN A 293 5.54 37.64 25.26
N VAL A 294 4.32 37.60 25.74
CA VAL A 294 3.84 38.64 26.64
C VAL A 294 4.52 38.48 28.00
N MET A 295 4.66 39.59 28.72
CA MET A 295 5.15 39.56 30.09
C MET A 295 4.25 40.42 30.96
N SER A 296 4.17 40.05 32.23
CA SER A 296 3.35 40.81 33.17
C SER A 296 3.95 40.63 34.57
N GLY A 297 3.23 41.12 35.56
CA GLY A 297 3.66 40.96 36.94
C GLY A 297 4.82 41.84 37.30
N GLY A 298 4.90 42.21 38.58
CA GLY A 298 5.92 43.14 39.02
C GLY A 298 7.33 42.62 38.83
N THR A 299 7.52 41.31 38.93
CA THR A 299 8.87 40.77 38.85
C THR A 299 9.46 40.90 37.46
N THR A 300 8.65 41.05 36.44
CA THR A 300 9.18 41.28 35.10
C THR A 300 9.46 42.74 34.83
N MET A 301 9.64 43.54 35.87
CA MET A 301 9.90 44.96 35.72
C MET A 301 11.36 45.31 35.98
N TYR A 302 12.26 44.38 35.84
CA TYR A 302 13.64 44.75 36.04
C TYR A 302 14.19 45.42 34.79
N PRO A 303 14.94 46.50 34.94
CA PRO A 303 15.61 47.10 33.78
C PRO A 303 16.50 46.09 33.09
N GLY A 304 16.16 45.77 31.85
CA GLY A 304 16.98 44.90 31.04
C GLY A 304 16.46 43.49 30.89
N ILE A 305 15.38 43.14 31.59
CA ILE A 305 14.94 41.75 31.61
C ILE A 305 14.46 41.33 30.23
N ALA A 306 13.82 42.23 29.49
CA ALA A 306 13.30 41.85 28.18
C ALA A 306 14.44 41.57 27.21
N ASP A 307 15.51 42.35 27.28
CA ASP A 307 16.61 42.16 26.35
C ASP A 307 17.35 40.86 26.64
N ARG A 308 17.67 40.61 27.91
CA ARG A 308 18.29 39.35 28.28
C ARG A 308 17.41 38.18 27.90
N MET A 309 16.10 38.31 28.16
CA MET A 309 15.19 37.23 27.85
C MET A 309 15.18 36.94 26.36
N GLN A 310 15.15 37.99 25.53
CA GLN A 310 15.20 37.78 24.09
C GLN A 310 16.51 37.13 23.67
N LYS A 311 17.62 37.59 24.24
CA LYS A 311 18.91 37.00 23.92
C LYS A 311 18.90 35.49 24.17
N GLU A 312 18.47 35.09 25.36
CA GLU A 312 18.48 33.67 25.70
C GLU A 312 17.55 32.88 24.80
N ILE A 313 16.27 33.26 24.79
CA ILE A 313 15.30 32.48 24.03
C ILE A 313 15.61 32.50 22.55
N THR A 314 16.39 33.47 22.09
CA THR A 314 16.87 33.43 20.72
C THR A 314 17.98 32.40 20.58
N ALA A 315 18.88 32.35 21.55
CA ALA A 315 19.92 31.33 21.52
C ALA A 315 19.33 29.94 21.52
N LEU A 316 18.15 29.76 22.11
CA LEU A 316 17.54 28.43 22.15
C LEU A 316 16.74 28.09 20.90
N ALA A 317 16.03 29.05 20.33
CA ALA A 317 15.16 28.76 19.22
C ALA A 317 15.94 28.69 17.91
N PRO A 318 15.33 28.14 16.86
CA PRO A 318 15.98 28.18 15.55
C PRO A 318 16.24 29.60 15.09
N SER A 319 17.17 29.73 14.15
CA SER A 319 17.61 31.06 13.74
C SER A 319 16.58 31.76 12.86
N THR A 320 15.79 31.01 12.11
CA THR A 320 14.84 31.60 11.17
C THR A 320 13.51 31.93 11.80
N MET A 321 13.46 32.07 13.13
CA MET A 321 12.24 32.40 13.84
C MET A 321 12.39 33.78 14.46
N LYS A 322 11.37 34.61 14.33
CA LYS A 322 11.42 35.97 14.84
C LYS A 322 10.98 35.98 16.29
N ILE A 323 11.90 36.28 17.19
CA ILE A 323 11.61 36.36 18.61
C ILE A 323 11.21 37.79 18.94
N LYS A 324 10.12 37.94 19.67
CA LYS A 324 9.68 39.26 20.11
C LYS A 324 9.09 39.13 21.50
N ILE A 325 9.27 40.17 22.31
CA ILE A 325 8.89 40.14 23.71
C ILE A 325 8.04 41.37 24.00
N ILE A 326 6.73 41.15 24.15
CA ILE A 326 5.79 42.23 24.40
C ILE A 326 5.89 42.60 25.87
N ALA A 327 6.57 43.70 26.17
CA ALA A 327 6.75 44.16 27.55
C ALA A 327 6.23 45.58 27.66
N PRO A 328 4.93 45.76 27.88
CA PRO A 328 4.37 47.10 28.03
C PRO A 328 4.99 47.82 29.22
N PRO A 329 4.80 49.12 29.32
CA PRO A 329 5.43 49.87 30.42
C PRO A 329 4.60 49.87 31.69
N GLU A 330 3.38 49.33 31.64
CA GLU A 330 2.51 49.24 32.80
C GLU A 330 2.19 47.81 33.17
N ARG A 331 3.00 46.86 32.70
CA ARG A 331 2.65 45.45 32.80
C ARG A 331 2.37 44.99 34.22
N LYS A 332 2.76 45.76 35.22
CA LYS A 332 2.51 45.36 36.61
C LYS A 332 1.02 45.16 36.86
N TYR A 333 0.18 45.94 36.21
CA TYR A 333 -1.25 45.88 36.44
C TYR A 333 -1.99 45.22 35.30
N SER A 334 -1.28 44.53 34.41
CA SER A 334 -1.94 43.92 33.25
C SER A 334 -3.02 42.96 33.67
N VAL A 335 -2.82 42.25 34.76
CA VAL A 335 -3.83 41.29 35.19
C VAL A 335 -5.11 42.01 35.59
N TRP A 336 -4.99 43.06 36.39
CA TRP A 336 -6.17 43.80 36.79
C TRP A 336 -6.84 44.45 35.59
N ILE A 337 -6.04 44.98 34.67
CA ILE A 337 -6.61 45.63 33.49
C ILE A 337 -7.43 44.64 32.69
N GLY A 338 -6.84 43.49 32.36
CA GLY A 338 -7.57 42.47 31.66
C GLY A 338 -8.81 42.03 32.41
N GLY A 339 -8.73 41.99 33.74
CA GLY A 339 -9.91 41.61 34.50
C GLY A 339 -11.02 42.62 34.35
N SER A 340 -10.69 43.90 34.41
CA SER A 340 -11.69 44.94 34.18
C SER A 340 -12.30 44.80 32.80
N ILE A 341 -11.44 44.62 31.79
CA ILE A 341 -11.93 44.46 30.42
C ILE A 341 -12.94 43.33 30.35
N LEU A 342 -12.57 42.17 30.90
CA LEU A 342 -13.45 41.01 30.79
C LEU A 342 -14.75 41.24 31.55
N ALA A 343 -14.66 41.67 32.80
CA ALA A 343 -15.88 41.89 33.59
C ALA A 343 -16.78 42.91 32.94
N SER A 344 -16.22 43.84 32.16
CA SER A 344 -17.05 44.84 31.52
C SER A 344 -17.78 44.32 30.30
N LEU A 345 -17.47 43.12 29.83
CA LEU A 345 -18.18 42.59 28.67
C LEU A 345 -19.63 42.29 29.02
N SER A 346 -20.43 42.04 27.99
CA SER A 346 -21.80 41.59 28.17
C SER A 346 -21.99 40.13 27.80
N THR A 347 -21.26 39.67 26.78
CA THR A 347 -21.17 38.25 26.53
C THR A 347 -20.57 37.50 27.71
N PHE A 348 -20.03 38.22 28.70
CA PHE A 348 -19.56 37.62 29.93
C PHE A 348 -20.61 37.62 31.02
N GLN A 349 -21.63 38.46 30.90
CA GLN A 349 -22.59 38.65 31.99
C GLN A 349 -23.44 37.44 32.25
N GLN A 350 -23.22 36.32 31.57
CA GLN A 350 -23.92 35.09 31.83
C GLN A 350 -22.97 33.97 32.23
N MET A 351 -21.72 34.29 32.52
CA MET A 351 -20.75 33.34 33.04
C MET A 351 -20.59 33.42 34.54
N TRP A 352 -21.17 34.43 35.19
CA TRP A 352 -21.06 34.58 36.63
C TRP A 352 -21.65 33.35 37.33
N ILE A 353 -21.37 33.26 38.62
CA ILE A 353 -21.93 32.22 39.47
C ILE A 353 -22.92 32.90 40.41
N THR A 354 -24.21 32.75 40.13
CA THR A 354 -25.22 33.42 40.91
C THR A 354 -25.36 32.76 42.28
N LYS A 355 -25.59 33.58 43.30
CA LYS A 355 -25.70 33.06 44.65
C LYS A 355 -26.76 31.98 44.75
N GLN A 356 -27.89 32.18 44.08
CA GLN A 356 -28.92 31.15 44.04
C GLN A 356 -28.34 29.83 43.55
N GLU A 357 -27.60 29.89 42.44
CA GLU A 357 -27.01 28.68 41.88
C GLU A 357 -26.06 28.01 42.87
N TYR A 358 -25.29 28.81 43.59
CA TYR A 358 -24.36 28.25 44.57
C TYR A 358 -25.12 27.57 45.71
N ASP A 359 -26.10 28.27 46.28
CA ASP A 359 -26.95 27.67 47.30
C ASP A 359 -27.56 26.36 46.81
N GLU A 360 -27.85 26.29 45.52
CA GLU A 360 -28.41 25.07 44.95
C GLU A 360 -27.37 23.96 44.87
N ALA A 361 -26.13 24.30 44.50
CA ALA A 361 -25.15 23.28 44.15
C ALA A 361 -23.91 23.24 45.02
N GLY A 362 -23.76 24.15 45.98
CA GLY A 362 -22.64 24.10 46.89
C GLY A 362 -21.32 24.50 46.27
N PRO A 363 -20.31 24.74 47.11
CA PRO A 363 -19.02 25.25 46.60
C PRO A 363 -18.37 24.38 45.54
N SER A 364 -18.84 23.15 45.35
CA SER A 364 -18.25 22.31 44.32
C SER A 364 -18.58 22.85 42.93
N ILE A 365 -19.41 23.89 42.87
CA ILE A 365 -19.83 24.44 41.60
C ILE A 365 -18.69 25.11 40.86
N VAL A 366 -17.66 25.57 41.57
CA VAL A 366 -16.62 26.38 40.94
C VAL A 366 -15.89 25.58 39.88
N HIS A 367 -15.46 24.37 40.24
CA HIS A 367 -14.75 23.53 39.29
C HIS A 367 -15.60 23.22 38.09
N ARG A 368 -16.92 23.11 38.27
CA ARG A 368 -17.82 22.98 37.14
C ARG A 368 -17.65 24.17 36.22
N LYS A 369 -18.06 24.00 34.97
CA LYS A 369 -17.71 24.98 33.94
C LYS A 369 -18.20 26.39 34.28
N CYS A 370 -19.00 26.54 35.34
CA CYS A 370 -19.13 27.87 35.93
C CYS A 370 -17.79 28.11 36.62
N PHE A 371 -16.80 28.47 35.82
CA PHE A 371 -15.40 28.25 36.15
C PHE A 371 -14.86 29.25 37.14
N THR B 1 56.45 19.35 58.54
CA THR B 1 56.16 19.87 59.86
C THR B 1 54.66 19.88 60.14
N THR B 2 54.30 20.02 61.40
CA THR B 2 52.91 20.04 61.80
C THR B 2 52.29 21.41 61.55
N ALA B 3 50.98 21.42 61.48
CA ALA B 3 50.22 22.65 61.26
C ALA B 3 49.61 23.11 62.57
N LEU B 4 49.31 24.40 62.62
CA LEU B 4 48.65 25.00 63.78
C LEU B 4 47.16 25.09 63.53
N VAL B 5 46.39 24.91 64.59
CA VAL B 5 44.93 24.95 64.52
C VAL B 5 44.48 25.96 65.57
N CYS B 6 44.21 27.18 65.12
CA CYS B 6 43.75 28.26 65.99
C CYS B 6 42.28 28.52 65.69
N ASP B 7 41.42 28.19 66.64
CA ASP B 7 39.98 28.43 66.53
C ASP B 7 39.65 29.67 67.33
N ASN B 8 39.54 30.80 66.63
CA ASN B 8 39.35 32.08 67.30
C ASN B 8 38.05 32.11 68.09
N GLY B 9 36.92 32.10 67.39
CA GLY B 9 35.68 32.20 68.12
C GLY B 9 35.58 33.51 68.90
N SER B 10 34.44 33.67 69.54
CA SER B 10 34.24 34.75 70.49
C SER B 10 34.34 34.18 71.89
N GLY B 11 34.80 34.99 72.82
CA GLY B 11 34.88 34.55 74.20
C GLY B 11 36.08 33.68 74.50
N LEU B 12 36.43 32.77 73.61
CA LEU B 12 37.46 31.78 73.92
C LEU B 12 38.31 31.50 72.70
N VAL B 13 39.58 31.84 72.75
CA VAL B 13 40.54 31.33 71.79
C VAL B 13 41.01 29.97 72.24
N LYS B 14 41.17 29.06 71.29
CA LYS B 14 41.66 27.72 71.58
C LYS B 14 42.57 27.29 70.44
N ALA B 15 43.83 27.04 70.77
CA ALA B 15 44.84 26.73 69.77
C ALA B 15 45.59 25.47 70.18
N GLY B 16 46.32 24.93 69.23
CA GLY B 16 47.07 23.71 69.44
C GLY B 16 47.68 23.27 68.13
N PHE B 17 48.36 22.12 68.19
CA PHE B 17 48.99 21.57 67.01
C PHE B 17 48.10 20.51 66.38
N ALA B 18 48.15 20.43 65.06
CA ALA B 18 47.39 19.41 64.37
C ALA B 18 47.83 18.03 64.82
N GLY B 19 46.90 17.08 64.78
CA GLY B 19 47.18 15.74 65.21
C GLY B 19 47.05 15.49 66.69
N ASP B 20 47.10 16.54 67.51
CA ASP B 20 46.90 16.35 68.94
C ASP B 20 45.46 15.97 69.23
N ASP B 21 45.17 15.72 70.50
CA ASP B 21 43.84 15.27 70.91
C ASP B 21 43.00 16.38 71.50
N ALA B 22 43.60 17.47 71.94
CA ALA B 22 42.87 18.57 72.54
C ALA B 22 43.70 19.83 72.35
N PRO B 23 43.06 20.99 72.25
CA PRO B 23 43.83 22.23 72.08
C PRO B 23 44.71 22.47 73.30
N ARG B 24 45.98 22.76 73.04
CA ARG B 24 46.94 22.89 74.13
C ARG B 24 46.62 24.09 75.00
N ALA B 25 46.36 25.24 74.39
CA ALA B 25 46.16 26.49 75.10
C ALA B 25 44.74 26.99 74.88
N VAL B 26 44.10 27.42 75.96
CA VAL B 26 42.72 27.90 75.93
C VAL B 26 42.61 29.05 76.91
N PHE B 27 42.13 30.20 76.43
CA PHE B 27 42.14 31.41 77.23
C PHE B 27 41.13 32.38 76.63
N PRO B 28 40.61 33.31 77.43
CA PRO B 28 39.58 34.21 76.92
C PRO B 28 40.14 35.19 75.90
N SER B 29 39.35 35.44 74.86
CA SER B 29 39.78 36.32 73.77
C SER B 29 39.36 37.75 74.09
N ILE B 30 40.01 38.32 75.11
CA ILE B 30 39.74 39.68 75.51
C ILE B 30 41.06 40.45 75.55
N VAL B 31 40.94 41.76 75.50
CA VAL B 31 42.07 42.66 75.66
C VAL B 31 41.68 43.70 76.71
N GLY B 32 42.53 43.88 77.70
CA GLY B 32 42.26 44.79 78.79
C GLY B 32 43.23 45.96 78.78
N ARG B 33 42.74 47.10 79.24
CA ARG B 33 43.59 48.27 79.39
C ARG B 33 43.28 48.93 80.72
N PRO B 34 44.29 49.45 81.40
CA PRO B 34 44.02 50.13 82.67
C PRO B 34 43.15 51.36 82.44
N ARG B 35 42.26 51.62 83.38
CA ARG B 35 41.38 52.77 83.29
C ARG B 35 41.59 53.77 84.42
N HIS B 36 42.45 53.45 85.37
CA HIS B 36 42.97 54.42 86.31
C HIS B 36 44.37 54.81 85.85
N GLN B 37 45.07 55.61 86.65
CA GLN B 37 46.32 56.18 86.18
C GLN B 37 47.55 55.49 86.71
N GLY B 38 47.51 54.91 87.90
CA GLY B 38 48.70 54.25 88.42
C GLY B 38 49.67 55.25 89.00
N VAL B 39 50.18 54.98 90.19
CA VAL B 39 50.99 55.96 90.90
C VAL B 39 52.37 55.42 91.28
N MET B 40 52.57 54.12 91.35
CA MET B 40 53.86 53.59 91.77
C MET B 40 54.81 53.59 90.58
N VAL B 41 55.78 54.49 90.60
CA VAL B 41 56.78 54.51 89.54
C VAL B 41 57.69 53.29 89.67
N GLY B 42 58.39 52.97 88.59
CA GLY B 42 59.19 51.78 88.52
C GLY B 42 58.40 50.49 88.44
N MET B 43 57.09 50.53 88.67
CA MET B 43 56.28 49.32 88.50
C MET B 43 56.23 48.87 87.05
N GLY B 44 56.42 49.81 86.12
CA GLY B 44 56.51 49.44 84.71
C GLY B 44 55.31 48.69 84.18
N GLN B 45 54.10 49.16 84.50
CA GLN B 45 52.91 48.54 83.96
C GLN B 45 52.93 48.59 82.44
N LYS B 46 52.70 47.46 81.80
CA LYS B 46 52.47 47.48 80.36
C LYS B 46 51.14 48.17 80.08
N ASP B 47 50.92 48.50 78.80
CA ASP B 47 49.78 49.34 78.45
C ASP B 47 48.52 48.55 78.12
N SER B 48 48.63 47.24 77.88
CA SER B 48 47.46 46.47 77.50
C SER B 48 47.75 45.00 77.76
N TYR B 49 46.98 44.39 78.66
CA TYR B 49 47.07 42.96 78.89
C TYR B 49 46.13 42.23 77.95
N VAL B 50 46.28 40.92 77.90
CA VAL B 50 45.60 40.11 76.89
C VAL B 50 45.45 38.69 77.43
N GLY B 51 44.30 38.09 77.19
CA GLY B 51 44.09 36.73 77.63
C GLY B 51 43.98 36.63 79.14
N ASP B 52 44.35 35.46 79.66
CA ASP B 52 44.22 35.17 81.09
C ASP B 52 44.87 36.23 81.97
N GLU B 53 45.94 36.87 81.49
CA GLU B 53 46.53 37.98 82.22
C GLU B 53 45.47 39.04 82.54
N ALA B 54 44.73 39.47 81.52
CA ALA B 54 43.67 40.45 81.75
C ALA B 54 42.56 39.87 82.60
N GLN B 55 42.19 38.62 82.35
CA GLN B 55 41.15 37.99 83.15
C GLN B 55 41.51 37.99 84.63
N SER B 56 42.79 37.97 84.96
CA SER B 56 43.22 38.08 86.35
C SER B 56 43.29 39.52 86.82
N LYS B 57 43.74 40.44 85.96
CA LYS B 57 43.83 41.84 86.33
C LYS B 57 42.50 42.58 86.23
N ARG B 58 41.39 41.86 86.02
CA ARG B 58 40.08 42.46 85.82
C ARG B 58 39.77 43.68 86.66
N GLY B 59 40.19 43.68 87.92
CA GLY B 59 39.74 44.71 88.84
C GLY B 59 40.05 46.13 88.39
N ILE B 60 41.07 46.31 87.57
CA ILE B 60 41.54 47.65 87.25
C ILE B 60 41.60 47.85 85.74
N LEU B 61 40.94 46.99 84.99
CA LEU B 61 40.99 47.07 83.54
C LEU B 61 39.60 47.34 82.97
N THR B 62 39.55 47.52 81.67
CA THR B 62 38.32 47.53 80.90
C THR B 62 38.49 46.55 79.75
N LEU B 63 37.63 45.53 79.71
CA LEU B 63 37.81 44.42 78.80
C LEU B 63 36.96 44.63 77.56
N LYS B 64 37.51 44.26 76.40
CA LYS B 64 36.82 44.48 75.14
C LYS B 64 37.08 43.29 74.23
N TYR B 65 36.09 42.44 74.07
CA TYR B 65 36.17 41.36 73.11
C TYR B 65 36.34 41.94 71.71
N PRO B 66 37.40 41.60 70.99
CA PRO B 66 37.59 42.11 69.63
C PRO B 66 36.76 41.40 68.58
N ILE B 67 35.84 40.53 68.96
CA ILE B 67 34.95 39.85 68.03
C ILE B 67 33.54 39.97 68.58
N GLU B 68 32.63 40.53 67.77
CA GLU B 68 31.29 40.83 68.25
C GLU B 68 30.29 39.71 67.96
N HIS B 69 30.04 39.43 66.70
CA HIS B 69 29.24 38.27 66.32
C HIS B 69 30.00 37.58 65.20
N GLY B 70 30.96 36.75 65.57
CA GLY B 70 31.76 36.04 64.58
C GLY B 70 32.58 36.93 63.68
N ILE B 71 32.46 38.25 63.82
CA ILE B 71 33.16 39.20 62.97
C ILE B 71 34.18 39.95 63.80
N ILE B 72 35.37 40.15 63.26
CA ILE B 72 36.39 40.94 63.92
C ILE B 72 36.10 42.41 63.67
N THR B 73 36.06 43.20 64.74
CA THR B 73 35.78 44.62 64.63
C THR B 73 36.99 45.49 64.93
N ASN B 74 37.79 45.12 65.91
CA ASN B 74 39.01 45.85 66.26
C ASN B 74 40.18 45.00 65.79
N TRP B 75 40.75 45.35 64.64
CA TRP B 75 41.76 44.49 64.04
C TRP B 75 43.07 44.54 64.81
N ASP B 76 43.36 45.64 65.47
CA ASP B 76 44.62 45.71 66.21
C ASP B 76 44.58 44.83 67.44
N ASP B 77 43.45 44.80 68.13
CA ASP B 77 43.32 43.88 69.26
C ASP B 77 43.37 42.44 68.79
N MET B 78 42.80 42.15 67.62
CA MET B 78 42.88 40.80 67.09
C MET B 78 44.31 40.41 66.78
N GLU B 79 45.09 41.35 66.23
CA GLU B 79 46.49 41.05 65.97
C GLU B 79 47.26 40.84 67.26
N LYS B 80 46.94 41.64 68.29
CA LYS B 80 47.54 41.40 69.60
C LYS B 80 47.21 40.00 70.11
N ILE B 81 45.95 39.60 69.96
CA ILE B 81 45.53 38.27 70.39
C ILE B 81 46.35 37.20 69.70
N TRP B 82 46.43 37.28 68.37
CA TRP B 82 47.15 36.26 67.62
C TRP B 82 48.62 36.23 67.98
N HIS B 83 49.25 37.39 68.06
CA HIS B 83 50.66 37.44 68.42
C HIS B 83 50.89 36.85 69.79
N HIS B 84 50.04 37.19 70.76
CA HIS B 84 50.20 36.62 72.09
C HIS B 84 50.03 35.12 72.05
N THR B 85 49.03 34.63 71.31
CA THR B 85 48.87 33.20 71.16
C THR B 85 50.14 32.54 70.67
N PHE B 86 50.61 32.96 69.50
CA PHE B 86 51.76 32.31 68.88
C PHE B 86 53.00 32.38 69.77
N TYR B 87 53.26 33.53 70.37
CA TYR B 87 54.54 33.72 71.03
C TYR B 87 54.53 33.44 72.53
N ASN B 88 53.37 33.22 73.13
CA ASN B 88 53.35 32.92 74.55
C ASN B 88 52.55 31.69 74.90
N GLU B 89 51.46 31.42 74.19
CA GLU B 89 50.66 30.24 74.51
C GLU B 89 51.30 28.99 73.91
N LEU B 90 51.96 29.12 72.77
CA LEU B 90 52.55 27.99 72.10
C LEU B 90 54.06 28.05 71.99
N ARG B 91 54.66 29.23 72.19
CA ARG B 91 56.11 29.41 72.08
C ARG B 91 56.62 28.81 70.77
N VAL B 92 56.15 29.37 69.66
CA VAL B 92 56.47 28.81 68.36
C VAL B 92 56.57 29.94 67.35
N ALA B 93 57.55 29.84 66.48
CA ALA B 93 57.66 30.78 65.38
C ALA B 93 56.64 30.43 64.31
N PRO B 94 55.68 31.30 64.01
CA PRO B 94 54.72 30.99 62.94
C PRO B 94 55.32 31.06 61.54
N GLU B 95 56.63 31.25 61.43
CA GLU B 95 57.26 31.41 60.13
C GLU B 95 57.14 30.13 59.30
N GLU B 96 57.18 28.98 59.96
CA GLU B 96 57.33 27.71 59.28
C GLU B 96 56.19 26.75 59.59
N HIS B 97 55.01 27.28 59.87
CA HIS B 97 53.88 26.46 60.30
C HIS B 97 52.61 26.88 59.60
N PRO B 98 52.08 26.05 58.71
CA PRO B 98 50.74 26.33 58.16
C PRO B 98 49.74 26.39 59.29
N THR B 99 48.77 27.28 59.17
CA THR B 99 47.77 27.45 60.21
C THR B 99 46.39 27.28 59.63
N LEU B 100 45.51 26.68 60.43
CA LEU B 100 44.11 26.52 60.07
C LEU B 100 43.28 27.52 60.86
N LEU B 101 42.39 28.23 60.18
CA LEU B 101 41.55 29.23 60.81
C LEU B 101 40.10 28.91 60.53
N THR B 102 39.23 29.28 61.47
CA THR B 102 37.82 28.97 61.38
C THR B 102 37.00 30.25 61.41
N GLU B 103 35.81 30.19 60.81
CA GLU B 103 34.87 31.30 60.89
C GLU B 103 33.47 30.76 60.65
N ALA B 104 32.51 31.45 61.25
CA ALA B 104 31.12 31.08 61.06
C ALA B 104 30.72 31.30 59.60
N PRO B 105 29.62 30.70 59.16
CA PRO B 105 29.13 30.98 57.82
C PRO B 105 28.38 32.31 57.77
N LEU B 106 28.25 32.82 56.56
CA LEU B 106 27.58 34.09 56.31
C LEU B 106 28.24 35.22 57.10
N ASN B 107 29.50 35.47 56.78
CA ASN B 107 30.26 36.56 57.37
C ASN B 107 30.66 37.54 56.29
N PRO B 108 30.93 38.79 56.66
CA PRO B 108 31.44 39.75 55.67
C PRO B 108 32.73 39.25 55.06
N LYS B 109 32.73 39.14 53.73
CA LYS B 109 33.91 38.63 53.03
C LYS B 109 35.15 39.43 53.36
N ALA B 110 34.99 40.72 53.64
CA ALA B 110 36.14 41.53 54.01
C ALA B 110 36.81 41.00 55.27
N ASN B 111 36.04 40.46 56.19
CA ASN B 111 36.61 39.89 57.41
C ASN B 111 37.61 38.79 57.07
N ARG B 112 37.15 37.78 56.33
CA ARG B 112 38.01 36.68 55.95
C ARG B 112 39.20 37.14 55.13
N GLU B 113 39.00 38.10 54.22
CA GLU B 113 40.10 38.60 53.41
C GLU B 113 41.16 39.24 54.27
N LYS B 114 40.77 40.19 55.12
CA LYS B 114 41.75 40.84 55.98
C LYS B 114 42.42 39.85 56.91
N MET B 115 41.69 38.83 57.34
CA MET B 115 42.30 37.75 58.12
C MET B 115 43.45 37.13 57.36
N THR B 116 43.20 36.68 56.13
CA THR B 116 44.25 36.12 55.30
C THR B 116 45.42 37.08 55.15
N GLN B 117 45.13 38.33 54.83
CA GLN B 117 46.19 39.28 54.56
C GLN B 117 47.08 39.47 55.77
N ILE B 118 46.49 39.71 56.94
CA ILE B 118 47.29 39.88 58.15
C ILE B 118 48.09 38.63 58.44
N MET B 119 47.48 37.46 58.25
CA MET B 119 48.22 36.22 58.49
C MET B 119 49.46 36.14 57.62
N PHE B 120 49.33 36.49 56.35
CA PHE B 120 50.47 36.36 55.45
C PHE B 120 51.50 37.47 55.62
N GLU B 121 51.09 38.66 56.07
CA GLU B 121 52.03 39.76 56.17
C GLU B 121 52.67 39.85 57.56
N THR B 122 51.84 40.03 58.59
CA THR B 122 52.38 40.27 59.92
C THR B 122 53.13 39.04 60.42
N PHE B 123 52.45 37.91 60.48
CA PHE B 123 53.06 36.71 61.03
C PHE B 123 53.83 35.92 59.99
N ASN B 124 53.52 36.09 58.71
CA ASN B 124 54.29 35.50 57.62
C ASN B 124 54.32 33.98 57.72
N VAL B 125 53.13 33.38 57.67
CA VAL B 125 53.00 31.93 57.71
C VAL B 125 53.43 31.39 56.36
N PRO B 126 53.69 30.09 56.25
CA PRO B 126 54.02 29.53 54.93
C PRO B 126 52.77 29.20 54.14
N ALA B 127 51.67 28.94 54.84
CA ALA B 127 50.40 28.63 54.21
C ALA B 127 49.31 28.79 55.25
N MET B 128 48.07 28.78 54.79
CA MET B 128 46.93 28.94 55.68
C MET B 128 45.69 28.40 54.99
N TYR B 129 44.58 28.45 55.70
CA TYR B 129 43.29 27.98 55.20
C TYR B 129 42.22 28.39 56.19
N VAL B 130 41.03 28.65 55.67
CA VAL B 130 39.89 29.08 56.48
C VAL B 130 38.78 28.07 56.30
N ALA B 131 38.32 27.49 57.39
CA ALA B 131 37.31 26.46 57.36
C ALA B 131 36.06 26.91 58.10
N ILE B 132 34.97 26.21 57.87
CA ILE B 132 33.68 26.54 58.48
C ILE B 132 33.52 25.73 59.75
N GLN B 133 33.25 26.41 60.86
CA GLN B 133 33.26 25.77 62.16
C GLN B 133 32.37 24.53 62.20
N ALA B 134 31.24 24.58 61.53
CA ALA B 134 30.29 23.47 61.60
C ALA B 134 30.83 22.23 60.90
N VAL B 135 31.50 22.41 59.77
CA VAL B 135 32.08 21.27 59.06
C VAL B 135 33.08 20.56 59.96
N LEU B 136 33.97 21.31 60.60
CA LEU B 136 34.90 20.72 61.53
C LEU B 136 34.18 20.01 62.66
N SER B 137 33.14 20.62 63.21
CA SER B 137 32.41 19.97 64.30
C SER B 137 31.81 18.66 63.85
N LEU B 138 31.45 18.54 62.58
CA LEU B 138 30.96 17.26 62.09
C LEU B 138 32.09 16.26 61.97
N TYR B 139 33.23 16.71 61.43
CA TYR B 139 34.43 15.87 61.38
C TYR B 139 34.71 15.25 62.73
N ALA B 140 34.68 16.05 63.78
CA ALA B 140 35.07 15.56 65.11
C ALA B 140 34.13 14.45 65.60
N SER B 141 32.87 14.50 65.22
CA SER B 141 31.90 13.52 65.68
C SER B 141 31.87 12.27 64.82
N GLY B 142 32.86 12.09 63.94
CA GLY B 142 32.92 10.89 63.15
C GLY B 142 31.75 10.66 62.23
N ARG B 143 30.91 11.67 62.01
CA ARG B 143 29.79 11.55 61.10
C ARG B 143 30.20 11.93 59.70
N THR B 144 29.27 11.75 58.77
CA THR B 144 29.42 12.30 57.44
C THR B 144 28.11 12.85 56.91
N THR B 145 27.04 12.78 57.69
CA THR B 145 25.77 13.42 57.38
C THR B 145 25.28 14.09 58.65
N GLY B 146 24.02 14.53 58.63
CA GLY B 146 23.44 15.10 59.83
C GLY B 146 23.65 16.59 59.92
N ILE B 147 22.72 17.30 60.50
CA ILE B 147 22.86 18.73 60.67
C ILE B 147 23.58 18.99 61.97
N VAL B 148 24.40 20.01 61.98
CA VAL B 148 25.17 20.40 63.15
C VAL B 148 24.68 21.74 63.63
N LEU B 149 24.53 21.87 64.94
CA LEU B 149 24.03 23.10 65.56
C LEU B 149 25.15 23.63 66.42
N ASP B 150 26.05 24.40 65.82
CA ASP B 150 27.06 25.07 66.61
C ASP B 150 26.48 26.31 67.22
N SER B 151 26.85 26.59 68.47
CA SER B 151 26.41 27.79 69.13
C SER B 151 27.52 28.21 70.09
N GLY B 152 28.37 29.10 69.64
CA GLY B 152 29.48 29.53 70.46
C GLY B 152 29.07 30.61 71.42
N ASP B 153 29.88 31.66 71.52
CA ASP B 153 29.57 32.78 72.38
C ASP B 153 28.96 33.95 71.63
N GLY B 154 29.19 34.04 70.32
CA GLY B 154 28.70 35.17 69.56
C GLY B 154 27.61 34.85 68.55
N VAL B 155 27.65 33.67 67.93
CA VAL B 155 26.75 33.35 66.84
C VAL B 155 26.27 31.91 67.00
N THR B 156 25.20 31.59 66.27
CA THR B 156 24.58 30.27 66.31
C THR B 156 24.15 29.92 64.90
N HIS B 157 24.52 28.74 64.43
CA HIS B 157 24.21 28.40 63.05
C HIS B 157 24.00 26.90 62.90
N ASN B 158 23.03 26.54 62.08
CA ASN B 158 22.83 25.17 61.65
C ASN B 158 23.37 25.00 60.24
N VAL B 159 24.01 23.87 60.00
CA VAL B 159 24.54 23.57 58.67
C VAL B 159 24.18 22.14 58.33
N PRO B 160 23.19 21.90 57.48
CA PRO B 160 22.85 20.52 57.10
C PRO B 160 23.87 19.99 56.12
N ILE B 161 24.45 18.84 56.44
CA ILE B 161 25.42 18.17 55.60
C ILE B 161 24.95 16.76 55.34
N TYR B 162 25.14 16.27 54.12
CA TYR B 162 24.74 14.93 53.75
C TYR B 162 25.80 14.34 52.84
N GLU B 163 26.32 13.18 53.23
CA GLU B 163 27.36 12.49 52.48
C GLU B 163 28.55 13.36 52.17
N GLY B 164 28.83 14.34 53.02
CA GLY B 164 29.92 15.26 52.77
C GLY B 164 29.57 16.43 51.91
N TYR B 165 28.34 16.50 51.41
CA TYR B 165 27.87 17.66 50.66
C TYR B 165 27.12 18.59 51.59
N ALA B 166 27.36 19.88 51.43
CA ALA B 166 26.68 20.90 52.22
C ALA B 166 25.62 21.56 51.37
N LEU B 167 24.49 21.84 51.99
CA LEU B 167 23.42 22.51 51.28
C LEU B 167 23.37 23.96 51.74
N PRO B 168 24.10 24.85 51.07
CA PRO B 168 24.25 26.21 51.60
C PRO B 168 22.94 26.98 51.66
N HIS B 169 22.02 26.71 50.76
CA HIS B 169 20.75 27.44 50.77
C HIS B 169 19.92 27.15 51.99
N ALA B 170 20.28 26.14 52.79
CA ALA B 170 19.55 25.81 54.00
C ALA B 170 20.31 26.18 55.25
N ILE B 171 21.47 26.81 55.12
CA ILE B 171 22.20 27.26 56.30
C ILE B 171 21.40 28.34 57.00
N MET B 172 21.34 28.28 58.31
CA MET B 172 20.55 29.22 59.11
C MET B 172 21.44 29.80 60.19
N ARG B 173 21.94 31.00 59.97
CA ARG B 173 22.72 31.71 60.97
C ARG B 173 21.79 32.57 61.80
N LEU B 174 22.09 32.67 63.08
CA LEU B 174 21.27 33.46 63.99
C LEU B 174 22.20 34.07 65.03
N ASP B 175 22.03 35.36 65.30
CA ASP B 175 23.01 36.13 66.05
C ASP B 175 22.69 36.19 67.53
N LEU B 176 22.14 35.14 68.10
CA LEU B 176 21.88 35.04 69.52
C LEU B 176 22.71 33.90 70.09
N ALA B 177 23.51 34.21 71.10
CA ALA B 177 24.47 33.23 71.61
C ALA B 177 24.82 33.58 73.05
N GLY B 178 25.91 33.00 73.53
CA GLY B 178 26.23 33.06 74.96
C GLY B 178 26.33 34.47 75.50
N ARG B 179 26.86 35.39 74.70
CA ARG B 179 27.00 36.77 75.17
C ARG B 179 25.63 37.38 75.45
N ASP B 180 24.67 37.11 74.57
CA ASP B 180 23.32 37.64 74.77
C ASP B 180 22.66 37.03 75.99
N LEU B 181 22.88 35.74 76.21
CA LEU B 181 22.36 35.12 77.43
C LEU B 181 22.98 35.74 78.66
N THR B 182 24.29 36.02 78.61
CA THR B 182 24.93 36.68 79.74
C THR B 182 24.29 38.02 80.00
N ASP B 183 24.03 38.80 78.95
CA ASP B 183 23.42 40.11 79.14
C ASP B 183 22.02 39.99 79.71
N TYR B 184 21.22 39.08 79.17
CA TYR B 184 19.87 38.90 79.69
C TYR B 184 19.90 38.48 81.16
N LEU B 185 20.89 37.68 81.53
CA LEU B 185 21.01 37.30 82.93
C LEU B 185 21.39 38.50 83.78
N MET B 186 22.34 39.31 83.32
CA MET B 186 22.65 40.55 84.01
C MET B 186 21.41 41.38 84.22
N LYS B 187 20.52 41.38 83.24
CA LYS B 187 19.33 42.22 83.32
C LYS B 187 18.34 41.66 84.34
N ILE B 188 17.97 40.39 84.21
CA ILE B 188 16.98 39.84 85.14
C ILE B 188 17.55 39.63 86.52
N LEU B 189 18.87 39.71 86.68
CA LEU B 189 19.41 39.63 88.02
C LEU B 189 19.19 40.89 88.81
N THR B 190 18.64 41.92 88.18
CA THR B 190 18.38 43.16 88.89
C THR B 190 17.17 43.02 89.80
N GLU B 191 16.17 42.26 89.37
CA GLU B 191 14.93 42.20 90.12
C GLU B 191 15.07 41.50 91.46
N ARG B 192 16.28 41.08 91.81
CA ARG B 192 16.56 40.64 93.18
C ARG B 192 17.45 41.62 93.92
N GLY B 193 17.86 42.71 93.28
CA GLY B 193 18.70 43.69 93.90
C GLY B 193 20.17 43.59 93.57
N TYR B 194 20.56 42.62 92.75
CA TYR B 194 21.95 42.47 92.36
C TYR B 194 22.22 43.29 91.10
N SER B 195 23.25 44.11 91.15
CA SER B 195 23.58 45.02 90.05
C SER B 195 25.02 44.76 89.62
N PHE B 196 25.19 44.26 88.39
CA PHE B 196 26.48 44.10 87.77
C PHE B 196 26.50 44.92 86.50
N VAL B 197 27.39 45.91 86.43
CA VAL B 197 27.35 46.85 85.31
C VAL B 197 28.68 46.94 84.59
N THR B 198 29.77 46.67 85.30
CA THR B 198 31.08 46.87 84.69
C THR B 198 31.45 45.70 83.79
N THR B 199 32.42 45.94 82.91
CA THR B 199 32.93 44.86 82.06
C THR B 199 33.60 43.77 82.87
N ALA B 200 34.07 44.08 84.07
CA ALA B 200 34.65 43.06 84.93
C ALA B 200 33.58 42.10 85.43
N GLU B 201 32.57 42.65 86.11
CA GLU B 201 31.55 41.81 86.72
C GLU B 201 30.62 41.16 85.70
N ARG B 202 30.68 41.56 84.44
CA ARG B 202 30.07 40.73 83.41
C ARG B 202 30.69 39.35 83.38
N GLU B 203 31.99 39.24 83.66
CA GLU B 203 32.63 37.94 83.75
C GLU B 203 32.09 37.16 84.94
N ILE B 204 31.88 37.83 86.07
CA ILE B 204 31.25 37.19 87.21
C ILE B 204 29.91 36.60 86.81
N VAL B 205 29.12 37.38 86.08
CA VAL B 205 27.81 36.89 85.65
C VAL B 205 27.97 35.71 84.71
N ARG B 206 28.99 35.74 83.86
CA ARG B 206 29.24 34.61 82.97
C ARG B 206 29.53 33.34 83.76
N ASP B 207 30.32 33.47 84.83
CA ASP B 207 30.59 32.31 85.66
C ASP B 207 29.32 31.80 86.33
N ILE B 208 28.50 32.72 86.84
CA ILE B 208 27.24 32.33 87.44
C ILE B 208 26.39 31.56 86.43
N LYS B 209 26.40 32.01 85.19
CA LYS B 209 25.62 31.34 84.15
C LYS B 209 26.16 29.95 83.87
N GLU B 210 27.48 29.84 83.72
CA GLU B 210 28.08 28.54 83.45
C GLU B 210 27.90 27.57 84.61
N LYS B 211 27.66 28.06 85.82
CA LYS B 211 27.57 27.17 86.96
C LYS B 211 26.16 26.80 87.35
N LEU B 212 25.22 27.75 87.34
CA LEU B 212 23.92 27.48 87.94
C LEU B 212 22.78 27.35 86.95
N CYS B 213 22.95 27.77 85.71
CA CYS B 213 21.83 27.76 84.79
C CYS B 213 21.63 26.37 84.21
N TYR B 214 20.43 26.16 83.66
CA TYR B 214 20.07 24.89 83.04
C TYR B 214 18.75 25.07 82.30
N VAL B 215 18.56 24.28 81.26
CA VAL B 215 17.31 24.32 80.51
C VAL B 215 16.28 23.48 81.24
N ALA B 216 15.04 23.98 81.27
CA ALA B 216 13.95 23.29 81.93
C ALA B 216 13.14 22.51 80.90
N LEU B 217 12.87 21.24 81.21
CA LEU B 217 12.17 20.39 80.25
C LEU B 217 10.78 20.92 79.92
N ASP B 218 10.17 21.65 80.85
CA ASP B 218 8.86 22.24 80.60
C ASP B 218 8.81 23.57 81.33
N PHE B 219 8.78 24.67 80.58
CA PHE B 219 8.96 25.99 81.17
C PHE B 219 7.84 26.31 82.16
N GLU B 220 6.59 26.11 81.76
CA GLU B 220 5.48 26.51 82.61
C GLU B 220 5.48 25.72 83.92
N ASN B 221 5.74 24.43 83.86
CA ASN B 221 5.75 23.63 85.06
C ASN B 221 6.87 24.06 86.00
N GLU B 222 8.06 24.31 85.47
CA GLU B 222 9.15 24.73 86.32
C GLU B 222 8.88 26.10 86.91
N MET B 223 8.23 26.97 86.16
CA MET B 223 7.86 28.28 86.69
C MET B 223 6.90 28.13 87.85
N ALA B 224 5.84 27.34 87.66
CA ALA B 224 4.87 27.14 88.72
C ALA B 224 5.53 26.49 89.94
N THR B 225 6.47 25.58 89.70
CA THR B 225 7.18 24.93 90.81
C THR B 225 7.98 25.95 91.61
N ALA B 226 8.88 26.67 90.93
CA ALA B 226 9.67 27.69 91.59
C ALA B 226 8.78 28.69 92.32
N ALA B 227 7.59 28.93 91.80
CA ALA B 227 6.64 29.77 92.53
C ALA B 227 6.23 29.11 93.83
N SER B 228 5.78 27.85 93.75
CA SER B 228 5.29 27.17 94.95
C SER B 228 6.43 26.85 95.91
N SER B 229 7.35 25.99 95.49
CA SER B 229 8.39 25.48 96.37
C SER B 229 9.52 26.49 96.49
N SER B 230 10.62 26.05 97.11
CA SER B 230 11.86 26.81 97.10
C SER B 230 13.06 25.89 96.89
N SER B 231 12.83 24.67 96.42
CA SER B 231 13.89 23.69 96.23
C SER B 231 14.78 24.01 95.04
N LEU B 232 14.45 25.03 94.25
CA LEU B 232 15.25 25.36 93.09
C LEU B 232 16.33 26.39 93.39
N GLU B 233 16.23 27.08 94.51
CA GLU B 233 17.21 28.12 94.82
C GLU B 233 18.55 27.51 95.13
N LYS B 234 19.59 28.08 94.53
CA LYS B 234 20.96 27.73 94.84
C LYS B 234 21.72 29.02 95.11
N SER B 235 22.78 28.90 95.89
CA SER B 235 23.55 30.05 96.31
C SER B 235 24.84 30.13 95.51
N TYR B 236 25.54 31.25 95.67
CA TYR B 236 26.77 31.49 94.96
C TYR B 236 27.53 32.61 95.66
N GLU B 237 28.83 32.47 95.75
CA GLU B 237 29.67 33.39 96.51
C GLU B 237 30.48 34.23 95.54
N LEU B 238 30.27 35.55 95.60
CA LEU B 238 30.99 36.46 94.73
C LEU B 238 32.46 36.54 95.14
N PRO B 239 33.30 37.18 94.33
CA PRO B 239 34.74 37.23 94.66
C PRO B 239 35.07 37.97 95.94
N ASP B 240 34.08 38.47 96.67
CA ASP B 240 34.32 39.11 97.95
C ASP B 240 33.31 38.66 98.99
N GLY B 241 32.98 37.37 99.00
CA GLY B 241 31.96 36.89 99.89
C GLY B 241 30.59 37.30 99.41
N GLN B 242 29.76 37.78 100.33
CA GLN B 242 28.39 38.21 100.06
C GLN B 242 27.68 37.23 99.14
N VAL B 243 27.47 36.01 99.63
CA VAL B 243 26.76 35.00 98.86
C VAL B 243 25.42 35.54 98.41
N ILE B 244 25.01 35.15 97.19
CA ILE B 244 23.73 35.54 96.62
C ILE B 244 22.95 34.27 96.33
N THR B 245 21.67 34.44 95.99
CA THR B 245 20.81 33.32 95.65
C THR B 245 20.02 33.65 94.40
N ILE B 246 19.79 32.65 93.56
CA ILE B 246 18.97 32.79 92.38
C ILE B 246 18.03 31.60 92.29
N GLY B 247 16.77 31.86 91.94
CA GLY B 247 15.79 30.81 91.75
C GLY B 247 15.37 30.68 90.31
N ASN B 248 14.22 31.29 90.00
CA ASN B 248 13.64 31.34 88.67
C ASN B 248 14.68 31.58 87.58
N GLU B 249 15.66 32.41 87.88
CA GLU B 249 16.63 32.83 86.89
C GLU B 249 17.36 31.64 86.28
N ARG B 250 17.65 30.63 87.11
CA ARG B 250 18.49 29.52 86.67
C ARG B 250 18.00 28.92 85.37
N PHE B 251 16.69 28.85 85.18
CA PHE B 251 16.15 28.33 83.94
C PHE B 251 15.45 29.38 83.10
N ARG B 252 15.24 30.58 83.63
CA ARG B 252 14.71 31.64 82.79
C ARG B 252 15.78 32.15 81.83
N CYS B 253 17.03 32.21 82.27
CA CYS B 253 18.10 32.72 81.40
C CYS B 253 18.27 31.88 80.14
N PRO B 254 18.63 30.59 80.20
CA PRO B 254 18.84 29.85 78.96
C PRO B 254 17.56 29.56 78.20
N GLU B 255 16.41 29.83 78.79
CA GLU B 255 15.16 29.64 78.08
C GLU B 255 15.08 30.52 76.84
N THR B 256 15.82 31.64 76.86
CA THR B 256 15.83 32.57 75.74
C THR B 256 16.03 31.85 74.41
N LEU B 257 16.99 30.93 74.37
CA LEU B 257 17.30 30.22 73.13
C LEU B 257 16.07 29.61 72.48
N PHE B 258 15.02 29.38 73.25
CA PHE B 258 13.78 28.85 72.69
C PHE B 258 12.68 29.90 72.59
N GLN B 259 12.81 31.02 73.27
CA GLN B 259 11.87 32.13 73.18
C GLN B 259 12.66 33.42 73.06
N PRO B 260 13.23 33.70 71.88
CA PRO B 260 14.05 34.89 71.73
C PRO B 260 13.32 36.19 72.02
N SER B 261 11.99 36.15 72.07
CA SER B 261 11.22 37.34 72.42
C SER B 261 11.63 37.92 73.76
N PHE B 262 12.21 37.10 74.63
CA PHE B 262 12.64 37.60 75.94
C PHE B 262 13.61 38.76 75.81
N ILE B 263 14.42 38.77 74.76
CA ILE B 263 15.39 39.83 74.57
C ILE B 263 15.00 40.66 73.35
N GLY B 264 13.71 40.68 73.04
CA GLY B 264 13.20 41.52 71.99
C GLY B 264 13.54 41.09 70.58
N MET B 265 14.25 39.99 70.40
CA MET B 265 14.45 39.51 69.04
C MET B 265 13.17 38.89 68.52
N GLU B 266 13.10 38.77 67.19
CA GLU B 266 11.88 38.31 66.54
C GLU B 266 11.99 36.91 65.98
N SER B 267 13.19 36.40 65.76
CA SER B 267 13.37 35.10 65.15
C SER B 267 12.77 34.00 66.01
N ALA B 268 12.72 32.80 65.46
CA ALA B 268 12.18 31.66 66.17
C ALA B 268 13.26 31.00 67.00
N GLY B 269 12.84 30.16 67.93
CA GLY B 269 13.76 29.51 68.83
C GLY B 269 14.72 28.58 68.12
N ILE B 270 15.67 28.07 68.90
CA ILE B 270 16.66 27.12 68.39
C ILE B 270 15.97 25.96 67.70
N HIS B 271 15.08 25.29 68.43
CA HIS B 271 14.38 24.12 67.87
C HIS B 271 13.71 24.44 66.56
N GLU B 272 13.10 25.61 66.46
CA GLU B 272 12.34 25.92 65.25
C GLU B 272 13.24 26.28 64.09
N THR B 273 14.34 26.98 64.33
CA THR B 273 15.28 27.21 63.24
C THR B 273 15.88 25.90 62.76
N THR B 274 16.14 24.99 63.68
CA THR B 274 16.60 23.65 63.29
C THR B 274 15.58 22.97 62.40
N TYR B 275 14.32 22.93 62.83
CA TYR B 275 13.31 22.24 62.05
C TYR B 275 13.14 22.88 60.69
N ASN B 276 13.20 24.21 60.63
CA ASN B 276 13.09 24.90 59.35
C ASN B 276 14.26 24.55 58.44
N SER B 277 15.48 24.52 58.99
CA SER B 277 16.63 24.13 58.20
C SER B 277 16.45 22.73 57.64
N ILE B 278 15.92 21.82 58.45
CA ILE B 278 15.59 20.48 57.95
C ILE B 278 14.63 20.59 56.77
N MET B 279 13.50 21.26 56.99
CA MET B 279 12.46 21.29 55.97
C MET B 279 12.91 21.98 54.69
N LYS B 280 13.93 22.82 54.74
CA LYS B 280 14.44 23.40 53.49
C LYS B 280 15.20 22.38 52.67
N CYS B 281 15.60 21.27 53.26
CA CYS B 281 16.42 20.28 52.58
C CYS B 281 15.55 19.34 51.76
N ASP B 282 16.18 18.61 50.85
CA ASP B 282 15.46 17.67 50.01
C ASP B 282 14.75 16.64 50.87
N ILE B 283 13.60 16.17 50.36
CA ILE B 283 12.76 15.29 51.16
C ILE B 283 13.42 13.93 51.36
N ASP B 284 14.32 13.54 50.45
CA ASP B 284 14.91 12.21 50.55
C ASP B 284 15.95 12.11 51.64
N ILE B 285 16.43 13.23 52.19
CA ILE B 285 17.48 13.18 53.18
C ILE B 285 17.00 13.68 54.53
N ARG B 286 15.70 13.83 54.72
CA ARG B 286 15.25 14.41 55.98
C ARG B 286 15.30 13.43 57.14
N LYS B 287 15.16 12.13 56.89
CA LYS B 287 15.19 11.19 57.99
C LYS B 287 16.55 11.14 58.66
N ASP B 288 17.61 11.09 57.85
CA ASP B 288 18.96 11.03 58.41
C ASP B 288 19.26 12.30 59.20
N LEU B 289 18.92 13.45 58.62
CA LEU B 289 19.11 14.71 59.34
C LEU B 289 18.34 14.70 60.64
N TYR B 290 17.12 14.17 60.63
CA TYR B 290 16.38 14.03 61.88
C TYR B 290 17.16 13.18 62.88
N ALA B 291 17.84 12.16 62.39
CA ALA B 291 18.52 11.22 63.27
C ALA B 291 19.91 11.67 63.69
N ASN B 292 20.43 12.77 63.16
CA ASN B 292 21.82 13.11 63.44
C ASN B 292 21.99 14.59 63.81
N ASN B 293 21.18 15.07 64.75
CA ASN B 293 21.30 16.47 65.18
C ASN B 293 22.53 16.62 66.07
N VAL B 294 23.69 16.81 65.45
CA VAL B 294 24.90 17.05 66.21
C VAL B 294 24.81 18.40 66.91
N MET B 295 25.42 18.51 68.08
CA MET B 295 25.53 19.77 68.78
C MET B 295 26.98 20.04 69.15
N SER B 296 27.33 21.32 69.25
CA SER B 296 28.69 21.69 69.61
C SER B 296 28.65 23.07 70.25
N GLY B 297 29.82 23.60 70.55
CA GLY B 297 29.91 24.93 71.11
C GLY B 297 29.53 24.99 72.58
N GLY B 298 30.16 25.92 73.30
CA GLY B 298 29.97 25.97 74.73
C GLY B 298 28.54 26.26 75.15
N THR B 299 27.82 27.04 74.36
CA THR B 299 26.45 27.38 74.73
C THR B 299 25.54 26.15 74.77
N THR B 300 25.89 25.09 74.07
CA THR B 300 25.09 23.88 74.10
C THR B 300 25.46 22.99 75.26
N MET B 301 26.10 23.53 76.30
CA MET B 301 26.49 22.76 77.46
C MET B 301 25.58 22.99 78.66
N TYR B 302 24.34 23.27 78.42
CA TYR B 302 23.48 23.44 79.58
C TYR B 302 22.92 22.10 80.03
N PRO B 303 22.89 21.84 81.31
CA PRO B 303 22.22 20.63 81.80
C PRO B 303 20.78 20.57 81.33
N GLY B 304 20.46 19.59 80.50
CA GLY B 304 19.10 19.37 80.06
C GLY B 304 18.77 19.91 78.70
N ILE B 305 19.71 20.58 78.04
CA ILE B 305 19.39 21.22 76.77
C ILE B 305 19.07 20.18 75.71
N ALA B 306 19.74 19.04 75.73
CA ALA B 306 19.51 18.04 74.70
C ALA B 306 18.12 17.42 74.85
N ASP B 307 17.67 17.21 76.08
CA ASP B 307 16.37 16.59 76.28
C ASP B 307 15.25 17.53 75.88
N ARG B 308 15.33 18.79 76.28
CA ARG B 308 14.35 19.78 75.85
C ARG B 308 14.37 19.93 74.33
N MET B 309 15.56 19.97 73.75
CA MET B 309 15.68 20.09 72.31
C MET B 309 14.98 18.94 71.61
N GLN B 310 15.22 17.71 72.08
CA GLN B 310 14.56 16.56 71.49
C GLN B 310 13.05 16.65 71.66
N LYS B 311 12.59 17.03 72.85
CA LYS B 311 11.16 17.16 73.08
C LYS B 311 10.52 18.08 72.06
N GLU B 312 11.09 19.29 71.90
CA GLU B 312 10.51 20.26 70.97
C GLU B 312 10.54 19.75 69.55
N ILE B 313 11.73 19.41 69.05
CA ILE B 313 11.84 19.02 67.66
C ILE B 313 11.06 17.75 67.37
N THR B 314 10.77 16.94 68.39
CA THR B 314 9.88 15.82 68.21
C THR B 314 8.44 16.29 68.09
N ALA B 315 8.06 17.29 68.88
CA ALA B 315 6.74 17.86 68.76
C ALA B 315 6.52 18.45 67.38
N LEU B 316 7.59 18.90 66.73
CA LEU B 316 7.44 19.49 65.40
C LEU B 316 7.45 18.46 64.29
N ALA B 317 8.31 17.47 64.37
CA ALA B 317 8.46 16.51 63.29
C ALA B 317 7.32 15.49 63.29
N PRO B 318 7.14 14.76 62.19
CA PRO B 318 6.16 13.68 62.19
C PRO B 318 6.48 12.63 63.24
N SER B 319 5.47 11.82 63.57
CA SER B 319 5.64 10.86 64.65
C SER B 319 6.51 9.70 64.24
N THR B 320 6.44 9.30 62.97
CA THR B 320 7.15 8.11 62.51
C THR B 320 8.61 8.38 62.21
N MET B 321 9.16 9.49 62.69
CA MET B 321 10.56 9.82 62.47
C MET B 321 11.32 9.70 63.78
N LYS B 322 12.50 9.11 63.72
CA LYS B 322 13.32 8.91 64.91
C LYS B 322 14.19 10.14 65.13
N ILE B 323 13.98 10.82 66.24
CA ILE B 323 14.74 12.02 66.58
C ILE B 323 15.84 11.65 67.55
N LYS B 324 17.07 11.96 67.19
CA LYS B 324 18.20 11.72 68.07
C LYS B 324 19.09 12.95 68.07
N ILE B 325 19.79 13.15 69.18
CA ILE B 325 20.59 14.35 69.38
C ILE B 325 21.97 13.91 69.87
N ILE B 326 22.99 14.17 69.08
CA ILE B 326 24.34 13.73 69.37
C ILE B 326 25.01 14.83 70.18
N ALA B 327 25.04 14.68 71.50
CA ALA B 327 25.64 15.65 72.40
C ALA B 327 26.78 14.98 73.15
N PRO B 328 27.97 14.93 72.56
CA PRO B 328 29.13 14.38 73.26
C PRO B 328 29.43 15.17 74.52
N PRO B 329 30.21 14.61 75.44
CA PRO B 329 30.51 15.34 76.68
C PRO B 329 31.63 16.35 76.54
N GLU B 330 32.44 16.28 75.48
CA GLU B 330 33.49 17.25 75.23
C GLU B 330 33.11 18.21 74.12
N ARG B 331 31.82 18.32 73.81
CA ARG B 331 31.38 19.00 72.61
C ARG B 331 31.81 20.45 72.54
N LYS B 332 32.30 21.03 73.65
CA LYS B 332 32.78 22.40 73.59
C LYS B 332 33.93 22.56 72.62
N TYR B 333 34.82 21.57 72.57
CA TYR B 333 36.02 21.67 71.75
C TYR B 333 35.89 20.89 70.44
N SER B 334 34.66 20.56 70.05
CA SER B 334 34.47 19.74 68.85
C SER B 334 35.03 20.43 67.62
N VAL B 335 34.92 21.76 67.56
CA VAL B 335 35.41 22.46 66.38
C VAL B 335 36.91 22.32 66.27
N TRP B 336 37.63 22.56 67.38
CA TRP B 336 39.08 22.43 67.32
C TRP B 336 39.49 20.99 67.04
N ILE B 337 38.79 20.02 67.64
CA ILE B 337 39.11 18.63 67.41
C ILE B 337 38.99 18.30 65.93
N GLY B 338 37.85 18.62 65.34
CA GLY B 338 37.68 18.38 63.92
C GLY B 338 38.71 19.10 63.08
N GLY B 339 39.10 20.30 63.51
CA GLY B 339 40.12 21.02 62.77
C GLY B 339 41.45 20.30 62.79
N SER B 340 41.82 19.77 63.95
CA SER B 340 43.06 18.98 64.03
C SER B 340 42.96 17.76 63.14
N ILE B 341 41.84 17.04 63.23
CA ILE B 341 41.64 15.86 62.40
C ILE B 341 41.86 16.20 60.93
N LEU B 342 41.24 17.28 60.48
CA LEU B 342 41.34 17.65 59.07
C LEU B 342 42.77 18.04 58.71
N ALA B 343 43.34 19.01 59.43
CA ALA B 343 44.69 19.45 59.12
C ALA B 343 45.69 18.32 59.17
N SER B 344 45.39 17.24 59.89
CA SER B 344 46.31 16.12 59.94
C SER B 344 46.19 15.20 58.73
N LEU B 345 45.24 15.43 57.84
CA LEU B 345 45.10 14.55 56.69
C LEU B 345 46.25 14.81 55.70
N SER B 346 46.23 14.05 54.61
CA SER B 346 47.16 14.25 53.51
C SER B 346 46.46 14.61 52.21
N THR B 347 45.26 14.09 51.99
CA THR B 347 44.41 14.64 50.95
C THR B 347 44.16 16.12 51.16
N PHE B 348 44.40 16.61 52.37
CA PHE B 348 44.28 18.03 52.66
C PHE B 348 45.57 18.78 52.41
N GLN B 349 46.70 18.09 52.33
CA GLN B 349 47.98 18.77 52.27
C GLN B 349 48.22 19.50 50.97
N GLN B 350 47.22 19.56 50.10
CA GLN B 350 47.31 20.35 48.87
C GLN B 350 46.12 21.28 48.73
N MET B 351 45.34 21.47 49.79
CA MET B 351 44.30 22.47 49.82
C MET B 351 44.75 23.76 50.48
N TRP B 352 45.94 23.78 51.07
CA TRP B 352 46.45 24.99 51.71
C TRP B 352 46.58 26.12 50.69
N ILE B 353 46.79 27.32 51.21
CA ILE B 353 47.05 28.49 50.38
C ILE B 353 48.50 28.88 50.59
N THR B 354 49.34 28.61 49.60
CA THR B 354 50.77 28.87 49.74
C THR B 354 51.03 30.36 49.62
N LYS B 355 51.98 30.85 50.41
CA LYS B 355 52.28 32.28 50.40
C LYS B 355 52.63 32.76 49.01
N GLN B 356 53.41 31.97 48.28
CA GLN B 356 53.73 32.32 46.90
C GLN B 356 52.45 32.54 46.09
N GLU B 357 51.49 31.62 46.24
CA GLU B 357 50.23 31.75 45.51
C GLU B 357 49.49 33.01 45.92
N TYR B 358 49.53 33.36 47.20
CA TYR B 358 48.90 34.58 47.66
C TYR B 358 49.54 35.80 47.02
N ASP B 359 50.86 35.91 47.12
CA ASP B 359 51.58 37.01 46.48
C ASP B 359 51.26 37.08 45.00
N GLU B 360 51.01 35.94 44.38
CA GLU B 360 50.66 35.94 42.96
C GLU B 360 49.25 36.47 42.74
N ALA B 361 48.32 36.17 43.65
CA ALA B 361 46.91 36.44 43.40
C ALA B 361 46.24 37.39 44.40
N GLY B 362 46.92 37.79 45.47
CA GLY B 362 46.36 38.76 46.38
C GLY B 362 45.26 38.17 47.26
N PRO B 363 44.87 38.91 48.30
CA PRO B 363 43.93 38.38 49.29
C PRO B 363 42.60 37.92 48.72
N SER B 364 42.31 38.27 47.47
CA SER B 364 41.06 37.83 46.86
C SER B 364 41.08 36.33 46.60
N ILE B 365 42.21 35.68 46.89
CA ILE B 365 42.36 34.27 46.60
C ILE B 365 41.48 33.43 47.52
N VAL B 366 41.14 33.95 48.69
CA VAL B 366 40.47 33.13 49.71
C VAL B 366 39.12 32.66 49.22
N HIS B 367 38.32 33.59 48.70
CA HIS B 367 37.00 33.22 48.19
C HIS B 367 37.10 32.23 47.06
N ARG B 368 38.15 32.33 46.25
CA ARG B 368 38.41 31.32 45.24
C ARG B 368 38.56 29.96 45.92
N LYS B 369 38.32 28.89 45.15
CA LYS B 369 38.15 27.59 45.76
C LYS B 369 39.34 27.16 46.61
N CYS B 370 40.45 27.91 46.57
CA CYS B 370 41.44 27.80 47.64
C CYS B 370 40.76 28.47 48.84
N PHE B 371 39.85 27.71 49.43
CA PHE B 371 38.77 28.26 50.21
C PHE B 371 39.20 28.68 51.61
N THR C 1 -29.23 28.30 -18.02
CA THR C 1 -28.20 29.12 -17.39
C THR C 1 -26.94 28.32 -17.13
N THR C 2 -26.01 28.92 -16.38
CA THR C 2 -24.73 28.29 -16.11
C THR C 2 -24.90 27.04 -15.26
N ALA C 3 -24.05 26.06 -15.52
CA ALA C 3 -24.00 24.84 -14.74
C ALA C 3 -22.78 24.86 -13.83
N LEU C 4 -22.93 24.23 -12.67
CA LEU C 4 -21.85 24.10 -11.71
C LEU C 4 -21.15 22.76 -11.90
N VAL C 5 -19.84 22.76 -11.64
CA VAL C 5 -19.02 21.56 -11.78
C VAL C 5 -18.22 21.43 -10.50
N CYS C 6 -18.67 20.57 -9.60
CA CYS C 6 -18.00 20.32 -8.34
C CYS C 6 -17.40 18.93 -8.37
N ASP C 7 -16.08 18.86 -8.39
CA ASP C 7 -15.34 17.60 -8.38
C ASP C 7 -14.82 17.38 -6.97
N ASN C 8 -15.42 16.43 -6.26
CA ASN C 8 -15.11 16.27 -4.85
C ASN C 8 -13.78 15.59 -4.64
N GLY C 9 -13.67 14.32 -5.03
CA GLY C 9 -12.45 13.64 -4.73
C GLY C 9 -12.15 13.61 -3.24
N SER C 10 -11.02 13.03 -2.92
CA SER C 10 -10.46 13.12 -1.58
C SER C 10 -9.36 14.16 -1.60
N GLY C 11 -9.05 14.70 -0.43
CA GLY C 11 -7.95 15.63 -0.33
C GLY C 11 -8.25 17.03 -0.81
N LEU C 12 -8.88 17.16 -1.99
CA LEU C 12 -9.03 18.46 -2.62
C LEU C 12 -10.38 18.55 -3.29
N VAL C 13 -11.21 19.48 -2.84
CA VAL C 13 -12.42 19.85 -3.55
C VAL C 13 -12.08 20.95 -4.54
N LYS C 14 -12.59 20.83 -5.77
CA LYS C 14 -12.33 21.81 -6.80
C LYS C 14 -13.62 22.06 -7.55
N ALA C 15 -14.09 23.30 -7.52
CA ALA C 15 -15.37 23.65 -8.10
C ALA C 15 -15.22 24.86 -9.01
N GLY C 16 -16.26 25.11 -9.79
CA GLY C 16 -16.23 26.19 -10.75
C GLY C 16 -17.48 26.14 -11.60
N PHE C 17 -17.54 27.04 -12.58
CA PHE C 17 -18.68 27.14 -13.45
C PHE C 17 -18.40 26.42 -14.76
N ALA C 18 -19.42 25.75 -15.29
CA ALA C 18 -19.28 25.10 -16.58
C ALA C 18 -18.93 26.13 -17.64
N GLY C 19 -18.00 25.78 -18.51
CA GLY C 19 -17.55 26.67 -19.56
C GLY C 19 -16.30 27.44 -19.22
N ASP C 20 -15.95 27.56 -17.94
CA ASP C 20 -14.71 28.22 -17.57
C ASP C 20 -13.53 27.36 -18.00
N ASP C 21 -12.33 27.86 -17.71
CA ASP C 21 -11.11 27.21 -18.13
C ASP C 21 -10.34 26.55 -17.00
N ALA C 22 -10.71 26.81 -15.76
CA ALA C 22 -10.03 26.24 -14.60
C ALA C 22 -10.97 26.36 -13.42
N PRO C 23 -10.92 25.44 -12.47
CA PRO C 23 -11.81 25.53 -11.31
C PRO C 23 -11.56 26.82 -10.55
N ARG C 24 -12.64 27.55 -10.29
CA ARG C 24 -12.49 28.85 -9.64
C ARG C 24 -11.98 28.70 -8.22
N ALA C 25 -12.55 27.77 -7.46
CA ALA C 25 -12.23 27.59 -6.06
C ALA C 25 -11.64 26.20 -5.83
N VAL C 26 -10.54 26.15 -5.08
CA VAL C 26 -9.84 24.92 -4.80
C VAL C 26 -9.32 24.96 -3.37
N PHE C 27 -9.65 23.95 -2.58
CA PHE C 27 -9.34 23.98 -1.16
C PHE C 27 -9.39 22.55 -0.64
N PRO C 28 -8.74 22.28 0.49
CA PRO C 28 -8.71 20.90 1.00
C PRO C 28 -10.06 20.50 1.58
N SER C 29 -10.50 19.31 1.22
CA SER C 29 -11.81 18.81 1.65
C SER C 29 -11.69 18.19 3.03
N ILE C 30 -11.49 19.05 4.02
CA ILE C 30 -11.36 18.61 5.41
C ILE C 30 -12.27 19.44 6.28
N VAL C 31 -12.61 18.87 7.42
CA VAL C 31 -13.41 19.54 8.43
C VAL C 31 -12.66 19.44 9.75
N GLY C 32 -12.45 20.58 10.40
CA GLY C 32 -11.72 20.63 11.65
C GLY C 32 -12.64 20.98 12.78
N ARG C 33 -12.29 20.53 13.98
CA ARG C 33 -13.01 20.87 15.17
C ARG C 33 -11.98 21.09 16.27
N PRO C 34 -12.16 22.12 17.09
CA PRO C 34 -11.19 22.36 18.16
C PRO C 34 -11.14 21.17 19.09
N ARG C 35 -9.98 20.98 19.72
CA ARG C 35 -9.80 19.85 20.61
C ARG C 35 -9.29 20.28 21.98
N HIS C 36 -9.10 21.56 22.20
CA HIS C 36 -8.95 22.13 23.52
C HIS C 36 -10.25 22.86 23.85
N GLN C 37 -10.28 23.54 25.00
CA GLN C 37 -11.55 24.06 25.47
C GLN C 37 -11.74 25.55 25.22
N GLY C 38 -10.67 26.32 25.11
CA GLY C 38 -10.84 27.73 24.85
C GLY C 38 -11.22 28.49 26.10
N VAL C 39 -10.59 29.64 26.33
CA VAL C 39 -10.79 30.38 27.57
C VAL C 39 -11.18 31.82 27.36
N MET C 40 -11.02 32.39 26.17
CA MET C 40 -11.35 33.79 25.97
C MET C 40 -12.82 33.90 25.62
N VAL C 41 -13.62 34.38 26.57
CA VAL C 41 -15.02 34.65 26.29
C VAL C 41 -15.10 35.83 25.33
N GLY C 42 -16.19 35.90 24.58
CA GLY C 42 -16.36 36.91 23.57
C GLY C 42 -15.59 36.65 22.29
N MET C 43 -14.72 35.63 22.27
CA MET C 43 -14.04 35.29 21.03
C MET C 43 -14.99 34.68 20.02
N GLY C 44 -16.12 34.15 20.50
CA GLY C 44 -17.11 33.59 19.61
C GLY C 44 -16.59 32.50 18.70
N GLN C 45 -15.69 31.66 19.18
CA GLN C 45 -15.20 30.55 18.37
C GLN C 45 -16.36 29.75 17.80
N LYS C 46 -16.37 29.59 16.49
CA LYS C 46 -17.31 28.65 15.90
C LYS C 46 -16.91 27.22 16.26
N ASP C 47 -17.78 26.27 15.95
CA ASP C 47 -17.61 24.92 16.44
C ASP C 47 -16.94 23.99 15.45
N SER C 48 -16.87 24.36 14.17
CA SER C 48 -16.25 23.48 13.18
C SER C 48 -15.86 24.31 11.98
N TYR C 49 -14.56 24.46 11.75
CA TYR C 49 -14.09 25.11 10.53
C TYR C 49 -14.09 24.11 9.39
N VAL C 50 -13.67 24.58 8.22
CA VAL C 50 -13.77 23.78 7.01
C VAL C 50 -12.90 24.42 5.95
N GLY C 51 -12.27 23.58 5.12
CA GLY C 51 -11.49 24.11 4.03
C GLY C 51 -10.25 24.84 4.50
N ASP C 52 -9.86 25.85 3.72
CA ASP C 52 -8.62 26.60 3.98
C ASP C 52 -8.60 27.20 5.38
N GLU C 53 -9.76 27.54 5.92
CA GLU C 53 -9.79 28.06 7.28
C GLU C 53 -9.28 27.03 8.28
N ALA C 54 -9.77 25.80 8.17
CA ALA C 54 -9.24 24.71 8.99
C ALA C 54 -7.78 24.47 8.70
N GLN C 55 -7.40 24.49 7.43
CA GLN C 55 -6.00 24.28 7.08
C GLN C 55 -5.11 25.34 7.71
N SER C 56 -5.64 26.52 7.97
CA SER C 56 -4.86 27.55 8.64
C SER C 56 -4.89 27.37 10.15
N LYS C 57 -6.00 26.90 10.68
CA LYS C 57 -6.14 26.71 12.12
C LYS C 57 -5.63 25.35 12.60
N ARG C 58 -4.98 24.58 11.73
CA ARG C 58 -4.51 23.23 12.05
C ARG C 58 -4.01 23.04 13.48
N GLY C 59 -3.28 24.02 14.01
CA GLY C 59 -2.59 23.82 15.26
C GLY C 59 -3.48 23.47 16.43
N ILE C 60 -4.77 23.75 16.34
CA ILE C 60 -5.65 23.55 17.48
C ILE C 60 -6.88 22.74 17.09
N LEU C 61 -6.82 22.11 15.93
CA LEU C 61 -7.97 21.36 15.44
C LEU C 61 -7.61 19.90 15.28
N THR C 62 -8.62 19.11 14.95
CA THR C 62 -8.44 17.73 14.56
C THR C 62 -9.14 17.53 13.23
N LEU C 63 -8.36 17.27 12.19
CA LEU C 63 -8.86 17.29 10.82
C LEU C 63 -9.35 15.91 10.44
N LYS C 64 -10.43 15.86 9.67
CA LYS C 64 -11.05 14.59 9.33
C LYS C 64 -11.60 14.67 7.90
N TYR C 65 -10.91 14.02 6.99
CA TYR C 65 -11.39 13.93 5.62
C TYR C 65 -12.69 13.14 5.61
N PRO C 66 -13.78 13.69 5.10
CA PRO C 66 -15.04 12.96 5.04
C PRO C 66 -15.17 11.99 3.88
N ILE C 67 -14.11 11.78 3.11
CA ILE C 67 -14.11 10.83 2.00
C ILE C 67 -12.88 9.95 2.18
N GLU C 68 -13.09 8.64 2.28
CA GLU C 68 -11.97 7.76 2.65
C GLU C 68 -11.27 7.18 1.44
N HIS C 69 -11.97 6.38 0.66
CA HIS C 69 -11.43 5.88 -0.61
C HIS C 69 -12.52 6.07 -1.64
N GLY C 70 -12.63 7.29 -2.17
CA GLY C 70 -13.66 7.54 -3.16
C GLY C 70 -15.06 7.54 -2.60
N ILE C 71 -15.26 6.97 -1.42
CA ILE C 71 -16.58 6.82 -0.83
C ILE C 71 -16.72 7.81 0.31
N ILE C 72 -17.95 8.22 0.57
CA ILE C 72 -18.23 9.19 1.61
C ILE C 72 -18.65 8.44 2.87
N THR C 73 -17.97 8.73 3.97
CA THR C 73 -18.24 8.03 5.22
C THR C 73 -18.99 8.87 6.24
N ASN C 74 -18.65 10.14 6.37
CA ASN C 74 -19.32 11.04 7.30
C ASN C 74 -20.17 11.99 6.46
N TRP C 75 -21.47 11.76 6.44
CA TRP C 75 -22.32 12.51 5.54
C TRP C 75 -22.53 13.94 6.01
N ASP C 76 -22.52 14.18 7.32
CA ASP C 76 -22.76 15.53 7.79
C ASP C 76 -21.59 16.44 7.44
N ASP C 77 -20.37 15.93 7.57
CA ASP C 77 -19.23 16.73 7.14
C ASP C 77 -19.23 16.96 5.65
N MET C 78 -19.67 15.97 4.87
CA MET C 78 -19.78 16.19 3.43
C MET C 78 -20.79 17.27 3.11
N GLU C 79 -21.89 17.31 3.86
CA GLU C 79 -22.87 18.36 3.63
C GLU C 79 -22.31 19.71 4.02
N LYS C 80 -21.55 19.78 5.12
CA LYS C 80 -20.88 21.03 5.46
C LYS C 80 -19.94 21.45 4.34
N ILE C 81 -19.21 20.50 3.76
CA ILE C 81 -18.29 20.81 2.68
C ILE C 81 -19.04 21.43 1.51
N TRP C 82 -20.11 20.77 1.08
CA TRP C 82 -20.87 21.27 -0.06
C TRP C 82 -21.46 22.63 0.22
N HIS C 83 -22.05 22.81 1.40
CA HIS C 83 -22.66 24.09 1.75
C HIS C 83 -21.62 25.19 1.76
N HIS C 84 -20.46 24.93 2.35
CA HIS C 84 -19.40 25.94 2.36
C HIS C 84 -18.97 26.26 0.94
N THR C 85 -18.80 25.23 0.11
CA THR C 85 -18.45 25.47 -1.29
C THR C 85 -19.44 26.43 -1.93
N PHE C 86 -20.71 26.06 -1.95
CA PHE C 86 -21.72 26.86 -2.64
C PHE C 86 -21.79 28.27 -2.10
N TYR C 87 -21.90 28.41 -0.78
CA TYR C 87 -22.25 29.71 -0.23
C TYR C 87 -21.05 30.59 0.07
N ASN C 88 -19.83 30.08 0.04
CA ASN C 88 -18.67 30.91 0.28
C ASN C 88 -17.68 30.89 -0.87
N GLU C 89 -17.33 29.70 -1.37
CA GLU C 89 -16.30 29.63 -2.40
C GLU C 89 -16.81 30.16 -3.72
N LEU C 90 -18.02 29.75 -4.11
CA LEU C 90 -18.61 30.27 -5.34
C LEU C 90 -19.59 31.40 -5.08
N ARG C 91 -20.15 31.47 -3.88
CA ARG C 91 -21.11 32.51 -3.52
C ARG C 91 -22.24 32.58 -4.55
N VAL C 92 -22.99 31.49 -4.62
CA VAL C 92 -24.04 31.34 -5.63
C VAL C 92 -25.16 30.51 -5.04
N ALA C 93 -26.38 30.95 -5.25
CA ALA C 93 -27.53 30.17 -4.83
C ALA C 93 -27.61 28.91 -5.69
N PRO C 94 -27.57 27.73 -5.11
CA PRO C 94 -27.64 26.51 -5.91
C PRO C 94 -29.06 26.21 -6.36
N GLU C 95 -29.96 27.17 -6.17
CA GLU C 95 -31.36 26.96 -6.53
C GLU C 95 -31.54 26.81 -8.03
N GLU C 96 -30.74 27.52 -8.81
CA GLU C 96 -30.93 27.62 -10.26
C GLU C 96 -29.67 27.22 -11.01
N HIS C 97 -29.02 26.16 -10.57
CA HIS C 97 -27.82 25.74 -11.26
C HIS C 97 -27.73 24.22 -11.29
N PRO C 98 -27.91 23.60 -12.46
CA PRO C 98 -27.61 22.18 -12.56
C PRO C 98 -26.14 21.94 -12.23
N THR C 99 -25.89 20.99 -11.35
CA THR C 99 -24.55 20.72 -10.89
C THR C 99 -24.10 19.36 -11.39
N LEU C 100 -22.81 19.25 -11.71
CA LEU C 100 -22.23 18.02 -12.20
C LEU C 100 -21.33 17.44 -11.12
N LEU C 101 -21.63 16.23 -10.68
CA LEU C 101 -20.87 15.56 -9.66
C LEU C 101 -20.07 14.43 -10.27
N THR C 102 -18.96 14.09 -9.63
CA THR C 102 -18.08 13.04 -10.12
C THR C 102 -17.87 11.99 -9.03
N GLU C 103 -17.53 10.78 -9.46
CA GLU C 103 -17.16 9.73 -8.52
C GLU C 103 -16.35 8.68 -9.25
N ALA C 104 -15.56 7.94 -8.50
CA ALA C 104 -14.75 6.87 -9.04
C ALA C 104 -15.63 5.73 -9.51
N PRO C 105 -15.12 4.82 -10.31
CA PRO C 105 -15.89 3.63 -10.69
C PRO C 105 -15.85 2.59 -9.60
N LEU C 106 -16.84 1.70 -9.64
CA LEU C 106 -16.98 0.62 -8.66
C LEU C 106 -17.08 1.19 -7.24
N ASN C 107 -18.11 2.00 -7.03
CA ASN C 107 -18.39 2.51 -5.71
C ASN C 107 -19.70 1.94 -5.20
N PRO C 108 -19.93 1.96 -3.90
CA PRO C 108 -21.22 1.54 -3.35
C PRO C 108 -22.34 2.39 -3.95
N LYS C 109 -23.36 1.70 -4.47
CA LYS C 109 -24.49 2.41 -5.06
C LYS C 109 -25.14 3.33 -4.05
N ALA C 110 -25.11 2.97 -2.76
CA ALA C 110 -25.69 3.83 -1.75
C ALA C 110 -25.01 5.18 -1.70
N ASN C 111 -23.70 5.22 -1.97
CA ASN C 111 -22.98 6.50 -2.01
C ASN C 111 -23.61 7.44 -3.03
N ARG C 112 -23.63 7.01 -4.28
CA ARG C 112 -24.21 7.82 -5.35
C ARG C 112 -25.66 8.18 -5.06
N GLU C 113 -26.44 7.24 -4.54
CA GLU C 113 -27.85 7.50 -4.28
C GLU C 113 -28.01 8.59 -3.23
N LYS C 114 -27.40 8.40 -2.06
CA LYS C 114 -27.51 9.41 -1.01
C LYS C 114 -26.97 10.74 -1.47
N MET C 115 -25.95 10.74 -2.33
CA MET C 115 -25.47 11.98 -2.91
C MET C 115 -26.57 12.69 -3.68
N THR C 116 -27.21 11.98 -4.59
CA THR C 116 -28.34 12.54 -5.33
C THR C 116 -29.41 13.09 -4.39
N GLN C 117 -29.78 12.29 -3.40
CA GLN C 117 -30.88 12.67 -2.52
C GLN C 117 -30.55 13.94 -1.77
N ILE C 118 -29.35 14.02 -1.19
CA ILE C 118 -28.96 15.23 -0.49
C ILE C 118 -28.96 16.42 -1.42
N MET C 119 -28.41 16.25 -2.63
CA MET C 119 -28.40 17.34 -3.58
C MET C 119 -29.80 17.88 -3.84
N PHE C 120 -30.76 16.98 -4.00
CA PHE C 120 -32.11 17.44 -4.36
C PHE C 120 -32.89 17.95 -3.16
N GLU C 121 -32.64 17.45 -1.96
CA GLU C 121 -33.40 17.89 -0.80
C GLU C 121 -32.76 19.09 -0.11
N THR C 122 -31.53 18.93 0.36
CA THR C 122 -30.91 19.98 1.17
C THR C 122 -30.67 21.23 0.34
N PHE C 123 -29.91 21.12 -0.73
CA PHE C 123 -29.57 22.28 -1.54
C PHE C 123 -30.63 22.61 -2.57
N ASN C 124 -31.45 21.63 -2.96
CA ASN C 124 -32.58 21.85 -3.85
C ASN C 124 -32.13 22.43 -5.20
N VAL C 125 -31.28 21.68 -5.88
CA VAL C 125 -30.78 22.08 -7.19
C VAL C 125 -31.89 21.88 -8.22
N PRO C 126 -31.79 22.44 -9.42
CA PRO C 126 -32.80 22.16 -10.43
C PRO C 126 -32.56 20.84 -11.12
N ALA C 127 -31.30 20.44 -11.22
CA ALA C 127 -30.93 19.20 -11.87
C ALA C 127 -29.53 18.83 -11.43
N MET C 128 -29.11 17.63 -11.79
CA MET C 128 -27.78 17.15 -11.41
C MET C 128 -27.42 15.97 -12.29
N TYR C 129 -26.22 15.46 -12.10
CA TYR C 129 -25.70 14.34 -12.86
C TYR C 129 -24.40 13.89 -12.22
N VAL C 130 -24.12 12.60 -12.29
CA VAL C 130 -22.93 12.01 -11.70
C VAL C 130 -22.14 11.36 -12.82
N ALA C 131 -20.88 11.75 -12.97
CA ALA C 131 -20.03 11.27 -14.06
C ALA C 131 -18.82 10.54 -13.50
N ILE C 132 -18.24 9.69 -14.32
CA ILE C 132 -17.07 8.90 -13.95
C ILE C 132 -15.82 9.73 -14.21
N GLN C 133 -15.00 9.91 -13.17
CA GLN C 133 -13.86 10.81 -13.25
C GLN C 133 -13.00 10.54 -14.47
N ALA C 134 -12.86 9.27 -14.85
CA ALA C 134 -11.93 8.93 -15.93
C ALA C 134 -12.46 9.39 -17.27
N VAL C 135 -13.76 9.29 -17.50
CA VAL C 135 -14.33 9.75 -18.76
C VAL C 135 -14.08 11.25 -18.94
N LEU C 136 -14.35 12.02 -17.90
CA LEU C 136 -14.06 13.45 -17.96
C LEU C 136 -12.58 13.69 -18.22
N SER C 137 -11.72 12.94 -17.55
CA SER C 137 -10.29 13.12 -17.80
C SER C 137 -9.93 12.85 -19.24
N LEU C 138 -10.63 11.92 -19.89
CA LEU C 138 -10.39 11.70 -21.31
C LEU C 138 -10.87 12.88 -22.13
N TYR C 139 -12.06 13.38 -21.81
CA TYR C 139 -12.58 14.58 -22.46
C TYR C 139 -11.55 15.70 -22.46
N ALA C 140 -10.98 15.99 -21.29
CA ALA C 140 -10.09 17.13 -21.18
C ALA C 140 -8.86 16.99 -22.05
N SER C 141 -8.47 15.77 -22.37
CA SER C 141 -7.27 15.54 -23.17
C SER C 141 -7.55 15.50 -24.65
N GLY C 142 -8.76 15.87 -25.07
CA GLY C 142 -9.06 15.88 -26.49
C GLY C 142 -8.94 14.55 -27.17
N ARG C 143 -8.95 13.46 -26.42
CA ARG C 143 -8.90 12.13 -27.01
C ARG C 143 -10.30 11.56 -27.17
N THR C 144 -10.36 10.41 -27.82
CA THR C 144 -11.57 9.61 -27.81
C THR C 144 -11.27 8.13 -27.64
N THR C 145 -10.00 7.75 -27.55
CA THR C 145 -9.59 6.39 -27.25
C THR C 145 -8.39 6.45 -26.32
N GLY C 146 -8.19 5.38 -25.56
CA GLY C 146 -7.01 5.30 -24.73
C GLY C 146 -7.35 5.04 -23.29
N ILE C 147 -6.59 4.21 -22.62
CA ILE C 147 -6.81 3.99 -21.21
C ILE C 147 -6.37 5.23 -20.46
N VAL C 148 -7.11 5.58 -19.44
CA VAL C 148 -6.78 6.70 -18.59
C VAL C 148 -6.46 6.19 -17.20
N LEU C 149 -5.37 6.67 -16.63
CA LEU C 149 -4.93 6.24 -15.32
C LEU C 149 -5.12 7.42 -14.39
N ASP C 150 -6.31 7.55 -13.85
CA ASP C 150 -6.52 8.55 -12.81
C ASP C 150 -5.98 8.02 -11.51
N SER C 151 -5.37 8.90 -10.73
CA SER C 151 -4.90 8.51 -9.40
C SER C 151 -4.97 9.76 -8.52
N GLY C 152 -6.07 9.89 -7.81
CA GLY C 152 -6.28 11.05 -6.99
C GLY C 152 -5.57 10.92 -5.67
N ASP C 153 -6.25 11.28 -4.59
CA ASP C 153 -5.70 11.15 -3.26
C ASP C 153 -6.19 9.90 -2.54
N GLY C 154 -7.28 9.30 -2.99
CA GLY C 154 -7.84 8.16 -2.28
C GLY C 154 -7.90 6.87 -3.07
N VAL C 155 -8.01 6.96 -4.39
CA VAL C 155 -8.23 5.77 -5.21
C VAL C 155 -7.45 5.92 -6.51
N THR C 156 -7.32 4.80 -7.23
CA THR C 156 -6.56 4.76 -8.47
C THR C 156 -7.26 3.79 -9.40
N HIS C 157 -7.70 4.26 -10.56
CA HIS C 157 -8.46 3.39 -11.45
C HIS C 157 -7.99 3.58 -12.88
N ASN C 158 -8.11 2.51 -13.65
CA ASN C 158 -7.85 2.52 -15.08
C ASN C 158 -9.15 2.25 -15.80
N VAL C 159 -9.44 3.06 -16.81
CA VAL C 159 -10.63 2.83 -17.61
C VAL C 159 -10.22 2.83 -19.08
N PRO C 160 -10.31 1.71 -19.76
CA PRO C 160 -10.03 1.69 -21.19
C PRO C 160 -11.23 2.13 -22.00
N ILE C 161 -11.05 3.10 -22.87
CA ILE C 161 -12.12 3.63 -23.70
C ILE C 161 -11.66 3.60 -25.15
N TYR C 162 -12.57 3.23 -26.04
CA TYR C 162 -12.26 3.15 -27.46
C TYR C 162 -13.45 3.68 -28.24
N GLU C 163 -13.19 4.62 -29.13
CA GLU C 163 -14.23 5.27 -29.92
C GLU C 163 -15.37 5.81 -29.07
N GLY C 164 -15.07 6.18 -27.83
CA GLY C 164 -16.12 6.62 -26.95
C GLY C 164 -16.89 5.51 -26.26
N TYR C 165 -16.54 4.25 -26.52
CA TYR C 165 -17.12 3.11 -25.83
C TYR C 165 -16.21 2.71 -24.70
N ALA C 166 -16.80 2.42 -23.55
CA ALA C 166 -16.05 1.99 -22.38
C ALA C 166 -16.20 0.49 -22.21
N LEU C 167 -15.11 -0.18 -21.91
CA LEU C 167 -15.17 -1.60 -21.66
C LEU C 167 -15.20 -1.84 -20.16
N PRO C 168 -16.39 -1.96 -19.56
CA PRO C 168 -16.47 -1.96 -18.10
C PRO C 168 -15.79 -3.16 -17.48
N HIS C 169 -15.82 -4.32 -18.14
CA HIS C 169 -15.22 -5.52 -17.56
C HIS C 169 -13.72 -5.42 -17.40
N ALA C 170 -13.08 -4.41 -17.98
CA ALA C 170 -11.64 -4.25 -17.87
C ALA C 170 -11.26 -3.09 -16.97
N ILE C 171 -12.23 -2.48 -16.30
CA ILE C 171 -11.92 -1.41 -15.35
C ILE C 171 -11.21 -2.02 -14.14
N MET C 172 -10.13 -1.39 -13.71
CA MET C 172 -9.34 -1.89 -12.59
C MET C 172 -9.22 -0.79 -11.56
N ARG C 173 -9.94 -0.94 -10.46
CA ARG C 173 -9.84 -0.01 -9.35
C ARG C 173 -8.83 -0.53 -8.35
N LEU C 174 -8.08 0.39 -7.75
CA LEU C 174 -7.05 0.05 -6.79
C LEU C 174 -7.04 1.12 -5.72
N ASP C 175 -6.98 0.70 -4.46
CA ASP C 175 -7.17 1.62 -3.34
C ASP C 175 -5.85 2.14 -2.79
N LEU C 176 -4.88 2.34 -3.66
CA LEU C 176 -3.59 2.89 -3.29
C LEU C 176 -3.45 4.25 -3.95
N ALA C 177 -3.23 5.29 -3.16
CA ALA C 177 -3.23 6.64 -3.69
C ALA C 177 -2.48 7.56 -2.72
N GLY C 178 -2.62 8.87 -2.94
CA GLY C 178 -1.77 9.83 -2.27
C GLY C 178 -1.79 9.72 -0.75
N ARG C 179 -2.95 9.41 -0.19
CA ARG C 179 -3.03 9.30 1.27
C ARG C 179 -2.15 8.17 1.78
N ASP C 180 -2.14 7.05 1.05
CA ASP C 180 -1.30 5.93 1.46
C ASP C 180 0.17 6.27 1.34
N LEU C 181 0.55 6.96 0.28
CA LEU C 181 1.93 7.40 0.15
C LEU C 181 2.31 8.33 1.30
N THR C 182 1.40 9.22 1.67
CA THR C 182 1.67 10.12 2.79
C THR C 182 1.91 9.33 4.06
N ASP C 183 1.08 8.32 4.31
CA ASP C 183 1.24 7.52 5.52
C ASP C 183 2.57 6.77 5.50
N TYR C 184 2.89 6.15 4.38
CA TYR C 184 4.14 5.41 4.27
C TYR C 184 5.33 6.33 4.47
N LEU C 185 5.22 7.56 3.99
CA LEU C 185 6.30 8.51 4.21
C LEU C 185 6.40 8.89 5.68
N MET C 186 5.27 9.11 6.34
CA MET C 186 5.28 9.35 7.77
C MET C 186 5.99 8.21 8.50
N LYS C 187 5.77 6.99 8.03
CA LYS C 187 6.40 5.84 8.67
C LYS C 187 7.90 5.84 8.46
N ILE C 188 8.35 5.87 7.21
CA ILE C 188 9.77 5.77 6.94
C ILE C 188 10.54 7.02 7.31
N LEU C 189 9.86 8.11 7.65
CA LEU C 189 10.57 9.27 8.17
C LEU C 189 10.97 9.11 9.61
N THR C 190 10.44 8.09 10.30
CA THR C 190 10.84 7.85 11.68
C THR C 190 12.30 7.43 11.76
N GLU C 191 12.74 6.59 10.82
CA GLU C 191 14.07 6.01 10.91
C GLU C 191 15.16 7.04 10.77
N ARG C 192 14.83 8.32 10.59
CA ARG C 192 15.80 9.39 10.73
C ARG C 192 15.65 10.15 12.02
N GLY C 193 14.61 9.88 12.80
CA GLY C 193 14.37 10.57 14.04
C GLY C 193 13.21 11.54 14.01
N TYR C 194 12.64 11.78 12.85
CA TYR C 194 11.53 12.70 12.71
C TYR C 194 10.23 11.95 12.96
N SER C 195 9.42 12.49 13.87
CA SER C 195 8.18 11.84 14.28
C SER C 195 7.03 12.80 14.07
N PHE C 196 6.16 12.48 13.13
CA PHE C 196 4.93 13.21 12.89
C PHE C 196 3.76 12.26 13.13
N VAL C 197 2.90 12.60 14.08
CA VAL C 197 1.81 11.71 14.45
C VAL C 197 0.47 12.41 14.39
N THR C 198 0.47 13.73 14.57
CA THR C 198 -0.77 14.48 14.65
C THR C 198 -1.41 14.60 13.27
N THR C 199 -2.74 14.63 13.26
CA THR C 199 -3.46 14.87 12.00
C THR C 199 -3.06 16.21 11.39
N ALA C 200 -2.63 17.16 12.22
CA ALA C 200 -2.13 18.41 11.69
C ALA C 200 -0.86 18.19 10.89
N GLU C 201 0.16 17.59 11.50
CA GLU C 201 1.45 17.42 10.87
C GLU C 201 1.44 16.36 9.78
N ARG C 202 0.36 15.59 9.64
CA ARG C 202 0.19 14.85 8.40
C ARG C 202 0.19 15.78 7.20
N GLU C 203 -0.35 16.98 7.37
CA GLU C 203 -0.32 17.95 6.28
C GLU C 203 1.09 18.40 5.99
N ILE C 204 1.90 18.61 7.04
CA ILE C 204 3.31 18.91 6.85
C ILE C 204 3.96 17.81 6.01
N VAL C 205 3.69 16.56 6.35
CA VAL C 205 4.28 15.46 5.61
C VAL C 205 3.80 15.48 4.16
N ARG C 206 2.52 15.82 3.95
CA ARG C 206 2.02 15.88 2.58
C ARG C 206 2.75 16.94 1.78
N ASP C 207 3.03 18.09 2.40
CA ASP C 207 3.79 19.12 1.71
C ASP C 207 5.19 18.63 1.38
N ILE C 208 5.85 17.99 2.34
CA ILE C 208 7.16 17.42 2.07
C ILE C 208 7.11 16.49 0.88
N LYS C 209 6.07 15.66 0.81
CA LYS C 209 5.93 14.72 -0.29
C LYS C 209 5.74 15.45 -1.61
N GLU C 210 4.91 16.48 -1.62
CA GLU C 210 4.66 17.21 -2.86
C GLU C 210 5.87 17.98 -3.33
N LYS C 211 6.78 18.32 -2.42
CA LYS C 211 7.93 19.11 -2.84
C LYS C 211 9.14 18.26 -3.20
N LEU C 212 9.51 17.32 -2.34
CA LEU C 212 10.81 16.68 -2.49
C LEU C 212 10.77 15.35 -3.21
N CYS C 213 9.67 14.60 -3.10
CA CYS C 213 9.67 13.25 -3.63
C CYS C 213 9.72 13.25 -5.15
N TYR C 214 10.05 12.09 -5.71
CA TYR C 214 10.12 11.90 -7.16
C TYR C 214 10.33 10.42 -7.42
N VAL C 215 9.90 9.98 -8.58
CA VAL C 215 10.07 8.59 -8.98
C VAL C 215 11.46 8.42 -9.58
N ALA C 216 12.06 7.27 -9.30
CA ALA C 216 13.40 6.96 -9.77
C ALA C 216 13.31 6.02 -10.96
N LEU C 217 14.07 6.34 -12.02
CA LEU C 217 14.00 5.54 -13.23
C LEU C 217 14.44 4.10 -12.97
N ASP C 218 15.38 3.90 -12.06
CA ASP C 218 15.86 2.56 -11.73
C ASP C 218 16.09 2.50 -10.23
N PHE C 219 15.27 1.72 -9.54
CA PHE C 219 15.26 1.75 -8.07
C PHE C 219 16.59 1.32 -7.50
N GLU C 220 17.14 0.20 -7.98
CA GLU C 220 18.37 -0.33 -7.40
C GLU C 220 19.52 0.63 -7.61
N ASN C 221 19.66 1.17 -8.82
CA ASN C 221 20.74 2.10 -9.08
C ASN C 221 20.64 3.33 -8.19
N GLU C 222 19.43 3.87 -8.04
CA GLU C 222 19.28 5.05 -7.20
C GLU C 222 19.55 4.74 -5.75
N MET C 223 19.18 3.54 -5.30
CA MET C 223 19.48 3.15 -3.93
C MET C 223 20.98 3.08 -3.71
N ALA C 224 21.69 2.40 -4.61
CA ALA C 224 23.13 2.30 -4.50
C ALA C 224 23.78 3.68 -4.55
N THR C 225 23.24 4.56 -5.40
CA THR C 225 23.79 5.89 -5.53
C THR C 225 23.63 6.68 -4.23
N ALA C 226 22.41 6.74 -3.71
CA ALA C 226 22.18 7.41 -2.44
C ALA C 226 23.03 6.83 -1.34
N ALA C 227 23.32 5.53 -1.42
CA ALA C 227 24.24 4.92 -0.46
C ALA C 227 25.63 5.52 -0.60
N SER C 228 26.17 5.53 -1.81
CA SER C 228 27.54 5.98 -2.02
C SER C 228 27.68 7.48 -1.78
N SER C 229 27.02 8.28 -2.59
CA SER C 229 27.20 9.72 -2.55
C SER C 229 26.24 10.34 -1.55
N SER C 230 26.13 11.67 -1.58
CA SER C 230 25.08 12.37 -0.85
C SER C 230 24.45 13.46 -1.71
N SER C 231 24.55 13.34 -3.03
CA SER C 231 24.00 14.33 -3.95
C SER C 231 22.49 14.29 -4.01
N LEU C 232 21.83 13.45 -3.21
CA LEU C 232 20.37 13.35 -3.25
C LEU C 232 19.71 13.99 -2.04
N GLU C 233 20.45 14.25 -0.97
CA GLU C 233 19.85 14.87 0.20
C GLU C 233 19.38 16.27 -0.12
N LYS C 234 18.18 16.58 0.33
CA LYS C 234 17.65 17.94 0.26
C LYS C 234 17.05 18.29 1.60
N SER C 235 17.15 19.56 1.96
CA SER C 235 16.67 20.03 3.25
C SER C 235 15.26 20.55 3.11
N TYR C 236 14.66 20.86 4.26
CA TYR C 236 13.30 21.36 4.30
C TYR C 236 13.05 21.97 5.66
N GLU C 237 12.45 23.15 5.67
CA GLU C 237 12.23 23.89 6.89
C GLU C 237 10.79 23.71 7.34
N LEU C 238 10.60 23.29 8.57
CA LEU C 238 9.28 23.04 9.12
C LEU C 238 8.67 24.36 9.59
N PRO C 239 7.38 24.36 9.94
CA PRO C 239 6.73 25.61 10.33
C PRO C 239 7.28 26.25 11.59
N ASP C 240 8.32 25.67 12.20
CA ASP C 240 8.98 26.30 13.32
C ASP C 240 10.49 26.26 13.18
N GLY C 241 10.99 26.42 11.96
CA GLY C 241 12.40 26.27 11.73
C GLY C 241 12.79 24.81 11.80
N GLN C 242 13.91 24.52 12.45
CA GLN C 242 14.44 23.17 12.62
C GLN C 242 14.37 22.40 11.31
N VAL C 243 15.16 22.90 10.35
CA VAL C 243 15.28 22.26 9.05
C VAL C 243 15.61 20.78 9.21
N ILE C 244 15.04 19.96 8.33
CA ILE C 244 15.30 18.53 8.31
C ILE C 244 15.87 18.18 6.94
N THR C 245 16.43 16.98 6.83
CA THR C 245 17.00 16.50 5.59
C THR C 245 16.52 15.08 5.32
N ILE C 246 16.11 14.82 4.09
CA ILE C 246 15.72 13.48 3.68
C ILE C 246 16.54 13.10 2.46
N GLY C 247 16.97 11.85 2.42
CA GLY C 247 17.74 11.34 1.30
C GLY C 247 17.01 10.26 0.54
N ASN C 248 17.35 9.02 0.84
CA ASN C 248 16.73 7.86 0.21
C ASN C 248 15.22 7.95 0.16
N GLU C 249 14.60 8.59 1.15
CA GLU C 249 13.15 8.63 1.23
C GLU C 249 12.54 9.27 0.00
N ARG C 250 13.22 10.28 -0.57
CA ARG C 250 12.67 11.04 -1.68
C ARG C 250 12.14 10.16 -2.79
N PHE C 251 12.81 9.04 -3.07
CA PHE C 251 12.31 8.12 -4.06
C PHE C 251 11.86 6.80 -3.48
N ARG C 252 12.16 6.51 -2.21
CA ARG C 252 11.55 5.34 -1.59
C ARG C 252 10.04 5.52 -1.50
N CYS C 253 9.57 6.70 -1.10
CA CYS C 253 8.15 6.90 -0.87
C CYS C 253 7.31 6.65 -2.10
N PRO C 254 7.45 7.40 -3.20
CA PRO C 254 6.56 7.18 -4.35
C PRO C 254 6.84 5.89 -5.08
N GLU C 255 7.90 5.17 -4.73
CA GLU C 255 8.16 3.89 -5.36
C GLU C 255 7.06 2.90 -5.05
N THR C 256 6.37 3.08 -3.93
CA THR C 256 5.27 2.21 -3.52
C THR C 256 4.33 1.91 -4.68
N LEU C 257 3.93 2.92 -5.43
CA LEU C 257 3.00 2.74 -6.53
C LEU C 257 3.40 1.61 -7.45
N PHE C 258 4.69 1.29 -7.53
CA PHE C 258 5.13 0.20 -8.38
C PHE C 258 5.44 -1.07 -7.61
N GLN C 259 5.60 -0.98 -6.30
CA GLN C 259 5.81 -2.15 -5.44
C GLN C 259 4.93 -2.00 -4.21
N PRO C 260 3.63 -2.28 -4.35
CA PRO C 260 2.71 -2.07 -3.22
C PRO C 260 3.07 -2.88 -2.00
N SER C 261 3.95 -3.88 -2.13
CA SER C 261 4.35 -4.67 -0.98
C SER C 261 4.96 -3.82 0.13
N PHE C 262 5.49 -2.65 -0.22
CA PHE C 262 6.08 -1.79 0.81
C PHE C 262 5.11 -1.46 1.92
N ILE C 263 3.83 -1.33 1.59
CA ILE C 263 2.81 -1.01 2.58
C ILE C 263 1.96 -2.24 2.89
N GLY C 264 2.44 -3.43 2.51
CA GLY C 264 1.75 -4.65 2.87
C GLY C 264 0.63 -5.04 1.95
N MET C 265 0.32 -4.27 0.93
CA MET C 265 -0.69 -4.68 -0.03
C MET C 265 -0.12 -5.76 -0.94
N GLU C 266 -1.02 -6.58 -1.47
CA GLU C 266 -0.62 -7.70 -2.30
C GLU C 266 -0.81 -7.45 -3.78
N SER C 267 -1.69 -6.52 -4.15
CA SER C 267 -1.99 -6.25 -5.54
C SER C 267 -0.74 -5.84 -6.30
N ALA C 268 -0.85 -5.88 -7.62
CA ALA C 268 0.30 -5.59 -8.47
C ALA C 268 0.49 -4.08 -8.61
N GLY C 269 1.65 -3.70 -9.11
CA GLY C 269 1.99 -2.30 -9.24
C GLY C 269 1.17 -1.60 -10.30
N ILE C 270 1.38 -0.29 -10.39
CA ILE C 270 0.63 0.54 -11.32
C ILE C 270 0.80 0.04 -12.74
N HIS C 271 2.05 -0.04 -13.20
CA HIS C 271 2.33 -0.51 -14.55
C HIS C 271 1.70 -1.86 -14.81
N GLU C 272 1.73 -2.74 -13.81
CA GLU C 272 1.20 -4.08 -13.99
C GLU C 272 -0.30 -4.06 -14.18
N THR C 273 -1.01 -3.30 -13.36
CA THR C 273 -2.46 -3.23 -13.52
C THR C 273 -2.83 -2.57 -14.83
N THR C 274 -2.08 -1.55 -15.24
CA THR C 274 -2.30 -0.96 -16.55
C THR C 274 -2.18 -2.01 -17.64
N TYR C 275 -1.08 -2.74 -17.65
CA TYR C 275 -0.88 -3.74 -18.70
C TYR C 275 -1.96 -4.81 -18.66
N ASN C 276 -2.38 -5.21 -17.47
CA ASN C 276 -3.44 -6.20 -17.35
C ASN C 276 -4.74 -5.67 -17.92
N SER C 277 -5.10 -4.44 -17.57
CA SER C 277 -6.29 -3.83 -18.13
C SER C 277 -6.22 -3.80 -19.64
N ILE C 278 -5.06 -3.50 -20.19
CA ILE C 278 -4.88 -3.59 -21.64
C ILE C 278 -5.24 -4.99 -22.11
N MET C 279 -4.58 -6.00 -21.55
CA MET C 279 -4.72 -7.36 -22.02
C MET C 279 -6.16 -7.87 -21.91
N LYS C 280 -6.94 -7.32 -20.99
CA LYS C 280 -8.33 -7.78 -20.89
C LYS C 280 -9.17 -7.27 -22.05
N CYS C 281 -8.73 -6.23 -22.72
CA CYS C 281 -9.48 -5.67 -23.83
C CYS C 281 -9.30 -6.52 -25.08
N ASP C 282 -10.17 -6.31 -26.05
CA ASP C 282 -10.10 -7.07 -27.28
C ASP C 282 -8.79 -6.77 -28.01
N ILE C 283 -8.32 -7.76 -28.75
CA ILE C 283 -6.97 -7.68 -29.31
C ILE C 283 -6.87 -6.60 -30.35
N ASP C 284 -7.97 -6.27 -31.03
CA ASP C 284 -7.89 -5.33 -32.14
C ASP C 284 -7.67 -3.89 -31.69
N ILE C 285 -7.84 -3.59 -30.41
CA ILE C 285 -7.73 -2.22 -29.94
C ILE C 285 -6.56 -2.05 -28.99
N ARG C 286 -5.64 -3.00 -28.95
CA ARG C 286 -4.56 -2.88 -27.98
C ARG C 286 -3.47 -1.92 -28.43
N LYS C 287 -3.25 -1.77 -29.73
CA LYS C 287 -2.21 -0.85 -30.19
C LYS C 287 -2.55 0.58 -29.83
N ASP C 288 -3.80 0.98 -30.05
CA ASP C 288 -4.21 2.34 -29.73
C ASP C 288 -4.10 2.60 -28.24
N LEU C 289 -4.54 1.64 -27.43
CA LEU C 289 -4.44 1.79 -25.99
C LEU C 289 -2.99 1.92 -25.57
N TYR C 290 -2.10 1.13 -26.18
CA TYR C 290 -0.67 1.30 -25.91
C TYR C 290 -0.22 2.71 -26.25
N ALA C 291 -0.77 3.26 -27.33
CA ALA C 291 -0.33 4.58 -27.78
C ALA C 291 -0.92 5.72 -26.99
N ASN C 292 -1.98 5.50 -26.21
CA ASN C 292 -2.74 6.62 -25.63
C ASN C 292 -2.93 6.45 -24.13
N ASN C 293 -1.85 6.19 -23.41
CA ASN C 293 -1.93 6.09 -21.96
C ASN C 293 -2.08 7.48 -21.36
N VAL C 294 -3.31 7.93 -21.19
CA VAL C 294 -3.54 9.21 -20.53
C VAL C 294 -3.22 9.07 -19.04
N MET C 295 -2.91 10.19 -18.39
CA MET C 295 -2.57 10.16 -16.97
C MET C 295 -3.08 11.44 -16.32
N SER C 296 -3.83 11.28 -15.23
CA SER C 296 -4.37 12.45 -14.56
C SER C 296 -4.24 12.34 -13.05
N GLY C 297 -4.90 13.25 -12.33
CA GLY C 297 -4.86 13.21 -10.89
C GLY C 297 -3.56 13.69 -10.30
N GLY C 298 -3.62 14.23 -9.08
CA GLY C 298 -2.46 14.83 -8.46
C GLY C 298 -1.35 13.87 -8.13
N THR C 299 -1.67 12.60 -7.91
CA THR C 299 -0.63 11.64 -7.58
C THR C 299 0.24 11.30 -8.77
N THR C 300 -0.23 11.55 -9.98
CA THR C 300 0.60 11.34 -11.16
C THR C 300 1.47 12.52 -11.46
N MET C 301 1.70 13.39 -10.49
CA MET C 301 2.47 14.61 -10.68
C MET C 301 3.87 14.49 -10.10
N TYR C 302 4.41 13.30 -10.08
CA TYR C 302 5.75 13.18 -9.55
C TYR C 302 6.77 13.42 -10.65
N PRO C 303 7.87 14.11 -10.35
CA PRO C 303 8.95 14.23 -11.32
C PRO C 303 9.50 12.86 -11.68
N GLY C 304 9.32 12.49 -12.95
CA GLY C 304 9.88 11.26 -13.45
C GLY C 304 8.91 10.12 -13.58
N ILE C 305 7.66 10.29 -13.15
CA ILE C 305 6.74 9.16 -13.11
C ILE C 305 6.42 8.68 -14.52
N ALA C 306 6.32 9.61 -15.48
CA ALA C 306 5.96 9.20 -16.83
C ALA C 306 7.06 8.37 -17.47
N ASP C 307 8.31 8.70 -17.20
CA ASP C 307 9.41 7.97 -17.82
C ASP C 307 9.52 6.56 -17.26
N ARG C 308 9.48 6.44 -15.93
CA ARG C 308 9.49 5.11 -15.32
C ARG C 308 8.29 4.30 -15.77
N MET C 309 7.12 4.95 -15.82
CA MET C 309 5.92 4.26 -16.29
C MET C 309 6.12 3.72 -17.69
N GLN C 310 6.66 4.54 -18.59
CA GLN C 310 6.90 4.10 -19.94
C GLN C 310 7.88 2.94 -19.98
N LYS C 311 8.96 3.03 -19.20
CA LYS C 311 9.94 1.96 -19.22
C LYS C 311 9.32 0.63 -18.81
N GLU C 312 8.60 0.63 -17.68
CA GLU C 312 8.00 -0.61 -17.21
C GLU C 312 7.02 -1.16 -18.22
N ILE C 313 6.03 -0.37 -18.63
CA ILE C 313 5.02 -0.90 -19.52
C ILE C 313 5.60 -1.25 -20.87
N THR C 314 6.75 -0.68 -21.24
CA THR C 314 7.44 -1.12 -22.43
C THR C 314 8.07 -2.49 -22.22
N ALA C 315 8.65 -2.70 -21.04
CA ALA C 315 9.22 -4.00 -20.74
C ALA C 315 8.15 -5.09 -20.75
N LEU C 316 6.92 -4.74 -20.37
CA LEU C 316 5.87 -5.75 -20.37
C LEU C 316 5.32 -6.01 -21.76
N ALA C 317 5.09 -4.96 -22.53
CA ALA C 317 4.44 -5.09 -23.82
C ALA C 317 5.39 -5.68 -24.85
N PRO C 318 4.86 -6.12 -26.00
CA PRO C 318 5.74 -6.55 -27.09
C PRO C 318 6.62 -5.40 -27.56
N SER C 319 7.61 -5.76 -28.38
CA SER C 319 8.60 -4.78 -28.79
C SER C 319 8.18 -3.98 -30.01
N THR C 320 7.24 -4.47 -30.80
CA THR C 320 6.83 -3.78 -32.00
C THR C 320 5.62 -2.87 -31.77
N MET C 321 5.28 -2.60 -30.52
CA MET C 321 4.19 -1.69 -30.19
C MET C 321 4.77 -0.40 -29.65
N LYS C 322 4.22 0.72 -30.08
CA LYS C 322 4.70 2.02 -29.66
C LYS C 322 4.01 2.41 -28.36
N ILE C 323 4.81 2.67 -27.33
CA ILE C 323 4.30 3.02 -26.02
C ILE C 323 4.43 4.52 -25.84
N LYS C 324 3.32 5.19 -25.59
CA LYS C 324 3.33 6.63 -25.34
C LYS C 324 2.51 6.91 -24.09
N ILE C 325 2.79 8.04 -23.46
CA ILE C 325 2.18 8.39 -22.18
C ILE C 325 1.82 9.87 -22.23
N ILE C 326 0.54 10.15 -22.27
CA ILE C 326 0.05 11.52 -22.38
C ILE C 326 -0.02 12.09 -20.97
N ALA C 327 0.96 12.93 -20.63
CA ALA C 327 1.05 13.53 -19.31
C ALA C 327 1.08 15.04 -19.47
N PRO C 328 -0.08 15.68 -19.58
CA PRO C 328 -0.13 17.14 -19.70
C PRO C 328 0.45 17.79 -18.45
N PRO C 329 0.75 19.08 -18.50
CA PRO C 329 1.35 19.74 -17.34
C PRO C 329 0.31 20.25 -16.35
N GLU C 330 -0.96 20.28 -16.74
CA GLU C 330 -2.02 20.69 -15.85
C GLU C 330 -2.90 19.52 -15.43
N ARG C 331 -2.39 18.29 -15.62
CA ARG C 331 -3.22 17.10 -15.49
C ARG C 331 -3.90 17.00 -14.12
N LYS C 332 -3.43 17.73 -13.12
CA LYS C 332 -4.06 17.65 -11.82
C LYS C 332 -5.52 18.08 -11.86
N TYR C 333 -5.90 18.89 -12.84
CA TYR C 333 -7.26 19.38 -12.94
C TYR C 333 -8.00 18.82 -14.14
N SER C 334 -7.46 17.76 -14.76
CA SER C 334 -8.06 17.25 -15.98
C SER C 334 -9.48 16.79 -15.76
N VAL C 335 -9.79 16.25 -14.59
CA VAL C 335 -11.15 15.82 -14.33
C VAL C 335 -12.09 17.00 -14.35
N TRP C 336 -11.73 18.07 -13.65
CA TRP C 336 -12.62 19.23 -13.63
C TRP C 336 -12.72 19.86 -15.01
N ILE C 337 -11.62 19.90 -15.75
CA ILE C 337 -11.65 20.49 -17.07
C ILE C 337 -12.60 19.73 -17.97
N GLY C 338 -12.44 18.40 -18.04
CA GLY C 338 -13.36 17.60 -18.81
C GLY C 338 -14.78 17.75 -18.35
N GLY C 339 -14.98 17.92 -17.04
CA GLY C 339 -16.33 18.12 -16.54
C GLY C 339 -16.95 19.39 -17.07
N SER C 340 -16.18 20.48 -17.05
CA SER C 340 -16.68 21.74 -17.60
C SER C 340 -16.99 21.60 -19.07
N ILE C 341 -16.08 20.95 -19.82
CA ILE C 341 -16.31 20.74 -21.24
C ILE C 341 -17.63 20.02 -21.46
N LEU C 342 -17.82 18.89 -20.79
CA LEU C 342 -19.04 18.12 -20.98
C LEU C 342 -20.28 18.92 -20.60
N ALA C 343 -20.25 19.55 -19.42
CA ALA C 343 -21.41 20.29 -18.98
C ALA C 343 -21.75 21.43 -19.93
N SER C 344 -20.75 21.97 -20.62
CA SER C 344 -21.01 23.07 -21.53
C SER C 344 -21.63 22.63 -22.84
N LEU C 345 -21.70 21.32 -23.10
CA LEU C 345 -22.30 20.86 -24.33
C LEU C 345 -23.80 21.12 -24.32
N SER C 346 -24.40 21.09 -25.51
CA SER C 346 -25.84 21.20 -25.64
C SER C 346 -26.47 19.84 -25.85
N THR C 347 -25.79 18.97 -26.59
CA THR C 347 -26.21 17.58 -26.68
C THR C 347 -26.19 16.87 -25.34
N PHE C 348 -25.68 17.53 -24.31
CA PHE C 348 -25.72 17.01 -22.96
C PHE C 348 -26.89 17.56 -22.16
N GLN C 349 -27.48 18.67 -22.59
CA GLN C 349 -28.51 19.33 -21.80
C GLN C 349 -29.79 18.52 -21.68
N GLN C 350 -29.83 17.31 -22.23
CA GLN C 350 -30.98 16.43 -22.07
C GLN C 350 -30.62 15.15 -21.34
N MET C 351 -29.43 15.10 -20.73
CA MET C 351 -29.04 13.99 -19.90
C MET C 351 -29.16 14.29 -18.41
N TRP C 352 -29.41 15.53 -18.05
CA TRP C 352 -29.56 15.88 -16.64
C TRP C 352 -30.71 15.10 -16.01
N ILE C 353 -30.73 15.10 -14.69
CA ILE C 353 -31.81 14.51 -13.92
C ILE C 353 -32.62 15.66 -13.34
N THR C 354 -33.85 15.84 -13.84
CA THR C 354 -34.64 16.98 -13.41
C THR C 354 -35.26 16.73 -12.06
N LYS C 355 -35.32 17.80 -11.24
CA LYS C 355 -35.94 17.71 -9.93
C LYS C 355 -37.30 17.03 -10.01
N GLN C 356 -38.12 17.43 -10.98
CA GLN C 356 -39.42 16.79 -11.16
C GLN C 356 -39.26 15.29 -11.39
N GLU C 357 -38.31 14.90 -12.24
CA GLU C 357 -38.13 13.48 -12.54
C GLU C 357 -37.76 12.70 -11.29
N TYR C 358 -36.89 13.27 -10.46
CA TYR C 358 -36.47 12.59 -9.24
C TYR C 358 -37.63 12.48 -8.26
N ASP C 359 -38.38 13.57 -8.09
CA ASP C 359 -39.60 13.49 -7.29
C ASP C 359 -40.53 12.41 -7.79
N GLU C 360 -40.54 12.19 -9.11
CA GLU C 360 -41.42 11.18 -9.67
C GLU C 360 -40.91 9.77 -9.42
N ALA C 361 -39.59 9.58 -9.42
CA ALA C 361 -39.03 8.23 -9.41
C ALA C 361 -38.07 7.91 -8.27
N GLY C 362 -37.82 8.84 -7.37
CA GLY C 362 -37.01 8.56 -6.21
C GLY C 362 -35.53 8.38 -6.53
N PRO C 363 -34.69 8.39 -5.49
CA PRO C 363 -33.24 8.32 -5.71
C PRO C 363 -32.77 7.10 -6.47
N SER C 364 -33.63 6.10 -6.68
CA SER C 364 -33.23 4.99 -7.53
C SER C 364 -33.05 5.39 -8.98
N ILE C 365 -33.42 6.64 -9.33
CA ILE C 365 -33.34 7.08 -10.71
C ILE C 365 -31.91 7.17 -11.19
N VAL C 366 -30.95 7.35 -10.29
CA VAL C 366 -29.57 7.60 -10.69
C VAL C 366 -29.02 6.41 -11.47
N HIS C 367 -29.20 5.21 -10.91
CA HIS C 367 -28.70 4.02 -11.58
C HIS C 367 -29.35 3.80 -12.93
N ARG C 368 -30.61 4.24 -13.09
CA ARG C 368 -31.22 4.22 -14.40
C ARG C 368 -30.40 5.08 -15.35
N LYS C 369 -30.66 4.92 -16.65
CA LYS C 369 -29.79 5.54 -17.64
C LYS C 369 -29.75 7.06 -17.52
N CYS C 370 -30.58 7.65 -16.66
CA CYS C 370 -30.28 8.99 -16.19
C CYS C 370 -29.11 8.84 -15.25
N PHE C 371 -27.94 8.57 -15.84
CA PHE C 371 -26.82 7.96 -15.14
C PHE C 371 -26.15 8.91 -14.18
N THR D 1 30.20 -21.19 25.14
CA THR D 1 30.02 -20.39 26.34
C THR D 1 28.68 -19.66 26.30
N THR D 2 28.24 -19.19 27.45
CA THR D 2 26.92 -18.59 27.58
C THR D 2 26.90 -17.20 26.95
N ALA D 3 25.68 -16.79 26.58
CA ALA D 3 25.45 -15.46 26.05
C ALA D 3 24.79 -14.59 27.11
N LEU D 4 25.01 -13.28 27.01
CA LEU D 4 24.37 -12.32 27.88
C LEU D 4 23.11 -11.77 27.24
N VAL D 5 22.14 -11.44 28.07
CA VAL D 5 20.87 -10.89 27.63
C VAL D 5 20.65 -9.61 28.42
N CYS D 6 20.99 -8.48 27.83
CA CYS D 6 20.80 -7.18 28.45
C CYS D 6 19.66 -6.47 27.75
N ASP D 7 18.55 -6.30 28.45
CA ASP D 7 17.37 -5.62 27.94
C ASP D 7 17.35 -4.22 28.54
N ASN D 8 17.69 -3.23 27.72
CA ASN D 8 17.90 -1.89 28.26
C ASN D 8 16.58 -1.23 28.64
N GLY D 9 15.73 -0.98 27.66
CA GLY D 9 14.51 -0.29 28.02
C GLY D 9 14.78 1.06 28.66
N SER D 10 13.68 1.74 28.98
CA SER D 10 13.74 2.93 29.81
C SER D 10 13.38 2.53 31.23
N GLY D 11 13.80 3.33 32.19
CA GLY D 11 13.43 3.09 33.57
C GLY D 11 14.20 1.97 34.24
N LEU D 12 14.31 0.80 33.60
CA LEU D 12 14.88 -0.36 34.25
C LEU D 12 15.78 -1.13 33.29
N VAL D 13 16.99 -1.41 33.74
CA VAL D 13 17.87 -2.32 33.01
C VAL D 13 17.72 -3.71 33.60
N LYS D 14 17.63 -4.70 32.73
CA LYS D 14 17.43 -6.09 33.13
C LYS D 14 18.46 -6.94 32.42
N ALA D 15 19.42 -7.48 33.17
CA ALA D 15 20.51 -8.26 32.59
C ALA D 15 20.57 -9.62 33.25
N GLY D 16 21.23 -10.54 32.55
CA GLY D 16 21.35 -11.90 33.03
C GLY D 16 22.02 -12.74 31.97
N PHE D 17 22.13 -14.03 32.26
CA PHE D 17 22.77 -14.96 31.34
C PHE D 17 21.72 -15.74 30.57
N ALA D 18 22.02 -16.01 29.31
CA ALA D 18 21.12 -16.82 28.51
C ALA D 18 20.96 -18.20 29.12
N GLY D 19 19.72 -18.66 29.21
CA GLY D 19 19.42 -19.93 29.79
C GLY D 19 18.94 -19.87 31.22
N ASP D 20 19.16 -18.76 31.91
CA ASP D 20 18.64 -18.61 33.25
C ASP D 20 17.12 -18.46 33.20
N ASP D 21 16.52 -18.35 34.38
CA ASP D 21 15.06 -18.28 34.47
C ASP D 21 14.54 -16.90 34.77
N ALA D 22 15.40 -15.97 35.15
CA ALA D 22 15.02 -14.60 35.45
C ALA D 22 16.26 -13.75 35.40
N PRO D 23 16.15 -12.47 35.03
CA PRO D 23 17.34 -11.63 34.95
C PRO D 23 18.00 -11.53 36.31
N ARG D 24 19.32 -11.73 36.32
CA ARG D 24 20.04 -11.76 37.59
C ARG D 24 20.02 -10.40 38.27
N ALA D 25 20.37 -9.35 37.52
CA ALA D 25 20.50 -8.01 38.07
C ALA D 25 19.49 -7.08 37.42
N VAL D 26 18.82 -6.28 38.24
CA VAL D 26 17.77 -5.36 37.80
C VAL D 26 17.90 -4.09 38.60
N PHE D 27 18.06 -2.96 37.93
CA PHE D 27 18.35 -1.71 38.59
C PHE D 27 17.86 -0.57 37.70
N PRO D 28 17.58 0.59 38.27
CA PRO D 28 17.06 1.70 37.46
C PRO D 28 18.13 2.25 36.54
N SER D 29 17.75 2.48 35.28
CA SER D 29 18.68 2.94 34.26
C SER D 29 18.80 4.46 34.32
N ILE D 30 19.40 4.94 35.41
CA ILE D 30 19.60 6.36 35.60
C ILE D 30 21.07 6.62 35.91
N VAL D 31 21.47 7.86 35.73
CA VAL D 31 22.80 8.33 36.07
C VAL D 31 22.65 9.63 36.83
N GLY D 32 23.28 9.72 37.99
CA GLY D 32 23.16 10.88 38.83
C GLY D 32 24.50 11.58 38.96
N ARG D 33 24.43 12.89 39.16
CA ARG D 33 25.61 13.68 39.42
C ARG D 33 25.31 14.64 40.55
N PRO D 34 26.25 14.88 41.45
CA PRO D 34 25.99 15.78 42.57
C PRO D 34 25.70 17.18 42.05
N ARG D 35 24.82 17.87 42.77
CA ARG D 35 24.45 19.23 42.38
C ARG D 35 24.73 20.24 43.47
N HIS D 36 25.48 19.86 44.49
CA HIS D 36 26.07 20.79 45.43
C HIS D 36 27.58 20.63 45.32
N GLN D 37 28.33 21.29 46.20
CA GLN D 37 29.77 21.34 46.00
C GLN D 37 30.55 20.38 46.90
N GLY D 38 30.02 20.02 48.06
CA GLY D 38 30.75 19.11 48.91
C GLY D 38 31.86 19.81 49.65
N VAL D 39 31.99 19.52 50.95
CA VAL D 39 32.95 20.24 51.78
C VAL D 39 33.90 19.34 52.53
N MET D 40 33.61 18.05 52.69
CA MET D 40 34.48 17.18 53.45
C MET D 40 35.57 16.63 52.54
N VAL D 41 36.78 17.16 52.69
CA VAL D 41 37.91 16.62 51.95
C VAL D 41 38.22 15.23 52.48
N GLY D 42 38.84 14.41 51.64
CA GLY D 42 39.10 13.03 51.97
C GLY D 42 37.91 12.12 51.79
N MET D 43 36.71 12.66 51.60
CA MET D 43 35.56 11.82 51.32
C MET D 43 35.67 11.18 49.96
N GLY D 44 36.43 11.77 49.05
CA GLY D 44 36.65 11.18 47.74
C GLY D 44 35.40 10.88 46.96
N GLN D 45 34.36 11.71 47.08
CA GLN D 45 33.15 11.49 46.30
C GLN D 45 33.48 11.32 44.83
N LYS D 46 32.98 10.24 44.24
CA LYS D 46 33.08 10.10 42.80
C LYS D 46 32.19 11.15 42.12
N ASP D 47 32.33 11.25 40.81
CA ASP D 47 31.71 12.34 40.08
C ASP D 47 30.36 11.99 39.47
N SER D 48 30.02 10.70 39.40
CA SER D 48 28.74 10.32 38.81
C SER D 48 28.40 8.92 39.26
N TYR D 49 27.32 8.79 40.02
CA TYR D 49 26.82 7.48 40.39
C TYR D 49 25.92 6.95 39.29
N VAL D 50 25.43 5.73 39.49
CA VAL D 50 24.70 5.02 38.45
C VAL D 50 23.91 3.89 39.07
N GLY D 51 22.70 3.68 38.57
CA GLY D 51 21.91 2.56 39.06
C GLY D 51 21.44 2.76 40.50
N ASP D 52 21.38 1.66 41.23
CA ASP D 52 20.88 1.67 42.60
C ASP D 52 21.69 2.59 43.49
N GLU D 53 22.98 2.73 43.22
CA GLU D 53 23.79 3.72 43.94
C GLU D 53 23.15 5.10 43.87
N ALA D 54 22.84 5.56 42.66
CA ALA D 54 22.19 6.85 42.49
C ALA D 54 20.79 6.85 43.09
N GLN D 55 20.05 5.76 42.89
CA GLN D 55 18.71 5.68 43.45
C GLN D 55 18.73 5.83 44.97
N SER D 56 19.84 5.47 45.60
CA SER D 56 19.97 5.66 47.03
C SER D 56 20.50 7.04 47.39
N LYS D 57 21.35 7.61 46.56
CA LYS D 57 21.89 8.94 46.82
C LYS D 57 21.00 10.06 46.29
N ARG D 58 19.77 9.74 45.85
CA ARG D 58 18.86 10.70 45.25
C ARG D 58 18.88 12.10 45.86
N GLY D 59 18.97 12.18 47.17
CA GLY D 59 18.77 13.46 47.84
C GLY D 59 19.72 14.56 47.43
N ILE D 60 20.85 14.21 46.83
CA ILE D 60 21.86 15.22 46.53
C ILE D 60 22.31 15.12 45.09
N LEU D 61 21.54 14.42 44.28
CA LEU D 61 21.89 14.22 42.89
C LEU D 61 20.83 14.80 41.97
N THR D 62 21.16 14.84 40.70
CA THR D 62 20.21 15.13 39.64
C THR D 62 20.23 13.95 38.67
N LEU D 63 19.10 13.27 38.55
CA LEU D 63 19.04 12.02 37.82
C LEU D 63 18.58 12.28 36.40
N LYS D 64 19.16 11.55 35.45
CA LYS D 64 18.86 11.77 34.04
C LYS D 64 18.83 10.43 33.32
N TYR D 65 17.64 9.95 33.03
CA TYR D 65 17.49 8.76 32.22
C TYR D 65 18.13 9.00 30.86
N PRO D 66 19.08 8.18 30.43
CA PRO D 66 19.70 8.35 29.12
C PRO D 66 18.91 7.77 27.96
N ILE D 67 17.68 7.34 28.17
CA ILE D 67 16.82 6.86 27.10
C ILE D 67 15.48 7.54 27.25
N GLU D 68 15.02 8.22 26.20
CA GLU D 68 13.83 9.05 26.35
C GLU D 68 12.56 8.32 25.93
N HIS D 69 12.47 7.94 24.67
CA HIS D 69 11.37 7.09 24.21
C HIS D 69 12.02 6.02 23.35
N GLY D 70 12.54 4.98 23.98
CA GLY D 70 13.16 3.91 23.24
C GLY D 70 14.46 4.30 22.56
N ILE D 71 14.70 5.59 22.38
CA ILE D 71 15.88 6.08 21.71
C ILE D 71 16.89 6.51 22.75
N ILE D 72 18.17 6.37 22.42
CA ILE D 72 19.25 6.74 23.30
C ILE D 72 19.71 8.14 22.94
N THR D 73 19.65 9.05 23.89
CA THR D 73 19.99 10.45 23.64
C THR D 73 21.39 10.81 24.13
N ASN D 74 21.73 10.46 25.34
CA ASN D 74 23.06 10.72 25.88
C ASN D 74 23.85 9.43 25.78
N TRP D 75 24.81 9.40 24.85
CA TRP D 75 25.52 8.15 24.61
C TRP D 75 26.55 7.87 25.69
N ASP D 76 27.11 8.91 26.29
CA ASP D 76 28.12 8.67 27.31
C ASP D 76 27.51 8.06 28.57
N ASP D 77 26.33 8.55 28.96
CA ASP D 77 25.65 7.93 30.10
C ASP D 77 25.23 6.51 29.78
N MET D 78 24.85 6.25 28.53
CA MET D 78 24.50 4.89 28.16
C MET D 78 25.71 3.97 28.26
N GLU D 79 26.87 4.44 27.82
CA GLU D 79 28.07 3.63 27.96
C GLU D 79 28.41 3.41 29.42
N LYS D 80 28.24 4.44 30.25
CA LYS D 80 28.43 4.25 31.68
C LYS D 80 27.51 3.16 32.21
N ILE D 81 26.25 3.19 31.79
CA ILE D 81 25.28 2.19 32.23
C ILE D 81 25.75 0.80 31.86
N TRP D 82 26.12 0.61 30.59
CA TRP D 82 26.54 -0.70 30.13
C TRP D 82 27.78 -1.18 30.88
N HIS D 83 28.77 -0.30 31.02
CA HIS D 83 29.99 -0.69 31.71
C HIS D 83 29.71 -1.07 33.15
N HIS D 84 28.88 -0.29 33.84
CA HIS D 84 28.53 -0.64 35.21
C HIS D 84 27.83 -1.98 35.25
N THR D 85 26.88 -2.20 34.34
CA THR D 85 26.22 -3.50 34.27
C THR D 85 27.23 -4.63 34.19
N PHE D 86 28.04 -4.63 33.14
CA PHE D 86 28.98 -5.73 32.91
C PHE D 86 29.92 -5.92 34.08
N TYR D 87 30.56 -4.85 34.55
CA TYR D 87 31.65 -5.03 35.47
C TYR D 87 31.23 -5.04 36.93
N ASN D 88 30.00 -4.69 37.27
CA ASN D 88 29.56 -4.75 38.66
C ASN D 88 28.35 -5.64 38.85
N GLU D 89 27.31 -5.46 38.03
CA GLU D 89 26.09 -6.22 38.26
C GLU D 89 26.27 -7.68 37.92
N LEU D 90 26.93 -7.96 36.79
CA LEU D 90 27.19 -9.33 36.39
C LEU D 90 28.62 -9.76 36.70
N ARG D 91 29.54 -8.82 36.82
CA ARG D 91 30.94 -9.13 37.11
C ARG D 91 31.47 -10.19 36.14
N VAL D 92 31.50 -9.81 34.87
CA VAL D 92 31.87 -10.74 33.81
C VAL D 92 32.64 -9.99 32.74
N ALA D 93 33.71 -10.59 32.27
CA ALA D 93 34.46 -10.00 31.17
C ALA D 93 33.67 -10.13 29.89
N PRO D 94 33.24 -9.02 29.27
CA PRO D 94 32.40 -9.11 28.07
C PRO D 94 33.15 -9.48 26.81
N GLU D 95 34.43 -9.82 26.88
CA GLU D 95 35.18 -10.13 25.67
C GLU D 95 34.84 -11.51 25.12
N GLU D 96 34.31 -12.40 25.94
CA GLU D 96 34.03 -13.77 25.54
C GLU D 96 32.57 -14.10 25.73
N HIS D 97 31.70 -13.18 25.38
CA HIS D 97 30.28 -13.40 25.60
C HIS D 97 29.45 -12.71 24.54
N PRO D 98 28.81 -13.45 23.64
CA PRO D 98 27.83 -12.81 22.76
C PRO D 98 26.71 -12.22 23.59
N THR D 99 26.30 -11.01 23.24
CA THR D 99 25.27 -10.32 23.99
C THR D 99 24.06 -10.07 23.11
N LEU D 100 22.88 -10.19 23.69
CA LEU D 100 21.63 -9.91 23.02
C LEU D 100 21.10 -8.58 23.49
N LEU D 101 20.68 -7.74 22.54
CA LEU D 101 20.18 -6.42 22.84
C LEU D 101 18.79 -6.26 22.23
N THR D 102 17.97 -5.45 22.87
CA THR D 102 16.59 -5.26 22.44
C THR D 102 16.33 -3.79 22.15
N GLU D 103 15.37 -3.55 21.28
CA GLU D 103 14.90 -2.19 21.03
C GLU D 103 13.48 -2.25 20.49
N ALA D 104 12.75 -1.16 20.70
CA ALA D 104 11.39 -1.06 20.22
C ALA D 104 11.40 -1.00 18.69
N PRO D 105 10.26 -1.22 18.06
CA PRO D 105 10.19 -1.05 16.61
C PRO D 105 10.05 0.41 16.23
N LEU D 106 10.38 0.70 14.97
CA LEU D 106 10.32 2.05 14.44
C LEU D 106 11.18 3.01 15.27
N ASN D 107 12.47 2.72 15.31
CA ASN D 107 13.43 3.57 15.96
C ASN D 107 14.38 4.16 14.94
N PRO D 108 15.04 5.25 15.26
CA PRO D 108 16.07 5.79 14.37
C PRO D 108 17.14 4.74 14.11
N LYS D 109 17.42 4.48 12.84
CA LYS D 109 18.42 3.48 12.50
C LYS D 109 19.79 3.84 13.07
N ALA D 110 20.05 5.13 13.23
CA ALA D 110 21.31 5.54 13.83
C ALA D 110 21.44 5.01 15.25
N ASN D 111 20.33 4.91 15.98
CA ASN D 111 20.37 4.37 17.32
C ASN D 111 20.95 2.96 17.33
N ARG D 112 20.30 2.05 16.63
CA ARG D 112 20.75 0.67 16.54
C ARG D 112 22.18 0.59 16.01
N GLU D 113 22.51 1.41 15.01
CA GLU D 113 23.85 1.37 14.45
C GLU D 113 24.90 1.72 15.48
N LYS D 114 24.75 2.89 16.11
CA LYS D 114 25.72 3.31 17.12
C LYS D 114 25.76 2.34 18.28
N MET D 115 24.63 1.69 18.58
CA MET D 115 24.62 0.64 19.60
C MET D 115 25.59 -0.47 19.23
N THR D 116 25.43 -1.00 18.02
CA THR D 116 26.34 -2.03 17.53
C THR D 116 27.79 -1.57 17.60
N GLN D 117 28.04 -0.36 17.11
CA GLN D 117 29.41 0.12 17.03
C GLN D 117 30.05 0.20 18.40
N ILE D 118 29.36 0.81 19.37
CA ILE D 118 29.91 0.90 20.71
C ILE D 118 30.12 -0.47 21.30
N MET D 119 29.17 -1.39 21.09
CA MET D 119 29.32 -2.73 21.62
C MET D 119 30.59 -3.39 21.10
N PHE D 120 30.86 -3.25 19.80
CA PHE D 120 32.02 -3.93 19.24
C PHE D 120 33.33 -3.22 19.53
N GLU D 121 33.32 -1.90 19.71
CA GLU D 121 34.57 -1.18 19.92
C GLU D 121 34.92 -1.05 21.40
N THR D 122 34.03 -0.43 22.17
CA THR D 122 34.36 -0.15 23.57
C THR D 122 34.48 -1.43 24.37
N PHE D 123 33.42 -2.24 24.37
CA PHE D 123 33.42 -3.44 25.18
C PHE D 123 34.03 -4.63 24.47
N ASN D 124 34.07 -4.62 23.14
CA ASN D 124 34.75 -5.63 22.35
C ASN D 124 34.17 -7.03 22.63
N VAL D 125 32.88 -7.17 22.34
CA VAL D 125 32.21 -8.45 22.48
C VAL D 125 32.64 -9.34 21.33
N PRO D 126 32.41 -10.65 21.39
CA PRO D 126 32.74 -11.50 20.24
C PRO D 126 31.64 -11.49 19.21
N ALA D 127 30.41 -11.24 19.65
CA ALA D 127 29.26 -11.21 18.77
C ALA D 127 28.13 -10.49 19.48
N MET D 128 27.10 -10.14 18.72
CA MET D 128 25.95 -9.46 19.28
C MET D 128 24.78 -9.60 18.32
N TYR D 129 23.64 -9.05 18.74
CA TYR D 129 22.41 -9.14 17.97
C TYR D 129 21.39 -8.22 18.62
N VAL D 130 20.51 -7.65 17.80
CA VAL D 130 19.48 -6.74 18.26
C VAL D 130 18.12 -7.33 17.89
N ALA D 131 17.24 -7.46 18.87
CA ALA D 131 15.95 -8.08 18.67
C ALA D 131 14.83 -7.12 19.04
N ILE D 132 13.66 -7.38 18.48
CA ILE D 132 12.48 -6.56 18.73
C ILE D 132 11.81 -7.04 20.00
N GLN D 133 11.61 -6.13 20.96
CA GLN D 133 11.13 -6.51 22.28
C GLN D 133 9.86 -7.34 22.21
N ALA D 134 8.99 -7.06 21.25
CA ALA D 134 7.70 -7.73 21.20
C ALA D 134 7.85 -9.19 20.78
N VAL D 135 8.75 -9.46 19.84
CA VAL D 135 8.98 -10.83 19.42
C VAL D 135 9.44 -11.67 20.61
N LEU D 136 10.41 -11.14 21.36
CA LEU D 136 10.86 -11.83 22.56
C LEU D 136 9.72 -12.05 23.53
N SER D 137 8.89 -11.02 23.73
CA SER D 137 7.77 -11.19 24.64
C SER D 137 6.82 -12.29 24.19
N LEU D 138 6.70 -12.49 22.88
CA LEU D 138 5.88 -13.59 22.40
C LEU D 138 6.53 -14.92 22.68
N TYR D 139 7.85 -15.02 22.40
CA TYR D 139 8.61 -16.20 22.75
C TYR D 139 8.35 -16.62 24.18
N ALA D 140 8.46 -15.68 25.11
CA ALA D 140 8.36 -16.02 26.53
C ALA D 140 6.98 -16.53 26.93
N SER D 141 5.97 -16.31 26.10
CA SER D 141 4.62 -16.76 26.43
C SER D 141 4.26 -18.06 25.75
N GLY D 142 5.23 -18.74 25.14
CA GLY D 142 4.93 -20.00 24.52
C GLY D 142 4.00 -19.93 23.34
N ARG D 143 3.64 -18.74 22.89
CA ARG D 143 2.77 -18.60 21.75
C ARG D 143 3.57 -18.64 20.45
N THR D 144 2.85 -18.68 19.35
CA THR D 144 3.44 -18.43 18.05
C THR D 144 2.57 -17.53 17.18
N THR D 145 1.42 -17.09 17.69
CA THR D 145 0.56 -16.13 17.02
C THR D 145 0.13 -15.10 18.05
N GLY D 146 -0.78 -14.24 17.64
CA GLY D 146 -1.32 -13.31 18.60
C GLY D 146 -0.57 -11.99 18.57
N ILE D 147 -1.28 -10.92 18.80
CA ILE D 147 -0.66 -9.61 18.89
C ILE D 147 -0.18 -9.42 20.31
N VAL D 148 0.94 -8.74 20.45
CA VAL D 148 1.54 -8.46 21.74
C VAL D 148 1.50 -6.97 21.96
N LEU D 149 1.18 -6.56 23.18
CA LEU D 149 1.10 -5.16 23.55
C LEU D 149 2.14 -4.93 24.62
N ASP D 150 3.36 -4.65 24.21
CA ASP D 150 4.37 -4.25 25.16
C ASP D 150 4.15 -2.79 25.51
N SER D 151 4.37 -2.46 26.78
CA SER D 151 4.29 -1.06 27.19
C SER D 151 5.25 -0.88 28.35
N GLY D 152 6.46 -0.45 28.02
CA GLY D 152 7.47 -0.28 29.04
C GLY D 152 7.33 1.03 29.76
N ASP D 153 8.44 1.72 29.96
CA ASP D 153 8.43 3.02 30.60
C ASP D 153 8.47 4.17 29.61
N GLY D 154 8.90 3.92 28.38
CA GLY D 154 9.02 4.99 27.42
C GLY D 154 8.13 4.89 26.20
N VAL D 155 7.83 3.69 25.75
CA VAL D 155 7.14 3.47 24.48
C VAL D 155 6.11 2.36 24.66
N THR D 156 5.22 2.25 23.68
CA THR D 156 4.11 1.31 23.77
C THR D 156 3.78 0.86 22.36
N HIS D 157 4.14 -0.37 22.01
CA HIS D 157 3.96 -0.83 20.64
C HIS D 157 3.11 -2.08 20.61
N ASN D 158 2.38 -2.24 19.49
CA ASN D 158 1.66 -3.46 19.19
C ASN D 158 2.33 -4.13 18.01
N VAL D 159 2.56 -5.43 18.12
CA VAL D 159 3.12 -6.19 17.00
C VAL D 159 2.27 -7.42 16.77
N PRO D 160 1.55 -7.50 15.65
CA PRO D 160 0.79 -8.72 15.36
C PRO D 160 1.68 -9.75 14.68
N ILE D 161 1.74 -10.93 15.26
CA ILE D 161 2.52 -12.03 14.72
C ILE D 161 1.59 -13.21 14.48
N TYR D 162 1.83 -13.95 13.41
CA TYR D 162 1.01 -15.10 13.06
C TYR D 162 1.91 -16.17 12.49
N GLU D 163 1.93 -17.33 13.14
CA GLU D 163 2.76 -18.45 12.73
C GLU D 163 4.23 -18.06 12.64
N GLY D 164 4.67 -17.14 13.47
CA GLY D 164 6.04 -16.68 13.42
C GLY D 164 6.31 -15.63 12.37
N TYR D 165 5.32 -15.27 11.56
CA TYR D 165 5.45 -14.19 10.60
C TYR D 165 4.92 -12.90 11.22
N ALA D 166 5.66 -11.82 11.02
CA ALA D 166 5.27 -10.51 11.53
C ALA D 166 4.72 -9.68 10.39
N LEU D 167 3.70 -8.90 10.68
CA LEU D 167 3.13 -8.04 9.67
C LEU D 167 3.59 -6.61 9.96
N PRO D 168 4.71 -6.19 9.38
CA PRO D 168 5.30 -4.91 9.78
C PRO D 168 4.40 -3.73 9.50
N HIS D 169 3.60 -3.79 8.44
CA HIS D 169 2.76 -2.66 8.10
C HIS D 169 1.65 -2.42 9.11
N ALA D 170 1.45 -3.33 10.06
CA ALA D 170 0.42 -3.17 11.06
C ALA D 170 1.00 -2.87 12.43
N ILE D 171 2.31 -2.71 12.55
CA ILE D 171 2.91 -2.34 13.81
C ILE D 171 2.46 -0.93 14.16
N MET D 172 2.13 -0.71 15.43
CA MET D 172 1.64 0.58 15.89
C MET D 172 2.44 1.01 17.10
N ARG D 173 3.41 1.89 16.89
CA ARG D 173 4.17 2.47 17.99
C ARG D 173 3.42 3.68 18.51
N LEU D 174 3.53 3.90 19.81
CA LEU D 174 2.85 5.03 20.45
C LEU D 174 3.68 5.45 21.63
N ASP D 175 3.93 6.75 21.76
CA ASP D 175 4.92 7.27 22.70
C ASP D 175 4.31 7.65 24.03
N LEU D 176 3.31 6.92 24.48
CA LEU D 176 2.69 7.12 25.78
C LEU D 176 3.01 5.91 26.64
N ALA D 177 3.67 6.13 27.77
CA ALA D 177 4.12 5.03 28.59
C ALA D 177 4.29 5.50 30.03
N GLY D 178 5.00 4.70 30.83
CA GLY D 178 5.01 4.90 32.26
C GLY D 178 5.51 6.27 32.68
N ARG D 179 6.50 6.80 31.96
CA ARG D 179 7.04 8.11 32.33
C ARG D 179 5.98 9.18 32.18
N ASP D 180 5.18 9.09 31.12
CA ASP D 180 4.11 10.07 30.91
C ASP D 180 3.06 9.96 32.01
N LEU D 181 2.71 8.74 32.40
CA LEU D 181 1.78 8.57 33.50
C LEU D 181 2.33 9.15 34.78
N THR D 182 3.62 8.94 35.04
CA THR D 182 4.23 9.53 36.21
C THR D 182 4.12 11.05 36.19
N ASP D 183 4.36 11.65 35.04
CA ASP D 183 4.28 13.10 34.95
C ASP D 183 2.86 13.59 35.15
N TYR D 184 1.89 12.93 34.52
CA TYR D 184 0.50 13.33 34.69
C TYR D 184 0.08 13.20 36.14
N LEU D 185 0.58 12.18 36.83
CA LEU D 185 0.27 12.04 38.24
C LEU D 185 0.90 13.16 39.05
N MET D 186 2.14 13.51 38.74
CA MET D 186 2.78 14.65 39.39
C MET D 186 1.93 15.90 39.20
N LYS D 187 1.33 16.05 38.03
CA LYS D 187 0.54 17.24 37.76
C LYS D 187 -0.74 17.24 38.58
N ILE D 188 -1.54 16.18 38.46
CA ILE D 188 -2.82 16.17 39.16
C ILE D 188 -2.67 16.00 40.66
N LEU D 189 -1.49 15.66 41.15
CA LEU D 189 -1.30 15.62 42.59
C LEU D 189 -1.17 17.01 43.19
N THR D 190 -1.00 18.04 42.37
CA THR D 190 -0.94 19.39 42.89
C THR D 190 -2.29 19.82 43.44
N GLU D 191 -3.37 19.43 42.78
CA GLU D 191 -4.68 19.92 43.16
C GLU D 191 -5.13 19.44 44.53
N ARG D 192 -4.31 18.65 45.22
CA ARG D 192 -4.53 18.37 46.62
C ARG D 192 -3.59 19.13 47.53
N GLY D 193 -2.57 19.78 46.97
CA GLY D 193 -1.61 20.53 47.75
C GLY D 193 -0.22 19.93 47.78
N TYR D 194 -0.02 18.79 47.13
CA TYR D 194 1.26 18.11 47.13
C TYR D 194 2.05 18.55 45.90
N SER D 195 3.28 18.98 46.12
CA SER D 195 4.12 19.53 45.06
C SER D 195 5.42 18.75 45.01
N PHE D 196 5.58 17.95 43.97
CA PHE D 196 6.83 17.25 43.70
C PHE D 196 7.38 17.78 42.39
N VAL D 197 8.58 18.37 42.44
CA VAL D 197 9.13 19.03 41.26
C VAL D 197 10.52 18.50 40.95
N THR D 198 11.22 18.02 41.96
CA THR D 198 12.60 17.59 41.80
C THR D 198 12.68 16.27 41.05
N THR D 199 13.77 16.08 40.31
CA THR D 199 14.00 14.79 39.67
C THR D 199 14.07 13.67 40.68
N ALA D 200 14.46 13.99 41.92
CA ALA D 200 14.47 12.98 42.97
C ALA D 200 13.06 12.53 43.30
N GLU D 201 12.19 13.47 43.66
CA GLU D 201 10.85 13.13 44.11
C GLU D 201 9.94 12.68 42.97
N ARG D 202 10.38 12.80 41.72
CA ARG D 202 9.70 12.07 40.67
C ARG D 202 9.74 10.57 40.94
N GLU D 203 10.82 10.08 41.53
CA GLU D 203 10.87 8.68 41.90
C GLU D 203 9.86 8.36 42.99
N ILE D 204 9.69 9.25 43.95
CA ILE D 204 8.65 9.09 44.96
C ILE D 204 7.30 8.95 44.28
N VAL D 205 7.03 9.82 43.31
CA VAL D 205 5.74 9.76 42.62
C VAL D 205 5.61 8.45 41.86
N ARG D 206 6.72 7.96 41.30
CA ARG D 206 6.67 6.68 40.61
C ARG D 206 6.30 5.56 41.56
N ASP D 207 6.85 5.59 42.77
CA ASP D 207 6.49 4.58 43.76
C ASP D 207 5.02 4.68 44.12
N ILE D 208 4.53 5.89 44.34
CA ILE D 208 3.12 6.08 44.63
C ILE D 208 2.27 5.48 43.52
N LYS D 209 2.69 5.68 42.28
CA LYS D 209 1.93 5.15 41.15
C LYS D 209 1.95 3.63 41.14
N GLU D 210 3.12 3.03 41.37
CA GLU D 210 3.23 1.59 41.36
C GLU D 210 2.48 0.95 42.50
N LYS D 211 2.23 1.68 43.58
CA LYS D 211 1.53 1.09 44.72
C LYS D 211 0.03 1.31 44.71
N LEU D 212 -0.41 2.56 44.56
CA LEU D 212 -1.82 2.85 44.81
C LEU D 212 -2.68 2.87 43.56
N CYS D 213 -2.12 3.13 42.39
CA CYS D 213 -2.95 3.32 41.22
C CYS D 213 -3.54 2.00 40.74
N TYR D 214 -4.62 2.10 39.98
CA TYR D 214 -5.28 0.96 39.38
C TYR D 214 -6.20 1.45 38.28
N VAL D 215 -6.63 0.53 37.43
CA VAL D 215 -7.50 0.86 36.31
C VAL D 215 -8.94 0.61 36.72
N ALA D 216 -9.82 1.54 36.36
CA ALA D 216 -11.23 1.42 36.72
C ALA D 216 -11.99 0.73 35.60
N LEU D 217 -12.83 -0.23 35.96
CA LEU D 217 -13.58 -0.95 34.95
C LEU D 217 -14.57 -0.05 34.24
N ASP D 218 -15.03 1.01 34.91
CA ASP D 218 -15.95 1.96 34.30
C ASP D 218 -15.65 3.32 34.89
N PHE D 219 -15.13 4.24 34.06
CA PHE D 219 -14.59 5.48 34.56
C PHE D 219 -15.65 6.32 35.25
N GLU D 220 -16.79 6.52 34.59
CA GLU D 220 -17.81 7.42 35.13
C GLU D 220 -18.34 6.92 36.46
N ASN D 221 -18.59 5.62 36.56
CA ASN D 221 -19.10 5.07 37.81
C ASN D 221 -18.10 5.27 38.93
N GLU D 222 -16.82 5.01 38.68
CA GLU D 222 -15.82 5.20 39.71
C GLU D 222 -15.71 6.66 40.10
N MET D 223 -15.81 7.56 39.12
CA MET D 223 -15.76 8.99 39.44
C MET D 223 -16.92 9.38 40.35
N ALA D 224 -18.13 8.98 39.98
CA ALA D 224 -19.30 9.30 40.80
C ALA D 224 -19.18 8.68 42.19
N THR D 225 -18.64 7.47 42.26
CA THR D 225 -18.45 6.80 43.54
C THR D 225 -17.49 7.58 44.43
N ALA D 226 -16.28 7.82 43.94
CA ALA D 226 -15.31 8.59 44.70
C ALA D 226 -15.87 9.95 45.10
N ALA D 227 -16.75 10.51 44.28
CA ALA D 227 -17.44 11.73 44.69
C ALA D 227 -18.31 11.47 45.91
N SER D 228 -19.16 10.45 45.85
CA SER D 228 -20.12 10.23 46.92
C SER D 228 -19.42 9.75 48.19
N SER D 229 -18.82 8.56 48.14
CA SER D 229 -18.25 7.95 49.33
C SER D 229 -16.82 8.43 49.53
N SER D 230 -16.10 7.76 50.43
CA SER D 230 -14.66 7.96 50.57
C SER D 230 -13.96 6.63 50.75
N SER D 231 -14.57 5.54 50.27
CA SER D 231 -14.00 4.22 50.38
C SER D 231 -12.83 3.98 49.45
N LEU D 232 -12.45 4.98 48.65
CA LEU D 232 -11.36 4.81 47.70
C LEU D 232 -10.07 5.47 48.16
N GLU D 233 -10.12 6.32 49.18
CA GLU D 233 -8.93 7.00 49.62
C GLU D 233 -7.98 6.05 50.32
N LYS D 234 -6.70 6.15 49.97
CA LYS D 234 -5.66 5.40 50.63
C LYS D 234 -4.53 6.36 50.98
N SER D 235 -3.81 6.05 52.03
CA SER D 235 -2.75 6.91 52.51
C SER D 235 -1.40 6.39 52.05
N TYR D 236 -0.36 7.17 52.33
CA TYR D 236 0.97 6.81 51.89
C TYR D 236 1.98 7.59 52.70
N GLU D 237 3.08 6.94 53.03
CA GLU D 237 4.12 7.51 53.88
C GLU D 237 5.27 8.00 53.02
N LEU D 238 5.52 9.30 53.04
CA LEU D 238 6.65 9.83 52.31
C LEU D 238 7.94 9.52 53.07
N PRO D 239 9.09 9.69 52.42
CA PRO D 239 10.35 9.35 53.08
C PRO D 239 10.69 10.20 54.29
N ASP D 240 9.81 11.13 54.67
CA ASP D 240 10.02 11.91 55.88
C ASP D 240 8.76 12.00 56.70
N GLY D 241 7.99 10.93 56.76
CA GLY D 241 6.71 11.00 57.44
C GLY D 241 5.70 11.74 56.58
N GLN D 242 4.92 12.61 57.23
CA GLN D 242 3.88 13.41 56.59
C GLN D 242 3.08 12.58 55.60
N VAL D 243 2.35 11.60 56.13
CA VAL D 243 1.47 10.78 55.32
C VAL D 243 0.56 11.66 54.47
N ILE D 244 0.32 11.22 53.24
CA ILE D 244 -0.57 11.90 52.31
C ILE D 244 -1.67 10.93 51.91
N THR D 245 -2.74 11.47 51.35
CA THR D 245 -3.87 10.67 50.90
C THR D 245 -4.23 11.04 49.48
N ILE D 246 -4.61 10.06 48.68
CA ILE D 246 -5.09 10.29 47.33
C ILE D 246 -6.36 9.49 47.11
N GLY D 247 -7.32 10.10 46.42
CA GLY D 247 -8.57 9.44 46.10
C GLY D 247 -8.76 9.23 44.62
N ASN D 248 -9.52 10.14 44.01
CA ASN D 248 -9.79 10.11 42.58
C ASN D 248 -8.56 9.83 41.74
N GLU D 249 -7.40 10.32 42.17
CA GLU D 249 -6.18 10.17 41.39
C GLU D 249 -5.86 8.71 41.13
N ARG D 250 -6.11 7.85 42.11
CA ARG D 250 -5.70 6.45 42.02
C ARG D 250 -6.11 5.82 40.71
N PHE D 251 -7.27 6.16 40.19
CA PHE D 251 -7.69 5.63 38.91
C PHE D 251 -7.75 6.68 37.81
N ARG D 252 -7.65 7.96 38.15
CA ARG D 252 -7.54 8.96 37.09
C ARG D 252 -6.21 8.85 36.38
N CYS D 253 -5.14 8.55 37.11
CA CYS D 253 -3.81 8.53 36.50
C CYS D 253 -3.69 7.50 35.39
N PRO D 254 -3.83 6.19 35.63
CA PRO D 254 -3.66 5.22 34.54
C PRO D 254 -4.80 5.25 33.54
N GLU D 255 -5.85 6.02 33.78
CA GLU D 255 -6.91 6.13 32.80
C GLU D 255 -6.41 6.75 31.51
N THR D 256 -5.32 7.53 31.60
CA THR D 256 -4.74 8.16 30.44
C THR D 256 -4.56 7.19 29.29
N LEU D 257 -4.03 6.00 29.57
CA LEU D 257 -3.78 5.02 28.53
C LEU D 257 -4.99 4.78 27.64
N PHE D 258 -6.19 5.04 28.14
CA PHE D 258 -7.39 4.87 27.34
C PHE D 258 -7.96 6.20 26.85
N GLN D 259 -7.54 7.32 27.42
CA GLN D 259 -7.96 8.64 26.96
C GLN D 259 -6.74 9.54 26.94
N PRO D 260 -5.89 9.40 25.93
CA PRO D 260 -4.65 10.19 25.90
C PRO D 260 -4.88 11.68 25.87
N SER D 261 -6.12 12.12 25.67
CA SER D 261 -6.41 13.55 25.68
C SER D 261 -6.09 14.18 27.02
N PHE D 262 -6.06 13.39 28.10
CA PHE D 262 -5.76 13.94 29.41
C PHE D 262 -4.42 14.67 29.43
N ILE D 263 -3.45 14.19 28.66
CA ILE D 263 -2.15 14.80 28.61
C ILE D 263 -1.93 15.53 27.29
N GLY D 264 -3.01 15.87 26.60
CA GLY D 264 -2.91 16.67 25.40
C GLY D 264 -2.54 15.92 24.14
N MET D 265 -2.26 14.63 24.23
CA MET D 265 -2.01 13.89 23.01
C MET D 265 -3.31 13.67 22.26
N GLU D 266 -3.19 13.39 20.97
CA GLU D 266 -4.35 13.25 20.11
C GLU D 266 -4.64 11.82 19.70
N SER D 267 -3.64 10.93 19.76
CA SER D 267 -3.83 9.57 19.30
C SER D 267 -4.92 8.87 20.10
N ALA D 268 -5.35 7.73 19.59
CA ALA D 268 -6.43 6.99 20.20
C ALA D 268 -5.89 6.14 21.35
N GLY D 269 -6.81 5.63 22.17
CA GLY D 269 -6.43 4.90 23.35
C GLY D 269 -5.82 3.55 23.03
N ILE D 270 -5.35 2.90 24.09
CA ILE D 270 -4.69 1.61 23.96
C ILE D 270 -5.59 0.62 23.24
N HIS D 271 -6.81 0.44 23.75
CA HIS D 271 -7.75 -0.48 23.12
C HIS D 271 -7.96 -0.13 21.66
N GLU D 272 -8.03 1.15 21.34
CA GLU D 272 -8.28 1.56 19.97
C GLU D 272 -7.11 1.22 19.06
N THR D 273 -5.89 1.50 19.49
CA THR D 273 -4.75 1.15 18.65
C THR D 273 -4.64 -0.36 18.48
N THR D 274 -4.93 -1.11 19.55
CA THR D 274 -4.94 -2.56 19.42
C THR D 274 -5.94 -3.00 18.37
N TYR D 275 -7.17 -2.54 18.48
CA TYR D 275 -8.20 -2.95 17.53
C TYR D 275 -7.85 -2.54 16.12
N ASN D 276 -7.26 -1.35 15.95
CA ASN D 276 -6.87 -0.91 14.62
C ASN D 276 -5.77 -1.80 14.05
N SER D 277 -4.77 -2.11 14.87
CA SER D 277 -3.72 -3.03 14.44
C SER D 277 -4.31 -4.35 14.00
N ILE D 278 -5.30 -4.86 14.75
CA ILE D 278 -6.00 -6.07 14.32
C ILE D 278 -6.59 -5.86 12.94
N MET D 279 -7.40 -4.82 12.78
CA MET D 279 -8.11 -4.61 11.53
C MET D 279 -7.19 -4.40 10.35
N LYS D 280 -5.94 -3.98 10.57
CA LYS D 280 -5.03 -3.82 9.46
C LYS D 280 -4.55 -5.15 8.91
N CYS D 281 -4.51 -6.18 9.74
CA CYS D 281 -4.05 -7.48 9.27
C CYS D 281 -5.11 -8.14 8.40
N ASP D 282 -4.68 -9.17 7.68
CA ASP D 282 -5.59 -9.87 6.78
C ASP D 282 -6.74 -10.49 7.56
N ILE D 283 -7.87 -10.64 6.87
CA ILE D 283 -9.10 -11.02 7.55
C ILE D 283 -9.04 -12.44 8.07
N ASP D 284 -8.21 -13.30 7.50
CA ASP D 284 -8.24 -14.70 7.88
C ASP D 284 -7.57 -14.95 9.22
N ILE D 285 -6.77 -14.02 9.72
CA ILE D 285 -6.03 -14.23 10.95
C ILE D 285 -6.58 -13.37 12.08
N ARG D 286 -7.74 -12.77 11.90
CA ARG D 286 -8.21 -11.85 12.93
C ARG D 286 -8.76 -12.58 14.15
N LYS D 287 -9.36 -13.75 13.97
CA LYS D 287 -9.92 -14.46 15.12
C LYS D 287 -8.83 -14.87 16.10
N ASP D 288 -7.73 -15.41 15.59
CA ASP D 288 -6.64 -15.83 16.46
C ASP D 288 -6.04 -14.64 17.19
N LEU D 289 -5.84 -13.54 16.48
CA LEU D 289 -5.33 -12.34 17.11
C LEU D 289 -6.28 -11.87 18.22
N TYR D 290 -7.59 -11.92 17.95
CA TYR D 290 -8.54 -11.60 19.01
C TYR D 290 -8.34 -12.51 20.20
N ALA D 291 -8.03 -13.77 19.94
CA ALA D 291 -7.92 -14.74 21.02
C ALA D 291 -6.62 -14.65 21.79
N ASN D 292 -5.58 -14.01 21.25
CA ASN D 292 -4.24 -14.12 21.83
C ASN D 292 -3.63 -12.74 22.10
N ASN D 293 -4.36 -11.86 22.76
CA ASN D 293 -3.80 -10.56 23.10
C ASN D 293 -2.79 -10.66 24.23
N VAL D 294 -1.53 -10.93 23.92
CA VAL D 294 -0.51 -10.95 24.95
C VAL D 294 -0.30 -9.53 25.49
N MET D 295 0.23 -9.45 26.71
CA MET D 295 0.51 -8.16 27.33
C MET D 295 1.76 -8.27 28.17
N SER D 296 2.68 -7.33 28.01
CA SER D 296 3.94 -7.37 28.73
C SER D 296 4.27 -5.98 29.24
N GLY D 297 5.49 -5.81 29.72
CA GLY D 297 5.93 -4.52 30.17
C GLY D 297 5.36 -4.12 31.52
N GLY D 298 6.11 -3.31 32.25
CA GLY D 298 5.69 -2.96 33.60
C GLY D 298 4.45 -2.11 33.64
N THR D 299 4.19 -1.33 32.59
CA THR D 299 3.02 -0.46 32.61
C THR D 299 1.73 -1.24 32.48
N THR D 300 1.78 -2.46 31.97
CA THR D 300 0.59 -3.28 31.93
C THR D 300 0.36 -4.05 33.20
N MET D 301 0.95 -3.59 34.31
CA MET D 301 0.81 -4.27 35.59
C MET D 301 -0.13 -3.53 36.53
N TYR D 302 -1.13 -2.87 36.00
CA TYR D 302 -2.04 -2.20 36.90
C TYR D 302 -3.16 -3.15 37.32
N PRO D 303 -3.53 -3.15 38.59
CA PRO D 303 -4.69 -3.93 39.02
C PRO D 303 -5.92 -3.54 38.22
N GLY D 304 -6.41 -4.47 37.43
CA GLY D 304 -7.64 -4.28 36.70
C GLY D 304 -7.47 -3.95 35.24
N ILE D 305 -6.24 -3.82 34.75
CA ILE D 305 -6.04 -3.35 33.39
C ILE D 305 -6.54 -4.38 32.39
N ALA D 306 -6.34 -5.67 32.68
CA ALA D 306 -6.74 -6.68 31.73
C ALA D 306 -8.25 -6.74 31.57
N ASP D 307 -8.98 -6.56 32.67
CA ASP D 307 -10.43 -6.62 32.60
C ASP D 307 -10.99 -5.45 31.80
N ARG D 308 -10.54 -4.23 32.11
CA ARG D 308 -10.97 -3.06 31.35
C ARG D 308 -10.59 -3.20 29.89
N MET D 309 -9.37 -3.67 29.63
CA MET D 309 -8.93 -3.85 28.25
C MET D 309 -9.85 -4.80 27.50
N GLN D 310 -10.19 -5.93 28.13
CA GLN D 310 -11.10 -6.87 27.50
C GLN D 310 -12.46 -6.26 27.26
N LYS D 311 -12.97 -5.53 28.26
CA LYS D 311 -14.27 -4.88 28.10
C LYS D 311 -14.28 -3.98 26.88
N GLU D 312 -13.29 -3.10 26.77
CA GLU D 312 -13.27 -2.16 25.65
C GLU D 312 -13.14 -2.89 24.31
N ILE D 313 -12.09 -3.70 24.17
CA ILE D 313 -11.87 -4.35 22.89
C ILE D 313 -13.00 -5.27 22.54
N THR D 314 -13.76 -5.75 23.53
CA THR D 314 -14.97 -6.50 23.23
C THR D 314 -16.05 -5.58 22.68
N ALA D 315 -16.19 -4.40 23.28
CA ALA D 315 -17.15 -3.43 22.76
C ALA D 315 -16.84 -3.06 21.32
N LEU D 316 -15.57 -3.12 20.93
CA LEU D 316 -15.22 -2.73 19.57
C LEU D 316 -15.37 -3.87 18.56
N ALA D 317 -15.08 -5.10 18.95
CA ALA D 317 -15.07 -6.22 18.02
C ALA D 317 -16.47 -6.75 17.82
N PRO D 318 -16.68 -7.59 16.80
CA PRO D 318 -17.96 -8.28 16.66
C PRO D 318 -18.26 -9.15 17.86
N SER D 319 -19.53 -9.53 17.98
CA SER D 319 -19.95 -10.26 19.17
C SER D 319 -19.60 -11.73 19.09
N THR D 320 -19.48 -12.29 17.89
CA THR D 320 -19.20 -13.70 17.73
C THR D 320 -17.72 -14.02 17.74
N MET D 321 -16.89 -13.14 18.28
CA MET D 321 -15.46 -13.35 18.36
C MET D 321 -15.06 -13.44 19.82
N LYS D 322 -14.24 -14.43 20.15
CA LYS D 322 -13.84 -14.64 21.53
C LYS D 322 -12.63 -13.77 21.84
N ILE D 323 -12.79 -12.85 22.77
CA ILE D 323 -11.72 -11.95 23.19
C ILE D 323 -11.06 -12.54 24.42
N LYS D 324 -9.74 -12.71 24.36
CA LYS D 324 -8.98 -13.17 25.49
C LYS D 324 -7.73 -12.32 25.62
N ILE D 325 -7.19 -12.26 26.83
CA ILE D 325 -6.09 -11.38 27.15
C ILE D 325 -5.10 -12.15 28.00
N ILE D 326 -3.96 -12.50 27.42
CA ILE D 326 -2.95 -13.30 28.10
C ILE D 326 -2.11 -12.36 28.93
N ALA D 327 -2.38 -12.29 30.24
CA ALA D 327 -1.65 -11.42 31.15
C ALA D 327 -1.00 -12.27 32.23
N PRO D 328 0.18 -12.82 31.99
CA PRO D 328 0.87 -13.62 33.01
C PRO D 328 1.16 -12.77 34.24
N PRO D 329 1.49 -13.40 35.37
CA PRO D 329 1.78 -12.64 36.58
C PRO D 329 3.20 -12.12 36.68
N GLU D 330 4.10 -12.55 35.80
CA GLU D 330 5.47 -12.06 35.78
C GLU D 330 5.75 -11.24 34.53
N ARG D 331 4.71 -10.79 33.86
CA ARG D 331 4.83 -10.20 32.53
C ARG D 331 5.83 -9.06 32.47
N LYS D 332 6.20 -8.47 33.61
CA LYS D 332 7.16 -7.38 33.59
C LYS D 332 8.48 -7.82 32.97
N TYR D 333 8.87 -9.07 33.17
CA TYR D 333 10.15 -9.56 32.69
C TYR D 333 10.01 -10.44 31.46
N SER D 334 8.86 -10.39 30.80
CA SER D 334 8.63 -11.28 29.66
C SER D 334 9.63 -11.04 28.55
N VAL D 335 10.04 -9.81 28.34
CA VAL D 335 10.99 -9.54 27.26
C VAL D 335 12.32 -10.20 27.56
N TRP D 336 12.81 -10.06 28.79
CA TRP D 336 14.07 -10.68 29.13
C TRP D 336 13.96 -12.20 29.07
N ILE D 337 12.84 -12.75 29.52
CA ILE D 337 12.66 -14.19 29.50
C ILE D 337 12.71 -14.70 28.07
N GLY D 338 11.95 -14.05 27.18
CA GLY D 338 11.99 -14.46 25.79
C GLY D 338 13.37 -14.31 25.19
N GLY D 339 14.11 -13.29 25.62
CA GLY D 339 15.46 -13.13 25.12
C GLY D 339 16.36 -14.28 25.55
N SER D 340 16.25 -14.68 26.82
CA SER D 340 17.02 -15.82 27.30
C SER D 340 16.66 -17.07 26.52
N ILE D 341 15.37 -17.32 26.33
CA ILE D 341 14.93 -18.49 25.58
C ILE D 341 15.54 -18.49 24.20
N LEU D 342 15.43 -17.38 23.49
CA LEU D 342 15.93 -17.32 22.12
C LEU D 342 17.44 -17.52 22.08
N ALA D 343 18.18 -16.74 22.87
CA ALA D 343 19.63 -16.87 22.87
C ALA D 343 20.07 -18.27 23.25
N SER D 344 19.25 -19.01 23.99
CA SER D 344 19.61 -20.36 24.38
C SER D 344 19.45 -21.36 23.25
N LEU D 345 18.84 -20.98 22.13
CA LEU D 345 18.70 -21.91 21.02
C LEU D 345 20.06 -22.21 20.40
N SER D 346 20.08 -23.22 19.55
CA SER D 346 21.24 -23.54 18.74
C SER D 346 21.00 -23.22 17.28
N THR D 347 19.76 -23.39 16.82
CA THR D 347 19.37 -22.86 15.53
C THR D 347 19.48 -21.35 15.48
N PHE D 348 19.75 -20.71 16.61
CA PHE D 348 20.03 -19.28 16.65
C PHE D 348 21.51 -18.97 16.64
N GLN D 349 22.36 -19.94 16.95
CA GLN D 349 23.78 -19.67 17.10
C GLN D 349 24.47 -19.32 15.80
N GLN D 350 23.73 -19.20 14.70
CA GLN D 350 24.29 -18.77 13.43
C GLN D 350 23.65 -17.49 12.94
N MET D 351 22.87 -16.82 13.79
CA MET D 351 22.31 -15.52 13.48
C MET D 351 23.09 -14.38 14.12
N TRP D 352 24.04 -14.67 14.98
CA TRP D 352 24.84 -13.63 15.61
C TRP D 352 25.60 -12.83 14.56
N ILE D 353 26.15 -11.70 14.99
CA ILE D 353 26.99 -10.87 14.15
C ILE D 353 28.41 -10.98 14.70
N THR D 354 29.30 -11.61 13.95
CA THR D 354 30.64 -11.86 14.45
C THR D 354 31.50 -10.62 14.32
N LYS D 355 32.36 -10.42 15.32
CA LYS D 355 33.28 -9.28 15.31
C LYS D 355 34.01 -9.18 13.99
N GLN D 356 34.51 -10.30 13.48
CA GLN D 356 35.16 -10.30 12.18
C GLN D 356 34.24 -9.76 11.10
N GLU D 357 32.99 -10.24 11.08
CA GLU D 357 32.05 -9.79 10.07
C GLU D 357 31.80 -8.29 10.19
N TYR D 358 31.73 -7.79 11.42
CA TYR D 358 31.56 -6.35 11.61
C TYR D 358 32.76 -5.58 11.06
N ASP D 359 33.97 -6.01 11.43
CA ASP D 359 35.16 -5.36 10.89
C ASP D 359 35.16 -5.39 9.37
N GLU D 360 34.55 -6.42 8.79
CA GLU D 360 34.53 -6.53 7.35
C GLU D 360 33.51 -5.59 6.72
N ALA D 361 32.36 -5.39 7.37
CA ALA D 361 31.24 -4.72 6.72
C ALA D 361 30.76 -3.44 7.40
N GLY D 362 31.36 -3.03 8.52
CA GLY D 362 30.99 -1.79 9.17
C GLY D 362 29.62 -1.83 9.82
N PRO D 363 29.30 -0.78 10.59
CA PRO D 363 28.04 -0.78 11.34
C PRO D 363 26.80 -0.92 10.48
N SER D 364 26.90 -0.71 9.16
CA SER D 364 25.73 -0.90 8.32
C SER D 364 25.29 -2.34 8.28
N ILE D 365 26.07 -3.25 8.86
CA ILE D 365 25.74 -4.67 8.81
C ILE D 365 24.46 -4.98 9.55
N VAL D 366 24.11 -4.17 10.56
CA VAL D 366 22.99 -4.49 11.44
C VAL D 366 21.69 -4.55 10.63
N HIS D 367 21.46 -3.52 9.82
CA HIS D 367 20.22 -3.48 9.04
C HIS D 367 20.14 -4.64 8.06
N ARG D 368 21.28 -5.15 7.61
CA ARG D 368 21.26 -6.35 6.80
C ARG D 368 20.67 -7.51 7.61
N LYS D 369 20.33 -8.58 6.91
CA LYS D 369 19.62 -9.68 7.56
C LYS D 369 20.38 -10.28 8.72
N CYS D 370 21.64 -9.91 8.92
CA CYS D 370 22.23 -10.08 10.24
C CYS D 370 21.57 -9.03 11.10
N PHE D 371 20.33 -9.30 11.49
CA PHE D 371 19.38 -8.27 11.84
C PHE D 371 19.58 -7.76 13.27
N ALA E 1 2.29 -65.80 -94.73
CA ALA E 1 3.72 -65.89 -94.52
C ALA E 1 4.35 -64.50 -94.48
N LEU E 2 3.66 -63.55 -93.84
CA LEU E 2 4.10 -62.16 -93.78
C LEU E 2 3.95 -61.62 -92.36
N GLN E 3 4.43 -62.38 -91.38
CA GLN E 3 4.28 -62.03 -89.98
C GLN E 3 5.51 -61.37 -89.38
N LYS E 4 6.61 -61.30 -90.12
CA LYS E 4 7.81 -60.64 -89.63
C LYS E 4 7.53 -59.19 -89.26
N LYS E 5 6.80 -58.47 -90.12
CA LYS E 5 6.43 -57.10 -89.80
C LYS E 5 5.53 -57.05 -88.58
N LEU E 6 4.65 -58.04 -88.41
CA LEU E 6 3.84 -58.11 -87.21
C LEU E 6 4.72 -58.14 -85.96
N LYS E 7 5.66 -59.08 -85.91
CA LYS E 7 6.54 -59.18 -84.74
C LYS E 7 7.32 -57.89 -84.53
N GLY E 8 7.96 -57.40 -85.59
CA GLY E 8 8.77 -56.21 -85.47
C GLY E 8 8.00 -55.01 -84.98
N THR E 9 6.77 -54.84 -85.47
CA THR E 9 5.98 -53.66 -85.11
C THR E 9 5.39 -53.81 -83.71
N GLU E 10 5.04 -55.02 -83.30
CA GLU E 10 4.67 -55.26 -81.91
C GLU E 10 5.80 -54.85 -80.98
N ASP E 11 7.02 -55.27 -81.30
CA ASP E 11 8.16 -54.92 -80.45
C ASP E 11 8.44 -53.42 -80.49
N GLU E 12 8.26 -52.80 -81.66
CA GLU E 12 8.28 -51.35 -81.77
C GLU E 12 7.33 -50.71 -80.75
N VAL E 13 6.09 -51.18 -80.72
CA VAL E 13 5.10 -50.61 -79.80
C VAL E 13 5.52 -50.82 -78.36
N GLU E 14 6.03 -52.00 -78.03
CA GLU E 14 6.46 -52.28 -76.66
C GLU E 14 7.56 -51.31 -76.24
N LYS E 15 8.61 -51.20 -77.05
CA LYS E 15 9.72 -50.32 -76.69
C LYS E 15 9.30 -48.86 -76.67
N TYR E 16 8.33 -48.48 -77.52
CA TYR E 16 7.84 -47.10 -77.48
C TYR E 16 7.07 -46.83 -76.20
N SER E 17 6.28 -47.81 -75.74
CA SER E 17 5.63 -47.68 -74.45
C SER E 17 6.65 -47.54 -73.34
N GLU E 18 7.72 -48.33 -73.37
CA GLU E 18 8.78 -48.20 -72.38
C GLU E 18 9.40 -46.81 -72.40
N SER E 19 9.68 -46.29 -73.60
CA SER E 19 10.33 -45.00 -73.73
C SER E 19 9.43 -43.88 -73.23
N VAL E 20 8.15 -43.89 -73.60
CA VAL E 20 7.26 -42.85 -73.10
C VAL E 20 7.09 -42.98 -71.60
N LYS E 21 7.02 -44.19 -71.07
CA LYS E 21 6.97 -44.38 -69.63
C LYS E 21 8.12 -43.63 -68.96
N ASP E 22 9.35 -44.01 -69.29
CA ASP E 22 10.52 -43.39 -68.68
C ASP E 22 10.50 -41.88 -68.87
N ALA E 23 10.25 -41.44 -70.11
CA ALA E 23 10.36 -40.03 -70.44
C ALA E 23 9.36 -39.20 -69.65
N GLN E 24 8.07 -39.52 -69.77
CA GLN E 24 7.06 -38.74 -69.05
C GLN E 24 7.22 -38.85 -67.54
N GLU E 25 7.68 -40.02 -67.06
CA GLU E 25 7.88 -40.17 -65.62
C GLU E 25 8.91 -39.17 -65.12
N LYS E 26 10.12 -39.21 -65.69
CA LYS E 26 11.14 -38.22 -65.32
C LYS E 26 10.68 -36.81 -65.63
N LEU E 27 9.77 -36.66 -66.59
CA LEU E 27 9.22 -35.34 -66.94
C LEU E 27 8.48 -34.74 -65.77
N GLU E 28 7.46 -35.46 -65.27
CA GLU E 28 6.75 -34.96 -64.10
C GLU E 28 7.66 -34.90 -62.88
N GLN E 29 8.61 -35.82 -62.77
CA GLN E 29 9.60 -35.71 -61.69
C GLN E 29 10.31 -34.36 -61.73
N ALA E 30 10.65 -33.89 -62.93
CA ALA E 30 11.27 -32.58 -63.07
C ALA E 30 10.31 -31.47 -62.66
N GLU E 31 9.06 -31.53 -63.16
CA GLU E 31 8.14 -30.43 -62.92
C GLU E 31 7.76 -30.33 -61.44
N LYS E 32 7.83 -31.44 -60.71
CA LYS E 32 7.58 -31.38 -59.28
C LYS E 32 8.57 -30.43 -58.60
N LYS E 33 9.87 -30.62 -58.86
CA LYS E 33 10.87 -29.73 -58.32
C LYS E 33 10.82 -28.35 -58.97
N ALA E 34 10.30 -28.28 -60.20
CA ALA E 34 10.11 -26.98 -60.84
C ALA E 34 9.10 -26.13 -60.07
N THR E 35 7.93 -26.69 -59.81
CA THR E 35 6.93 -25.99 -59.00
C THR E 35 7.42 -25.81 -57.56
N ASP E 36 8.27 -26.72 -57.09
CA ASP E 36 8.93 -26.51 -55.80
C ASP E 36 9.72 -25.22 -55.80
N ALA E 37 10.57 -25.03 -56.82
CA ALA E 37 11.33 -23.79 -56.94
C ALA E 37 10.41 -22.60 -57.18
N GLU E 38 9.25 -22.84 -57.80
CA GLU E 38 8.27 -21.76 -57.96
C GLU E 38 7.75 -21.29 -56.62
N ALA E 39 7.40 -22.23 -55.74
CA ALA E 39 7.03 -21.87 -54.38
C ALA E 39 8.21 -21.23 -53.66
N ASP E 40 9.42 -21.72 -53.90
CA ASP E 40 10.62 -21.13 -53.29
C ASP E 40 10.72 -19.65 -53.60
N VAL E 41 10.64 -19.31 -54.89
CA VAL E 41 10.80 -17.92 -55.30
C VAL E 41 9.60 -17.10 -54.83
N ALA E 42 8.38 -17.63 -55.00
CA ALA E 42 7.20 -16.90 -54.55
C ALA E 42 7.25 -16.62 -53.05
N SER E 43 7.94 -17.46 -52.29
CA SER E 43 8.05 -17.24 -50.86
C SER E 43 9.14 -16.22 -50.56
N LEU E 44 10.35 -16.46 -51.08
CA LEU E 44 11.47 -15.60 -50.70
C LEU E 44 11.36 -14.21 -51.32
N ASN E 45 10.60 -14.05 -52.40
CA ASN E 45 10.29 -12.71 -52.86
C ASN E 45 9.56 -11.93 -51.78
N ARG E 46 8.45 -12.50 -51.30
CA ARG E 46 7.71 -11.88 -50.20
C ARG E 46 8.61 -11.62 -49.00
N ARG E 47 9.44 -12.61 -48.64
CA ARG E 47 10.28 -12.47 -47.46
C ARG E 47 11.30 -11.35 -47.63
N ILE E 48 11.98 -11.33 -48.77
CA ILE E 48 12.95 -10.26 -49.06
C ILE E 48 12.26 -8.92 -49.05
N GLN E 49 11.06 -8.84 -49.64
CA GLN E 49 10.36 -7.57 -49.73
C GLN E 49 9.98 -7.06 -48.35
N LEU E 50 9.44 -7.94 -47.50
CA LEU E 50 9.01 -7.49 -46.17
C LEU E 50 10.21 -7.11 -45.31
N VAL E 51 11.29 -7.89 -45.36
CA VAL E 51 12.46 -7.51 -44.60
C VAL E 51 13.06 -6.23 -45.17
N GLU E 52 12.88 -6.00 -46.47
CA GLU E 52 13.37 -4.78 -47.09
C GLU E 52 12.59 -3.57 -46.61
N GLU E 53 11.27 -3.69 -46.50
CA GLU E 53 10.48 -2.61 -45.92
C GLU E 53 10.88 -2.38 -44.47
N GLU E 54 11.14 -3.45 -43.73
CA GLU E 54 11.65 -3.30 -42.37
C GLU E 54 12.94 -2.51 -42.37
N LEU E 55 13.81 -2.78 -43.34
CA LEU E 55 15.07 -2.02 -43.46
C LEU E 55 14.80 -0.56 -43.79
N ASP E 56 13.84 -0.30 -44.67
CA ASP E 56 13.48 1.07 -45.00
C ASP E 56 13.08 1.83 -43.75
N ARG E 57 12.15 1.28 -42.98
CA ARG E 57 11.76 1.92 -41.73
C ARG E 57 12.91 1.97 -40.73
N ALA E 58 13.84 1.01 -40.81
CA ALA E 58 15.03 1.06 -39.98
C ALA E 58 15.86 2.30 -40.30
N GLN E 59 16.00 2.60 -41.58
CA GLN E 59 16.66 3.84 -41.98
C GLN E 59 15.91 5.06 -41.45
N GLU E 60 14.58 5.04 -41.54
CA GLU E 60 13.78 6.16 -41.07
C GLU E 60 14.04 6.43 -39.60
N ARG E 61 13.72 5.47 -38.74
CA ARG E 61 13.86 5.74 -37.30
C ARG E 61 15.32 5.81 -36.90
N LEU E 62 16.23 5.28 -37.72
CA LEU E 62 17.65 5.56 -37.49
C LEU E 62 17.92 7.04 -37.62
N ALA E 63 17.51 7.63 -38.75
CA ALA E 63 17.71 9.07 -38.96
C ALA E 63 17.04 9.87 -37.85
N THR E 64 15.83 9.44 -37.46
CA THR E 64 15.17 10.09 -36.33
C THR E 64 16.07 10.02 -35.10
N ALA E 65 16.31 8.82 -34.58
CA ALA E 65 17.15 8.65 -33.38
C ALA E 65 18.43 9.45 -33.47
N LEU E 66 19.00 9.58 -34.67
CA LEU E 66 20.18 10.41 -34.86
C LEU E 66 19.88 11.86 -34.49
N GLN E 67 18.93 12.49 -35.20
CA GLN E 67 18.65 13.90 -34.90
C GLN E 67 18.06 14.07 -33.51
N LYS E 68 17.33 13.06 -33.03
CA LYS E 68 16.90 12.99 -31.65
C LYS E 68 18.08 13.19 -30.71
N LEU E 69 19.11 12.36 -30.86
CA LEU E 69 20.32 12.51 -30.07
C LEU E 69 20.93 13.90 -30.27
N GLU E 70 20.90 14.41 -31.49
CA GLU E 70 21.52 15.71 -31.73
C GLU E 70 20.88 16.78 -30.86
N GLU E 71 19.58 17.00 -31.06
CA GLU E 71 18.89 17.96 -30.20
C GLU E 71 18.88 17.53 -28.73
N ALA E 72 19.09 16.25 -28.45
CA ALA E 72 19.07 15.76 -27.08
C ALA E 72 20.31 16.23 -26.32
N GLU E 73 21.49 15.83 -26.80
CA GLU E 73 22.72 16.35 -26.21
C GLU E 73 22.81 17.86 -26.38
N LYS E 74 22.11 18.43 -27.36
CA LYS E 74 22.07 19.88 -27.48
C LYS E 74 21.33 20.51 -26.32
N ALA E 75 20.14 20.00 -26.01
CA ALA E 75 19.41 20.45 -24.83
C ALA E 75 20.18 20.13 -23.58
N ALA E 76 20.94 19.04 -23.59
CA ALA E 76 21.80 18.73 -22.45
C ALA E 76 22.85 19.81 -22.26
N ASP E 77 23.49 20.22 -23.35
CA ASP E 77 24.52 21.25 -23.27
C ASP E 77 23.93 22.58 -22.84
N GLU E 78 22.76 22.91 -23.38
CA GLU E 78 22.08 24.14 -22.98
C GLU E 78 21.73 24.10 -21.50
N SER E 79 21.03 23.05 -21.07
CA SER E 79 20.68 22.92 -19.67
C SER E 79 21.91 22.87 -18.77
N GLU E 80 23.05 22.42 -19.29
CA GLU E 80 24.19 22.23 -18.41
C GLU E 80 25.07 23.48 -18.30
N ARG E 81 25.19 24.29 -19.35
CA ARG E 81 25.76 25.60 -19.08
C ARG E 81 24.76 26.49 -18.34
N GLY E 82 23.47 26.21 -18.52
CA GLY E 82 22.48 26.80 -17.64
C GLY E 82 22.75 26.46 -16.18
N MET E 83 22.88 25.18 -15.87
CA MET E 83 23.16 24.77 -14.50
C MET E 83 24.52 25.27 -14.02
N LYS E 84 25.48 25.44 -14.93
CA LYS E 84 26.73 26.09 -14.54
C LYS E 84 26.50 27.52 -14.07
N VAL E 85 25.73 28.30 -14.83
CA VAL E 85 25.51 29.68 -14.40
C VAL E 85 24.59 29.73 -13.18
N ILE E 86 23.69 28.74 -13.02
CA ILE E 86 22.83 28.74 -11.84
C ILE E 86 23.63 28.40 -10.59
N GLU E 87 24.62 27.52 -10.70
CA GLU E 87 25.44 27.24 -9.53
C GLU E 87 26.43 28.37 -9.27
N ASN E 88 26.88 29.07 -10.32
CA ASN E 88 27.61 30.31 -10.11
C ASN E 88 26.77 31.29 -9.30
N ARG E 89 25.53 31.54 -9.72
CA ARG E 89 24.65 32.42 -8.98
C ARG E 89 24.31 31.85 -7.61
N ALA E 90 24.33 30.52 -7.47
CA ALA E 90 24.15 29.90 -6.17
C ALA E 90 25.24 30.32 -5.21
N MET E 91 26.49 30.23 -5.67
CA MET E 91 27.61 30.70 -4.84
C MET E 91 27.54 32.21 -4.62
N LYS E 92 27.06 32.95 -5.61
CA LYS E 92 26.85 34.38 -5.44
C LYS E 92 25.90 34.63 -4.28
N ASP E 93 24.75 33.95 -4.27
CA ASP E 93 23.80 34.08 -3.19
C ASP E 93 24.35 33.57 -1.87
N GLU E 94 25.18 32.52 -1.89
CA GLU E 94 25.84 32.06 -0.68
C GLU E 94 26.66 33.17 -0.06
N GLU E 95 27.56 33.77 -0.83
CA GLU E 95 28.45 34.78 -0.27
C GLU E 95 27.71 36.06 0.07
N LYS E 96 26.67 36.41 -0.69
CA LYS E 96 25.85 37.56 -0.32
C LYS E 96 25.09 37.31 0.97
N MET E 97 24.52 36.13 1.13
CA MET E 97 23.90 35.74 2.39
C MET E 97 24.89 35.83 3.53
N GLU E 98 26.13 35.36 3.31
CA GLU E 98 27.13 35.39 4.38
C GLU E 98 27.42 36.83 4.80
N LEU E 99 27.75 37.68 3.82
CA LEU E 99 28.11 39.06 4.13
C LEU E 99 26.95 39.79 4.80
N GLN E 100 25.75 39.67 4.23
CA GLN E 100 24.60 40.34 4.80
C GLN E 100 24.22 39.78 6.16
N GLU E 101 24.48 38.50 6.41
CA GLU E 101 24.24 37.96 7.74
C GLU E 101 25.20 38.55 8.75
N MET E 102 26.47 38.67 8.37
CA MET E 102 27.45 39.28 9.27
C MET E 102 27.10 40.74 9.57
N GLN E 103 26.69 41.49 8.55
CA GLN E 103 26.34 42.88 8.79
C GLN E 103 25.05 42.98 9.61
N LEU E 104 24.12 42.04 9.41
CA LEU E 104 22.94 41.98 10.27
C LEU E 104 23.33 41.77 11.72
N LYS E 105 24.30 40.87 11.96
CA LYS E 105 24.76 40.62 13.31
C LYS E 105 25.34 41.88 13.95
N GLU E 106 26.35 42.47 13.28
CA GLU E 106 26.93 43.70 13.82
C GLU E 106 25.89 44.81 13.94
N ALA E 107 24.90 44.84 13.05
CA ALA E 107 23.79 45.79 13.17
C ALA E 107 23.06 45.59 14.48
N LYS E 108 22.60 44.37 14.73
CA LYS E 108 21.87 44.09 15.96
C LYS E 108 22.69 44.44 17.18
N HIS E 109 23.99 44.13 17.15
CA HIS E 109 24.82 44.35 18.33
C HIS E 109 25.06 45.84 18.58
N ILE E 110 25.46 46.58 17.56
CA ILE E 110 25.66 48.01 17.72
C ILE E 110 24.34 48.68 18.11
N ALA E 111 23.22 48.21 17.54
CA ALA E 111 21.93 48.81 17.82
C ALA E 111 21.54 48.61 19.28
N GLU E 112 21.57 47.36 19.75
CA GLU E 112 21.26 47.11 21.17
C GLU E 112 22.24 47.86 22.06
N ASP E 113 23.50 47.99 21.62
CA ASP E 113 24.49 48.74 22.39
C ASP E 113 24.04 50.17 22.62
N SER E 114 23.82 50.89 21.53
CA SER E 114 23.33 52.26 21.64
C SER E 114 22.04 52.30 22.47
N ASP E 115 21.17 51.31 22.29
CA ASP E 115 19.88 51.28 22.96
C ASP E 115 20.05 51.24 24.47
N ARG E 116 20.66 50.16 24.97
CA ARG E 116 20.77 50.03 26.42
C ARG E 116 21.68 51.11 26.99
N LYS E 117 22.64 51.62 26.20
CA LYS E 117 23.47 52.69 26.72
C LYS E 117 22.65 53.94 26.98
N TYR E 118 21.83 54.34 26.00
CA TYR E 118 20.99 55.52 26.20
C TYR E 118 19.98 55.27 27.31
N GLU E 119 19.46 54.05 27.41
CA GLU E 119 18.49 53.77 28.47
C GLU E 119 19.14 53.90 29.85
N GLU E 120 20.33 53.33 30.01
CA GLU E 120 21.06 53.44 31.26
C GLU E 120 21.33 54.90 31.60
N VAL E 121 21.85 55.67 30.64
CA VAL E 121 22.20 57.04 30.96
C VAL E 121 20.95 57.88 31.15
N ALA E 122 19.82 57.48 30.57
CA ALA E 122 18.57 58.19 30.80
C ALA E 122 18.07 57.94 32.20
N ARG E 123 18.23 56.72 32.70
CA ARG E 123 17.90 56.46 34.11
C ARG E 123 18.83 57.24 35.03
N LYS E 124 20.12 57.28 34.70
CA LYS E 124 21.03 58.13 35.44
C LYS E 124 20.60 59.59 35.43
N LEU E 125 20.10 60.07 34.30
CA LEU E 125 19.62 61.45 34.23
C LEU E 125 18.36 61.63 35.07
N VAL E 126 17.45 60.66 35.04
CA VAL E 126 16.21 60.84 35.79
C VAL E 126 16.47 60.84 37.28
N ILE E 127 17.43 60.02 37.75
CA ILE E 127 17.77 60.09 39.17
C ILE E 127 18.55 61.37 39.47
N LEU E 128 19.40 61.80 38.54
CA LEU E 128 20.13 63.04 38.73
C LEU E 128 19.17 64.21 38.86
N GLU E 129 18.06 64.17 38.13
CA GLU E 129 17.03 65.19 38.29
C GLU E 129 16.31 65.02 39.61
N GLY E 130 15.95 63.78 39.96
CA GLY E 130 15.29 63.50 41.22
C GLY E 130 16.09 63.94 42.44
N GLU E 131 17.38 64.23 42.24
CA GLU E 131 18.16 64.83 43.32
C GLU E 131 18.46 66.31 43.13
N LEU E 132 18.79 66.76 41.91
CA LEU E 132 19.00 68.19 41.72
C LEU E 132 17.73 69.00 41.98
N GLU E 133 16.55 68.35 41.98
CA GLU E 133 15.33 69.07 42.31
C GLU E 133 15.39 69.59 43.74
N ARG E 134 15.48 68.70 44.72
CA ARG E 134 15.56 69.12 46.10
C ARG E 134 16.95 69.63 46.47
N SER E 135 17.89 69.62 45.53
CA SER E 135 19.13 70.37 45.74
C SER E 135 18.84 71.82 46.11
N GLU E 136 18.07 72.52 45.28
CA GLU E 136 17.69 73.88 45.61
C GLU E 136 16.85 73.94 46.88
N GLU E 137 16.14 72.87 47.21
CA GLU E 137 15.30 72.86 48.40
C GLU E 137 16.15 72.91 49.67
N ARG E 138 17.09 71.97 49.80
CA ARG E 138 17.98 72.01 50.95
C ARG E 138 18.99 73.14 50.85
N ALA E 139 19.09 73.81 49.69
CA ALA E 139 19.80 75.07 49.64
C ALA E 139 18.99 76.18 50.30
N GLU E 140 17.71 76.31 49.93
CA GLU E 140 16.92 77.45 50.35
C GLU E 140 16.51 77.36 51.81
N VAL E 141 16.31 76.14 52.32
CA VAL E 141 16.03 76.04 53.75
C VAL E 141 17.20 76.57 54.56
N ALA E 142 18.43 76.32 54.08
CA ALA E 142 19.61 76.88 54.72
C ALA E 142 19.53 78.39 54.80
N GLU E 143 19.10 79.03 53.71
CA GLU E 143 19.04 80.49 53.69
C GLU E 143 17.95 81.01 54.62
N SER E 144 16.81 80.33 54.66
CA SER E 144 15.78 80.70 55.62
C SER E 144 16.34 80.66 57.05
N LYS E 145 17.10 79.61 57.33
CA LYS E 145 17.76 79.48 58.63
C LYS E 145 18.69 80.67 58.89
N CYS E 146 19.56 80.96 57.91
CA CYS E 146 20.45 82.12 58.03
C CYS E 146 19.69 83.39 58.38
N GLY E 147 18.61 83.64 57.65
CA GLY E 147 17.83 84.84 57.85
C GLY E 147 17.24 84.95 59.23
N ASP E 148 16.49 83.92 59.64
CA ASP E 148 15.86 84.00 60.96
C ASP E 148 16.90 84.02 62.07
N LEU E 149 18.04 83.37 61.85
CA LEU E 149 19.08 83.36 62.87
C LEU E 149 19.72 84.73 63.03
N GLU E 150 20.04 85.39 61.91
CA GLU E 150 20.53 86.76 61.99
C GLU E 150 19.50 87.68 62.64
N GLU E 151 18.22 87.45 62.35
CA GLU E 151 17.17 88.25 62.98
C GLU E 151 17.22 88.13 64.49
N GLU E 152 17.12 86.89 64.99
CA GLU E 152 17.15 86.69 66.44
C GLU E 152 18.49 87.12 67.04
N LEU E 153 19.58 87.01 66.29
CA LEU E 153 20.85 87.61 66.71
C LEU E 153 20.68 89.09 67.01
N LYS E 154 20.08 89.82 66.07
CA LYS E 154 19.87 91.25 66.30
C LYS E 154 19.00 91.49 67.52
N ILE E 155 17.92 90.71 67.65
CA ILE E 155 17.00 90.88 68.78
C ILE E 155 17.74 90.70 70.10
N VAL E 156 18.51 89.63 70.23
CA VAL E 156 19.17 89.36 71.49
C VAL E 156 20.31 90.33 71.75
N THR E 157 20.98 90.82 70.70
CA THR E 157 21.98 91.85 70.90
C THR E 157 21.36 93.16 71.39
N ASN E 158 20.16 93.48 70.93
CA ASN E 158 19.47 94.65 71.46
C ASN E 158 19.07 94.43 72.91
N ASN E 159 18.57 93.23 73.23
CA ASN E 159 18.09 92.97 74.58
C ASN E 159 19.22 92.97 75.61
N LEU E 160 20.34 92.33 75.29
CA LEU E 160 21.49 92.35 76.20
C LEU E 160 21.95 93.77 76.46
N LYS E 161 22.05 94.59 75.41
CA LYS E 161 22.47 95.97 75.59
C LYS E 161 21.48 96.75 76.45
N SER E 162 20.17 96.53 76.23
CA SER E 162 19.19 97.20 77.07
C SER E 162 19.30 96.79 78.53
N LEU E 163 19.70 95.55 78.79
CA LEU E 163 19.87 95.08 80.16
C LEU E 163 21.24 95.41 80.75
N GLU E 164 22.17 95.87 79.94
CA GLU E 164 23.50 96.30 80.40
C GLU E 164 23.48 97.60 81.22
N ALA E 165 22.32 98.11 81.64
CA ALA E 165 22.21 99.49 82.09
C ALA E 165 23.12 99.79 83.28
N GLN E 166 22.85 99.18 84.42
CA GLN E 166 23.55 99.56 85.64
C GLN E 166 24.98 99.02 85.66
N THR F 1 -28.04 3.46 -71.14
CA THR F 1 -27.18 3.96 -70.08
C THR F 1 -26.44 2.83 -69.39
N THR F 2 -25.59 3.19 -68.44
CA THR F 2 -24.73 2.23 -67.76
C THR F 2 -25.55 1.23 -66.95
N ALA F 3 -25.02 0.01 -66.85
CA ALA F 3 -25.59 -1.03 -66.00
C ALA F 3 -24.65 -1.31 -64.84
N LEU F 4 -25.24 -1.74 -63.73
CA LEU F 4 -24.47 -2.10 -62.54
C LEU F 4 -24.32 -3.60 -62.42
N VAL F 5 -23.19 -4.02 -61.85
CA VAL F 5 -22.87 -5.42 -61.65
C VAL F 5 -22.50 -5.56 -60.19
N CYS F 6 -23.43 -6.02 -59.37
CA CYS F 6 -23.22 -6.23 -57.95
C CYS F 6 -23.18 -7.73 -57.69
N ASP F 7 -21.99 -8.25 -57.43
CA ASP F 7 -21.80 -9.66 -57.10
C ASP F 7 -21.75 -9.78 -55.58
N ASN F 8 -22.82 -10.26 -54.99
CA ASN F 8 -22.93 -10.24 -53.54
C ASN F 8 -21.97 -11.25 -52.91
N GLY F 9 -22.20 -12.52 -53.13
CA GLY F 9 -21.37 -13.54 -52.53
C GLY F 9 -21.38 -13.48 -51.01
N SER F 10 -20.70 -14.41 -50.37
CA SER F 10 -20.45 -14.32 -48.95
C SER F 10 -19.07 -13.75 -48.73
N GLY F 11 -18.89 -13.05 -47.62
CA GLY F 11 -17.57 -12.58 -47.27
C GLY F 11 -17.12 -11.32 -47.98
N LEU F 12 -17.50 -11.15 -49.23
CA LEU F 12 -16.97 -10.06 -50.04
C LEU F 12 -18.00 -9.59 -51.04
N VAL F 13 -18.48 -8.37 -50.90
CA VAL F 13 -19.27 -7.72 -51.92
C VAL F 13 -18.34 -7.03 -52.89
N LYS F 14 -18.55 -7.24 -54.18
CA LYS F 14 -17.73 -6.62 -55.21
C LYS F 14 -18.65 -6.05 -56.27
N ALA F 15 -18.62 -4.73 -56.43
CA ALA F 15 -19.54 -4.03 -57.31
C ALA F 15 -18.77 -3.11 -58.23
N GLY F 16 -19.46 -2.67 -59.27
CA GLY F 16 -18.86 -1.82 -60.28
C GLY F 16 -19.82 -1.62 -61.42
N PHE F 17 -19.33 -0.91 -62.43
CA PHE F 17 -20.15 -0.57 -63.58
C PHE F 17 -19.91 -1.56 -64.71
N ALA F 18 -20.96 -1.87 -65.45
CA ALA F 18 -20.82 -2.75 -66.60
C ALA F 18 -19.86 -2.16 -67.60
N GLY F 19 -19.10 -3.02 -68.27
CA GLY F 19 -18.14 -2.58 -69.25
C GLY F 19 -16.76 -2.28 -68.69
N ASP F 20 -16.64 -2.03 -67.40
CA ASP F 20 -15.34 -1.78 -66.81
C ASP F 20 -14.51 -3.06 -66.81
N ASP F 21 -13.29 -2.95 -66.30
CA ASP F 21 -12.36 -4.06 -66.32
C ASP F 21 -12.16 -4.72 -64.96
N ALA F 22 -12.61 -4.10 -63.89
CA ALA F 22 -12.48 -4.66 -62.55
C ALA F 22 -13.51 -3.96 -61.67
N PRO F 23 -14.03 -4.64 -60.66
CA PRO F 23 -15.03 -4.01 -59.80
C PRO F 23 -14.43 -2.81 -59.09
N ARG F 24 -15.17 -1.70 -59.09
CA ARG F 24 -14.66 -0.49 -58.46
C ARG F 24 -14.59 -0.64 -56.95
N ALA F 25 -15.67 -1.11 -56.34
CA ALA F 25 -15.78 -1.21 -54.89
C ALA F 25 -15.75 -2.67 -54.46
N VAL F 26 -14.90 -2.97 -53.46
CA VAL F 26 -14.78 -4.30 -52.90
C VAL F 26 -14.58 -4.17 -51.41
N PHE F 27 -15.45 -4.79 -50.62
CA PHE F 27 -15.44 -4.61 -49.19
C PHE F 27 -16.12 -5.81 -48.55
N PRO F 28 -15.83 -6.09 -47.29
CA PRO F 28 -16.43 -7.26 -46.64
C PRO F 28 -17.90 -7.07 -46.37
N SER F 29 -18.70 -8.06 -46.73
CA SER F 29 -20.14 -8.00 -46.58
C SER F 29 -20.52 -8.37 -45.15
N ILE F 30 -20.29 -7.44 -44.24
CA ILE F 30 -20.62 -7.64 -42.83
C ILE F 30 -21.32 -6.41 -42.30
N VAL F 31 -22.06 -6.61 -41.22
CA VAL F 31 -22.78 -5.55 -40.52
C VAL F 31 -22.43 -5.67 -39.06
N GLY F 32 -21.77 -4.66 -38.51
CA GLY F 32 -21.36 -4.66 -37.12
C GLY F 32 -22.30 -3.81 -36.29
N ARG F 33 -22.39 -4.15 -35.01
CA ARG F 33 -23.17 -3.36 -34.08
C ARG F 33 -22.38 -3.32 -32.78
N PRO F 34 -22.32 -2.17 -32.12
CA PRO F 34 -21.57 -2.08 -30.87
C PRO F 34 -22.16 -3.01 -29.83
N ARG F 35 -21.30 -3.53 -28.96
CA ARG F 35 -21.75 -4.46 -27.94
C ARG F 35 -21.43 -3.97 -26.53
N HIS F 36 -20.76 -2.83 -26.40
CA HIS F 36 -20.69 -2.11 -25.15
C HIS F 36 -21.66 -0.93 -25.24
N GLN F 37 -21.64 -0.06 -24.23
CA GLN F 37 -22.69 0.95 -24.15
C GLN F 37 -22.23 2.33 -24.60
N GLY F 38 -20.95 2.66 -24.47
CA GLY F 38 -20.52 3.97 -24.90
C GLY F 38 -20.84 5.03 -23.87
N VAL F 39 -19.87 5.87 -23.54
CA VAL F 39 -20.03 6.80 -22.43
C VAL F 39 -19.80 8.25 -22.84
N MET F 40 -19.07 8.52 -23.91
CA MET F 40 -18.79 9.90 -24.30
C MET F 40 -19.97 10.44 -25.08
N VAL F 41 -20.76 11.30 -24.45
CA VAL F 41 -21.87 11.93 -25.16
C VAL F 41 -21.32 12.91 -26.19
N GLY F 42 -22.16 13.23 -27.16
CA GLY F 42 -21.74 14.05 -28.28
C GLY F 42 -20.91 13.33 -29.30
N MET F 43 -20.59 12.05 -29.08
CA MET F 43 -19.85 11.30 -30.08
C MET F 43 -20.74 10.93 -31.26
N GLY F 44 -22.06 11.02 -31.09
CA GLY F 44 -23.00 10.71 -32.14
C GLY F 44 -22.76 9.36 -32.78
N GLN F 45 -22.34 8.38 -31.99
CA GLN F 45 -22.08 7.05 -32.50
C GLN F 45 -23.30 6.50 -33.21
N LYS F 46 -23.14 6.17 -34.49
CA LYS F 46 -24.21 5.50 -35.19
C LYS F 46 -24.41 4.11 -34.61
N ASP F 47 -25.55 3.49 -34.96
CA ASP F 47 -25.94 2.25 -34.34
C ASP F 47 -25.62 1.02 -35.16
N SER F 48 -25.14 1.18 -36.39
CA SER F 48 -24.84 0.02 -37.22
C SER F 48 -23.83 0.41 -38.27
N TYR F 49 -22.60 -0.05 -38.12
CA TYR F 49 -21.61 0.13 -39.17
C TYR F 49 -21.74 -0.99 -40.18
N VAL F 50 -21.01 -0.86 -41.28
CA VAL F 50 -21.16 -1.79 -42.39
C VAL F 50 -19.95 -1.65 -43.31
N GLY F 51 -19.48 -2.78 -43.82
CA GLY F 51 -18.36 -2.74 -44.74
C GLY F 51 -17.04 -2.44 -44.04
N ASP F 52 -16.14 -1.82 -44.79
CA ASP F 52 -14.82 -1.49 -44.27
C ASP F 52 -14.88 -0.68 -42.99
N GLU F 53 -15.92 0.15 -42.84
CA GLU F 53 -16.11 0.86 -41.57
C GLU F 53 -16.16 -0.11 -40.40
N ALA F 54 -17.02 -1.13 -40.50
CA ALA F 54 -17.08 -2.13 -39.45
C ALA F 54 -15.79 -2.92 -39.35
N GLN F 55 -15.20 -3.27 -40.50
CA GLN F 55 -13.95 -4.02 -40.47
C GLN F 55 -12.86 -3.25 -39.74
N SER F 56 -12.95 -1.94 -39.71
CA SER F 56 -12.01 -1.14 -38.94
C SER F 56 -12.42 -0.98 -37.49
N LYS F 57 -13.71 -0.91 -37.21
CA LYS F 57 -14.19 -0.79 -35.85
C LYS F 57 -14.33 -2.14 -35.15
N ARG F 58 -13.83 -3.21 -35.75
CA ARG F 58 -13.95 -4.58 -35.23
C ARG F 58 -13.86 -4.70 -33.71
N GLY F 59 -12.96 -3.95 -33.10
CA GLY F 59 -12.66 -4.17 -31.70
C GLY F 59 -13.83 -3.99 -30.75
N ILE F 60 -14.90 -3.32 -31.20
CA ILE F 60 -15.99 -3.01 -30.30
C ILE F 60 -17.32 -3.41 -30.91
N LEU F 61 -17.29 -4.21 -31.97
CA LEU F 61 -18.52 -4.60 -32.64
C LEU F 61 -18.71 -6.10 -32.58
N THR F 62 -19.86 -6.53 -33.08
CA THR F 62 -20.15 -7.95 -33.28
C THR F 62 -20.60 -8.12 -34.72
N LEU F 63 -19.79 -8.79 -35.52
CA LEU F 63 -19.99 -8.82 -36.95
C LEU F 63 -20.91 -9.97 -37.33
N LYS F 64 -21.77 -9.71 -38.31
CA LYS F 64 -22.79 -10.67 -38.72
C LYS F 64 -22.81 -10.73 -40.24
N TYR F 65 -22.28 -11.79 -40.80
CA TYR F 65 -22.44 -12.00 -42.23
C TYR F 65 -23.91 -12.29 -42.52
N PRO F 66 -24.57 -11.47 -43.34
CA PRO F 66 -25.98 -11.72 -43.66
C PRO F 66 -26.22 -12.74 -44.77
N ILE F 67 -25.20 -13.49 -45.17
CA ILE F 67 -25.34 -14.52 -46.20
C ILE F 67 -24.60 -15.74 -45.68
N GLU F 68 -25.35 -16.79 -45.34
CA GLU F 68 -24.74 -17.92 -44.64
C GLU F 68 -24.06 -18.88 -45.61
N HIS F 69 -24.84 -19.52 -46.48
CA HIS F 69 -24.29 -20.38 -47.52
C HIS F 69 -24.99 -19.98 -48.81
N GLY F 70 -24.50 -18.91 -49.44
CA GLY F 70 -25.10 -18.48 -50.67
C GLY F 70 -26.50 -17.92 -50.53
N ILE F 71 -27.12 -18.12 -49.38
CA ILE F 71 -28.50 -17.72 -49.16
C ILE F 71 -28.52 -16.58 -48.16
N ILE F 72 -29.48 -15.69 -48.32
CA ILE F 72 -29.61 -14.53 -47.45
C ILE F 72 -30.53 -14.88 -46.30
N THR F 73 -30.03 -14.71 -45.08
CA THR F 73 -30.78 -15.09 -43.90
C THR F 73 -31.32 -13.92 -43.11
N ASN F 74 -30.66 -12.77 -43.14
CA ASN F 74 -31.11 -11.57 -42.43
C ASN F 74 -31.33 -10.50 -43.48
N TRP F 75 -32.58 -10.30 -43.87
CA TRP F 75 -32.85 -9.43 -45.01
C TRP F 75 -32.59 -7.97 -44.70
N ASP F 76 -32.72 -7.57 -43.44
CA ASP F 76 -32.51 -6.16 -43.12
C ASP F 76 -31.05 -5.78 -43.26
N ASP F 77 -30.14 -6.62 -42.79
CA ASP F 77 -28.73 -6.34 -42.98
C ASP F 77 -28.35 -6.41 -44.45
N MET F 78 -28.98 -7.30 -45.22
CA MET F 78 -28.68 -7.33 -46.64
C MET F 78 -29.15 -6.06 -47.32
N GLU F 79 -30.28 -5.53 -46.89
CA GLU F 79 -30.75 -4.26 -47.44
C GLU F 79 -29.81 -3.13 -47.06
N LYS F 80 -29.30 -3.15 -45.83
CA LYS F 80 -28.28 -2.17 -45.45
C LYS F 80 -27.06 -2.28 -46.35
N ILE F 81 -26.63 -3.51 -46.62
CA ILE F 81 -25.46 -3.73 -47.47
C ILE F 81 -25.68 -3.11 -48.84
N TRP F 82 -26.83 -3.42 -49.45
CA TRP F 82 -27.12 -2.90 -50.79
C TRP F 82 -27.19 -1.38 -50.78
N HIS F 83 -27.91 -0.82 -49.80
CA HIS F 83 -28.03 0.63 -49.72
C HIS F 83 -26.66 1.28 -49.58
N HIS F 84 -25.81 0.74 -48.71
CA HIS F 84 -24.48 1.30 -48.55
C HIS F 84 -23.69 1.20 -49.83
N THR F 85 -23.74 0.03 -50.47
CA THR F 85 -23.06 -0.13 -51.75
C THR F 85 -23.44 0.97 -52.72
N PHE F 86 -24.73 1.08 -53.02
CA PHE F 86 -25.19 2.06 -54.00
C PHE F 86 -24.81 3.48 -53.60
N TYR F 87 -25.20 3.90 -52.41
CA TYR F 87 -25.16 5.30 -52.06
C TYR F 87 -23.80 5.76 -51.55
N ASN F 88 -22.88 4.86 -51.26
CA ASN F 88 -21.58 5.29 -50.77
C ASN F 88 -20.42 4.70 -51.56
N GLU F 89 -20.51 3.42 -51.92
CA GLU F 89 -19.39 2.80 -52.63
C GLU F 89 -19.36 3.26 -54.08
N LEU F 90 -20.49 3.19 -54.76
CA LEU F 90 -20.57 3.67 -56.13
C LEU F 90 -21.07 5.09 -56.22
N ARG F 91 -21.82 5.55 -55.22
CA ARG F 91 -22.38 6.90 -55.21
C ARG F 91 -23.16 7.15 -56.49
N VAL F 92 -24.24 6.39 -56.65
CA VAL F 92 -25.03 6.44 -57.87
C VAL F 92 -26.48 6.18 -57.52
N ALA F 93 -27.37 7.00 -58.07
CA ALA F 93 -28.79 6.78 -57.89
C ALA F 93 -29.20 5.53 -58.65
N PRO F 94 -29.70 4.50 -57.98
CA PRO F 94 -30.05 3.27 -58.69
C PRO F 94 -31.34 3.39 -59.47
N GLU F 95 -31.90 4.60 -59.52
CA GLU F 95 -33.18 4.81 -60.18
C GLU F 95 -33.08 4.57 -61.68
N GLU F 96 -31.92 4.81 -62.27
CA GLU F 96 -31.77 4.74 -63.72
C GLU F 96 -30.64 3.80 -64.11
N HIS F 97 -30.57 2.66 -63.45
CA HIS F 97 -29.49 1.72 -63.75
C HIS F 97 -29.98 0.29 -63.64
N PRO F 98 -30.07 -0.44 -64.73
CA PRO F 98 -30.31 -1.88 -64.62
C PRO F 98 -29.16 -2.54 -63.90
N THR F 99 -29.47 -3.40 -62.95
CA THR F 99 -28.46 -4.03 -62.11
C THR F 99 -28.45 -5.54 -62.35
N LEU F 100 -27.27 -6.11 -62.34
CA LEU F 100 -27.08 -7.54 -62.51
C LEU F 100 -26.71 -8.16 -61.18
N LEU F 101 -27.48 -9.15 -60.76
CA LEU F 101 -27.24 -9.84 -59.51
C LEU F 101 -26.87 -11.30 -59.78
N THR F 102 -26.13 -11.89 -58.85
CA THR F 102 -25.66 -13.26 -59.00
C THR F 102 -26.12 -14.09 -57.81
N GLU F 103 -26.23 -15.40 -58.05
CA GLU F 103 -26.51 -16.32 -56.96
C GLU F 103 -26.03 -17.71 -57.38
N ALA F 104 -25.78 -18.55 -56.37
CA ALA F 104 -25.30 -19.89 -56.62
C ALA F 104 -26.42 -20.75 -57.17
N PRO F 105 -26.10 -21.90 -57.75
CA PRO F 105 -27.15 -22.81 -58.19
C PRO F 105 -27.76 -23.56 -57.02
N LEU F 106 -28.98 -24.04 -57.24
CA LEU F 106 -29.72 -24.81 -56.25
C LEU F 106 -29.91 -24.02 -54.95
N ASN F 107 -30.40 -22.80 -55.10
CA ASN F 107 -30.72 -22.01 -53.93
C ASN F 107 -32.21 -22.02 -53.67
N PRO F 108 -32.64 -21.65 -52.48
CA PRO F 108 -34.06 -21.45 -52.22
C PRO F 108 -34.67 -20.49 -53.23
N LYS F 109 -35.81 -20.90 -53.78
CA LYS F 109 -36.51 -20.08 -54.76
C LYS F 109 -36.90 -18.73 -54.17
N ALA F 110 -37.34 -18.75 -52.91
CA ALA F 110 -37.70 -17.51 -52.22
C ALA F 110 -36.54 -16.56 -52.12
N ASN F 111 -35.30 -17.05 -52.18
CA ASN F 111 -34.15 -16.16 -52.13
C ASN F 111 -34.18 -15.17 -53.29
N ARG F 112 -34.09 -15.67 -54.51
CA ARG F 112 -34.13 -14.79 -55.67
C ARG F 112 -35.46 -14.05 -55.77
N GLU F 113 -36.56 -14.69 -55.34
CA GLU F 113 -37.84 -13.98 -55.36
C GLU F 113 -37.79 -12.72 -54.51
N LYS F 114 -37.52 -12.87 -53.22
CA LYS F 114 -37.46 -11.72 -52.34
C LYS F 114 -36.38 -10.74 -52.77
N MET F 115 -35.29 -11.23 -53.36
CA MET F 115 -34.25 -10.35 -53.86
C MET F 115 -34.81 -9.41 -54.93
N THR F 116 -35.48 -9.97 -55.92
CA THR F 116 -36.11 -9.17 -56.95
C THR F 116 -37.12 -8.19 -56.36
N GLN F 117 -37.96 -8.69 -55.46
CA GLN F 117 -38.98 -7.84 -54.87
C GLN F 117 -38.36 -6.63 -54.18
N ILE F 118 -37.33 -6.85 -53.38
CA ILE F 118 -36.67 -5.75 -52.70
C ILE F 118 -36.04 -4.80 -53.71
N MET F 119 -35.33 -5.34 -54.69
CA MET F 119 -34.67 -4.49 -55.67
C MET F 119 -35.67 -3.59 -56.38
N PHE F 120 -36.89 -4.08 -56.59
CA PHE F 120 -37.87 -3.26 -57.31
C PHE F 120 -38.63 -2.31 -56.38
N GLU F 121 -38.88 -2.69 -55.14
CA GLU F 121 -39.63 -1.82 -54.23
C GLU F 121 -38.73 -0.81 -53.54
N THR F 122 -37.75 -1.29 -52.79
CA THR F 122 -36.94 -0.40 -51.98
C THR F 122 -36.10 0.53 -52.85
N PHE F 123 -35.27 -0.04 -53.70
CA PHE F 123 -34.35 0.77 -54.49
C PHE F 123 -34.96 1.26 -55.78
N ASN F 124 -36.00 0.61 -56.29
CA ASN F 124 -36.75 1.08 -57.45
C ASN F 124 -35.85 1.21 -58.68
N VAL F 125 -35.19 0.12 -59.04
CA VAL F 125 -34.33 0.10 -60.21
C VAL F 125 -35.20 0.07 -61.45
N PRO F 126 -34.67 0.38 -62.63
CA PRO F 126 -35.48 0.27 -63.84
C PRO F 126 -35.66 -1.17 -64.29
N ALA F 127 -34.62 -1.97 -64.11
CA ALA F 127 -34.65 -3.37 -64.49
C ALA F 127 -33.57 -4.10 -63.71
N MET F 128 -33.58 -5.42 -63.82
CA MET F 128 -32.59 -6.23 -63.12
C MET F 128 -32.57 -7.62 -63.75
N TYR F 129 -31.71 -8.47 -63.19
CA TYR F 129 -31.53 -9.83 -63.68
C TYR F 129 -30.66 -10.58 -62.69
N VAL F 130 -30.88 -11.88 -62.58
CA VAL F 130 -30.14 -12.74 -61.68
C VAL F 130 -29.45 -13.81 -62.51
N ALA F 131 -28.14 -13.93 -62.37
CA ALA F 131 -27.35 -14.87 -63.15
C ALA F 131 -26.64 -15.85 -62.23
N ILE F 132 -26.22 -16.96 -62.81
CA ILE F 132 -25.54 -18.02 -62.08
C ILE F 132 -24.05 -17.73 -62.08
N GLN F 133 -23.46 -17.69 -60.88
CA GLN F 133 -22.07 -17.27 -60.74
C GLN F 133 -21.13 -18.05 -61.65
N ALA F 134 -21.42 -19.32 -61.86
CA ALA F 134 -20.51 -20.16 -62.64
C ALA F 134 -20.55 -19.79 -64.11
N VAL F 135 -21.73 -19.50 -64.65
CA VAL F 135 -21.82 -19.09 -66.05
C VAL F 135 -21.00 -17.84 -66.29
N LEU F 136 -21.13 -16.85 -65.42
CA LEU F 136 -20.33 -15.64 -65.54
C LEU F 136 -18.85 -15.95 -65.46
N SER F 137 -18.45 -16.77 -64.48
CA SER F 137 -17.04 -17.10 -64.36
C SER F 137 -16.52 -17.80 -65.60
N LEU F 138 -17.40 -18.47 -66.34
CA LEU F 138 -16.97 -19.05 -67.62
C LEU F 138 -16.86 -17.98 -68.68
N TYR F 139 -17.81 -17.05 -68.72
CA TYR F 139 -17.73 -15.92 -69.63
C TYR F 139 -16.38 -15.23 -69.51
N ALA F 140 -15.96 -14.94 -68.27
CA ALA F 140 -14.73 -14.19 -68.07
C ALA F 140 -13.51 -14.93 -68.59
N SER F 141 -13.55 -16.25 -68.59
CA SER F 141 -12.41 -17.05 -69.03
C SER F 141 -12.32 -17.18 -70.53
N GLY F 142 -13.19 -16.52 -71.27
CA GLY F 142 -13.14 -16.61 -72.71
C GLY F 142 -13.36 -18.00 -73.25
N ARG F 143 -14.07 -18.84 -72.52
CA ARG F 143 -14.38 -20.19 -72.95
C ARG F 143 -15.84 -20.29 -73.38
N THR F 144 -16.19 -21.45 -73.90
CA THR F 144 -17.59 -21.79 -74.10
C THR F 144 -17.89 -23.23 -73.72
N THR F 145 -16.89 -24.00 -73.30
CA THR F 145 -17.07 -25.34 -72.79
C THR F 145 -16.14 -25.53 -71.61
N GLY F 146 -16.56 -26.38 -70.67
CA GLY F 146 -15.69 -26.72 -69.58
C GLY F 146 -16.36 -26.64 -68.23
N ILE F 147 -16.09 -27.59 -67.36
CA ILE F 147 -16.59 -27.50 -65.99
C ILE F 147 -15.93 -26.32 -65.31
N VAL F 148 -16.72 -25.55 -64.59
CA VAL F 148 -16.22 -24.44 -63.80
C VAL F 148 -16.39 -24.78 -62.34
N LEU F 149 -15.31 -24.67 -61.58
CA LEU F 149 -15.29 -25.00 -60.17
C LEU F 149 -15.20 -23.67 -59.43
N ASP F 150 -16.35 -23.06 -59.18
CA ASP F 150 -16.38 -21.85 -58.37
C ASP F 150 -16.45 -22.28 -56.92
N SER F 151 -15.58 -21.69 -56.10
CA SER F 151 -15.55 -21.97 -54.67
C SER F 151 -15.35 -20.64 -53.97
N GLY F 152 -16.45 -20.00 -53.61
CA GLY F 152 -16.38 -18.71 -52.98
C GLY F 152 -16.05 -18.81 -51.51
N ASP F 153 -16.71 -18.01 -50.70
CA ASP F 153 -16.51 -18.06 -49.26
C ASP F 153 -17.56 -18.89 -48.54
N GLY F 154 -18.75 -19.06 -49.14
CA GLY F 154 -19.81 -19.79 -48.48
C GLY F 154 -20.15 -21.11 -49.11
N VAL F 155 -20.06 -21.23 -50.43
CA VAL F 155 -20.53 -22.41 -51.14
C VAL F 155 -19.52 -22.76 -52.23
N THR F 156 -19.61 -24.00 -52.70
CA THR F 156 -18.74 -24.51 -53.73
C THR F 156 -19.57 -25.34 -54.69
N HIS F 157 -19.51 -25.01 -55.98
CA HIS F 157 -20.34 -25.73 -56.94
C HIS F 157 -19.57 -25.95 -58.22
N ASN F 158 -19.90 -27.05 -58.90
CA ASN F 158 -19.40 -27.36 -60.22
C ASN F 158 -20.54 -27.24 -61.22
N VAL F 159 -20.27 -26.60 -62.35
CA VAL F 159 -21.27 -26.51 -63.40
C VAL F 159 -20.62 -26.91 -64.72
N PRO F 160 -20.99 -28.04 -65.30
CA PRO F 160 -20.42 -28.42 -66.60
C PRO F 160 -21.20 -27.74 -67.72
N ILE F 161 -20.49 -27.05 -68.59
CA ILE F 161 -21.09 -26.35 -69.71
C ILE F 161 -20.40 -26.79 -70.98
N TYR F 162 -21.17 -26.96 -72.05
CA TYR F 162 -20.65 -27.40 -73.33
C TYR F 162 -21.38 -26.66 -74.43
N GLU F 163 -20.61 -26.00 -75.31
CA GLU F 163 -21.16 -25.22 -76.41
C GLU F 163 -22.15 -24.18 -75.95
N GLY F 164 -22.00 -23.70 -74.72
CA GLY F 164 -22.95 -22.77 -74.17
C GLY F 164 -24.21 -23.39 -73.63
N TYR F 165 -24.26 -24.71 -73.53
CA TYR F 165 -25.37 -25.42 -72.93
C TYR F 165 -24.97 -25.92 -71.55
N ALA F 166 -25.86 -25.78 -70.60
CA ALA F 166 -25.64 -26.25 -69.25
C ALA F 166 -26.32 -27.58 -69.04
N LEU F 167 -25.69 -28.46 -68.31
CA LEU F 167 -26.29 -29.74 -68.00
C LEU F 167 -26.75 -29.72 -66.56
N PRO F 168 -27.97 -29.26 -66.29
CA PRO F 168 -28.39 -29.04 -64.90
C PRO F 168 -28.40 -30.29 -64.06
N HIS F 169 -28.65 -31.45 -64.67
CA HIS F 169 -28.71 -32.68 -63.91
C HIS F 169 -27.37 -33.09 -63.35
N ALA F 170 -26.28 -32.43 -63.74
CA ALA F 170 -24.96 -32.74 -63.22
C ALA F 170 -24.37 -31.62 -62.40
N ILE F 171 -25.12 -30.55 -62.14
CA ILE F 171 -24.64 -29.48 -61.29
C ILE F 171 -24.52 -30.02 -59.87
N MET F 172 -23.32 -29.95 -59.31
CA MET F 172 -23.05 -30.49 -57.99
C MET F 172 -22.65 -29.36 -57.06
N ARG F 173 -23.51 -29.05 -56.09
CA ARG F 173 -23.25 -28.02 -55.11
C ARG F 173 -22.81 -28.67 -53.81
N LEU F 174 -21.83 -28.04 -53.14
CA LEU F 174 -21.32 -28.55 -51.90
C LEU F 174 -21.11 -27.36 -50.97
N ASP F 175 -21.48 -27.53 -49.70
CA ASP F 175 -21.54 -26.41 -48.76
C ASP F 175 -20.27 -26.27 -47.94
N LEU F 176 -19.13 -26.57 -48.52
CA LEU F 176 -17.84 -26.42 -47.87
C LEU F 176 -17.04 -25.36 -48.62
N ALA F 177 -16.64 -24.30 -47.92
CA ALA F 177 -15.98 -23.19 -48.57
C ALA F 177 -15.13 -22.45 -47.54
N GLY F 178 -14.74 -21.23 -47.88
CA GLY F 178 -13.73 -20.52 -47.11
C GLY F 178 -14.09 -20.34 -45.65
N ARG F 179 -15.37 -20.12 -45.36
CA ARG F 179 -15.76 -19.91 -43.96
C ARG F 179 -15.49 -21.15 -43.12
N ASP F 180 -15.75 -22.33 -43.67
CA ASP F 180 -15.50 -23.55 -42.93
C ASP F 180 -14.02 -23.79 -42.76
N LEU F 181 -13.22 -23.46 -43.77
CA LEU F 181 -11.78 -23.55 -43.61
C LEU F 181 -11.29 -22.62 -42.51
N THR F 182 -11.85 -21.41 -42.45
CA THR F 182 -11.49 -20.49 -41.38
C THR F 182 -11.82 -21.08 -40.02
N ASP F 183 -13.01 -21.66 -39.89
CA ASP F 183 -13.39 -22.24 -38.61
C ASP F 183 -12.50 -23.41 -38.23
N TYR F 184 -12.19 -24.28 -39.19
CA TYR F 184 -11.33 -25.40 -38.89
C TYR F 184 -9.95 -24.94 -38.48
N LEU F 185 -9.46 -23.88 -39.11
CA LEU F 185 -8.16 -23.34 -38.70
C LEU F 185 -8.24 -22.76 -37.30
N MET F 186 -9.31 -22.05 -36.98
CA MET F 186 -9.52 -21.58 -35.61
C MET F 186 -9.45 -22.73 -34.64
N LYS F 187 -10.05 -23.86 -35.00
CA LYS F 187 -10.05 -25.01 -34.10
C LYS F 187 -8.65 -25.56 -33.92
N ILE F 188 -7.99 -25.93 -35.01
CA ILE F 188 -6.69 -26.57 -34.89
C ILE F 188 -5.59 -25.63 -34.45
N LEU F 189 -5.84 -24.32 -34.43
CA LEU F 189 -4.84 -23.43 -33.88
C LEU F 189 -4.81 -23.47 -32.37
N THR F 190 -5.82 -24.07 -31.73
CA THR F 190 -5.79 -24.20 -30.29
C THR F 190 -4.65 -25.10 -29.84
N GLU F 191 -4.42 -26.20 -30.55
CA GLU F 191 -3.47 -27.20 -30.11
C GLU F 191 -2.05 -26.66 -30.08
N ARG F 192 -1.86 -25.43 -30.52
CA ARG F 192 -0.61 -24.73 -30.29
C ARG F 192 -0.68 -23.78 -29.11
N GLY F 193 -1.88 -23.48 -28.61
CA GLY F 193 -2.04 -22.56 -27.51
C GLY F 193 -2.73 -21.26 -27.89
N TYR F 194 -2.93 -21.02 -29.17
CA TYR F 194 -3.57 -19.80 -29.63
C TYR F 194 -5.08 -20.00 -29.63
N SER F 195 -5.80 -19.04 -29.07
CA SER F 195 -7.24 -19.15 -28.93
C SER F 195 -7.88 -17.90 -29.48
N PHE F 196 -8.64 -18.05 -30.56
CA PHE F 196 -9.43 -16.99 -31.14
C PHE F 196 -10.88 -17.43 -31.11
N VAL F 197 -11.73 -16.65 -30.44
CA VAL F 197 -13.13 -17.04 -30.30
C VAL F 197 -14.06 -15.92 -30.76
N THR F 198 -13.58 -14.69 -30.69
CA THR F 198 -14.42 -13.54 -31.00
C THR F 198 -14.69 -13.46 -32.50
N THR F 199 -15.89 -12.97 -32.85
CA THR F 199 -16.18 -12.73 -34.25
C THR F 199 -15.21 -11.74 -34.87
N ALA F 200 -14.65 -10.86 -34.06
CA ALA F 200 -13.63 -9.95 -34.55
C ALA F 200 -12.39 -10.72 -34.99
N GLU F 201 -11.88 -11.60 -34.14
CA GLU F 201 -10.63 -12.29 -34.40
C GLU F 201 -10.80 -13.49 -35.32
N ARG F 202 -12.03 -13.87 -35.65
CA ARG F 202 -12.20 -14.72 -36.81
C ARG F 202 -11.62 -14.06 -38.06
N GLU F 203 -11.69 -12.73 -38.13
CA GLU F 203 -11.09 -12.03 -39.26
C GLU F 203 -9.56 -12.13 -39.22
N ILE F 204 -8.98 -12.05 -38.03
CA ILE F 204 -7.54 -12.27 -37.90
C ILE F 204 -7.18 -13.65 -38.42
N VAL F 205 -7.96 -14.65 -38.04
CA VAL F 205 -7.69 -16.00 -38.52
C VAL F 205 -7.83 -16.07 -40.03
N ARG F 206 -8.81 -15.36 -40.58
CA ARG F 206 -8.97 -15.35 -42.03
C ARG F 206 -7.74 -14.77 -42.71
N ASP F 207 -7.19 -13.70 -42.13
CA ASP F 207 -5.97 -13.13 -42.70
C ASP F 207 -4.81 -14.11 -42.63
N ILE F 208 -4.67 -14.79 -41.50
CA ILE F 208 -3.63 -15.80 -41.38
C ILE F 208 -3.79 -16.86 -42.46
N LYS F 209 -5.03 -17.29 -42.70
CA LYS F 209 -5.28 -18.29 -43.72
C LYS F 209 -4.92 -17.77 -45.10
N GLU F 210 -5.31 -16.54 -45.40
CA GLU F 210 -5.04 -15.98 -46.72
C GLU F 210 -3.54 -15.80 -46.95
N LYS F 211 -2.78 -15.59 -45.89
CA LYS F 211 -1.36 -15.34 -46.09
C LYS F 211 -0.53 -16.61 -46.09
N LEU F 212 -0.64 -17.42 -45.04
CA LEU F 212 0.32 -18.50 -44.82
C LEU F 212 -0.08 -19.83 -45.41
N CYS F 213 -1.37 -20.16 -45.40
CA CYS F 213 -1.78 -21.51 -45.78
C CYS F 213 -1.45 -21.78 -47.25
N TYR F 214 -1.41 -23.07 -47.59
CA TYR F 214 -1.15 -23.52 -48.95
C TYR F 214 -1.52 -24.99 -49.04
N VAL F 215 -1.65 -25.47 -50.25
CA VAL F 215 -2.03 -26.86 -50.47
C VAL F 215 -0.77 -27.69 -50.68
N ALA F 216 -0.74 -28.86 -50.07
CA ALA F 216 0.40 -29.76 -50.20
C ALA F 216 0.18 -30.71 -51.36
N LEU F 217 1.21 -30.90 -52.18
CA LEU F 217 1.09 -31.81 -53.31
C LEU F 217 0.86 -33.23 -52.83
N ASP F 218 1.54 -33.62 -51.76
CA ASP F 218 1.37 -34.96 -51.18
C ASP F 218 1.26 -34.79 -49.67
N PHE F 219 0.08 -35.10 -49.13
CA PHE F 219 -0.20 -34.79 -47.74
C PHE F 219 0.71 -35.56 -46.80
N GLU F 220 0.90 -36.86 -47.04
CA GLU F 220 1.68 -37.67 -46.13
C GLU F 220 3.14 -37.23 -46.12
N ASN F 221 3.72 -36.98 -47.29
CA ASN F 221 5.09 -36.54 -47.35
C ASN F 221 5.28 -35.22 -46.63
N GLU F 222 4.35 -34.28 -46.83
CA GLU F 222 4.48 -33.00 -46.16
C GLU F 222 4.32 -33.14 -44.66
N MET F 223 3.44 -34.04 -44.22
CA MET F 223 3.29 -34.27 -42.79
C MET F 223 4.58 -34.80 -42.19
N ALA F 224 5.14 -35.84 -42.82
CA ALA F 224 6.39 -36.41 -42.32
C ALA F 224 7.52 -35.40 -42.35
N THR F 225 7.52 -34.53 -43.37
CA THR F 225 8.57 -33.53 -43.49
C THR F 225 8.47 -32.49 -42.38
N ALA F 226 7.27 -31.94 -42.18
CA ALA F 226 7.07 -31.02 -41.07
C ALA F 226 7.42 -31.67 -39.74
N ALA F 227 7.19 -32.98 -39.61
CA ALA F 227 7.62 -33.68 -38.41
C ALA F 227 9.13 -33.62 -38.28
N SER F 228 9.85 -34.06 -39.31
CA SER F 228 11.31 -34.12 -39.24
C SER F 228 11.93 -32.74 -39.08
N SER F 229 11.81 -31.90 -40.10
CA SER F 229 12.49 -30.62 -40.12
C SER F 229 11.62 -29.54 -39.46
N SER F 230 12.03 -28.28 -39.62
CA SER F 230 11.21 -27.14 -39.24
C SER F 230 11.22 -26.08 -40.32
N SER F 231 11.56 -26.45 -41.55
CA SER F 231 11.62 -25.53 -42.67
C SER F 231 10.25 -25.05 -43.12
N LEU F 232 9.17 -25.49 -42.47
CA LEU F 232 7.84 -25.06 -42.84
C LEU F 232 7.24 -24.05 -41.88
N GLU F 233 7.82 -23.90 -40.71
CA GLU F 233 7.30 -22.94 -39.74
C GLU F 233 7.45 -21.53 -40.27
N LYS F 234 6.38 -20.76 -40.17
CA LYS F 234 6.40 -19.35 -40.51
C LYS F 234 5.72 -18.57 -39.40
N SER F 235 6.21 -17.38 -39.15
CA SER F 235 5.67 -16.54 -38.09
C SER F 235 4.64 -15.58 -38.64
N TYR F 236 4.00 -14.85 -37.74
CA TYR F 236 2.98 -13.90 -38.09
C TYR F 236 2.69 -13.04 -36.87
N GLU F 237 2.60 -11.74 -37.09
CA GLU F 237 2.44 -10.78 -36.00
C GLU F 237 0.98 -10.37 -35.90
N LEU F 238 0.40 -10.54 -34.72
CA LEU F 238 -0.98 -10.19 -34.48
C LEU F 238 -1.12 -8.68 -34.39
N PRO F 239 -2.34 -8.16 -34.39
CA PRO F 239 -2.52 -6.70 -34.35
C PRO F 239 -2.02 -6.03 -33.07
N ASP F 240 -1.42 -6.80 -32.16
CA ASP F 240 -0.82 -6.20 -30.98
C ASP F 240 0.54 -6.79 -30.67
N GLY F 241 1.31 -7.10 -31.70
CA GLY F 241 2.57 -7.79 -31.48
C GLY F 241 2.31 -9.26 -31.21
N GLN F 242 3.00 -9.82 -30.22
CA GLN F 242 2.92 -11.22 -29.85
C GLN F 242 2.85 -12.11 -31.08
N VAL F 243 3.94 -12.08 -31.85
CA VAL F 243 4.07 -12.91 -33.02
C VAL F 243 3.80 -14.37 -32.67
N ILE F 244 3.12 -15.06 -33.58
CA ILE F 244 2.83 -16.48 -33.43
C ILE F 244 3.55 -17.23 -34.54
N THR F 245 3.66 -18.55 -34.39
CA THR F 245 4.27 -19.39 -35.41
C THR F 245 3.34 -20.58 -35.66
N ILE F 246 3.13 -20.90 -36.92
CA ILE F 246 2.34 -22.07 -37.29
C ILE F 246 3.17 -22.94 -38.22
N GLY F 247 3.07 -24.24 -38.04
CA GLY F 247 3.80 -25.18 -38.86
C GLY F 247 2.90 -26.06 -39.70
N ASN F 248 2.66 -27.28 -39.20
CA ASN F 248 1.82 -28.25 -39.88
C ASN F 248 0.49 -27.65 -40.34
N GLU F 249 -0.03 -26.68 -39.59
CA GLU F 249 -1.35 -26.13 -39.89
C GLU F 249 -1.41 -25.54 -41.28
N ARG F 250 -0.31 -24.98 -41.76
CA ARG F 250 -0.31 -24.26 -43.04
C ARG F 250 -0.91 -25.08 -44.15
N PHE F 251 -0.61 -26.37 -44.20
CA PHE F 251 -1.22 -27.24 -45.18
C PHE F 251 -2.25 -28.18 -44.60
N ARG F 252 -2.32 -28.30 -43.27
CA ARG F 252 -3.43 -29.05 -42.68
C ARG F 252 -4.76 -28.38 -43.00
N CYS F 253 -4.82 -27.05 -42.90
CA CYS F 253 -6.10 -26.36 -43.04
C CYS F 253 -6.72 -26.55 -44.42
N PRO F 254 -6.11 -26.10 -45.53
CA PRO F 254 -6.79 -26.22 -46.82
C PRO F 254 -6.87 -27.64 -47.33
N GLU F 255 -6.21 -28.58 -46.66
CA GLU F 255 -6.36 -29.98 -47.05
C GLU F 255 -7.80 -30.45 -46.89
N THR F 256 -8.56 -29.78 -46.03
CA THR F 256 -9.95 -30.13 -45.81
C THR F 256 -10.71 -30.27 -47.13
N LEU F 257 -10.47 -29.35 -48.06
CA LEU F 257 -11.19 -29.38 -49.33
C LEU F 257 -11.08 -30.72 -50.03
N PHE F 258 -10.04 -31.48 -49.74
CA PHE F 258 -9.88 -32.79 -50.34
C PHE F 258 -10.25 -33.92 -49.40
N GLN F 259 -10.39 -33.65 -48.11
CA GLN F 259 -10.79 -34.65 -47.13
C GLN F 259 -11.78 -34.00 -46.17
N PRO F 260 -13.03 -33.82 -46.60
CA PRO F 260 -14.01 -33.14 -45.75
C PRO F 260 -14.23 -33.83 -44.41
N SER F 261 -13.77 -35.07 -44.26
CA SER F 261 -13.89 -35.75 -42.98
C SER F 261 -13.22 -34.99 -41.85
N PHE F 262 -12.25 -34.14 -42.16
CA PHE F 262 -11.57 -33.38 -41.12
C PHE F 262 -12.57 -32.54 -40.32
N ILE F 263 -13.57 -31.99 -40.99
CA ILE F 263 -14.60 -31.22 -40.31
C ILE F 263 -15.87 -32.04 -40.11
N GLY F 264 -15.78 -33.36 -40.22
CA GLY F 264 -16.90 -34.21 -39.95
C GLY F 264 -17.95 -34.26 -41.03
N MET F 265 -17.64 -33.85 -42.24
CA MET F 265 -18.57 -33.98 -43.35
C MET F 265 -18.37 -35.31 -44.04
N GLU F 266 -19.42 -35.79 -44.70
CA GLU F 266 -19.40 -37.10 -45.32
C GLU F 266 -19.16 -37.05 -46.82
N SER F 267 -19.42 -35.91 -47.46
CA SER F 267 -19.31 -35.82 -48.90
C SER F 267 -17.86 -36.05 -49.35
N ALA F 268 -17.70 -36.24 -50.65
CA ALA F 268 -16.38 -36.49 -51.22
C ALA F 268 -15.63 -35.18 -51.37
N GLY F 269 -14.33 -35.30 -51.63
CA GLY F 269 -13.48 -34.14 -51.78
C GLY F 269 -13.80 -33.37 -53.05
N ILE F 270 -13.04 -32.28 -53.24
CA ILE F 270 -13.24 -31.44 -54.41
C ILE F 270 -12.95 -32.21 -55.68
N HIS F 271 -11.76 -32.81 -55.76
CA HIS F 271 -11.38 -33.57 -56.95
C HIS F 271 -12.41 -34.64 -57.27
N GLU F 272 -12.93 -35.31 -56.24
CA GLU F 272 -13.83 -36.41 -56.50
C GLU F 272 -15.20 -35.92 -56.95
N THR F 273 -15.69 -34.83 -56.36
CA THR F 273 -16.96 -34.28 -56.84
C THR F 273 -16.83 -33.78 -58.27
N THR F 274 -15.69 -33.18 -58.59
CA THR F 274 -15.44 -32.79 -59.98
C THR F 274 -15.49 -33.98 -60.91
N TYR F 275 -14.76 -35.05 -60.56
CA TYR F 275 -14.75 -36.23 -61.43
C TYR F 275 -16.15 -36.80 -61.58
N ASN F 276 -16.92 -36.84 -60.50
CA ASN F 276 -18.29 -37.35 -60.59
C ASN F 276 -19.14 -36.49 -61.50
N SER F 277 -19.05 -35.17 -61.33
CA SER F 277 -19.78 -34.27 -62.22
C SER F 277 -19.43 -34.53 -63.67
N ILE F 278 -18.15 -34.77 -63.95
CA ILE F 278 -17.75 -35.17 -65.29
C ILE F 278 -18.51 -36.42 -65.71
N MET F 279 -18.40 -37.47 -64.90
CA MET F 279 -18.97 -38.76 -65.28
C MET F 279 -20.47 -38.71 -65.47
N LYS F 280 -21.16 -37.73 -64.87
CA LYS F 280 -22.59 -37.65 -65.08
C LYS F 280 -22.94 -37.08 -66.45
N CYS F 281 -21.98 -36.47 -67.14
CA CYS F 281 -22.26 -35.91 -68.45
C CYS F 281 -22.12 -36.98 -69.53
N ASP F 282 -22.61 -36.66 -70.72
CA ASP F 282 -22.56 -37.61 -71.82
C ASP F 282 -21.12 -37.91 -72.22
N ILE F 283 -20.89 -39.15 -72.63
CA ILE F 283 -19.53 -39.63 -72.86
C ILE F 283 -18.85 -38.84 -73.97
N ASP F 284 -19.62 -38.26 -74.87
CA ASP F 284 -19.02 -37.61 -76.03
C ASP F 284 -18.33 -36.30 -75.68
N ILE F 285 -18.66 -35.71 -74.54
CA ILE F 285 -18.14 -34.39 -74.19
C ILE F 285 -17.17 -34.44 -73.03
N ARG F 286 -16.79 -35.64 -72.58
CA ARG F 286 -15.98 -35.73 -71.39
C ARG F 286 -14.54 -35.28 -71.64
N LYS F 287 -14.03 -35.44 -72.85
CA LYS F 287 -12.64 -35.06 -73.10
C LYS F 287 -12.46 -33.56 -73.03
N ASP F 288 -13.38 -32.79 -73.62
CA ASP F 288 -13.29 -31.34 -73.56
C ASP F 288 -13.38 -30.86 -72.12
N LEU F 289 -14.30 -31.42 -71.35
CA LEU F 289 -14.41 -31.07 -69.94
C LEU F 289 -13.12 -31.39 -69.21
N TYR F 290 -12.54 -32.55 -69.47
CA TYR F 290 -11.24 -32.88 -68.88
C TYR F 290 -10.21 -31.81 -69.22
N ALA F 291 -10.27 -31.29 -70.43
CA ALA F 291 -9.29 -30.31 -70.86
C ALA F 291 -9.57 -28.90 -70.36
N ASN F 292 -10.77 -28.61 -69.86
CA ASN F 292 -11.15 -27.23 -69.58
C ASN F 292 -11.71 -27.07 -68.17
N ASN F 293 -11.01 -27.59 -67.17
CA ASN F 293 -11.37 -27.28 -65.80
C ASN F 293 -11.06 -25.82 -65.50
N VAL F 294 -12.08 -25.05 -65.13
CA VAL F 294 -11.90 -23.65 -64.77
C VAL F 294 -12.04 -23.52 -63.25
N MET F 295 -11.34 -22.55 -62.69
CA MET F 295 -11.38 -22.30 -61.26
C MET F 295 -11.59 -20.82 -61.00
N SER F 296 -12.52 -20.50 -60.12
CA SER F 296 -12.78 -19.12 -59.74
C SER F 296 -12.90 -19.06 -58.23
N GLY F 297 -13.30 -17.91 -57.71
CA GLY F 297 -13.53 -17.78 -56.29
C GLY F 297 -12.26 -17.68 -55.48
N GLY F 298 -12.31 -16.93 -54.38
CA GLY F 298 -11.12 -16.70 -53.60
C GLY F 298 -10.56 -17.94 -52.96
N THR F 299 -11.40 -18.94 -52.71
CA THR F 299 -10.91 -20.14 -52.05
C THR F 299 -10.02 -20.96 -52.96
N THR F 300 -10.16 -20.83 -54.27
CA THR F 300 -9.26 -21.51 -55.18
C THR F 300 -7.95 -20.79 -55.37
N MET F 301 -7.60 -19.86 -54.47
CA MET F 301 -6.39 -19.08 -54.58
C MET F 301 -5.30 -19.56 -53.63
N TYR F 302 -5.29 -20.83 -53.29
CA TYR F 302 -4.19 -21.26 -52.45
C TYR F 302 -2.98 -21.60 -53.30
N PRO F 303 -1.78 -21.29 -52.84
CA PRO F 303 -0.57 -21.73 -53.54
C PRO F 303 -0.52 -23.25 -53.61
N GLY F 304 -0.52 -23.76 -54.83
CA GLY F 304 -0.38 -25.18 -55.05
C GLY F 304 -1.68 -25.91 -55.29
N ILE F 305 -2.82 -25.22 -55.23
CA ILE F 305 -4.09 -25.93 -55.32
C ILE F 305 -4.29 -26.51 -56.71
N ALA F 306 -3.83 -25.81 -57.75
CA ALA F 306 -4.03 -26.30 -59.10
C ALA F 306 -3.22 -27.56 -59.35
N ASP F 307 -2.01 -27.63 -58.80
CA ASP F 307 -1.17 -28.80 -59.04
C ASP F 307 -1.72 -30.03 -58.36
N ARG F 308 -2.09 -29.90 -57.08
CA ARG F 308 -2.70 -31.03 -56.39
C ARG F 308 -4.01 -31.43 -57.06
N MET F 309 -4.81 -30.44 -57.46
CA MET F 309 -6.06 -30.73 -58.15
C MET F 309 -5.80 -31.55 -59.40
N GLN F 310 -4.81 -31.13 -60.20
CA GLN F 310 -4.50 -31.86 -61.42
C GLN F 310 -4.03 -33.27 -61.11
N LYS F 311 -3.16 -33.44 -60.11
CA LYS F 311 -2.68 -34.77 -59.77
C LYS F 311 -3.85 -35.68 -59.41
N GLU F 312 -4.72 -35.23 -58.52
CA GLU F 312 -5.83 -36.07 -58.08
C GLU F 312 -6.74 -36.44 -59.24
N ILE F 313 -7.23 -35.43 -59.97
CA ILE F 313 -8.17 -35.74 -61.03
C ILE F 313 -7.51 -36.53 -62.15
N THR F 314 -6.19 -36.43 -62.30
CA THR F 314 -5.48 -37.30 -63.22
C THR F 314 -5.51 -38.73 -62.72
N ALA F 315 -5.31 -38.92 -61.43
CA ALA F 315 -5.37 -40.26 -60.86
C ALA F 315 -6.75 -40.87 -61.06
N LEU F 316 -7.80 -40.05 -60.99
CA LEU F 316 -9.14 -40.60 -61.15
C LEU F 316 -9.47 -40.88 -62.61
N ALA F 317 -9.01 -40.03 -63.51
CA ALA F 317 -9.38 -40.13 -64.92
C ALA F 317 -8.56 -41.21 -65.61
N PRO F 318 -8.97 -41.63 -66.82
CA PRO F 318 -8.13 -42.53 -67.60
C PRO F 318 -6.79 -41.90 -67.94
N SER F 319 -5.88 -42.72 -68.42
CA SER F 319 -4.52 -42.27 -68.70
C SER F 319 -4.33 -41.80 -70.13
N THR F 320 -5.41 -41.70 -70.91
CA THR F 320 -5.31 -41.23 -72.27
C THR F 320 -5.99 -39.89 -72.51
N MET F 321 -6.83 -39.45 -71.58
CA MET F 321 -7.38 -38.11 -71.65
C MET F 321 -6.39 -37.12 -71.04
N LYS F 322 -6.40 -35.90 -71.55
CA LYS F 322 -5.48 -34.87 -71.10
C LYS F 322 -6.16 -33.96 -70.09
N ILE F 323 -5.55 -33.79 -68.94
CA ILE F 323 -6.11 -33.02 -67.85
C ILE F 323 -5.44 -31.65 -67.81
N LYS F 324 -6.24 -30.60 -67.83
CA LYS F 324 -5.74 -29.24 -67.72
C LYS F 324 -6.61 -28.48 -66.74
N ILE F 325 -6.05 -27.42 -66.17
CA ILE F 325 -6.72 -26.64 -65.14
C ILE F 325 -6.48 -25.17 -65.42
N ILE F 326 -7.53 -24.44 -65.75
CA ILE F 326 -7.43 -23.04 -66.12
C ILE F 326 -7.55 -22.22 -64.84
N ALA F 327 -6.42 -21.76 -64.31
CA ALA F 327 -6.37 -20.96 -63.10
C ALA F 327 -5.74 -19.62 -63.43
N PRO F 328 -6.54 -18.66 -63.90
CA PRO F 328 -6.00 -17.32 -64.16
C PRO F 328 -5.50 -16.68 -62.88
N PRO F 329 -4.63 -15.68 -62.99
CA PRO F 329 -4.07 -15.05 -61.78
C PRO F 329 -5.01 -14.07 -61.11
N GLU F 330 -6.14 -13.73 -61.72
CA GLU F 330 -7.11 -12.83 -61.12
C GLU F 330 -8.44 -13.53 -60.86
N ARG F 331 -8.42 -14.86 -60.78
CA ARG F 331 -9.64 -15.65 -60.78
C ARG F 331 -10.59 -15.25 -59.67
N LYS F 332 -10.11 -14.55 -58.65
CA LYS F 332 -10.99 -14.13 -57.57
C LYS F 332 -12.12 -13.23 -58.06
N TYR F 333 -11.96 -12.55 -59.18
CA TYR F 333 -12.97 -11.64 -59.67
C TYR F 333 -13.62 -12.12 -60.96
N SER F 334 -13.39 -13.37 -61.35
CA SER F 334 -13.90 -13.85 -62.62
C SER F 334 -15.41 -13.73 -62.70
N VAL F 335 -16.10 -13.89 -61.57
CA VAL F 335 -17.55 -13.76 -61.61
C VAL F 335 -17.95 -12.34 -61.97
N TRP F 336 -17.34 -11.36 -61.31
CA TRP F 336 -17.68 -9.98 -61.63
C TRP F 336 -17.26 -9.61 -63.03
N ILE F 337 -16.09 -10.10 -63.48
CA ILE F 337 -15.64 -9.80 -64.83
C ILE F 337 -16.62 -10.34 -65.85
N GLY F 338 -17.00 -11.60 -65.70
CA GLY F 338 -17.99 -12.17 -66.60
C GLY F 338 -19.31 -11.44 -66.55
N GLY F 339 -19.69 -10.96 -65.36
CA GLY F 339 -20.91 -10.20 -65.24
C GLY F 339 -20.85 -8.91 -66.02
N SER F 340 -19.74 -8.20 -65.92
CA SER F 340 -19.57 -6.97 -66.70
C SER F 340 -19.61 -7.27 -68.19
N ILE F 341 -18.92 -8.32 -68.61
CA ILE F 341 -18.93 -8.69 -70.03
C ILE F 341 -20.36 -8.93 -70.50
N LEU F 342 -21.09 -9.76 -69.77
CA LEU F 342 -22.45 -10.10 -70.20
C LEU F 342 -23.36 -8.87 -70.18
N ALA F 343 -23.25 -8.05 -69.16
CA ALA F 343 -24.11 -6.87 -69.08
C ALA F 343 -23.78 -5.88 -70.20
N SER F 344 -22.54 -5.87 -70.67
CA SER F 344 -22.18 -4.94 -71.73
C SER F 344 -22.79 -5.34 -73.07
N LEU F 345 -23.21 -6.58 -73.23
CA LEU F 345 -23.74 -7.03 -74.50
C LEU F 345 -25.03 -6.31 -74.85
N SER F 346 -25.43 -6.42 -76.11
CA SER F 346 -26.70 -5.90 -76.58
C SER F 346 -27.69 -7.00 -76.90
N THR F 347 -27.20 -8.15 -77.35
CA THR F 347 -28.05 -9.34 -77.40
C THR F 347 -28.61 -9.65 -76.03
N PHE F 348 -28.04 -9.08 -74.98
CA PHE F 348 -28.54 -9.24 -73.62
C PHE F 348 -29.51 -8.15 -73.23
N GLN F 349 -29.55 -7.03 -73.95
CA GLN F 349 -30.34 -5.89 -73.52
C GLN F 349 -31.84 -6.13 -73.58
N GLN F 350 -32.28 -7.33 -73.93
CA GLN F 350 -33.70 -7.67 -73.94
C GLN F 350 -34.00 -8.81 -72.99
N MET F 351 -33.04 -9.23 -72.18
CA MET F 351 -33.25 -10.24 -71.16
C MET F 351 -33.55 -9.65 -69.79
N TRP F 352 -33.35 -8.34 -69.62
CA TRP F 352 -33.65 -7.70 -68.35
C TRP F 352 -35.12 -7.91 -67.98
N ILE F 353 -35.41 -7.70 -66.70
CA ILE F 353 -36.78 -7.72 -66.20
C ILE F 353 -37.19 -6.27 -65.98
N THR F 354 -37.99 -5.74 -66.89
CA THR F 354 -38.42 -4.35 -66.79
C THR F 354 -39.38 -4.19 -65.62
N LYS F 355 -39.23 -3.08 -64.90
CA LYS F 355 -40.06 -2.85 -63.72
C LYS F 355 -41.54 -2.92 -64.07
N GLN F 356 -41.92 -2.38 -65.22
CA GLN F 356 -43.30 -2.54 -65.69
C GLN F 356 -43.70 -4.00 -65.73
N GLU F 357 -42.83 -4.86 -66.28
CA GLU F 357 -43.15 -6.28 -66.39
C GLU F 357 -43.37 -6.90 -65.02
N TYR F 358 -42.52 -6.56 -64.07
CA TYR F 358 -42.65 -7.11 -62.72
C TYR F 358 -43.94 -6.64 -62.06
N ASP F 359 -44.22 -5.34 -62.16
CA ASP F 359 -45.50 -4.82 -61.67
C ASP F 359 -46.66 -5.56 -62.31
N GLU F 360 -46.50 -5.98 -63.55
CA GLU F 360 -47.55 -6.70 -64.24
C GLU F 360 -47.69 -8.15 -63.78
N ALA F 361 -46.58 -8.80 -63.40
CA ALA F 361 -46.60 -10.23 -63.16
C ALA F 361 -46.09 -10.66 -61.78
N GLY F 362 -45.67 -9.73 -60.93
CA GLY F 362 -45.27 -10.09 -59.59
C GLY F 362 -43.93 -10.79 -59.53
N PRO F 363 -43.38 -10.92 -58.33
CA PRO F 363 -42.03 -11.50 -58.19
C PRO F 363 -41.90 -12.91 -58.70
N SER F 364 -42.99 -13.59 -59.02
CA SER F 364 -42.89 -14.90 -59.65
C SER F 364 -42.26 -14.82 -61.03
N ILE F 365 -42.09 -13.62 -61.58
CA ILE F 365 -41.50 -13.45 -62.90
C ILE F 365 -40.06 -13.95 -62.94
N VAL F 366 -39.40 -14.01 -61.79
CA VAL F 366 -37.98 -14.37 -61.75
C VAL F 366 -37.79 -15.78 -62.29
N HIS F 367 -38.43 -16.76 -61.66
CA HIS F 367 -38.31 -18.14 -62.12
C HIS F 367 -38.78 -18.29 -63.55
N ARG F 368 -39.81 -17.54 -63.94
CA ARG F 368 -40.20 -17.49 -65.34
C ARG F 368 -39.01 -17.13 -66.19
N LYS F 369 -39.00 -17.61 -67.43
CA LYS F 369 -37.79 -17.56 -68.24
C LYS F 369 -37.28 -16.15 -68.44
N CYS F 370 -38.01 -15.13 -68.00
CA CYS F 370 -37.40 -13.82 -67.80
C CYS F 370 -36.52 -13.98 -66.57
N PHE F 371 -35.42 -14.69 -66.73
CA PHE F 371 -34.71 -15.35 -65.66
C PHE F 371 -34.05 -14.39 -64.67
N THR G 1 -2.26 -55.46 -9.87
CA THR G 1 -2.10 -54.41 -8.87
C THR G 1 -3.02 -53.24 -9.17
N THR G 2 -3.20 -52.37 -8.19
CA THR G 2 -4.17 -51.30 -8.29
C THR G 2 -3.68 -50.19 -9.23
N ALA G 3 -4.65 -49.46 -9.78
CA ALA G 3 -4.38 -48.30 -10.59
C ALA G 3 -4.81 -47.04 -9.86
N LEU G 4 -4.10 -45.95 -10.11
CA LEU G 4 -4.40 -44.66 -9.51
C LEU G 4 -5.21 -43.81 -10.46
N VAL G 5 -6.09 -43.00 -9.90
CA VAL G 5 -6.98 -42.14 -10.68
C VAL G 5 -6.85 -40.74 -10.09
N CYS G 6 -6.07 -39.89 -10.75
CA CYS G 6 -5.87 -38.52 -10.33
C CYS G 6 -6.55 -37.60 -11.33
N ASP G 7 -7.60 -36.92 -10.89
CA ASP G 7 -8.32 -35.95 -11.72
C ASP G 7 -7.91 -34.56 -11.26
N ASN G 8 -7.10 -33.89 -12.08
CA ASN G 8 -6.51 -32.63 -11.63
C ASN G 8 -7.52 -31.51 -11.66
N GLY G 9 -7.99 -31.15 -12.86
CA GLY G 9 -8.89 -30.02 -12.98
C GLY G 9 -8.31 -28.76 -12.39
N SER G 10 -9.10 -27.70 -12.34
CA SER G 10 -8.73 -26.50 -11.62
C SER G 10 -9.47 -26.49 -10.30
N GLY G 11 -8.92 -25.76 -9.33
CA GLY G 11 -9.61 -25.60 -8.07
C GLY G 11 -9.52 -26.78 -7.15
N LEU G 12 -9.72 -28.00 -7.66
CA LEU G 12 -9.84 -29.16 -6.79
C LEU G 12 -9.12 -30.34 -7.42
N VAL G 13 -8.08 -30.82 -6.77
CA VAL G 13 -7.49 -32.11 -7.11
C VAL G 13 -8.24 -33.19 -6.35
N LYS G 14 -8.58 -34.27 -7.04
CA LYS G 14 -9.32 -35.36 -6.45
C LYS G 14 -8.72 -36.67 -6.93
N ALA G 15 -8.22 -37.47 -6.00
CA ALA G 15 -7.48 -38.68 -6.32
C ALA G 15 -7.98 -39.84 -5.49
N GLY G 16 -7.61 -41.04 -5.94
CA GLY G 16 -8.05 -42.24 -5.26
C GLY G 16 -7.58 -43.45 -6.04
N PHE G 17 -7.99 -44.63 -5.58
CA PHE G 17 -7.58 -45.86 -6.22
C PHE G 17 -8.67 -46.33 -7.17
N ALA G 18 -8.24 -46.96 -8.26
CA ALA G 18 -9.19 -47.52 -9.20
C ALA G 18 -10.01 -48.60 -8.51
N GLY G 19 -11.31 -48.62 -8.81
CA GLY G 19 -12.20 -49.57 -8.21
C GLY G 19 -12.92 -49.09 -6.98
N ASP G 20 -12.43 -48.02 -6.35
CA ASP G 20 -13.13 -47.48 -5.19
C ASP G 20 -14.42 -46.80 -5.65
N ASP G 21 -15.14 -46.23 -4.69
CA ASP G 21 -16.42 -45.62 -4.97
C ASP G 21 -16.43 -44.10 -4.88
N ALA G 22 -15.35 -43.51 -4.37
CA ALA G 22 -15.25 -42.06 -4.26
C ALA G 22 -13.79 -41.72 -4.02
N PRO G 23 -13.32 -40.58 -4.49
CA PRO G 23 -11.91 -40.24 -4.29
C PRO G 23 -11.60 -40.08 -2.81
N ARG G 24 -10.48 -40.63 -2.39
CA ARG G 24 -10.09 -40.52 -0.99
C ARG G 24 -9.58 -39.11 -0.69
N ALA G 25 -8.68 -38.61 -1.53
CA ALA G 25 -8.08 -37.30 -1.31
C ALA G 25 -8.78 -36.26 -2.18
N VAL G 26 -9.22 -35.18 -1.55
CA VAL G 26 -9.84 -34.06 -2.24
C VAL G 26 -9.39 -32.79 -1.53
N PHE G 27 -8.72 -31.91 -2.25
CA PHE G 27 -8.11 -30.75 -1.64
C PHE G 27 -7.91 -29.68 -2.71
N PRO G 28 -7.80 -28.42 -2.32
CA PRO G 28 -7.66 -27.36 -3.33
C PRO G 28 -6.31 -27.41 -4.00
N SER G 29 -6.31 -27.32 -5.32
CA SER G 29 -5.09 -27.41 -6.11
C SER G 29 -4.42 -26.04 -6.17
N ILE G 30 -3.85 -25.63 -5.03
CA ILE G 30 -3.19 -24.35 -4.92
C ILE G 30 -1.83 -24.55 -4.27
N VAL G 31 -0.96 -23.57 -4.49
CA VAL G 31 0.35 -23.51 -3.86
C VAL G 31 0.51 -22.13 -3.28
N GLY G 32 0.94 -22.06 -2.02
CA GLY G 32 1.08 -20.80 -1.32
C GLY G 32 2.52 -20.56 -0.94
N ARG G 33 2.93 -19.29 -1.01
CA ARG G 33 4.21 -18.88 -0.51
C ARG G 33 4.01 -17.78 0.52
N PRO G 34 4.78 -17.79 1.60
CA PRO G 34 4.68 -16.68 2.55
C PRO G 34 5.06 -15.39 1.86
N ARG G 35 4.44 -14.29 2.29
CA ARG G 35 4.69 -13.00 1.67
C ARG G 35 5.13 -11.95 2.68
N HIS G 36 5.30 -12.32 3.94
CA HIS G 36 6.04 -11.54 4.90
C HIS G 36 7.34 -12.26 5.18
N GLN G 37 8.12 -11.75 6.12
CA GLN G 37 9.47 -12.28 6.28
C GLN G 37 9.62 -13.27 7.41
N GLY G 38 8.78 -13.21 8.44
CA GLY G 38 8.92 -14.16 9.52
C GLY G 38 10.04 -13.79 10.46
N VAL G 39 9.79 -13.86 11.76
CA VAL G 39 10.76 -13.36 12.73
C VAL G 39 11.13 -14.37 13.80
N MET G 40 10.38 -15.45 13.99
CA MET G 40 10.71 -16.44 15.00
C MET G 40 11.69 -17.43 14.42
N VAL G 41 12.94 -17.38 14.88
CA VAL G 41 13.88 -18.43 14.54
C VAL G 41 13.48 -19.72 15.22
N GLY G 42 13.95 -20.84 14.67
CA GLY G 42 13.57 -22.13 15.18
C GLY G 42 12.17 -22.56 14.82
N MET G 43 11.38 -21.70 14.19
CA MET G 43 10.07 -22.11 13.74
C MET G 43 10.16 -23.01 12.52
N GLY G 44 11.29 -22.97 11.82
CA GLY G 44 11.49 -23.82 10.66
C GLY G 44 10.42 -23.72 9.61
N GLN G 45 9.90 -22.53 9.35
CA GLN G 45 8.90 -22.36 8.31
C GLN G 45 9.38 -22.96 7.00
N LYS G 46 8.60 -23.88 6.45
CA LYS G 46 8.86 -24.32 5.09
C LYS G 46 8.57 -23.18 4.13
N ASP G 47 9.08 -23.31 2.91
CA ASP G 47 9.02 -22.21 1.96
C ASP G 47 7.85 -22.28 1.01
N SER G 48 7.12 -23.40 0.97
CA SER G 48 6.02 -23.52 0.04
C SER G 48 5.02 -24.53 0.58
N TYR G 49 3.93 -24.04 1.16
CA TYR G 49 2.84 -24.93 1.49
C TYR G 49 2.08 -25.28 0.23
N VAL G 50 1.17 -26.24 0.34
CA VAL G 50 0.51 -26.78 -0.83
C VAL G 50 -0.79 -27.44 -0.39
N GLY G 51 -1.83 -27.27 -1.19
CA GLY G 51 -3.07 -27.93 -0.90
C GLY G 51 -3.75 -27.40 0.34
N ASP G 52 -4.32 -28.32 1.10
CA ASP G 52 -5.19 -27.96 2.21
C ASP G 52 -4.43 -27.23 3.31
N GLU G 53 -3.15 -27.53 3.47
CA GLU G 53 -2.35 -26.80 4.45
C GLU G 53 -2.25 -25.33 4.08
N ALA G 54 -2.00 -25.04 2.81
CA ALA G 54 -2.02 -23.66 2.34
C ALA G 54 -3.40 -23.04 2.52
N GLN G 55 -4.43 -23.79 2.20
CA GLN G 55 -5.79 -23.29 2.40
C GLN G 55 -6.03 -22.91 3.85
N SER G 56 -5.38 -23.60 4.78
CA SER G 56 -5.49 -23.24 6.18
C SER G 56 -4.61 -22.05 6.55
N LYS G 57 -3.45 -21.92 5.91
CA LYS G 57 -2.53 -20.83 6.20
C LYS G 57 -2.79 -19.58 5.38
N ARG G 58 -3.89 -19.52 4.64
CA ARG G 58 -4.22 -18.42 3.74
C ARG G 58 -3.81 -17.04 4.24
N GLY G 59 -3.97 -16.79 5.53
CA GLY G 59 -3.80 -15.44 6.04
C GLY G 59 -2.44 -14.82 5.76
N ILE G 60 -1.42 -15.63 5.49
CA ILE G 60 -0.07 -15.11 5.36
C ILE G 60 0.58 -15.61 4.07
N LEU G 61 -0.22 -16.14 3.17
CA LEU G 61 0.31 -16.71 1.94
C LEU G 61 -0.19 -15.92 0.74
N THR G 62 0.33 -16.30 -0.42
CA THR G 62 -0.18 -15.82 -1.69
C THR G 62 -0.42 -17.03 -2.58
N LEU G 63 -1.67 -17.28 -2.92
CA LEU G 63 -2.07 -18.55 -3.52
C LEU G 63 -2.02 -18.44 -5.04
N LYS G 64 -1.61 -19.53 -5.69
CA LYS G 64 -1.44 -19.54 -7.13
C LYS G 64 -1.98 -20.85 -7.68
N TYR G 65 -3.13 -20.81 -8.28
CA TYR G 65 -3.61 -21.97 -9.01
C TYR G 65 -2.68 -22.25 -10.18
N PRO G 66 -2.04 -23.41 -10.25
CA PRO G 66 -1.16 -23.72 -11.38
C PRO G 66 -1.86 -24.22 -12.62
N ILE G 67 -3.18 -24.10 -12.72
CA ILE G 67 -3.94 -24.51 -13.88
C ILE G 67 -4.93 -23.41 -14.18
N GLU G 68 -4.74 -22.71 -15.30
CA GLU G 68 -5.54 -21.52 -15.56
C GLU G 68 -6.89 -21.85 -16.17
N HIS G 69 -6.89 -22.39 -17.38
CA HIS G 69 -8.11 -22.87 -18.01
C HIS G 69 -7.80 -24.25 -18.57
N GLY G 70 -7.86 -25.25 -17.71
CA GLY G 70 -7.59 -26.60 -18.16
C GLY G 70 -6.14 -26.84 -18.55
N ILE G 71 -5.37 -25.79 -18.74
CA ILE G 71 -3.98 -25.92 -19.16
C ILE G 71 -3.09 -25.62 -17.97
N ILE G 72 -1.95 -26.28 -17.93
CA ILE G 72 -0.99 -26.11 -16.85
C ILE G 72 -0.01 -25.04 -17.25
N THR G 73 0.11 -23.99 -16.42
CA THR G 73 0.95 -22.86 -16.76
C THR G 73 2.23 -22.77 -15.94
N ASN G 74 2.26 -23.36 -14.75
CA ASN G 74 3.44 -23.32 -13.89
C ASN G 74 3.79 -24.76 -13.55
N TRP G 75 4.74 -25.33 -14.29
CA TRP G 75 4.96 -26.77 -14.20
C TRP G 75 5.58 -27.17 -12.87
N ASP G 76 6.35 -26.29 -12.24
CA ASP G 76 6.97 -26.66 -10.98
C ASP G 76 5.93 -26.81 -9.88
N ASP G 77 4.95 -25.90 -9.84
CA ASP G 77 3.89 -26.05 -8.86
C ASP G 77 3.02 -27.26 -9.17
N MET G 78 2.84 -27.59 -10.44
CA MET G 78 2.09 -28.80 -10.76
C MET G 78 2.83 -30.03 -10.29
N GLU G 79 4.15 -30.03 -10.43
CA GLU G 79 4.92 -31.16 -9.92
C GLU G 79 4.83 -31.24 -8.40
N LYS G 80 4.87 -30.09 -7.72
CA LYS G 80 4.68 -30.09 -6.28
C LYS G 80 3.31 -30.66 -5.92
N ILE G 81 2.28 -30.28 -6.66
CA ILE G 81 0.94 -30.79 -6.39
C ILE G 81 0.91 -32.31 -6.51
N TRP G 82 1.45 -32.83 -7.61
CA TRP G 82 1.43 -34.27 -7.82
C TRP G 82 2.22 -35.00 -6.75
N HIS G 83 3.41 -34.50 -6.44
CA HIS G 83 4.23 -35.14 -5.42
C HIS G 83 3.53 -35.15 -4.08
N HIS G 84 2.91 -34.03 -3.70
CA HIS G 84 2.17 -33.98 -2.46
C HIS G 84 1.04 -34.99 -2.47
N THR G 85 0.27 -35.01 -3.56
CA THR G 85 -0.80 -35.98 -3.70
C THR G 85 -0.30 -37.39 -3.41
N PHE G 86 0.67 -37.85 -4.20
CA PHE G 86 1.14 -39.22 -4.07
C PHE G 86 1.68 -39.51 -2.68
N TYR G 87 2.59 -38.68 -2.20
CA TYR G 87 3.34 -39.05 -1.02
C TYR G 87 2.66 -38.71 0.29
N ASN G 88 1.65 -37.85 0.30
CA ASN G 88 0.96 -37.51 1.53
C ASN G 88 -0.52 -37.83 1.47
N GLU G 89 -1.20 -37.46 0.39
CA GLU G 89 -2.65 -37.65 0.34
C GLU G 89 -2.98 -39.13 0.21
N LEU G 90 -2.29 -39.83 -0.67
CA LEU G 90 -2.50 -41.26 -0.84
C LEU G 90 -1.46 -42.10 -0.12
N ARG G 91 -0.27 -41.54 0.12
CA ARG G 91 0.81 -42.26 0.80
C ARG G 91 1.08 -43.60 0.09
N VAL G 92 1.53 -43.48 -1.15
CA VAL G 92 1.75 -44.65 -1.99
C VAL G 92 2.90 -44.37 -2.93
N ALA G 93 3.80 -45.33 -3.05
CA ALA G 93 4.89 -45.21 -4.01
C ALA G 93 4.32 -45.31 -5.41
N PRO G 94 4.46 -44.29 -6.25
CA PRO G 94 3.90 -44.36 -7.60
C PRO G 94 4.72 -45.24 -8.53
N GLU G 95 5.71 -45.93 -7.96
CA GLU G 95 6.59 -46.76 -8.78
C GLU G 95 5.83 -47.91 -9.42
N GLU G 96 4.81 -48.43 -8.75
CA GLU G 96 4.13 -49.64 -9.19
C GLU G 96 2.63 -49.42 -9.32
N HIS G 97 2.25 -48.28 -9.88
CA HIS G 97 0.83 -48.01 -10.04
C HIS G 97 0.58 -47.29 -11.35
N PRO G 98 -0.10 -47.91 -12.30
CA PRO G 98 -0.54 -47.16 -13.47
C PRO G 98 -1.54 -46.10 -13.05
N THR G 99 -1.33 -44.88 -13.52
CA THR G 99 -2.18 -43.77 -13.14
C THR G 99 -2.95 -43.26 -14.33
N LEU G 100 -4.15 -42.76 -14.06
CA LEU G 100 -5.05 -42.25 -15.08
C LEU G 100 -5.15 -40.75 -14.91
N LEU G 101 -4.81 -40.01 -15.96
CA LEU G 101 -4.88 -38.55 -15.93
C LEU G 101 -6.02 -38.09 -16.82
N THR G 102 -6.57 -36.92 -16.50
CA THR G 102 -7.67 -36.36 -17.25
C THR G 102 -7.32 -34.98 -17.76
N GLU G 103 -7.95 -34.58 -18.85
CA GLU G 103 -7.79 -33.23 -19.35
C GLU G 103 -8.98 -32.88 -20.23
N ALA G 104 -9.24 -31.59 -20.35
CA ALA G 104 -10.36 -31.11 -21.15
C ALA G 104 -10.06 -31.34 -22.63
N PRO G 105 -11.07 -31.25 -23.48
CA PRO G 105 -10.82 -31.32 -24.91
C PRO G 105 -10.30 -30.00 -25.45
N LEU G 106 -9.63 -30.10 -26.59
CA LEU G 106 -9.05 -28.94 -27.27
C LEU G 106 -8.06 -28.21 -26.36
N ASN G 107 -7.08 -28.95 -25.89
CA ASN G 107 -5.99 -28.37 -25.12
C ASN G 107 -4.72 -28.34 -25.94
N PRO G 108 -3.77 -27.49 -25.58
CA PRO G 108 -2.47 -27.51 -26.26
C PRO G 108 -1.81 -28.87 -26.13
N LYS G 109 -1.38 -29.42 -27.26
CA LYS G 109 -0.74 -30.74 -27.21
C LYS G 109 0.49 -30.76 -26.34
N ALA G 110 1.17 -29.62 -26.22
CA ALA G 110 2.35 -29.56 -25.36
C ALA G 110 1.98 -29.85 -23.91
N ASN G 111 0.79 -29.43 -23.49
CA ASN G 111 0.34 -29.71 -22.13
C ASN G 111 0.35 -31.20 -21.85
N ARG G 112 -0.44 -31.94 -22.63
CA ARG G 112 -0.53 -33.39 -22.48
C ARG G 112 0.83 -34.06 -22.62
N GLU G 113 1.63 -33.62 -23.58
CA GLU G 113 2.95 -34.22 -23.76
C GLU G 113 3.82 -34.04 -22.53
N LYS G 114 4.03 -32.81 -22.10
CA LYS G 114 4.85 -32.56 -20.93
C LYS G 114 4.30 -33.27 -19.71
N MET G 115 2.97 -33.40 -19.62
CA MET G 115 2.38 -34.17 -18.53
C MET G 115 2.89 -35.61 -18.55
N THR G 116 2.79 -36.25 -19.71
CA THR G 116 3.30 -37.61 -19.85
C THR G 116 4.77 -37.69 -19.48
N GLN G 117 5.57 -36.78 -20.02
CA GLN G 117 7.00 -36.83 -19.81
C GLN G 117 7.35 -36.72 -18.34
N ILE G 118 6.73 -35.76 -17.64
CA ILE G 118 6.98 -35.62 -16.21
C ILE G 118 6.55 -36.88 -15.46
N MET G 119 5.38 -37.40 -15.79
CA MET G 119 4.91 -38.61 -15.12
C MET G 119 5.91 -39.74 -15.25
N PHE G 120 6.51 -39.89 -16.43
CA PHE G 120 7.42 -41.01 -16.62
C PHE G 120 8.81 -40.75 -16.05
N GLU G 121 9.29 -39.50 -16.08
CA GLU G 121 10.64 -39.21 -15.61
C GLU G 121 10.68 -38.99 -14.10
N THR G 122 9.95 -37.98 -13.62
CA THR G 122 10.05 -37.60 -12.22
C THR G 122 9.49 -38.70 -11.32
N PHE G 123 8.21 -39.02 -11.49
CA PHE G 123 7.58 -39.98 -10.61
C PHE G 123 7.86 -41.41 -11.02
N ASN G 124 8.18 -41.65 -12.30
CA ASN G 124 8.59 -42.97 -12.77
C ASN G 124 7.50 -44.02 -12.53
N VAL G 125 6.34 -43.79 -13.13
CA VAL G 125 5.22 -44.69 -13.01
C VAL G 125 5.46 -45.89 -13.92
N PRO G 126 4.73 -46.99 -13.76
CA PRO G 126 4.88 -48.11 -14.70
C PRO G 126 4.17 -47.85 -16.00
N ALA G 127 3.04 -47.15 -15.93
CA ALA G 127 2.24 -46.84 -17.11
C ALA G 127 1.34 -45.67 -16.77
N MET G 128 0.66 -45.15 -17.79
CA MET G 128 -0.25 -44.03 -17.59
C MET G 128 -1.18 -43.95 -18.79
N TYR G 129 -2.09 -42.99 -18.73
CA TYR G 129 -3.08 -42.76 -19.77
C TYR G 129 -3.79 -41.45 -19.47
N VAL G 130 -4.18 -40.76 -20.53
CA VAL G 130 -4.85 -39.46 -20.42
C VAL G 130 -6.21 -39.58 -21.08
N ALA G 131 -7.27 -39.33 -20.32
CA ALA G 131 -8.62 -39.47 -20.80
C ALA G 131 -9.33 -38.12 -20.80
N ILE G 132 -10.39 -38.05 -21.58
CA ILE G 132 -11.17 -36.83 -21.73
C ILE G 132 -12.23 -36.80 -20.65
N GLN G 133 -12.27 -35.72 -19.87
CA GLN G 133 -13.11 -35.66 -18.68
C GLN G 133 -14.56 -35.98 -19.00
N ALA G 134 -15.04 -35.58 -20.16
CA ALA G 134 -16.46 -35.75 -20.48
C ALA G 134 -16.80 -37.21 -20.73
N VAL G 135 -15.90 -37.95 -21.37
CA VAL G 135 -16.14 -39.38 -21.58
C VAL G 135 -16.28 -40.09 -20.26
N LEU G 136 -15.36 -39.81 -19.33
CA LEU G 136 -15.46 -40.41 -18.00
C LEU G 136 -16.77 -40.03 -17.33
N SER G 137 -17.16 -38.75 -17.43
CA SER G 137 -18.42 -38.34 -16.84
C SER G 137 -19.59 -39.11 -17.42
N LEU G 138 -19.51 -39.46 -18.69
CA LEU G 138 -20.57 -40.28 -19.27
C LEU G 138 -20.53 -41.70 -18.72
N TYR G 139 -19.33 -42.26 -18.60
CA TYR G 139 -19.18 -43.57 -17.98
C TYR G 139 -19.87 -43.63 -16.63
N ALA G 140 -19.59 -42.65 -15.77
CA ALA G 140 -20.11 -42.69 -14.41
C ALA G 140 -21.63 -42.60 -14.37
N SER G 141 -22.27 -42.11 -15.42
CA SER G 141 -23.71 -41.98 -15.43
C SER G 141 -24.41 -43.20 -16.00
N GLY G 142 -23.67 -44.26 -16.27
CA GLY G 142 -24.29 -45.46 -16.80
C GLY G 142 -24.96 -45.27 -18.14
N ARG G 143 -24.56 -44.26 -18.89
CA ARG G 143 -25.10 -44.00 -20.20
C ARG G 143 -24.16 -44.52 -21.28
N THR G 144 -24.62 -44.45 -22.51
CA THR G 144 -23.75 -44.63 -23.67
C THR G 144 -24.07 -43.64 -24.77
N THR G 145 -25.08 -42.79 -24.60
CA THR G 145 -25.39 -41.73 -25.54
C THR G 145 -25.82 -40.50 -24.75
N GLY G 146 -25.48 -39.33 -25.27
CA GLY G 146 -25.96 -38.11 -24.68
C GLY G 146 -24.89 -37.05 -24.57
N ILE G 147 -25.23 -35.80 -24.88
CA ILE G 147 -24.27 -34.73 -24.67
C ILE G 147 -24.02 -34.59 -23.18
N VAL G 148 -22.76 -34.48 -22.81
CA VAL G 148 -22.36 -34.24 -21.44
C VAL G 148 -21.86 -32.81 -21.34
N LEU G 149 -22.43 -32.07 -20.39
CA LEU G 149 -22.06 -30.68 -20.17
C LEU G 149 -21.23 -30.63 -18.91
N ASP G 150 -19.93 -30.85 -19.05
CA ASP G 150 -19.04 -30.72 -17.92
C ASP G 150 -18.70 -29.26 -17.73
N SER G 151 -18.65 -28.81 -16.48
CA SER G 151 -18.31 -27.43 -16.18
C SER G 151 -17.57 -27.43 -14.85
N GLY G 152 -16.26 -27.48 -14.92
CA GLY G 152 -15.47 -27.54 -13.71
C GLY G 152 -15.28 -26.16 -13.12
N ASP G 153 -14.06 -25.86 -12.71
CA ASP G 153 -13.73 -24.54 -12.19
C ASP G 153 -13.05 -23.67 -13.23
N GLY G 154 -12.44 -24.26 -14.25
CA GLY G 154 -11.71 -23.49 -15.22
C GLY G 154 -12.33 -23.42 -16.60
N VAL G 155 -12.95 -24.51 -17.05
CA VAL G 155 -13.42 -24.60 -18.42
C VAL G 155 -14.77 -25.29 -18.45
N THR G 156 -15.47 -25.13 -19.57
CA THR G 156 -16.80 -25.69 -19.75
C THR G 156 -16.88 -26.24 -21.17
N HIS G 157 -17.12 -27.53 -21.31
CA HIS G 157 -17.16 -28.14 -22.62
C HIS G 157 -18.35 -29.06 -22.77
N ASN G 158 -18.84 -29.16 -23.99
CA ASN G 158 -19.88 -30.11 -24.36
C ASN G 158 -19.29 -31.17 -25.27
N VAL G 159 -19.66 -32.41 -25.04
CA VAL G 159 -19.22 -33.50 -25.89
C VAL G 159 -20.42 -34.38 -26.24
N PRO G 160 -20.86 -34.39 -27.48
CA PRO G 160 -21.94 -35.30 -27.88
C PRO G 160 -21.38 -36.68 -28.17
N ILE G 161 -21.94 -37.69 -27.52
CA ILE G 161 -21.53 -39.07 -27.72
C ILE G 161 -22.76 -39.89 -28.06
N TYR G 162 -22.59 -40.85 -28.96
CA TYR G 162 -23.68 -41.70 -29.39
C TYR G 162 -23.14 -43.10 -29.63
N GLU G 163 -23.76 -44.07 -28.97
CA GLU G 163 -23.33 -45.47 -29.04
C GLU G 163 -21.86 -45.65 -28.70
N GLY G 164 -21.30 -44.77 -27.88
CA GLY G 164 -19.89 -44.84 -27.59
C GLY G 164 -19.00 -44.21 -28.64
N TYR G 165 -19.59 -43.52 -29.62
CA TYR G 165 -18.84 -42.79 -30.63
C TYR G 165 -18.89 -41.30 -30.31
N ALA G 166 -17.76 -40.65 -30.41
CA ALA G 166 -17.67 -39.21 -30.17
C ALA G 166 -17.71 -38.48 -31.50
N LEU G 167 -18.42 -37.38 -31.52
CA LEU G 167 -18.44 -36.55 -32.72
C LEU G 167 -17.55 -35.35 -32.49
N PRO G 168 -16.27 -35.44 -32.82
CA PRO G 168 -15.33 -34.38 -32.42
C PRO G 168 -15.64 -33.04 -33.05
N HIS G 169 -16.16 -33.04 -34.28
CA HIS G 169 -16.42 -31.78 -34.96
C HIS G 169 -17.51 -30.96 -34.28
N ALA G 170 -18.23 -31.52 -33.32
CA ALA G 170 -19.28 -30.79 -32.63
C ALA G 170 -18.93 -30.50 -31.19
N ILE G 171 -17.70 -30.76 -30.78
CA ILE G 171 -17.29 -30.46 -29.42
C ILE G 171 -17.19 -28.96 -29.25
N MET G 172 -17.84 -28.43 -28.21
CA MET G 172 -17.89 -27.01 -27.97
C MET G 172 -17.22 -26.74 -26.63
N ARG G 173 -16.05 -26.09 -26.67
CA ARG G 173 -15.35 -25.69 -25.47
C ARG G 173 -15.54 -24.21 -25.26
N LEU G 174 -15.72 -23.82 -24.00
CA LEU G 174 -15.95 -22.43 -23.65
C LEU G 174 -15.22 -22.16 -22.34
N ASP G 175 -14.53 -21.03 -22.27
CA ASP G 175 -13.60 -20.76 -21.18
C ASP G 175 -14.22 -19.95 -20.05
N LEU G 176 -15.48 -20.19 -19.76
CA LEU G 176 -16.18 -19.53 -18.66
C LEU G 176 -16.61 -20.59 -17.66
N ALA G 177 -16.18 -20.43 -16.41
CA ALA G 177 -16.43 -21.47 -15.41
C ALA G 177 -16.34 -20.84 -14.03
N GLY G 178 -16.22 -21.69 -13.01
CA GLY G 178 -16.38 -21.24 -11.64
C GLY G 178 -15.47 -20.10 -11.25
N ARG G 179 -14.24 -20.10 -11.75
CA ARG G 179 -13.32 -19.02 -11.40
C ARG G 179 -13.84 -17.69 -11.89
N ASP G 180 -14.40 -17.66 -13.10
CA ASP G 180 -14.93 -16.41 -13.64
C ASP G 180 -16.14 -15.96 -12.87
N LEU G 181 -17.01 -16.89 -12.47
CA LEU G 181 -18.14 -16.52 -11.63
C LEU G 181 -17.68 -15.96 -10.31
N THR G 182 -16.63 -16.55 -9.73
CA THR G 182 -16.09 -16.02 -8.48
C THR G 182 -15.62 -14.60 -8.66
N ASP G 183 -14.90 -14.34 -9.75
CA ASP G 183 -14.41 -12.98 -9.99
C ASP G 183 -15.55 -12.00 -10.19
N TYR G 184 -16.56 -12.40 -10.96
CA TYR G 184 -17.69 -11.50 -11.20
C TYR G 184 -18.43 -11.20 -9.91
N LEU G 185 -18.53 -12.19 -9.02
CA LEU G 185 -19.14 -11.95 -7.73
C LEU G 185 -18.30 -11.01 -6.89
N MET G 186 -16.98 -11.19 -6.92
CA MET G 186 -16.09 -10.25 -6.25
C MET G 186 -16.34 -8.83 -6.74
N LYS G 187 -16.60 -8.70 -8.04
CA LYS G 187 -16.83 -7.37 -8.59
C LYS G 187 -18.16 -6.80 -8.10
N ILE G 188 -19.26 -7.52 -8.33
CA ILE G 188 -20.57 -6.96 -7.99
C ILE G 188 -20.80 -6.90 -6.49
N LEU G 189 -19.97 -7.53 -5.70
CA LEU G 189 -20.08 -7.36 -4.25
C LEU G 189 -19.55 -6.01 -3.80
N THR G 190 -18.97 -5.24 -4.70
CA THR G 190 -18.49 -3.92 -4.32
C THR G 190 -19.65 -2.97 -4.09
N GLU G 191 -20.67 -3.02 -4.96
CA GLU G 191 -21.72 -2.04 -4.93
C GLU G 191 -22.55 -2.11 -3.66
N ARG G 192 -22.21 -3.04 -2.77
CA ARG G 192 -22.76 -3.03 -1.43
C ARG G 192 -21.76 -2.52 -0.40
N GLY G 193 -20.51 -2.29 -0.79
CA GLY G 193 -19.50 -1.81 0.11
C GLY G 193 -18.49 -2.84 0.54
N TYR G 194 -18.71 -4.11 0.21
CA TYR G 194 -17.78 -5.17 0.56
C TYR G 194 -16.68 -5.23 -0.48
N SER G 195 -15.43 -5.25 -0.01
CA SER G 195 -14.29 -5.25 -0.90
C SER G 195 -13.38 -6.43 -0.55
N PHE G 196 -13.24 -7.37 -1.47
CA PHE G 196 -12.31 -8.48 -1.33
C PHE G 196 -11.36 -8.42 -2.51
N VAL G 197 -10.06 -8.29 -2.23
CA VAL G 197 -9.09 -8.14 -3.30
C VAL G 197 -7.98 -9.17 -3.19
N THR G 198 -7.71 -9.65 -2.00
CA THR G 198 -6.60 -10.55 -1.77
C THR G 198 -6.90 -11.93 -2.35
N THR G 199 -5.83 -12.61 -2.80
CA THR G 199 -6.00 -13.98 -3.24
C THR G 199 -6.50 -14.88 -2.13
N ALA G 200 -6.26 -14.50 -0.88
CA ALA G 200 -6.82 -15.23 0.24
C ALA G 200 -8.34 -15.11 0.25
N GLU G 201 -8.84 -13.89 0.25
CA GLU G 201 -10.27 -13.66 0.38
C GLU G 201 -11.05 -13.94 -0.90
N ARG G 202 -10.35 -14.19 -2.01
CA ARG G 202 -11.04 -14.82 -3.13
C ARG G 202 -11.63 -16.16 -2.71
N GLU G 203 -10.97 -16.86 -1.80
CA GLU G 203 -11.53 -18.11 -1.29
C GLU G 203 -12.77 -17.86 -0.46
N ILE G 204 -12.77 -16.80 0.33
CA ILE G 204 -13.97 -16.41 1.06
C ILE G 204 -15.12 -16.18 0.09
N VAL G 205 -14.84 -15.46 -1.00
CA VAL G 205 -15.89 -15.22 -1.99
C VAL G 205 -16.34 -16.53 -2.62
N ARG G 206 -15.42 -17.45 -2.86
CA ARG G 206 -15.82 -18.73 -3.41
C ARG G 206 -16.75 -19.46 -2.46
N ASP G 207 -16.48 -19.40 -1.16
CA ASP G 207 -17.36 -20.02 -0.19
C ASP G 207 -18.74 -19.38 -0.21
N ILE G 208 -18.78 -18.05 -0.26
CA ILE G 208 -20.05 -17.37 -0.35
C ILE G 208 -20.83 -17.83 -1.57
N LYS G 209 -20.13 -17.98 -2.69
CA LYS G 209 -20.80 -18.41 -3.92
C LYS G 209 -21.33 -19.83 -3.79
N GLU G 210 -20.53 -20.72 -3.20
CA GLU G 210 -20.96 -22.10 -3.05
C GLU G 210 -22.14 -22.22 -2.11
N LYS G 211 -22.25 -21.31 -1.15
CA LYS G 211 -23.33 -21.44 -0.18
C LYS G 211 -24.61 -20.75 -0.62
N LEU G 212 -24.53 -19.47 -0.97
CA LEU G 212 -25.74 -18.67 -1.11
C LEU G 212 -26.27 -18.58 -2.52
N CYS G 213 -25.42 -18.62 -3.53
CA CYS G 213 -25.87 -18.35 -4.89
C CYS G 213 -26.81 -19.45 -5.37
N TYR G 214 -27.56 -19.13 -6.43
CA TYR G 214 -28.50 -20.07 -7.04
C TYR G 214 -28.97 -19.47 -8.36
N VAL G 215 -29.51 -20.31 -9.21
CA VAL G 215 -29.98 -19.88 -10.51
C VAL G 215 -31.46 -19.55 -10.42
N ALA G 216 -31.88 -18.56 -11.17
CA ALA G 216 -33.26 -18.09 -11.17
C ALA G 216 -34.00 -18.60 -12.39
N LEU G 217 -35.18 -19.16 -12.16
CA LEU G 217 -35.95 -19.72 -13.27
C LEU G 217 -36.35 -18.64 -14.26
N ASP G 218 -36.49 -17.40 -13.81
CA ASP G 218 -36.82 -16.29 -14.71
C ASP G 218 -36.13 -15.05 -14.16
N PHE G 219 -35.15 -14.55 -14.91
CA PHE G 219 -34.27 -13.51 -14.39
C PHE G 219 -35.03 -12.23 -14.10
N GLU G 220 -35.87 -11.79 -15.04
CA GLU G 220 -36.57 -10.53 -14.86
C GLU G 220 -37.52 -10.57 -13.67
N ASN G 221 -38.28 -11.66 -13.55
CA ASN G 221 -39.20 -11.78 -12.44
C ASN G 221 -38.46 -11.74 -11.12
N GLU G 222 -37.35 -12.48 -11.02
CA GLU G 222 -36.60 -12.49 -9.77
C GLU G 222 -36.00 -11.14 -9.47
N MET G 223 -35.55 -10.42 -10.50
CA MET G 223 -35.01 -9.10 -10.29
C MET G 223 -36.07 -8.17 -9.74
N ALA G 224 -37.24 -8.13 -10.38
CA ALA G 224 -38.32 -7.28 -9.91
C ALA G 224 -38.76 -7.67 -8.50
N THR G 225 -38.75 -8.97 -8.22
CA THR G 225 -39.15 -9.44 -6.90
C THR G 225 -38.18 -8.97 -5.82
N ALA G 226 -36.89 -9.22 -6.04
CA ALA G 226 -35.89 -8.71 -5.10
C ALA G 226 -35.99 -7.21 -4.93
N ALA G 227 -36.32 -6.50 -6.01
CA ALA G 227 -36.55 -5.07 -5.89
C ALA G 227 -37.69 -4.77 -4.92
N SER G 228 -38.83 -5.41 -5.12
CA SER G 228 -39.99 -5.12 -4.29
C SER G 228 -39.79 -5.57 -2.85
N SER G 229 -39.68 -6.87 -2.65
CA SER G 229 -39.64 -7.44 -1.30
C SER G 229 -38.21 -7.46 -0.79
N SER G 230 -38.00 -8.15 0.34
CA SER G 230 -36.65 -8.44 0.82
C SER G 230 -36.54 -9.89 1.24
N SER G 231 -37.41 -10.76 0.76
CA SER G 231 -37.40 -12.17 1.11
C SER G 231 -36.24 -12.93 0.49
N LEU G 232 -35.34 -12.26 -0.23
CA LEU G 232 -34.23 -12.93 -0.85
C LEU G 232 -32.91 -12.67 -0.16
N GLU G 233 -32.84 -11.65 0.69
CA GLU G 233 -31.60 -11.36 1.39
C GLU G 233 -31.25 -12.50 2.34
N LYS G 234 -29.98 -12.88 2.33
CA LYS G 234 -29.45 -13.85 3.27
C LYS G 234 -28.11 -13.34 3.78
N SER G 235 -27.86 -13.57 5.05
CA SER G 235 -26.66 -13.09 5.69
C SER G 235 -25.58 -14.16 5.68
N TYR G 236 -24.36 -13.73 6.00
CA TYR G 236 -23.22 -14.63 6.00
C TYR G 236 -22.15 -14.01 6.87
N GLU G 237 -21.57 -14.82 7.75
CA GLU G 237 -20.60 -14.36 8.71
C GLU G 237 -19.20 -14.66 8.21
N LEU G 238 -18.36 -13.64 8.14
CA LEU G 238 -17.00 -13.78 7.64
C LEU G 238 -16.10 -14.34 8.72
N PRO G 239 -14.87 -14.72 8.38
CA PRO G 239 -13.99 -15.35 9.37
C PRO G 239 -13.59 -14.46 10.53
N ASP G 240 -14.12 -13.24 10.60
CA ASP G 240 -13.89 -12.39 11.75
C ASP G 240 -15.18 -11.72 12.18
N GLY G 241 -16.28 -12.46 12.18
CA GLY G 241 -17.55 -11.83 12.46
C GLY G 241 -17.95 -10.94 11.32
N GLN G 242 -18.45 -9.75 11.66
CA GLN G 242 -18.92 -8.75 10.71
C GLN G 242 -19.75 -9.39 9.61
N VAL G 243 -20.90 -9.95 10.00
CA VAL G 243 -21.80 -10.56 9.04
C VAL G 243 -22.15 -9.59 7.93
N ILE G 244 -22.29 -10.11 6.72
CA ILE G 244 -22.71 -9.33 5.57
C ILE G 244 -24.03 -9.87 5.07
N THR G 245 -24.67 -9.12 4.19
CA THR G 245 -25.93 -9.54 3.58
C THR G 245 -25.86 -9.30 2.08
N ILE G 246 -26.32 -10.27 1.31
CA ILE G 246 -26.40 -10.13 -0.13
C ILE G 246 -27.81 -10.46 -0.58
N GLY G 247 -28.32 -9.69 -1.54
CA GLY G 247 -29.65 -9.91 -2.06
C GLY G 247 -29.63 -10.32 -3.51
N ASN G 248 -29.86 -9.34 -4.38
CA ASN G 248 -29.86 -9.56 -5.82
C ASN G 248 -28.69 -10.39 -6.30
N GLU G 249 -27.52 -10.21 -5.67
CA GLU G 249 -26.31 -10.89 -6.12
C GLU G 249 -26.49 -12.39 -6.17
N ARG G 250 -27.27 -12.94 -5.22
CA ARG G 250 -27.40 -14.39 -5.09
C ARG G 250 -27.73 -15.06 -6.41
N PHE G 251 -28.55 -14.42 -7.24
CA PHE G 251 -28.84 -14.97 -8.54
C PHE G 251 -28.30 -14.13 -9.68
N ARG G 252 -27.81 -12.92 -9.41
CA ARG G 252 -27.07 -12.22 -10.46
C ARG G 252 -25.81 -12.96 -10.83
N CYS G 253 -25.08 -13.48 -9.83
CA CYS G 253 -23.78 -14.09 -10.11
C CYS G 253 -23.88 -15.28 -11.05
N PRO G 254 -24.56 -16.38 -10.71
CA PRO G 254 -24.56 -17.54 -11.62
C PRO G 254 -25.35 -17.31 -12.87
N GLU G 255 -26.09 -16.20 -12.98
CA GLU G 255 -26.79 -15.90 -14.22
C GLU G 255 -25.83 -15.69 -15.37
N THR G 256 -24.59 -15.32 -15.07
CA THR G 256 -23.57 -15.12 -16.10
C THR G 256 -23.55 -16.28 -17.08
N LEU G 257 -23.59 -17.51 -16.58
CA LEU G 257 -23.51 -18.68 -17.44
C LEU G 257 -24.50 -18.63 -18.60
N PHE G 258 -25.60 -17.91 -18.44
CA PHE G 258 -26.56 -17.80 -19.52
C PHE G 258 -26.48 -16.48 -20.26
N GLN G 259 -25.80 -15.49 -19.70
CA GLN G 259 -25.60 -14.20 -20.34
C GLN G 259 -24.15 -13.79 -20.15
N PRO G 260 -23.23 -14.41 -20.89
CA PRO G 260 -21.82 -14.13 -20.69
C PRO G 260 -21.45 -12.67 -20.89
N SER G 261 -22.31 -11.88 -21.53
CA SER G 261 -22.06 -10.46 -21.69
C SER G 261 -21.83 -9.76 -20.37
N PHE G 262 -22.32 -10.32 -19.27
CA PHE G 262 -22.11 -9.71 -17.96
C PHE G 262 -20.64 -9.51 -17.67
N ILE G 263 -19.79 -10.44 -18.10
CA ILE G 263 -18.36 -10.35 -17.87
C ILE G 263 -17.63 -9.94 -19.15
N GLY G 264 -18.35 -9.42 -20.13
CA GLY G 264 -17.74 -8.91 -21.32
C GLY G 264 -17.44 -9.92 -22.40
N MET G 265 -17.69 -11.20 -22.15
CA MET G 265 -17.49 -12.20 -23.19
C MET G 265 -18.63 -12.11 -24.20
N GLU G 266 -18.34 -12.51 -25.43
CA GLU G 266 -19.31 -12.41 -26.50
C GLU G 266 -19.99 -13.73 -26.82
N SER G 267 -19.37 -14.85 -26.47
CA SER G 267 -19.92 -16.15 -26.81
C SER G 267 -21.31 -16.32 -26.21
N ALA G 268 -22.03 -17.31 -26.73
CA ALA G 268 -23.41 -17.50 -26.31
C ALA G 268 -23.47 -18.24 -24.98
N GLY G 269 -24.65 -18.23 -24.38
CA GLY G 269 -24.83 -18.83 -23.08
C GLY G 269 -24.68 -20.33 -23.11
N ILE G 270 -24.87 -20.94 -21.94
CA ILE G 270 -24.73 -22.39 -21.80
C ILE G 270 -25.79 -23.10 -22.64
N HIS G 271 -27.06 -22.77 -22.40
CA HIS G 271 -28.13 -23.39 -23.15
C HIS G 271 -27.93 -23.24 -24.65
N GLU G 272 -27.48 -22.07 -25.08
CA GLU G 272 -27.30 -21.83 -26.50
C GLU G 272 -26.21 -22.71 -27.08
N THR G 273 -25.06 -22.79 -26.40
CA THR G 273 -23.98 -23.63 -26.92
C THR G 273 -24.37 -25.09 -26.91
N THR G 274 -25.12 -25.51 -25.90
CA THR G 274 -25.66 -26.86 -25.89
C THR G 274 -26.51 -27.13 -27.12
N TYR G 275 -27.47 -26.24 -27.38
CA TYR G 275 -28.35 -26.45 -28.52
C TYR G 275 -27.57 -26.45 -29.82
N ASN G 276 -26.57 -25.58 -29.94
CA ASN G 276 -25.75 -25.55 -31.16
C ASN G 276 -24.99 -26.85 -31.33
N SER G 277 -24.37 -27.33 -30.25
CA SER G 277 -23.68 -28.61 -30.32
C SER G 277 -24.62 -29.72 -30.76
N ILE G 278 -25.86 -29.69 -30.27
CA ILE G 278 -26.85 -30.63 -30.78
C ILE G 278 -27.00 -30.49 -32.28
N MET G 279 -27.32 -29.27 -32.73
CA MET G 279 -27.64 -29.07 -34.14
C MET G 279 -26.49 -29.40 -35.06
N LYS G 280 -25.25 -29.41 -34.56
CA LYS G 280 -24.14 -29.78 -35.43
C LYS G 280 -24.07 -31.28 -35.66
N CYS G 281 -24.81 -32.08 -34.89
CA CYS G 281 -24.77 -33.52 -35.04
C CYS G 281 -25.76 -33.98 -36.10
N ASP G 282 -25.61 -35.24 -36.51
CA ASP G 282 -26.50 -35.79 -37.52
C ASP G 282 -27.93 -35.81 -37.02
N ILE G 283 -28.86 -35.65 -37.95
CA ILE G 283 -30.25 -35.43 -37.57
C ILE G 283 -30.85 -36.68 -36.93
N ASP G 284 -30.35 -37.85 -37.27
CA ASP G 284 -30.97 -39.07 -36.78
C ASP G 284 -30.70 -39.32 -35.31
N ILE G 285 -29.74 -38.62 -34.71
CA ILE G 285 -29.37 -38.86 -33.33
C ILE G 285 -29.73 -37.69 -32.43
N ARG G 286 -30.49 -36.72 -32.93
CA ARG G 286 -30.75 -35.54 -32.12
C ARG G 286 -31.78 -35.80 -31.02
N LYS G 287 -32.71 -36.73 -31.23
CA LYS G 287 -33.73 -36.96 -30.20
C LYS G 287 -33.11 -37.57 -28.94
N ASP G 288 -32.23 -38.55 -29.11
CA ASP G 288 -31.57 -39.16 -27.96
C ASP G 288 -30.75 -38.13 -27.21
N LEU G 289 -29.99 -37.31 -27.94
CA LEU G 289 -29.23 -36.26 -27.31
C LEU G 289 -30.13 -35.31 -26.55
N TYR G 290 -31.26 -34.94 -27.13
CA TYR G 290 -32.23 -34.12 -26.40
C TYR G 290 -32.64 -34.79 -25.12
N ALA G 291 -32.78 -36.11 -25.15
CA ALA G 291 -33.26 -36.83 -23.98
C ALA G 291 -32.18 -37.12 -22.94
N ASN G 292 -30.91 -36.95 -23.27
CA ASN G 292 -29.84 -37.40 -22.37
C ASN G 292 -28.83 -36.30 -22.08
N ASN G 293 -29.32 -35.13 -21.69
CA ASN G 293 -28.43 -34.06 -21.27
C ASN G 293 -27.81 -34.41 -19.92
N VAL G 294 -26.54 -34.72 -19.90
CA VAL G 294 -25.83 -35.03 -18.66
C VAL G 294 -25.13 -33.78 -18.17
N MET G 295 -24.99 -33.66 -16.85
CA MET G 295 -24.32 -32.52 -16.25
C MET G 295 -23.36 -33.00 -15.17
N SER G 296 -22.15 -32.46 -15.18
CA SER G 296 -21.16 -32.81 -14.17
C SER G 296 -20.45 -31.54 -13.74
N GLY G 297 -19.37 -31.70 -12.97
CA GLY G 297 -18.59 -30.56 -12.56
C GLY G 297 -19.24 -29.75 -11.45
N GLY G 298 -18.41 -29.17 -10.59
CA GLY G 298 -18.93 -28.42 -9.46
C GLY G 298 -19.74 -27.21 -9.85
N THR G 299 -19.50 -26.64 -11.03
CA THR G 299 -20.24 -25.45 -11.41
C THR G 299 -21.68 -25.75 -11.74
N THR G 300 -22.00 -26.97 -12.13
CA THR G 300 -23.38 -27.35 -12.39
C THR G 300 -24.14 -27.71 -11.14
N MET G 301 -23.62 -27.33 -9.96
CA MET G 301 -24.24 -27.65 -8.69
C MET G 301 -24.99 -26.47 -8.10
N TYR G 302 -25.58 -25.64 -8.92
CA TYR G 302 -26.33 -24.54 -8.32
C TYR G 302 -27.77 -24.96 -8.11
N PRO G 303 -28.38 -24.56 -6.99
CA PRO G 303 -29.81 -24.81 -6.80
C PRO G 303 -30.60 -24.17 -7.93
N GLY G 304 -31.26 -25.01 -8.72
CA GLY G 304 -32.14 -24.54 -9.76
C GLY G 304 -31.55 -24.53 -11.15
N ILE G 305 -30.29 -24.92 -11.31
CA ILE G 305 -29.65 -24.80 -12.61
C ILE G 305 -30.28 -25.77 -13.61
N ALA G 306 -30.66 -26.95 -13.15
CA ALA G 306 -31.22 -27.93 -14.07
C ALA G 306 -32.57 -27.48 -14.60
N ASP G 307 -33.39 -26.88 -13.74
CA ASP G 307 -34.72 -26.45 -14.17
C ASP G 307 -34.63 -25.32 -15.18
N ARG G 308 -33.81 -24.31 -14.89
CA ARG G 308 -33.62 -23.23 -15.85
C ARG G 308 -33.02 -23.74 -17.14
N MET G 309 -32.05 -24.64 -17.03
CA MET G 309 -31.45 -25.23 -18.22
C MET G 309 -32.49 -25.89 -19.09
N GLN G 310 -33.36 -26.70 -18.47
CA GLN G 310 -34.41 -27.36 -19.22
C GLN G 310 -35.36 -26.35 -19.85
N LYS G 311 -35.76 -25.34 -19.09
CA LYS G 311 -36.66 -24.33 -19.62
C LYS G 311 -36.08 -23.69 -20.88
N GLU G 312 -34.83 -23.24 -20.81
CA GLU G 312 -34.21 -22.59 -21.96
C GLU G 312 -34.12 -23.53 -23.15
N ILE G 313 -33.49 -24.69 -22.96
CA ILE G 313 -33.26 -25.55 -24.10
C ILE G 313 -34.58 -26.06 -24.66
N THR G 314 -35.62 -26.13 -23.83
CA THR G 314 -36.95 -26.44 -24.34
C THR G 314 -37.46 -25.33 -25.23
N ALA G 315 -37.24 -24.08 -24.80
CA ALA G 315 -37.65 -22.96 -25.63
C ALA G 315 -36.92 -22.97 -26.97
N LEU G 316 -35.69 -23.47 -27.00
CA LEU G 316 -34.94 -23.48 -28.25
C LEU G 316 -35.32 -24.65 -29.15
N ALA G 317 -35.64 -25.80 -28.57
CA ALA G 317 -35.86 -27.01 -29.34
C ALA G 317 -37.29 -27.06 -29.85
N PRO G 318 -37.58 -27.94 -30.81
CA PRO G 318 -38.97 -28.12 -31.24
C PRO G 318 -39.83 -28.64 -30.10
N SER G 319 -41.14 -28.46 -30.25
CA SER G 319 -42.08 -28.79 -29.20
C SER G 319 -42.49 -30.25 -29.20
N THR G 320 -41.89 -31.07 -30.06
CA THR G 320 -42.24 -32.48 -30.12
C THR G 320 -41.12 -33.39 -29.65
N MET G 321 -39.94 -32.86 -29.41
CA MET G 321 -38.84 -33.63 -28.82
C MET G 321 -38.90 -33.48 -27.31
N LYS G 322 -38.63 -34.56 -26.59
CA LYS G 322 -38.66 -34.54 -25.14
C LYS G 322 -37.30 -34.13 -24.60
N ILE G 323 -37.31 -33.15 -23.70
CA ILE G 323 -36.08 -32.61 -23.13
C ILE G 323 -35.94 -33.13 -21.71
N LYS G 324 -34.83 -33.80 -21.43
CA LYS G 324 -34.52 -34.27 -20.10
C LYS G 324 -33.10 -33.87 -19.75
N ILE G 325 -32.83 -33.81 -18.44
CA ILE G 325 -31.56 -33.32 -17.95
C ILE G 325 -31.13 -34.23 -16.81
N ILE G 326 -30.10 -35.03 -17.03
CA ILE G 326 -29.61 -35.95 -16.02
C ILE G 326 -28.67 -35.19 -15.10
N ALA G 327 -29.10 -34.97 -13.86
CA ALA G 327 -28.32 -34.21 -12.88
C ALA G 327 -28.26 -35.02 -11.59
N PRO G 328 -27.34 -35.97 -11.51
CA PRO G 328 -27.21 -36.77 -10.29
C PRO G 328 -26.86 -35.88 -9.11
N PRO G 329 -27.08 -36.36 -7.89
CA PRO G 329 -26.79 -35.54 -6.70
C PRO G 329 -25.34 -35.54 -6.28
N GLU G 330 -24.47 -36.27 -6.97
CA GLU G 330 -23.05 -36.30 -6.66
C GLU G 330 -22.20 -35.91 -7.86
N ARG G 331 -22.80 -35.21 -8.82
CA ARG G 331 -22.14 -34.99 -10.11
C ARG G 331 -20.78 -34.32 -9.97
N LYS G 332 -20.48 -33.71 -8.84
CA LYS G 332 -19.18 -33.07 -8.66
C LYS G 332 -18.03 -34.06 -8.81
N TYR G 333 -18.29 -35.36 -8.68
CA TYR G 333 -17.22 -36.34 -8.77
C TYR G 333 -17.44 -37.31 -9.92
N SER G 334 -18.39 -37.04 -10.80
CA SER G 334 -18.67 -37.97 -11.89
C SER G 334 -17.45 -38.24 -12.74
N VAL G 335 -16.57 -37.26 -12.91
CA VAL G 335 -15.37 -37.50 -13.70
C VAL G 335 -14.49 -38.54 -13.00
N TRP G 336 -14.26 -38.36 -11.71
CA TRP G 336 -13.42 -39.32 -11.01
C TRP G 336 -14.09 -40.68 -10.95
N ILE G 337 -15.40 -40.72 -10.75
CA ILE G 337 -16.10 -41.99 -10.69
C ILE G 337 -15.95 -42.74 -12.01
N GLY G 338 -16.22 -42.05 -13.11
CA GLY G 338 -16.06 -42.68 -14.41
C GLY G 338 -14.63 -43.12 -14.64
N GLY G 339 -13.67 -42.35 -14.15
CA GLY G 339 -12.28 -42.74 -14.30
C GLY G 339 -11.97 -44.02 -13.55
N SER G 340 -12.48 -44.14 -12.33
CA SER G 340 -12.27 -45.36 -11.57
C SER G 340 -12.92 -46.54 -12.28
N ILE G 341 -14.14 -46.37 -12.76
CA ILE G 341 -14.82 -47.44 -13.51
C ILE G 341 -13.96 -47.89 -14.68
N LEU G 342 -13.55 -46.94 -15.51
CA LEU G 342 -12.79 -47.30 -16.71
C LEU G 342 -11.47 -47.96 -16.35
N ALA G 343 -10.75 -47.44 -15.36
CA ALA G 343 -9.49 -48.05 -14.97
C ALA G 343 -9.70 -49.43 -14.41
N SER G 344 -10.89 -49.71 -13.89
CA SER G 344 -11.17 -51.03 -13.32
C SER G 344 -11.43 -52.08 -14.39
N LEU G 345 -11.62 -51.69 -15.64
CA LEU G 345 -11.89 -52.67 -16.68
C LEU G 345 -10.65 -53.51 -16.96
N SER G 346 -10.85 -54.58 -17.73
CA SER G 346 -9.76 -55.41 -18.23
C SER G 346 -9.56 -55.24 -19.71
N THR G 347 -10.64 -55.01 -20.47
CA THR G 347 -10.49 -54.56 -21.84
C THR G 347 -9.73 -53.25 -21.93
N PHE G 348 -9.53 -52.58 -20.80
CA PHE G 348 -8.72 -51.38 -20.75
C PHE G 348 -7.27 -51.66 -20.41
N GLN G 349 -6.97 -52.83 -19.84
CA GLN G 349 -5.63 -53.09 -19.35
C GLN G 349 -4.59 -53.22 -20.45
N GLN G 350 -4.97 -53.03 -21.71
CA GLN G 350 -4.02 -53.03 -22.82
C GLN G 350 -4.02 -51.70 -23.54
N MET G 351 -4.68 -50.69 -22.99
CA MET G 351 -4.64 -49.34 -23.55
C MET G 351 -3.63 -48.45 -22.84
N TRP G 352 -3.07 -48.90 -21.72
CA TRP G 352 -2.08 -48.11 -21.01
C TRP G 352 -0.88 -47.82 -21.90
N ILE G 353 -0.08 -46.86 -21.49
CA ILE G 353 1.17 -46.54 -22.14
C ILE G 353 2.28 -47.07 -21.24
N THR G 354 2.88 -48.19 -21.62
CA THR G 354 3.93 -48.79 -20.81
C THR G 354 5.20 -47.95 -20.92
N LYS G 355 5.92 -47.82 -19.80
CA LYS G 355 7.13 -47.02 -19.79
C LYS G 355 8.09 -47.48 -20.88
N GLN G 356 8.13 -48.78 -21.15
CA GLN G 356 8.95 -49.27 -22.25
C GLN G 356 8.56 -48.61 -23.56
N GLU G 357 7.26 -48.54 -23.84
CA GLU G 357 6.79 -47.86 -25.05
C GLU G 357 7.26 -46.42 -25.10
N TYR G 358 7.13 -45.71 -23.98
CA TYR G 358 7.56 -44.32 -23.94
C TYR G 358 9.04 -44.17 -24.22
N ASP G 359 9.87 -44.96 -23.51
CA ASP G 359 11.30 -44.95 -23.77
C ASP G 359 11.60 -45.27 -25.23
N GLU G 360 10.75 -46.07 -25.85
CA GLU G 360 10.98 -46.45 -27.23
C GLU G 360 10.58 -45.36 -28.22
N ALA G 361 9.56 -44.56 -27.89
CA ALA G 361 8.98 -43.65 -28.86
C ALA G 361 8.86 -42.20 -28.39
N GLY G 362 9.22 -41.89 -27.15
CA GLY G 362 9.21 -40.52 -26.70
C GLY G 362 7.82 -39.96 -26.48
N PRO G 363 7.74 -38.79 -25.83
CA PRO G 363 6.43 -38.23 -25.47
C PRO G 363 5.49 -38.01 -26.64
N SER G 364 5.97 -38.12 -27.88
CA SER G 364 5.05 -38.08 -29.01
C SER G 364 4.07 -39.23 -29.01
N ILE G 365 4.32 -40.26 -28.18
CA ILE G 365 3.47 -41.44 -28.15
C ILE G 365 2.06 -41.12 -27.70
N VAL G 366 1.86 -40.02 -26.98
CA VAL G 366 0.56 -39.76 -26.36
C VAL G 366 -0.48 -39.48 -27.44
N HIS G 367 -0.20 -38.51 -28.30
CA HIS G 367 -1.12 -38.22 -29.39
C HIS G 367 -1.33 -39.43 -30.28
N ARG G 368 -0.31 -40.24 -30.46
CA ARG G 368 -0.49 -41.52 -31.13
C ARG G 368 -1.58 -42.31 -30.42
N LYS G 369 -2.28 -43.14 -31.19
CA LYS G 369 -3.53 -43.73 -30.70
C LYS G 369 -3.34 -44.50 -29.39
N CYS G 370 -2.11 -44.71 -28.95
CA CYS G 370 -1.90 -45.08 -27.56
C CYS G 370 -2.22 -43.83 -26.76
N PHE G 371 -3.52 -43.53 -26.68
CA PHE G 371 -4.02 -42.18 -26.42
C PHE G 371 -3.74 -41.68 -25.02
N MET H 1 -71.06 80.37 9.08
CA MET H 1 -70.11 80.31 7.99
C MET H 1 -68.97 81.30 8.19
N ALA H 2 -69.15 82.53 7.70
CA ALA H 2 -68.15 83.59 7.85
C ALA H 2 -68.19 84.13 9.28
N VAL H 3 -67.83 83.25 10.21
CA VAL H 3 -67.90 83.60 11.62
C VAL H 3 -66.56 84.14 12.14
N PHE H 4 -65.54 84.16 11.29
CA PHE H 4 -64.21 84.60 11.69
C PHE H 4 -63.69 85.78 10.88
N GLY H 5 -64.01 85.83 9.58
CA GLY H 5 -63.44 86.83 8.72
C GLY H 5 -63.53 86.49 7.24
N GLU H 6 -62.40 86.57 6.53
CA GLU H 6 -62.38 86.44 5.09
C GLU H 6 -61.55 85.28 4.57
N ALA H 7 -60.65 84.73 5.37
CA ALA H 7 -59.69 83.72 4.92
C ALA H 7 -60.32 82.39 4.56
N ALA H 8 -61.65 82.27 4.54
CA ALA H 8 -62.29 80.96 4.38
C ALA H 8 -61.93 80.26 3.08
N PRO H 9 -62.16 80.84 1.89
CA PRO H 9 -62.14 80.02 0.67
C PRO H 9 -60.87 79.21 0.45
N TYR H 10 -59.70 79.80 0.67
CA TYR H 10 -58.47 79.02 0.58
C TYR H 10 -58.19 78.24 1.85
N LEU H 11 -58.86 78.56 2.95
CA LEU H 11 -58.73 77.77 4.18
C LEU H 11 -59.74 76.63 4.20
N ARG H 12 -61.03 76.96 4.13
CA ARG H 12 -62.09 75.97 4.13
C ARG H 12 -63.24 76.44 3.26
N LYS H 13 -63.89 75.49 2.61
CA LYS H 13 -65.01 75.80 1.73
C LYS H 13 -66.31 75.92 2.53
N SER H 14 -67.25 76.67 1.98
CA SER H 14 -68.52 76.94 2.65
C SER H 14 -69.45 75.75 2.47
N GLU H 15 -70.73 75.94 2.81
CA GLU H 15 -71.67 74.83 2.78
C GLU H 15 -71.86 74.30 1.37
N LYS H 16 -72.05 75.20 0.38
CA LYS H 16 -72.41 74.79 -0.97
C LYS H 16 -71.53 73.65 -1.47
N GLU H 17 -70.21 73.77 -1.30
CA GLU H 17 -69.33 72.69 -1.73
C GLU H 17 -69.48 71.46 -0.85
N ARG H 18 -69.65 71.65 0.46
CA ARG H 18 -69.82 70.53 1.37
C ARG H 18 -71.00 69.66 0.96
N ILE H 19 -72.14 70.28 0.62
CA ILE H 19 -73.32 69.51 0.26
C ILE H 19 -73.23 69.02 -1.18
N GLU H 20 -72.63 69.80 -2.10
CA GLU H 20 -72.45 69.32 -3.46
C GLU H 20 -71.51 68.13 -3.53
N ALA H 21 -70.64 67.96 -2.53
CA ALA H 21 -69.82 66.77 -2.44
C ALA H 21 -70.48 65.68 -1.61
N GLN H 22 -71.28 66.05 -0.61
CA GLN H 22 -71.91 65.05 0.25
C GLN H 22 -72.85 64.15 -0.54
N ASN H 23 -73.79 64.75 -1.27
CA ASN H 23 -74.76 63.99 -2.07
C ASN H 23 -74.17 63.79 -3.46
N LYS H 24 -73.41 62.71 -3.61
CA LYS H 24 -72.84 62.32 -4.89
C LYS H 24 -72.91 60.80 -4.94
N PRO H 25 -73.35 60.21 -6.06
CA PRO H 25 -73.45 58.75 -6.15
C PRO H 25 -72.12 58.07 -5.87
N PHE H 26 -72.10 57.14 -4.91
CA PHE H 26 -70.89 56.42 -4.53
C PHE H 26 -71.18 54.93 -4.50
N ASP H 27 -70.98 54.27 -5.64
CA ASP H 27 -70.95 52.82 -5.67
C ASP H 27 -69.81 52.30 -4.81
N ALA H 28 -69.93 51.04 -4.37
CA ALA H 28 -68.86 50.37 -3.65
C ALA H 28 -68.49 49.05 -4.33
N LYS H 29 -68.71 48.95 -5.64
CA LYS H 29 -68.32 47.79 -6.40
C LYS H 29 -67.34 48.11 -7.52
N SER H 30 -67.16 49.39 -7.85
CA SER H 30 -66.08 49.78 -8.75
C SER H 30 -65.30 50.99 -8.24
N SER H 31 -65.64 51.53 -7.08
CA SER H 31 -64.93 52.63 -6.45
C SER H 31 -63.59 52.23 -5.86
N VAL H 32 -63.13 51.00 -6.10
CA VAL H 32 -61.89 50.54 -5.49
C VAL H 32 -60.69 51.25 -6.11
N PHE H 33 -59.62 51.36 -5.33
CA PHE H 33 -58.36 51.94 -5.77
C PHE H 33 -57.57 50.89 -6.56
N VAL H 34 -56.29 51.15 -6.80
CA VAL H 34 -55.44 50.17 -7.46
C VAL H 34 -53.99 50.49 -7.11
N VAL H 35 -53.14 49.46 -7.16
CA VAL H 35 -51.70 49.67 -7.12
C VAL H 35 -51.26 50.11 -8.51
N ASP H 36 -50.24 50.97 -8.58
CA ASP H 36 -49.84 51.54 -9.85
C ASP H 36 -48.41 51.15 -10.20
N ALA H 37 -48.11 51.19 -11.49
CA ALA H 37 -46.73 51.04 -11.94
C ALA H 37 -45.97 52.36 -11.79
N LYS H 38 -46.55 53.46 -12.30
CA LYS H 38 -45.88 54.75 -12.22
C LYS H 38 -46.00 55.37 -10.84
N GLU H 39 -47.19 55.30 -10.23
CA GLU H 39 -47.43 55.82 -8.90
C GLU H 39 -47.64 54.68 -7.93
N SER H 40 -48.07 55.01 -6.72
CA SER H 40 -48.47 53.98 -5.76
C SER H 40 -49.96 53.63 -5.91
N PHE H 41 -50.83 54.61 -5.69
CA PHE H 41 -52.26 54.39 -5.70
C PHE H 41 -52.96 55.49 -6.46
N VAL H 42 -53.75 55.12 -7.47
CA VAL H 42 -54.68 56.04 -8.10
C VAL H 42 -56.08 55.45 -8.01
N LYS H 43 -57.07 56.33 -8.16
CA LYS H 43 -58.48 55.93 -8.13
C LYS H 43 -58.80 55.09 -9.35
N ALA H 44 -59.19 53.84 -9.13
CA ALA H 44 -59.46 52.90 -10.21
C ALA H 44 -60.96 52.73 -10.41
N THR H 45 -61.30 52.06 -11.51
CA THR H 45 -62.69 51.77 -11.86
C THR H 45 -62.71 50.36 -12.45
N VAL H 46 -63.25 49.41 -11.71
CA VAL H 46 -63.22 48.02 -12.13
C VAL H 46 -64.57 47.66 -12.74
N GLN H 47 -64.60 46.52 -13.43
CA GLN H 47 -65.86 46.03 -13.98
C GLN H 47 -66.73 45.40 -12.89
N SER H 48 -66.17 44.47 -12.13
CA SER H 48 -66.86 43.81 -11.03
C SER H 48 -65.80 43.11 -10.19
N ARG H 49 -66.24 42.24 -9.29
CA ARG H 49 -65.31 41.41 -8.51
C ARG H 49 -65.15 40.08 -9.23
N GLU H 50 -64.13 39.99 -10.07
CA GLU H 50 -63.81 38.76 -10.79
C GLU H 50 -62.71 38.01 -10.05
N GLY H 51 -63.05 37.57 -8.85
CA GLY H 51 -62.09 36.84 -8.02
C GLY H 51 -60.90 37.71 -7.68
N GLY H 52 -59.72 37.30 -8.15
CA GLY H 52 -58.52 38.12 -8.00
C GLY H 52 -58.20 38.88 -9.26
N LYS H 53 -59.19 39.01 -10.13
CA LYS H 53 -59.03 39.63 -11.44
C LYS H 53 -60.01 40.78 -11.58
N VAL H 54 -59.58 41.85 -12.26
CA VAL H 54 -60.43 42.98 -12.62
C VAL H 54 -59.89 43.59 -13.91
N THR H 55 -60.69 44.49 -14.50
CA THR H 55 -60.20 45.44 -15.49
C THR H 55 -60.39 46.83 -14.86
N ALA H 56 -59.38 47.26 -14.12
CA ALA H 56 -59.46 48.48 -13.32
C ALA H 56 -59.14 49.68 -14.18
N LYS H 57 -60.15 50.54 -14.41
CA LYS H 57 -59.98 51.71 -15.26
C LYS H 57 -59.47 52.87 -14.41
N THR H 58 -58.34 53.44 -14.81
CA THR H 58 -57.84 54.67 -14.23
C THR H 58 -58.44 55.86 -14.98
N GLU H 59 -57.91 57.06 -14.72
CA GLU H 59 -58.34 58.22 -15.49
C GLU H 59 -57.93 58.08 -16.95
N GLY H 60 -56.78 57.46 -17.20
CA GLY H 60 -56.39 57.08 -18.54
C GLY H 60 -56.97 55.77 -19.03
N GLY H 61 -57.89 55.18 -18.26
CA GLY H 61 -58.55 53.95 -18.68
C GLY H 61 -57.65 52.73 -18.69
N ALA H 62 -57.23 52.27 -17.51
CA ALA H 62 -56.43 51.08 -17.44
C ALA H 62 -57.31 49.83 -17.51
N THR H 63 -56.67 48.69 -17.78
CA THR H 63 -57.40 47.44 -17.98
C THR H 63 -56.81 46.24 -17.27
N VAL H 64 -55.66 46.36 -16.60
CA VAL H 64 -54.89 45.20 -16.20
C VAL H 64 -55.56 44.45 -15.06
N THR H 65 -55.26 43.16 -14.96
CA THR H 65 -55.69 42.33 -13.85
C THR H 65 -54.87 42.64 -12.60
N VAL H 66 -55.55 42.99 -11.52
CA VAL H 66 -54.89 43.26 -10.25
C VAL H 66 -55.62 42.46 -9.17
N LYS H 67 -54.85 41.95 -8.20
CA LYS H 67 -55.43 41.18 -7.13
C LYS H 67 -56.24 42.08 -6.19
N ASP H 68 -56.84 41.47 -5.18
CA ASP H 68 -57.73 42.19 -4.28
C ASP H 68 -56.96 43.00 -3.24
N ASP H 69 -55.86 42.44 -2.72
CA ASP H 69 -55.20 43.04 -1.56
C ASP H 69 -54.52 44.37 -1.86
N GLN H 70 -54.60 44.88 -3.09
CA GLN H 70 -53.98 46.16 -3.40
C GLN H 70 -54.90 47.06 -4.24
N VAL H 71 -56.17 46.70 -4.38
CA VAL H 71 -57.20 47.57 -4.92
C VAL H 71 -58.09 47.97 -3.75
N PHE H 72 -58.17 49.27 -3.48
CA PHE H 72 -58.67 49.66 -2.18
C PHE H 72 -59.98 50.44 -2.32
N PRO H 73 -60.99 50.12 -1.50
CA PRO H 73 -62.24 50.89 -1.55
C PRO H 73 -62.01 52.33 -1.15
N MET H 74 -62.61 53.24 -1.90
CA MET H 74 -62.45 54.67 -1.67
C MET H 74 -63.42 55.17 -0.61
N ASN H 75 -62.96 56.17 0.15
CA ASN H 75 -63.83 56.82 1.11
C ASN H 75 -64.94 57.56 0.39
N PRO H 76 -66.15 57.61 0.96
CA PRO H 76 -67.29 58.24 0.27
C PRO H 76 -67.08 59.73 0.11
N PRO H 77 -67.82 60.38 -0.79
CA PRO H 77 -67.73 61.83 -0.92
C PRO H 77 -68.44 62.56 0.20
N LYS H 78 -69.39 61.91 0.89
CA LYS H 78 -69.92 62.47 2.12
C LYS H 78 -68.86 62.52 3.21
N TYR H 79 -67.79 61.73 3.08
CA TYR H 79 -66.64 61.79 3.96
C TYR H 79 -65.46 62.48 3.32
N ASP H 80 -65.64 63.03 2.12
CA ASP H 80 -64.55 63.73 1.44
C ASP H 80 -64.16 64.98 2.22
N LYS H 81 -62.87 65.29 2.17
CA LYS H 81 -62.31 66.54 2.68
C LYS H 81 -62.49 66.70 4.19
N ILE H 82 -62.76 65.62 4.92
CA ILE H 82 -62.92 65.71 6.36
C ILE H 82 -61.58 66.08 6.99
N GLU H 83 -61.63 66.87 8.06
CA GLU H 83 -60.41 67.31 8.72
C GLU H 83 -59.74 66.16 9.45
N ASP H 84 -60.40 65.62 10.47
CA ASP H 84 -59.83 64.51 11.25
C ASP H 84 -60.15 63.22 10.52
N MET H 85 -59.15 62.69 9.80
CA MET H 85 -59.37 61.49 9.01
C MET H 85 -59.57 60.24 9.85
N ALA H 86 -59.40 60.33 11.16
CA ALA H 86 -59.52 59.17 12.04
C ALA H 86 -60.93 58.69 12.20
N MET H 87 -61.89 59.21 11.43
CA MET H 87 -63.27 58.78 11.49
C MET H 87 -63.77 58.14 10.20
N MET H 88 -63.01 58.28 9.10
CA MET H 88 -63.44 57.77 7.81
C MET H 88 -63.76 56.29 7.89
N THR H 89 -64.72 55.85 7.07
CA THR H 89 -65.07 54.44 6.99
C THR H 89 -64.07 53.65 6.18
N HIS H 90 -63.00 54.29 5.74
CA HIS H 90 -61.91 53.62 5.04
C HIS H 90 -60.61 54.26 5.50
N LEU H 91 -59.76 53.48 6.16
CA LEU H 91 -58.51 53.98 6.73
C LEU H 91 -57.37 53.13 6.19
N HIS H 92 -56.70 53.64 5.15
CA HIS H 92 -55.66 52.90 4.47
C HIS H 92 -54.66 53.90 3.90
N GLU H 93 -53.71 53.39 3.11
CA GLU H 93 -52.80 54.27 2.39
C GLU H 93 -53.55 55.21 1.45
N PRO H 94 -54.38 54.73 0.51
CA PRO H 94 -55.02 55.67 -0.40
C PRO H 94 -56.03 56.57 0.29
N ALA H 95 -56.66 56.08 1.37
CA ALA H 95 -57.58 56.91 2.13
C ALA H 95 -56.94 58.24 2.50
N VAL H 96 -55.87 58.21 3.29
CA VAL H 96 -55.19 59.44 3.69
C VAL H 96 -54.52 60.09 2.49
N LEU H 97 -53.97 59.28 1.59
CA LEU H 97 -53.27 59.80 0.41
C LEU H 97 -54.14 60.81 -0.32
N TYR H 98 -55.31 60.37 -0.78
CA TYR H 98 -56.17 61.27 -1.53
C TYR H 98 -56.96 62.22 -0.61
N ASN H 99 -57.26 61.80 0.62
CA ASN H 99 -57.90 62.71 1.56
C ASN H 99 -57.08 63.97 1.77
N LEU H 100 -55.76 63.90 1.57
CA LEU H 100 -54.96 65.11 1.59
C LEU H 100 -54.56 65.60 0.19
N LYS H 101 -54.54 64.73 -0.81
CA LYS H 101 -54.27 65.16 -2.16
C LYS H 101 -55.35 66.13 -2.65
N GLU H 102 -56.60 65.73 -2.53
CA GLU H 102 -57.70 66.60 -2.94
C GLU H 102 -57.80 67.83 -2.04
N ARG H 103 -57.33 67.75 -0.79
CA ARG H 103 -57.39 68.93 0.07
C ARG H 103 -56.32 69.94 -0.30
N TYR H 104 -55.13 69.46 -0.66
CA TYR H 104 -54.11 70.36 -1.20
C TYR H 104 -54.53 70.90 -2.56
N ALA H 105 -55.29 70.12 -3.34
CA ALA H 105 -55.87 70.64 -4.57
C ALA H 105 -56.83 71.78 -4.28
N ALA H 106 -57.78 71.55 -3.36
CA ALA H 106 -58.68 72.59 -2.88
C ALA H 106 -58.00 73.54 -1.90
N TRP H 107 -56.70 73.38 -1.69
CA TRP H 107 -55.84 74.28 -0.92
C TRP H 107 -56.18 74.31 0.56
N MET H 108 -56.98 73.37 1.05
CA MET H 108 -57.23 73.25 2.49
C MET H 108 -55.97 72.64 3.11
N ILE H 109 -54.97 73.49 3.32
CA ILE H 109 -53.66 73.04 3.77
C ILE H 109 -53.76 72.37 5.14
N TYR H 110 -54.21 73.14 6.13
CA TYR H 110 -54.08 72.74 7.52
C TYR H 110 -55.19 71.76 7.88
N THR H 111 -54.82 70.51 8.12
CA THR H 111 -55.74 69.42 8.41
C THR H 111 -55.40 68.86 9.78
N TYR H 112 -56.18 67.89 10.23
CA TYR H 112 -55.95 67.21 11.49
C TYR H 112 -55.84 65.71 11.23
N SER H 113 -55.13 65.02 12.14
CA SER H 113 -55.00 63.57 12.06
C SER H 113 -54.86 63.05 13.50
N GLY H 114 -55.99 62.74 14.12
CA GLY H 114 -55.96 62.41 15.53
C GLY H 114 -55.30 63.54 16.29
N LEU H 115 -54.08 63.29 16.77
CA LEU H 115 -53.26 64.36 17.34
C LEU H 115 -52.39 65.03 16.29
N PHE H 116 -52.10 64.36 15.18
CA PHE H 116 -51.20 64.91 14.17
C PHE H 116 -51.84 66.11 13.47
N CYS H 117 -51.10 67.21 13.39
CA CYS H 117 -51.52 68.38 12.65
C CYS H 117 -50.78 68.37 11.30
N VAL H 118 -51.28 67.52 10.41
CA VAL H 118 -50.68 67.41 9.08
C VAL H 118 -50.84 68.74 8.35
N THR H 119 -49.73 69.26 7.82
CA THR H 119 -49.71 70.58 7.21
C THR H 119 -48.82 70.54 5.97
N VAL H 120 -49.43 70.68 4.80
CA VAL H 120 -48.72 70.66 3.53
C VAL H 120 -48.12 72.03 3.30
N ASN H 121 -47.15 72.16 2.35
CA ASN H 121 -46.76 73.55 2.20
C ASN H 121 -47.33 74.15 0.91
N PRO H 122 -47.50 75.46 0.85
CA PRO H 122 -47.85 76.10 -0.41
C PRO H 122 -46.61 76.52 -1.18
N TYR H 123 -46.79 77.05 -2.39
CA TYR H 123 -45.73 77.63 -3.17
C TYR H 123 -46.21 78.95 -3.77
N LYS H 124 -46.98 79.69 -2.99
CA LYS H 124 -47.59 80.95 -3.36
C LYS H 124 -48.16 81.57 -2.10
N TRP H 125 -48.19 82.91 -2.07
CA TRP H 125 -48.68 83.61 -0.89
C TRP H 125 -50.15 83.32 -0.66
N LEU H 126 -50.46 82.59 0.41
CA LEU H 126 -51.84 82.40 0.84
C LEU H 126 -52.04 83.08 2.17
N PRO H 127 -53.05 83.92 2.31
CA PRO H 127 -53.24 84.69 3.54
C PRO H 127 -54.04 83.93 4.59
N VAL H 128 -53.46 82.83 5.09
CA VAL H 128 -54.13 82.00 6.10
C VAL H 128 -53.72 82.37 7.51
N TYR H 129 -52.67 83.16 7.69
CA TYR H 129 -52.07 83.45 8.98
C TYR H 129 -52.28 84.91 9.38
N ASN H 130 -53.26 85.59 8.78
CA ASN H 130 -53.38 87.03 8.92
C ASN H 130 -53.78 87.41 10.34
N ALA H 131 -53.82 88.72 10.58
CA ALA H 131 -54.06 89.27 11.91
C ALA H 131 -55.48 89.08 12.40
N GLU H 132 -56.33 88.35 11.68
CA GLU H 132 -57.67 88.05 12.16
C GLU H 132 -57.84 86.62 12.64
N VAL H 133 -57.16 85.65 12.00
CA VAL H 133 -57.19 84.29 12.50
C VAL H 133 -56.45 84.13 13.82
N VAL H 134 -55.65 85.14 14.21
CA VAL H 134 -54.98 85.07 15.50
C VAL H 134 -55.99 85.21 16.63
N ALA H 135 -57.01 86.06 16.42
CA ALA H 135 -58.10 86.14 17.38
C ALA H 135 -59.17 85.10 17.12
N ALA H 136 -59.37 84.71 15.85
CA ALA H 136 -60.32 83.66 15.54
C ALA H 136 -59.91 82.34 16.17
N TYR H 137 -58.61 82.04 16.13
CA TYR H 137 -58.08 80.85 16.79
C TYR H 137 -57.78 81.07 18.27
N ARG H 138 -57.82 82.31 18.74
CA ARG H 138 -57.65 82.56 20.16
C ARG H 138 -58.83 81.99 20.94
N GLY H 139 -58.53 81.47 22.14
CA GLY H 139 -59.52 80.98 23.06
C GLY H 139 -60.26 79.73 22.63
N LYS H 140 -60.05 79.25 21.40
CA LYS H 140 -60.75 78.08 20.91
C LYS H 140 -60.34 76.83 21.67
N LYS H 141 -61.19 75.80 21.59
CA LYS H 141 -60.75 74.45 21.89
C LYS H 141 -60.31 73.81 20.57
N ARG H 142 -59.96 72.52 20.62
CA ARG H 142 -59.24 71.92 19.50
C ARG H 142 -60.15 71.73 18.29
N GLN H 143 -61.32 71.13 18.47
CA GLN H 143 -62.08 70.56 17.37
C GLN H 143 -63.38 71.31 17.06
N GLU H 144 -63.39 72.64 17.08
CA GLU H 144 -64.57 73.32 16.55
C GLU H 144 -64.26 74.24 15.39
N ALA H 145 -63.10 74.92 15.41
CA ALA H 145 -62.68 75.75 14.31
C ALA H 145 -61.82 74.95 13.35
N PRO H 146 -61.71 75.37 12.09
CA PRO H 146 -60.96 74.60 11.12
C PRO H 146 -59.49 74.50 11.54
N PRO H 147 -58.82 73.40 11.17
CA PRO H 147 -57.46 73.18 11.66
C PRO H 147 -56.46 74.19 11.13
N HIS H 148 -55.40 74.41 11.93
CA HIS H 148 -54.31 75.32 11.59
C HIS H 148 -53.26 75.20 12.69
N ILE H 149 -52.04 75.64 12.36
CA ILE H 149 -50.97 75.58 13.34
C ILE H 149 -51.24 76.54 14.49
N PHE H 150 -51.84 77.70 14.18
CA PHE H 150 -52.22 78.62 15.25
C PHE H 150 -53.21 77.98 16.21
N SER H 151 -54.08 77.11 15.70
CA SER H 151 -55.01 76.39 16.55
C SER H 151 -54.26 75.60 17.62
N ILE H 152 -53.31 74.75 17.21
CA ILE H 152 -52.60 73.92 18.16
C ILE H 152 -51.70 74.77 19.07
N SER H 153 -51.13 75.86 18.56
CA SER H 153 -50.31 76.71 19.41
C SER H 153 -51.16 77.31 20.53
N ASP H 154 -52.31 77.90 20.19
CA ASP H 154 -53.20 78.43 21.21
C ASP H 154 -53.71 77.33 22.12
N ASN H 155 -53.91 76.12 21.59
CA ASN H 155 -54.29 75.00 22.43
C ASN H 155 -53.25 74.75 23.50
N ALA H 156 -51.98 74.65 23.11
CA ALA H 156 -50.92 74.44 24.08
C ALA H 156 -50.84 75.61 25.06
N TYR H 157 -51.07 76.83 24.58
CA TYR H 157 -51.01 77.99 25.45
C TYR H 157 -52.08 77.90 26.53
N GLN H 158 -53.34 77.78 26.13
CA GLN H 158 -54.41 77.66 27.11
C GLN H 158 -54.22 76.42 27.98
N PHE H 159 -53.58 75.38 27.45
CA PHE H 159 -53.33 74.19 28.26
C PHE H 159 -52.38 74.50 29.40
N MET H 160 -51.25 75.15 29.10
CA MET H 160 -50.35 75.54 30.18
C MET H 160 -51.00 76.56 31.09
N LEU H 161 -51.94 77.35 30.58
CA LEU H 161 -52.68 78.26 31.43
C LEU H 161 -53.68 77.55 32.32
N THR H 162 -54.04 76.30 31.98
CA THR H 162 -54.99 75.56 32.81
C THR H 162 -54.31 74.95 34.03
N ASP H 163 -53.16 74.29 33.85
CA ASP H 163 -52.56 73.55 34.95
C ASP H 163 -51.06 73.78 35.06
N ARG H 164 -50.58 74.95 34.63
CA ARG H 164 -49.18 75.35 34.83
C ARG H 164 -48.20 74.33 34.24
N GLU H 165 -48.65 73.57 33.24
CA GLU H 165 -47.92 72.42 32.75
C GLU H 165 -47.13 72.77 31.49
N ASN H 166 -45.90 72.28 31.41
CA ASN H 166 -45.10 72.49 30.21
C ASN H 166 -45.71 71.74 29.03
N GLN H 167 -45.64 72.36 27.85
CA GLN H 167 -46.10 71.74 26.62
C GLN H 167 -44.99 71.77 25.60
N SER H 168 -45.13 70.94 24.56
CA SER H 168 -44.08 70.80 23.56
C SER H 168 -44.70 70.62 22.18
N ILE H 169 -44.04 71.21 21.18
CA ILE H 169 -44.46 71.16 19.79
C ILE H 169 -43.41 70.38 19.02
N LEU H 170 -43.79 69.24 18.48
CA LEU H 170 -42.85 68.34 17.81
C LEU H 170 -43.05 68.47 16.31
N ILE H 171 -42.13 69.16 15.67
CA ILE H 171 -42.20 69.45 14.24
C ILE H 171 -41.12 68.65 13.52
N THR H 172 -41.43 68.26 12.28
CA THR H 172 -40.51 67.44 11.51
C THR H 172 -40.59 67.85 10.04
N GLY H 173 -39.62 68.66 9.60
CA GLY H 173 -39.56 69.06 8.21
C GLY H 173 -38.17 68.89 7.64
N GLU H 174 -38.09 68.55 6.35
CA GLU H 174 -36.79 68.40 5.70
C GLU H 174 -36.04 69.73 5.70
N SER H 175 -34.76 69.65 5.37
CA SER H 175 -33.92 70.85 5.29
C SER H 175 -34.47 71.80 4.23
N GLY H 176 -34.82 73.01 4.66
CA GLY H 176 -35.38 73.98 3.74
C GLY H 176 -36.74 73.61 3.19
N ALA H 177 -37.53 72.86 3.96
CA ALA H 177 -38.85 72.43 3.53
C ALA H 177 -39.95 73.41 3.92
N GLY H 178 -39.62 74.45 4.68
CA GLY H 178 -40.58 75.43 5.13
C GLY H 178 -40.83 75.43 6.62
N LYS H 179 -40.47 74.36 7.32
CA LYS H 179 -40.62 74.33 8.77
C LYS H 179 -39.81 75.43 9.44
N THR H 180 -38.65 75.76 8.87
CA THR H 180 -37.86 76.89 9.35
C THR H 180 -38.66 78.18 9.38
N VAL H 181 -39.76 78.24 8.65
CA VAL H 181 -40.66 79.39 8.68
C VAL H 181 -41.80 79.19 9.66
N ASN H 182 -42.33 77.97 9.73
CA ASN H 182 -43.43 77.68 10.64
C ASN H 182 -43.01 77.87 12.09
N THR H 183 -41.74 77.59 12.41
CA THR H 183 -41.27 77.81 13.77
C THR H 183 -41.34 79.29 14.14
N LYS H 184 -40.82 80.16 13.28
CA LYS H 184 -40.91 81.59 13.57
C LYS H 184 -42.36 82.05 13.57
N ARG H 185 -43.21 81.42 12.75
CA ARG H 185 -44.63 81.75 12.75
C ARG H 185 -45.23 81.50 14.13
N VAL H 186 -45.00 80.31 14.69
CA VAL H 186 -45.61 80.00 15.97
C VAL H 186 -44.98 80.81 17.10
N ILE H 187 -43.68 81.10 17.01
CA ILE H 187 -43.08 81.87 18.10
C ILE H 187 -43.53 83.31 18.06
N GLN H 188 -43.74 83.89 16.88
CA GLN H 188 -44.27 85.25 16.83
C GLN H 188 -45.75 85.28 17.19
N TYR H 189 -46.49 84.21 16.84
CA TYR H 189 -47.86 84.10 17.32
C TYR H 189 -47.91 84.13 18.83
N PHE H 190 -47.01 83.41 19.49
CA PHE H 190 -46.96 83.45 20.95
C PHE H 190 -46.47 84.80 21.45
N ALA H 191 -45.54 85.43 20.74
CA ALA H 191 -45.07 86.75 21.13
C ALA H 191 -46.20 87.78 21.11
N THR H 192 -47.16 87.60 20.21
CA THR H 192 -48.32 88.50 20.20
C THR H 192 -49.34 88.10 21.24
N ILE H 193 -49.62 86.80 21.38
CA ILE H 193 -50.69 86.34 22.25
C ILE H 193 -50.22 86.27 23.70
N ALA H 194 -48.99 86.68 23.95
CA ALA H 194 -48.42 86.67 25.29
C ALA H 194 -49.23 87.52 26.27
N LEU H 213 -37.21 87.21 21.54
CA LEU H 213 -38.19 87.50 20.50
C LEU H 213 -37.70 86.89 19.18
N GLU H 214 -38.63 86.70 18.23
CA GLU H 214 -38.33 85.99 17.00
C GLU H 214 -37.11 86.56 16.27
N ASP H 215 -36.91 87.88 16.38
CA ASP H 215 -35.79 88.50 15.69
C ASP H 215 -34.46 87.94 16.17
N GLN H 216 -34.28 87.86 17.49
CA GLN H 216 -33.06 87.28 18.04
C GLN H 216 -32.91 85.82 17.63
N ILE H 217 -34.02 85.09 17.60
CA ILE H 217 -34.00 83.69 17.19
C ILE H 217 -33.41 83.55 15.78
N ILE H 218 -34.05 84.19 14.81
CA ILE H 218 -33.60 84.07 13.43
C ILE H 218 -32.20 84.67 13.27
N SER H 219 -31.85 85.65 14.11
CA SER H 219 -30.53 86.25 14.04
C SER H 219 -29.45 85.25 14.44
N ALA H 220 -29.67 84.53 15.54
CA ALA H 220 -28.71 83.54 15.98
C ALA H 220 -28.72 82.29 15.12
N ASN H 221 -29.82 82.05 14.40
CA ASN H 221 -29.97 80.81 13.63
C ASN H 221 -28.80 80.44 12.72
N PRO H 222 -28.31 81.31 11.83
CA PRO H 222 -27.44 80.80 10.75
C PRO H 222 -26.09 80.27 11.24
N LEU H 223 -25.50 80.88 12.26
CA LEU H 223 -24.24 80.40 12.80
C LEU H 223 -24.32 78.96 13.25
N LEU H 224 -25.49 78.54 13.75
CA LEU H 224 -25.69 77.15 14.10
C LEU H 224 -25.43 76.24 12.90
N GLU H 225 -26.20 76.43 11.82
CA GLU H 225 -26.00 75.62 10.62
C GLU H 225 -24.60 75.81 10.04
N ALA H 226 -23.93 76.92 10.34
CA ALA H 226 -22.53 77.04 9.95
C ALA H 226 -21.69 75.99 10.66
N PHE H 227 -21.79 75.96 11.99
CA PHE H 227 -21.00 75.01 12.76
C PHE H 227 -21.40 73.56 12.49
N GLY H 228 -22.70 73.26 12.60
CA GLY H 228 -23.13 71.88 12.62
C GLY H 228 -24.06 71.42 11.52
N ASN H 229 -23.83 71.86 10.29
CA ASN H 229 -24.60 71.36 9.15
C ASN H 229 -23.65 70.96 8.04
N ALA H 230 -24.14 70.10 7.15
CA ALA H 230 -23.37 69.65 6.01
C ALA H 230 -24.33 69.14 4.96
N LYS H 231 -23.81 68.85 3.77
CA LYS H 231 -24.61 68.21 2.75
C LYS H 231 -24.47 66.70 2.87
N THR H 232 -25.46 66.00 2.31
CA THR H 232 -25.46 64.54 2.35
C THR H 232 -25.63 63.96 0.95
N VAL H 233 -25.79 62.64 0.87
CA VAL H 233 -26.13 62.02 -0.40
C VAL H 233 -27.56 62.36 -0.80
N ARG H 234 -28.36 62.87 0.13
CA ARG H 234 -29.75 63.22 -0.13
C ARG H 234 -29.92 64.71 -0.35
N ASN H 235 -29.47 65.53 0.60
CA ASN H 235 -29.74 66.96 0.55
C ASN H 235 -28.46 67.79 0.67
N ASP H 236 -28.62 69.10 0.85
CA ASP H 236 -27.50 70.04 0.78
C ASP H 236 -27.19 70.73 2.10
N ASN H 237 -28.18 71.02 2.92
CA ASN H 237 -27.93 71.73 4.18
C ASN H 237 -28.57 70.96 5.34
N SER H 238 -28.32 69.66 5.37
CA SER H 238 -28.79 68.82 6.46
C SER H 238 -28.33 69.35 7.81
N SER H 239 -29.28 69.50 8.73
CA SER H 239 -29.00 69.92 10.10
C SER H 239 -28.83 68.67 10.95
N ARG H 240 -27.58 68.29 11.19
CA ARG H 240 -27.32 67.01 11.84
C ARG H 240 -27.77 67.02 13.30
N PHE H 241 -27.53 68.12 14.01
CA PHE H 241 -27.83 68.15 15.43
C PHE H 241 -29.34 68.15 15.66
N GLY H 242 -29.71 68.15 16.94
CA GLY H 242 -31.08 68.35 17.34
C GLY H 242 -31.29 69.76 17.83
N LYS H 243 -32.54 70.21 17.77
CA LYS H 243 -32.87 71.58 18.12
C LYS H 243 -34.09 71.58 19.02
N PHE H 244 -34.04 72.39 20.07
CA PHE H 244 -35.15 72.46 21.02
C PHE H 244 -35.16 73.83 21.65
N ILE H 245 -36.31 74.48 21.63
CA ILE H 245 -36.47 75.87 22.06
C ILE H 245 -37.40 75.91 23.27
N ARG H 246 -36.95 76.55 24.33
CA ARG H 246 -37.73 76.73 25.55
C ARG H 246 -38.12 78.20 25.65
N ILE H 247 -39.41 78.48 25.47
CA ILE H 247 -39.94 79.83 25.66
C ILE H 247 -40.77 79.78 26.94
N HIS H 248 -40.16 80.24 28.03
CA HIS H 248 -40.83 80.23 29.33
C HIS H 248 -41.76 81.43 29.47
N PHE H 249 -42.81 81.23 30.24
CA PHE H 249 -43.78 82.28 30.51
C PHE H 249 -43.77 82.62 31.99
N GLY H 250 -44.42 83.72 32.33
CA GLY H 250 -44.67 84.06 33.71
C GLY H 250 -45.63 83.06 34.35
N THR H 251 -46.01 83.36 35.58
CA THR H 251 -46.97 82.48 36.26
C THR H 251 -48.39 82.66 35.74
N THR H 252 -48.64 83.65 34.90
CA THR H 252 -49.94 83.86 34.27
C THR H 252 -49.86 83.76 32.75
N GLY H 253 -48.67 83.59 32.19
CA GLY H 253 -48.49 83.54 30.76
C GLY H 253 -47.95 84.87 30.26
N LYS H 254 -46.63 84.94 30.10
CA LYS H 254 -45.98 86.18 29.69
C LYS H 254 -44.55 85.87 29.27
N LEU H 255 -44.18 86.20 28.02
CA LEU H 255 -42.85 85.85 27.52
C LEU H 255 -41.76 86.35 28.44
N ALA H 256 -41.05 85.40 29.07
CA ALA H 256 -40.00 85.74 30.03
C ALA H 256 -38.77 84.88 29.82
N SER H 257 -38.54 84.44 28.58
CA SER H 257 -37.37 83.65 28.25
C SER H 257 -37.28 83.53 26.73
N ALA H 258 -36.06 83.28 26.25
CA ALA H 258 -35.82 82.89 24.86
C ALA H 258 -34.60 81.96 24.88
N ASP H 259 -34.88 80.66 24.96
CA ASP H 259 -33.86 79.66 25.25
C ASP H 259 -33.77 78.65 24.12
N ILE H 260 -32.65 77.93 24.09
CA ILE H 260 -32.32 77.03 22.99
C ILE H 260 -31.56 75.83 23.54
N GLU H 261 -31.84 74.65 23.00
CA GLU H 261 -31.14 73.43 23.35
C GLU H 261 -30.67 72.73 22.08
N THR H 262 -29.40 72.33 22.08
CA THR H 262 -28.86 71.44 21.05
C THR H 262 -28.73 70.04 21.64
N TYR H 263 -29.12 69.04 20.85
CA TYR H 263 -29.23 67.69 21.35
C TYR H 263 -28.71 66.71 20.31
N LEU H 264 -27.99 65.68 20.78
CA LEU H 264 -27.49 64.61 19.93
C LEU H 264 -26.72 65.14 18.72
N LEU H 265 -25.93 66.19 18.94
CA LEU H 265 -25.06 66.67 17.89
C LEU H 265 -24.17 65.54 17.39
N GLU H 266 -24.15 65.34 16.08
CA GLU H 266 -23.32 64.30 15.50
C GLU H 266 -21.85 64.62 15.76
N LYS H 267 -21.06 63.56 15.93
CA LYS H 267 -19.65 63.69 16.29
C LYS H 267 -18.71 63.28 15.16
N SER H 268 -18.93 62.10 14.58
CA SER H 268 -18.01 61.50 13.62
C SER H 268 -17.84 62.31 12.34
N ARG H 269 -18.69 63.30 12.08
CA ARG H 269 -18.51 64.13 10.90
C ARG H 269 -17.13 64.75 10.87
N VAL H 270 -16.65 65.21 12.02
CA VAL H 270 -15.45 66.04 12.09
C VAL H 270 -14.21 65.33 11.57
N THR H 271 -14.24 63.99 11.50
CA THR H 271 -13.09 63.26 11.02
C THR H 271 -13.42 62.20 9.98
N PHE H 272 -14.69 62.01 9.64
CA PHE H 272 -15.06 60.99 8.68
C PHE H 272 -16.37 61.36 8.02
N GLN H 273 -16.46 61.11 6.72
CA GLN H 273 -17.70 61.24 5.98
C GLN H 273 -17.62 60.37 4.74
N LEU H 274 -18.77 59.83 4.33
CA LEU H 274 -18.79 59.00 3.14
C LEU H 274 -18.56 59.86 1.89
N LYS H 275 -18.34 59.17 0.77
CA LYS H 275 -17.87 59.84 -0.44
C LYS H 275 -18.84 60.91 -0.94
N ALA H 276 -20.14 60.69 -0.76
CA ALA H 276 -21.16 61.55 -1.34
C ALA H 276 -21.53 62.73 -0.46
N GLU H 277 -20.64 63.16 0.42
CA GLU H 277 -20.93 64.28 1.31
C GLU H 277 -19.60 64.85 1.80
N ARG H 278 -19.67 65.76 2.77
CA ARG H 278 -18.47 66.38 3.31
C ARG H 278 -18.66 66.65 4.79
N SER H 279 -17.62 67.19 5.40
CA SER H 279 -17.65 67.57 6.81
C SER H 279 -18.52 68.81 6.97
N TYR H 280 -18.55 69.36 8.17
CA TYR H 280 -19.38 70.52 8.44
C TYR H 280 -18.96 71.72 7.58
N HIS H 281 -19.80 72.75 7.60
CA HIS H 281 -19.62 73.88 6.70
C HIS H 281 -18.35 74.67 7.01
N ILE H 282 -18.14 74.98 8.29
CA ILE H 282 -17.13 75.97 8.69
C ILE H 282 -15.78 75.70 8.06
N PHE H 283 -15.40 74.43 7.95
CA PHE H 283 -14.10 74.09 7.36
C PHE H 283 -13.99 74.65 5.96
N TYR H 284 -14.86 74.20 5.06
CA TYR H 284 -14.83 74.69 3.68
C TYR H 284 -15.10 76.18 3.61
N GLN H 285 -15.87 76.72 4.55
CA GLN H 285 -16.06 78.16 4.63
C GLN H 285 -14.72 78.87 4.75
N ILE H 286 -13.89 78.42 5.68
CA ILE H 286 -12.57 79.02 5.82
C ILE H 286 -11.72 78.71 4.59
N MET H 287 -11.90 77.52 4.01
CA MET H 287 -11.19 77.20 2.77
C MET H 287 -11.56 78.18 1.67
N SER H 288 -12.83 78.56 1.58
CA SER H 288 -13.22 79.66 0.71
C SER H 288 -12.49 80.92 1.14
N ASN H 289 -11.86 81.60 0.18
CA ASN H 289 -10.87 82.62 0.46
C ASN H 289 -11.44 84.04 0.44
N LYS H 290 -12.68 84.23 0.88
CA LYS H 290 -13.22 85.59 0.93
C LYS H 290 -12.43 86.49 1.86
N LYS H 291 -11.62 85.92 2.75
CA LYS H 291 -10.77 86.70 3.65
C LYS H 291 -9.54 85.88 3.97
N PRO H 292 -8.44 86.07 3.22
CA PRO H 292 -7.20 85.36 3.52
C PRO H 292 -6.56 85.76 4.84
N ASP H 293 -7.14 86.69 5.59
CA ASP H 293 -6.64 86.98 6.92
C ASP H 293 -6.60 85.71 7.77
N LEU H 294 -7.69 84.93 7.73
CA LEU H 294 -7.72 83.67 8.45
C LEU H 294 -6.74 82.67 7.84
N ILE H 295 -6.85 82.44 6.54
CA ILE H 295 -5.96 81.50 5.83
C ILE H 295 -4.51 81.71 6.20
N GLU H 296 -4.10 82.96 6.38
CA GLU H 296 -2.75 83.21 6.89
C GLU H 296 -2.67 82.96 8.39
N MET H 297 -3.69 83.39 9.14
CA MET H 297 -3.63 83.30 10.60
C MET H 297 -3.77 81.87 11.09
N LEU H 298 -4.70 81.11 10.50
CA LEU H 298 -4.85 79.71 10.88
C LEU H 298 -3.84 78.80 10.21
N LEU H 299 -2.87 79.37 9.50
CA LEU H 299 -1.76 78.65 8.90
C LEU H 299 -2.19 77.59 7.91
N ILE H 300 -3.46 77.54 7.56
CA ILE H 300 -3.98 76.54 6.64
C ILE H 300 -3.77 77.01 5.21
N THR H 301 -3.76 76.06 4.28
CA THR H 301 -3.77 76.39 2.87
C THR H 301 -5.21 76.47 2.38
N THR H 302 -5.39 76.66 1.08
CA THR H 302 -6.73 76.80 0.52
C THR H 302 -7.27 75.48 -0.02
N ASN H 303 -6.41 74.61 -0.52
CA ASN H 303 -6.86 73.33 -1.05
C ASN H 303 -7.36 72.45 0.07
N PRO H 304 -8.64 72.13 0.14
CA PRO H 304 -9.12 71.24 1.22
C PRO H 304 -8.56 69.83 1.08
N TYR H 305 -8.19 69.40 -0.12
CA TYR H 305 -7.58 68.09 -0.30
C TYR H 305 -6.23 67.97 0.39
N ASP H 306 -5.77 69.01 1.06
CA ASP H 306 -4.53 68.95 1.83
C ASP H 306 -4.77 68.50 3.27
N TYR H 307 -6.02 68.30 3.67
CA TYR H 307 -6.38 68.02 5.06
C TYR H 307 -7.34 66.86 5.10
N ALA H 308 -6.88 65.72 5.63
CA ALA H 308 -7.57 64.46 5.44
C ALA H 308 -8.89 64.39 6.19
N PHE H 309 -8.99 65.06 7.35
CA PHE H 309 -10.23 65.02 8.12
C PHE H 309 -11.43 65.46 7.31
N VAL H 310 -11.24 66.40 6.38
CA VAL H 310 -12.36 66.98 5.63
C VAL H 310 -12.37 66.57 4.16
N SER H 311 -11.36 65.84 3.70
CA SER H 311 -11.13 65.61 2.28
C SER H 311 -11.41 64.17 1.87
N GLN H 312 -12.47 63.57 2.41
CA GLN H 312 -12.84 62.21 2.05
C GLN H 312 -14.19 62.15 1.35
N GLY H 313 -14.70 63.28 0.87
CA GLY H 313 -15.93 63.30 0.13
C GLY H 313 -15.95 64.32 -0.99
N GLU H 314 -17.02 65.10 -1.07
CA GLU H 314 -17.18 66.15 -2.06
C GLU H 314 -16.93 67.49 -1.39
N ILE H 315 -15.92 68.22 -1.85
CA ILE H 315 -15.50 69.45 -1.18
C ILE H 315 -16.36 70.63 -1.62
N THR H 316 -16.36 70.93 -2.91
CA THR H 316 -17.13 72.04 -3.44
C THR H 316 -18.53 71.59 -3.83
N VAL H 317 -19.54 72.33 -3.39
CA VAL H 317 -20.93 71.99 -3.67
C VAL H 317 -21.45 72.89 -4.79
N PRO H 318 -22.18 72.35 -5.76
CA PRO H 318 -22.74 73.22 -6.79
C PRO H 318 -24.09 73.81 -6.42
N SER H 319 -24.24 74.28 -5.18
CA SER H 319 -25.44 75.02 -4.81
C SER H 319 -25.12 76.40 -4.25
N ILE H 320 -24.21 76.51 -3.29
CA ILE H 320 -23.82 77.79 -2.71
C ILE H 320 -22.31 77.77 -2.52
N ASP H 321 -21.69 78.94 -2.68
CA ASP H 321 -20.31 79.10 -2.28
C ASP H 321 -20.24 79.44 -0.79
N ASP H 322 -19.08 79.19 -0.20
CA ASP H 322 -18.90 79.40 1.22
C ASP H 322 -18.32 80.76 1.57
N GLN H 323 -17.97 81.58 0.58
CA GLN H 323 -17.37 82.88 0.84
C GLN H 323 -18.34 83.78 1.60
N GLU H 324 -19.46 84.12 0.98
CA GLU H 324 -20.43 85.02 1.59
C GLU H 324 -20.83 84.57 3.00
N GLU H 325 -20.97 83.25 3.18
CA GLU H 325 -21.37 82.73 4.48
C GLU H 325 -20.37 83.09 5.57
N LEU H 326 -19.09 83.26 5.21
CA LEU H 326 -18.09 83.69 6.17
C LEU H 326 -18.53 84.94 6.91
N MET H 327 -18.73 86.04 6.17
CA MET H 327 -19.12 87.28 6.83
C MET H 327 -20.57 87.25 7.30
N ALA H 328 -21.43 86.48 6.64
CA ALA H 328 -22.79 86.30 7.16
C ALA H 328 -22.75 85.81 8.61
N THR H 329 -22.12 84.65 8.82
CA THR H 329 -22.02 84.11 10.17
C THR H 329 -21.11 84.94 11.05
N ASP H 330 -20.16 85.67 10.48
CA ASP H 330 -19.35 86.57 11.27
C ASP H 330 -20.22 87.64 11.91
N SER H 331 -21.08 88.29 11.13
CA SER H 331 -22.04 89.24 11.67
C SER H 331 -22.98 88.56 12.65
N ALA H 332 -23.42 87.35 12.34
CA ALA H 332 -24.25 86.58 13.26
C ALA H 332 -23.58 86.47 14.63
N ILE H 333 -22.26 86.24 14.63
CA ILE H 333 -21.50 86.25 15.86
C ILE H 333 -21.51 87.64 16.48
N ASP H 334 -21.14 88.65 15.70
CA ASP H 334 -20.91 89.99 16.22
C ASP H 334 -22.12 90.53 16.95
N ILE H 335 -23.31 90.38 16.36
CA ILE H 335 -24.50 90.92 16.98
C ILE H 335 -24.82 90.24 18.30
N LEU H 336 -24.24 89.08 18.57
CA LEU H 336 -24.45 88.36 19.81
C LEU H 336 -23.30 88.62 20.77
N GLY H 337 -23.44 88.11 21.99
CA GLY H 337 -22.54 88.47 23.07
C GLY H 337 -21.14 87.88 22.97
N PHE H 338 -20.43 88.20 21.89
CA PHE H 338 -19.11 87.66 21.63
C PHE H 338 -18.09 88.78 21.57
N THR H 339 -16.97 88.61 22.26
CA THR H 339 -15.84 89.50 22.10
C THR H 339 -15.05 89.09 20.85
N SER H 340 -14.06 89.91 20.48
CA SER H 340 -13.26 89.62 19.29
C SER H 340 -12.29 88.47 19.55
N ASP H 341 -11.57 88.53 20.66
CA ASP H 341 -10.70 87.42 21.05
C ASP H 341 -11.46 86.10 21.07
N GLU H 342 -12.72 86.14 21.51
CA GLU H 342 -13.57 84.96 21.46
C GLU H 342 -13.63 84.39 20.05
N ARG H 343 -13.78 85.26 19.05
CA ARG H 343 -13.93 84.81 17.68
C ARG H 343 -12.61 84.33 17.09
N VAL H 344 -11.51 85.02 17.40
CA VAL H 344 -10.22 84.52 16.94
C VAL H 344 -9.90 83.18 17.60
N SER H 345 -10.38 82.97 18.83
CA SER H 345 -10.20 81.69 19.48
C SER H 345 -11.00 80.60 18.78
N ILE H 346 -12.26 80.90 18.45
CA ILE H 346 -13.07 79.94 17.69
C ILE H 346 -12.36 79.54 16.41
N TYR H 347 -11.84 80.54 15.69
CA TYR H 347 -11.17 80.26 14.41
C TYR H 347 -9.92 79.43 14.62
N LYS H 348 -9.10 79.77 15.63
CA LYS H 348 -7.89 79.01 15.89
C LYS H 348 -8.22 77.57 16.27
N LEU H 349 -9.28 77.35 17.04
CA LEU H 349 -9.66 76.00 17.43
C LEU H 349 -10.10 75.19 16.21
N THR H 350 -10.90 75.79 15.34
CA THR H 350 -11.28 75.09 14.11
C THR H 350 -10.05 74.77 13.27
N GLY H 351 -9.09 75.70 13.21
CA GLY H 351 -7.88 75.44 12.46
C GLY H 351 -7.07 74.29 13.03
N ALA H 352 -7.01 74.20 14.36
CA ALA H 352 -6.28 73.10 14.98
C ALA H 352 -7.00 71.77 14.75
N VAL H 353 -8.33 71.79 14.81
CA VAL H 353 -9.11 70.62 14.46
C VAL H 353 -8.74 70.15 13.06
N MET H 354 -8.62 71.11 12.13
CA MET H 354 -8.24 70.76 10.77
C MET H 354 -6.81 70.24 10.71
N HIS H 355 -5.93 70.77 11.55
CA HIS H 355 -4.52 70.40 11.50
C HIS H 355 -4.27 68.98 12.00
N TYR H 356 -5.00 68.57 13.06
CA TYR H 356 -4.77 67.26 13.66
C TYR H 356 -4.69 66.14 12.63
N GLY H 357 -5.45 66.25 11.54
CA GLY H 357 -5.48 65.21 10.53
C GLY H 357 -4.12 64.84 9.98
N ASN H 358 -3.22 65.82 9.88
CA ASN H 358 -1.93 65.61 9.23
C ASN H 358 -0.82 65.23 10.20
N MET H 359 -1.14 65.08 11.49
CA MET H 359 -0.15 64.57 12.43
C MET H 359 0.16 63.12 12.08
N LYS H 360 1.44 62.82 11.93
CA LYS H 360 1.89 61.52 11.47
C LYS H 360 2.67 60.82 12.58
N PHE H 361 2.57 59.50 12.60
CA PHE H 361 3.19 58.68 13.63
C PHE H 361 3.72 57.41 12.99
N LYS H 362 4.83 56.92 13.52
CA LYS H 362 5.48 55.73 12.97
C LYS H 362 5.91 54.81 14.10
N GLN H 363 5.72 53.51 13.88
CA GLN H 363 6.11 52.52 14.87
C GLN H 363 7.62 52.50 15.03
N LYS H 364 8.07 52.39 16.28
CA LYS H 364 9.50 52.18 16.53
C LYS H 364 9.91 50.82 16.01
N GLN H 365 11.19 50.69 15.64
CA GLN H 365 11.65 49.48 14.98
C GLN H 365 11.68 48.28 15.92
N ARG H 366 11.94 48.51 17.21
CA ARG H 366 12.13 47.43 18.17
C ARG H 366 10.93 47.24 19.09
N GLU H 367 9.76 47.75 18.70
CA GLU H 367 8.59 47.68 19.55
C GLU H 367 7.36 47.99 18.70
N GLU H 368 6.20 47.98 19.34
CA GLU H 368 4.95 48.46 18.76
C GLU H 368 4.58 49.84 19.25
N GLN H 369 5.45 50.46 20.06
CA GLN H 369 5.16 51.78 20.59
C GLN H 369 5.19 52.82 19.48
N ALA H 370 4.14 53.62 19.40
CA ALA H 370 4.10 54.69 18.42
C ALA H 370 5.07 55.81 18.79
N GLU H 371 5.42 56.61 17.81
CA GLU H 371 6.32 57.74 17.99
C GLU H 371 6.16 58.68 16.82
N PRO H 372 6.46 59.97 16.99
CA PRO H 372 6.25 60.93 15.92
C PRO H 372 7.42 60.99 14.95
N ASP H 373 7.10 61.30 13.70
CA ASP H 373 8.10 61.47 12.65
C ASP H 373 8.42 62.95 12.39
N GLY H 374 7.40 63.75 12.09
CA GLY H 374 7.62 65.15 11.81
C GLY H 374 6.79 66.07 12.68
N THR H 375 7.46 66.91 13.48
CA THR H 375 6.79 67.79 14.41
C THR H 375 6.19 69.03 13.74
N GLU H 376 6.21 69.09 12.41
CA GLU H 376 5.79 70.31 11.72
C GLU H 376 4.33 70.63 12.01
N VAL H 377 3.43 69.76 11.59
CA VAL H 377 2.01 69.95 11.88
C VAL H 377 1.77 69.92 13.39
N ALA H 378 2.59 69.15 14.12
CA ALA H 378 2.55 69.20 15.57
C ALA H 378 2.84 70.61 16.07
N ASP H 379 3.89 71.23 15.53
CA ASP H 379 4.22 72.60 15.91
C ASP H 379 3.08 73.54 15.60
N LYS H 380 2.50 73.42 14.41
CA LYS H 380 1.40 74.30 14.01
C LYS H 380 0.23 74.18 14.99
N ALA H 381 -0.26 72.95 15.18
CA ALA H 381 -1.41 72.75 16.05
C ALA H 381 -1.12 73.19 17.48
N ALA H 382 0.10 72.95 17.96
CA ALA H 382 0.43 73.29 19.34
C ALA H 382 0.50 74.80 19.52
N TYR H 383 1.15 75.51 18.59
CA TYR H 383 1.16 76.96 18.65
C TYR H 383 -0.25 77.52 18.56
N LEU H 384 -1.10 76.87 17.77
CA LEU H 384 -2.47 77.32 17.62
C LEU H 384 -3.26 77.25 18.93
N GLN H 385 -2.73 76.58 19.95
CA GLN H 385 -3.33 76.57 21.28
C GLN H 385 -2.40 77.08 22.36
N ASN H 386 -1.22 77.59 21.99
CA ASN H 386 -0.28 78.19 22.93
C ASN H 386 0.14 77.20 24.01
N LEU H 387 0.70 76.08 23.55
CA LEU H 387 1.26 75.07 24.46
C LEU H 387 2.31 74.30 23.69
N ASN H 388 3.28 73.76 24.42
CA ASN H 388 4.46 73.18 23.79
C ASN H 388 4.07 72.04 22.85
N SER H 389 4.84 71.91 21.77
CA SER H 389 4.56 70.88 20.78
C SER H 389 5.17 69.54 21.16
N ALA H 390 6.45 69.55 21.52
CA ALA H 390 7.10 68.32 22.00
C ALA H 390 6.31 67.72 23.14
N ASP H 391 5.89 68.56 24.09
CA ASP H 391 5.09 68.08 25.21
C ASP H 391 3.78 67.47 24.71
N LEU H 392 3.15 68.09 23.72
CA LEU H 392 1.89 67.56 23.21
C LEU H 392 2.08 66.18 22.61
N LEU H 393 3.02 66.04 21.67
CA LEU H 393 3.21 64.75 21.02
C LEU H 393 3.67 63.69 22.02
N LYS H 394 4.48 64.07 23.01
CA LYS H 394 4.86 63.15 24.06
C LYS H 394 3.63 62.65 24.81
N ALA H 395 2.84 63.58 25.35
CA ALA H 395 1.64 63.21 26.08
C ALA H 395 0.59 62.52 25.22
N LEU H 396 0.74 62.55 23.90
CA LEU H 396 -0.08 61.68 23.05
C LEU H 396 0.48 60.27 23.02
N CYS H 397 1.78 60.14 22.76
CA CYS H 397 2.39 58.83 22.59
C CYS H 397 3.01 58.29 23.87
N TYR H 398 2.79 58.95 25.00
CA TYR H 398 3.18 58.39 26.30
C TYR H 398 2.25 58.87 27.40
N PRO H 399 0.96 58.55 27.34
CA PRO H 399 0.05 58.97 28.41
C PRO H 399 0.42 58.29 29.72
N ARG H 400 -0.28 58.69 30.78
CA ARG H 400 -0.09 58.04 32.06
C ARG H 400 -1.38 58.14 32.86
N VAL H 401 -1.70 57.05 33.54
CA VAL H 401 -2.97 56.91 34.25
C VAL H 401 -2.69 56.78 35.75
N LYS H 402 -3.61 57.31 36.54
CA LYS H 402 -3.49 57.31 38.00
C LYS H 402 -3.87 55.93 38.52
N VAL H 403 -2.89 55.16 38.96
CA VAL H 403 -3.11 53.84 39.54
C VAL H 403 -2.77 53.90 41.02
N GLY H 404 -3.69 53.46 41.86
CA GLY H 404 -3.50 53.53 43.29
C GLY H 404 -3.26 54.94 43.77
N ASN H 405 -2.03 55.23 44.20
CA ASN H 405 -1.65 56.56 44.65
C ASN H 405 -0.38 57.02 43.95
N GLU H 406 -0.18 56.58 42.72
CA GLU H 406 0.92 57.06 41.89
C GLU H 406 0.47 56.96 40.44
N TYR H 407 1.42 57.08 39.51
CA TYR H 407 1.12 57.05 38.09
C TYR H 407 2.02 56.06 37.40
N VAL H 408 1.50 55.45 36.34
CA VAL H 408 2.28 54.60 35.44
C VAL H 408 1.99 55.06 34.02
N THR H 409 3.00 54.95 33.17
CA THR H 409 2.92 55.41 31.79
C THR H 409 2.51 54.26 30.88
N LYS H 410 1.26 54.27 30.45
CA LYS H 410 0.79 53.25 29.53
C LYS H 410 1.53 53.33 28.21
N GLY H 411 1.49 52.23 27.47
CA GLY H 411 2.03 52.18 26.13
C GLY H 411 0.96 52.48 25.10
N GLN H 412 1.41 52.82 23.89
CA GLN H 412 0.49 53.17 22.82
C GLN H 412 1.00 52.62 21.51
N THR H 413 0.11 52.00 20.74
CA THR H 413 0.41 51.66 19.36
C THR H 413 -0.11 52.76 18.44
N VAL H 414 0.37 52.74 17.19
CA VAL H 414 0.04 53.79 16.24
C VAL H 414 -1.48 53.96 16.13
N GLN H 415 -2.17 52.87 15.81
CA GLN H 415 -3.63 52.92 15.68
C GLN H 415 -4.28 53.52 16.91
N GLN H 416 -3.78 53.17 18.09
CA GLN H 416 -4.32 53.73 19.32
C GLN H 416 -4.14 55.24 19.35
N VAL H 417 -2.99 55.73 18.90
CA VAL H 417 -2.73 57.16 18.92
C VAL H 417 -3.63 57.88 17.92
N TYR H 418 -3.87 57.26 16.76
CA TYR H 418 -4.79 57.86 15.79
C TYR H 418 -6.20 57.96 16.36
N ASN H 419 -6.68 56.88 16.98
CA ASN H 419 -7.99 56.95 17.62
C ASN H 419 -8.01 58.03 18.69
N ALA H 420 -6.91 58.18 19.43
CA ALA H 420 -6.85 59.20 20.48
C ALA H 420 -6.99 60.60 19.90
N VAL H 421 -6.21 60.91 18.86
CA VAL H 421 -6.27 62.27 18.31
C VAL H 421 -7.61 62.50 17.62
N GLY H 422 -8.20 61.47 17.02
CA GLY H 422 -9.53 61.63 16.46
C GLY H 422 -10.54 61.99 17.53
N ALA H 423 -10.56 61.24 18.62
CA ALA H 423 -11.46 61.57 19.72
C ALA H 423 -11.17 62.95 20.27
N LEU H 424 -9.90 63.37 20.27
CA LEU H 424 -9.55 64.69 20.78
C LEU H 424 -10.18 65.79 19.93
N ALA H 425 -9.97 65.73 18.62
CA ALA H 425 -10.58 66.72 17.74
C ALA H 425 -12.09 66.71 17.87
N LYS H 426 -12.69 65.53 17.88
CA LYS H 426 -14.15 65.43 17.99
C LYS H 426 -14.64 66.09 19.27
N ALA H 427 -13.97 65.80 20.39
CA ALA H 427 -14.42 66.33 21.66
C ALA H 427 -14.26 67.85 21.72
N VAL H 428 -13.13 68.37 21.23
CA VAL H 428 -12.93 69.81 21.30
C VAL H 428 -13.94 70.53 20.40
N TYR H 429 -14.26 69.94 19.24
CA TYR H 429 -15.23 70.57 18.36
C TYR H 429 -16.62 70.57 18.98
N GLU H 430 -17.05 69.44 19.53
CA GLU H 430 -18.37 69.41 20.15
C GLU H 430 -18.45 70.30 21.38
N LYS H 431 -17.34 70.45 22.11
CA LYS H 431 -17.34 71.36 23.25
C LYS H 431 -17.45 72.81 22.79
N MET H 432 -16.74 73.16 21.72
CA MET H 432 -16.91 74.48 21.12
C MET H 432 -18.36 74.73 20.78
N PHE H 433 -19.00 73.76 20.13
CA PHE H 433 -20.42 73.89 19.76
C PHE H 433 -21.28 74.15 21.00
N LEU H 434 -21.16 73.28 22.00
CA LEU H 434 -22.04 73.39 23.15
C LEU H 434 -21.83 74.70 23.89
N TRP H 435 -20.60 75.19 23.95
CA TRP H 435 -20.37 76.41 24.71
C TRP H 435 -20.76 77.65 23.92
N MET H 436 -20.61 77.65 22.60
CA MET H 436 -21.13 78.77 21.84
C MET H 436 -22.65 78.82 21.93
N VAL H 437 -23.31 77.65 21.97
CA VAL H 437 -24.74 77.64 22.24
C VAL H 437 -25.04 78.22 23.61
N THR H 438 -24.22 77.86 24.60
CA THR H 438 -24.35 78.44 25.93
C THR H 438 -24.29 79.95 25.89
N ARG H 439 -23.30 80.50 25.18
CA ARG H 439 -23.16 81.95 25.07
C ARG H 439 -24.36 82.57 24.39
N ILE H 440 -24.86 81.93 23.32
CA ILE H 440 -26.03 82.46 22.61
C ILE H 440 -27.20 82.56 23.57
N ASN H 441 -27.59 81.45 24.18
CA ASN H 441 -28.68 81.48 25.14
C ASN H 441 -28.36 82.33 26.36
N GLN H 442 -27.09 82.70 26.55
CA GLN H 442 -26.72 83.64 27.61
C GLN H 442 -27.04 85.07 27.22
N GLN H 443 -26.90 85.41 25.95
CA GLN H 443 -27.19 86.76 25.50
C GLN H 443 -28.68 87.03 25.27
N LEU H 444 -29.49 85.99 25.10
CA LEU H 444 -30.86 86.15 24.65
C LEU H 444 -31.89 86.13 25.77
N ASP H 445 -31.48 85.89 27.01
CA ASP H 445 -32.45 85.73 28.10
C ASP H 445 -32.97 87.09 28.57
N THR H 446 -34.23 87.09 29.01
CA THR H 446 -34.85 88.25 29.64
C THR H 446 -35.12 87.91 31.11
N LYS H 447 -34.81 88.85 31.99
CA LYS H 447 -34.64 88.58 33.41
C LYS H 447 -35.96 88.54 34.18
N GLN H 448 -37.09 88.46 33.50
CA GLN H 448 -38.37 88.34 34.20
C GLN H 448 -38.46 86.96 34.85
N PRO H 449 -38.93 86.87 36.10
CA PRO H 449 -39.14 85.55 36.71
C PRO H 449 -40.15 84.75 35.91
N ARG H 450 -39.72 83.60 35.40
CA ARG H 450 -40.48 82.81 34.45
C ARG H 450 -40.96 81.52 35.11
N GLN H 451 -41.77 80.77 34.35
CA GLN H 451 -42.31 79.49 34.78
C GLN H 451 -42.50 78.64 33.53
N TYR H 452 -43.39 77.65 33.63
CA TYR H 452 -43.63 76.63 32.61
C TYR H 452 -43.51 77.19 31.20
N PHE H 453 -42.74 76.49 30.37
CA PHE H 453 -42.33 76.93 29.05
C PHE H 453 -43.13 76.21 27.97
N ILE H 454 -42.73 76.43 26.72
CA ILE H 454 -43.20 75.69 25.57
C ILE H 454 -42.01 74.97 24.95
N GLY H 455 -42.30 73.89 24.23
CA GLY H 455 -41.24 73.16 23.57
C GLY H 455 -41.34 73.13 22.05
N VAL H 456 -40.44 73.84 21.38
CA VAL H 456 -40.33 73.79 19.93
C VAL H 456 -39.11 72.95 19.59
N LEU H 457 -39.33 71.81 18.93
CA LEU H 457 -38.26 70.85 18.69
C LEU H 457 -38.36 70.29 17.29
N ASP H 458 -37.34 70.56 16.48
CA ASP H 458 -37.12 69.88 15.21
C ASP H 458 -36.08 68.79 15.41
N ILE H 459 -36.04 67.86 14.47
CA ILE H 459 -35.09 66.75 14.52
C ILE H 459 -35.01 66.13 13.13
N ALA H 460 -33.91 65.43 12.87
CA ALA H 460 -33.81 64.69 11.62
C ALA H 460 -34.83 63.57 11.60
N GLY H 461 -35.54 63.44 10.49
CA GLY H 461 -36.61 62.47 10.37
C GLY H 461 -36.10 61.06 10.21
N PHE H 462 -37.03 60.16 9.89
CA PHE H 462 -36.71 58.76 9.67
C PHE H 462 -36.03 58.59 8.32
N GLU H 463 -34.82 59.13 8.21
CA GLU H 463 -34.14 59.24 6.92
C GLU H 463 -33.46 57.91 6.61
N ILE H 464 -34.06 57.13 5.70
CA ILE H 464 -33.48 55.89 5.23
C ILE H 464 -33.00 56.10 3.79
N PHE H 465 -31.89 55.46 3.45
CA PHE H 465 -31.20 55.68 2.19
C PHE H 465 -31.04 54.35 1.46
N ASP H 466 -30.25 54.38 0.39
CA ASP H 466 -29.88 53.18 -0.34
C ASP H 466 -28.65 52.48 0.24
N PHE H 467 -27.91 53.14 1.12
CA PHE H 467 -26.71 52.56 1.72
C PHE H 467 -26.59 53.12 3.12
N ASN H 468 -27.10 52.40 4.10
CA ASN H 468 -27.16 52.92 5.46
C ASN H 468 -25.82 52.70 6.17
N SER H 469 -25.72 53.26 7.36
CA SER H 469 -24.50 53.21 8.16
C SER H 469 -24.85 53.47 9.62
N LEU H 470 -23.84 53.74 10.43
CA LEU H 470 -24.04 53.94 11.86
C LEU H 470 -24.99 55.10 12.13
N GLU H 471 -24.64 56.29 11.65
CA GLU H 471 -25.42 57.49 11.94
C GLU H 471 -26.88 57.31 11.53
N GLN H 472 -27.11 56.66 10.39
CA GLN H 472 -28.47 56.39 9.95
C GLN H 472 -29.20 55.53 10.97
N LEU H 473 -28.53 54.50 11.50
CA LEU H 473 -29.16 53.65 12.51
C LEU H 473 -29.45 54.42 13.79
N CYS H 474 -28.54 55.32 14.18
CA CYS H 474 -28.77 56.11 15.38
C CYS H 474 -29.97 57.04 15.21
N ILE H 475 -30.08 57.67 14.04
CA ILE H 475 -31.21 58.54 13.76
C ILE H 475 -32.51 57.75 13.77
N ASN H 476 -32.51 56.60 13.09
CA ASN H 476 -33.69 55.75 13.08
C ASN H 476 -34.07 55.32 14.48
N PHE H 477 -33.08 55.08 15.34
CA PHE H 477 -33.37 54.71 16.72
C PHE H 477 -34.00 55.87 17.49
N THR H 478 -33.48 57.07 17.29
CA THR H 478 -34.11 58.25 17.90
C THR H 478 -35.57 58.35 17.50
N ASN H 479 -35.83 58.17 16.20
CA ASN H 479 -37.20 58.24 15.72
C ASN H 479 -38.05 57.10 16.26
N GLU H 480 -37.44 55.93 16.49
CA GLU H 480 -38.15 54.85 17.16
C GLU H 480 -38.60 55.28 18.55
N LYS H 481 -37.68 55.88 19.31
CA LYS H 481 -38.02 56.33 20.65
C LYS H 481 -39.15 57.35 20.62
N LEU H 482 -39.06 58.31 19.69
CA LEU H 482 -40.11 59.33 19.57
C LEU H 482 -41.45 58.70 19.19
N GLN H 483 -41.43 57.77 18.23
CA GLN H 483 -42.65 57.12 17.80
C GLN H 483 -43.31 56.37 18.95
N GLN H 484 -42.52 55.64 19.73
CA GLN H 484 -43.09 54.94 20.88
C GLN H 484 -43.62 55.92 21.92
N PHE H 485 -42.88 57.01 22.14
CA PHE H 485 -43.33 58.05 23.05
C PHE H 485 -44.74 58.52 22.70
N PHE H 486 -44.91 59.02 21.48
CA PHE H 486 -46.20 59.58 21.14
C PHE H 486 -47.24 58.50 20.91
N ASN H 487 -46.83 57.29 20.55
CA ASN H 487 -47.76 56.17 20.51
C ASN H 487 -48.38 55.96 21.89
N HIS H 488 -47.55 55.90 22.93
CA HIS H 488 -48.06 55.69 24.28
C HIS H 488 -48.88 56.89 24.74
N HIS H 489 -48.47 58.10 24.35
CA HIS H 489 -49.23 59.28 24.75
C HIS H 489 -50.62 59.29 24.14
N MET H 490 -50.70 59.07 22.82
CA MET H 490 -51.99 58.92 22.17
C MET H 490 -52.77 57.77 22.79
N PHE H 491 -52.09 56.69 23.15
CA PHE H 491 -52.76 55.57 23.81
C PHE H 491 -53.47 56.05 25.06
N VAL H 492 -52.73 56.61 26.01
CA VAL H 492 -53.34 57.00 27.28
C VAL H 492 -54.47 57.98 27.03
N LEU H 493 -54.21 59.03 26.25
CA LEU H 493 -55.25 60.03 26.01
C LEU H 493 -56.49 59.41 25.38
N GLU H 494 -56.37 58.94 24.14
CA GLU H 494 -57.50 58.37 23.41
C GLU H 494 -58.20 57.27 24.20
N GLN H 495 -57.48 56.20 24.53
CA GLN H 495 -58.09 55.07 25.24
C GLN H 495 -58.71 55.52 26.56
N GLU H 496 -57.88 55.99 27.49
CA GLU H 496 -58.36 56.31 28.83
C GLU H 496 -59.35 57.47 28.83
N GLU H 497 -59.62 58.10 27.69
CA GLU H 497 -60.83 58.91 27.59
C GLU H 497 -62.07 58.07 27.86
N TYR H 498 -62.22 56.97 27.15
CA TYR H 498 -63.43 56.16 27.10
C TYR H 498 -63.75 55.45 28.41
N LYS H 499 -63.02 55.67 29.50
CA LYS H 499 -63.49 55.20 30.79
C LYS H 499 -64.90 55.71 31.06
N LYS H 500 -65.15 56.98 30.77
CA LYS H 500 -66.46 57.58 30.94
C LYS H 500 -67.47 57.10 29.89
N GLU H 501 -67.01 56.46 28.82
CA GLU H 501 -67.87 56.08 27.71
C GLU H 501 -68.50 54.72 27.89
N GLY H 502 -68.59 54.24 29.13
CA GLY H 502 -69.28 53.00 29.44
C GLY H 502 -68.79 51.78 28.71
N ILE H 503 -67.66 51.89 28.00
CA ILE H 503 -67.09 50.77 27.28
C ILE H 503 -65.62 51.07 27.02
N GLU H 504 -64.80 50.02 27.05
CA GLU H 504 -63.38 50.11 26.74
C GLU H 504 -63.05 49.13 25.64
N TRP H 505 -62.01 49.45 24.87
CA TRP H 505 -61.55 48.60 23.78
C TRP H 505 -60.08 48.84 23.57
N GLU H 506 -59.40 47.85 22.99
CA GLU H 506 -57.95 47.87 22.81
C GLU H 506 -57.25 48.10 24.15
N PHE H 507 -57.44 47.10 25.02
CA PHE H 507 -57.04 47.23 26.42
C PHE H 507 -55.52 47.18 26.61
N ILE H 508 -54.76 46.92 25.56
CA ILE H 508 -53.32 46.88 25.67
C ILE H 508 -52.74 48.26 25.41
N ASP H 509 -51.56 48.52 25.95
CA ASP H 509 -50.88 49.77 25.65
C ASP H 509 -50.42 49.77 24.20
N PHE H 510 -50.26 50.97 23.65
CA PHE H 510 -49.94 51.11 22.24
C PHE H 510 -48.45 51.24 21.98
N GLY H 511 -47.67 51.69 22.97
CA GLY H 511 -46.24 51.74 22.79
C GLY H 511 -45.56 50.38 22.84
N MET H 512 -46.27 49.37 23.33
CA MET H 512 -45.68 48.06 23.56
C MET H 512 -45.51 47.24 22.30
N ASP H 513 -45.63 47.84 21.12
CA ASP H 513 -45.31 47.15 19.88
C ASP H 513 -44.07 47.72 19.21
N LEU H 514 -43.68 48.94 19.52
CA LEU H 514 -42.37 49.44 19.14
C LEU H 514 -41.29 48.91 20.07
N ALA H 515 -41.67 48.44 21.26
CA ALA H 515 -40.69 47.92 22.22
C ALA H 515 -39.91 46.75 21.64
N ALA H 516 -40.54 45.95 20.78
CA ALA H 516 -39.83 44.83 20.16
C ALA H 516 -38.64 45.32 19.34
N CYS H 517 -38.83 46.39 18.58
CA CYS H 517 -37.72 46.93 17.79
C CYS H 517 -36.75 47.75 18.64
N ILE H 518 -37.21 48.31 19.75
CA ILE H 518 -36.31 49.09 20.60
C ILE H 518 -35.36 48.16 21.36
N GLU H 519 -35.92 47.13 22.00
CA GLU H 519 -35.11 46.20 22.79
C GLU H 519 -34.02 45.57 21.94
N LEU H 520 -34.30 45.31 20.67
CA LEU H 520 -33.31 44.74 19.78
C LEU H 520 -32.11 45.64 19.58
N ILE H 521 -32.17 46.89 20.04
CA ILE H 521 -31.09 47.82 19.79
C ILE H 521 -30.46 48.28 21.10
N GLU H 522 -31.25 48.36 22.17
CA GLU H 522 -30.74 48.99 23.38
C GLU H 522 -30.56 48.04 24.56
N LYS H 523 -31.14 46.85 24.55
CA LYS H 523 -31.04 45.96 25.68
C LYS H 523 -29.64 45.35 25.77
N PRO H 524 -29.29 44.73 26.90
CA PRO H 524 -28.06 43.94 26.95
C PRO H 524 -28.09 42.84 25.90
N MET H 525 -26.94 42.61 25.28
CA MET H 525 -26.76 41.78 24.09
C MET H 525 -27.48 42.37 22.88
N GLY H 526 -28.00 43.59 22.99
CA GLY H 526 -28.52 44.28 21.84
C GLY H 526 -27.42 44.71 20.90
N ILE H 527 -27.84 45.30 19.77
CA ILE H 527 -26.90 45.68 18.72
C ILE H 527 -25.85 46.65 19.26
N PHE H 528 -26.29 47.66 19.99
CA PHE H 528 -25.33 48.63 20.54
C PHE H 528 -24.39 47.97 21.54
N SER H 529 -24.94 47.14 22.42
CA SER H 529 -24.08 46.45 23.39
C SER H 529 -23.03 45.60 22.69
N ILE H 530 -23.45 44.83 21.68
CA ILE H 530 -22.50 43.99 20.96
C ILE H 530 -21.45 44.83 20.27
N LEU H 531 -21.86 45.96 19.70
CA LEU H 531 -20.89 46.85 19.06
C LEU H 531 -19.87 47.36 20.07
N GLU H 532 -20.32 47.69 21.28
CA GLU H 532 -19.39 48.09 22.32
C GLU H 532 -18.43 46.96 22.66
N GLU H 533 -18.97 45.76 22.84
CA GLU H 533 -18.16 44.58 23.06
C GLU H 533 -17.04 44.48 22.04
N GLU H 534 -17.38 44.61 20.77
CA GLU H 534 -16.37 44.45 19.73
C GLU H 534 -15.41 45.62 19.69
N CYS H 535 -15.86 46.83 19.97
CA CYS H 535 -14.91 47.92 20.10
C CYS H 535 -14.07 47.83 21.35
N MET H 536 -14.33 46.86 22.22
CA MET H 536 -13.49 46.62 23.38
C MET H 536 -12.66 45.35 23.29
N PHE H 537 -13.10 44.38 22.48
CA PHE H 537 -12.41 43.10 22.39
C PHE H 537 -11.02 43.30 21.79
N PRO H 538 -10.06 42.44 22.15
CA PRO H 538 -8.67 42.62 21.69
C PRO H 538 -8.45 42.72 20.19
N LYS H 539 -8.85 41.71 19.43
CA LYS H 539 -8.54 41.65 18.01
C LYS H 539 -9.81 41.54 17.18
N ALA H 540 -10.82 42.33 17.51
CA ALA H 540 -12.09 42.25 16.79
C ALA H 540 -11.93 42.72 15.36
N THR H 541 -12.80 42.19 14.49
CA THR H 541 -12.84 42.57 13.10
C THR H 541 -14.28 42.70 12.65
N ASP H 542 -14.48 43.23 11.44
CA ASP H 542 -15.83 43.37 10.92
C ASP H 542 -16.53 42.03 10.80
N THR H 543 -15.80 41.01 10.32
CA THR H 543 -16.42 39.71 10.14
C THR H 543 -16.80 39.08 11.47
N SER H 544 -15.95 39.21 12.48
CA SER H 544 -16.29 38.73 13.81
C SER H 544 -17.53 39.44 14.34
N PHE H 545 -17.62 40.75 14.11
CA PHE H 545 -18.81 41.50 14.49
C PHE H 545 -20.04 40.93 13.84
N LYS H 546 -19.98 40.69 12.53
CA LYS H 546 -21.13 40.16 11.82
C LYS H 546 -21.53 38.80 12.37
N ASN H 547 -20.56 37.92 12.56
CA ASN H 547 -20.88 36.57 13.04
C ASN H 547 -21.47 36.62 14.44
N LYS H 548 -20.95 37.50 15.30
CA LYS H 548 -21.48 37.64 16.64
C LYS H 548 -22.93 38.13 16.60
N LEU H 549 -23.18 39.16 15.80
CA LEU H 549 -24.55 39.67 15.63
C LEU H 549 -25.48 38.55 15.20
N TYR H 550 -25.07 37.79 14.17
CA TYR H 550 -25.92 36.71 13.66
C TYR H 550 -26.18 35.67 14.74
N GLU H 551 -25.13 35.12 15.32
CA GLU H 551 -25.30 34.05 16.29
C GLU H 551 -26.05 34.51 17.53
N GLN H 552 -26.05 35.81 17.83
CA GLN H 552 -26.82 36.29 18.96
C GLN H 552 -28.25 36.65 18.59
N HIS H 553 -28.54 36.94 17.34
CA HIS H 553 -29.90 37.41 17.09
C HIS H 553 -30.63 36.65 15.99
N LEU H 554 -29.94 36.20 14.95
CA LEU H 554 -30.60 35.59 13.80
C LEU H 554 -31.43 34.39 14.23
N GLY H 555 -32.70 34.39 13.83
CA GLY H 555 -33.59 33.30 14.17
C GLY H 555 -34.19 33.43 15.55
N LYS H 556 -33.40 33.93 16.49
CA LYS H 556 -33.83 34.09 17.87
C LYS H 556 -34.59 35.38 18.12
N SER H 557 -35.08 36.01 17.06
CA SER H 557 -35.94 37.18 17.16
C SER H 557 -36.72 37.29 15.85
N ASN H 558 -37.59 38.29 15.77
CA ASN H 558 -38.40 38.52 14.59
C ASN H 558 -38.06 39.81 13.85
N ASN H 559 -37.85 40.91 14.57
CA ASN H 559 -37.47 42.15 13.91
C ASN H 559 -36.14 42.00 13.17
N PHE H 560 -35.23 41.20 13.73
CA PHE H 560 -33.95 40.95 13.09
C PHE H 560 -34.10 39.88 12.04
N GLN H 561 -33.44 40.07 10.90
CA GLN H 561 -33.46 39.07 9.84
C GLN H 561 -32.35 39.38 8.84
N LYS H 562 -32.19 38.47 7.89
CA LYS H 562 -31.10 38.47 6.93
C LYS H 562 -31.34 39.50 5.83
N PRO H 563 -30.29 40.16 5.35
CA PRO H 563 -30.43 40.99 4.16
C PRO H 563 -30.74 40.15 2.93
N LYS H 564 -31.33 40.80 1.95
CA LYS H 564 -31.68 40.15 0.69
C LYS H 564 -30.82 40.70 -0.44
N PRO H 565 -29.92 39.92 -1.02
CA PRO H 565 -29.10 40.41 -2.14
C PRO H 565 -29.94 40.56 -3.40
N ALA H 566 -29.98 41.77 -3.94
CA ALA H 566 -30.70 42.07 -5.16
C ALA H 566 -30.27 43.45 -5.63
N LYS H 567 -30.98 43.98 -6.63
CA LYS H 567 -30.98 45.39 -7.05
C LYS H 567 -29.60 45.94 -7.36
N GLY H 568 -28.59 45.10 -7.48
CA GLY H 568 -27.25 45.55 -7.80
C GLY H 568 -26.64 46.49 -6.78
N LYS H 569 -27.23 46.56 -5.59
CA LYS H 569 -26.65 47.36 -4.53
C LYS H 569 -25.46 46.65 -3.92
N VAL H 570 -24.57 47.42 -3.30
CA VAL H 570 -23.27 46.90 -2.91
C VAL H 570 -23.39 45.80 -1.86
N GLU H 571 -23.87 46.12 -0.67
CA GLU H 571 -23.90 45.16 0.43
C GLU H 571 -24.85 45.63 1.53
N ALA H 572 -25.71 44.73 1.98
CA ALA H 572 -26.40 44.85 3.24
C ALA H 572 -25.96 43.70 4.15
N HIS H 573 -26.16 43.86 5.45
CA HIS H 573 -25.58 42.89 6.37
C HIS H 573 -26.57 42.37 7.39
N PHE H 574 -27.58 43.16 7.74
CA PHE H 574 -28.66 42.66 8.58
C PHE H 574 -29.86 43.59 8.44
N SER H 575 -31.06 43.01 8.47
CA SER H 575 -32.29 43.70 8.16
C SER H 575 -33.09 43.92 9.44
N LEU H 576 -33.27 45.17 9.81
CA LEU H 576 -34.15 45.54 10.91
C LEU H 576 -35.47 46.04 10.35
N VAL H 577 -36.55 45.77 11.08
CA VAL H 577 -37.87 46.28 10.74
C VAL H 577 -38.26 47.32 11.79
N HIS H 578 -38.88 48.39 11.34
CA HIS H 578 -39.28 49.49 12.20
C HIS H 578 -40.77 49.77 12.01
N TYR H 579 -41.24 50.84 12.67
CA TYR H 579 -42.58 51.32 12.36
C TYR H 579 -42.64 51.92 10.97
N ALA H 580 -41.51 52.40 10.45
CA ALA H 580 -41.44 52.99 9.12
C ALA H 580 -40.94 51.99 8.08
N GLY H 581 -41.25 50.72 8.24
CA GLY H 581 -40.83 49.71 7.31
C GLY H 581 -39.48 49.10 7.66
N THR H 582 -39.11 48.10 6.87
CA THR H 582 -37.84 47.41 7.08
C THR H 582 -36.69 48.17 6.43
N VAL H 583 -35.49 47.94 6.93
CA VAL H 583 -34.29 48.54 6.38
C VAL H 583 -33.11 47.69 6.81
N ASP H 584 -32.17 47.51 5.89
CA ASP H 584 -30.99 46.69 6.12
C ASP H 584 -29.74 47.55 6.04
N TYR H 585 -28.83 47.33 6.97
CA TYR H 585 -27.69 48.20 7.21
C TYR H 585 -26.40 47.57 6.71
N ASN H 586 -25.41 48.41 6.49
CA ASN H 586 -24.08 47.97 6.10
C ASN H 586 -23.14 48.13 7.29
N ILE H 587 -22.33 47.12 7.53
CA ILE H 587 -21.61 47.01 8.80
C ILE H 587 -20.17 47.48 8.70
N ALA H 588 -19.60 47.56 7.49
CA ALA H 588 -18.19 47.88 7.33
C ALA H 588 -17.86 49.23 7.93
N GLY H 589 -16.83 49.27 8.77
CA GLY H 589 -16.35 50.49 9.36
C GLY H 589 -16.99 50.88 10.67
N TRP H 590 -18.04 50.18 11.11
CA TRP H 590 -18.69 50.55 12.35
C TRP H 590 -17.76 50.46 13.54
N LEU H 591 -16.76 49.58 13.49
CA LEU H 591 -15.90 49.37 14.63
C LEU H 591 -14.99 50.57 14.88
N ASP H 592 -14.12 50.88 13.93
CA ASP H 592 -13.19 51.98 14.12
C ASP H 592 -13.88 53.34 14.11
N LYS H 593 -15.09 53.43 13.58
CA LYS H 593 -15.83 54.68 13.65
C LYS H 593 -16.38 54.95 15.05
N ASN H 594 -16.55 53.91 15.86
CA ASN H 594 -17.22 54.05 17.15
C ASN H 594 -16.26 54.19 18.32
N LYS H 595 -15.02 53.75 18.19
CA LYS H 595 -14.08 53.82 19.30
C LYS H 595 -13.47 55.21 19.36
N ASP H 596 -13.47 55.80 20.56
CA ASP H 596 -12.92 57.13 20.76
C ASP H 596 -12.31 57.22 22.16
N PRO H 597 -11.13 56.63 22.34
CA PRO H 597 -10.48 56.70 23.65
C PRO H 597 -9.95 58.09 23.93
N LEU H 598 -10.61 58.80 24.83
CA LEU H 598 -10.21 60.17 25.17
C LEU H 598 -8.97 60.13 26.05
N ASN H 599 -7.87 60.68 25.54
CA ASN H 599 -6.67 60.80 26.37
C ASN H 599 -6.94 61.75 27.53
N GLU H 600 -6.07 61.70 28.53
CA GLU H 600 -6.25 62.49 29.75
C GLU H 600 -5.15 63.49 30.00
N THR H 601 -3.88 63.11 29.81
CA THR H 601 -2.80 64.06 29.99
C THR H 601 -2.93 65.25 29.04
N VAL H 602 -3.42 65.01 27.83
CA VAL H 602 -3.60 66.10 26.89
C VAL H 602 -4.79 66.96 27.29
N VAL H 603 -5.81 66.37 27.93
CA VAL H 603 -6.89 67.19 28.45
C VAL H 603 -6.39 68.05 29.59
N GLY H 604 -5.42 67.54 30.36
CA GLY H 604 -4.77 68.40 31.34
C GLY H 604 -4.03 69.55 30.69
N LEU H 605 -3.28 69.24 29.63
CA LEU H 605 -2.63 70.28 28.83
C LEU H 605 -3.62 71.35 28.43
N TYR H 606 -4.79 70.94 27.92
CA TYR H 606 -5.83 71.88 27.56
C TYR H 606 -6.27 72.71 28.76
N GLN H 607 -6.53 72.04 29.89
CA GLN H 607 -6.92 72.76 31.11
C GLN H 607 -5.91 73.82 31.49
N LYS H 608 -4.63 73.59 31.21
CA LYS H 608 -3.59 74.55 31.57
C LYS H 608 -3.15 75.41 30.40
N SER H 609 -4.03 75.63 29.43
CA SER H 609 -3.70 76.49 28.29
C SER H 609 -3.86 77.95 28.69
N SER H 610 -3.84 78.84 27.71
CA SER H 610 -3.89 80.27 27.98
C SER H 610 -5.09 80.98 27.37
N MET H 611 -5.95 80.25 26.67
CA MET H 611 -7.15 80.84 26.06
C MET H 611 -8.38 80.19 26.69
N LYS H 612 -9.54 80.49 26.11
CA LYS H 612 -10.79 79.89 26.56
C LYS H 612 -11.05 78.55 25.91
N THR H 613 -10.03 77.92 25.31
CA THR H 613 -10.12 76.50 25.01
C THR H 613 -10.36 75.71 26.29
N LEU H 614 -9.69 76.08 27.38
CA LEU H 614 -9.92 75.44 28.66
C LEU H 614 -11.27 75.80 29.25
N ALA H 615 -11.91 76.87 28.78
CA ALA H 615 -13.25 77.18 29.24
C ALA H 615 -14.21 76.04 28.95
N TYR H 616 -13.95 75.27 27.89
CA TYR H 616 -14.68 74.02 27.69
C TYR H 616 -14.20 72.97 28.70
N LEU H 617 -12.92 72.62 28.61
CA LEU H 617 -12.32 71.57 29.43
C LEU H 617 -11.87 72.20 30.75
N PHE H 618 -12.87 72.58 31.55
CA PHE H 618 -12.60 73.36 32.76
C PHE H 618 -11.70 72.58 33.72
N SER H 619 -11.89 71.28 33.82
CA SER H 619 -10.96 70.43 34.58
C SER H 619 -10.96 69.02 34.03
N LYS H 636 -20.42 59.00 40.70
CA LYS H 636 -19.10 58.65 41.21
C LYS H 636 -18.37 57.74 40.23
N GLY H 637 -17.37 57.01 40.73
CA GLY H 637 -16.66 56.04 39.90
C GLY H 637 -17.54 54.91 39.41
N ALA H 638 -18.67 54.69 40.05
CA ALA H 638 -19.62 53.69 39.59
C ALA H 638 -20.37 54.20 38.36
N LYS H 639 -20.59 53.30 37.40
CA LYS H 639 -21.31 53.50 36.15
C LYS H 639 -20.58 54.41 35.17
N LYS H 640 -19.43 54.98 35.55
CA LYS H 640 -18.63 55.79 34.64
C LYS H 640 -17.49 54.96 34.10
N LYS H 641 -17.39 54.88 32.78
CA LYS H 641 -16.35 54.08 32.17
C LYS H 641 -15.04 54.86 32.18
N GLY H 642 -13.98 54.21 31.70
CA GLY H 642 -12.67 54.81 31.72
C GLY H 642 -12.34 55.53 30.43
N SER H 643 -11.22 56.24 30.47
CA SER H 643 -10.75 56.96 29.30
C SER H 643 -10.36 56.04 28.16
N SER H 644 -10.43 54.73 28.33
CA SER H 644 -10.14 53.78 27.27
C SER H 644 -11.35 52.92 26.93
N PHE H 645 -12.48 53.12 27.60
CA PHE H 645 -13.72 52.41 27.28
C PHE H 645 -14.77 53.35 26.69
N GLN H 646 -14.39 54.58 26.36
CA GLN H 646 -15.34 55.51 25.80
C GLN H 646 -15.78 55.07 24.41
N THR H 647 -17.05 55.32 24.09
CA THR H 647 -17.59 54.97 22.79
C THR H 647 -18.74 55.93 22.47
N VAL H 648 -18.93 56.18 21.18
CA VAL H 648 -19.91 57.18 20.75
C VAL H 648 -21.32 56.72 21.11
N SER H 649 -21.65 55.47 20.77
CA SER H 649 -23.00 54.96 21.02
C SER H 649 -23.42 55.12 22.48
N ALA H 650 -22.45 55.06 23.41
CA ALA H 650 -22.79 55.23 24.82
C ALA H 650 -23.26 56.66 25.08
N LEU H 651 -22.50 57.65 24.63
CA LEU H 651 -22.92 59.04 24.81
C LEU H 651 -24.25 59.30 24.14
N PHE H 652 -24.48 58.68 22.99
CA PHE H 652 -25.79 58.76 22.35
C PHE H 652 -26.83 58.27 23.32
N ARG H 653 -26.80 56.98 23.65
CA ARG H 653 -27.81 56.39 24.52
C ARG H 653 -27.95 57.13 25.84
N GLU H 654 -26.96 57.92 26.23
CA GLU H 654 -27.09 58.69 27.46
C GLU H 654 -27.92 59.96 27.24
N ASN H 655 -27.48 60.82 26.32
CA ASN H 655 -28.21 62.06 26.13
C ASN H 655 -29.58 61.82 25.50
N LEU H 656 -29.71 60.76 24.71
CA LEU H 656 -31.01 60.35 24.19
C LEU H 656 -31.99 60.11 25.32
N ASN H 657 -31.57 59.40 26.36
CA ASN H 657 -32.47 59.22 27.50
C ASN H 657 -32.67 60.52 28.26
N LYS H 658 -31.65 61.38 28.32
CA LYS H 658 -31.85 62.69 28.90
C LYS H 658 -33.02 63.42 28.24
N LEU H 659 -33.02 63.46 26.91
CA LEU H 659 -34.17 63.97 26.17
C LEU H 659 -35.42 63.20 26.55
N MET H 660 -35.46 61.91 26.23
CA MET H 660 -36.68 61.14 26.34
C MET H 660 -37.22 61.09 27.76
N THR H 661 -36.51 61.70 28.71
CA THR H 661 -37.12 61.90 30.03
C THR H 661 -37.57 63.34 30.25
N ASN H 662 -36.76 64.34 29.89
CA ASN H 662 -37.23 65.72 30.12
C ASN H 662 -38.38 66.06 29.18
N LEU H 663 -38.36 65.52 27.96
CA LEU H 663 -39.50 65.61 27.07
C LEU H 663 -40.70 64.86 27.62
N ARG H 664 -40.48 63.65 28.16
CA ARG H 664 -41.56 62.93 28.82
C ARG H 664 -42.14 63.71 29.98
N SER H 665 -41.41 64.69 30.50
CA SER H 665 -41.92 65.59 31.52
C SER H 665 -42.63 66.81 30.93
N THR H 666 -43.24 66.67 29.75
CA THR H 666 -43.81 67.81 29.05
C THR H 666 -44.84 67.33 28.04
N HIS H 667 -45.97 68.04 27.97
CA HIS H 667 -47.09 67.61 27.13
C HIS H 667 -46.77 67.83 25.66
N PRO H 668 -46.96 66.83 24.80
CA PRO H 668 -46.53 66.93 23.40
C PRO H 668 -47.62 67.40 22.45
N HIS H 669 -47.16 67.96 21.33
CA HIS H 669 -47.98 68.23 20.15
C HIS H 669 -47.11 68.06 18.92
N PHE H 670 -47.76 67.80 17.79
CA PHE H 670 -47.05 67.28 16.62
C PHE H 670 -47.44 68.04 15.36
N VAL H 671 -46.44 68.38 14.56
CA VAL H 671 -46.63 69.11 13.30
C VAL H 671 -45.77 68.46 12.23
N ARG H 672 -46.28 68.43 10.99
CA ARG H 672 -45.68 67.68 9.89
C ARG H 672 -45.65 68.54 8.63
N CYS H 673 -44.52 69.15 8.34
CA CYS H 673 -44.35 69.91 7.09
C CYS H 673 -43.96 68.95 5.97
N ILE H 674 -44.90 68.64 5.09
CA ILE H 674 -44.64 67.72 4.00
C ILE H 674 -44.17 68.52 2.79
N ILE H 675 -43.54 67.82 1.85
CA ILE H 675 -43.23 68.34 0.54
C ILE H 675 -43.98 67.50 -0.49
N PRO H 676 -45.13 67.97 -0.97
CA PRO H 676 -45.98 67.13 -1.81
C PRO H 676 -45.50 66.99 -3.25
N ASN H 677 -44.48 67.74 -3.66
CA ASN H 677 -44.06 67.72 -5.05
C ASN H 677 -42.57 68.04 -5.13
N GLU H 678 -41.91 67.43 -6.10
CA GLU H 678 -40.51 67.69 -6.36
C GLU H 678 -40.26 69.19 -6.53
N THR H 679 -40.92 69.80 -7.50
CA THR H 679 -40.78 71.21 -7.79
C THR H 679 -41.77 72.01 -6.96
N LYS H 680 -41.93 73.30 -7.28
CA LYS H 680 -42.78 74.20 -6.53
C LYS H 680 -44.13 74.44 -7.20
N THR H 681 -44.65 73.44 -7.90
CA THR H 681 -45.98 73.53 -8.49
C THR H 681 -47.03 73.29 -7.42
N PRO H 682 -47.75 74.31 -6.95
CA PRO H 682 -48.72 74.09 -5.88
C PRO H 682 -49.90 73.26 -6.36
N GLY H 683 -50.65 72.76 -5.40
CA GLY H 683 -51.82 71.93 -5.70
C GLY H 683 -51.51 70.51 -6.11
N ALA H 684 -50.62 70.34 -7.09
CA ALA H 684 -50.27 69.00 -7.53
C ALA H 684 -49.48 68.27 -6.46
N MET H 685 -49.61 66.95 -6.44
CA MET H 685 -48.97 66.14 -5.41
C MET H 685 -48.82 64.71 -5.95
N GLU H 686 -47.58 64.31 -6.22
CA GLU H 686 -47.31 62.94 -6.60
C GLU H 686 -47.20 62.09 -5.35
N HIS H 687 -47.67 60.84 -5.45
CA HIS H 687 -47.87 60.02 -4.27
C HIS H 687 -46.54 59.53 -3.70
N GLU H 688 -45.72 58.88 -4.55
CA GLU H 688 -44.54 58.18 -4.07
C GLU H 688 -43.69 59.04 -3.13
N LEU H 689 -43.57 60.33 -3.42
CA LEU H 689 -42.74 61.19 -2.58
C LEU H 689 -43.44 61.51 -1.26
N VAL H 690 -44.70 61.93 -1.33
CA VAL H 690 -45.47 62.17 -0.11
C VAL H 690 -45.75 60.85 0.61
N LEU H 691 -45.78 59.73 -0.11
CA LEU H 691 -45.79 58.43 0.55
C LEU H 691 -44.59 58.27 1.47
N HIS H 692 -43.40 58.70 1.03
CA HIS H 692 -42.21 58.56 1.84
C HIS H 692 -42.32 59.38 3.11
N GLN H 693 -42.69 60.66 3.00
CA GLN H 693 -42.90 61.48 4.18
C GLN H 693 -44.01 60.93 5.05
N LEU H 694 -44.96 60.20 4.45
CA LEU H 694 -46.00 59.56 5.22
C LEU H 694 -45.43 58.51 6.17
N ARG H 695 -44.27 57.95 5.84
CA ARG H 695 -43.60 56.97 6.68
C ARG H 695 -42.52 57.58 7.57
N CYS H 696 -41.78 58.56 7.07
CA CYS H 696 -40.79 59.25 7.91
C CYS H 696 -41.44 59.82 9.16
N ASN H 697 -42.54 60.55 8.99
CA ASN H 697 -43.32 60.99 10.13
C ASN H 697 -44.16 59.85 10.69
N GLY H 698 -44.35 58.78 9.93
CA GLY H 698 -45.10 57.64 10.38
C GLY H 698 -46.50 57.96 10.86
N VAL H 699 -47.13 58.96 10.25
CA VAL H 699 -48.50 59.28 10.63
C VAL H 699 -49.44 58.14 10.29
N LEU H 700 -49.13 57.35 9.25
CA LEU H 700 -49.92 56.16 9.01
C LEU H 700 -49.85 55.20 10.18
N GLU H 701 -48.76 55.22 10.95
CA GLU H 701 -48.69 54.36 12.13
C GLU H 701 -49.70 54.79 13.18
N GLY H 702 -49.80 56.11 13.40
CA GLY H 702 -50.85 56.60 14.27
C GLY H 702 -52.24 56.23 13.78
N ILE H 703 -52.48 56.41 12.48
CA ILE H 703 -53.82 56.12 11.98
C ILE H 703 -54.11 54.62 12.00
N ARG H 704 -53.06 53.78 11.93
CA ARG H 704 -53.32 52.35 11.94
C ARG H 704 -53.48 51.81 13.35
N ILE H 705 -52.79 52.40 14.33
CA ILE H 705 -53.03 52.02 15.71
C ILE H 705 -54.38 52.55 16.19
N CYS H 706 -54.84 53.65 15.61
CA CYS H 706 -56.18 54.14 15.95
C CYS H 706 -57.26 53.56 15.06
N ARG H 707 -56.92 52.79 14.01
CA ARG H 707 -57.91 52.25 13.10
C ARG H 707 -58.21 50.78 13.32
N LYS H 708 -57.45 50.09 14.17
CA LYS H 708 -57.70 48.70 14.45
C LYS H 708 -58.74 48.52 15.55
N GLY H 709 -59.50 49.57 15.86
CA GLY H 709 -60.60 49.50 16.80
C GLY H 709 -61.84 50.19 16.26
N PHE H 710 -62.36 51.16 17.01
CA PHE H 710 -63.55 51.91 16.61
C PHE H 710 -63.16 53.33 16.24
N PRO H 711 -62.72 53.58 14.99
CA PRO H 711 -62.35 54.96 14.62
C PRO H 711 -63.54 55.91 14.53
N SER H 712 -64.76 55.40 14.40
CA SER H 712 -65.93 56.23 14.13
C SER H 712 -66.73 56.41 15.42
N ARG H 713 -66.51 57.53 16.09
CA ARG H 713 -67.30 57.96 17.24
C ARG H 713 -68.24 59.07 16.78
N ILE H 714 -69.54 58.82 16.81
CA ILE H 714 -70.51 59.76 16.26
C ILE H 714 -71.75 59.81 17.15
N LEU H 715 -72.39 60.99 17.15
CA LEU H 715 -73.63 61.22 17.88
C LEU H 715 -74.82 60.71 17.06
N TYR H 716 -76.03 61.11 17.49
CA TYR H 716 -77.25 60.79 16.76
C TYR H 716 -77.54 61.75 15.62
N ALA H 717 -76.86 62.91 15.58
CA ALA H 717 -77.21 63.97 14.64
C ALA H 717 -77.39 63.44 13.22
N ASP H 718 -76.33 62.83 12.67
CA ASP H 718 -76.45 62.21 11.36
C ASP H 718 -76.98 60.78 11.44
N PHE H 719 -76.77 60.10 12.58
CA PHE H 719 -77.14 58.69 12.70
C PHE H 719 -78.64 58.50 12.50
N LYS H 720 -79.45 59.18 13.31
CA LYS H 720 -80.90 59.03 13.19
C LYS H 720 -81.37 59.45 11.80
N GLN H 721 -80.89 60.59 11.31
CA GLN H 721 -81.44 61.15 10.08
C GLN H 721 -81.05 60.33 8.85
N ARG H 722 -79.95 59.59 8.92
CA ARG H 722 -79.53 58.79 7.78
C ARG H 722 -79.76 57.29 8.00
N TYR H 723 -80.28 56.89 9.14
CA TYR H 723 -80.64 55.49 9.36
C TYR H 723 -82.13 55.26 9.54
N LYS H 724 -82.92 56.31 9.74
CA LYS H 724 -84.37 56.14 9.77
C LYS H 724 -84.95 55.79 8.40
N VAL H 725 -84.12 55.81 7.34
CA VAL H 725 -84.62 55.52 6.00
C VAL H 725 -84.88 54.04 5.81
N LEU H 726 -84.30 53.20 6.67
CA LEU H 726 -84.56 51.76 6.59
C LEU H 726 -85.72 51.35 7.49
N ASN H 727 -85.68 51.74 8.77
CA ASN H 727 -86.80 51.53 9.68
C ASN H 727 -87.52 52.87 9.84
N ALA H 728 -88.41 53.15 8.90
CA ALA H 728 -89.17 54.39 8.91
C ALA H 728 -90.17 54.42 10.06
N SER H 739 -84.05 58.46 21.64
CA SER H 739 -82.62 58.68 21.76
C SER H 739 -81.86 57.35 21.83
N LYS H 740 -81.63 56.88 23.05
CA LYS H 740 -80.90 55.64 23.26
C LYS H 740 -81.67 54.45 22.69
N LYS H 741 -82.93 54.30 23.11
CA LYS H 741 -83.75 53.21 22.57
C LYS H 741 -84.05 53.43 21.10
N ALA H 742 -84.19 54.70 20.67
CA ALA H 742 -84.33 54.98 19.26
C ALA H 742 -83.08 54.58 18.49
N SER H 743 -81.91 54.74 19.09
CA SER H 743 -80.68 54.28 18.46
C SER H 743 -80.67 52.76 18.36
N GLU H 744 -81.08 52.08 19.43
CA GLU H 744 -81.14 50.62 19.39
C GLU H 744 -82.06 50.13 18.28
N LYS H 745 -83.22 50.78 18.14
CA LYS H 745 -84.14 50.42 17.07
C LYS H 745 -83.51 50.69 15.70
N LEU H 746 -82.99 51.90 15.49
CA LEU H 746 -82.42 52.28 14.21
C LEU H 746 -81.12 51.55 13.90
N LEU H 747 -80.56 50.77 14.83
CA LEU H 747 -79.41 49.95 14.52
C LEU H 747 -79.78 48.49 14.30
N GLY H 748 -80.57 47.90 15.21
CA GLY H 748 -80.89 46.49 15.09
C GLY H 748 -81.69 46.15 13.85
N SER H 749 -82.44 47.13 13.33
CA SER H 749 -83.32 46.91 12.18
C SER H 749 -82.59 46.95 10.85
N ILE H 750 -81.32 47.36 10.81
CA ILE H 750 -80.64 47.57 9.54
C ILE H 750 -79.53 46.54 9.34
N ASP H 751 -79.73 45.35 9.92
CA ASP H 751 -78.91 44.17 9.60
C ASP H 751 -77.42 44.44 9.86
N ILE H 752 -77.12 44.65 11.13
CA ILE H 752 -75.74 44.76 11.59
C ILE H 752 -75.58 43.89 12.83
N ASP H 753 -74.41 43.29 12.98
CA ASP H 753 -74.15 42.48 14.16
C ASP H 753 -73.71 43.36 15.33
N HIS H 754 -73.89 42.82 16.54
CA HIS H 754 -73.54 43.53 17.77
C HIS H 754 -72.12 43.22 18.23
N THR H 755 -71.24 42.85 17.31
CA THR H 755 -69.86 42.49 17.63
C THR H 755 -68.89 43.63 17.39
N GLN H 756 -68.91 44.22 16.18
CA GLN H 756 -67.86 45.11 15.72
C GLN H 756 -68.14 46.57 16.04
N TYR H 757 -68.85 46.86 17.12
CA TYR H 757 -69.18 48.24 17.45
C TYR H 757 -69.66 48.29 18.89
N LYS H 758 -69.84 49.52 19.38
CA LYS H 758 -70.49 49.72 20.67
C LYS H 758 -70.90 51.17 20.81
N PHE H 759 -72.17 51.39 21.13
CA PHE H 759 -72.64 52.68 21.61
C PHE H 759 -72.68 52.59 23.14
N GLY H 760 -71.71 53.21 23.80
CA GLY H 760 -71.60 53.01 25.23
C GLY H 760 -72.75 53.63 26.01
N HIS H 761 -72.75 54.96 26.15
CA HIS H 761 -73.98 55.65 26.54
C HIS H 761 -74.16 56.99 25.84
N THR H 762 -73.14 57.54 25.20
CA THR H 762 -73.21 58.86 24.60
C THR H 762 -73.05 58.82 23.08
N LYS H 763 -71.97 58.22 22.59
CA LYS H 763 -71.71 58.11 21.16
C LYS H 763 -71.61 56.63 20.78
N VAL H 764 -71.87 56.35 19.51
CA VAL H 764 -71.71 55.00 18.99
C VAL H 764 -70.31 54.87 18.40
N PHE H 765 -69.66 53.76 18.69
CA PHE H 765 -68.29 53.52 18.27
C PHE H 765 -68.31 52.48 17.16
N PHE H 766 -67.65 52.79 16.04
CA PHE H 766 -67.74 51.97 14.84
C PHE H 766 -66.35 51.74 14.25
N LYS H 767 -66.13 50.54 13.75
CA LYS H 767 -64.98 50.32 12.88
C LYS H 767 -65.11 51.18 11.64
N ALA H 768 -64.01 51.31 10.91
CA ALA H 768 -64.05 52.04 9.65
C ALA H 768 -64.88 51.28 8.61
N GLY H 769 -64.44 50.08 8.26
CA GLY H 769 -64.99 49.37 7.12
C GLY H 769 -66.44 48.93 7.21
N LEU H 770 -67.16 49.37 8.25
CA LEU H 770 -68.56 48.96 8.36
C LEU H 770 -69.53 50.03 7.88
N LEU H 771 -69.18 51.31 8.02
CA LEU H 771 -70.08 52.37 7.56
C LEU H 771 -70.20 52.37 6.04
N GLY H 772 -69.16 51.94 5.34
CA GLY H 772 -69.27 51.79 3.89
C GLY H 772 -70.34 50.80 3.51
N LEU H 773 -70.40 49.66 4.21
CA LEU H 773 -71.52 48.74 4.06
C LEU H 773 -72.85 49.46 4.25
N LEU H 774 -72.92 50.35 5.23
CA LEU H 774 -74.12 51.15 5.44
C LEU H 774 -74.24 52.27 4.42
N GLU H 775 -73.11 52.92 4.10
CA GLU H 775 -73.07 54.05 3.17
C GLU H 775 -73.97 53.85 1.96
N GLU H 776 -73.81 52.72 1.27
CA GLU H 776 -74.61 52.47 0.08
C GLU H 776 -76.01 51.96 0.40
N MET H 777 -76.22 51.42 1.61
CA MET H 777 -77.55 50.94 1.99
C MET H 777 -78.33 51.93 2.85
N ARG H 778 -77.65 52.78 3.62
CA ARG H 778 -78.35 53.85 4.32
C ARG H 778 -78.82 54.95 3.40
N ASP H 779 -78.62 54.80 2.08
CA ASP H 779 -79.09 55.75 1.10
C ASP H 779 -80.29 55.23 0.32
N ASP H 780 -80.86 54.11 0.73
CA ASP H 780 -82.00 53.51 0.04
C ASP H 780 -83.01 52.95 1.04
N ALA I 1 -6.00 -60.68 -93.42
CA ALA I 1 -6.00 -61.17 -92.04
C ALA I 1 -5.25 -60.23 -91.12
N LEU I 2 -4.23 -60.77 -90.45
CA LEU I 2 -3.45 -60.02 -89.46
C LEU I 2 -2.77 -58.79 -90.04
N GLN I 3 -2.72 -58.67 -91.37
CA GLN I 3 -2.08 -57.52 -91.99
C GLN I 3 -2.72 -56.20 -91.58
N LYS I 4 -4.03 -56.19 -91.31
CA LYS I 4 -4.69 -54.94 -90.97
C LYS I 4 -4.37 -54.51 -89.54
N LYS I 5 -4.31 -55.47 -88.62
CA LYS I 5 -3.79 -55.16 -87.30
C LYS I 5 -2.34 -54.69 -87.40
N LEU I 6 -1.57 -55.24 -88.34
CA LEU I 6 -0.23 -54.73 -88.58
C LEU I 6 -0.26 -53.28 -89.03
N LYS I 7 -1.19 -52.93 -89.90
CA LYS I 7 -1.35 -51.54 -90.33
C LYS I 7 -1.58 -50.63 -89.13
N GLY I 8 -2.61 -50.95 -88.34
CA GLY I 8 -2.86 -50.18 -87.13
C GLY I 8 -1.68 -50.13 -86.19
N THR I 9 -0.90 -51.22 -86.15
CA THR I 9 0.26 -51.27 -85.26
C THR I 9 1.35 -50.32 -85.75
N GLU I 10 1.54 -50.25 -87.06
CA GLU I 10 2.49 -49.28 -87.60
C GLU I 10 2.02 -47.85 -87.32
N ASP I 11 0.72 -47.59 -87.49
CA ASP I 11 0.21 -46.25 -87.22
C ASP I 11 0.42 -45.86 -85.76
N GLU I 12 0.14 -46.78 -84.85
CA GLU I 12 0.36 -46.49 -83.44
C GLU I 12 1.84 -46.35 -83.14
N VAL I 13 2.69 -47.10 -83.84
CA VAL I 13 4.13 -46.89 -83.75
C VAL I 13 4.47 -45.43 -84.05
N GLU I 14 3.91 -44.91 -85.15
CA GLU I 14 4.13 -43.52 -85.51
C GLU I 14 3.74 -42.59 -84.36
N LYS I 15 2.48 -42.67 -83.94
CA LYS I 15 2.00 -41.71 -82.95
C LYS I 15 2.68 -41.89 -81.60
N TYR I 16 3.11 -43.11 -81.27
CA TYR I 16 3.82 -43.31 -80.01
C TYR I 16 5.21 -42.69 -80.08
N SER I 17 5.92 -42.88 -81.18
CA SER I 17 7.19 -42.18 -81.37
C SER I 17 6.99 -40.68 -81.24
N GLU I 18 5.89 -40.17 -81.79
CA GLU I 18 5.59 -38.74 -81.64
C GLU I 18 5.45 -38.37 -80.18
N SER I 19 4.75 -39.21 -79.41
CA SER I 19 4.65 -38.96 -77.97
C SER I 19 6.01 -38.96 -77.30
N VAL I 20 6.90 -39.87 -77.71
CA VAL I 20 8.26 -39.89 -77.17
C VAL I 20 8.94 -38.56 -77.45
N LYS I 21 8.79 -38.04 -78.67
CA LYS I 21 9.43 -36.78 -79.02
C LYS I 21 8.89 -35.64 -78.16
N ASP I 22 7.57 -35.55 -78.04
CA ASP I 22 6.98 -34.52 -77.19
C ASP I 22 7.48 -34.65 -75.75
N ALA I 23 7.65 -35.88 -75.29
CA ALA I 23 8.14 -36.12 -73.94
C ALA I 23 9.55 -35.58 -73.76
N GLN I 24 10.44 -35.87 -74.72
CA GLN I 24 11.80 -35.35 -74.61
C GLN I 24 11.82 -33.83 -74.70
N GLU I 25 10.95 -33.26 -75.53
CA GLU I 25 10.88 -31.80 -75.63
C GLU I 25 10.48 -31.19 -74.30
N LYS I 26 9.43 -31.74 -73.68
CA LYS I 26 9.00 -31.20 -72.39
C LYS I 26 10.03 -31.46 -71.31
N LEU I 27 10.77 -32.57 -71.40
CA LEU I 27 11.89 -32.81 -70.49
C LEU I 27 12.92 -31.70 -70.59
N GLU I 28 13.39 -31.42 -71.79
CA GLU I 28 14.40 -30.38 -71.99
C GLU I 28 13.89 -29.03 -71.53
N GLN I 29 12.63 -28.70 -71.86
CA GLN I 29 12.07 -27.44 -71.42
C GLN I 29 11.98 -27.38 -69.90
N ALA I 30 11.69 -28.52 -69.26
CA ALA I 30 11.67 -28.56 -67.81
C ALA I 30 13.04 -28.28 -67.23
N GLU I 31 14.09 -28.86 -67.83
CA GLU I 31 15.43 -28.56 -67.34
C GLU I 31 15.82 -27.11 -67.60
N LYS I 32 15.35 -26.54 -68.70
CA LYS I 32 15.63 -25.12 -68.96
C LYS I 32 14.99 -24.24 -67.89
N LYS I 33 13.70 -24.45 -67.63
CA LYS I 33 13.05 -23.73 -66.55
C LYS I 33 13.71 -24.00 -65.21
N ALA I 34 14.24 -25.21 -65.04
CA ALA I 34 14.98 -25.52 -63.82
C ALA I 34 16.18 -24.61 -63.67
N THR I 35 17.03 -24.55 -64.70
CA THR I 35 18.20 -23.68 -64.66
C THR I 35 17.80 -22.24 -64.38
N ASP I 36 16.80 -21.74 -65.10
CA ASP I 36 16.42 -20.33 -64.95
C ASP I 36 15.88 -20.05 -63.55
N ALA I 37 14.91 -20.85 -63.10
CA ALA I 37 14.36 -20.65 -61.77
C ALA I 37 15.40 -20.81 -60.69
N GLU I 38 16.36 -21.71 -60.88
CA GLU I 38 17.44 -21.88 -59.90
C GLU I 38 18.33 -20.65 -59.85
N ALA I 39 18.70 -20.13 -61.02
CA ALA I 39 19.44 -18.87 -61.06
C ALA I 39 18.70 -17.79 -60.27
N ASP I 40 17.40 -17.67 -60.51
CA ASP I 40 16.63 -16.60 -59.87
C ASP I 40 16.55 -16.80 -58.36
N VAL I 41 16.14 -17.99 -57.91
CA VAL I 41 16.01 -18.25 -56.48
C VAL I 41 17.35 -18.02 -55.78
N ALA I 42 18.42 -18.60 -56.33
CA ALA I 42 19.73 -18.46 -55.70
C ALA I 42 20.17 -17.00 -55.66
N SER I 43 19.92 -16.25 -56.74
CA SER I 43 20.33 -14.86 -56.79
C SER I 43 19.57 -14.02 -55.77
N LEU I 44 18.33 -14.40 -55.45
CA LEU I 44 17.48 -13.58 -54.61
C LEU I 44 17.37 -14.06 -53.17
N ASN I 45 17.90 -15.23 -52.82
CA ASN I 45 17.69 -15.77 -51.48
C ASN I 45 18.90 -15.65 -50.55
N ARG I 46 20.12 -15.56 -51.10
CA ARG I 46 21.32 -15.58 -50.28
C ARG I 46 21.60 -14.24 -49.60
N ARG I 47 20.66 -13.30 -49.62
CA ARG I 47 20.92 -11.95 -49.17
C ARG I 47 20.07 -11.54 -47.97
N ILE I 48 19.08 -12.35 -47.57
CA ILE I 48 18.23 -12.08 -46.42
C ILE I 48 19.05 -11.59 -45.23
N GLN I 49 20.19 -12.26 -44.99
CA GLN I 49 21.03 -11.92 -43.85
C GLN I 49 21.57 -10.50 -43.94
N LEU I 50 21.72 -9.96 -45.14
CA LEU I 50 22.23 -8.59 -45.29
C LEU I 50 21.26 -7.59 -44.67
N VAL I 51 20.03 -7.56 -45.17
CA VAL I 51 18.98 -6.73 -44.59
C VAL I 51 18.82 -7.05 -43.11
N GLU I 52 18.91 -8.34 -42.76
CA GLU I 52 18.76 -8.75 -41.38
C GLU I 52 19.75 -8.03 -40.47
N GLU I 53 21.05 -8.25 -40.70
CA GLU I 53 22.07 -7.65 -39.85
C GLU I 53 22.05 -6.14 -39.92
N GLU I 54 21.68 -5.57 -41.07
CA GLU I 54 21.64 -4.11 -41.17
C GLU I 54 20.58 -3.54 -40.24
N LEU I 55 19.34 -4.01 -40.35
CA LEU I 55 18.31 -3.55 -39.43
C LEU I 55 18.66 -3.93 -37.99
N ASP I 56 19.40 -5.02 -37.81
CA ASP I 56 19.77 -5.46 -36.46
C ASP I 56 20.64 -4.43 -35.77
N ARG I 57 21.82 -4.14 -36.32
CA ARG I 57 22.65 -3.14 -35.66
C ARG I 57 22.02 -1.75 -35.72
N ALA I 58 21.17 -1.49 -36.72
CA ALA I 58 20.38 -0.26 -36.71
C ALA I 58 19.59 -0.13 -35.43
N GLN I 59 18.75 -1.12 -35.11
CA GLN I 59 17.94 -1.04 -33.90
C GLN I 59 18.77 -1.16 -32.64
N GLU I 60 19.93 -1.80 -32.70
CA GLU I 60 20.82 -1.83 -31.54
C GLU I 60 21.28 -0.43 -31.18
N ARG I 61 21.90 0.27 -32.14
CA ARG I 61 22.29 1.65 -31.88
C ARG I 61 21.08 2.54 -31.64
N LEU I 62 19.91 2.15 -32.15
CA LEU I 62 18.67 2.84 -31.81
C LEU I 62 18.40 2.78 -30.32
N ALA I 63 18.44 1.57 -29.76
CA ALA I 63 18.23 1.42 -28.31
C ALA I 63 19.28 2.18 -27.52
N THR I 64 20.52 2.17 -28.00
CA THR I 64 21.55 2.98 -27.35
C THR I 64 21.17 4.45 -27.34
N ALA I 65 20.74 4.96 -28.49
CA ALA I 65 20.28 6.34 -28.58
C ALA I 65 19.15 6.61 -27.58
N LEU I 66 18.17 5.71 -27.52
CA LEU I 66 17.03 5.89 -26.62
C LEU I 66 17.50 6.02 -25.18
N GLN I 67 18.22 5.01 -24.68
CA GLN I 67 18.64 5.05 -23.28
C GLN I 67 19.52 6.27 -23.02
N LYS I 68 20.37 6.65 -23.98
CA LYS I 68 21.26 7.78 -23.78
C LYS I 68 20.47 9.07 -23.64
N LEU I 69 19.59 9.36 -24.59
CA LEU I 69 18.79 10.58 -24.52
C LEU I 69 17.93 10.57 -23.28
N GLU I 70 17.43 9.40 -22.88
CA GLU I 70 16.55 9.33 -21.72
C GLU I 70 17.29 9.72 -20.45
N GLU I 71 18.41 9.07 -20.19
CA GLU I 71 19.19 9.43 -19.01
C GLU I 71 19.68 10.87 -19.07
N ALA I 72 20.11 11.31 -20.26
CA ALA I 72 20.62 12.66 -20.41
C ALA I 72 19.56 13.70 -20.13
N GLU I 73 18.31 13.43 -20.54
CA GLU I 73 17.26 14.41 -20.29
C GLU I 73 16.73 14.31 -18.88
N LYS I 74 16.77 13.13 -18.25
CA LYS I 74 16.53 13.09 -16.81
C LYS I 74 17.54 13.96 -16.07
N ALA I 75 18.80 13.92 -16.50
CA ALA I 75 19.81 14.79 -15.91
C ALA I 75 19.51 16.25 -16.21
N ALA I 76 19.10 16.54 -17.45
CA ALA I 76 18.74 17.90 -17.82
C ALA I 76 17.61 18.42 -16.93
N ASP I 77 16.61 17.60 -16.67
CA ASP I 77 15.45 18.06 -15.92
C ASP I 77 15.71 18.10 -14.42
N GLU I 78 16.63 17.28 -13.90
CA GLU I 78 17.02 17.48 -12.51
C GLU I 78 17.85 18.75 -12.37
N SER I 79 18.69 19.05 -13.34
CA SER I 79 19.32 20.37 -13.37
C SER I 79 18.29 21.48 -13.54
N GLU I 80 17.17 21.18 -14.20
CA GLU I 80 16.13 22.17 -14.40
C GLU I 80 15.40 22.48 -13.09
N ARG I 81 15.02 21.44 -12.35
CA ARG I 81 14.46 21.69 -11.03
C ARG I 81 15.49 22.35 -10.11
N GLY I 82 16.77 22.03 -10.31
CA GLY I 82 17.81 22.75 -9.60
C GLY I 82 17.82 24.23 -9.92
N MET I 83 17.60 24.58 -11.19
CA MET I 83 17.59 26.00 -11.51
C MET I 83 16.33 26.66 -10.96
N LYS I 84 15.20 25.96 -11.00
CA LYS I 84 14.00 26.46 -10.34
C LYS I 84 14.30 26.84 -8.90
N VAL I 85 14.82 25.88 -8.13
CA VAL I 85 15.02 26.13 -6.72
C VAL I 85 16.12 27.18 -6.50
N ILE I 86 17.10 27.26 -7.39
CA ILE I 86 18.15 28.25 -7.15
C ILE I 86 17.67 29.65 -7.51
N GLU I 87 16.81 29.82 -8.51
CA GLU I 87 16.24 31.14 -8.75
C GLU I 87 15.35 31.56 -7.59
N ASN I 88 14.57 30.60 -7.08
CA ASN I 88 13.83 30.86 -5.84
C ASN I 88 14.76 31.38 -4.75
N ARG I 89 15.78 30.59 -4.42
CA ARG I 89 16.75 30.97 -3.41
C ARG I 89 17.41 32.32 -3.71
N ALA I 90 17.61 32.63 -4.99
CA ALA I 90 18.25 33.89 -5.34
C ALA I 90 17.36 35.07 -4.98
N MET I 91 16.07 34.99 -5.35
CA MET I 91 15.14 36.03 -4.91
C MET I 91 15.02 36.07 -3.39
N LYS I 92 15.10 34.89 -2.76
CA LYS I 92 15.08 34.84 -1.30
C LYS I 92 16.24 35.61 -0.71
N ASP I 93 17.45 35.33 -1.18
CA ASP I 93 18.63 36.04 -0.69
C ASP I 93 18.54 37.52 -1.02
N GLU I 94 17.93 37.87 -2.16
CA GLU I 94 17.78 39.27 -2.50
C GLU I 94 16.94 40.00 -1.47
N GLU I 95 15.73 39.49 -1.22
CA GLU I 95 14.86 40.13 -0.22
C GLU I 95 15.47 40.07 1.17
N LYS I 96 16.19 38.98 1.48
CA LYS I 96 16.96 38.91 2.71
C LYS I 96 17.90 40.09 2.84
N MET I 97 18.79 40.24 1.85
CA MET I 97 19.72 41.35 1.83
C MET I 97 19.00 42.67 2.00
N GLU I 98 17.95 42.89 1.22
CA GLU I 98 17.17 44.12 1.33
C GLU I 98 16.78 44.39 2.77
N LEU I 99 16.02 43.46 3.36
CA LEU I 99 15.44 43.74 4.67
C LEU I 99 16.50 43.76 5.78
N GLN I 100 17.58 43.00 5.63
CA GLN I 100 18.56 42.94 6.71
C GLN I 100 19.55 44.09 6.63
N GLU I 101 20.01 44.44 5.43
CA GLU I 101 20.69 45.72 5.28
C GLU I 101 19.79 46.86 5.72
N MET I 102 18.48 46.73 5.56
CA MET I 102 17.56 47.80 5.98
C MET I 102 17.48 47.88 7.50
N GLN I 103 17.40 46.74 8.18
CA GLN I 103 17.43 46.81 9.64
C GLN I 103 18.78 47.30 10.14
N LEU I 104 19.87 47.00 9.41
CA LEU I 104 21.13 47.67 9.65
C LEU I 104 21.00 49.17 9.49
N LYS I 105 20.27 49.62 8.46
CA LYS I 105 20.13 51.05 8.21
C LYS I 105 19.41 51.72 9.36
N GLU I 106 18.24 51.20 9.72
CA GLU I 106 17.50 51.78 10.84
C GLU I 106 18.27 51.62 12.14
N ALA I 107 19.11 50.58 12.24
CA ALA I 107 20.01 50.45 13.38
C ALA I 107 20.98 51.62 13.42
N LYS I 108 21.55 51.98 12.28
CA LYS I 108 22.41 53.16 12.22
C LYS I 108 21.62 54.43 12.51
N HIS I 109 20.39 54.50 12.02
CA HIS I 109 19.51 55.63 12.25
C HIS I 109 19.36 55.88 13.73
N ILE I 110 18.77 54.90 14.42
CA ILE I 110 18.56 55.02 15.85
C ILE I 110 19.88 54.99 16.61
N ALA I 111 20.96 54.50 16.01
CA ALA I 111 22.25 54.53 16.67
C ALA I 111 22.76 55.95 16.75
N GLU I 112 22.76 56.66 15.62
CA GLU I 112 23.13 58.07 15.62
C GLU I 112 22.15 58.89 16.45
N ASP I 113 20.86 58.57 16.37
CA ASP I 113 19.87 59.28 17.16
C ASP I 113 20.13 59.11 18.65
N SER I 114 20.26 57.86 19.09
CA SER I 114 20.55 57.54 20.47
C SER I 114 21.90 58.07 20.91
N ASP I 115 22.87 58.16 20.00
CA ASP I 115 24.17 58.70 20.36
C ASP I 115 24.08 60.20 20.55
N ARG I 116 23.32 60.89 19.70
CA ARG I 116 23.14 62.32 19.89
C ARG I 116 22.39 62.62 21.18
N LYS I 117 21.28 61.94 21.41
CA LYS I 117 20.56 62.14 22.67
C LYS I 117 21.34 61.60 23.86
N TYR I 118 22.28 60.69 23.64
CA TYR I 118 23.13 60.17 24.70
C TYR I 118 24.21 61.17 25.07
N GLU I 119 24.80 61.85 24.09
CA GLU I 119 25.66 62.98 24.40
C GLU I 119 24.87 64.11 25.03
N GLU I 120 23.62 64.32 24.60
CA GLU I 120 22.76 65.30 25.25
C GLU I 120 22.61 64.99 26.73
N VAL I 121 22.07 63.81 27.04
CA VAL I 121 21.90 63.43 28.43
C VAL I 121 23.24 63.27 29.15
N ALA I 122 24.34 63.17 28.42
CA ALA I 122 25.65 63.22 29.07
C ALA I 122 26.01 64.63 29.49
N ARG I 123 25.71 65.61 28.63
CA ARG I 123 25.76 67.00 29.07
C ARG I 123 24.90 67.19 30.31
N LYS I 124 23.70 66.62 30.29
CA LYS I 124 22.83 66.64 31.46
C LYS I 124 23.52 66.02 32.67
N LEU I 125 24.15 64.86 32.48
CA LEU I 125 24.89 64.21 33.55
C LEU I 125 25.90 65.15 34.17
N VAL I 126 26.82 65.67 33.36
CA VAL I 126 27.90 66.49 33.89
C VAL I 126 27.35 67.76 34.54
N ILE I 127 26.34 68.38 33.94
CA ILE I 127 25.86 69.66 34.46
C ILE I 127 25.12 69.45 35.78
N LEU I 128 24.21 68.48 35.84
CA LEU I 128 23.47 68.28 37.08
C LEU I 128 24.36 67.68 38.16
N GLU I 129 25.41 66.93 37.78
CA GLU I 129 26.36 66.46 38.76
C GLU I 129 27.12 67.62 39.39
N GLY I 130 27.76 68.46 38.57
CA GLY I 130 28.43 69.64 39.09
C GLY I 130 27.50 70.56 39.84
N GLU I 131 26.23 70.62 39.40
CA GLU I 131 25.26 71.49 40.06
C GLU I 131 24.91 70.97 41.44
N LEU I 132 24.65 69.66 41.56
CA LEU I 132 24.50 69.05 42.88
C LEU I 132 25.73 69.32 43.74
N GLU I 133 26.92 69.21 43.15
CA GLU I 133 28.15 69.42 43.90
C GLU I 133 28.19 70.81 44.52
N ARG I 134 28.03 71.86 43.70
CA ARG I 134 28.23 73.18 44.25
C ARG I 134 27.02 73.67 45.04
N SER I 135 25.80 73.22 44.69
CA SER I 135 24.66 73.49 45.57
C SER I 135 24.88 72.84 46.93
N GLU I 136 25.45 71.64 46.95
CA GLU I 136 25.76 70.97 48.21
C GLU I 136 26.80 71.74 49.00
N GLU I 137 27.84 72.20 48.32
CA GLU I 137 28.88 72.97 49.01
C GLU I 137 28.32 74.25 49.60
N ARG I 138 27.60 75.03 48.78
CA ARG I 138 26.95 76.24 49.27
C ARG I 138 26.06 75.95 50.46
N ALA I 139 25.19 74.94 50.33
CA ALA I 139 24.27 74.57 51.40
C ALA I 139 25.04 74.25 52.68
N GLU I 140 26.07 73.41 52.58
CA GLU I 140 26.73 72.94 53.79
C GLU I 140 27.56 74.03 54.45
N VAL I 141 28.16 74.92 53.65
CA VAL I 141 28.88 76.04 54.27
C VAL I 141 27.88 77.00 54.91
N ALA I 142 26.74 77.23 54.28
CA ALA I 142 25.74 78.12 54.87
C ALA I 142 25.18 77.52 56.15
N GLU I 143 25.03 76.20 56.20
CA GLU I 143 24.48 75.56 57.38
C GLU I 143 25.51 75.47 58.50
N SER I 144 26.78 75.28 58.17
CA SER I 144 27.82 75.40 59.20
C SER I 144 27.85 76.81 59.78
N LYS I 145 27.76 77.83 58.92
CA LYS I 145 27.63 79.21 59.40
C LYS I 145 26.39 79.37 60.26
N CYS I 146 25.31 78.68 59.90
CA CYS I 146 24.08 78.75 60.67
C CYS I 146 24.26 78.15 62.06
N GLY I 147 24.92 76.99 62.15
CA GLY I 147 25.22 76.42 63.45
C GLY I 147 26.14 77.31 64.27
N ASP I 148 27.08 77.99 63.59
CA ASP I 148 27.91 78.98 64.26
C ASP I 148 27.05 80.07 64.88
N LEU I 149 26.18 80.68 64.07
CA LEU I 149 25.29 81.71 64.59
C LEU I 149 24.35 81.15 65.64
N GLU I 150 24.04 79.86 65.58
CA GLU I 150 23.19 79.24 66.59
C GLU I 150 23.88 79.20 67.94
N GLU I 151 25.12 78.69 67.97
CA GLU I 151 25.85 78.69 69.23
C GLU I 151 26.15 80.12 69.69
N GLU I 152 26.27 81.06 68.75
CA GLU I 152 26.42 82.46 69.16
C GLU I 152 25.15 82.98 69.81
N LEU I 153 23.99 82.62 69.27
CA LEU I 153 22.72 82.94 69.91
C LEU I 153 22.65 82.31 71.29
N LYS I 154 23.15 81.10 71.43
CA LYS I 154 23.25 80.46 72.74
C LYS I 154 24.09 81.30 73.69
N ILE I 155 25.24 81.79 73.20
CA ILE I 155 26.10 82.65 74.01
C ILE I 155 25.35 83.89 74.47
N VAL I 156 24.67 84.55 73.54
CA VAL I 156 24.00 85.80 73.90
C VAL I 156 22.83 85.52 74.84
N THR I 157 22.19 84.35 74.73
CA THR I 157 21.14 84.02 75.69
C THR I 157 21.71 83.73 77.07
N ASN I 158 22.89 83.09 77.13
CA ASN I 158 23.60 82.97 78.40
C ASN I 158 23.82 84.35 79.01
N ASN I 159 24.29 85.29 78.19
CA ASN I 159 24.49 86.65 78.66
C ASN I 159 23.18 87.27 79.13
N LEU I 160 22.10 87.00 78.40
CA LEU I 160 20.78 87.51 78.77
C LEU I 160 20.39 87.03 80.16
N LYS I 161 20.53 85.72 80.41
CA LYS I 161 20.17 85.18 81.72
C LYS I 161 21.07 85.73 82.82
N SER I 162 22.37 85.83 82.56
CA SER I 162 23.28 86.38 83.56
C SER I 162 22.89 87.80 83.93
N LEU I 163 22.43 88.58 82.95
CA LEU I 163 21.92 89.91 83.27
C LEU I 163 20.59 89.84 83.99
N GLU I 164 19.73 88.90 83.60
CA GLU I 164 18.46 88.67 84.27
C GLU I 164 18.65 88.28 85.73
N ALA I 165 19.85 87.89 86.12
CA ALA I 165 20.18 87.71 87.53
C ALA I 165 20.21 89.02 88.30
N GLN I 166 19.85 90.14 87.66
CA GLN I 166 19.74 91.47 88.26
C GLN I 166 20.97 91.89 89.07
N MET J 1 98.29 -26.39 46.60
CA MET J 1 97.07 -27.18 46.76
C MET J 1 96.70 -27.33 48.24
N ALA J 2 97.19 -28.40 48.87
CA ALA J 2 96.95 -28.61 50.28
C ALA J 2 97.81 -27.67 51.11
N VAL J 3 97.53 -26.37 51.04
CA VAL J 3 98.35 -25.35 51.68
C VAL J 3 97.76 -24.93 53.03
N PHE J 4 96.72 -25.59 53.48
CA PHE J 4 96.04 -25.21 54.71
C PHE J 4 95.88 -26.37 55.69
N GLY J 5 95.67 -27.58 55.20
CA GLY J 5 95.34 -28.70 56.06
C GLY J 5 94.79 -29.89 55.30
N GLU J 6 93.63 -30.40 55.74
CA GLU J 6 93.06 -31.60 55.15
C GLU J 6 91.64 -31.44 54.64
N ALA J 7 90.94 -30.37 55.00
CA ALA J 7 89.53 -30.19 54.67
C ALA J 7 89.28 -29.94 53.19
N ALA J 8 90.29 -30.06 52.32
CA ALA J 8 90.15 -29.68 50.92
C ALA J 8 89.04 -30.41 50.18
N PRO J 9 89.00 -31.75 50.14
CA PRO J 9 88.15 -32.42 49.15
C PRO J 9 86.67 -32.06 49.25
N TYR J 10 86.07 -32.16 50.43
CA TYR J 10 84.69 -31.76 50.58
C TYR J 10 84.49 -30.25 50.58
N LEU J 11 85.58 -29.48 50.66
CA LEU J 11 85.50 -28.02 50.56
C LEU J 11 85.71 -27.57 49.12
N ARG J 12 86.85 -27.93 48.52
CA ARG J 12 87.14 -27.59 47.14
C ARG J 12 87.84 -28.78 46.49
N LYS J 13 88.39 -28.55 45.30
CA LYS J 13 89.06 -29.59 44.53
C LYS J 13 90.44 -29.13 44.11
N SER J 14 91.35 -30.10 43.98
CA SER J 14 92.73 -29.82 43.61
C SER J 14 92.82 -29.62 42.09
N GLU J 15 94.05 -29.59 41.58
CA GLU J 15 94.27 -29.34 40.16
C GLU J 15 93.49 -30.32 39.29
N LYS J 16 93.69 -31.62 39.53
CA LYS J 16 93.17 -32.68 38.67
C LYS J 16 91.72 -32.43 38.24
N GLU J 17 90.84 -32.20 39.22
CA GLU J 17 89.43 -31.95 38.91
C GLU J 17 89.27 -30.65 38.13
N ARG J 18 89.98 -29.59 38.53
CA ARG J 18 89.88 -28.32 37.83
C ARG J 18 90.20 -28.47 36.34
N ILE J 19 91.25 -29.21 36.01
CA ILE J 19 91.64 -29.33 34.62
C ILE J 19 90.77 -30.35 33.87
N GLU J 20 90.38 -31.44 34.51
CA GLU J 20 89.51 -32.38 33.80
C GLU J 20 88.10 -31.84 33.62
N ALA J 21 87.74 -30.79 34.35
CA ALA J 21 86.50 -30.06 34.10
C ALA J 21 86.72 -28.75 33.35
N GLN J 22 87.98 -28.38 33.10
CA GLN J 22 88.31 -27.14 32.41
C GLN J 22 88.51 -27.35 30.91
N ASN J 23 89.25 -28.38 30.53
CA ASN J 23 89.44 -28.72 29.12
C ASN J 23 88.41 -29.78 28.75
N LYS J 24 87.21 -29.32 28.44
CA LYS J 24 86.11 -30.19 28.07
C LYS J 24 85.38 -29.59 26.88
N PRO J 25 85.23 -30.33 25.78
CA PRO J 25 84.47 -29.82 24.63
C PRO J 25 83.05 -29.40 25.02
N PHE J 26 82.77 -28.11 24.94
CA PHE J 26 81.48 -27.55 25.32
C PHE J 26 81.04 -26.59 24.22
N ASP J 27 80.17 -27.06 23.34
CA ASP J 27 79.64 -26.22 22.28
C ASP J 27 78.79 -25.09 22.84
N ALA J 28 78.62 -24.05 22.05
CA ALA J 28 77.76 -22.93 22.38
C ALA J 28 76.66 -22.73 21.34
N LYS J 29 76.24 -23.83 20.71
CA LYS J 29 75.15 -23.80 19.74
C LYS J 29 74.09 -24.85 19.99
N SER J 30 74.34 -25.82 20.86
CA SER J 30 73.33 -26.78 21.28
C SER J 30 73.25 -26.91 22.78
N SER J 31 74.09 -26.19 23.53
CA SER J 31 74.11 -26.24 24.98
C SER J 31 73.14 -25.28 25.63
N VAL J 32 72.12 -24.83 24.89
CA VAL J 32 71.20 -23.84 25.43
C VAL J 32 70.20 -24.50 26.36
N PHE J 33 69.79 -23.76 27.38
CA PHE J 33 68.83 -24.25 28.37
C PHE J 33 67.42 -24.16 27.80
N VAL J 34 66.41 -24.33 28.65
CA VAL J 34 65.02 -24.10 28.29
C VAL J 34 64.19 -24.04 29.57
N VAL J 35 63.08 -23.31 29.55
CA VAL J 35 62.11 -23.46 30.61
C VAL J 35 61.52 -24.86 30.56
N ASP J 36 61.06 -25.34 31.70
CA ASP J 36 60.62 -26.72 31.82
C ASP J 36 59.20 -26.77 32.38
N ALA J 37 58.50 -27.85 32.06
CA ALA J 37 57.17 -28.07 32.63
C ALA J 37 57.28 -28.50 34.09
N LYS J 38 58.10 -29.51 34.38
CA LYS J 38 58.23 -30.01 35.74
C LYS J 38 59.13 -29.12 36.58
N GLU J 39 60.38 -28.96 36.18
CA GLU J 39 61.30 -28.07 36.87
C GLU J 39 61.30 -26.72 36.16
N SER J 40 62.27 -25.87 36.49
CA SER J 40 62.38 -24.59 35.79
C SER J 40 63.32 -24.70 34.59
N PHE J 41 64.58 -25.02 34.83
CA PHE J 41 65.61 -25.03 33.79
C PHE J 41 66.41 -26.32 33.92
N VAL J 42 66.33 -27.17 32.90
CA VAL J 42 67.23 -28.32 32.79
C VAL J 42 68.22 -28.03 31.68
N LYS J 43 69.40 -28.64 31.78
CA LYS J 43 70.41 -28.50 30.75
C LYS J 43 69.89 -29.17 29.48
N ALA J 44 69.52 -28.36 28.50
CA ALA J 44 68.85 -28.84 27.30
C ALA J 44 69.82 -28.98 26.14
N THR J 45 69.43 -29.80 25.16
CA THR J 45 70.25 -30.05 23.99
C THR J 45 69.37 -29.90 22.75
N VAL J 46 69.48 -28.75 22.09
CA VAL J 46 68.75 -28.49 20.87
C VAL J 46 69.62 -28.93 19.70
N GLN J 47 69.00 -29.07 18.52
CA GLN J 47 69.78 -29.22 17.30
C GLN J 47 70.58 -27.96 17.01
N SER J 48 69.89 -26.83 16.95
CA SER J 48 70.49 -25.53 16.65
C SER J 48 69.44 -24.46 16.96
N ARG J 49 69.73 -23.22 16.58
CA ARG J 49 68.80 -22.11 16.76
C ARG J 49 67.79 -22.11 15.63
N GLU J 50 66.61 -22.67 15.90
CA GLU J 50 65.54 -22.75 14.90
C GLU J 50 64.54 -21.62 15.12
N GLY J 51 65.03 -20.40 14.94
CA GLY J 51 64.21 -19.21 15.10
C GLY J 51 63.59 -19.09 16.48
N GLY J 52 62.28 -19.28 16.56
CA GLY J 52 61.61 -19.34 17.85
C GLY J 52 61.15 -20.74 18.16
N LYS J 53 61.87 -21.73 17.62
CA LYS J 53 61.56 -23.14 17.82
C LYS J 53 62.82 -23.86 18.27
N VAL J 54 62.63 -24.91 19.07
CA VAL J 54 63.71 -25.77 19.51
C VAL J 54 63.26 -27.22 19.48
N THR J 55 64.22 -28.13 19.61
CA THR J 55 63.97 -29.52 20.00
C THR J 55 65.03 -29.85 21.07
N ALA J 56 64.68 -29.56 22.32
CA ALA J 56 65.66 -29.51 23.41
C ALA J 56 65.75 -30.88 24.06
N LYS J 57 66.78 -31.63 23.72
CA LYS J 57 67.01 -32.94 24.34
C LYS J 57 67.40 -32.72 25.80
N THR J 58 66.50 -33.08 26.71
CA THR J 58 66.79 -33.06 28.13
C THR J 58 67.54 -34.35 28.50
N GLU J 59 67.66 -34.61 29.81
CA GLU J 59 68.23 -35.88 30.23
C GLU J 59 67.41 -37.06 29.74
N GLY J 60 66.10 -36.91 29.66
CA GLY J 60 65.24 -37.84 28.98
C GLY J 60 65.08 -37.56 27.49
N GLY J 61 65.84 -36.61 26.95
CA GLY J 61 65.80 -36.32 25.53
C GLY J 61 64.48 -35.76 25.04
N ALA J 62 64.13 -34.55 25.47
CA ALA J 62 62.88 -33.96 25.04
C ALA J 62 63.02 -33.39 23.63
N THR J 63 61.88 -33.08 23.02
CA THR J 63 61.85 -32.61 21.65
C THR J 63 60.93 -31.41 21.42
N VAL J 64 60.33 -30.86 22.47
CA VAL J 64 59.25 -29.88 22.29
C VAL J 64 59.79 -28.59 21.69
N THR J 65 58.89 -27.86 21.03
CA THR J 65 59.19 -26.57 20.44
C THR J 65 58.99 -25.46 21.46
N VAL J 66 60.06 -24.72 21.75
CA VAL J 66 60.03 -23.62 22.70
C VAL J 66 60.67 -22.40 22.04
N LYS J 67 60.26 -21.23 22.48
CA LYS J 67 60.76 -19.99 21.88
C LYS J 67 62.20 -19.74 22.31
N ASP J 68 62.75 -18.63 21.83
CA ASP J 68 64.15 -18.29 22.04
C ASP J 68 64.39 -17.50 23.32
N ASP J 69 63.44 -16.66 23.72
CA ASP J 69 63.65 -15.79 24.88
C ASP J 69 63.80 -16.56 26.18
N GLN J 70 63.49 -17.86 26.21
CA GLN J 70 63.57 -18.64 27.43
C GLN J 70 64.52 -19.82 27.36
N VAL J 71 65.18 -20.03 26.22
CA VAL J 71 66.28 -20.98 26.14
C VAL J 71 67.57 -20.22 26.39
N PHE J 72 68.45 -20.79 27.22
CA PHE J 72 69.55 -20.02 27.78
C PHE J 72 70.88 -20.73 27.56
N PRO J 73 71.91 -20.03 27.08
CA PRO J 73 73.22 -20.66 26.92
C PRO J 73 73.88 -20.94 28.25
N MET J 74 74.60 -22.06 28.30
CA MET J 74 75.27 -22.52 29.51
C MET J 74 76.67 -21.91 29.62
N ASN J 75 77.12 -21.75 30.86
CA ASN J 75 78.46 -21.21 31.10
C ASN J 75 79.52 -22.12 30.48
N PRO J 76 80.66 -21.57 30.10
CA PRO J 76 81.77 -22.39 29.60
C PRO J 76 82.22 -23.41 30.63
N PRO J 77 82.89 -24.48 30.20
CA PRO J 77 83.32 -25.50 31.16
C PRO J 77 84.51 -25.02 31.99
N LYS J 78 85.34 -24.17 31.39
CA LYS J 78 86.40 -23.51 32.13
C LYS J 78 85.87 -22.60 33.21
N TYR J 79 84.58 -22.24 33.15
CA TYR J 79 83.94 -21.42 34.17
C TYR J 79 83.10 -22.26 35.12
N ASP J 80 83.17 -23.58 35.01
CA ASP J 80 82.45 -24.44 35.94
C ASP J 80 83.02 -24.30 37.35
N LYS J 81 82.14 -24.27 38.34
CA LYS J 81 82.51 -24.29 39.76
C LYS J 81 83.36 -23.08 40.15
N ILE J 82 83.11 -21.93 39.54
CA ILE J 82 83.86 -20.74 39.91
C ILE J 82 83.36 -20.20 41.24
N GLU J 83 84.28 -19.68 42.05
CA GLU J 83 83.94 -19.16 43.37
C GLU J 83 83.25 -17.81 43.31
N ASP J 84 83.27 -17.12 42.19
CA ASP J 84 82.56 -15.85 42.00
C ASP J 84 81.62 -16.01 40.81
N MET J 85 80.35 -16.23 41.09
CA MET J 85 79.36 -16.40 40.02
C MET J 85 79.27 -15.19 39.11
N ALA J 86 79.66 -14.00 39.59
CA ALA J 86 79.52 -12.80 38.80
C ALA J 86 80.52 -12.74 37.65
N MET J 87 81.56 -13.55 37.68
CA MET J 87 82.57 -13.51 36.62
C MET J 87 82.12 -14.25 35.37
N MET J 88 81.15 -15.15 35.48
CA MET J 88 80.73 -15.95 34.35
C MET J 88 80.24 -15.08 33.21
N THR J 89 80.67 -15.41 31.99
CA THR J 89 80.20 -14.70 30.80
C THR J 89 78.72 -14.91 30.53
N HIS J 90 78.08 -15.86 31.20
CA HIS J 90 76.63 -15.99 31.17
C HIS J 90 76.14 -15.77 32.59
N LEU J 91 75.28 -14.77 32.76
CA LEU J 91 74.76 -14.39 34.08
C LEU J 91 73.24 -14.36 33.97
N HIS J 92 72.59 -15.43 34.39
CA HIS J 92 71.15 -15.58 34.23
C HIS J 92 70.64 -16.48 35.35
N GLU J 93 69.34 -16.77 35.30
CA GLU J 93 68.79 -17.77 36.22
C GLU J 93 69.49 -19.11 36.10
N PRO J 94 69.59 -19.73 34.92
CA PRO J 94 70.23 -21.05 34.87
C PRO J 94 71.71 -21.00 35.14
N ALA J 95 72.37 -19.89 34.79
CA ALA J 95 73.81 -19.75 34.99
C ALA J 95 74.16 -19.97 36.45
N VAL J 96 73.68 -19.10 37.33
CA VAL J 96 73.96 -19.23 38.76
C VAL J 96 73.26 -20.47 39.31
N LEU J 97 72.05 -20.75 38.84
CA LEU J 97 71.29 -21.91 39.28
C LEU J 97 72.15 -23.16 39.26
N TYR J 98 72.65 -23.51 38.08
CA TYR J 98 73.47 -24.72 37.97
C TYR J 98 74.89 -24.50 38.48
N ASN J 99 75.43 -23.29 38.35
CA ASN J 99 76.76 -23.01 38.89
C ASN J 99 76.84 -23.33 40.37
N LEU J 100 75.72 -23.26 41.10
CA LEU J 100 75.71 -23.71 42.48
C LEU J 100 75.01 -25.05 42.69
N LYS J 101 74.17 -25.48 41.75
CA LYS J 101 73.59 -26.81 41.84
C LYS J 101 74.68 -27.87 41.75
N GLU J 102 75.50 -27.80 40.70
CA GLU J 102 76.63 -28.72 40.58
C GLU J 102 77.66 -28.52 41.68
N ARG J 103 77.73 -27.34 42.29
CA ARG J 103 78.66 -27.15 43.39
C ARG J 103 78.19 -27.84 44.66
N TYR J 104 76.89 -27.74 44.96
CA TYR J 104 76.32 -28.52 46.06
C TYR J 104 76.43 -30.01 45.76
N ALA J 105 76.31 -30.39 44.48
CA ALA J 105 76.55 -31.78 44.10
C ALA J 105 77.99 -32.19 44.45
N ALA J 106 78.96 -31.39 44.02
CA ALA J 106 80.36 -31.58 44.37
C ALA J 106 80.69 -31.14 45.79
N TRP J 107 79.68 -30.70 46.54
CA TRP J 107 79.76 -30.36 47.96
C TRP J 107 80.65 -29.16 48.24
N MET J 108 81.04 -28.38 47.23
CA MET J 108 81.72 -27.11 47.46
C MET J 108 80.65 -26.13 47.93
N ILE J 109 80.40 -26.16 49.24
CA ILE J 109 79.25 -25.46 49.80
C ILE J 109 79.40 -23.95 49.66
N TYR J 110 80.46 -23.39 50.24
CA TYR J 110 80.56 -21.96 50.46
C TYR J 110 81.15 -21.31 49.21
N THR J 111 80.35 -20.47 48.54
CA THR J 111 80.74 -19.76 47.35
C THR J 111 80.56 -18.26 47.57
N TYR J 112 81.16 -17.46 46.71
CA TYR J 112 81.03 -16.01 46.75
C TYR J 112 80.29 -15.51 45.52
N SER J 113 79.62 -14.36 45.68
CA SER J 113 78.95 -13.66 44.58
C SER J 113 79.01 -12.17 44.91
N GLY J 114 80.02 -11.50 44.36
CA GLY J 114 80.26 -10.11 44.72
C GLY J 114 80.47 -10.00 46.22
N LEU J 115 79.48 -9.44 46.91
CA LEU J 115 79.49 -9.45 48.37
C LEU J 115 78.72 -10.62 48.96
N PHE J 116 77.86 -11.27 48.17
CA PHE J 116 77.01 -12.34 48.68
C PHE J 116 77.84 -13.57 49.01
N CYS J 117 77.75 -14.02 50.27
CA CYS J 117 78.38 -15.28 50.68
C CYS J 117 77.28 -16.35 50.75
N VAL J 118 76.93 -16.87 49.58
CA VAL J 118 75.95 -17.95 49.51
C VAL J 118 76.46 -19.15 50.31
N THR J 119 75.53 -19.84 50.96
CA THR J 119 75.89 -21.00 51.79
C THR J 119 74.68 -21.91 51.92
N VAL J 120 74.77 -23.09 51.33
CA VAL J 120 73.69 -24.07 51.35
C VAL J 120 74.01 -25.13 52.40
N ASN J 121 73.01 -25.49 53.20
CA ASN J 121 73.33 -26.43 54.27
C ASN J 121 73.50 -27.84 53.73
N PRO J 122 74.26 -28.67 54.42
CA PRO J 122 74.28 -30.10 54.12
C PRO J 122 73.22 -30.82 54.95
N TYR J 123 73.18 -32.14 54.79
CA TYR J 123 72.33 -33.00 55.61
C TYR J 123 73.14 -34.18 56.13
N LYS J 124 74.36 -33.90 56.54
CA LYS J 124 75.31 -34.88 57.05
C LYS J 124 76.50 -34.12 57.59
N TRP J 125 77.18 -34.70 58.56
CA TRP J 125 78.34 -34.05 59.16
C TRP J 125 79.43 -33.86 58.13
N LEU J 126 79.88 -32.63 57.96
CA LEU J 126 81.04 -32.36 57.14
C LEU J 126 82.08 -31.59 57.95
N PRO J 127 83.34 -31.97 57.87
CA PRO J 127 84.38 -31.33 58.67
C PRO J 127 84.97 -30.10 57.98
N VAL J 128 84.10 -29.16 57.61
CA VAL J 128 84.53 -27.97 56.89
C VAL J 128 84.93 -26.83 57.81
N TYR J 129 84.51 -26.86 59.07
CA TYR J 129 84.67 -25.75 60.00
C TYR J 129 85.65 -26.08 61.13
N ASN J 130 86.52 -27.07 60.92
CA ASN J 130 87.33 -27.62 62.00
C ASN J 130 88.31 -26.59 62.54
N ALA J 131 89.06 -27.00 63.55
CA ALA J 131 89.99 -26.14 64.27
C ALA J 131 91.22 -25.80 63.45
N GLU J 132 91.30 -26.15 62.17
CA GLU J 132 92.41 -25.75 61.32
C GLU J 132 92.05 -24.67 60.32
N VAL J 133 90.82 -24.67 59.80
CA VAL J 133 90.41 -23.57 58.93
C VAL J 133 90.19 -22.28 59.68
N VAL J 134 90.24 -22.31 61.02
CA VAL J 134 90.17 -21.07 61.78
C VAL J 134 91.45 -20.28 61.63
N ALA J 135 92.59 -20.97 61.56
CA ALA J 135 93.86 -20.31 61.26
C ALA J 135 94.12 -20.23 59.77
N ALA J 136 93.59 -21.18 58.99
CA ALA J 136 93.73 -21.11 57.54
C ALA J 136 93.02 -19.89 56.98
N TYR J 137 91.93 -19.47 57.61
CA TYR J 137 91.21 -18.27 57.19
C TYR J 137 91.62 -17.03 57.96
N ARG J 138 92.44 -17.17 58.99
CA ARG J 138 92.88 -16.02 59.78
C ARG J 138 93.81 -15.12 58.97
N GLY J 139 93.68 -13.82 59.19
CA GLY J 139 94.55 -12.84 58.58
C GLY J 139 94.44 -12.74 57.08
N LYS J 140 93.54 -13.51 56.51
CA LYS J 140 93.41 -13.60 55.07
C LYS J 140 92.80 -12.34 54.48
N LYS J 141 92.91 -12.20 53.17
CA LYS J 141 92.08 -11.27 52.42
C LYS J 141 90.92 -12.04 51.78
N ARG J 142 89.97 -11.30 51.23
CA ARG J 142 88.69 -11.90 50.88
C ARG J 142 88.84 -13.00 49.82
N GLN J 143 89.52 -12.68 48.72
CA GLN J 143 89.58 -13.57 47.57
C GLN J 143 90.84 -14.43 47.53
N GLU J 144 91.46 -14.70 48.67
CA GLU J 144 92.67 -15.53 48.64
C GLU J 144 92.36 -17.01 48.80
N ALA J 145 91.49 -17.36 49.72
CA ALA J 145 91.13 -18.74 50.00
C ALA J 145 89.75 -19.07 49.46
N PRO J 146 89.42 -20.35 49.31
CA PRO J 146 88.06 -20.71 48.93
C PRO J 146 87.05 -20.15 49.94
N PRO J 147 85.86 -19.81 49.47
CA PRO J 147 84.90 -19.11 50.35
C PRO J 147 84.45 -19.96 51.52
N HIS J 148 84.02 -19.27 52.58
CA HIS J 148 83.49 -19.90 53.79
C HIS J 148 83.00 -18.79 54.72
N ILE J 149 82.13 -19.18 55.65
CA ILE J 149 81.60 -18.21 56.61
C ILE J 149 82.70 -17.70 57.52
N PHE J 150 83.64 -18.56 57.90
CA PHE J 150 84.76 -18.11 58.72
C PHE J 150 85.59 -17.06 57.98
N SER J 151 85.72 -17.20 56.66
CA SER J 151 86.42 -16.20 55.87
C SER J 151 85.76 -14.83 56.03
N ILE J 152 84.43 -14.77 55.92
CA ILE J 152 83.73 -13.51 56.02
C ILE J 152 83.82 -12.95 57.43
N SER J 153 83.72 -13.81 58.45
CA SER J 153 83.83 -13.33 59.82
C SER J 153 85.20 -12.72 60.07
N ASP J 154 86.27 -13.44 59.69
CA ASP J 154 87.61 -12.88 59.85
C ASP J 154 87.79 -11.62 59.00
N ASN J 155 87.13 -11.55 57.85
CA ASN J 155 87.16 -10.33 57.05
C ASN J 155 86.63 -9.16 57.88
N ALA J 156 85.44 -9.32 58.44
CA ALA J 156 84.86 -8.25 59.26
C ALA J 156 85.77 -7.93 60.45
N TYR J 157 86.36 -8.95 61.06
CA TYR J 157 87.21 -8.73 62.22
C TYR J 157 88.42 -7.88 61.85
N GLN J 158 89.19 -8.31 60.85
CA GLN J 158 90.33 -7.53 60.42
C GLN J 158 89.92 -6.14 59.95
N PHE J 159 88.74 -6.02 59.33
CA PHE J 159 88.26 -4.72 58.88
C PHE J 159 88.09 -3.77 60.06
N MET J 160 87.41 -4.23 61.12
CA MET J 160 87.27 -3.39 62.30
C MET J 160 88.62 -3.15 62.96
N LEU J 161 89.56 -4.08 62.81
CA LEU J 161 90.88 -3.86 63.37
C LEU J 161 91.68 -2.82 62.58
N THR J 162 91.31 -2.58 61.32
CA THR J 162 91.99 -1.53 60.55
C THR J 162 91.60 -0.14 61.07
N ASP J 163 90.31 0.20 61.01
CA ASP J 163 89.88 1.57 61.22
C ASP J 163 88.88 1.71 62.34
N ARG J 164 88.87 0.77 63.29
CA ARG J 164 88.02 0.85 64.48
C ARG J 164 86.55 1.02 64.13
N GLU J 165 86.15 0.52 62.98
CA GLU J 165 84.82 0.78 62.43
C GLU J 165 83.88 -0.38 62.71
N ASN J 166 82.62 -0.06 62.97
CA ASN J 166 81.60 -1.08 63.18
C ASN J 166 81.31 -1.82 61.87
N GLN J 167 81.13 -3.13 61.99
CA GLN J 167 80.74 -3.97 60.87
C GLN J 167 79.49 -4.78 61.24
N SER J 168 78.91 -5.43 60.25
CA SER J 168 77.64 -6.11 60.44
C SER J 168 77.50 -7.23 59.43
N ILE J 169 76.98 -8.36 59.89
CA ILE J 169 76.65 -9.50 59.04
C ILE J 169 75.13 -9.64 59.03
N LEU J 170 74.55 -9.63 57.84
CA LEU J 170 73.11 -9.74 57.66
C LEU J 170 72.82 -11.09 57.04
N ILE J 171 72.21 -11.98 57.82
CA ILE J 171 71.98 -13.35 57.43
C ILE J 171 70.49 -13.59 57.31
N THR J 172 70.12 -14.46 56.38
CA THR J 172 68.72 -14.82 56.15
C THR J 172 68.58 -16.33 56.10
N GLY J 173 67.42 -16.80 56.55
CA GLY J 173 67.15 -18.22 56.57
C GLY J 173 65.83 -18.54 57.24
N GLU J 174 65.09 -19.48 56.66
CA GLU J 174 63.79 -19.86 57.21
C GLU J 174 63.95 -20.40 58.63
N SER J 175 62.84 -20.41 59.36
CA SER J 175 62.84 -20.87 60.74
C SER J 175 63.33 -22.31 60.81
N GLY J 176 64.48 -22.52 61.45
CA GLY J 176 65.06 -23.84 61.52
C GLY J 176 65.68 -24.34 60.24
N ALA J 177 66.26 -23.44 59.45
CA ALA J 177 66.91 -23.81 58.19
C ALA J 177 68.40 -24.07 58.36
N GLY J 178 68.97 -23.78 59.52
CA GLY J 178 70.38 -23.97 59.79
C GLY J 178 71.13 -22.72 60.19
N LYS J 179 70.59 -21.53 59.88
CA LYS J 179 71.23 -20.29 60.31
C LYS J 179 71.28 -20.18 61.83
N THR J 180 70.28 -20.74 62.52
CA THR J 180 70.29 -20.81 63.97
C THR J 180 71.55 -21.46 64.51
N VAL J 181 72.27 -22.20 63.67
CA VAL J 181 73.55 -22.79 64.05
C VAL J 181 74.72 -21.94 63.57
N ASN J 182 74.62 -21.39 62.36
CA ASN J 182 75.69 -20.57 61.82
C ASN J 182 75.93 -19.34 62.67
N THR J 183 74.90 -18.81 63.32
CA THR J 183 75.08 -17.67 64.20
C THR J 183 76.04 -18.02 65.34
N LYS J 184 75.76 -19.10 66.08
CA LYS J 184 76.66 -19.50 67.14
C LYS J 184 78.02 -19.90 66.58
N ARG J 185 78.04 -20.44 65.37
CA ARG J 185 79.32 -20.77 64.73
C ARG J 185 80.20 -19.54 64.62
N VAL J 186 79.65 -18.45 64.06
CA VAL J 186 80.48 -17.27 63.85
C VAL J 186 80.78 -16.57 65.17
N ILE J 187 79.87 -16.62 66.14
CA ILE J 187 80.17 -15.94 67.40
C ILE J 187 81.24 -16.70 68.17
N GLN J 188 81.24 -18.04 68.12
CA GLN J 188 82.31 -18.77 68.77
C GLN J 188 83.60 -18.67 67.99
N TYR J 189 83.53 -18.57 66.66
CA TYR J 189 84.72 -18.28 65.88
C TYR J 189 85.36 -16.98 66.35
N PHE J 190 84.56 -15.95 66.59
CA PHE J 190 85.11 -14.71 67.12
C PHE J 190 85.62 -14.88 68.55
N ALA J 191 84.89 -15.62 69.37
CA ALA J 191 85.30 -15.85 70.76
C ALA J 191 86.65 -16.53 70.83
N THR J 192 86.98 -17.36 69.83
CA THR J 192 88.32 -17.94 69.77
C THR J 192 89.33 -16.97 69.18
N ILE J 193 89.01 -16.38 68.03
CA ILE J 193 89.97 -15.57 67.30
C ILE J 193 90.22 -14.22 67.93
N ALA J 194 89.55 -13.90 69.03
CA ALA J 194 89.75 -12.65 69.74
C ALA J 194 91.22 -12.46 70.13
N LEU J 213 79.40 -14.99 76.52
CA LEU J 213 79.91 -16.06 75.67
C LEU J 213 78.75 -16.83 75.05
N GLU J 214 79.02 -17.46 73.91
CA GLU J 214 78.02 -18.15 73.09
C GLU J 214 76.99 -18.93 73.89
N ASP J 215 77.44 -19.60 74.97
CA ASP J 215 76.52 -20.38 75.79
C ASP J 215 75.39 -19.52 76.35
N GLN J 216 75.71 -18.31 76.80
CA GLN J 216 74.68 -17.42 77.35
C GLN J 216 73.63 -17.08 76.30
N ILE J 217 74.07 -16.70 75.10
CA ILE J 217 73.14 -16.36 74.04
C ILE J 217 72.25 -17.54 73.68
N ILE J 218 72.87 -18.70 73.43
CA ILE J 218 72.10 -19.86 72.99
C ILE J 218 71.18 -20.34 74.11
N SER J 219 71.52 -20.05 75.36
CA SER J 219 70.66 -20.43 76.47
C SER J 219 69.47 -19.50 76.61
N ALA J 220 69.69 -18.20 76.39
CA ALA J 220 68.58 -17.25 76.43
C ALA J 220 67.68 -17.36 75.22
N ASN J 221 68.18 -17.95 74.13
CA ASN J 221 67.45 -18.02 72.86
C ASN J 221 66.00 -18.49 72.96
N PRO J 222 65.68 -19.64 73.56
CA PRO J 222 64.34 -20.23 73.33
C PRO J 222 63.20 -19.39 73.86
N LEU J 223 63.36 -18.77 75.03
CA LEU J 223 62.31 -17.92 75.58
C LEU J 223 61.88 -16.82 74.61
N LEU J 224 62.82 -16.32 73.82
CA LEU J 224 62.49 -15.31 72.82
C LEU J 224 61.43 -15.83 71.86
N GLU J 225 61.68 -17.01 71.28
CA GLU J 225 60.68 -17.60 70.39
C GLU J 225 59.42 -17.98 71.15
N ALA J 226 59.53 -18.30 72.43
CA ALA J 226 58.35 -18.58 73.22
C ALA J 226 57.42 -17.39 73.25
N PHE J 227 57.96 -16.21 73.61
CA PHE J 227 57.14 -15.00 73.62
C PHE J 227 56.71 -14.60 72.22
N GLY J 228 57.61 -14.64 71.25
CA GLY J 228 57.34 -13.99 69.97
C GLY J 228 57.47 -14.82 68.71
N ASN J 229 57.09 -16.08 68.76
CA ASN J 229 57.02 -16.92 67.56
C ASN J 229 55.67 -17.60 67.50
N ALA J 230 55.32 -18.07 66.30
CA ALA J 230 54.04 -18.73 66.10
C ALA J 230 54.09 -19.50 64.79
N LYS J 231 53.24 -20.53 64.71
CA LYS J 231 53.07 -21.24 63.45
C LYS J 231 52.28 -20.35 62.48
N THR J 232 52.83 -20.15 61.30
CA THR J 232 52.19 -19.36 60.27
C THR J 232 51.44 -20.29 59.30
N VAL J 233 50.96 -19.70 58.19
CA VAL J 233 50.40 -20.51 57.13
C VAL J 233 51.49 -21.35 56.45
N ARG J 234 52.75 -20.97 56.61
CA ARG J 234 53.85 -21.62 55.91
C ARG J 234 54.67 -22.52 56.85
N ASN J 235 55.17 -21.98 57.95
CA ASN J 235 56.03 -22.77 58.83
C ASN J 235 55.61 -22.66 60.29
N ASP J 236 56.44 -23.23 61.19
CA ASP J 236 56.03 -23.49 62.57
C ASP J 236 56.63 -22.52 63.57
N ASN J 237 57.93 -22.26 63.51
CA ASN J 237 58.59 -21.44 64.52
C ASN J 237 59.11 -20.15 63.92
N SER J 238 58.29 -19.52 63.08
CA SER J 238 58.59 -18.22 62.50
C SER J 238 58.93 -17.19 63.56
N SER J 239 60.13 -16.61 63.46
CA SER J 239 60.56 -15.56 64.38
C SER J 239 60.02 -14.24 63.85
N ARG J 240 58.82 -13.87 64.33
CA ARG J 240 58.15 -12.67 63.82
C ARG J 240 58.97 -11.42 64.10
N PHE J 241 59.65 -11.36 65.24
CA PHE J 241 60.42 -10.18 65.58
C PHE J 241 61.67 -10.10 64.72
N GLY J 242 62.47 -9.05 64.98
CA GLY J 242 63.78 -8.94 64.41
C GLY J 242 64.84 -9.28 65.45
N LYS J 243 66.02 -9.63 64.97
CA LYS J 243 67.10 -10.05 65.85
C LYS J 243 68.37 -9.35 65.44
N PHE J 244 69.11 -8.84 66.43
CA PHE J 244 70.34 -8.12 66.16
C PHE J 244 71.21 -8.19 67.40
N ILE J 245 72.49 -8.51 67.21
CA ILE J 245 73.41 -8.77 68.31
C ILE J 245 74.62 -7.87 68.15
N ARG J 246 74.95 -7.15 69.22
CA ARG J 246 76.10 -6.27 69.26
C ARG J 246 77.19 -6.94 70.09
N ILE J 247 78.31 -7.28 69.46
CA ILE J 247 79.44 -7.83 70.17
C ILE J 247 80.57 -6.80 70.15
N HIS J 248 80.62 -5.97 71.18
CA HIS J 248 81.61 -4.91 71.26
C HIS J 248 82.97 -5.48 71.63
N PHE J 249 84.01 -4.79 71.19
CA PHE J 249 85.39 -5.19 71.42
C PHE J 249 86.14 -4.07 72.14
N GLY J 250 87.26 -4.45 72.74
CA GLY J 250 88.20 -3.45 73.22
C GLY J 250 88.78 -2.65 72.08
N THR J 251 89.58 -1.64 72.44
CA THR J 251 90.17 -0.79 71.41
C THR J 251 91.22 -1.52 70.58
N THR J 252 91.53 -2.77 70.90
CA THR J 252 92.46 -3.58 70.13
C THR J 252 91.82 -4.80 69.52
N GLY J 253 90.56 -5.09 69.84
CA GLY J 253 89.89 -6.29 69.38
C GLY J 253 89.90 -7.32 70.49
N LYS J 254 88.79 -7.41 71.24
CA LYS J 254 88.74 -8.25 72.42
C LYS J 254 87.30 -8.45 72.88
N LEU J 255 86.87 -9.70 72.99
CA LEU J 255 85.51 -10.00 73.44
C LEU J 255 85.22 -9.29 74.76
N ALA J 256 84.29 -8.33 74.72
CA ALA J 256 84.00 -7.50 75.88
C ALA J 256 82.50 -7.22 76.03
N SER J 257 81.66 -7.96 75.32
CA SER J 257 80.22 -7.73 75.41
C SER J 257 79.48 -8.96 74.88
N ALA J 258 78.21 -9.04 75.26
CA ALA J 258 77.27 -10.00 74.66
C ALA J 258 75.89 -9.33 74.73
N ASP J 259 75.52 -8.66 73.64
CA ASP J 259 74.32 -7.83 73.60
C ASP J 259 73.33 -8.35 72.56
N ILE J 260 72.07 -8.00 72.78
CA ILE J 260 70.98 -8.47 71.92
C ILE J 260 69.98 -7.33 71.75
N GLU J 261 69.50 -7.16 70.52
CA GLU J 261 68.54 -6.11 70.20
C GLU J 261 67.40 -6.70 69.40
N THR J 262 66.17 -6.44 69.84
CA THR J 262 64.98 -6.86 69.12
C THR J 262 64.41 -5.68 68.34
N TYR J 263 63.86 -5.97 67.16
CA TYR J 263 63.46 -4.93 66.24
C TYR J 263 62.18 -5.32 65.52
N LEU J 264 61.30 -4.34 65.32
CA LEU J 264 60.06 -4.50 64.56
C LEU J 264 59.28 -5.74 64.98
N LEU J 265 59.19 -5.95 66.30
CA LEU J 265 58.35 -7.04 66.80
C LEU J 265 56.92 -6.83 66.34
N GLU J 266 56.31 -7.87 65.79
CA GLU J 266 54.93 -7.77 65.37
C GLU J 266 54.03 -7.54 66.58
N LYS J 267 52.93 -6.82 66.36
CA LYS J 267 52.01 -6.44 67.41
C LYS J 267 50.65 -7.11 67.29
N SER J 268 50.06 -7.08 66.08
CA SER J 268 48.67 -7.48 65.88
C SER J 268 48.41 -8.96 66.11
N ARG J 269 49.44 -9.79 66.28
CA ARG J 269 49.21 -11.19 66.58
C ARG J 269 48.39 -11.35 67.85
N VAL J 270 48.68 -10.53 68.86
CA VAL J 270 48.15 -10.73 70.20
C VAL J 270 46.63 -10.72 70.24
N THR J 271 45.99 -10.13 69.23
CA THR J 271 44.53 -10.05 69.22
C THR J 271 43.92 -10.45 67.88
N PHE J 272 44.73 -10.95 66.94
CA PHE J 272 44.18 -11.33 65.64
C PHE J 272 45.17 -12.22 64.92
N GLN J 273 44.64 -13.21 64.21
CA GLN J 273 45.41 -14.02 63.28
C GLN J 273 44.42 -14.74 62.37
N LEU J 274 44.83 -14.96 61.12
CA LEU J 274 43.94 -15.64 60.19
C LEU J 274 43.88 -17.13 60.53
N LYS J 275 42.98 -17.82 59.82
CA LYS J 275 42.62 -19.19 60.18
C LYS J 275 43.82 -20.13 60.13
N ALA J 276 44.69 -19.96 59.14
CA ALA J 276 45.77 -20.89 58.89
C ALA J 276 46.96 -20.72 59.83
N GLU J 277 46.80 -20.00 60.93
CA GLU J 277 47.89 -19.82 61.87
C GLU J 277 47.31 -19.57 63.26
N ARG J 278 48.18 -19.29 64.22
CA ARG J 278 47.77 -19.06 65.60
C ARG J 278 48.56 -17.90 66.17
N SER J 279 48.20 -17.50 67.39
CA SER J 279 48.90 -16.44 68.09
C SER J 279 50.22 -16.98 68.62
N TYR J 280 50.91 -16.18 69.43
CA TYR J 280 52.22 -16.55 69.93
C TYR J 280 52.14 -17.81 70.79
N HIS J 281 53.32 -18.35 71.11
CA HIS J 281 53.40 -19.66 71.76
C HIS J 281 52.82 -19.62 73.18
N ILE J 282 53.26 -18.64 73.98
CA ILE J 282 53.03 -18.66 75.43
C ILE J 282 51.58 -18.91 75.76
N PHE J 283 50.66 -18.39 74.94
CA PHE J 283 49.24 -18.58 75.22
C PHE J 283 48.89 -20.06 75.26
N TYR J 284 49.07 -20.76 74.13
CA TYR J 284 48.77 -22.18 74.09
C TYR J 284 49.70 -22.97 75.01
N GLN J 285 50.88 -22.43 75.32
CA GLN J 285 51.74 -23.05 76.31
C GLN J 285 51.03 -23.15 77.66
N ILE J 286 50.62 -22.01 78.21
CA ILE J 286 49.92 -22.02 79.48
C ILE J 286 48.59 -22.75 79.34
N MET J 287 48.01 -22.76 78.15
CA MET J 287 46.83 -23.59 77.91
C MET J 287 47.14 -25.06 78.10
N SER J 288 48.29 -25.51 77.60
CA SER J 288 48.75 -26.86 77.90
C SER J 288 48.96 -26.99 79.40
N ASN J 289 48.52 -28.11 79.96
CA ASN J 289 48.35 -28.25 81.40
C ASN J 289 49.50 -29.01 82.05
N LYS J 290 50.75 -28.78 81.64
CA LYS J 290 51.86 -29.46 82.30
C LYS J 290 51.99 -29.04 83.76
N LYS J 291 51.39 -27.91 84.13
CA LYS J 291 51.41 -27.45 85.51
C LYS J 291 50.16 -26.61 85.75
N PRO J 292 49.09 -27.22 86.26
CA PRO J 292 47.87 -26.45 86.55
C PRO J 292 48.05 -25.38 87.63
N ASP J 293 49.24 -25.26 88.22
CA ASP J 293 49.51 -24.17 89.15
C ASP J 293 49.19 -22.82 88.50
N LEU J 294 49.63 -22.64 87.26
CA LEU J 294 49.30 -21.42 86.53
C LEU J 294 47.81 -21.36 86.22
N ILE J 295 47.27 -22.43 85.64
CA ILE J 295 45.87 -22.47 85.23
C ILE J 295 44.95 -22.05 86.37
N GLU J 296 45.28 -22.41 87.60
CA GLU J 296 44.51 -21.90 88.73
C GLU J 296 44.99 -20.53 89.20
N MET J 297 46.27 -20.22 89.03
CA MET J 297 46.78 -18.94 89.50
C MET J 297 46.39 -17.81 88.56
N LEU J 298 46.55 -18.02 87.25
CA LEU J 298 46.15 -17.01 86.28
C LEU J 298 44.65 -17.01 86.03
N LEU J 299 43.89 -17.86 86.70
CA LEU J 299 42.44 -17.94 86.59
C LEU J 299 41.96 -18.27 85.19
N ILE J 300 42.87 -18.60 84.28
CA ILE J 300 42.47 -18.92 82.92
C ILE J 300 41.84 -20.30 82.88
N THR J 301 40.99 -20.52 81.87
CA THR J 301 40.34 -21.80 81.71
C THR J 301 41.29 -22.77 81.01
N THR J 302 40.83 -24.02 80.84
CA THR J 302 41.66 -25.06 80.25
C THR J 302 41.48 -25.17 78.74
N ASN J 303 40.40 -24.64 78.18
CA ASN J 303 40.13 -24.77 76.76
C ASN J 303 40.50 -23.48 76.05
N PRO J 304 41.43 -23.52 75.08
CA PRO J 304 41.85 -22.27 74.43
C PRO J 304 40.78 -21.65 73.55
N TYR J 305 39.81 -22.42 73.07
CA TYR J 305 38.73 -21.85 72.27
C TYR J 305 37.81 -20.95 73.07
N ASP J 306 38.09 -20.74 74.36
CA ASP J 306 37.27 -19.89 75.20
C ASP J 306 37.80 -18.46 75.30
N TYR J 307 38.89 -18.15 74.60
CA TYR J 307 39.55 -16.85 74.70
C TYR J 307 39.75 -16.30 73.29
N ALA J 308 38.92 -15.33 72.92
CA ALA J 308 38.80 -14.92 71.52
C ALA J 308 40.09 -14.33 70.96
N PHE J 309 40.89 -13.68 71.82
CA PHE J 309 42.15 -13.11 71.33
C PHE J 309 43.04 -14.16 70.69
N VAL J 310 43.01 -15.39 71.18
CA VAL J 310 43.94 -16.44 70.75
C VAL J 310 43.23 -17.59 70.07
N SER J 311 41.93 -17.51 69.88
CA SER J 311 41.12 -18.63 69.40
C SER J 311 40.50 -18.35 68.04
N GLN J 312 41.27 -17.79 67.12
CA GLN J 312 40.78 -17.49 65.78
C GLN J 312 41.56 -18.24 64.70
N GLY J 313 42.35 -19.24 65.09
CA GLY J 313 43.10 -20.03 64.13
C GLY J 313 43.21 -21.49 64.50
N GLU J 314 44.42 -22.03 64.47
CA GLU J 314 44.69 -23.42 64.80
C GLU J 314 45.41 -23.47 66.15
N ILE J 315 44.72 -23.94 67.18
CA ILE J 315 45.29 -23.94 68.52
C ILE J 315 46.44 -24.93 68.63
N THR J 316 46.16 -26.21 68.40
CA THR J 316 47.15 -27.27 68.53
C THR J 316 47.80 -27.53 67.18
N VAL J 317 49.13 -27.43 67.14
CA VAL J 317 49.88 -27.66 65.92
C VAL J 317 50.21 -29.14 65.82
N PRO J 318 50.13 -29.76 64.63
CA PRO J 318 50.53 -31.17 64.51
C PRO J 318 52.04 -31.31 64.34
N SER J 319 52.80 -30.59 65.15
CA SER J 319 54.26 -30.69 65.09
C SER J 319 54.88 -30.89 66.46
N ILE J 320 54.31 -30.29 67.51
CA ILE J 320 54.94 -30.29 68.82
C ILE J 320 53.90 -29.88 69.85
N ASP J 321 54.02 -30.43 71.05
CA ASP J 321 53.22 -29.97 72.17
C ASP J 321 53.94 -28.83 72.87
N ASP J 322 53.17 -28.07 73.66
CA ASP J 322 53.70 -26.90 74.32
C ASP J 322 54.07 -27.16 75.78
N GLN J 323 53.70 -28.30 76.33
CA GLN J 323 53.88 -28.57 77.76
C GLN J 323 55.33 -28.43 78.16
N GLU J 324 56.20 -29.30 77.62
CA GLU J 324 57.61 -29.29 77.97
C GLU J 324 58.23 -27.91 77.84
N GLU J 325 57.77 -27.13 76.87
CA GLU J 325 58.30 -25.79 76.66
C GLU J 325 58.08 -24.90 77.88
N LEU J 326 57.02 -25.17 78.66
CA LEU J 326 56.80 -24.41 79.89
C LEU J 326 58.04 -24.42 80.77
N MET J 327 58.48 -25.61 81.17
CA MET J 327 59.64 -25.68 82.06
C MET J 327 60.95 -25.40 81.33
N ALA J 328 61.01 -25.69 80.02
CA ALA J 328 62.18 -25.28 79.25
C ALA J 328 62.41 -23.78 79.37
N THR J 329 61.40 -23.00 79.02
CA THR J 329 61.49 -21.55 79.12
C THR J 329 61.59 -21.09 80.57
N ASP J 330 61.00 -21.84 81.50
CA ASP J 330 61.15 -21.51 82.91
C ASP J 330 62.62 -21.54 83.32
N SER J 331 63.32 -22.60 82.95
CA SER J 331 64.75 -22.68 83.21
C SER J 331 65.50 -21.58 82.47
N ALA J 332 65.13 -21.32 81.22
CA ALA J 332 65.72 -20.21 80.46
C ALA J 332 65.60 -18.91 81.22
N ILE J 333 64.49 -18.71 81.92
CA ILE J 333 64.32 -17.56 82.79
C ILE J 333 65.26 -17.67 83.99
N ASP J 334 65.23 -18.82 84.66
CA ASP J 334 65.92 -18.97 85.94
C ASP J 334 67.42 -18.69 85.80
N ILE J 335 68.04 -19.21 84.74
CA ILE J 335 69.47 -18.98 84.54
C ILE J 335 69.78 -17.52 84.24
N LEU J 336 68.77 -16.70 84.00
CA LEU J 336 68.94 -15.27 83.81
C LEU J 336 68.66 -14.53 85.12
N GLY J 337 68.97 -13.24 85.12
CA GLY J 337 68.84 -12.42 86.31
C GLY J 337 67.40 -12.10 86.67
N PHE J 338 66.59 -13.13 86.91
CA PHE J 338 65.17 -12.97 87.17
C PHE J 338 64.84 -13.46 88.58
N THR J 339 64.10 -12.64 89.32
CA THR J 339 63.52 -13.09 90.58
C THR J 339 62.25 -13.90 90.29
N SER J 340 61.69 -14.48 91.35
CA SER J 340 60.49 -15.29 91.17
C SER J 340 59.25 -14.42 91.04
N ASP J 341 59.14 -13.37 91.86
CA ASP J 341 58.07 -12.41 91.70
C ASP J 341 58.03 -11.86 90.28
N GLU J 342 59.20 -11.65 89.70
CA GLU J 342 59.28 -11.26 88.29
C GLU J 342 58.52 -12.22 87.40
N ARG J 343 58.68 -13.53 87.65
CA ARG J 343 58.08 -14.53 86.79
C ARG J 343 56.58 -14.66 87.04
N VAL J 344 56.15 -14.59 88.30
CA VAL J 344 54.72 -14.60 88.57
C VAL J 344 54.06 -13.36 87.98
N SER J 345 54.78 -12.25 87.93
CA SER J 345 54.26 -11.05 87.31
C SER J 345 54.10 -11.23 85.80
N ILE J 346 55.14 -11.79 85.15
CA ILE J 346 55.04 -12.08 83.72
C ILE J 346 53.82 -12.96 83.44
N TYR J 347 53.63 -13.99 84.26
CA TYR J 347 52.52 -14.90 84.05
C TYR J 347 51.18 -14.21 84.25
N LYS J 348 51.05 -13.41 85.32
CA LYS J 348 49.82 -12.68 85.55
C LYS J 348 49.51 -11.73 84.40
N LEU J 349 50.54 -11.09 83.85
CA LEU J 349 50.32 -10.17 82.74
C LEU J 349 49.85 -10.89 81.50
N THR J 350 50.48 -12.03 81.17
CA THR J 350 49.99 -12.82 80.04
C THR J 350 48.56 -13.28 80.26
N GLY J 351 48.22 -13.63 81.50
CA GLY J 351 46.85 -14.03 81.80
C GLY J 351 45.86 -12.90 81.61
N ALA J 352 46.22 -11.69 82.04
CA ALA J 352 45.35 -10.54 81.84
C ALA J 352 45.19 -10.21 80.37
N VAL J 353 46.29 -10.30 79.62
CA VAL J 353 46.22 -10.12 78.17
C VAL J 353 45.22 -11.11 77.58
N MET J 354 45.27 -12.36 78.05
CA MET J 354 44.33 -13.36 77.58
C MET J 354 42.90 -13.03 78.00
N HIS J 355 42.73 -12.45 79.18
CA HIS J 355 41.39 -12.20 79.71
C HIS J 355 40.70 -11.05 78.99
N TYR J 356 41.44 -10.00 78.63
CA TYR J 356 40.84 -8.82 78.01
C TYR J 356 39.87 -9.17 76.89
N GLY J 357 40.11 -10.26 76.17
CA GLY J 357 39.24 -10.63 75.07
C GLY J 357 37.79 -10.80 75.47
N ASN J 358 37.53 -11.27 76.69
CA ASN J 358 36.18 -11.56 77.14
C ASN J 358 35.48 -10.37 77.75
N MET J 359 36.15 -9.23 77.86
CA MET J 359 35.48 -8.02 78.30
C MET J 359 34.40 -7.64 77.31
N LYS J 360 33.19 -7.45 77.81
CA LYS J 360 32.02 -7.20 76.97
C LYS J 360 31.48 -5.80 77.26
N PHE J 361 30.92 -5.19 76.23
CA PHE J 361 30.39 -3.84 76.33
C PHE J 361 29.13 -3.74 75.49
N LYS J 362 28.13 -3.05 76.02
CA LYS J 362 26.85 -2.88 75.35
C LYS J 362 26.53 -1.40 75.26
N GLN J 363 26.02 -0.99 74.10
CA GLN J 363 25.63 0.40 73.90
C GLN J 363 24.59 0.81 74.93
N LYS J 364 24.72 2.03 75.44
CA LYS J 364 23.71 2.54 76.35
C LYS J 364 22.37 2.66 75.62
N GLN J 365 21.29 2.69 76.40
CA GLN J 365 19.97 2.57 75.83
C GLN J 365 19.55 3.81 75.05
N ARG J 366 19.98 5.00 75.48
CA ARG J 366 19.56 6.24 74.87
C ARG J 366 20.74 7.05 74.34
N GLU J 367 21.78 6.37 73.86
CA GLU J 367 22.99 7.06 73.42
C GLU J 367 23.83 6.06 72.63
N GLU J 368 24.90 6.58 72.03
CA GLU J 368 25.94 5.75 71.44
C GLU J 368 27.07 5.49 72.42
N GLN J 369 26.94 5.97 73.66
CA GLN J 369 27.98 5.78 74.65
C GLN J 369 28.06 4.33 75.08
N ALA J 370 29.27 3.77 75.08
CA ALA J 370 29.47 2.41 75.51
C ALA J 370 29.36 2.31 77.03
N GLU J 371 29.18 1.09 77.52
CA GLU J 371 29.07 0.82 78.94
C GLU J 371 29.26 -0.68 79.16
N PRO J 372 29.71 -1.08 80.35
CA PRO J 372 29.92 -2.51 80.60
C PRO J 372 28.65 -3.22 81.01
N ASP J 373 28.62 -4.52 80.72
CA ASP J 373 27.52 -5.39 81.12
C ASP J 373 27.91 -6.34 82.26
N GLY J 374 28.98 -7.11 82.09
CA GLY J 374 29.40 -8.04 83.11
C GLY J 374 30.81 -7.79 83.59
N THR J 375 30.95 -7.41 84.86
CA THR J 375 32.24 -7.09 85.45
C THR J 375 33.07 -8.32 85.79
N GLU J 376 32.61 -9.52 85.43
CA GLU J 376 33.28 -10.74 85.87
C GLU J 376 34.70 -10.79 85.33
N VAL J 377 34.85 -10.86 84.01
CA VAL J 377 36.18 -10.84 83.41
C VAL J 377 36.90 -9.54 83.73
N ALA J 378 36.13 -8.45 83.88
CA ALA J 378 36.71 -7.21 84.35
C ALA J 378 37.33 -7.38 85.72
N ASP J 379 36.60 -8.03 86.64
CA ASP J 379 37.15 -8.30 87.97
C ASP J 379 38.40 -9.13 87.89
N LYS J 380 38.38 -10.19 87.09
CA LYS J 380 39.55 -11.06 86.97
C LYS J 380 40.76 -10.28 86.48
N ALA J 381 40.63 -9.61 85.35
CA ALA J 381 41.75 -8.88 84.78
C ALA J 381 42.25 -7.81 85.73
N ALA J 382 41.35 -7.05 86.34
CA ALA J 382 41.77 -5.98 87.25
C ALA J 382 42.45 -6.54 88.48
N TYR J 383 42.08 -7.73 88.92
CA TYR J 383 42.75 -8.35 90.04
C TYR J 383 44.14 -8.83 89.64
N LEU J 384 44.28 -9.31 88.40
CA LEU J 384 45.58 -9.75 87.93
C LEU J 384 46.63 -8.66 87.91
N GLN J 385 46.22 -7.39 87.98
CA GLN J 385 47.15 -6.26 88.02
C GLN J 385 47.10 -5.52 89.36
N ASN J 386 46.25 -5.95 90.28
CA ASN J 386 46.11 -5.34 91.59
C ASN J 386 45.70 -3.87 91.49
N LEU J 387 44.54 -3.67 90.86
CA LEU J 387 43.95 -2.33 90.77
C LEU J 387 42.44 -2.51 90.65
N ASN J 388 41.70 -1.47 91.05
CA ASN J 388 40.26 -1.59 91.15
C ASN J 388 39.63 -1.93 89.80
N SER J 389 38.53 -2.67 89.86
CA SER J 389 37.87 -3.13 88.63
C SER J 389 36.91 -2.09 88.08
N ALA J 390 35.99 -1.60 88.92
CA ALA J 390 35.07 -0.56 88.49
C ALA J 390 35.82 0.64 87.95
N ASP J 391 36.91 1.02 88.62
CA ASP J 391 37.73 2.12 88.14
C ASP J 391 38.28 1.82 86.76
N LEU J 392 38.73 0.59 86.53
CA LEU J 392 39.25 0.23 85.21
C LEU J 392 38.19 0.36 84.14
N LEU J 393 37.00 -0.22 84.39
CA LEU J 393 35.97 -0.20 83.36
C LEU J 393 35.50 1.23 83.08
N LYS J 394 35.38 2.06 84.11
CA LYS J 394 34.97 3.43 83.88
C LYS J 394 36.05 4.20 83.14
N ALA J 395 37.33 3.98 83.47
CA ALA J 395 38.41 4.63 82.76
C ALA J 395 38.56 4.13 81.33
N LEU J 396 38.00 2.96 81.01
CA LEU J 396 37.92 2.57 79.60
C LEU J 396 36.75 3.26 78.91
N CYS J 397 35.59 3.31 79.55
CA CYS J 397 34.39 3.83 78.90
C CYS J 397 34.07 5.27 79.29
N TYR J 398 34.97 5.95 80.00
CA TYR J 398 34.87 7.39 80.24
C TYR J 398 36.26 7.98 80.39
N PRO J 399 37.05 7.96 79.32
CA PRO J 399 38.38 8.57 79.40
C PRO J 399 38.28 10.07 79.59
N ARG J 400 39.43 10.71 79.74
CA ARG J 400 39.44 12.16 79.86
C ARG J 400 40.78 12.69 79.42
N VAL J 401 40.75 13.81 78.70
CA VAL J 401 41.93 14.37 78.06
C VAL J 401 42.19 15.75 78.65
N LYS J 402 43.47 16.10 78.73
CA LYS J 402 43.90 17.39 79.29
C LYS J 402 43.73 18.46 78.22
N VAL J 403 42.69 19.29 78.37
CA VAL J 403 42.43 20.40 77.48
C VAL J 403 42.75 21.70 78.21
N GLY J 404 43.57 22.54 77.59
CA GLY J 404 43.97 23.79 78.21
C GLY J 404 44.66 23.58 79.54
N ASN J 405 43.99 23.96 80.62
CA ASN J 405 44.51 23.76 81.97
C ASN J 405 43.49 23.03 82.84
N GLU J 406 42.66 22.20 82.24
CA GLU J 406 41.74 21.34 82.97
C GLU J 406 41.52 20.08 82.13
N TYR J 407 40.49 19.32 82.49
CA TYR J 407 40.20 18.08 81.80
C TYR J 407 38.73 18.06 81.39
N VAL J 408 38.44 17.24 80.38
CA VAL J 408 37.08 16.97 79.95
C VAL J 408 36.99 15.50 79.63
N THR J 409 35.80 14.93 79.84
CA THR J 409 35.60 13.49 79.70
C THR J 409 35.03 13.19 78.32
N LYS J 410 35.90 12.78 77.40
CA LYS J 410 35.46 12.38 76.08
C LYS J 410 34.49 11.20 76.16
N GLY J 411 33.53 11.19 75.24
CA GLY J 411 32.66 10.05 75.11
C GLY J 411 33.29 8.95 74.28
N GLN J 412 32.76 7.74 74.43
CA GLN J 412 33.29 6.59 73.72
C GLN J 412 32.15 5.69 73.25
N THR J 413 32.23 5.25 72.01
CA THR J 413 31.32 4.24 71.52
C THR J 413 31.94 2.86 71.67
N VAL J 414 31.11 1.83 71.54
CA VAL J 414 31.53 0.46 71.80
C VAL J 414 32.78 0.12 70.99
N GLN J 415 32.70 0.32 69.67
CA GLN J 415 33.83 0.03 68.80
C GLN J 415 35.09 0.74 69.28
N GLN J 416 34.95 1.98 69.73
CA GLN J 416 36.11 2.70 70.23
C GLN J 416 36.71 2.02 71.45
N VAL J 417 35.87 1.52 72.35
CA VAL J 417 36.38 0.86 73.55
C VAL J 417 37.06 -0.46 73.18
N TYR J 418 36.51 -1.17 72.19
CA TYR J 418 37.15 -2.40 71.75
C TYR J 418 38.52 -2.13 71.17
N ASN J 419 38.63 -1.11 70.31
CA ASN J 419 39.94 -0.74 69.78
C ASN J 419 40.88 -0.33 70.90
N ALA J 420 40.35 0.34 71.92
CA ALA J 420 41.18 0.78 73.04
C ALA J 420 41.76 -0.41 73.80
N VAL J 421 40.91 -1.38 74.15
CA VAL J 421 41.41 -2.52 74.91
C VAL J 421 42.34 -3.37 74.05
N GLY J 422 42.08 -3.46 72.75
CA GLY J 422 43.02 -4.16 71.88
C GLY J 422 44.38 -3.51 71.89
N ALA J 423 44.44 -2.20 71.68
CA ALA J 423 45.70 -1.49 71.74
C ALA J 423 46.35 -1.63 73.11
N LEU J 424 45.56 -1.70 74.17
CA LEU J 424 46.10 -1.84 75.51
C LEU J 424 46.83 -3.16 75.68
N ALA J 425 46.16 -4.26 75.33
CA ALA J 425 46.78 -5.57 75.41
C ALA J 425 48.05 -5.61 74.55
N LYS J 426 47.95 -5.09 73.32
CA LYS J 426 49.12 -5.09 72.44
C LYS J 426 50.28 -4.34 73.06
N ALA J 427 50.00 -3.17 73.63
CA ALA J 427 51.07 -2.35 74.20
C ALA J 427 51.69 -3.01 75.40
N VAL J 428 50.88 -3.58 76.29
CA VAL J 428 51.45 -4.20 77.48
C VAL J 428 52.27 -5.43 77.11
N TYR J 429 51.83 -6.17 76.09
CA TYR J 429 52.59 -7.34 75.66
C TYR J 429 53.93 -6.92 75.04
N GLU J 430 53.91 -5.92 74.17
CA GLU J 430 55.15 -5.45 73.57
C GLU J 430 56.10 -4.90 74.62
N LYS J 431 55.56 -4.23 75.63
CA LYS J 431 56.42 -3.68 76.68
C LYS J 431 57.02 -4.81 77.52
N MET J 432 56.24 -5.83 77.83
CA MET J 432 56.77 -7.02 78.48
C MET J 432 57.95 -7.57 77.70
N PHE J 433 57.77 -7.76 76.39
CA PHE J 433 58.84 -8.29 75.55
C PHE J 433 60.09 -7.41 75.62
N LEU J 434 59.92 -6.11 75.39
CA LEU J 434 61.09 -5.25 75.32
C LEU J 434 61.83 -5.21 76.65
N TRP J 435 61.09 -5.23 77.77
CA TRP J 435 61.77 -5.15 79.05
C TRP J 435 62.41 -6.46 79.46
N MET J 436 61.80 -7.60 79.12
CA MET J 436 62.51 -8.84 79.40
C MET J 436 63.78 -8.95 78.57
N VAL J 437 63.74 -8.43 77.33
CA VAL J 437 64.98 -8.38 76.55
C VAL J 437 66.00 -7.47 77.21
N THR J 438 65.53 -6.34 77.76
CA THR J 438 66.40 -5.47 78.52
C THR J 438 67.07 -6.24 79.66
N ARG J 439 66.29 -7.02 80.40
CA ARG J 439 66.85 -7.81 81.50
C ARG J 439 67.87 -8.83 80.99
N ILE J 440 67.54 -9.51 79.89
CA ILE J 440 68.48 -10.47 79.29
C ILE J 440 69.81 -9.81 79.02
N ASN J 441 69.80 -8.76 78.20
CA ASN J 441 71.05 -8.06 77.91
C ASN J 441 71.64 -7.39 79.14
N GLN J 442 70.87 -7.27 80.22
CA GLN J 442 71.39 -6.73 81.47
C GLN J 442 72.18 -7.78 82.24
N GLN J 443 71.83 -9.06 82.06
CA GLN J 443 72.56 -10.14 82.73
C GLN J 443 73.80 -10.58 81.97
N LEU J 444 73.81 -10.42 80.64
CA LEU J 444 74.85 -11.03 79.82
C LEU J 444 76.08 -10.17 79.64
N ASP J 445 76.00 -8.87 79.89
CA ASP J 445 77.11 -7.98 79.59
C ASP J 445 78.25 -8.17 80.57
N THR J 446 79.47 -8.03 80.06
CA THR J 446 80.68 -8.02 80.88
C THR J 446 81.27 -6.62 80.88
N LYS J 447 81.94 -6.26 81.97
CA LYS J 447 82.23 -4.88 82.28
C LYS J 447 83.57 -4.39 81.72
N GLN J 448 84.11 -5.07 80.72
CA GLN J 448 85.33 -4.59 80.09
C GLN J 448 85.04 -3.34 79.28
N PRO J 449 86.01 -2.43 79.14
CA PRO J 449 85.81 -1.27 78.27
C PRO J 449 85.64 -1.71 76.83
N ARG J 450 84.59 -1.20 76.19
CA ARG J 450 84.17 -1.67 74.88
C ARG J 450 84.35 -0.57 73.82
N GLN J 451 84.31 -0.99 72.57
CA GLN J 451 84.34 -0.11 71.42
C GLN J 451 83.58 -0.78 70.28
N TYR J 452 83.88 -0.39 69.05
CA TYR J 452 83.22 -0.88 67.84
C TYR J 452 82.92 -2.36 67.92
N PHE J 453 81.71 -2.73 67.48
CA PHE J 453 81.16 -4.06 67.61
C PHE J 453 80.96 -4.69 66.22
N ILE J 454 80.35 -5.87 66.23
CA ILE J 454 79.90 -6.55 65.02
C ILE J 454 78.39 -6.64 65.05
N GLY J 455 77.78 -6.69 63.87
CA GLY J 455 76.34 -6.81 63.80
C GLY J 455 75.87 -8.13 63.23
N VAL J 456 75.33 -8.99 64.09
CA VAL J 456 74.70 -10.23 63.67
C VAL J 456 73.20 -9.99 63.63
N LEU J 457 72.61 -10.06 62.43
CA LEU J 457 71.21 -9.69 62.25
C LEU J 457 70.53 -10.67 61.31
N ASP J 458 69.55 -11.40 61.84
CA ASP J 458 68.62 -12.16 61.04
C ASP J 458 67.29 -11.41 60.96
N ILE J 459 66.47 -11.79 59.99
CA ILE J 459 65.19 -11.11 59.76
C ILE J 459 64.32 -12.02 58.93
N ALA J 460 63.01 -11.80 58.98
CA ALA J 460 62.09 -12.52 58.11
C ALA J 460 62.33 -12.13 56.66
N GLY J 461 62.32 -13.11 55.79
CA GLY J 461 62.64 -12.90 54.39
C GLY J 461 61.47 -12.35 53.60
N PHE J 462 61.64 -12.32 52.28
CA PHE J 462 60.63 -11.85 51.35
C PHE J 462 59.54 -12.90 51.21
N GLU J 463 58.83 -13.12 52.31
CA GLU J 463 57.93 -14.24 52.46
C GLU J 463 56.58 -13.85 51.86
N ILE J 464 56.36 -14.27 50.61
CA ILE J 464 55.08 -14.03 49.94
C ILE J 464 54.30 -15.33 49.93
N PHE J 465 52.98 -15.21 50.05
CA PHE J 465 52.09 -16.35 50.18
C PHE J 465 51.05 -16.30 49.08
N ASP J 466 50.04 -17.16 49.21
CA ASP J 466 48.93 -17.15 48.27
C ASP J 466 47.92 -16.05 48.57
N PHE J 467 47.84 -15.62 49.84
CA PHE J 467 46.83 -14.67 50.26
C PHE J 467 47.48 -13.72 51.26
N ASN J 468 47.93 -12.56 50.77
CA ASN J 468 48.69 -11.63 51.58
C ASN J 468 47.76 -10.78 52.46
N SER J 469 48.38 -9.92 53.25
CA SER J 469 47.68 -9.05 54.18
C SER J 469 48.65 -7.94 54.58
N LEU J 470 48.29 -7.20 55.64
CA LEU J 470 49.12 -6.09 56.10
C LEU J 470 50.54 -6.54 56.43
N GLU J 471 50.66 -7.47 57.38
CA GLU J 471 51.98 -7.85 57.89
C GLU J 471 52.91 -8.28 56.77
N GLN J 472 52.39 -9.00 55.78
CA GLN J 472 53.20 -9.39 54.64
C GLN J 472 53.73 -8.17 53.90
N LEU J 473 52.87 -7.17 53.70
CA LEU J 473 53.32 -5.93 53.07
C LEU J 473 54.40 -5.25 53.89
N CYS J 474 54.24 -5.26 55.22
CA CYS J 474 55.24 -4.64 56.07
C CYS J 474 56.59 -5.34 55.95
N ILE J 475 56.58 -6.67 55.95
CA ILE J 475 57.83 -7.43 55.85
C ILE J 475 58.49 -7.20 54.50
N ASN J 476 57.69 -7.26 53.43
CA ASN J 476 58.22 -6.99 52.10
C ASN J 476 58.81 -5.59 52.03
N PHE J 477 58.18 -4.61 52.68
CA PHE J 477 58.73 -3.26 52.69
C PHE J 477 60.04 -3.20 53.46
N THR J 478 60.12 -3.91 54.59
CA THR J 478 61.35 -3.92 55.38
C THR J 478 62.52 -4.41 54.53
N ASN J 479 62.41 -5.64 54.01
CA ASN J 479 63.55 -6.12 53.25
C ASN J 479 63.67 -5.46 51.89
N GLU J 480 62.63 -4.75 51.42
CA GLU J 480 62.80 -3.87 50.28
C GLU J 480 63.78 -2.75 50.60
N LYS J 481 63.58 -2.11 51.75
CA LYS J 481 64.54 -1.10 52.22
C LYS J 481 65.93 -1.71 52.36
N LEU J 482 66.00 -2.92 52.91
CA LEU J 482 67.29 -3.61 53.04
C LEU J 482 67.95 -3.81 51.68
N GLN J 483 67.16 -4.26 50.70
CA GLN J 483 67.71 -4.54 49.38
C GLN J 483 68.23 -3.28 48.74
N GLN J 484 67.46 -2.19 48.81
CA GLN J 484 67.94 -0.93 48.25
C GLN J 484 69.20 -0.44 48.98
N PHE J 485 69.23 -0.62 50.30
CA PHE J 485 70.41 -0.25 51.08
C PHE J 485 71.65 -0.96 50.57
N PHE J 486 71.64 -2.29 50.52
CA PHE J 486 72.89 -2.94 50.13
C PHE J 486 73.15 -2.82 48.64
N ASN J 487 72.11 -2.62 47.83
CA ASN J 487 72.35 -2.28 46.43
C ASN J 487 73.19 -1.02 46.33
N HIS J 488 72.80 0.02 47.05
CA HIS J 488 73.59 1.25 47.08
C HIS J 488 74.98 1.02 47.67
N HIS J 489 75.09 0.15 48.67
CA HIS J 489 76.39 -0.10 49.29
C HIS J 489 77.34 -0.77 48.31
N MET J 490 76.88 -1.83 47.66
CA MET J 490 77.69 -2.47 46.64
C MET J 490 77.98 -1.51 45.49
N PHE J 491 77.04 -0.61 45.18
CA PHE J 491 77.30 0.42 44.19
C PHE J 491 78.52 1.25 44.57
N VAL J 492 78.51 1.80 45.78
CA VAL J 492 79.59 2.71 46.18
C VAL J 492 80.90 1.94 46.25
N LEU J 493 80.88 0.70 46.75
CA LEU J 493 82.10 -0.10 46.79
C LEU J 493 82.66 -0.31 45.39
N GLU J 494 81.84 -0.87 44.50
CA GLU J 494 82.26 -1.14 43.13
C GLU J 494 82.82 0.11 42.46
N GLN J 495 82.05 1.21 42.49
CA GLN J 495 82.44 2.38 41.71
C GLN J 495 83.63 3.11 42.32
N GLU J 496 83.61 3.33 43.63
CA GLU J 496 84.74 3.98 44.28
C GLU J 496 85.93 3.05 44.45
N GLU J 497 85.83 1.81 44.01
CA GLU J 497 87.02 1.00 43.78
C GLU J 497 87.52 1.19 42.35
N TYR J 498 86.64 0.98 41.37
CA TYR J 498 87.00 1.07 39.97
C TYR J 498 87.35 2.50 39.54
N LYS J 499 87.24 3.47 40.44
CA LYS J 499 87.76 4.80 40.17
C LYS J 499 89.19 4.74 39.64
N LYS J 500 90.04 3.98 40.31
CA LYS J 500 91.45 3.85 39.93
C LYS J 500 91.64 2.99 38.69
N GLU J 501 90.57 2.40 38.15
CA GLU J 501 90.67 1.45 37.06
C GLU J 501 90.68 2.11 35.69
N GLY J 502 91.08 3.37 35.61
CA GLY J 502 91.26 4.05 34.34
C GLY J 502 89.99 4.20 33.51
N ILE J 503 88.88 3.71 34.02
CA ILE J 503 87.60 3.79 33.33
C ILE J 503 86.50 3.61 34.36
N GLU J 504 85.39 4.31 34.14
CA GLU J 504 84.22 4.23 35.01
C GLU J 504 83.02 3.76 34.20
N TRP J 505 82.07 3.13 34.88
CA TRP J 505 80.90 2.58 34.20
C TRP J 505 79.75 2.50 35.20
N GLU J 506 78.54 2.38 34.66
CA GLU J 506 77.30 2.41 35.43
C GLU J 506 77.29 3.62 36.37
N PHE J 507 77.32 4.80 35.76
CA PHE J 507 77.49 6.05 36.46
C PHE J 507 76.30 6.40 37.34
N ILE J 508 75.16 5.77 37.13
CA ILE J 508 74.00 6.03 37.98
C ILE J 508 74.14 5.24 39.27
N ASP J 509 73.50 5.72 40.32
CA ASP J 509 73.50 5.01 41.58
C ASP J 509 72.68 3.72 41.45
N PHE J 510 72.96 2.77 42.32
CA PHE J 510 72.17 1.54 42.39
C PHE J 510 71.08 1.63 43.44
N GLY J 511 70.91 2.78 44.07
CA GLY J 511 69.83 2.97 45.01
C GLY J 511 68.58 3.50 44.34
N MET J 512 68.76 4.28 43.28
CA MET J 512 67.65 4.94 42.60
C MET J 512 66.79 3.97 41.80
N ASP J 513 67.03 2.66 41.90
CA ASP J 513 66.22 1.67 41.18
C ASP J 513 65.01 1.25 42.00
N LEU J 514 65.25 0.74 43.21
CA LEU J 514 64.14 0.35 44.08
C LEU J 514 63.42 1.56 44.67
N ALA J 515 63.99 2.77 44.50
CA ALA J 515 63.41 3.97 45.07
C ALA J 515 61.95 4.15 44.66
N ALA J 516 61.59 3.73 43.45
CA ALA J 516 60.19 3.82 43.02
C ALA J 516 59.29 2.96 43.87
N CYS J 517 59.64 1.68 44.02
CA CYS J 517 58.85 0.78 44.84
C CYS J 517 58.81 1.20 46.30
N ILE J 518 59.84 1.89 46.80
CA ILE J 518 59.78 2.38 48.17
C ILE J 518 58.87 3.60 48.27
N GLU J 519 59.08 4.59 47.40
CA GLU J 519 58.29 5.82 47.47
C GLU J 519 56.82 5.53 47.27
N LEU J 520 56.49 4.50 46.48
CA LEU J 520 55.09 4.13 46.32
C LEU J 520 54.45 3.67 47.62
N ILE J 521 55.24 3.46 48.67
CA ILE J 521 54.69 2.94 49.92
C ILE J 521 54.88 3.93 51.06
N GLU J 522 55.95 4.71 51.03
CA GLU J 522 56.29 5.50 52.21
C GLU J 522 56.12 7.01 52.05
N LYS J 523 55.99 7.52 50.83
CA LYS J 523 55.88 8.95 50.63
C LYS J 523 54.51 9.47 51.07
N PRO J 524 54.36 10.79 51.19
CA PRO J 524 53.01 11.35 51.32
C PRO J 524 52.15 10.96 50.15
N MET J 525 50.91 10.57 50.45
CA MET J 525 49.95 9.93 49.55
C MET J 525 50.37 8.51 49.19
N GLY J 526 51.44 8.00 49.76
CA GLY J 526 51.78 6.60 49.62
C GLY J 526 50.75 5.72 50.30
N ILE J 527 50.89 4.41 50.05
CA ILE J 527 49.92 3.45 50.56
C ILE J 527 49.76 3.58 52.07
N PHE J 528 50.87 3.70 52.79
CA PHE J 528 50.77 3.81 54.24
C PHE J 528 50.09 5.09 54.66
N SER J 529 50.42 6.21 54.01
CA SER J 529 49.78 7.47 54.34
C SER J 529 48.28 7.40 54.10
N ILE J 530 47.87 6.84 52.96
CA ILE J 530 46.45 6.71 52.65
C ILE J 530 45.77 5.82 53.69
N LEU J 531 46.44 4.75 54.11
CA LEU J 531 45.87 3.89 55.13
C LEU J 531 45.67 4.66 56.44
N GLU J 532 46.64 5.49 56.82
CA GLU J 532 46.46 6.33 58.00
C GLU J 532 45.25 7.25 57.83
N GLU J 533 45.17 7.90 56.67
CA GLU J 533 44.03 8.74 56.34
C GLU J 533 42.72 8.03 56.61
N GLU J 534 42.59 6.82 56.08
CA GLU J 534 41.32 6.10 56.21
C GLU J 534 41.09 5.63 57.64
N CYS J 535 42.15 5.26 58.36
CA CYS J 535 41.97 4.93 59.76
C CYS J 535 41.67 6.16 60.61
N MET J 536 41.79 7.36 60.06
CA MET J 536 41.39 8.56 60.78
C MET J 536 40.08 9.16 60.30
N PHE J 537 39.67 8.87 59.06
CA PHE J 537 38.47 9.47 58.51
C PHE J 537 37.23 9.00 59.29
N PRO J 538 36.18 9.82 59.34
CA PRO J 538 35.00 9.49 60.15
C PRO J 538 34.34 8.16 59.84
N LYS J 539 33.88 7.95 58.62
CA LYS J 539 33.08 6.78 58.29
C LYS J 539 33.73 5.97 57.17
N ALA J 540 35.05 5.80 57.24
CA ALA J 540 35.76 5.06 56.21
C ALA J 540 35.34 3.61 56.21
N THR J 541 35.44 2.98 55.04
CA THR J 541 35.18 1.57 54.87
C THR J 541 36.24 0.97 53.96
N ASP J 542 36.20 -0.36 53.81
CA ASP J 542 37.17 -1.03 52.96
C ASP J 542 37.05 -0.56 51.51
N THR J 543 35.82 -0.40 51.02
CA THR J 543 35.63 0.01 49.64
C THR J 543 36.12 1.42 49.40
N SER J 544 35.89 2.33 50.36
CA SER J 544 36.43 3.67 50.25
C SER J 544 37.95 3.64 50.19
N PHE J 545 38.57 2.81 51.02
CA PHE J 545 40.01 2.65 50.99
C PHE J 545 40.47 2.21 49.61
N LYS J 546 39.81 1.19 49.05
CA LYS J 546 40.20 0.69 47.74
C LYS J 546 40.09 1.78 46.69
N ASN J 547 38.96 2.48 46.65
CA ASN J 547 38.75 3.50 45.63
C ASN J 547 39.75 4.64 45.79
N LYS J 548 40.06 5.02 47.03
CA LYS J 548 41.05 6.07 47.25
C LYS J 548 42.41 5.63 46.74
N LEU J 549 42.82 4.41 47.08
CA LEU J 549 44.08 3.88 46.59
C LEU J 549 44.14 3.92 45.07
N TYR J 550 43.06 3.47 44.42
CA TYR J 550 43.03 3.45 42.96
C TYR J 550 43.15 4.86 42.39
N GLU J 551 42.26 5.76 42.81
CA GLU J 551 42.25 7.10 42.24
C GLU J 551 43.53 7.86 42.54
N GLN J 552 44.26 7.49 43.59
CA GLN J 552 45.53 8.15 43.86
C GLN J 552 46.71 7.47 43.19
N HIS J 553 46.58 6.22 42.80
CA HIS J 553 47.79 5.61 42.25
C HIS J 553 47.61 4.95 40.90
N LEU J 554 46.44 4.34 40.63
CA LEU J 554 46.26 3.56 39.42
C LEU J 554 46.57 4.39 38.17
N GLY J 555 47.42 3.85 37.31
CA GLY J 555 47.78 4.53 36.08
C GLY J 555 48.83 5.60 36.27
N LYS J 556 48.86 6.20 37.45
CA LYS J 556 49.79 7.28 37.75
C LYS J 556 51.11 6.79 38.32
N SER J 557 51.45 5.53 38.08
CA SER J 557 52.74 4.97 38.46
C SER J 557 52.97 3.72 37.62
N ASN J 558 54.04 2.98 37.94
CA ASN J 558 54.33 1.74 37.26
C ASN J 558 54.39 0.54 38.20
N ASN J 559 54.94 0.72 39.40
CA ASN J 559 54.94 -0.37 40.36
C ASN J 559 53.53 -0.77 40.75
N PHE J 560 52.60 0.17 40.73
CA PHE J 560 51.21 -0.09 41.09
C PHE J 560 50.43 -0.45 39.84
N GLN J 561 49.57 -1.46 39.98
CA GLN J 561 48.70 -1.86 38.88
C GLN J 561 47.63 -2.80 39.40
N LYS J 562 46.70 -3.14 38.52
CA LYS J 562 45.53 -3.90 38.91
C LYS J 562 45.90 -5.38 39.10
N PRO J 563 45.32 -6.05 40.09
CA PRO J 563 45.50 -7.50 40.19
C PRO J 563 44.77 -8.21 39.06
N LYS J 564 45.22 -9.42 38.79
CA LYS J 564 44.61 -10.24 37.74
C LYS J 564 43.81 -11.37 38.35
N PRO J 565 42.48 -11.39 38.20
CA PRO J 565 41.67 -12.49 38.74
C PRO J 565 41.89 -13.76 37.94
N ALA J 566 42.29 -14.82 38.64
CA ALA J 566 42.49 -16.14 38.03
C ALA J 566 42.60 -17.16 39.15
N LYS J 567 42.95 -18.39 38.77
CA LYS J 567 43.38 -19.46 39.68
C LYS J 567 42.42 -19.73 40.83
N GLY J 568 41.20 -19.22 40.75
CA GLY J 568 40.25 -19.37 41.83
C GLY J 568 40.73 -18.82 43.15
N LYS J 569 41.53 -17.75 43.12
CA LYS J 569 41.99 -17.11 44.34
C LYS J 569 40.82 -16.46 45.07
N VAL J 570 40.99 -16.27 46.38
CA VAL J 570 39.92 -15.69 47.19
C VAL J 570 39.63 -14.27 46.72
N GLU J 571 40.60 -13.36 46.83
CA GLU J 571 40.50 -12.00 46.32
C GLU J 571 41.89 -11.38 46.29
N ALA J 572 42.18 -10.65 45.22
CA ALA J 572 43.34 -9.78 45.14
C ALA J 572 42.86 -8.38 44.79
N HIS J 573 43.43 -7.38 45.45
CA HIS J 573 42.90 -6.03 45.35
C HIS J 573 43.83 -5.02 44.70
N PHE J 574 45.14 -5.13 44.91
CA PHE J 574 46.07 -4.29 44.17
C PHE J 574 47.43 -4.98 44.16
N SER J 575 48.17 -4.77 43.08
CA SER J 575 49.40 -5.49 42.82
C SER J 575 50.58 -4.53 42.73
N LEU J 576 51.62 -4.82 43.50
CA LEU J 576 52.87 -4.09 43.45
C LEU J 576 53.96 -4.98 42.86
N VAL J 577 55.00 -4.34 42.34
CA VAL J 577 56.19 -5.05 41.85
C VAL J 577 57.35 -4.66 42.74
N HIS J 578 58.19 -5.63 43.07
CA HIS J 578 59.34 -5.42 43.92
C HIS J 578 60.60 -5.89 43.18
N TYR J 579 61.73 -5.81 43.89
CA TYR J 579 62.94 -6.46 43.39
C TYR J 579 62.77 -7.97 43.32
N ALA J 580 61.95 -8.54 44.19
CA ALA J 580 61.74 -9.98 44.25
C ALA J 580 60.48 -10.40 43.51
N GLY J 581 60.14 -9.71 42.43
CA GLY J 581 58.98 -10.05 41.64
C GLY J 581 57.73 -9.33 42.08
N THR J 582 56.71 -9.40 41.22
CA THR J 582 55.44 -8.75 41.51
C THR J 582 54.63 -9.58 42.49
N VAL J 583 53.66 -8.92 43.12
CA VAL J 583 52.80 -9.56 44.11
C VAL J 583 51.60 -8.65 44.35
N ASP J 584 50.45 -9.28 44.60
CA ASP J 584 49.21 -8.56 44.83
C ASP J 584 48.64 -8.92 46.19
N TYR J 585 48.10 -7.92 46.88
CA TYR J 585 47.69 -8.03 48.27
C TYR J 585 46.17 -7.94 48.37
N ASN J 586 45.65 -8.46 49.49
CA ASN J 586 44.24 -8.40 49.80
C ASN J 586 44.01 -7.32 50.84
N ILE J 587 43.04 -6.44 50.57
CA ILE J 587 42.90 -5.22 51.34
C ILE J 587 41.94 -5.35 52.51
N ALA J 588 41.09 -6.39 52.53
CA ALA J 588 40.05 -6.48 53.54
C ALA J 588 40.65 -6.53 54.93
N GLY J 589 40.01 -5.83 55.87
CA GLY J 589 40.40 -5.85 57.25
C GLY J 589 41.57 -4.97 57.62
N TRP J 590 42.26 -4.37 56.65
CA TRP J 590 43.43 -3.56 56.97
C TRP J 590 43.07 -2.38 57.86
N LEU J 591 41.84 -1.90 57.80
CA LEU J 591 41.47 -0.69 58.51
C LEU J 591 41.44 -0.91 60.02
N ASP J 592 40.56 -1.79 60.48
CA ASP J 592 40.43 -1.99 61.92
C ASP J 592 41.66 -2.67 62.51
N LYS J 593 42.39 -3.46 61.70
CA LYS J 593 43.63 -4.05 62.18
C LYS J 593 44.70 -3.01 62.48
N ASN J 594 44.63 -1.84 61.86
CA ASN J 594 45.69 -0.85 61.97
C ASN J 594 45.43 0.22 63.03
N LYS J 595 44.17 0.52 63.31
CA LYS J 595 43.86 1.55 64.30
C LYS J 595 44.07 1.00 65.71
N ASP J 596 44.75 1.77 66.54
CA ASP J 596 45.04 1.38 67.91
C ASP J 596 45.11 2.61 68.78
N PRO J 597 43.98 3.19 69.13
CA PRO J 597 43.99 4.37 70.01
C PRO J 597 44.33 3.99 71.44
N LEU J 598 45.51 4.38 71.89
CA LEU J 598 45.96 4.04 73.24
C LEU J 598 45.30 4.97 74.25
N ASN J 599 44.49 4.42 75.13
CA ASN J 599 43.90 5.21 76.21
C ASN J 599 45.00 5.76 77.11
N GLU J 600 44.64 6.75 77.91
CA GLU J 600 45.61 7.43 78.77
C GLU J 600 45.31 7.29 80.25
N THR J 601 44.05 7.44 80.66
CA THR J 601 43.71 7.27 82.07
C THR J 601 44.08 5.87 82.56
N VAL J 602 43.87 4.87 81.72
CA VAL J 602 44.21 3.51 82.12
C VAL J 602 45.73 3.31 82.13
N VAL J 603 46.45 4.02 81.27
CA VAL J 603 47.90 3.98 81.36
C VAL J 603 48.35 4.61 82.68
N GLY J 604 47.63 5.63 83.15
CA GLY J 604 47.92 6.14 84.48
C GLY J 604 47.64 5.11 85.56
N LEU J 605 46.52 4.40 85.43
CA LEU J 605 46.23 3.30 86.34
C LEU J 605 47.40 2.32 86.39
N TYR J 606 47.92 1.95 85.22
CA TYR J 606 49.09 1.08 85.17
C TYR J 606 50.29 1.72 85.86
N GLN J 607 50.50 3.01 85.64
CA GLN J 607 51.58 3.71 86.31
C GLN J 607 51.46 3.63 87.83
N LYS J 608 50.24 3.52 88.35
CA LYS J 608 50.03 3.49 89.79
C LYS J 608 49.68 2.10 90.31
N SER J 609 49.82 1.06 89.48
CA SER J 609 49.58 -0.29 89.95
C SER J 609 50.61 -0.68 91.01
N SER J 610 50.27 -1.70 91.79
CA SER J 610 51.11 -2.18 92.88
C SER J 610 51.95 -3.39 92.48
N MET J 611 52.38 -3.43 91.23
CA MET J 611 53.26 -4.50 90.76
C MET J 611 54.50 -3.88 90.12
N LYS J 612 55.29 -4.68 89.44
CA LYS J 612 56.37 -4.16 88.61
C LYS J 612 55.97 -4.03 87.16
N THR J 613 54.66 -4.07 86.89
CA THR J 613 54.15 -3.78 85.55
C THR J 613 54.46 -2.35 85.14
N LEU J 614 54.38 -1.42 86.09
CA LEU J 614 54.66 -0.03 85.79
C LEU J 614 56.08 0.18 85.30
N ALA J 615 56.99 -0.75 85.61
CA ALA J 615 58.36 -0.62 85.09
C ALA J 615 58.36 -0.56 83.58
N TYR J 616 57.34 -1.12 82.92
CA TYR J 616 57.12 -0.84 81.51
C TYR J 616 56.64 0.59 81.33
N LEU J 617 55.60 0.97 82.07
CA LEU J 617 54.84 2.19 81.86
C LEU J 617 55.21 3.27 82.89
N PHE J 618 56.50 3.40 83.19
CA PHE J 618 57.02 4.23 84.27
C PHE J 618 56.24 5.52 84.47
N SER J 619 55.90 6.22 83.39
CA SER J 619 55.00 7.37 83.47
C SER J 619 54.15 7.48 82.22
N LYS J 636 59.04 16.24 71.51
CA LYS J 636 58.10 17.26 71.97
C LYS J 636 56.71 16.96 71.43
N GLY J 637 55.70 17.61 72.01
CA GLY J 637 54.34 17.42 71.54
C GLY J 637 54.16 17.74 70.07
N ALA J 638 55.05 18.58 69.52
CA ALA J 638 55.06 18.83 68.09
C ALA J 638 55.55 17.60 67.34
N LYS J 639 54.95 17.36 66.17
CA LYS J 639 55.33 16.30 65.23
C LYS J 639 54.94 14.92 65.73
N LYS J 640 54.44 14.81 66.96
CA LYS J 640 53.99 13.53 67.50
C LYS J 640 52.47 13.52 67.60
N LYS J 641 51.87 12.37 67.29
CA LYS J 641 50.43 12.27 67.27
C LYS J 641 49.87 12.22 68.69
N GLY J 642 48.55 12.12 68.77
CA GLY J 642 47.87 12.01 70.04
C GLY J 642 47.44 10.59 70.33
N SER J 643 46.80 10.43 71.49
CA SER J 643 46.35 9.13 71.94
C SER J 643 45.19 8.60 71.11
N SER J 644 44.75 9.39 70.13
CA SER J 644 43.67 8.98 69.25
C SER J 644 44.07 8.93 67.79
N PHE J 645 45.31 9.26 67.47
CA PHE J 645 45.83 9.18 66.11
C PHE J 645 46.89 8.11 65.97
N GLN J 646 47.10 7.29 67.00
CA GLN J 646 48.10 6.23 66.93
C GLN J 646 47.70 5.19 65.89
N THR J 647 48.69 4.69 65.17
CA THR J 647 48.47 3.66 64.17
C THR J 647 49.72 2.80 64.06
N VAL J 648 49.51 1.52 63.76
CA VAL J 648 50.61 0.56 63.77
C VAL J 648 51.63 0.90 62.69
N SER J 649 51.15 1.18 61.48
CA SER J 649 52.05 1.45 60.36
C SER J 649 52.99 2.60 60.68
N ALA J 650 52.52 3.59 61.44
CA ALA J 650 53.40 4.69 61.84
C ALA J 650 54.50 4.20 62.76
N LEU J 651 54.15 3.36 63.73
CA LEU J 651 55.18 2.80 64.62
C LEU J 651 56.21 2.01 63.81
N PHE J 652 55.76 1.28 62.80
CA PHE J 652 56.69 0.59 61.91
C PHE J 652 57.62 1.58 61.23
N ARG J 653 57.05 2.50 60.45
CA ARG J 653 57.86 3.46 59.71
C ARG J 653 58.78 4.25 60.62
N GLU J 654 58.46 4.36 61.91
CA GLU J 654 59.34 5.07 62.83
C GLU J 654 60.47 4.18 63.31
N ASN J 655 60.14 3.07 63.98
CA ASN J 655 61.18 2.26 64.61
C ASN J 655 62.07 1.57 63.59
N LEU J 656 61.51 1.18 62.43
CA LEU J 656 62.35 0.70 61.34
C LEU J 656 63.46 1.67 60.99
N ASN J 657 63.21 2.97 61.15
CA ASN J 657 64.23 3.94 60.79
C ASN J 657 65.41 3.91 61.74
N LYS J 658 65.19 3.53 63.01
CA LYS J 658 66.30 3.30 63.92
C LYS J 658 67.28 2.30 63.33
N LEU J 659 66.77 1.17 62.84
CA LEU J 659 67.59 0.23 62.10
C LEU J 659 68.22 0.93 60.91
N MET J 660 67.41 1.41 59.99
CA MET J 660 67.92 1.86 58.70
C MET J 660 68.86 3.05 58.83
N THR J 661 69.05 3.58 60.05
CA THR J 661 70.11 4.56 60.26
C THR J 661 71.30 3.98 61.01
N ASN J 662 71.11 3.25 62.10
CA ASN J 662 72.27 2.74 62.83
C ASN J 662 72.98 1.65 62.04
N LEU J 663 72.23 0.87 61.26
CA LEU J 663 72.83 -0.04 60.29
C LEU J 663 73.56 0.72 59.19
N ARG J 664 73.07 1.89 58.81
CA ARG J 664 73.81 2.75 57.90
C ARG J 664 75.07 3.31 58.54
N SER J 665 75.15 3.30 59.87
CA SER J 665 76.36 3.68 60.59
C SER J 665 77.30 2.50 60.80
N THR J 666 77.23 1.49 59.94
CA THR J 666 77.95 0.24 60.13
C THR J 666 78.49 -0.20 58.77
N HIS J 667 78.97 -1.44 58.69
CA HIS J 667 79.53 -2.00 57.46
C HIS J 667 78.91 -3.37 57.23
N PRO J 668 78.27 -3.61 56.09
CA PRO J 668 77.47 -4.82 55.92
C PRO J 668 78.24 -5.99 55.31
N HIS J 669 77.76 -7.19 55.65
CA HIS J 669 78.17 -8.44 55.03
C HIS J 669 76.96 -9.36 55.01
N PHE J 670 76.96 -10.33 54.09
CA PHE J 670 75.73 -11.06 53.76
C PHE J 670 76.00 -12.55 53.60
N VAL J 671 75.16 -13.35 54.25
CA VAL J 671 75.18 -14.81 54.11
C VAL J 671 73.73 -15.28 53.97
N ARG J 672 73.52 -16.33 53.19
CA ARG J 672 72.19 -16.81 52.84
C ARG J 672 72.14 -18.33 53.03
N CYS J 673 71.43 -18.79 54.07
CA CYS J 673 71.29 -20.23 54.32
C CYS J 673 70.11 -20.76 53.52
N ILE J 674 70.37 -21.17 52.28
CA ILE J 674 69.32 -21.72 51.42
C ILE J 674 68.93 -23.09 51.94
N ILE J 675 67.76 -23.58 51.54
CA ILE J 675 67.39 -24.98 51.73
C ILE J 675 67.31 -25.61 50.36
N PRO J 676 68.23 -26.53 50.02
CA PRO J 676 68.32 -27.02 48.64
C PRO J 676 67.22 -27.98 48.24
N ASN J 677 66.45 -28.52 49.17
CA ASN J 677 65.50 -29.56 48.84
C ASN J 677 64.45 -29.68 49.93
N GLU J 678 63.26 -30.13 49.51
CA GLU J 678 62.14 -30.33 50.43
C GLU J 678 62.56 -31.18 51.62
N THR J 679 62.98 -32.41 51.36
CA THR J 679 63.45 -33.32 52.39
C THR J 679 64.92 -33.01 52.70
N LYS J 680 65.58 -33.92 53.40
CA LYS J 680 66.97 -33.72 53.82
C LYS J 680 67.93 -34.69 53.12
N THR J 681 67.72 -34.90 51.82
CA THR J 681 68.68 -35.65 51.02
C THR J 681 69.78 -34.71 50.54
N PRO J 682 71.01 -34.86 51.02
CA PRO J 682 72.08 -33.96 50.57
C PRO J 682 72.37 -34.13 49.09
N GLY J 683 73.11 -33.18 48.55
CA GLY J 683 73.45 -33.21 47.13
C GLY J 683 72.35 -32.83 46.18
N ALA J 684 71.21 -33.52 46.26
CA ALA J 684 70.09 -33.24 45.37
C ALA J 684 69.52 -31.85 45.66
N MET J 685 69.19 -31.13 44.59
CA MET J 685 68.72 -29.75 44.72
C MET J 685 67.77 -29.46 43.56
N GLU J 686 66.47 -29.54 43.83
CA GLU J 686 65.49 -29.15 42.83
C GLU J 686 65.45 -27.63 42.71
N HIS J 687 65.12 -27.16 41.51
CA HIS J 687 65.25 -25.74 41.22
C HIS J 687 64.14 -24.92 41.87
N GLU J 688 62.89 -25.35 41.69
CA GLU J 688 61.74 -24.51 42.03
C GLU J 688 61.84 -23.93 43.44
N LEU J 689 62.37 -24.71 44.39
CA LEU J 689 62.45 -24.23 45.77
C LEU J 689 63.57 -23.22 45.93
N VAL J 690 64.78 -23.57 45.50
CA VAL J 690 65.91 -22.66 45.67
C VAL J 690 65.77 -21.42 44.82
N LEU J 691 64.96 -21.48 43.75
CA LEU J 691 64.62 -20.26 43.02
C LEU J 691 63.88 -19.28 43.92
N HIS J 692 62.93 -19.78 44.72
CA HIS J 692 62.24 -18.90 45.65
C HIS J 692 63.19 -18.25 46.63
N GLN J 693 64.27 -18.94 47.01
CA GLN J 693 65.33 -18.29 47.77
C GLN J 693 66.20 -17.42 46.88
N LEU J 694 66.34 -17.78 45.60
CA LEU J 694 67.09 -16.96 44.66
C LEU J 694 66.44 -15.61 44.46
N ARG J 695 65.14 -15.48 44.72
CA ARG J 695 64.43 -14.22 44.60
C ARG J 695 64.14 -13.56 45.94
N CYS J 696 63.68 -14.33 46.94
CA CYS J 696 63.37 -13.75 48.23
C CYS J 696 64.61 -13.14 48.88
N ASN J 697 65.76 -13.80 48.72
CA ASN J 697 67.02 -13.20 49.14
C ASN J 697 67.54 -12.19 48.13
N GLY J 698 66.97 -12.15 46.93
CA GLY J 698 67.39 -11.22 45.90
C GLY J 698 68.86 -11.34 45.56
N VAL J 699 69.41 -12.55 45.68
CA VAL J 699 70.81 -12.73 45.30
C VAL J 699 70.98 -12.55 43.81
N LEU J 700 69.94 -12.80 43.01
CA LEU J 700 70.03 -12.49 41.59
C LEU J 700 69.97 -10.98 41.34
N GLU J 701 69.49 -10.19 42.28
CA GLU J 701 69.40 -8.76 42.05
C GLU J 701 70.79 -8.15 42.01
N GLY J 702 71.66 -8.53 42.94
CA GLY J 702 73.04 -8.09 42.89
C GLY J 702 73.71 -8.47 41.59
N ILE J 703 73.48 -9.70 41.12
CA ILE J 703 74.18 -10.13 39.91
C ILE J 703 73.61 -9.44 38.68
N ARG J 704 72.32 -9.10 38.69
CA ARG J 704 71.77 -8.43 37.52
C ARG J 704 72.15 -6.95 37.50
N ILE J 705 72.36 -6.34 38.67
CA ILE J 705 72.78 -4.95 38.66
C ILE J 705 74.28 -4.84 38.36
N CYS J 706 75.08 -5.81 38.81
CA CYS J 706 76.47 -5.87 38.37
C CYS J 706 76.62 -6.59 37.04
N ARG J 707 75.50 -6.92 36.40
CA ARG J 707 75.47 -7.69 35.15
C ARG J 707 75.19 -6.82 33.93
N LYS J 708 74.76 -5.58 34.14
CA LYS J 708 74.52 -4.66 33.03
C LYS J 708 75.75 -3.81 32.72
N GLY J 709 76.92 -4.22 33.16
CA GLY J 709 78.15 -3.52 32.86
C GLY J 709 79.26 -4.45 32.44
N PHE J 710 80.39 -4.41 33.15
CA PHE J 710 81.53 -5.25 32.85
C PHE J 710 81.74 -6.28 33.97
N PRO J 711 80.98 -7.37 33.98
CA PRO J 711 81.16 -8.37 35.05
C PRO J 711 82.46 -9.14 34.98
N SER J 712 83.18 -9.08 33.87
CA SER J 712 84.39 -9.89 33.67
C SER J 712 85.61 -8.99 33.73
N ARG J 713 86.26 -8.96 34.89
CA ARG J 713 87.55 -8.30 35.07
C ARG J 713 88.62 -9.39 35.15
N ILE J 714 89.62 -9.31 34.26
CA ILE J 714 90.65 -10.33 34.17
C ILE J 714 92.00 -9.68 33.84
N LEU J 715 93.06 -10.33 34.32
CA LEU J 715 94.43 -9.92 34.04
C LEU J 715 94.85 -10.42 32.65
N TYR J 716 96.15 -10.33 32.37
CA TYR J 716 96.72 -10.87 31.15
C TYR J 716 97.17 -12.32 31.26
N ALA J 717 97.14 -12.89 32.47
CA ALA J 717 97.73 -14.20 32.71
C ALA J 717 97.14 -15.25 31.76
N ASP J 718 95.84 -15.50 31.88
CA ASP J 718 95.19 -16.41 30.95
C ASP J 718 94.80 -15.73 29.64
N PHE J 719 94.68 -14.40 29.66
CA PHE J 719 94.28 -13.67 28.47
C PHE J 719 95.28 -13.87 27.33
N LYS J 720 96.55 -13.53 27.58
CA LYS J 720 97.56 -13.68 26.54
C LYS J 720 97.65 -15.13 26.08
N GLN J 721 97.62 -16.06 27.03
CA GLN J 721 97.88 -17.47 26.70
C GLN J 721 96.73 -18.08 25.91
N ARG J 722 95.49 -17.61 26.10
CA ARG J 722 94.36 -18.15 25.37
C ARG J 722 93.92 -17.26 24.22
N TYR J 723 94.58 -16.12 24.01
CA TYR J 723 94.25 -15.27 22.87
C TYR J 723 95.37 -15.16 21.86
N LYS J 724 96.61 -15.56 22.19
CA LYS J 724 97.66 -15.63 21.20
C LYS J 724 97.43 -16.72 20.16
N VAL J 725 96.43 -17.57 20.35
CA VAL J 725 96.16 -18.68 19.42
C VAL J 725 95.39 -18.24 18.19
N LEU J 726 95.07 -16.96 18.07
CA LEU J 726 94.48 -16.41 16.84
C LEU J 726 95.45 -15.51 16.10
N ASN J 727 96.13 -14.61 16.80
CA ASN J 727 97.23 -13.84 16.24
C ASN J 727 98.52 -14.45 16.79
N ALA J 728 99.00 -15.48 16.12
CA ALA J 728 100.19 -16.20 16.57
C ALA J 728 101.46 -15.41 16.28
N SER J 739 102.37 -6.89 27.06
CA SER J 739 101.55 -6.30 28.11
C SER J 739 100.34 -5.58 27.53
N LYS J 740 100.29 -4.26 27.73
CA LYS J 740 99.15 -3.47 27.26
C LYS J 740 99.07 -3.47 25.75
N LYS J 741 100.19 -3.20 25.08
CA LYS J 741 100.19 -3.20 23.62
C LYS J 741 99.98 -4.62 23.08
N ALA J 742 100.54 -5.62 23.76
CA ALA J 742 100.26 -7.00 23.39
C ALA J 742 98.78 -7.32 23.55
N SER J 743 98.13 -6.72 24.55
CA SER J 743 96.69 -6.90 24.69
C SER J 743 95.94 -6.23 23.55
N GLU J 744 96.37 -5.03 23.15
CA GLU J 744 95.74 -4.37 22.01
C GLU J 744 95.86 -5.21 20.75
N LYS J 745 97.03 -5.81 20.53
CA LYS J 745 97.21 -6.69 19.38
C LYS J 745 96.32 -7.93 19.49
N LEU J 746 96.31 -8.56 20.66
CA LEU J 746 95.53 -9.77 20.87
C LEU J 746 94.02 -9.52 20.93
N LEU J 747 93.59 -8.26 20.99
CA LEU J 747 92.17 -7.97 20.93
C LEU J 747 91.72 -7.51 19.55
N GLY J 748 92.44 -6.56 18.95
CA GLY J 748 92.01 -6.02 17.66
C GLY J 748 92.02 -7.05 16.55
N SER J 749 92.85 -8.07 16.68
CA SER J 749 93.02 -9.07 15.63
C SER J 749 92.02 -10.21 15.70
N ILE J 750 91.22 -10.30 16.77
CA ILE J 750 90.35 -11.47 16.95
C ILE J 750 88.89 -11.05 16.78
N ASP J 751 88.64 -10.06 15.94
CA ASP J 751 87.29 -9.74 15.46
C ASP J 751 86.35 -9.43 16.63
N ILE J 752 86.67 -8.34 17.32
CA ILE J 752 85.80 -7.79 18.35
C ILE J 752 85.54 -6.33 18.03
N ASP J 753 84.73 -5.70 18.88
CA ASP J 753 84.45 -4.28 18.76
C ASP J 753 85.08 -3.51 19.92
N HIS J 754 85.14 -2.19 19.75
CA HIS J 754 85.61 -1.29 20.80
C HIS J 754 84.45 -0.73 21.63
N THR J 755 83.33 -1.42 21.68
CA THR J 755 82.14 -0.94 22.38
C THR J 755 81.96 -1.57 23.75
N GLN J 756 81.93 -2.90 23.81
CA GLN J 756 81.48 -3.62 25.00
C GLN J 756 82.63 -4.13 25.86
N TYR J 757 83.72 -3.37 25.94
CA TYR J 757 84.87 -3.81 26.73
C TYR J 757 85.74 -2.60 27.04
N LYS J 758 86.65 -2.80 28.00
CA LYS J 758 87.67 -1.79 28.30
C LYS J 758 88.77 -2.35 29.17
N PHE J 759 90.03 -2.16 28.77
CA PHE J 759 91.18 -2.40 29.65
C PHE J 759 91.61 -1.04 30.19
N GLY J 760 91.30 -0.79 31.47
CA GLY J 760 91.59 0.51 32.02
C GLY J 760 93.07 0.78 32.23
N HIS J 761 93.67 0.14 33.23
CA HIS J 761 95.12 0.22 33.39
C HIS J 761 95.79 -1.09 33.81
N THR J 762 95.08 -2.04 34.41
CA THR J 762 95.70 -3.28 34.85
C THR J 762 94.88 -4.49 34.44
N LYS J 763 93.58 -4.29 34.20
CA LYS J 763 92.67 -5.36 33.86
C LYS J 763 91.79 -4.93 32.71
N VAL J 764 91.39 -5.90 31.89
CA VAL J 764 90.44 -5.66 30.81
C VAL J 764 89.05 -6.02 31.31
N PHE J 765 88.09 -5.16 30.99
CA PHE J 765 86.72 -5.29 31.48
C PHE J 765 85.83 -5.76 30.34
N PHE J 766 84.91 -6.67 30.64
CA PHE J 766 84.13 -7.32 29.60
C PHE J 766 82.68 -7.42 30.01
N LYS J 767 81.79 -7.00 29.12
CA LYS J 767 80.39 -7.37 29.26
C LYS J 767 80.25 -8.89 29.33
N ALA J 768 79.19 -9.34 30.00
CA ALA J 768 79.02 -10.77 30.22
C ALA J 768 79.00 -11.55 28.91
N GLY J 769 77.98 -11.30 28.09
CA GLY J 769 77.75 -12.15 26.93
C GLY J 769 78.67 -11.94 25.76
N LEU J 770 79.99 -11.92 25.99
CA LEU J 770 80.94 -11.83 24.89
C LEU J 770 82.11 -12.80 25.00
N LEU J 771 82.46 -13.28 26.19
CA LEU J 771 83.52 -14.27 26.30
C LEU J 771 83.07 -15.64 25.81
N GLY J 772 81.76 -15.93 25.83
CA GLY J 772 81.28 -17.15 25.21
C GLY J 772 81.54 -17.17 23.71
N LEU J 773 81.28 -16.05 23.04
CA LEU J 773 81.70 -15.89 21.66
C LEU J 773 83.19 -16.19 21.51
N LEU J 774 83.99 -15.68 22.46
CA LEU J 774 85.43 -15.96 22.43
C LEU J 774 85.71 -17.41 22.81
N GLU J 775 84.99 -17.92 23.82
CA GLU J 775 85.19 -19.29 24.32
C GLU J 775 85.40 -20.30 23.21
N GLU J 776 84.44 -20.38 22.27
CA GLU J 776 84.55 -21.38 21.21
C GLU J 776 85.53 -20.97 20.12
N MET J 777 85.89 -19.70 20.01
CA MET J 777 86.86 -19.28 19.00
C MET J 777 88.27 -19.10 19.55
N ARG J 778 88.42 -18.77 20.83
CA ARG J 778 89.75 -18.72 21.43
C ARG J 778 90.33 -20.11 21.66
N ASP J 779 89.65 -21.15 21.19
CA ASP J 779 90.14 -22.53 21.28
C ASP J 779 90.60 -23.09 19.94
N ASP J 780 90.49 -22.32 18.87
CA ASP J 780 90.89 -22.78 17.55
C ASP J 780 91.72 -21.73 16.83
N ALA K 1 -68.45 -40.07 -51.07
CA ALA K 1 -69.36 -39.40 -50.15
C ALA K 1 -69.17 -39.93 -48.73
N LEU K 2 -67.94 -39.88 -48.23
CA LEU K 2 -67.62 -40.41 -46.91
C LEU K 2 -66.73 -39.42 -46.15
N GLN K 3 -67.14 -38.15 -46.14
CA GLN K 3 -66.34 -37.09 -45.54
C GLN K 3 -66.81 -36.71 -44.13
N LYS K 4 -67.96 -37.25 -43.70
CA LYS K 4 -68.42 -37.01 -42.34
C LYS K 4 -67.37 -37.44 -41.31
N LYS K 5 -66.75 -38.60 -41.55
CA LYS K 5 -65.69 -39.05 -40.65
C LYS K 5 -64.50 -38.10 -40.70
N LEU K 6 -64.21 -37.53 -41.88
CA LEU K 6 -63.16 -36.53 -41.99
C LEU K 6 -63.44 -35.35 -41.07
N LYS K 7 -64.66 -34.79 -41.15
CA LYS K 7 -65.02 -33.67 -40.28
C LYS K 7 -64.89 -34.07 -38.81
N GLY K 8 -65.45 -35.22 -38.45
CA GLY K 8 -65.43 -35.65 -37.07
C GLY K 8 -64.02 -35.78 -36.52
N THR K 9 -63.13 -36.43 -37.28
CA THR K 9 -61.77 -36.64 -36.79
C THR K 9 -60.96 -35.36 -36.80
N GLU K 10 -61.21 -34.44 -37.74
CA GLU K 10 -60.54 -33.14 -37.70
C GLU K 10 -60.91 -32.39 -36.42
N ASP K 11 -62.21 -32.32 -36.12
CA ASP K 11 -62.63 -31.65 -34.90
C ASP K 11 -62.10 -32.36 -33.66
N GLU K 12 -62.04 -33.70 -33.72
CA GLU K 12 -61.40 -34.47 -32.65
C GLU K 12 -59.98 -34.02 -32.42
N VAL K 13 -59.20 -33.89 -33.50
CA VAL K 13 -57.80 -33.47 -33.37
C VAL K 13 -57.73 -32.08 -32.76
N GLU K 14 -58.59 -31.16 -33.23
CA GLU K 14 -58.57 -29.80 -32.70
C GLU K 14 -58.82 -29.80 -31.19
N LYS K 15 -59.90 -30.45 -30.75
CA LYS K 15 -60.23 -30.43 -29.33
C LYS K 15 -59.20 -31.18 -28.50
N TYR K 16 -58.59 -32.23 -29.05
CA TYR K 16 -57.52 -32.92 -28.33
C TYR K 16 -56.31 -32.01 -28.16
N SER K 17 -55.95 -31.26 -29.20
CA SER K 17 -54.86 -30.31 -29.06
C SER K 17 -55.19 -29.27 -28.00
N GLU K 18 -56.44 -28.81 -27.96
CA GLU K 18 -56.85 -27.87 -26.92
C GLU K 18 -56.65 -28.45 -25.53
N SER K 19 -57.11 -29.69 -25.33
CA SER K 19 -56.97 -30.33 -24.02
C SER K 19 -55.50 -30.52 -23.65
N VAL K 20 -54.69 -30.98 -24.61
CA VAL K 20 -53.24 -31.06 -24.40
C VAL K 20 -52.71 -29.73 -23.89
N LYS K 21 -53.01 -28.65 -24.62
CA LYS K 21 -52.54 -27.33 -24.25
C LYS K 21 -52.89 -27.01 -22.81
N ASP K 22 -54.19 -27.01 -22.49
CA ASP K 22 -54.63 -26.61 -21.16
C ASP K 22 -53.99 -27.48 -20.08
N ALA K 23 -54.16 -28.80 -20.21
CA ALA K 23 -53.69 -29.72 -19.18
C ALA K 23 -52.20 -29.57 -18.94
N GLN K 24 -51.40 -29.61 -20.01
CA GLN K 24 -49.96 -29.57 -19.83
C GLN K 24 -49.48 -28.21 -19.37
N GLU K 25 -50.14 -27.12 -19.78
CA GLU K 25 -49.75 -25.80 -19.28
C GLU K 25 -49.94 -25.72 -17.77
N LYS K 26 -51.14 -26.06 -17.29
CA LYS K 26 -51.35 -26.10 -15.85
C LYS K 26 -50.40 -27.09 -15.17
N LEU K 27 -50.02 -28.14 -15.90
CA LEU K 27 -49.06 -29.11 -15.39
C LEU K 27 -47.72 -28.45 -15.08
N GLU K 28 -47.13 -27.78 -16.07
CA GLU K 28 -45.86 -27.11 -15.84
C GLU K 28 -46.00 -25.98 -14.82
N GLN K 29 -47.18 -25.37 -14.73
CA GLN K 29 -47.41 -24.38 -13.68
C GLN K 29 -47.25 -25.01 -12.31
N ALA K 30 -47.98 -26.10 -12.07
CA ALA K 30 -47.84 -26.84 -10.82
C ALA K 30 -46.40 -27.32 -10.62
N GLU K 31 -45.69 -27.59 -11.70
CA GLU K 31 -44.31 -28.04 -11.57
C GLU K 31 -43.39 -26.92 -11.11
N LYS K 32 -43.58 -25.71 -11.65
CA LYS K 32 -42.85 -24.55 -11.16
C LYS K 32 -43.16 -24.30 -9.69
N LYS K 33 -44.42 -24.46 -9.29
CA LYS K 33 -44.76 -24.31 -7.89
C LYS K 33 -44.13 -25.41 -7.03
N ALA K 34 -43.98 -26.61 -7.59
CA ALA K 34 -43.32 -27.69 -6.87
C ALA K 34 -41.83 -27.40 -6.70
N THR K 35 -41.20 -26.83 -7.72
CA THR K 35 -39.80 -26.43 -7.59
C THR K 35 -39.65 -25.31 -6.56
N ASP K 36 -40.62 -24.39 -6.53
CA ASP K 36 -40.65 -23.40 -5.47
C ASP K 36 -40.74 -24.08 -4.11
N ALA K 37 -41.56 -25.11 -3.99
CA ALA K 37 -41.64 -25.84 -2.72
C ALA K 37 -40.33 -26.55 -2.39
N GLU K 38 -39.60 -27.01 -3.41
CA GLU K 38 -38.30 -27.62 -3.16
C GLU K 38 -37.31 -26.59 -2.63
N ALA K 39 -37.32 -25.40 -3.22
CA ALA K 39 -36.53 -24.30 -2.67
C ALA K 39 -36.92 -24.04 -1.22
N ASP K 40 -38.22 -24.00 -0.94
CA ASP K 40 -38.71 -23.79 0.41
C ASP K 40 -38.13 -24.82 1.37
N VAL K 41 -38.27 -26.10 1.03
CA VAL K 41 -37.86 -27.16 1.94
C VAL K 41 -36.35 -27.15 2.13
N ALA K 42 -35.59 -26.94 1.06
CA ALA K 42 -34.14 -26.90 1.19
C ALA K 42 -33.71 -25.75 2.09
N SER K 43 -34.20 -24.55 1.81
CA SER K 43 -33.86 -23.38 2.61
C SER K 43 -34.21 -23.60 4.07
N LEU K 44 -35.44 -24.02 4.35
CA LEU K 44 -35.84 -24.20 5.75
C LEU K 44 -35.05 -25.30 6.41
N ASN K 45 -34.60 -26.31 5.65
CA ASN K 45 -33.77 -27.34 6.25
C ASN K 45 -32.43 -26.78 6.67
N ARG K 46 -31.80 -25.98 5.79
CA ARG K 46 -30.56 -25.32 6.17
C ARG K 46 -30.76 -24.48 7.43
N ARG K 47 -31.85 -23.71 7.46
CA ARG K 47 -32.17 -22.91 8.64
C ARG K 47 -32.33 -23.79 9.86
N ILE K 48 -33.02 -24.93 9.70
CA ILE K 48 -33.20 -25.89 10.78
C ILE K 48 -31.86 -26.27 11.37
N GLN K 49 -30.95 -26.76 10.53
CA GLN K 49 -29.68 -27.25 11.03
C GLN K 49 -28.86 -26.14 11.68
N LEU K 50 -28.85 -24.94 11.08
CA LEU K 50 -28.01 -23.90 11.63
C LEU K 50 -28.53 -23.39 12.96
N VAL K 51 -29.84 -23.14 13.05
CA VAL K 51 -30.38 -22.71 14.34
C VAL K 51 -30.24 -23.84 15.35
N GLU K 52 -30.27 -25.09 14.88
CA GLU K 52 -30.12 -26.23 15.79
C GLU K 52 -28.75 -26.21 16.45
N GLU K 53 -27.69 -26.11 15.65
CA GLU K 53 -26.35 -26.06 16.23
C GLU K 53 -26.17 -24.80 17.07
N GLU K 54 -26.72 -23.67 16.62
CA GLU K 54 -26.67 -22.45 17.41
C GLU K 54 -27.25 -22.68 18.80
N LEU K 55 -28.43 -23.31 18.85
CA LEU K 55 -29.08 -23.55 20.13
C LEU K 55 -28.29 -24.54 20.97
N ASP K 56 -27.69 -25.53 20.32
CA ASP K 56 -26.81 -26.47 21.02
C ASP K 56 -25.71 -25.72 21.76
N ARG K 57 -24.96 -24.89 21.04
CA ARG K 57 -23.91 -24.11 21.68
C ARG K 57 -24.48 -23.13 22.70
N ALA K 58 -25.71 -22.67 22.47
CA ALA K 58 -26.38 -21.82 23.46
C ALA K 58 -26.52 -22.55 24.79
N GLN K 59 -27.02 -23.78 24.74
CA GLN K 59 -27.11 -24.59 25.95
C GLN K 59 -25.73 -24.80 26.57
N GLU K 60 -24.73 -25.06 25.72
CA GLU K 60 -23.39 -25.29 26.21
C GLU K 60 -22.89 -24.10 27.04
N ARG K 61 -22.80 -22.92 26.42
CA ARG K 61 -22.24 -21.80 27.15
C ARG K 61 -23.18 -21.29 28.22
N LEU K 62 -24.49 -21.58 28.13
CA LEU K 62 -25.36 -21.35 29.26
C LEU K 62 -24.92 -22.15 30.47
N ALA K 63 -24.71 -23.46 30.28
CA ALA K 63 -24.29 -24.31 31.38
C ALA K 63 -22.96 -23.84 31.94
N THR K 64 -22.02 -23.48 31.05
CA THR K 64 -20.72 -23.01 31.51
C THR K 64 -20.86 -21.71 32.30
N ALA K 65 -21.60 -20.75 31.77
CA ALA K 65 -21.84 -19.50 32.47
C ALA K 65 -22.45 -19.76 33.83
N LEU K 66 -23.45 -20.65 33.89
CA LEU K 66 -24.08 -20.99 35.16
C LEU K 66 -23.05 -21.48 36.16
N GLN K 67 -22.40 -22.60 35.84
CA GLN K 67 -21.48 -23.21 36.79
C GLN K 67 -20.40 -22.22 37.21
N LYS K 68 -19.62 -21.73 36.23
CA LYS K 68 -18.55 -20.78 36.54
C LYS K 68 -19.07 -19.60 37.36
N LEU K 69 -20.28 -19.14 37.08
CA LEU K 69 -20.89 -18.09 37.89
C LEU K 69 -20.97 -18.51 39.34
N GLU K 70 -21.52 -19.69 39.61
CA GLU K 70 -21.70 -20.05 41.03
C GLU K 70 -20.36 -20.34 41.68
N GLU K 71 -19.41 -20.95 40.97
CA GLU K 71 -18.12 -21.21 41.60
C GLU K 71 -17.37 -19.91 41.87
N ALA K 72 -17.49 -18.92 40.99
CA ALA K 72 -16.83 -17.65 41.26
C ALA K 72 -17.55 -16.88 42.36
N GLU K 73 -18.87 -17.03 42.46
CA GLU K 73 -19.57 -16.49 43.61
C GLU K 73 -19.09 -17.14 44.90
N LYS K 74 -18.88 -18.45 44.89
CA LYS K 74 -18.36 -19.12 46.06
C LYS K 74 -16.94 -18.68 46.37
N ALA K 75 -16.13 -18.44 45.34
CA ALA K 75 -14.79 -17.93 45.55
C ALA K 75 -14.82 -16.54 46.15
N ALA K 76 -15.75 -15.71 45.69
CA ALA K 76 -15.94 -14.40 46.31
C ALA K 76 -16.43 -14.53 47.73
N ASP K 77 -17.23 -15.55 48.02
CA ASP K 77 -17.68 -15.79 49.39
C ASP K 77 -16.52 -16.20 50.28
N GLU K 78 -15.62 -17.03 49.76
CA GLU K 78 -14.39 -17.34 50.48
C GLU K 78 -13.58 -16.08 50.72
N SER K 79 -13.32 -15.32 49.66
CA SER K 79 -12.58 -14.07 49.81
C SER K 79 -13.28 -13.08 50.73
N GLU K 80 -14.60 -13.18 50.89
CA GLU K 80 -15.32 -12.16 51.66
C GLU K 80 -15.49 -12.54 53.13
N ARG K 81 -15.62 -13.82 53.47
CA ARG K 81 -15.44 -14.12 54.89
C ARG K 81 -13.96 -14.02 55.26
N GLY K 82 -13.06 -14.21 54.29
CA GLY K 82 -11.68 -13.82 54.51
C GLY K 82 -11.53 -12.34 54.78
N MET K 83 -12.27 -11.52 54.02
CA MET K 83 -12.19 -10.08 54.25
C MET K 83 -12.83 -9.70 55.57
N LYS K 84 -13.84 -10.45 56.00
CA LYS K 84 -14.42 -10.24 57.33
C LYS K 84 -13.38 -10.54 58.41
N VAL K 85 -12.71 -11.69 58.31
CA VAL K 85 -11.74 -12.01 59.36
C VAL K 85 -10.54 -11.07 59.28
N ILE K 86 -10.19 -10.57 58.09
CA ILE K 86 -9.05 -9.66 58.02
C ILE K 86 -9.43 -8.27 58.53
N GLU K 87 -10.68 -7.84 58.40
CA GLU K 87 -11.03 -6.57 59.03
C GLU K 87 -11.18 -6.74 60.53
N ASN K 88 -11.60 -7.93 60.99
CA ASN K 88 -11.52 -8.22 62.41
C ASN K 88 -10.10 -8.09 62.92
N ARG K 89 -9.14 -8.70 62.20
CA ARG K 89 -7.74 -8.55 62.58
C ARG K 89 -7.25 -7.12 62.38
N ALA K 90 -7.86 -6.38 61.46
CA ALA K 90 -7.54 -4.96 61.33
C ALA K 90 -7.86 -4.22 62.61
N MET K 91 -9.05 -4.46 63.16
CA MET K 91 -9.41 -3.86 64.45
C MET K 91 -8.53 -4.41 65.57
N LYS K 92 -8.14 -5.68 65.48
CA LYS K 92 -7.16 -6.24 66.41
C LYS K 92 -5.88 -5.42 66.41
N ASP K 93 -5.35 -5.16 65.21
CA ASP K 93 -4.13 -4.38 65.10
C ASP K 93 -4.35 -2.94 65.52
N GLU K 94 -5.55 -2.40 65.30
CA GLU K 94 -5.86 -1.06 65.81
C GLU K 94 -5.72 -1.01 67.32
N GLU K 95 -6.41 -1.91 68.03
CA GLU K 95 -6.37 -1.85 69.48
C GLU K 95 -4.99 -2.23 70.02
N LYS K 96 -4.28 -3.12 69.33
CA LYS K 96 -2.94 -3.48 69.78
C LYS K 96 -1.97 -2.32 69.59
N MET K 97 -2.01 -1.66 68.43
CA MET K 97 -1.18 -0.49 68.22
C MET K 97 -1.54 0.61 69.20
N GLU K 98 -2.82 0.73 69.55
CA GLU K 98 -3.23 1.76 70.51
C GLU K 98 -2.63 1.48 71.89
N LEU K 99 -2.87 0.28 72.41
CA LEU K 99 -2.33 -0.08 73.72
C LEU K 99 -0.82 0.04 73.76
N GLN K 100 -0.15 -0.54 72.76
CA GLN K 100 1.31 -0.54 72.75
C GLN K 100 1.87 0.86 72.54
N GLU K 101 1.19 1.70 71.78
CA GLU K 101 1.62 3.09 71.64
C GLU K 101 1.49 3.83 72.96
N MET K 102 0.38 3.61 73.68
CA MET K 102 0.22 4.22 74.99
C MET K 102 1.35 3.82 75.91
N GLN K 103 1.61 2.51 76.03
CA GLN K 103 2.67 2.06 76.91
C GLN K 103 4.04 2.55 76.44
N LEU K 104 4.24 2.69 75.13
CA LEU K 104 5.45 3.35 74.63
C LEU K 104 5.58 4.75 75.21
N LYS K 105 4.48 5.50 75.20
CA LYS K 105 4.52 6.85 75.74
C LYS K 105 4.86 6.85 77.22
N GLU K 106 4.16 6.03 78.01
CA GLU K 106 4.45 6.01 79.44
C GLU K 106 5.85 5.50 79.72
N ALA K 107 6.35 4.59 78.89
CA ALA K 107 7.73 4.13 79.01
C ALA K 107 8.69 5.29 78.81
N LYS K 108 8.52 6.05 77.72
CA LYS K 108 9.40 7.18 77.46
C LYS K 108 9.34 8.17 78.61
N HIS K 109 8.14 8.47 79.10
CA HIS K 109 7.99 9.46 80.15
C HIS K 109 8.67 9.01 81.45
N ILE K 110 8.35 7.79 81.90
CA ILE K 110 8.95 7.29 83.12
C ILE K 110 10.47 7.20 82.97
N ALA K 111 10.94 6.82 81.78
CA ALA K 111 12.37 6.67 81.56
C ALA K 111 13.08 8.01 81.67
N GLU K 112 12.60 9.02 80.94
CA GLU K 112 13.21 10.34 81.04
C GLU K 112 13.08 10.89 82.45
N ASP K 113 11.99 10.57 83.14
CA ASP K 113 11.81 11.01 84.51
C ASP K 113 12.93 10.49 85.39
N SER K 114 13.07 9.16 85.43
CA SER K 114 14.16 8.55 86.18
C SER K 114 15.52 9.12 85.75
N ASP K 115 15.67 9.39 84.45
CA ASP K 115 16.96 9.85 83.94
C ASP K 115 17.32 11.22 84.49
N ARG K 116 16.48 12.22 84.25
CA ARG K 116 16.83 13.55 84.76
C ARG K 116 16.80 13.59 86.27
N LYS K 117 16.02 12.72 86.90
CA LYS K 117 16.05 12.61 88.36
C LYS K 117 17.44 12.21 88.84
N TYR K 118 17.96 11.10 88.32
CA TYR K 118 19.27 10.64 88.76
C TYR K 118 20.35 11.63 88.36
N GLU K 119 20.22 12.27 87.21
CA GLU K 119 21.23 13.24 86.80
C GLU K 119 21.26 14.44 87.74
N GLU K 120 20.08 14.98 88.07
CA GLU K 120 20.00 16.08 89.01
C GLU K 120 20.59 15.70 90.36
N VAL K 121 20.26 14.51 90.85
CA VAL K 121 20.75 14.15 92.18
C VAL K 121 22.23 13.81 92.15
N ALA K 122 22.74 13.35 91.00
CA ALA K 122 24.17 13.13 90.87
C ALA K 122 24.93 14.45 90.87
N ARG K 123 24.34 15.48 90.25
CA ARG K 123 24.92 16.81 90.34
C ARG K 123 24.89 17.33 91.77
N LYS K 124 23.78 17.10 92.47
CA LYS K 124 23.72 17.40 93.90
C LYS K 124 24.85 16.72 94.64
N LEU K 125 25.09 15.45 94.33
CA LEU K 125 26.15 14.71 95.04
C LEU K 125 27.53 15.26 94.70
N VAL K 126 27.77 15.61 93.43
CA VAL K 126 29.10 16.05 93.05
C VAL K 126 29.42 17.40 93.67
N ILE K 127 28.42 18.30 93.74
CA ILE K 127 28.68 19.54 94.46
C ILE K 127 28.79 19.27 95.95
N LEU K 128 28.10 18.24 96.44
CA LEU K 128 28.20 17.88 97.84
C LEU K 128 29.62 17.45 98.20
N GLU K 129 30.26 16.67 97.33
CA GLU K 129 31.66 16.34 97.57
C GLU K 129 32.55 17.56 97.41
N GLY K 130 32.30 18.36 96.38
CA GLY K 130 33.04 19.60 96.17
C GLY K 130 33.01 20.53 97.36
N GLU K 131 32.00 20.38 98.22
CA GLU K 131 31.98 21.20 99.43
C GLU K 131 32.48 20.43 100.66
N LEU K 132 32.20 19.13 100.75
CA LEU K 132 32.71 18.38 101.89
C LEU K 132 34.22 18.35 101.92
N GLU K 133 34.87 18.40 100.75
CA GLU K 133 36.33 18.43 100.71
C GLU K 133 36.88 19.63 101.48
N ARG K 134 36.55 20.85 101.03
CA ARG K 134 37.07 21.98 101.77
C ARG K 134 36.43 22.10 103.15
N SER K 135 35.35 21.35 103.41
CA SER K 135 34.88 21.22 104.79
C SER K 135 35.94 20.57 105.66
N GLU K 136 36.40 19.39 105.27
CA GLU K 136 37.51 18.78 106.01
C GLU K 136 38.72 19.69 106.04
N GLU K 137 38.93 20.46 104.97
CA GLU K 137 40.12 21.31 104.91
C GLU K 137 40.07 22.43 105.95
N ARG K 138 38.97 23.19 106.00
CA ARG K 138 38.94 24.26 107.00
C ARG K 138 38.83 23.69 108.40
N ALA K 139 38.23 22.50 108.56
CA ALA K 139 38.28 21.84 109.86
C ALA K 139 39.73 21.63 110.31
N GLU K 140 40.54 21.03 109.43
CA GLU K 140 41.91 20.70 109.84
C GLU K 140 42.76 21.94 110.03
N VAL K 141 42.54 22.98 109.23
CA VAL K 141 43.36 24.17 109.42
C VAL K 141 42.92 24.88 110.69
N ALA K 142 41.63 24.85 111.01
CA ALA K 142 41.16 25.35 112.30
C ALA K 142 41.87 24.63 113.43
N GLU K 143 42.02 23.31 113.30
CA GLU K 143 42.70 22.54 114.35
C GLU K 143 44.16 22.95 114.49
N SER K 144 44.86 23.08 113.37
CA SER K 144 46.25 23.51 113.42
C SER K 144 46.36 24.87 114.10
N LYS K 145 45.44 25.78 113.78
CA LYS K 145 45.41 27.08 114.43
C LYS K 145 45.16 26.95 115.93
N CYS K 146 44.24 26.07 116.34
CA CYS K 146 44.04 25.80 117.76
C CYS K 146 45.36 25.40 118.42
N GLY K 147 46.08 24.48 117.79
CA GLY K 147 47.32 24.02 118.37
C GLY K 147 48.35 25.13 118.53
N ASP K 148 48.55 25.90 117.45
CA ASP K 148 49.52 26.98 117.50
C ASP K 148 49.15 28.03 118.54
N LEU K 149 47.85 28.31 118.68
CA LEU K 149 47.45 29.35 119.62
C LEU K 149 47.58 28.86 121.06
N GLU K 150 47.26 27.59 121.32
CA GLU K 150 47.52 27.04 122.65
C GLU K 150 49.01 27.07 122.97
N GLU K 151 49.84 26.74 121.99
CA GLU K 151 51.29 26.79 122.18
C GLU K 151 51.74 28.19 122.57
N GLU K 152 51.34 29.20 121.78
CA GLU K 152 51.75 30.56 122.09
C GLU K 152 51.14 31.05 123.41
N LEU K 153 49.96 30.54 123.77
CA LEU K 153 49.41 30.79 125.10
C LEU K 153 50.38 30.32 126.18
N LYS K 154 50.85 29.08 126.04
CA LYS K 154 51.82 28.56 127.01
C LYS K 154 53.06 29.42 127.05
N ILE K 155 53.55 29.81 125.86
CA ILE K 155 54.77 30.62 125.79
C ILE K 155 54.58 31.94 126.54
N VAL K 156 53.47 32.63 126.28
CA VAL K 156 53.29 33.95 126.86
C VAL K 156 53.01 33.85 128.35
N THR K 157 52.33 32.79 128.80
CA THR K 157 52.14 32.65 130.25
C THR K 157 53.44 32.31 130.95
N ASN K 158 54.33 31.55 130.29
CA ASN K 158 55.64 31.30 130.87
C ASN K 158 56.45 32.58 130.97
N ASN K 159 56.42 33.41 129.93
CA ASN K 159 57.15 34.67 129.99
C ASN K 159 56.55 35.61 131.04
N LEU K 160 55.22 35.60 131.19
CA LEU K 160 54.57 36.36 132.23
C LEU K 160 55.06 35.93 133.62
N LYS K 161 55.07 34.63 133.87
CA LYS K 161 55.57 34.13 135.15
C LYS K 161 57.04 34.50 135.35
N SER K 162 57.80 34.52 134.25
CA SER K 162 59.20 34.92 134.35
C SER K 162 59.33 36.37 134.81
N LEU K 163 58.56 37.28 134.20
CA LEU K 163 58.65 38.69 134.53
C LEU K 163 57.89 39.07 135.79
N GLU K 164 57.11 38.15 136.36
CA GLU K 164 56.42 38.41 137.62
C GLU K 164 57.36 38.48 138.82
N ALA K 165 58.68 38.47 138.61
CA ALA K 165 59.62 38.24 139.70
C ALA K 165 59.52 39.32 140.77
N GLN K 166 59.87 40.57 140.43
CA GLN K 166 59.97 41.61 141.43
C GLN K 166 58.59 42.10 141.88
N ALA L 1 -58.90 -41.96 -51.98
CA ALA L 1 -58.60 -40.54 -51.88
C ALA L 1 -58.34 -40.12 -50.43
N LEU L 2 -59.12 -39.13 -49.98
CA LEU L 2 -58.96 -38.53 -48.66
C LEU L 2 -59.10 -39.52 -47.51
N GLN L 3 -59.59 -40.73 -47.78
CA GLN L 3 -59.81 -41.71 -46.71
C GLN L 3 -58.50 -42.09 -46.01
N LYS L 4 -57.37 -41.99 -46.70
CA LYS L 4 -56.12 -42.39 -46.07
C LYS L 4 -55.60 -41.32 -45.11
N LYS L 5 -55.69 -40.06 -45.50
CA LYS L 5 -55.47 -38.99 -44.55
C LYS L 5 -56.46 -39.10 -43.39
N LEU L 6 -57.69 -39.53 -43.69
CA LEU L 6 -58.65 -39.81 -42.62
C LEU L 6 -58.11 -40.88 -41.66
N LYS L 7 -57.53 -41.94 -42.20
CA LYS L 7 -56.92 -42.99 -41.38
C LYS L 7 -55.87 -42.39 -40.45
N GLY L 8 -54.87 -41.75 -41.05
CA GLY L 8 -53.87 -41.06 -40.25
C GLY L 8 -54.48 -40.13 -39.22
N THR L 9 -55.64 -39.56 -39.54
CA THR L 9 -56.28 -38.63 -38.63
C THR L 9 -56.86 -39.35 -37.42
N GLU L 10 -57.49 -40.51 -37.64
CA GLU L 10 -57.92 -41.29 -36.48
C GLU L 10 -56.72 -41.70 -35.63
N ASP L 11 -55.62 -42.10 -36.28
CA ASP L 11 -54.44 -42.51 -35.52
C ASP L 11 -53.91 -41.35 -34.68
N GLU L 12 -53.86 -40.15 -35.24
CA GLU L 12 -53.37 -39.01 -34.48
C GLU L 12 -54.37 -38.62 -33.40
N VAL L 13 -55.67 -38.77 -33.67
CA VAL L 13 -56.67 -38.64 -32.62
C VAL L 13 -56.32 -39.52 -31.44
N GLU L 14 -55.99 -40.78 -31.72
CA GLU L 14 -55.62 -41.72 -30.67
C GLU L 14 -54.43 -41.20 -29.88
N LYS L 15 -53.32 -40.91 -30.57
CA LYS L 15 -52.11 -40.54 -29.84
C LYS L 15 -52.26 -39.21 -29.10
N TYR L 16 -53.09 -38.30 -29.63
CA TYR L 16 -53.33 -37.04 -28.92
C TYR L 16 -54.16 -37.27 -27.67
N SER L 17 -55.19 -38.11 -27.76
CA SER L 17 -55.89 -38.52 -26.55
C SER L 17 -54.95 -39.11 -25.54
N GLU L 18 -54.00 -39.92 -25.99
CA GLU L 18 -53.00 -40.49 -25.07
C GLU L 18 -52.17 -39.41 -24.42
N SER L 19 -51.77 -38.39 -25.19
CA SER L 19 -51.05 -37.26 -24.62
C SER L 19 -51.89 -36.57 -23.54
N VAL L 20 -53.19 -36.37 -23.81
CA VAL L 20 -54.06 -35.76 -22.81
C VAL L 20 -54.11 -36.61 -21.55
N LYS L 21 -54.16 -37.93 -21.72
CA LYS L 21 -54.19 -38.83 -20.57
C LYS L 21 -52.93 -38.68 -19.73
N ASP L 22 -51.78 -38.74 -20.38
CA ASP L 22 -50.52 -38.53 -19.66
C ASP L 22 -50.48 -37.17 -18.99
N ALA L 23 -51.08 -36.17 -19.63
CA ALA L 23 -51.14 -34.83 -19.04
C ALA L 23 -51.91 -34.84 -17.74
N GLN L 24 -53.10 -35.45 -17.75
CA GLN L 24 -53.91 -35.49 -16.52
C GLN L 24 -53.21 -36.32 -15.44
N GLU L 25 -52.53 -37.39 -15.84
CA GLU L 25 -51.81 -38.21 -14.87
C GLU L 25 -50.71 -37.40 -14.18
N LYS L 26 -49.85 -36.77 -14.98
CA LYS L 26 -48.80 -35.95 -14.40
C LYS L 26 -49.37 -34.75 -13.66
N LEU L 27 -50.56 -34.30 -14.02
CA LEU L 27 -51.22 -33.25 -13.24
C LEU L 27 -51.55 -33.74 -11.84
N GLU L 28 -52.24 -34.87 -11.75
CA GLU L 28 -52.57 -35.43 -10.44
C GLU L 28 -51.32 -35.71 -9.63
N GLN L 29 -50.26 -36.19 -10.29
CA GLN L 29 -49.01 -36.39 -9.58
C GLN L 29 -48.42 -35.07 -9.10
N ALA L 30 -48.58 -34.01 -9.89
CA ALA L 30 -48.14 -32.69 -9.43
C ALA L 30 -48.92 -32.25 -8.20
N GLU L 31 -50.22 -32.48 -8.18
CA GLU L 31 -51.00 -32.05 -7.02
C GLU L 31 -50.65 -32.88 -5.78
N LYS L 32 -50.41 -34.18 -5.95
CA LYS L 32 -50.05 -34.98 -4.78
C LYS L 32 -48.69 -34.59 -4.24
N LYS L 33 -47.71 -34.37 -5.13
CA LYS L 33 -46.42 -33.88 -4.67
C LYS L 33 -46.55 -32.50 -4.03
N ALA L 34 -47.45 -31.67 -4.55
CA ALA L 34 -47.74 -30.39 -3.92
C ALA L 34 -48.22 -30.59 -2.49
N THR L 35 -49.21 -31.45 -2.30
CA THR L 35 -49.72 -31.73 -0.96
C THR L 35 -48.61 -32.18 -0.02
N ASP L 36 -47.80 -33.14 -0.45
CA ASP L 36 -46.76 -33.67 0.42
C ASP L 36 -45.71 -32.59 0.75
N ALA L 37 -45.26 -31.87 -0.28
CA ALA L 37 -44.25 -30.84 -0.06
C ALA L 37 -44.79 -29.72 0.83
N GLU L 38 -46.07 -29.38 0.67
CA GLU L 38 -46.67 -28.36 1.52
C GLU L 38 -46.77 -28.82 2.96
N ALA L 39 -47.19 -30.06 3.17
CA ALA L 39 -47.17 -30.63 4.50
C ALA L 39 -45.79 -30.51 5.13
N ASP L 40 -44.75 -30.90 4.39
CA ASP L 40 -43.40 -30.89 4.94
C ASP L 40 -42.92 -29.48 5.24
N VAL L 41 -43.03 -28.57 4.26
CA VAL L 41 -42.59 -27.20 4.47
C VAL L 41 -43.30 -26.58 5.67
N ALA L 42 -44.64 -26.68 5.71
CA ALA L 42 -45.38 -26.09 6.81
C ALA L 42 -44.97 -26.70 8.14
N SER L 43 -44.85 -28.03 8.19
CA SER L 43 -44.56 -28.70 9.45
C SER L 43 -43.18 -28.31 9.98
N LEU L 44 -42.22 -28.02 9.11
CA LEU L 44 -40.86 -27.80 9.57
C LEU L 44 -40.49 -26.33 9.72
N ASN L 45 -40.97 -25.45 8.84
CA ASN L 45 -40.51 -24.07 8.88
C ASN L 45 -41.16 -23.25 9.99
N ARG L 46 -42.32 -23.66 10.48
CA ARG L 46 -43.10 -22.83 11.39
C ARG L 46 -42.59 -22.84 12.82
N ARG L 47 -41.41 -23.41 13.09
CA ARG L 47 -40.99 -23.60 14.47
C ARG L 47 -39.74 -22.82 14.86
N ILE L 48 -38.89 -22.44 13.91
CA ILE L 48 -37.57 -21.93 14.24
C ILE L 48 -37.60 -20.73 15.17
N GLN L 49 -38.74 -20.04 15.26
CA GLN L 49 -38.91 -19.02 16.29
C GLN L 49 -38.70 -19.60 17.68
N LEU L 50 -38.93 -20.90 17.86
CA LEU L 50 -38.66 -21.55 19.14
C LEU L 50 -37.17 -21.47 19.47
N VAL L 51 -36.33 -21.92 18.54
CA VAL L 51 -34.88 -21.81 18.72
C VAL L 51 -34.48 -20.35 18.89
N GLU L 52 -35.13 -19.46 18.14
CA GLU L 52 -34.83 -18.04 18.25
C GLU L 52 -35.00 -17.54 19.67
N GLU L 53 -36.22 -17.67 20.21
CA GLU L 53 -36.47 -17.15 21.56
C GLU L 53 -35.66 -17.91 22.61
N GLU L 54 -35.38 -19.19 22.38
CA GLU L 54 -34.57 -19.94 23.32
C GLU L 54 -33.16 -19.37 23.40
N LEU L 55 -32.51 -19.19 22.25
CA LEU L 55 -31.20 -18.55 22.26
C LEU L 55 -31.29 -17.10 22.74
N ASP L 56 -32.44 -16.45 22.60
CA ASP L 56 -32.58 -15.08 23.08
C ASP L 56 -32.48 -15.02 24.60
N ARG L 57 -33.32 -15.79 25.30
CA ARG L 57 -33.18 -15.74 26.75
C ARG L 57 -31.88 -16.39 27.20
N ALA L 58 -31.36 -17.33 26.41
CA ALA L 58 -30.03 -17.86 26.67
C ALA L 58 -28.98 -16.76 26.71
N GLN L 59 -28.93 -15.92 25.66
CA GLN L 59 -27.91 -14.89 25.61
C GLN L 59 -28.14 -13.80 26.64
N GLU L 60 -29.40 -13.49 26.97
CA GLU L 60 -29.59 -12.45 27.99
C GLU L 60 -29.12 -12.94 29.35
N ARG L 61 -29.50 -14.16 29.74
CA ARG L 61 -29.02 -14.67 31.02
C ARG L 61 -27.51 -14.93 30.97
N LEU L 62 -26.97 -15.20 29.79
CA LEU L 62 -25.51 -15.32 29.67
C LEU L 62 -24.84 -13.98 29.94
N ALA L 63 -25.38 -12.89 29.39
CA ALA L 63 -24.84 -11.57 29.68
C ALA L 63 -24.92 -11.25 31.16
N THR L 64 -26.04 -11.62 31.79
CA THR L 64 -26.15 -11.45 33.25
C THR L 64 -25.05 -12.21 33.97
N ALA L 65 -24.85 -13.48 33.60
CA ALA L 65 -23.78 -14.27 34.20
C ALA L 65 -22.43 -13.62 34.00
N LEU L 66 -22.16 -13.11 32.79
CA LEU L 66 -20.88 -12.47 32.51
C LEU L 66 -20.66 -11.26 33.43
N GLN L 67 -21.61 -10.33 33.43
CA GLN L 67 -21.41 -9.11 34.22
C GLN L 67 -21.32 -9.44 35.71
N LYS L 68 -22.11 -10.42 36.18
CA LYS L 68 -22.07 -10.78 37.58
C LYS L 68 -20.72 -11.41 37.94
N LEU L 69 -20.32 -12.43 37.19
CA LEU L 69 -18.98 -13.00 37.32
C LEU L 69 -17.91 -11.92 37.39
N GLU L 70 -17.95 -10.98 36.45
CA GLU L 70 -16.87 -10.00 36.34
C GLU L 70 -16.85 -9.07 37.56
N GLU L 71 -17.99 -8.49 37.90
CA GLU L 71 -18.02 -7.58 39.04
C GLU L 71 -17.69 -8.31 40.34
N ALA L 72 -18.17 -9.54 40.49
CA ALA L 72 -17.85 -10.32 41.68
C ALA L 72 -16.36 -10.64 41.75
N GLU L 73 -15.75 -10.92 40.61
CA GLU L 73 -14.31 -11.16 40.58
C GLU L 73 -13.55 -9.91 40.96
N LYS L 74 -13.97 -8.75 40.43
CA LYS L 74 -13.30 -7.51 40.79
C LYS L 74 -13.44 -7.23 42.28
N ALA L 75 -14.61 -7.53 42.85
CA ALA L 75 -14.81 -7.33 44.28
C ALA L 75 -13.93 -8.27 45.09
N ALA L 76 -13.89 -9.54 44.68
CA ALA L 76 -13.01 -10.50 45.34
C ALA L 76 -11.57 -10.05 45.30
N ASP L 77 -11.13 -9.54 44.15
CA ASP L 77 -9.71 -9.17 44.02
C ASP L 77 -9.38 -7.87 44.71
N GLU L 78 -10.33 -6.94 44.82
CA GLU L 78 -10.05 -5.75 45.62
C GLU L 78 -10.02 -6.09 47.10
N SER L 79 -10.89 -7.00 47.54
CA SER L 79 -10.76 -7.52 48.90
C SER L 79 -9.46 -8.28 49.07
N GLU L 80 -8.94 -8.85 47.98
CA GLU L 80 -7.66 -9.56 48.05
C GLU L 80 -6.50 -8.58 48.21
N ARG L 81 -6.54 -7.46 47.47
CA ARG L 81 -5.59 -6.38 47.73
C ARG L 81 -5.69 -5.91 49.18
N GLY L 82 -6.92 -5.75 49.67
CA GLY L 82 -7.10 -5.36 51.06
C GLY L 82 -6.53 -6.37 52.03
N MET L 83 -6.65 -7.66 51.72
CA MET L 83 -6.10 -8.66 52.62
C MET L 83 -4.58 -8.65 52.58
N LYS L 84 -4.00 -8.47 51.39
CA LYS L 84 -2.56 -8.29 51.31
C LYS L 84 -2.11 -7.16 52.22
N VAL L 85 -2.72 -5.99 52.06
CA VAL L 85 -2.26 -4.83 52.82
C VAL L 85 -2.52 -5.00 54.30
N ILE L 86 -3.59 -5.71 54.68
CA ILE L 86 -3.85 -5.86 56.11
C ILE L 86 -2.95 -6.92 56.72
N GLU L 87 -2.57 -7.97 55.99
CA GLU L 87 -1.56 -8.88 56.52
C GLU L 87 -0.25 -8.14 56.72
N ASN L 88 0.13 -7.31 55.76
CA ASN L 88 1.30 -6.45 55.93
C ASN L 88 1.17 -5.63 57.20
N ARG L 89 0.08 -4.87 57.34
CA ARG L 89 -0.12 -4.03 58.52
C ARG L 89 -0.11 -4.85 59.81
N ALA L 90 -0.61 -6.08 59.76
CA ALA L 90 -0.65 -6.92 60.95
C ALA L 90 0.77 -7.28 61.38
N MET L 91 1.59 -7.74 60.44
CA MET L 91 2.99 -7.98 60.78
C MET L 91 3.66 -6.69 61.25
N LYS L 92 3.31 -5.57 60.62
CA LYS L 92 3.86 -4.28 61.01
C LYS L 92 3.60 -4.00 62.48
N ASP L 93 2.32 -3.99 62.85
CA ASP L 93 1.94 -3.79 64.25
C ASP L 93 2.56 -4.84 65.15
N GLU L 94 2.80 -6.04 64.63
CA GLU L 94 3.45 -7.06 65.43
C GLU L 94 4.86 -6.62 65.82
N GLU L 95 5.71 -6.32 64.84
CA GLU L 95 7.05 -5.88 65.19
C GLU L 95 7.02 -4.55 65.93
N LYS L 96 6.00 -3.72 65.67
CA LYS L 96 5.81 -2.51 66.45
C LYS L 96 5.66 -2.83 67.93
N MET L 97 4.70 -3.69 68.25
CA MET L 97 4.50 -4.13 69.64
C MET L 97 5.79 -4.68 70.20
N GLU L 98 6.46 -5.55 69.45
CA GLU L 98 7.76 -6.06 69.88
C GLU L 98 8.69 -4.94 70.32
N LEU L 99 9.00 -4.02 69.40
CA LEU L 99 10.01 -3.01 69.67
C LEU L 99 9.56 -2.06 70.78
N GLN L 100 8.28 -1.74 70.86
CA GLN L 100 7.85 -0.75 71.84
C GLN L 100 7.67 -1.35 73.22
N GLU L 101 7.16 -2.58 73.31
CA GLU L 101 7.26 -3.28 74.58
C GLU L 101 8.72 -3.46 74.99
N MET L 102 9.62 -3.61 74.01
CA MET L 102 11.04 -3.76 74.33
C MET L 102 11.62 -2.47 74.91
N GLN L 103 11.31 -1.34 74.28
CA GLN L 103 11.78 -0.08 74.83
C GLN L 103 11.12 0.19 76.18
N LEU L 104 9.88 -0.27 76.37
CA LEU L 104 9.28 -0.29 77.70
C LEU L 104 10.12 -1.12 78.67
N LYS L 105 10.61 -2.26 78.21
CA LYS L 105 11.44 -3.12 79.07
C LYS L 105 12.71 -2.40 79.48
N GLU L 106 13.47 -1.88 78.50
CA GLU L 106 14.71 -1.18 78.85
C GLU L 106 14.43 0.07 79.66
N ALA L 107 13.27 0.70 79.44
CA ALA L 107 12.87 1.83 80.27
C ALA L 107 12.70 1.39 81.71
N LYS L 108 12.02 0.26 81.93
CA LYS L 108 11.91 -0.28 83.29
C LYS L 108 13.27 -0.65 83.84
N HIS L 109 14.14 -1.21 83.00
CA HIS L 109 15.49 -1.58 83.42
C HIS L 109 16.21 -0.37 84.00
N ILE L 110 16.42 0.66 83.18
CA ILE L 110 17.11 1.84 83.67
C ILE L 110 16.28 2.59 84.69
N ALA L 111 14.96 2.38 84.74
CA ALA L 111 14.16 3.01 85.78
C ALA L 111 14.49 2.44 87.14
N GLU L 112 14.46 1.10 87.25
CA GLU L 112 14.85 0.46 88.49
C GLU L 112 16.32 0.74 88.81
N ASP L 113 17.19 0.64 87.81
CA ASP L 113 18.61 0.90 88.03
C ASP L 113 18.83 2.32 88.52
N SER L 114 18.10 3.28 87.95
CA SER L 114 18.27 4.68 88.25
C SER L 114 17.63 5.06 89.57
N ASP L 115 16.53 4.40 89.95
CA ASP L 115 15.98 4.62 91.29
C ASP L 115 16.89 4.01 92.34
N ARG L 116 17.51 2.87 92.04
CA ARG L 116 18.43 2.27 93.00
C ARG L 116 19.67 3.13 93.17
N LYS L 117 20.27 3.59 92.06
CA LYS L 117 21.39 4.51 92.19
C LYS L 117 20.96 5.86 92.71
N TYR L 118 19.69 6.25 92.53
CA TYR L 118 19.14 7.40 93.22
C TYR L 118 19.22 7.22 94.72
N GLU L 119 18.78 6.06 95.21
CA GLU L 119 18.88 5.79 96.63
C GLU L 119 20.34 5.73 97.09
N GLU L 120 21.23 5.19 96.25
CA GLU L 120 22.65 5.13 96.60
C GLU L 120 23.23 6.54 96.75
N VAL L 121 23.11 7.35 95.70
CA VAL L 121 23.59 8.71 95.75
C VAL L 121 22.83 9.53 96.79
N ALA L 122 21.62 9.10 97.17
CA ALA L 122 20.89 9.83 98.20
C ALA L 122 21.40 9.47 99.59
N ARG L 123 21.80 8.22 99.81
CA ARG L 123 22.50 7.87 101.04
C ARG L 123 23.79 8.66 101.15
N LYS L 124 24.55 8.70 100.05
CA LYS L 124 25.75 9.56 100.03
C LYS L 124 25.38 11.01 100.27
N LEU L 125 24.25 11.46 99.72
CA LEU L 125 23.80 12.83 99.90
C LEU L 125 23.57 13.12 101.38
N VAL L 126 22.74 12.31 102.04
CA VAL L 126 22.41 12.58 103.44
C VAL L 126 23.65 12.46 104.31
N ILE L 127 24.55 11.52 104.01
CA ILE L 127 25.70 11.35 104.89
C ILE L 127 26.67 12.51 104.73
N LEU L 128 26.99 12.91 103.49
CA LEU L 128 27.91 14.03 103.34
C LEU L 128 27.25 15.36 103.73
N GLU L 129 25.92 15.46 103.65
CA GLU L 129 25.25 16.65 104.15
C GLU L 129 25.39 16.77 105.65
N GLY L 130 25.00 15.71 106.38
CA GLY L 130 25.21 15.70 107.82
C GLY L 130 26.67 15.88 108.20
N GLU L 131 27.58 15.36 107.37
CA GLU L 131 29.00 15.50 107.63
C GLU L 131 29.44 16.96 107.49
N LEU L 132 29.01 17.62 106.41
CA LEU L 132 29.19 19.06 106.30
C LEU L 132 28.65 19.77 107.53
N GLU L 133 27.43 19.42 107.95
CA GLU L 133 26.79 20.08 109.08
C GLU L 133 27.65 20.00 110.34
N ARG L 134 28.05 18.78 110.73
CA ARG L 134 28.74 18.70 112.02
C ARG L 134 30.22 19.06 111.91
N SER L 135 30.84 18.89 110.73
CA SER L 135 32.17 19.44 110.54
C SER L 135 32.15 20.95 110.65
N GLU L 136 31.11 21.58 110.11
CA GLU L 136 30.96 23.03 110.22
C GLU L 136 30.71 23.44 111.66
N GLU L 137 29.87 22.69 112.37
CA GLU L 137 29.68 22.93 113.80
C GLU L 137 31.01 22.91 114.54
N ARG L 138 31.73 21.79 114.44
CA ARG L 138 33.03 21.64 115.10
C ARG L 138 33.96 22.78 114.71
N ALA L 139 34.00 23.11 113.41
CA ALA L 139 34.88 24.16 112.93
C ALA L 139 34.58 25.49 113.60
N GLU L 140 33.31 25.90 113.59
CA GLU L 140 32.98 27.21 114.16
C GLU L 140 33.16 27.22 115.66
N VAL L 141 32.92 26.08 116.33
CA VAL L 141 33.18 26.00 117.77
C VAL L 141 34.66 26.21 118.04
N ALA L 142 35.53 25.46 117.36
CA ALA L 142 36.96 25.59 117.58
C ALA L 142 37.43 27.00 117.22
N GLU L 143 36.84 27.61 116.20
CA GLU L 143 37.30 28.91 115.75
C GLU L 143 36.84 30.03 116.67
N SER L 144 35.64 29.93 117.23
CA SER L 144 35.23 30.87 118.28
C SER L 144 36.10 30.69 119.53
N LYS L 145 36.32 29.44 119.93
CA LYS L 145 37.20 29.16 121.05
C LYS L 145 38.58 29.77 120.84
N CYS L 146 39.09 29.73 119.60
CA CYS L 146 40.41 30.26 119.33
C CYS L 146 40.43 31.76 119.09
N GLY L 147 39.33 32.36 118.67
CA GLY L 147 39.22 33.81 118.75
C GLY L 147 39.31 34.28 120.18
N ASP L 148 38.62 33.59 121.08
CA ASP L 148 38.78 33.84 122.52
C ASP L 148 40.21 33.59 122.96
N LEU L 149 40.81 32.51 122.48
CA LEU L 149 42.19 32.20 122.84
C LEU L 149 43.15 33.28 122.34
N GLU L 150 42.86 33.87 121.19
CA GLU L 150 43.71 34.93 120.66
C GLU L 150 43.52 36.23 121.41
N GLU L 151 42.29 36.53 121.81
CA GLU L 151 42.11 37.70 122.67
C GLU L 151 42.76 37.49 124.03
N GLU L 152 42.80 36.24 124.50
CA GLU L 152 43.54 35.95 125.73
C GLU L 152 45.03 36.12 125.51
N LEU L 153 45.53 35.70 124.34
CA LEU L 153 46.91 36.00 123.97
C LEU L 153 47.16 37.50 124.00
N LYS L 154 46.20 38.28 123.50
CA LYS L 154 46.32 39.73 123.58
C LYS L 154 46.43 40.20 125.03
N ILE L 155 45.59 39.64 125.90
CA ILE L 155 45.64 39.99 127.32
C ILE L 155 47.02 39.71 127.90
N VAL L 156 47.52 38.49 127.70
CA VAL L 156 48.79 38.11 128.30
C VAL L 156 49.93 38.93 127.70
N THR L 157 49.85 39.26 126.42
CA THR L 157 50.91 40.06 125.81
C THR L 157 50.86 41.51 126.28
N ASN L 158 49.67 42.05 126.48
CA ASN L 158 49.54 43.35 127.14
C ASN L 158 50.21 43.33 128.50
N ASN L 159 49.96 42.27 129.29
CA ASN L 159 50.66 42.11 130.56
C ASN L 159 52.16 42.08 130.36
N LEU L 160 52.62 41.33 129.35
CA LEU L 160 54.04 41.22 129.06
C LEU L 160 54.66 42.58 128.83
N LYS L 161 54.06 43.38 127.94
CA LYS L 161 54.63 44.68 127.62
C LYS L 161 54.52 45.65 128.80
N SER L 162 53.40 45.63 129.51
CA SER L 162 53.22 46.54 130.63
C SER L 162 54.28 46.33 131.70
N LEU L 163 54.49 45.07 132.09
CA LEU L 163 55.56 44.81 133.06
C LEU L 163 56.93 44.82 132.41
N GLU L 164 57.00 44.76 131.09
CA GLU L 164 58.24 44.93 130.35
C GLU L 164 58.70 46.38 130.37
N ALA L 165 57.79 47.30 130.65
CA ALA L 165 58.14 48.69 130.88
C ALA L 165 58.84 48.91 132.22
N GLN L 166 59.25 47.82 132.87
CA GLN L 166 59.92 47.83 134.17
C GLN L 166 58.95 48.18 135.28
N MET M 1 -51.83 70.92 -60.16
CA MET M 1 -50.79 70.03 -60.64
C MET M 1 -49.41 70.52 -60.25
N ALA M 2 -48.95 71.61 -60.88
CA ALA M 2 -47.65 72.20 -60.57
C ALA M 2 -47.76 73.05 -59.30
N VAL M 3 -48.20 72.40 -58.22
CA VAL M 3 -48.49 73.08 -56.97
C VAL M 3 -47.23 73.16 -56.13
N PHE M 4 -46.11 72.75 -56.69
CA PHE M 4 -44.84 72.74 -55.96
C PHE M 4 -43.73 73.50 -56.66
N GLY M 5 -43.64 73.40 -57.99
CA GLY M 5 -42.53 73.99 -58.71
C GLY M 5 -42.36 73.48 -60.12
N GLU M 6 -41.14 73.06 -60.47
CA GLU M 6 -40.81 72.70 -61.84
C GLU M 6 -40.36 71.26 -62.03
N ALA M 7 -40.07 70.53 -60.95
CA ALA M 7 -39.51 69.19 -61.03
C ALA M 7 -40.55 68.14 -61.41
N ALA M 8 -41.72 68.54 -61.89
CA ALA M 8 -42.82 67.61 -62.12
C ALA M 8 -42.49 66.51 -63.13
N PRO M 9 -42.05 66.82 -64.38
CA PRO M 9 -42.08 65.81 -65.44
C PRO M 9 -41.36 64.52 -65.11
N TYR M 10 -40.08 64.59 -64.75
CA TYR M 10 -39.36 63.37 -64.41
C TYR M 10 -39.82 62.78 -63.07
N LEU M 11 -40.40 63.60 -62.20
CA LEU M 11 -40.81 63.10 -60.89
C LEU M 11 -42.15 62.38 -60.96
N ARG M 12 -43.20 63.10 -61.33
CA ARG M 12 -44.51 62.50 -61.53
C ARG M 12 -45.20 63.14 -62.72
N LYS M 13 -45.90 62.33 -63.50
CA LYS M 13 -46.51 62.79 -64.73
C LYS M 13 -47.84 63.49 -64.45
N SER M 14 -48.16 64.47 -65.30
CA SER M 14 -49.30 65.34 -65.10
C SER M 14 -50.59 64.60 -65.46
N GLU M 15 -51.71 65.33 -65.44
CA GLU M 15 -53.02 64.69 -65.51
C GLU M 15 -53.25 63.99 -66.84
N LYS M 16 -53.11 64.73 -67.95
CA LYS M 16 -53.56 64.24 -69.25
C LYS M 16 -53.07 62.82 -69.53
N GLU M 17 -51.81 62.52 -69.22
CA GLU M 17 -51.31 61.16 -69.42
C GLU M 17 -51.88 60.20 -68.39
N ARG M 18 -52.09 60.66 -67.15
CA ARG M 18 -52.75 59.81 -66.16
C ARG M 18 -54.12 59.37 -66.65
N ILE M 19 -54.90 60.29 -67.22
CA ILE M 19 -56.24 59.96 -67.69
C ILE M 19 -56.18 59.13 -68.97
N GLU M 20 -55.26 59.45 -69.88
CA GLU M 20 -55.17 58.65 -71.10
C GLU M 20 -54.68 57.24 -70.82
N ALA M 21 -53.97 57.02 -69.71
CA ALA M 21 -53.66 55.68 -69.27
C ALA M 21 -54.83 55.06 -68.52
N GLN M 22 -55.61 55.87 -67.80
CA GLN M 22 -56.74 55.36 -67.04
C GLN M 22 -57.80 54.78 -67.98
N ASN M 23 -58.15 55.52 -69.03
CA ASN M 23 -59.13 55.05 -70.00
C ASN M 23 -58.39 54.41 -71.16
N LYS M 24 -58.20 53.10 -71.06
CA LYS M 24 -57.61 52.29 -72.11
C LYS M 24 -58.31 50.94 -72.07
N PRO M 25 -58.56 50.32 -73.22
CA PRO M 25 -59.19 49.00 -73.23
C PRO M 25 -58.31 47.98 -72.53
N PHE M 26 -58.91 47.28 -71.56
CA PHE M 26 -58.20 46.25 -70.79
C PHE M 26 -59.03 44.98 -70.81
N ASP M 27 -58.55 43.98 -71.54
CA ASP M 27 -59.16 42.66 -71.58
C ASP M 27 -58.94 41.93 -70.26
N ALA M 28 -59.48 40.72 -70.19
CA ALA M 28 -59.26 39.85 -69.05
C ALA M 28 -59.01 38.40 -69.44
N LYS M 29 -58.94 38.10 -70.74
CA LYS M 29 -58.68 36.75 -71.19
C LYS M 29 -57.43 36.63 -72.05
N SER M 30 -56.72 37.72 -72.29
CA SER M 30 -55.43 37.67 -72.95
C SER M 30 -54.39 38.58 -72.31
N SER M 31 -54.75 39.31 -71.26
CA SER M 31 -53.85 40.21 -70.56
C SER M 31 -52.93 39.47 -69.59
N VAL M 32 -52.86 38.15 -69.67
CA VAL M 32 -52.04 37.39 -68.74
C VAL M 32 -50.57 37.52 -69.13
N PHE M 33 -49.69 37.36 -68.14
CA PHE M 33 -48.25 37.40 -68.35
C PHE M 33 -47.80 36.04 -68.87
N VAL M 34 -46.49 35.82 -68.86
CA VAL M 34 -45.95 34.50 -69.20
C VAL M 34 -44.59 34.34 -68.52
N VAL M 35 -44.33 33.13 -68.04
CA VAL M 35 -42.98 32.80 -67.60
C VAL M 35 -42.09 32.66 -68.84
N ASP M 36 -40.89 33.22 -68.77
CA ASP M 36 -40.06 33.36 -69.95
C ASP M 36 -38.85 32.45 -69.88
N ALA M 37 -38.24 32.24 -71.05
CA ALA M 37 -36.96 31.55 -71.11
C ALA M 37 -35.82 32.52 -70.91
N LYS M 38 -35.75 33.56 -71.74
CA LYS M 38 -34.66 34.53 -71.63
C LYS M 38 -34.83 35.44 -70.41
N GLU M 39 -36.06 35.78 -70.07
CA GLU M 39 -36.34 36.67 -68.96
C GLU M 39 -37.20 35.96 -67.93
N SER M 40 -37.67 36.72 -66.95
CA SER M 40 -38.61 36.18 -65.97
C SER M 40 -40.05 36.27 -66.50
N PHE M 41 -40.53 37.49 -66.73
CA PHE M 41 -41.91 37.72 -67.11
C PHE M 41 -41.96 38.84 -68.14
N VAL M 42 -42.55 38.56 -69.30
CA VAL M 42 -42.90 39.59 -70.26
C VAL M 42 -44.41 39.57 -70.46
N LYS M 43 -44.95 40.69 -70.92
CA LYS M 43 -46.38 40.81 -71.13
C LYS M 43 -46.80 39.95 -72.30
N ALA M 44 -47.70 39.00 -72.06
CA ALA M 44 -48.08 38.00 -73.04
C ALA M 44 -49.41 38.36 -73.69
N THR M 45 -49.82 37.54 -74.65
CA THR M 45 -51.07 37.73 -75.38
C THR M 45 -51.56 36.34 -75.80
N VAL M 46 -52.50 35.79 -75.05
CA VAL M 46 -52.97 34.44 -75.26
C VAL M 46 -54.28 34.47 -76.03
N GLN M 47 -54.56 33.38 -76.75
CA GLN M 47 -55.82 33.27 -77.47
C GLN M 47 -57.00 33.20 -76.52
N SER M 48 -56.97 32.27 -75.58
CA SER M 48 -58.06 32.01 -74.65
C SER M 48 -57.52 31.10 -73.55
N ARG M 49 -58.40 30.57 -72.72
CA ARG M 49 -58.01 29.64 -71.67
C ARG M 49 -58.14 28.23 -72.21
N GLU M 50 -57.03 27.69 -72.70
CA GLU M 50 -57.00 26.33 -73.25
C GLU M 50 -56.47 25.36 -72.18
N GLY M 51 -57.23 25.26 -71.11
CA GLY M 51 -56.86 24.35 -70.02
C GLY M 51 -55.53 24.77 -69.41
N GLY M 52 -54.57 23.85 -69.41
CA GLY M 52 -53.22 24.17 -68.99
C GLY M 52 -52.32 24.47 -70.16
N LYS M 53 -52.92 24.91 -71.26
CA LYS M 53 -52.21 25.17 -72.51
C LYS M 53 -52.56 26.57 -73.01
N VAL M 54 -51.59 27.23 -73.63
CA VAL M 54 -51.79 28.58 -74.19
C VAL M 54 -51.11 28.69 -75.55
N THR M 55 -51.33 29.82 -76.22
CA THR M 55 -50.39 30.34 -77.21
C THR M 55 -50.24 31.84 -76.88
N ALA M 56 -49.34 32.12 -75.95
CA ALA M 56 -49.17 33.47 -75.43
C ALA M 56 -48.22 34.25 -76.33
N LYS M 57 -48.73 35.32 -76.93
CA LYS M 57 -47.92 36.14 -77.83
C LYS M 57 -47.19 37.20 -77.02
N THR M 58 -45.87 37.22 -77.12
CA THR M 58 -45.06 38.28 -76.52
C THR M 58 -45.04 39.47 -77.47
N GLU M 59 -44.14 40.43 -77.19
CA GLU M 59 -43.95 41.53 -78.14
C GLU M 59 -43.46 41.01 -79.48
N GLY M 60 -42.63 39.97 -79.48
CA GLY M 60 -42.29 39.25 -80.69
C GLY M 60 -43.35 38.27 -81.16
N GLY M 61 -44.42 38.09 -80.38
CA GLY M 61 -45.49 37.20 -80.75
C GLY M 61 -45.17 35.73 -80.52
N ALA M 62 -44.95 35.35 -79.26
CA ALA M 62 -44.60 33.98 -78.95
C ALA M 62 -45.81 33.07 -79.13
N THR M 63 -45.55 31.76 -79.14
CA THR M 63 -46.59 30.76 -79.32
C THR M 63 -46.45 29.59 -78.36
N VAL M 64 -45.51 29.65 -77.41
CA VAL M 64 -45.23 28.50 -76.56
C VAL M 64 -46.44 28.19 -75.69
N THR M 65 -46.81 26.92 -75.62
CA THR M 65 -47.91 26.48 -74.77
C THR M 65 -47.40 26.33 -73.35
N VAL M 66 -48.00 27.09 -72.43
CA VAL M 66 -47.53 27.19 -71.06
C VAL M 66 -48.71 26.93 -70.13
N LYS M 67 -48.42 26.45 -68.92
CA LYS M 67 -49.48 26.15 -67.97
C LYS M 67 -50.03 27.44 -67.36
N ASP M 68 -51.19 27.30 -66.71
CA ASP M 68 -51.93 28.46 -66.22
C ASP M 68 -51.25 29.10 -65.01
N ASP M 69 -50.68 28.28 -64.13
CA ASP M 69 -50.17 28.79 -62.86
C ASP M 69 -48.96 29.70 -63.00
N GLN M 70 -48.47 29.92 -64.22
CA GLN M 70 -47.30 30.77 -64.44
C GLN M 70 -47.56 31.89 -65.43
N VAL M 71 -48.76 31.99 -65.99
CA VAL M 71 -49.15 33.12 -66.82
C VAL M 71 -50.01 34.04 -65.95
N PHE M 72 -49.56 35.29 -65.78
CA PHE M 72 -50.06 36.11 -64.70
C PHE M 72 -50.90 37.27 -65.22
N PRO M 73 -52.12 37.44 -64.72
CA PRO M 73 -52.94 38.57 -65.16
C PRO M 73 -52.32 39.90 -64.77
N MET M 74 -52.33 40.84 -65.70
CA MET M 74 -51.74 42.15 -65.51
C MET M 74 -52.74 43.12 -64.89
N ASN M 75 -52.22 44.06 -64.10
CA ASN M 75 -53.04 45.13 -63.58
C ASN M 75 -53.50 46.05 -64.72
N PRO M 76 -54.68 46.64 -64.59
CA PRO M 76 -55.21 47.50 -65.67
C PRO M 76 -54.37 48.75 -65.83
N PRO M 77 -54.49 49.44 -66.97
CA PRO M 77 -53.75 50.70 -67.14
C PRO M 77 -54.32 51.82 -66.31
N LYS M 78 -55.56 51.69 -65.82
CA LYS M 78 -56.04 52.61 -64.80
C LYS M 78 -55.31 52.41 -63.48
N TYR M 79 -54.63 51.28 -63.32
CA TYR M 79 -53.79 51.03 -62.16
C TYR M 79 -52.31 51.07 -62.51
N ASP M 80 -51.96 51.57 -63.69
CA ASP M 80 -50.59 51.63 -64.12
C ASP M 80 -49.88 52.83 -63.50
N LYS M 81 -48.58 52.70 -63.32
CA LYS M 81 -47.68 53.76 -62.86
C LYS M 81 -48.02 54.26 -61.46
N ILE M 82 -48.83 53.52 -60.70
CA ILE M 82 -49.25 54.00 -59.39
C ILE M 82 -48.06 54.04 -58.45
N GLU M 83 -48.04 55.07 -57.59
CA GLU M 83 -46.96 55.27 -56.64
C GLU M 83 -46.90 54.19 -55.57
N ASP M 84 -47.90 53.33 -55.47
CA ASP M 84 -47.90 52.24 -54.49
C ASP M 84 -48.38 50.96 -55.17
N MET M 85 -47.65 49.87 -54.94
CA MET M 85 -48.04 48.57 -55.47
C MET M 85 -48.96 47.80 -54.52
N ALA M 86 -49.09 48.25 -53.26
CA ALA M 86 -49.90 47.54 -52.29
C ALA M 86 -51.39 47.71 -52.49
N MET M 87 -51.82 48.38 -53.57
CA MET M 87 -53.23 48.60 -53.83
C MET M 87 -53.70 47.95 -55.12
N MET M 88 -52.79 47.49 -55.97
CA MET M 88 -53.17 46.95 -57.27
C MET M 88 -54.11 45.75 -57.12
N THR M 89 -55.00 45.60 -58.10
CA THR M 89 -55.95 44.49 -58.14
C THR M 89 -55.33 43.20 -58.66
N HIS M 90 -54.07 43.21 -59.05
CA HIS M 90 -53.36 41.99 -59.40
C HIS M 90 -52.01 42.05 -58.71
N LEU M 91 -51.89 41.39 -57.57
CA LEU M 91 -50.65 41.38 -56.79
C LEU M 91 -49.88 40.12 -57.14
N HIS M 92 -48.80 40.29 -57.88
CA HIS M 92 -47.99 39.19 -58.37
C HIS M 92 -46.53 39.59 -58.25
N GLU M 93 -45.64 38.76 -58.78
CA GLU M 93 -44.27 39.22 -59.02
C GLU M 93 -44.20 40.13 -60.24
N PRO M 94 -44.65 39.71 -61.44
CA PRO M 94 -44.59 40.63 -62.59
C PRO M 94 -45.39 41.88 -62.38
N ALA M 95 -46.37 41.86 -61.47
CA ALA M 95 -47.15 43.04 -61.16
C ALA M 95 -46.24 44.18 -60.72
N VAL M 96 -45.55 44.02 -59.59
CA VAL M 96 -44.64 45.06 -59.13
C VAL M 96 -43.45 45.18 -60.06
N LEU M 97 -43.01 44.06 -60.64
CA LEU M 97 -41.92 44.09 -61.62
C LEU M 97 -42.15 45.17 -62.66
N TYR M 98 -43.25 45.07 -63.39
CA TYR M 98 -43.52 46.06 -64.43
C TYR M 98 -44.03 47.37 -63.87
N ASN M 99 -44.77 47.34 -62.75
CA ASN M 99 -45.19 48.57 -62.12
C ASN M 99 -44.01 49.49 -61.82
N LEU M 100 -42.83 48.92 -61.64
CA LEU M 100 -41.63 49.74 -61.53
C LEU M 100 -40.82 49.80 -62.82
N LYS M 101 -40.92 48.77 -63.67
CA LYS M 101 -40.24 48.77 -64.95
C LYS M 101 -40.68 49.93 -65.82
N GLU M 102 -41.98 50.02 -66.09
CA GLU M 102 -42.49 51.14 -66.87
C GLU M 102 -42.30 52.48 -66.15
N ARG M 103 -42.21 52.48 -64.82
CA ARG M 103 -42.03 53.75 -64.12
C ARG M 103 -40.61 54.28 -64.27
N TYR M 104 -39.62 53.40 -64.19
CA TYR M 104 -38.26 53.82 -64.49
C TYR M 104 -38.08 54.08 -65.98
N ALA M 105 -38.89 53.43 -66.83
CA ALA M 105 -38.93 53.81 -68.23
C ALA M 105 -39.40 55.25 -68.38
N ALA M 106 -40.50 55.60 -67.71
CA ALA M 106 -40.98 56.97 -67.60
C ALA M 106 -40.16 57.79 -66.62
N TRP M 107 -39.06 57.24 -66.10
CA TRP M 107 -38.10 57.93 -65.24
C TRP M 107 -38.70 58.34 -63.91
N MET M 108 -39.76 57.67 -63.47
CA MET M 108 -40.33 57.91 -62.14
C MET M 108 -39.52 57.09 -61.13
N ILE M 109 -38.38 57.67 -60.74
CA ILE M 109 -37.46 56.97 -59.85
C ILE M 109 -38.14 56.60 -58.54
N TYR M 110 -38.60 57.60 -57.80
CA TYR M 110 -39.03 57.40 -56.44
C TYR M 110 -40.47 56.90 -56.38
N THR M 111 -40.69 55.86 -55.60
CA THR M 111 -41.98 55.19 -55.51
C THR M 111 -42.16 54.72 -54.06
N TYR M 112 -43.36 54.24 -53.74
CA TYR M 112 -43.67 53.70 -52.43
C TYR M 112 -44.14 52.27 -52.56
N SER M 113 -43.65 51.41 -51.67
CA SER M 113 -44.05 49.99 -51.62
C SER M 113 -44.43 49.69 -50.17
N GLY M 114 -45.70 49.88 -49.83
CA GLY M 114 -46.11 49.74 -48.44
C GLY M 114 -45.33 50.71 -47.58
N LEU M 115 -44.39 50.17 -46.79
CA LEU M 115 -43.45 51.01 -46.07
C LEU M 115 -42.15 51.20 -46.83
N PHE M 116 -41.87 50.37 -47.82
CA PHE M 116 -40.63 50.47 -48.56
C PHE M 116 -40.65 51.69 -49.46
N CYS M 117 -39.55 52.44 -49.46
CA CYS M 117 -39.36 53.55 -50.39
C CYS M 117 -38.46 53.04 -51.51
N VAL M 118 -39.06 52.25 -52.41
CA VAL M 118 -38.32 51.69 -53.53
C VAL M 118 -37.77 52.81 -54.39
N THR M 119 -36.46 52.77 -54.62
CA THR M 119 -35.77 53.84 -55.34
C THR M 119 -34.78 53.21 -56.31
N VAL M 120 -34.90 53.55 -57.58
CA VAL M 120 -34.04 53.03 -58.61
C VAL M 120 -32.94 54.06 -58.86
N ASN M 121 -31.83 53.61 -59.46
CA ASN M 121 -30.87 54.68 -59.63
C ASN M 121 -30.80 55.12 -61.09
N PRO M 122 -30.49 56.39 -61.34
CA PRO M 122 -30.36 56.87 -62.71
C PRO M 122 -28.92 56.78 -63.20
N TYR M 123 -28.74 57.04 -64.49
CA TYR M 123 -27.43 57.11 -65.11
C TYR M 123 -27.33 58.36 -65.97
N LYS M 124 -28.10 59.38 -65.62
CA LYS M 124 -28.09 60.67 -66.28
C LYS M 124 -28.61 61.69 -65.28
N TRP M 125 -28.14 62.93 -65.41
CA TRP M 125 -28.50 63.96 -64.45
C TRP M 125 -30.01 64.22 -64.47
N LEU M 126 -30.70 63.82 -63.41
CA LEU M 126 -32.12 64.09 -63.25
C LEU M 126 -32.31 64.90 -61.97
N PRO M 127 -32.45 66.21 -62.06
CA PRO M 127 -32.50 67.07 -60.86
C PRO M 127 -33.83 67.01 -60.13
N VAL M 128 -34.01 65.94 -59.34
CA VAL M 128 -35.23 65.72 -58.59
C VAL M 128 -35.12 66.19 -57.14
N TYR M 129 -33.91 66.52 -56.68
CA TYR M 129 -33.64 66.83 -55.29
C TYR M 129 -33.34 68.32 -55.09
N ASN M 130 -33.80 69.16 -56.01
CA ASN M 130 -33.36 70.55 -56.08
C ASN M 130 -33.88 71.37 -54.90
N ALA M 131 -33.44 72.62 -54.85
CA ALA M 131 -33.69 73.51 -53.72
C ALA M 131 -35.13 73.91 -53.58
N GLU M 132 -36.07 73.39 -54.38
CA GLU M 132 -37.48 73.68 -54.19
C GLU M 132 -38.27 72.51 -53.61
N VAL M 133 -37.93 71.27 -53.98
CA VAL M 133 -38.58 70.12 -53.36
C VAL M 133 -38.14 69.92 -51.92
N VAL M 134 -37.11 70.63 -51.48
CA VAL M 134 -36.73 70.57 -50.07
C VAL M 134 -37.81 71.21 -49.21
N ALA M 135 -38.48 72.24 -49.73
CA ALA M 135 -39.64 72.82 -49.06
C ALA M 135 -40.95 72.20 -49.52
N ALA M 136 -41.02 71.76 -50.78
CA ALA M 136 -42.21 71.08 -51.26
C ALA M 136 -42.46 69.79 -50.49
N TYR M 137 -41.39 69.14 -50.01
CA TYR M 137 -41.50 67.96 -49.19
C TYR M 137 -41.42 68.26 -47.70
N ARG M 138 -41.14 69.50 -47.33
CA ARG M 138 -41.15 69.88 -45.92
C ARG M 138 -42.57 69.94 -45.40
N GLY M 139 -42.74 69.56 -44.13
CA GLY M 139 -44.01 69.64 -43.45
C GLY M 139 -45.07 68.66 -43.89
N LYS M 140 -44.88 67.98 -45.02
CA LYS M 140 -45.86 67.06 -45.54
C LYS M 140 -46.07 65.88 -44.59
N LYS M 141 -47.23 65.23 -44.72
CA LYS M 141 -47.39 63.89 -44.20
C LYS M 141 -46.98 62.93 -45.31
N ARG M 142 -47.14 61.63 -45.09
CA ARG M 142 -46.52 60.66 -45.99
C ARG M 142 -47.17 60.63 -47.36
N GLN M 143 -48.47 60.34 -47.42
CA GLN M 143 -49.11 59.88 -48.64
C GLN M 143 -49.99 60.95 -49.30
N GLU M 144 -49.57 62.21 -49.31
CA GLU M 144 -50.25 63.18 -50.15
C GLU M 144 -49.36 63.78 -51.22
N ALA M 145 -48.05 63.89 -50.99
CA ALA M 145 -47.12 64.36 -51.99
C ALA M 145 -46.41 63.18 -52.65
N PRO M 146 -45.93 63.35 -53.89
CA PRO M 146 -45.36 62.22 -54.60
C PRO M 146 -44.13 61.69 -53.91
N PRO M 147 -43.85 60.39 -54.05
CA PRO M 147 -42.78 59.76 -53.27
C PRO M 147 -41.40 60.28 -53.61
N HIS M 148 -40.52 60.27 -52.61
CA HIS M 148 -39.13 60.67 -52.72
C HIS M 148 -38.46 60.41 -51.36
N ILE M 149 -37.13 60.33 -51.37
CA ILE M 149 -36.41 60.06 -50.14
C ILE M 149 -36.51 61.25 -49.19
N PHE M 150 -36.53 62.47 -49.72
CA PHE M 150 -36.72 63.64 -48.88
C PHE M 150 -38.06 63.57 -48.17
N SER M 151 -39.06 62.96 -48.80
CA SER M 151 -40.37 62.80 -48.17
C SER M 151 -40.25 62.03 -46.87
N ILE M 152 -39.68 60.81 -46.94
CA ILE M 152 -39.60 59.98 -45.74
C ILE M 152 -38.63 60.57 -44.73
N SER M 153 -37.59 61.28 -45.18
CA SER M 153 -36.70 61.91 -44.21
C SER M 153 -37.43 62.98 -43.42
N ASP M 154 -38.18 63.85 -44.12
CA ASP M 154 -38.99 64.84 -43.41
C ASP M 154 -40.03 64.18 -42.54
N ASN M 155 -40.56 63.03 -42.99
CA ASN M 155 -41.48 62.27 -42.18
C ASN M 155 -40.84 61.88 -40.85
N ALA M 156 -39.64 61.32 -40.91
CA ALA M 156 -38.93 60.94 -39.69
C ALA M 156 -38.65 62.16 -38.82
N TYR M 157 -38.28 63.27 -39.44
CA TYR M 157 -37.99 64.48 -38.67
C TYR M 157 -39.22 64.95 -37.91
N GLN M 158 -40.33 65.16 -38.61
CA GLN M 158 -41.56 65.58 -37.93
C GLN M 158 -42.02 64.53 -36.93
N PHE M 159 -41.77 63.25 -37.20
CA PHE M 159 -42.15 62.20 -36.26
C PHE M 159 -41.42 62.37 -34.95
N MET M 160 -40.10 62.53 -35.01
CA MET M 160 -39.34 62.77 -33.78
C MET M 160 -39.76 64.09 -33.13
N LEU M 161 -40.18 65.06 -33.93
CA LEU M 161 -40.68 66.31 -33.36
C LEU M 161 -42.02 66.13 -32.67
N THR M 162 -42.76 65.06 -33.00
CA THR M 162 -44.03 64.80 -32.32
C THR M 162 -43.82 64.24 -30.92
N ASP M 163 -42.99 63.19 -30.79
CA ASP M 163 -42.91 62.50 -29.51
C ASP M 163 -41.47 62.16 -29.12
N ARG M 164 -40.51 62.99 -29.50
CA ARG M 164 -39.12 62.87 -29.05
C ARG M 164 -38.52 61.50 -29.35
N GLU M 165 -39.03 60.81 -30.36
CA GLU M 165 -38.68 59.42 -30.60
C GLU M 165 -37.53 59.31 -31.60
N ASN M 166 -36.65 58.35 -31.35
CA ASN M 166 -35.58 58.06 -32.31
C ASN M 166 -36.15 57.40 -33.55
N GLN M 167 -35.61 57.76 -34.70
CA GLN M 167 -36.03 57.17 -35.96
C GLN M 167 -34.82 56.58 -36.68
N SER M 168 -35.08 55.73 -37.65
CA SER M 168 -34.00 55.04 -38.35
C SER M 168 -34.41 54.76 -39.78
N ILE M 169 -33.48 55.02 -40.70
CA ILE M 169 -33.62 54.68 -42.10
C ILE M 169 -32.67 53.53 -42.40
N LEU M 170 -33.22 52.40 -42.80
CA LEU M 170 -32.45 51.19 -43.10
C LEU M 170 -32.38 51.03 -44.60
N ILE M 171 -31.19 51.24 -45.16
CA ILE M 171 -30.99 51.25 -46.59
C ILE M 171 -30.19 50.01 -46.99
N THR M 172 -30.40 49.56 -48.23
CA THR M 172 -29.72 48.36 -48.74
C THR M 172 -29.17 48.68 -50.13
N GLY M 173 -27.94 49.16 -50.18
CA GLY M 173 -27.29 49.46 -51.44
C GLY M 173 -26.12 48.57 -51.75
N GLU M 174 -26.19 47.88 -52.88
CA GLU M 174 -25.06 47.06 -53.33
C GLU M 174 -23.84 47.94 -53.56
N SER M 175 -22.68 47.29 -53.66
CA SER M 175 -21.44 48.02 -53.88
C SER M 175 -21.48 48.76 -55.20
N GLY M 176 -21.21 50.07 -55.15
CA GLY M 176 -21.26 50.89 -56.34
C GLY M 176 -22.65 51.10 -56.91
N ALA M 177 -23.68 50.97 -56.09
CA ALA M 177 -25.05 51.20 -56.53
C ALA M 177 -25.50 52.64 -56.36
N GLY M 178 -24.72 53.47 -55.68
CA GLY M 178 -25.09 54.84 -55.42
C GLY M 178 -25.69 55.10 -54.06
N LYS M 179 -25.74 54.09 -53.19
CA LYS M 179 -26.22 54.31 -51.83
C LYS M 179 -25.34 55.32 -51.11
N THR M 180 -24.02 55.26 -51.34
CA THR M 180 -23.10 56.27 -50.84
C THR M 180 -23.53 57.68 -51.21
N VAL M 181 -24.29 57.84 -52.29
CA VAL M 181 -24.81 59.14 -52.67
C VAL M 181 -26.10 59.46 -51.93
N ASN M 182 -26.99 58.47 -51.79
CA ASN M 182 -28.28 58.71 -51.15
C ASN M 182 -28.09 59.07 -49.68
N THR M 183 -27.12 58.45 -49.02
CA THR M 183 -26.87 58.78 -47.62
C THR M 183 -26.44 60.24 -47.47
N LYS M 184 -25.51 60.69 -48.31
CA LYS M 184 -25.11 62.09 -48.26
C LYS M 184 -26.28 62.99 -48.61
N ARG M 185 -27.13 62.57 -49.54
CA ARG M 185 -28.33 63.34 -49.87
C ARG M 185 -29.18 63.57 -48.63
N VAL M 186 -29.51 62.48 -47.92
CA VAL M 186 -30.42 62.63 -46.80
C VAL M 186 -29.77 63.37 -45.63
N ILE M 187 -28.46 63.19 -45.42
CA ILE M 187 -27.83 63.85 -44.28
C ILE M 187 -27.70 65.35 -44.56
N GLN M 188 -27.35 65.74 -45.78
CA GLN M 188 -27.31 67.16 -46.08
C GLN M 188 -28.71 67.75 -46.11
N TYR M 189 -29.70 66.98 -46.54
CA TYR M 189 -31.09 67.41 -46.46
C TYR M 189 -31.45 67.77 -45.03
N PHE M 190 -31.08 66.91 -44.08
CA PHE M 190 -31.36 67.21 -42.69
C PHE M 190 -30.55 68.41 -42.20
N ALA M 191 -29.27 68.48 -42.60
CA ALA M 191 -28.43 69.60 -42.19
C ALA M 191 -29.02 70.94 -42.63
N THR M 192 -29.67 70.96 -43.80
CA THR M 192 -30.33 72.20 -44.24
C THR M 192 -31.66 72.40 -43.51
N ILE M 193 -32.53 71.40 -43.53
CA ILE M 193 -33.87 71.55 -42.99
C ILE M 193 -33.90 71.76 -41.49
N ALA M 194 -32.79 71.52 -40.79
CA ALA M 194 -32.74 71.72 -39.35
C ALA M 194 -32.92 73.20 -39.00
N LEU M 213 -20.06 67.83 -39.95
CA LEU M 213 -20.59 68.22 -41.26
C LEU M 213 -20.50 67.04 -42.23
N GLU M 214 -21.32 67.08 -43.28
CA GLU M 214 -21.34 66.00 -44.25
C GLU M 214 -19.96 65.77 -44.88
N ASP M 215 -19.18 66.85 -45.06
CA ASP M 215 -17.84 66.69 -45.59
C ASP M 215 -16.98 65.85 -44.65
N GLN M 216 -17.13 66.06 -43.34
CA GLN M 216 -16.44 65.22 -42.37
C GLN M 216 -16.79 63.75 -42.57
N ILE M 217 -18.08 63.47 -42.78
CA ILE M 217 -18.55 62.10 -42.99
C ILE M 217 -17.87 61.49 -44.20
N ILE M 218 -18.01 62.14 -45.36
CA ILE M 218 -17.51 61.58 -46.60
C ILE M 218 -15.99 61.50 -46.60
N SER M 219 -15.32 62.36 -45.81
CA SER M 219 -13.87 62.33 -45.74
C SER M 219 -13.36 61.25 -44.79
N ALA M 220 -14.15 60.90 -43.77
CA ALA M 220 -13.78 59.78 -42.93
C ALA M 220 -14.09 58.46 -43.59
N ASN M 221 -15.07 58.42 -44.49
CA ASN M 221 -15.46 57.19 -45.19
C ASN M 221 -14.31 56.42 -45.83
N PRO M 222 -13.37 57.04 -46.57
CA PRO M 222 -12.39 56.24 -47.31
C PRO M 222 -11.49 55.39 -46.42
N LEU M 223 -10.99 55.92 -45.31
CA LEU M 223 -10.16 55.12 -44.43
C LEU M 223 -10.94 53.96 -43.83
N LEU M 224 -12.21 54.20 -43.45
CA LEU M 224 -13.09 53.12 -43.04
C LEU M 224 -13.09 52.00 -44.09
N GLU M 225 -13.44 52.34 -45.33
CA GLU M 225 -13.51 51.32 -46.36
C GLU M 225 -12.13 50.76 -46.71
N ALA M 226 -11.06 51.43 -46.30
CA ALA M 226 -9.74 50.88 -46.54
C ALA M 226 -9.41 49.79 -45.54
N PHE M 227 -9.66 50.05 -44.25
CA PHE M 227 -9.50 49.01 -43.25
C PHE M 227 -10.46 47.85 -43.48
N GLY M 228 -11.72 48.15 -43.80
CA GLY M 228 -12.75 47.13 -43.75
C GLY M 228 -13.47 46.80 -45.04
N ASN M 229 -12.77 46.71 -46.16
CA ASN M 229 -13.37 46.26 -47.40
C ASN M 229 -12.46 45.23 -48.06
N ALA M 230 -13.03 44.51 -49.02
CA ALA M 230 -12.29 43.54 -49.81
C ALA M 230 -13.11 43.20 -51.04
N LYS M 231 -12.49 42.47 -51.96
CA LYS M 231 -13.23 41.96 -53.10
C LYS M 231 -13.84 40.61 -52.77
N THR M 232 -14.78 40.17 -53.61
CA THR M 232 -15.46 38.90 -53.43
C THR M 232 -15.55 38.19 -54.79
N VAL M 233 -16.27 37.07 -54.79
CA VAL M 233 -16.61 36.40 -56.04
C VAL M 233 -17.61 37.22 -56.83
N ARG M 234 -18.33 38.13 -56.18
CA ARG M 234 -19.33 38.96 -56.84
C ARG M 234 -18.74 40.30 -57.26
N ASN M 235 -18.20 41.05 -56.32
CA ASN M 235 -17.76 42.42 -56.59
C ASN M 235 -16.32 42.67 -56.18
N ASP M 236 -15.90 43.94 -56.23
CA ASP M 236 -14.51 44.32 -55.97
C ASP M 236 -14.31 45.09 -54.69
N ASN M 237 -15.27 45.90 -54.26
CA ASN M 237 -15.10 46.73 -53.08
C ASN M 237 -16.23 46.49 -52.09
N SER M 238 -16.49 45.21 -51.82
CA SER M 238 -17.52 44.83 -50.86
C SER M 238 -17.25 45.46 -49.49
N SER M 239 -18.29 46.01 -48.89
CA SER M 239 -18.22 46.60 -47.55
C SER M 239 -18.66 45.54 -46.56
N ARG M 240 -17.70 44.95 -45.86
CA ARG M 240 -17.99 43.78 -45.02
C ARG M 240 -18.73 44.16 -43.74
N PHE M 241 -18.29 45.22 -43.08
CA PHE M 241 -18.82 45.55 -41.77
C PHE M 241 -20.24 46.11 -41.89
N GLY M 242 -20.78 46.51 -40.74
CA GLY M 242 -22.06 47.20 -40.69
C GLY M 242 -21.83 48.67 -40.39
N LYS M 243 -22.59 49.52 -41.08
CA LYS M 243 -22.46 50.96 -40.94
C LYS M 243 -23.74 51.52 -40.34
N PHE M 244 -23.59 52.41 -39.36
CA PHE M 244 -24.74 53.01 -38.70
C PHE M 244 -24.33 54.36 -38.17
N ILE M 245 -25.16 55.37 -38.41
CA ILE M 245 -24.83 56.76 -38.11
C ILE M 245 -25.93 57.35 -37.25
N ARG M 246 -25.54 57.98 -36.15
CA ARG M 246 -26.47 58.59 -35.21
C ARG M 246 -26.29 60.11 -35.27
N ILE M 247 -27.16 60.77 -36.02
CA ILE M 247 -27.18 62.22 -36.09
C ILE M 247 -28.18 62.70 -35.04
N HIS M 248 -27.67 63.10 -33.89
CA HIS M 248 -28.51 63.57 -32.79
C HIS M 248 -28.87 65.03 -32.99
N PHE M 249 -30.03 65.39 -32.48
CA PHE M 249 -30.51 66.77 -32.49
C PHE M 249 -30.69 67.25 -31.05
N GLY M 250 -31.01 68.54 -30.92
CA GLY M 250 -31.37 69.07 -29.62
C GLY M 250 -32.75 68.59 -29.22
N THR M 251 -33.44 69.36 -28.38
CA THR M 251 -34.80 68.99 -28.01
C THR M 251 -35.83 69.53 -28.98
N THR M 252 -35.47 70.50 -29.82
CA THR M 252 -36.35 71.02 -30.85
C THR M 252 -35.90 70.66 -32.25
N GLY M 253 -34.75 69.99 -32.38
CA GLY M 253 -34.20 69.65 -33.67
C GLY M 253 -33.08 70.60 -34.05
N LYS M 254 -31.85 70.17 -33.81
CA LYS M 254 -30.67 70.97 -34.13
C LYS M 254 -29.47 70.03 -34.12
N LEU M 255 -28.83 69.85 -35.27
CA LEU M 255 -27.80 68.83 -35.42
C LEU M 255 -26.70 68.98 -34.37
N ALA M 256 -26.63 68.01 -33.45
CA ALA M 256 -25.71 68.08 -32.32
C ALA M 256 -24.86 66.82 -32.22
N SER M 257 -24.65 66.12 -33.34
CA SER M 257 -23.80 64.94 -33.33
C SER M 257 -23.52 64.53 -34.76
N ALA M 258 -22.31 64.04 -35.00
CA ALA M 258 -21.95 63.32 -36.22
C ALA M 258 -21.34 62.01 -35.74
N ASP M 259 -22.19 61.04 -35.46
CA ASP M 259 -21.78 59.79 -34.81
C ASP M 259 -21.80 58.64 -35.82
N ILE M 260 -21.01 57.62 -35.53
CA ILE M 260 -20.83 56.49 -36.44
C ILE M 260 -20.72 55.21 -35.63
N GLU M 261 -21.37 54.16 -36.12
CA GLU M 261 -21.34 52.85 -35.48
C GLU M 261 -20.88 51.79 -36.46
N THR M 262 -19.87 51.03 -36.08
CA THR M 262 -19.45 49.85 -36.82
C THR M 262 -19.99 48.61 -36.13
N TYR M 263 -20.54 47.70 -36.92
CA TYR M 263 -21.27 46.56 -36.39
C TYR M 263 -20.92 45.30 -37.18
N LEU M 264 -20.74 44.20 -36.46
CA LEU M 264 -20.59 42.88 -37.07
C LEU M 264 -19.46 42.85 -38.08
N LEU M 265 -18.36 43.53 -37.78
CA LEU M 265 -17.20 43.50 -38.64
C LEU M 265 -16.73 42.06 -38.83
N GLU M 266 -16.59 41.65 -40.09
CA GLU M 266 -16.08 40.32 -40.37
C GLU M 266 -14.70 40.15 -39.76
N LYS M 267 -14.41 38.93 -39.32
CA LYS M 267 -13.17 38.62 -38.63
C LYS M 267 -12.25 37.69 -39.41
N SER M 268 -12.79 36.56 -39.88
CA SER M 268 -11.95 35.49 -40.44
C SER M 268 -11.20 35.91 -41.70
N ARG M 269 -11.67 36.93 -42.42
CA ARG M 269 -10.98 37.32 -43.65
C ARG M 269 -9.57 37.79 -43.38
N VAL M 270 -9.31 38.30 -42.17
CA VAL M 270 -7.95 38.71 -41.82
C VAL M 270 -6.99 37.54 -41.85
N THR M 271 -7.49 36.32 -41.77
CA THR M 271 -6.66 35.13 -41.83
C THR M 271 -6.95 34.23 -43.02
N PHE M 272 -8.23 33.98 -43.30
CA PHE M 272 -8.61 33.03 -44.35
C PHE M 272 -9.56 33.71 -45.32
N GLN M 273 -9.29 33.53 -46.62
CA GLN M 273 -10.20 33.97 -47.66
C GLN M 273 -10.22 32.92 -48.76
N LEU M 274 -11.36 32.78 -49.42
CA LEU M 274 -11.45 31.79 -50.48
C LEU M 274 -10.68 32.26 -51.71
N LYS M 275 -10.56 31.36 -52.68
CA LYS M 275 -9.60 31.55 -53.77
C LYS M 275 -9.93 32.79 -54.61
N ALA M 276 -11.21 33.04 -54.87
CA ALA M 276 -11.61 34.07 -55.80
C ALA M 276 -11.83 35.43 -55.14
N GLU M 277 -11.18 35.69 -54.02
CA GLU M 277 -11.21 37.00 -53.39
C GLU M 277 -9.90 37.20 -52.65
N ARG M 278 -9.83 38.23 -51.81
CA ARG M 278 -8.63 38.51 -51.05
C ARG M 278 -9.01 39.11 -49.71
N SER M 279 -8.00 39.32 -48.87
CA SER M 279 -8.21 39.86 -47.54
C SER M 279 -8.49 41.35 -47.65
N TYR M 280 -8.52 42.03 -46.50
CA TYR M 280 -8.82 43.46 -46.47
C TYR M 280 -7.79 44.23 -47.30
N HIS M 281 -8.15 45.48 -47.60
CA HIS M 281 -7.38 46.28 -48.55
C HIS M 281 -5.98 46.59 -48.03
N ILE M 282 -5.89 47.10 -46.81
CA ILE M 282 -4.66 47.73 -46.30
C ILE M 282 -3.42 46.89 -46.58
N PHE M 283 -3.54 45.57 -46.48
CA PHE M 283 -2.38 44.72 -46.71
C PHE M 283 -1.85 44.90 -48.12
N TYR M 284 -2.65 44.56 -49.12
CA TYR M 284 -2.21 44.73 -50.51
C TYR M 284 -1.94 46.20 -50.82
N GLN M 285 -2.60 47.11 -50.12
CA GLN M 285 -2.34 48.53 -50.27
C GLN M 285 -0.86 48.82 -50.01
N ILE M 286 -0.41 48.52 -48.79
CA ILE M 286 0.98 48.78 -48.46
C ILE M 286 1.91 47.82 -49.20
N MET M 287 1.39 46.72 -49.74
CA MET M 287 2.20 45.89 -50.62
C MET M 287 2.61 46.66 -51.86
N SER M 288 1.70 47.46 -52.41
CA SER M 288 2.06 48.41 -53.46
C SER M 288 3.12 49.36 -52.94
N ASN M 289 4.18 49.54 -53.73
CA ASN M 289 5.41 50.16 -53.24
C ASN M 289 5.42 51.68 -53.35
N LYS M 290 4.26 52.35 -53.37
CA LYS M 290 4.26 53.80 -53.47
C LYS M 290 4.91 54.46 -52.26
N LYS M 291 5.06 53.73 -51.16
CA LYS M 291 5.66 54.26 -49.93
C LYS M 291 6.66 53.23 -49.43
N PRO M 292 7.83 53.12 -50.09
CA PRO M 292 8.83 52.14 -49.63
C PRO M 292 9.37 52.43 -48.24
N ASP M 293 9.15 53.63 -47.69
CA ASP M 293 9.54 53.89 -46.31
C ASP M 293 8.86 52.91 -45.38
N LEU M 294 7.58 52.65 -45.58
CA LEU M 294 6.86 51.67 -44.75
C LEU M 294 7.34 50.26 -45.05
N ILE M 295 7.39 49.89 -46.33
CA ILE M 295 7.86 48.56 -46.72
C ILE M 295 9.17 48.22 -46.04
N GLU M 296 10.06 49.21 -45.92
CA GLU M 296 11.27 49.00 -45.14
C GLU M 296 10.97 48.97 -43.65
N MET M 297 10.10 49.87 -43.17
CA MET M 297 9.89 50.01 -41.74
C MET M 297 8.99 48.92 -41.17
N LEU M 298 8.04 48.42 -41.94
CA LEU M 298 7.23 47.28 -41.51
C LEU M 298 7.92 45.96 -41.81
N LEU M 299 9.13 45.99 -42.33
CA LEU M 299 9.96 44.81 -42.58
C LEU M 299 9.26 43.80 -43.48
N ILE M 300 8.22 44.21 -44.18
CA ILE M 300 7.49 43.33 -45.09
C ILE M 300 8.06 43.47 -46.49
N THR M 301 8.14 42.35 -47.21
CA THR M 301 8.61 42.39 -48.58
C THR M 301 7.52 42.95 -49.49
N THR M 302 7.76 42.90 -50.80
CA THR M 302 6.81 43.41 -51.77
C THR M 302 6.03 42.30 -52.46
N ASN M 303 6.43 41.05 -52.31
CA ASN M 303 5.68 39.94 -52.89
C ASN M 303 4.64 39.44 -51.91
N PRO M 304 3.36 39.77 -52.10
CA PRO M 304 2.34 39.32 -51.13
C PRO M 304 2.09 37.84 -51.17
N TYR M 305 2.48 37.15 -52.24
CA TYR M 305 2.40 35.69 -52.27
C TYR M 305 3.38 35.04 -51.31
N ASP M 306 4.14 35.81 -50.54
CA ASP M 306 5.09 35.28 -49.58
C ASP M 306 4.54 35.33 -48.16
N TYR M 307 3.33 35.84 -47.97
CA TYR M 307 2.74 36.01 -46.63
C TYR M 307 1.40 35.31 -46.60
N ALA M 308 1.31 34.27 -45.77
CA ALA M 308 0.25 33.28 -45.90
C ALA M 308 -1.14 33.86 -45.60
N PHE M 309 -1.24 34.76 -44.61
CA PHE M 309 -2.55 35.23 -44.19
C PHE M 309 -3.34 35.87 -45.32
N VAL M 310 -2.65 36.43 -46.32
CA VAL M 310 -3.32 37.12 -47.42
C VAL M 310 -3.11 36.44 -48.75
N SER M 311 -2.25 35.42 -48.83
CA SER M 311 -1.85 34.81 -50.09
C SER M 311 -2.62 33.53 -50.38
N GLN M 312 -3.89 33.47 -49.99
CA GLN M 312 -4.74 32.32 -50.31
C GLN M 312 -5.86 32.69 -51.27
N GLY M 313 -5.81 33.89 -51.85
CA GLY M 313 -6.75 34.29 -52.86
C GLY M 313 -6.08 34.84 -54.10
N GLU M 314 -6.42 36.07 -54.47
CA GLU M 314 -5.81 36.76 -55.60
C GLU M 314 -5.29 38.11 -55.12
N ILE M 315 -3.97 38.32 -55.26
CA ILE M 315 -3.35 39.51 -54.69
C ILE M 315 -3.67 40.75 -55.51
N THR M 316 -3.29 40.75 -56.78
CA THR M 316 -3.55 41.87 -57.67
C THR M 316 -4.93 41.72 -58.32
N VAL M 317 -5.52 42.86 -58.65
CA VAL M 317 -6.90 42.88 -59.16
C VAL M 317 -6.96 43.78 -60.38
N PRO M 318 -7.69 43.39 -61.44
CA PRO M 318 -7.84 44.23 -62.64
C PRO M 318 -8.97 45.27 -62.52
N SER M 319 -9.03 45.94 -61.38
CA SER M 319 -10.05 46.97 -61.16
C SER M 319 -9.46 48.29 -60.70
N ILE M 320 -8.44 48.25 -59.84
CA ILE M 320 -7.83 49.46 -59.29
C ILE M 320 -6.53 49.07 -58.64
N ASP M 321 -5.53 49.96 -58.74
CA ASP M 321 -4.30 49.77 -58.00
C ASP M 321 -4.50 50.16 -56.54
N ASP M 322 -3.42 50.11 -55.77
CA ASP M 322 -3.46 50.45 -54.37
C ASP M 322 -2.45 51.51 -53.97
N GLN M 323 -1.57 51.93 -54.88
CA GLN M 323 -0.62 52.98 -54.57
C GLN M 323 -1.34 54.28 -54.21
N GLU M 324 -2.12 54.82 -55.14
CA GLU M 324 -2.87 56.05 -54.89
C GLU M 324 -3.64 56.01 -53.58
N GLU M 325 -4.25 54.87 -53.27
CA GLU M 325 -5.06 54.76 -52.06
C GLU M 325 -4.22 54.92 -50.81
N LEU M 326 -2.94 54.57 -50.87
CA LEU M 326 -2.05 54.77 -49.73
C LEU M 326 -2.11 56.21 -49.24
N MET M 327 -1.73 57.16 -50.11
CA MET M 327 -1.74 58.56 -49.71
C MET M 327 -3.15 59.10 -49.57
N ALA M 328 -4.10 58.57 -50.35
CA ALA M 328 -5.50 58.98 -50.19
C ALA M 328 -5.95 58.76 -48.74
N THR M 329 -5.91 57.51 -48.29
CA THR M 329 -6.33 57.20 -46.93
C THR M 329 -5.37 57.78 -45.89
N ASP M 330 -4.10 57.96 -46.25
CA ASP M 330 -3.17 58.62 -45.34
C ASP M 330 -3.66 60.03 -45.01
N SER M 331 -3.95 60.82 -46.04
CA SER M 331 -4.53 62.13 -45.83
C SER M 331 -5.86 62.04 -45.10
N ALA M 332 -6.67 61.02 -45.42
CA ALA M 332 -7.92 60.81 -44.69
C ALA M 332 -7.67 60.72 -43.20
N ILE M 333 -6.63 59.97 -42.80
CA ILE M 333 -6.24 59.92 -41.39
C ILE M 333 -5.78 61.30 -40.93
N ASP M 334 -4.96 61.97 -41.75
CA ASP M 334 -4.31 63.21 -41.34
C ASP M 334 -5.34 64.26 -40.95
N ILE M 335 -6.36 64.45 -41.79
CA ILE M 335 -7.36 65.47 -41.49
C ILE M 335 -8.15 65.14 -40.25
N LEU M 336 -8.17 63.87 -39.83
CA LEU M 336 -8.93 63.46 -38.66
C LEU M 336 -8.04 63.51 -37.42
N GLY M 337 -8.64 63.28 -36.26
CA GLY M 337 -7.96 63.49 -35.00
C GLY M 337 -6.88 62.47 -34.68
N PHE M 338 -5.87 62.38 -35.55
CA PHE M 338 -4.78 61.42 -35.40
C PHE M 338 -3.45 62.15 -35.34
N THR M 339 -2.60 61.73 -34.41
CA THR M 339 -1.22 62.18 -34.40
C THR M 339 -0.42 61.37 -35.41
N SER M 340 0.91 61.56 -35.39
CA SER M 340 1.76 60.85 -36.33
C SER M 340 2.17 59.49 -35.80
N ASP M 341 2.71 59.45 -34.58
CA ASP M 341 3.02 58.17 -33.94
C ASP M 341 1.81 57.25 -33.93
N GLU M 342 0.62 57.83 -33.80
CA GLU M 342 -0.61 57.05 -33.94
C GLU M 342 -0.63 56.29 -35.26
N ARG M 343 -0.29 56.97 -36.35
CA ARG M 343 -0.36 56.35 -37.67
C ARG M 343 0.77 55.36 -37.88
N VAL M 344 1.97 55.67 -37.40
CA VAL M 344 3.05 54.69 -37.52
C VAL M 344 2.74 53.45 -36.69
N SER M 345 2.02 53.63 -35.57
CA SER M 345 1.61 52.48 -34.78
C SER M 345 0.56 51.65 -35.51
N ILE M 346 -0.40 52.32 -36.16
CA ILE M 346 -1.36 51.59 -36.99
C ILE M 346 -0.62 50.73 -38.01
N TYR M 347 0.36 51.33 -38.69
CA TYR M 347 1.12 50.59 -39.69
C TYR M 347 1.89 49.43 -39.08
N LYS M 348 2.49 49.65 -37.91
CA LYS M 348 3.25 48.58 -37.26
C LYS M 348 2.33 47.43 -36.86
N LEU M 349 1.13 47.74 -36.39
CA LEU M 349 0.18 46.68 -36.04
C LEU M 349 -0.24 45.90 -37.28
N THR M 350 -0.51 46.60 -38.38
CA THR M 350 -0.85 45.91 -39.62
C THR M 350 0.31 45.02 -40.07
N GLY M 351 1.54 45.48 -39.87
CA GLY M 351 2.69 44.65 -40.23
C GLY M 351 2.85 43.45 -39.32
N ALA M 352 2.47 43.59 -38.05
CA ALA M 352 2.53 42.45 -37.15
C ALA M 352 1.49 41.40 -37.53
N VAL M 353 0.27 41.86 -37.85
CA VAL M 353 -0.74 40.96 -38.40
C VAL M 353 -0.20 40.29 -39.65
N MET M 354 0.53 41.05 -40.47
CA MET M 354 1.15 40.50 -41.66
C MET M 354 2.13 39.39 -41.30
N HIS M 355 2.96 39.62 -40.28
CA HIS M 355 4.07 38.72 -39.99
C HIS M 355 3.65 37.46 -39.25
N TYR M 356 2.58 37.53 -38.44
CA TYR M 356 2.16 36.38 -37.64
C TYR M 356 2.04 35.10 -38.49
N GLY M 357 1.56 35.23 -39.72
CA GLY M 357 1.31 34.05 -40.54
C GLY M 357 2.53 33.19 -40.75
N ASN M 358 3.71 33.79 -40.77
CA ASN M 358 4.93 33.08 -41.10
C ASN M 358 5.61 32.45 -39.89
N MET M 359 5.05 32.61 -38.69
CA MET M 359 5.60 31.95 -37.52
C MET M 359 5.36 30.45 -37.61
N LYS M 360 6.44 29.67 -37.54
CA LYS M 360 6.36 28.23 -37.65
C LYS M 360 6.52 27.58 -36.30
N PHE M 361 5.97 26.38 -36.16
CA PHE M 361 6.07 25.60 -34.94
C PHE M 361 6.21 24.13 -35.30
N LYS M 362 6.99 23.41 -34.51
CA LYS M 362 7.23 21.99 -34.74
C LYS M 362 7.02 21.22 -33.45
N GLN M 363 6.31 20.10 -33.56
CA GLN M 363 6.10 19.23 -32.43
C GLN M 363 7.42 18.72 -31.88
N LYS M 364 7.53 18.61 -30.56
CA LYS M 364 8.74 18.12 -29.95
C LYS M 364 8.96 16.64 -30.31
N GLN M 365 10.10 16.10 -29.88
CA GLN M 365 10.52 14.78 -30.32
C GLN M 365 9.52 13.71 -29.92
N ARG M 366 9.28 13.55 -28.62
CA ARG M 366 8.43 12.48 -28.11
C ARG M 366 7.32 13.04 -27.22
N GLU M 367 6.65 14.07 -27.72
CA GLU M 367 5.48 14.63 -27.05
C GLU M 367 4.62 15.28 -28.13
N GLU M 368 3.48 15.83 -27.71
CA GLU M 368 2.66 16.65 -28.60
C GLU M 368 2.79 18.13 -28.29
N GLN M 369 3.70 18.51 -27.41
CA GLN M 369 3.91 19.91 -27.10
C GLN M 369 4.57 20.61 -28.27
N ALA M 370 3.99 21.74 -28.67
CA ALA M 370 4.54 22.50 -29.78
C ALA M 370 5.69 23.38 -29.31
N GLU M 371 6.74 23.45 -30.10
CA GLU M 371 7.90 24.28 -29.82
C GLU M 371 8.30 25.02 -31.08
N PRO M 372 8.93 26.18 -30.95
CA PRO M 372 9.26 26.98 -32.13
C PRO M 372 10.57 26.56 -32.77
N ASP M 373 10.60 26.69 -34.10
CA ASP M 373 11.79 26.38 -34.88
C ASP M 373 12.56 27.64 -35.27
N GLY M 374 11.90 28.58 -35.94
CA GLY M 374 12.56 29.79 -36.38
C GLY M 374 12.06 31.04 -35.69
N THR M 375 12.92 31.65 -34.87
CA THR M 375 12.56 32.87 -34.14
C THR M 375 12.70 34.13 -34.97
N GLU M 376 13.09 34.02 -36.24
CA GLU M 376 13.32 35.21 -37.06
C GLU M 376 12.03 36.02 -37.20
N VAL M 377 11.01 35.43 -37.83
CA VAL M 377 9.73 36.10 -37.94
C VAL M 377 9.16 36.43 -36.56
N ALA M 378 9.45 35.58 -35.57
CA ALA M 378 9.09 35.91 -34.20
C ALA M 378 9.78 37.18 -33.75
N ASP M 379 11.08 37.31 -34.05
CA ASP M 379 11.81 38.52 -33.71
C ASP M 379 11.20 39.73 -34.36
N LYS M 380 10.87 39.63 -35.65
CA LYS M 380 10.27 40.76 -36.37
C LYS M 380 8.96 41.18 -35.72
N ALA M 381 8.05 40.23 -35.53
CA ALA M 381 6.75 40.56 -34.97
C ALA M 381 6.88 41.12 -33.57
N ALA M 382 7.80 40.58 -32.77
CA ALA M 382 7.93 41.05 -31.40
C ALA M 382 8.54 42.44 -31.34
N TYR M 383 9.54 42.71 -32.17
CA TYR M 383 10.11 44.05 -32.24
C TYR M 383 9.07 45.05 -32.71
N LEU M 384 8.19 44.62 -33.61
CA LEU M 384 7.18 45.52 -34.16
C LEU M 384 6.19 46.00 -33.10
N GLN M 385 6.24 45.44 -31.89
CA GLN M 385 5.43 45.90 -30.77
C GLN M 385 6.24 46.22 -29.53
N ASN M 386 7.56 46.15 -29.62
CA ASN M 386 8.46 46.50 -28.51
C ASN M 386 8.23 45.60 -27.30
N LEU M 387 8.44 44.30 -27.52
CA LEU M 387 8.39 43.33 -26.43
C LEU M 387 9.19 42.12 -26.87
N ASN M 388 9.76 41.41 -25.89
CA ASN M 388 10.73 40.36 -26.17
C ASN M 388 10.11 39.28 -27.05
N SER M 389 10.96 38.67 -27.88
CA SER M 389 10.51 37.64 -28.80
C SER M 389 10.50 36.26 -28.15
N ALA M 390 11.60 35.89 -27.49
CA ALA M 390 11.64 34.63 -26.76
C ALA M 390 10.48 34.54 -25.79
N ASP M 391 10.23 35.62 -25.05
CA ASP M 391 9.10 35.65 -24.14
C ASP M 391 7.79 35.44 -24.88
N LEU M 392 7.63 36.08 -26.04
CA LEU M 392 6.38 35.95 -26.78
C LEU M 392 6.14 34.51 -27.20
N LEU M 393 7.14 33.89 -27.83
CA LEU M 393 6.95 32.51 -28.29
C LEU M 393 6.78 31.55 -27.13
N LYS M 394 7.43 31.82 -26.00
CA LYS M 394 7.22 31.01 -24.81
C LYS M 394 5.77 31.12 -24.34
N ALA M 395 5.26 32.34 -24.23
CA ALA M 395 3.88 32.53 -23.79
C ALA M 395 2.87 32.02 -24.82
N LEU M 396 3.29 31.82 -26.07
CA LEU M 396 2.41 31.16 -27.02
C LEU M 396 2.43 29.65 -26.83
N CYS M 397 3.59 29.06 -26.59
CA CYS M 397 3.71 27.62 -26.50
C CYS M 397 3.74 27.12 -25.07
N TYR M 398 3.57 28.00 -24.09
CA TYR M 398 3.39 27.57 -22.71
C TYR M 398 2.49 28.53 -21.95
N PRO M 399 1.23 28.69 -22.35
CA PRO M 399 0.34 29.58 -21.59
C PRO M 399 0.13 29.05 -20.20
N ARG M 400 -0.35 29.92 -19.32
CA ARG M 400 -0.66 29.51 -17.96
C ARG M 400 -1.96 30.16 -17.53
N VAL M 401 -2.72 29.42 -16.73
CA VAL M 401 -4.07 29.82 -16.37
C VAL M 401 -4.19 29.88 -14.85
N LYS M 402 -5.00 30.82 -14.38
CA LYS M 402 -5.22 31.03 -12.95
C LYS M 402 -6.19 29.97 -12.44
N VAL M 403 -5.67 29.00 -11.69
CA VAL M 403 -6.48 27.96 -11.08
C VAL M 403 -6.48 28.18 -9.58
N GLY M 404 -7.67 28.16 -8.99
CA GLY M 404 -7.80 28.42 -7.57
C GLY M 404 -7.18 29.75 -7.19
N ASN M 405 -6.09 29.69 -6.44
CA ASN M 405 -5.31 30.87 -6.08
C ASN M 405 -3.86 30.75 -6.51
N GLU M 406 -3.57 29.91 -7.48
CA GLU M 406 -2.23 29.75 -8.03
C GLU M 406 -2.33 29.70 -9.55
N TYR M 407 -1.22 29.33 -10.19
CA TYR M 407 -1.16 29.26 -11.63
C TYR M 407 -0.59 27.93 -12.06
N VAL M 408 -1.20 27.32 -13.08
CA VAL M 408 -0.68 26.12 -13.70
C VAL M 408 -0.47 26.41 -15.17
N THR M 409 0.53 25.76 -15.76
CA THR M 409 0.90 25.98 -17.15
C THR M 409 0.30 24.89 -18.02
N LYS M 410 -0.73 25.25 -18.78
CA LYS M 410 -1.36 24.30 -19.69
C LYS M 410 -0.38 23.86 -20.77
N GLY M 411 -0.73 22.77 -21.45
CA GLY M 411 0.01 22.31 -22.60
C GLY M 411 -0.64 22.77 -23.89
N GLN M 412 0.13 22.66 -24.98
CA GLN M 412 -0.34 23.11 -26.28
C GLN M 412 0.19 22.17 -27.36
N THR M 413 -0.69 21.81 -28.30
CA THR M 413 -0.25 21.14 -29.51
C THR M 413 -0.12 22.17 -30.64
N VAL M 414 0.50 21.74 -31.72
CA VAL M 414 0.80 22.65 -32.83
C VAL M 414 -0.48 23.33 -33.31
N GLN M 415 -1.47 22.53 -33.70
CA GLN M 415 -2.75 23.07 -34.15
C GLN M 415 -3.30 24.08 -33.16
N GLN M 416 -3.17 23.80 -31.86
CA GLN M 416 -3.64 24.73 -30.84
C GLN M 416 -2.92 26.07 -30.94
N VAL M 417 -1.61 26.04 -31.15
CA VAL M 417 -0.85 27.28 -31.23
C VAL M 417 -1.23 28.06 -32.48
N TYR M 418 -1.45 27.35 -33.59
CA TYR M 418 -1.87 28.03 -34.80
C TYR M 418 -3.22 28.71 -34.62
N ASN M 419 -4.18 28.02 -33.99
CA ASN M 419 -5.46 28.65 -33.71
C ASN M 419 -5.28 29.85 -32.79
N ALA M 420 -4.36 29.74 -31.83
CA ALA M 420 -4.13 30.85 -30.90
C ALA M 420 -3.61 32.08 -31.63
N VAL M 421 -2.61 31.89 -32.49
CA VAL M 421 -2.03 33.06 -33.18
C VAL M 421 -3.03 33.62 -34.18
N GLY M 422 -3.82 32.76 -34.83
CA GLY M 422 -4.87 33.27 -35.68
C GLY M 422 -5.84 34.16 -34.94
N ALA M 423 -6.34 33.67 -33.80
CA ALA M 423 -7.25 34.46 -32.99
C ALA M 423 -6.58 35.74 -32.50
N LEU M 424 -5.28 35.69 -32.25
CA LEU M 424 -4.57 36.88 -31.78
C LEU M 424 -4.54 37.97 -32.84
N ALA M 425 -4.12 37.59 -34.06
CA ALA M 425 -4.13 38.55 -35.16
C ALA M 425 -5.52 39.10 -35.39
N LYS M 426 -6.53 38.21 -35.41
CA LYS M 426 -7.90 38.65 -35.62
C LYS M 426 -8.32 39.66 -34.57
N ALA M 427 -8.02 39.38 -33.30
CA ALA M 427 -8.46 40.25 -32.23
C ALA M 427 -7.75 41.60 -32.29
N VAL M 428 -6.44 41.60 -32.54
CA VAL M 428 -5.73 42.88 -32.57
C VAL M 428 -6.20 43.72 -33.75
N TYR M 429 -6.51 43.07 -34.88
CA TYR M 429 -7.00 43.84 -36.03
C TYR M 429 -8.38 44.42 -35.75
N GLU M 430 -9.28 43.62 -35.17
CA GLU M 430 -10.61 44.14 -34.83
C GLU M 430 -10.51 45.27 -33.84
N LYS M 431 -9.58 45.18 -32.88
CA LYS M 431 -9.43 46.23 -31.89
C LYS M 431 -8.91 47.51 -32.53
N MET M 432 -7.90 47.38 -33.40
CA MET M 432 -7.46 48.52 -34.19
C MET M 432 -8.63 49.19 -34.89
N PHE M 433 -9.48 48.40 -35.53
CA PHE M 433 -10.62 48.93 -36.25
C PHE M 433 -11.55 49.72 -35.33
N LEU M 434 -12.00 49.08 -34.25
CA LEU M 434 -12.99 49.75 -33.42
C LEU M 434 -12.41 50.96 -32.71
N TRP M 435 -11.11 50.96 -32.45
CA TRP M 435 -10.56 52.13 -31.77
C TRP M 435 -10.28 53.28 -32.74
N MET M 436 -9.89 52.99 -33.98
CA MET M 436 -9.81 54.08 -34.94
C MET M 436 -11.20 54.67 -35.20
N VAL M 437 -12.23 53.82 -35.20
CA VAL M 437 -13.59 54.35 -35.28
C VAL M 437 -13.90 55.23 -34.08
N THR M 438 -13.48 54.79 -32.89
CA THR M 438 -13.64 55.61 -31.69
C THR M 438 -13.01 56.98 -31.88
N ARG M 439 -11.77 57.00 -32.37
CA ARG M 439 -11.08 58.27 -32.59
C ARG M 439 -11.82 59.14 -33.59
N ILE M 440 -12.30 58.54 -34.69
CA ILE M 440 -13.04 59.30 -35.70
C ILE M 440 -14.25 59.96 -35.06
N ASN M 441 -15.14 59.16 -34.47
CA ASN M 441 -16.30 59.74 -33.80
C ASN M 441 -15.93 60.64 -32.64
N GLN M 442 -14.68 60.57 -32.17
CA GLN M 442 -14.23 61.45 -31.11
C GLN M 442 -13.84 62.82 -31.63
N GLN M 443 -13.37 62.90 -32.87
CA GLN M 443 -13.00 64.16 -33.48
C GLN M 443 -14.16 64.88 -34.15
N LEU M 444 -15.28 64.19 -34.39
CA LEU M 444 -16.34 64.72 -35.23
C LEU M 444 -17.59 65.16 -34.46
N ASP M 445 -17.58 65.09 -33.14
CA ASP M 445 -18.77 65.44 -32.37
C ASP M 445 -18.84 66.95 -32.15
N THR M 446 -20.07 67.46 -32.07
CA THR M 446 -20.32 68.85 -31.76
C THR M 446 -20.78 68.97 -30.31
N LYS M 447 -20.12 69.85 -29.56
CA LYS M 447 -20.33 69.91 -28.12
C LYS M 447 -21.70 70.46 -27.74
N GLN M 448 -22.47 70.95 -28.71
CA GLN M 448 -23.85 71.32 -28.44
C GLN M 448 -24.62 70.13 -27.88
N PRO M 449 -25.39 70.31 -26.80
CA PRO M 449 -26.11 69.18 -26.22
C PRO M 449 -27.09 68.58 -27.22
N ARG M 450 -27.30 67.27 -27.09
CA ARG M 450 -28.06 66.51 -28.08
C ARG M 450 -29.14 65.67 -27.41
N GLN M 451 -30.04 65.18 -28.23
CA GLN M 451 -31.14 64.31 -27.80
C GLN M 451 -31.46 63.38 -28.97
N TYR M 452 -32.69 62.86 -28.97
CA TYR M 452 -33.15 61.87 -29.95
C TYR M 452 -32.61 62.13 -31.35
N PHE M 453 -32.19 61.05 -32.01
CA PHE M 453 -31.38 61.09 -33.21
C PHE M 453 -32.11 60.43 -34.38
N ILE M 454 -31.39 60.28 -35.49
CA ILE M 454 -31.84 59.54 -36.65
C ILE M 454 -30.91 58.34 -36.84
N GLY M 455 -31.44 57.29 -37.45
CA GLY M 455 -30.62 56.13 -37.73
C GLY M 455 -30.38 55.89 -39.21
N VAL M 456 -29.18 56.16 -39.68
CA VAL M 456 -28.76 55.85 -41.04
C VAL M 456 -27.93 54.58 -40.98
N LEU M 457 -28.44 53.51 -41.58
CA LEU M 457 -27.81 52.19 -41.45
C LEU M 457 -27.84 51.47 -42.79
N ASP M 458 -26.66 51.24 -43.35
CA ASP M 458 -26.47 50.31 -44.44
C ASP M 458 -25.96 48.98 -43.88
N ILE M 459 -26.03 47.94 -44.72
CA ILE M 459 -25.63 46.60 -44.31
C ILE M 459 -25.43 45.77 -45.56
N ALA M 460 -24.67 44.70 -45.44
CA ALA M 460 -24.60 43.72 -46.51
C ALA M 460 -25.94 43.01 -46.61
N GLY M 461 -26.54 43.05 -47.80
CA GLY M 461 -27.87 42.53 -47.97
C GLY M 461 -27.90 41.01 -47.97
N PHE M 462 -29.06 40.50 -48.38
CA PHE M 462 -29.28 39.05 -48.45
C PHE M 462 -28.55 38.47 -49.64
N GLU M 463 -27.28 38.11 -49.45
CA GLU M 463 -26.43 37.64 -50.52
C GLU M 463 -26.47 36.12 -50.59
N ILE M 464 -26.75 35.59 -51.77
CA ILE M 464 -26.64 34.16 -52.03
C ILE M 464 -25.83 33.98 -53.30
N PHE M 465 -24.94 32.99 -53.29
CA PHE M 465 -23.96 32.79 -54.34
C PHE M 465 -24.08 31.36 -54.87
N ASP M 466 -23.11 30.98 -55.71
CA ASP M 466 -23.06 29.62 -56.22
C ASP M 466 -22.48 28.65 -55.20
N PHE M 467 -21.64 29.13 -54.28
CA PHE M 467 -20.95 28.25 -53.34
C PHE M 467 -20.85 29.01 -52.02
N ASN M 468 -21.79 28.73 -51.12
CA ASN M 468 -21.88 29.47 -49.87
C ASN M 468 -20.85 28.94 -48.86
N SER M 469 -20.85 29.55 -47.68
CA SER M 469 -19.88 29.25 -46.63
C SER M 469 -20.40 29.86 -45.34
N LEU M 470 -19.55 29.87 -44.31
CA LEU M 470 -19.93 30.38 -43.01
C LEU M 470 -20.41 31.82 -43.08
N GLU M 471 -19.52 32.72 -43.51
CA GLU M 471 -19.84 34.15 -43.50
C GLU M 471 -21.12 34.44 -44.28
N GLN M 472 -21.32 33.74 -45.38
CA GLN M 472 -22.56 33.88 -46.13
C GLN M 472 -23.76 33.54 -45.27
N LEU M 473 -23.67 32.46 -44.49
CA LEU M 473 -24.77 32.08 -43.63
C LEU M 473 -24.98 33.12 -42.53
N CYS M 474 -23.90 33.69 -42.00
CA CYS M 474 -24.04 34.71 -40.98
C CYS M 474 -24.74 35.94 -41.53
N ILE M 475 -24.37 36.36 -42.74
CA ILE M 475 -25.02 37.50 -43.37
C ILE M 475 -26.50 37.21 -43.61
N ASN M 476 -26.80 36.03 -44.16
CA ASN M 476 -28.18 35.65 -44.38
C ASN M 476 -28.97 35.63 -43.10
N PHE M 477 -28.34 35.22 -41.99
CA PHE M 477 -29.02 35.23 -40.70
C PHE M 477 -29.31 36.65 -40.23
N THR M 478 -28.35 37.55 -40.40
CA THR M 478 -28.59 38.95 -40.09
C THR M 478 -29.79 39.47 -40.87
N ASN M 479 -29.85 39.14 -42.16
CA ASN M 479 -30.97 39.57 -42.97
C ASN M 479 -32.28 38.93 -42.51
N GLU M 480 -32.23 37.69 -42.04
CA GLU M 480 -33.41 37.08 -41.45
C GLU M 480 -33.91 37.90 -40.27
N LYS M 481 -33.00 38.27 -39.38
CA LYS M 481 -33.38 39.04 -38.20
C LYS M 481 -34.01 40.37 -38.59
N LEU M 482 -33.36 41.08 -39.52
CA LEU M 482 -33.91 42.35 -39.98
C LEU M 482 -35.28 42.17 -40.62
N GLN M 483 -35.43 41.12 -41.43
CA GLN M 483 -36.69 40.88 -42.12
C GLN M 483 -37.81 40.64 -41.13
N GLN M 484 -37.56 39.79 -40.13
CA GLN M 484 -38.58 39.57 -39.12
C GLN M 484 -38.87 40.85 -38.34
N PHE M 485 -37.83 41.64 -38.07
CA PHE M 485 -38.01 42.92 -37.38
C PHE M 485 -39.03 43.80 -38.10
N PHE M 486 -38.74 44.13 -39.35
CA PHE M 486 -39.68 45.05 -40.00
C PHE M 486 -40.97 44.37 -40.41
N ASN M 487 -40.97 43.06 -40.61
CA ASN M 487 -42.22 42.36 -40.81
C ASN M 487 -43.14 42.57 -39.61
N HIS M 488 -42.60 42.41 -38.40
CA HIS M 488 -43.39 42.64 -37.19
C HIS M 488 -43.80 44.10 -37.05
N HIS M 489 -42.92 45.03 -37.42
CA HIS M 489 -43.26 46.45 -37.31
C HIS M 489 -44.41 46.82 -38.26
N MET M 490 -44.26 46.48 -39.54
CA MET M 490 -45.34 46.67 -40.49
C MET M 490 -46.61 45.96 -40.02
N PHE M 491 -46.46 44.77 -39.42
CA PHE M 491 -47.61 44.06 -38.89
C PHE M 491 -48.36 44.92 -37.89
N VAL M 492 -47.69 45.31 -36.81
CA VAL M 492 -48.37 46.05 -35.75
C VAL M 492 -49.01 47.32 -36.32
N LEU M 493 -48.23 48.11 -37.05
CA LEU M 493 -48.79 49.35 -37.59
C LEU M 493 -50.00 49.08 -38.49
N GLU M 494 -49.77 48.40 -39.62
CA GLU M 494 -50.82 48.17 -40.60
C GLU M 494 -52.04 47.52 -39.97
N GLN M 495 -51.87 46.34 -39.36
CA GLN M 495 -53.00 45.62 -38.79
C GLN M 495 -53.70 46.44 -37.70
N GLU M 496 -52.98 46.73 -36.61
CA GLU M 496 -53.64 47.36 -35.48
C GLU M 496 -54.08 48.79 -35.76
N GLU M 497 -53.85 49.32 -36.96
CA GLU M 497 -54.55 50.53 -37.36
C GLU M 497 -56.06 50.32 -37.33
N TYR M 498 -56.54 49.21 -37.90
CA TYR M 498 -57.95 48.92 -38.17
C TYR M 498 -58.79 48.72 -36.95
N LYS M 499 -58.27 48.91 -35.73
CA LYS M 499 -59.13 48.91 -34.56
C LYS M 499 -60.28 49.91 -34.73
N LYS M 500 -59.99 51.06 -35.34
CA LYS M 500 -61.00 52.06 -35.63
C LYS M 500 -61.90 51.68 -36.79
N GLU M 501 -61.55 50.65 -37.56
CA GLU M 501 -62.33 50.25 -38.71
C GLU M 501 -63.41 49.24 -38.38
N GLY M 502 -63.65 48.98 -37.09
CA GLY M 502 -64.69 48.05 -36.69
C GLY M 502 -64.54 46.66 -37.27
N ILE M 503 -63.35 46.32 -37.76
CA ILE M 503 -63.10 45.03 -38.37
C ILE M 503 -61.61 44.76 -38.30
N GLU M 504 -61.26 43.48 -38.13
CA GLU M 504 -59.88 43.03 -38.12
C GLU M 504 -59.75 41.84 -39.06
N TRP M 505 -58.56 41.68 -39.61
CA TRP M 505 -58.27 40.55 -40.48
C TRP M 505 -56.81 40.16 -40.32
N GLU M 506 -56.53 38.86 -40.51
CA GLU M 506 -55.20 38.30 -40.33
C GLU M 506 -54.68 38.57 -38.91
N PHE M 507 -55.37 37.93 -37.95
CA PHE M 507 -55.11 38.21 -36.54
C PHE M 507 -53.72 37.77 -36.12
N ILE M 508 -53.10 36.88 -36.86
CA ILE M 508 -51.80 36.32 -36.48
C ILE M 508 -50.72 37.37 -36.68
N ASP M 509 -49.66 37.27 -35.89
CA ASP M 509 -48.53 38.15 -36.06
C ASP M 509 -47.81 37.83 -37.37
N PHE M 510 -47.15 38.84 -37.93
CA PHE M 510 -46.51 38.68 -39.22
C PHE M 510 -45.03 38.40 -39.13
N GLY M 511 -44.45 38.42 -37.93
CA GLY M 511 -43.08 38.00 -37.78
C GLY M 511 -42.91 36.51 -37.63
N MET M 512 -43.98 35.82 -37.23
CA MET M 512 -43.92 34.40 -36.89
C MET M 512 -43.80 33.48 -38.11
N ASP M 513 -43.69 34.01 -39.32
CA ASP M 513 -43.41 33.19 -40.48
C ASP M 513 -41.94 33.24 -40.88
N LEU M 514 -41.11 33.92 -40.08
CA LEU M 514 -39.66 33.81 -40.16
C LEU M 514 -39.06 33.11 -38.95
N ALA M 515 -39.82 33.02 -37.85
CA ALA M 515 -39.33 32.33 -36.67
C ALA M 515 -38.96 30.89 -36.96
N ALA M 516 -39.65 30.25 -37.90
CA ALA M 516 -39.32 28.87 -38.25
C ALA M 516 -37.89 28.77 -38.76
N CYS M 517 -37.47 29.71 -39.60
CA CYS M 517 -36.10 29.68 -40.11
C CYS M 517 -35.11 30.26 -39.12
N ILE M 518 -35.56 31.08 -38.18
CA ILE M 518 -34.64 31.65 -37.19
C ILE M 518 -34.29 30.63 -36.12
N GLU M 519 -35.31 29.95 -35.58
CA GLU M 519 -35.08 28.94 -34.54
C GLU M 519 -34.14 27.85 -35.03
N LEU M 520 -34.23 27.52 -36.32
CA LEU M 520 -33.36 26.51 -36.91
C LEU M 520 -31.89 26.90 -36.83
N ILE M 521 -31.57 28.14 -36.50
CA ILE M 521 -30.20 28.60 -36.54
C ILE M 521 -29.73 29.07 -35.17
N GLU M 522 -30.64 29.59 -34.35
CA GLU M 522 -30.21 30.22 -33.12
C GLU M 522 -30.64 29.51 -31.84
N LYS M 523 -31.69 28.70 -31.86
CA LYS M 523 -32.14 28.04 -30.65
C LYS M 523 -31.15 26.97 -30.22
N PRO M 524 -31.24 26.49 -28.98
CA PRO M 524 -30.42 25.34 -28.57
C PRO M 524 -30.68 24.15 -29.47
N MET M 525 -29.61 23.41 -29.75
CA MET M 525 -29.54 22.36 -30.77
C MET M 525 -29.65 22.92 -32.17
N GLY M 526 -29.66 24.24 -32.34
CA GLY M 526 -29.63 24.84 -33.65
C GLY M 526 -28.27 24.65 -34.31
N ILE M 527 -28.18 25.17 -35.54
CA ILE M 527 -26.97 24.97 -36.32
C ILE M 527 -25.75 25.60 -35.64
N PHE M 528 -25.91 26.82 -35.13
CA PHE M 528 -24.79 27.48 -34.47
C PHE M 528 -24.39 26.74 -33.20
N SER M 529 -25.38 26.32 -32.40
CA SER M 529 -25.08 25.55 -31.22
C SER M 529 -24.31 24.28 -31.56
N ILE M 530 -24.75 23.56 -32.59
CA ILE M 530 -24.09 22.32 -32.97
C ILE M 530 -22.67 22.59 -33.44
N LEU M 531 -22.47 23.67 -34.20
CA LEU M 531 -21.13 24.04 -34.60
C LEU M 531 -20.25 24.32 -33.39
N GLU M 532 -20.82 24.96 -32.37
CA GLU M 532 -20.06 25.19 -31.13
C GLU M 532 -19.69 23.87 -30.47
N GLU M 533 -20.65 22.96 -30.37
CA GLU M 533 -20.38 21.64 -29.81
C GLU M 533 -19.21 20.98 -30.51
N GLU M 534 -19.22 21.00 -31.85
CA GLU M 534 -18.15 20.35 -32.59
C GLU M 534 -16.84 21.12 -32.46
N CYS M 535 -16.90 22.42 -32.21
CA CYS M 535 -15.68 23.15 -31.89
C CYS M 535 -15.19 22.87 -30.48
N MET M 536 -16.01 22.25 -29.63
CA MET M 536 -15.58 21.83 -28.30
C MET M 536 -15.12 20.37 -28.29
N PHE M 537 -15.72 19.54 -29.13
CA PHE M 537 -15.54 18.10 -29.01
C PHE M 537 -14.10 17.70 -29.31
N PRO M 538 -13.60 16.64 -28.66
CA PRO M 538 -12.17 16.28 -28.80
C PRO M 538 -11.67 16.06 -30.21
N LYS M 539 -12.25 15.11 -30.94
CA LYS M 539 -11.75 14.74 -32.26
C LYS M 539 -12.81 14.93 -33.32
N ALA M 540 -13.49 16.07 -33.27
CA ALA M 540 -14.54 16.36 -34.25
C ALA M 540 -13.95 16.47 -35.65
N THR M 541 -14.78 16.17 -36.65
CA THR M 541 -14.38 16.27 -38.04
C THR M 541 -15.58 16.72 -38.85
N ASP M 542 -15.30 17.20 -40.06
CA ASP M 542 -16.36 17.72 -40.92
C ASP M 542 -17.46 16.69 -41.13
N THR M 543 -17.09 15.42 -41.29
CA THR M 543 -18.08 14.39 -41.49
C THR M 543 -18.94 14.20 -40.24
N SER M 544 -18.32 14.22 -39.07
CA SER M 544 -19.08 14.13 -37.82
C SER M 544 -20.03 15.30 -37.69
N PHE M 545 -19.58 16.49 -38.07
CA PHE M 545 -20.45 17.67 -38.04
C PHE M 545 -21.64 17.47 -38.96
N LYS M 546 -21.40 17.05 -40.20
CA LYS M 546 -22.49 16.81 -41.14
C LYS M 546 -23.48 15.81 -40.59
N ASN M 547 -22.98 14.69 -40.06
CA ASN M 547 -23.86 13.70 -39.46
C ASN M 547 -24.68 14.31 -38.34
N LYS M 548 -24.02 14.78 -37.29
CA LYS M 548 -24.71 15.40 -36.16
C LYS M 548 -25.80 16.36 -36.62
N LEU M 549 -25.49 17.20 -37.60
CA LEU M 549 -26.49 18.09 -38.17
C LEU M 549 -27.69 17.32 -38.69
N TYR M 550 -27.44 16.34 -39.56
CA TYR M 550 -28.55 15.58 -40.15
C TYR M 550 -29.38 14.89 -39.09
N GLU M 551 -28.72 14.09 -38.24
CA GLU M 551 -29.43 13.33 -37.21
C GLU M 551 -30.16 14.24 -36.24
N GLN M 552 -29.72 15.49 -36.08
CA GLN M 552 -30.45 16.41 -35.23
C GLN M 552 -31.58 17.12 -35.95
N HIS M 553 -31.52 17.23 -37.26
CA HIS M 553 -32.53 18.06 -37.90
C HIS M 553 -33.27 17.40 -39.04
N LEU M 554 -32.62 16.54 -39.82
CA LEU M 554 -33.22 16.04 -41.05
C LEU M 554 -34.51 15.27 -40.77
N GLY M 555 -35.56 15.62 -41.49
CA GLY M 555 -36.85 14.99 -41.31
C GLY M 555 -37.61 15.57 -40.13
N LYS M 556 -36.89 15.94 -39.08
CA LYS M 556 -37.49 16.49 -37.88
C LYS M 556 -37.74 17.99 -37.97
N SER M 557 -37.75 18.53 -39.19
CA SER M 557 -38.09 19.94 -39.42
C SER M 557 -38.51 20.07 -40.88
N ASN M 558 -38.87 21.29 -41.27
CA ASN M 558 -39.31 21.57 -42.63
C ASN M 558 -38.39 22.51 -43.38
N ASN M 559 -37.96 23.61 -42.73
CA ASN M 559 -37.01 24.52 -43.36
C ASN M 559 -35.72 23.79 -43.73
N PHE M 560 -35.09 23.14 -42.76
CA PHE M 560 -33.92 22.33 -43.02
C PHE M 560 -34.30 21.17 -43.94
N GLN M 561 -33.45 20.92 -44.93
CA GLN M 561 -33.72 19.84 -45.88
C GLN M 561 -32.44 19.50 -46.63
N LYS M 562 -32.50 18.38 -47.32
CA LYS M 562 -31.34 17.80 -48.00
C LYS M 562 -30.98 18.60 -49.24
N PRO M 563 -29.69 18.74 -49.53
CA PRO M 563 -29.30 19.34 -50.81
C PRO M 563 -29.64 18.43 -51.97
N LYS M 564 -29.76 19.04 -53.16
CA LYS M 564 -30.07 18.31 -54.38
C LYS M 564 -28.83 18.28 -55.26
N PRO M 565 -28.31 17.09 -55.59
CA PRO M 565 -27.14 16.99 -56.48
C PRO M 565 -27.54 17.26 -57.92
N ALA M 566 -27.05 18.36 -58.48
CA ALA M 566 -27.35 18.77 -59.84
C ALA M 566 -26.38 19.87 -60.22
N LYS M 567 -26.66 20.53 -61.34
CA LYS M 567 -26.12 21.83 -61.76
C LYS M 567 -24.59 21.86 -61.82
N GLY M 568 -23.92 20.71 -61.71
CA GLY M 568 -22.47 20.69 -61.79
C GLY M 568 -21.75 21.40 -60.66
N LYS M 569 -22.48 21.91 -59.67
CA LYS M 569 -21.84 22.55 -58.52
C LYS M 569 -21.06 21.52 -57.72
N VAL M 570 -20.02 21.98 -57.02
CA VAL M 570 -19.07 21.07 -56.39
C VAL M 570 -19.75 20.25 -55.30
N GLU M 571 -20.23 20.91 -54.24
CA GLU M 571 -20.76 20.19 -53.09
C GLU M 571 -21.69 21.10 -52.29
N ALA M 572 -22.93 20.68 -52.12
CA ALA M 572 -23.82 21.24 -51.11
C ALA M 572 -24.02 20.19 -50.02
N HIS M 573 -24.36 20.66 -48.82
CA HIS M 573 -24.42 19.73 -47.70
C HIS M 573 -25.73 19.81 -46.94
N PHE M 574 -26.36 20.98 -46.91
CA PHE M 574 -27.68 21.09 -46.32
C PHE M 574 -28.34 22.37 -46.81
N SER M 575 -29.65 22.27 -47.07
CA SER M 575 -30.40 23.35 -47.69
C SER M 575 -31.38 23.93 -46.68
N LEU M 576 -31.30 25.25 -46.49
CA LEU M 576 -32.27 25.98 -45.69
C LEU M 576 -33.13 26.85 -46.60
N VAL M 577 -34.28 27.25 -46.08
CA VAL M 577 -35.16 28.17 -46.78
C VAL M 577 -35.30 29.43 -45.93
N HIS M 578 -35.25 30.58 -46.60
CA HIS M 578 -35.42 31.87 -45.95
C HIS M 578 -36.59 32.60 -46.59
N TYR M 579 -36.78 33.86 -46.17
CA TYR M 579 -37.75 34.70 -46.86
C TYR M 579 -37.34 34.97 -48.30
N ALA M 580 -36.05 34.85 -48.61
CA ALA M 580 -35.55 35.07 -49.97
C ALA M 580 -35.30 33.76 -50.70
N GLY M 581 -36.11 32.74 -50.45
CA GLY M 581 -35.97 31.48 -51.14
C GLY M 581 -35.08 30.50 -50.39
N THR M 582 -34.80 29.38 -51.06
CA THR M 582 -33.96 28.35 -50.50
C THR M 582 -32.50 28.59 -50.87
N VAL M 583 -31.61 28.00 -50.07
CA VAL M 583 -30.18 28.08 -50.31
C VAL M 583 -29.51 26.92 -49.57
N ASP M 584 -28.53 26.31 -50.22
CA ASP M 584 -27.81 25.20 -49.64
C ASP M 584 -26.35 25.60 -49.43
N TYR M 585 -25.79 25.14 -48.32
CA TYR M 585 -24.49 25.58 -47.86
C TYR M 585 -23.47 24.45 -47.97
N ASN M 586 -22.20 24.83 -48.01
CA ASN M 586 -21.09 23.90 -48.00
C ASN M 586 -20.41 23.96 -46.65
N ILE M 587 -20.03 22.80 -46.12
CA ILE M 587 -19.66 22.68 -44.72
C ILE M 587 -18.16 22.54 -44.52
N ALA M 588 -17.40 22.17 -45.55
CA ALA M 588 -15.97 21.92 -45.39
C ALA M 588 -15.26 23.18 -44.92
N GLY M 589 -14.66 23.11 -43.73
CA GLY M 589 -13.87 24.18 -43.19
C GLY M 589 -14.53 24.97 -42.09
N TRP M 590 -15.83 24.76 -41.83
CA TRP M 590 -16.52 25.53 -40.82
C TRP M 590 -15.93 25.32 -39.43
N LEU M 591 -15.35 24.15 -39.18
CA LEU M 591 -14.85 23.84 -37.84
C LEU M 591 -13.62 24.67 -37.53
N ASP M 592 -12.54 24.50 -38.30
CA ASP M 592 -11.32 25.21 -38.02
C ASP M 592 -11.39 26.69 -38.39
N LYS M 593 -12.47 27.13 -39.04
CA LYS M 593 -12.67 28.56 -39.25
C LYS M 593 -13.32 29.26 -38.09
N ASN M 594 -14.05 28.52 -37.24
CA ASN M 594 -14.84 29.12 -36.17
C ASN M 594 -14.13 29.11 -34.83
N LYS M 595 -13.19 28.20 -34.61
CA LYS M 595 -12.49 28.14 -33.33
C LYS M 595 -11.43 29.20 -33.27
N ASP M 596 -11.40 29.95 -32.16
CA ASP M 596 -10.44 31.03 -31.96
C ASP M 596 -10.12 31.17 -30.48
N PRO M 597 -9.35 30.23 -29.95
CA PRO M 597 -9.01 30.31 -28.52
C PRO M 597 -8.06 31.44 -28.23
N LEU M 598 -8.57 32.50 -27.61
CA LEU M 598 -7.75 33.67 -27.32
C LEU M 598 -6.81 33.37 -26.16
N ASN M 599 -5.51 33.44 -26.41
CA ASN M 599 -4.54 33.29 -25.34
C ASN M 599 -4.65 34.47 -24.37
N GLU M 600 -4.10 34.28 -23.17
CA GLU M 600 -4.23 35.27 -22.11
C GLU M 600 -2.91 35.87 -21.68
N THR M 601 -1.88 35.05 -21.47
CA THR M 601 -0.58 35.59 -21.09
C THR M 601 -0.05 36.55 -22.14
N VAL M 602 -0.30 36.26 -23.41
CA VAL M 602 0.14 37.16 -24.46
C VAL M 602 -0.68 38.43 -24.46
N VAL M 603 -1.95 38.35 -24.06
CA VAL M 603 -2.75 39.57 -23.92
C VAL M 603 -2.21 40.42 -22.78
N GLY M 604 -1.72 39.79 -21.73
CA GLY M 604 -1.03 40.54 -20.69
C GLY M 604 0.23 41.21 -21.22
N LEU M 605 1.01 40.47 -22.01
CA LEU M 605 2.15 41.06 -22.71
C LEU M 605 1.75 42.32 -23.45
N TYR M 606 0.68 42.23 -24.24
CA TYR M 606 0.17 43.38 -24.96
C TYR M 606 -0.16 44.53 -24.01
N GLN M 607 -0.88 44.23 -22.94
CA GLN M 607 -1.23 45.27 -21.97
C GLN M 607 0.00 45.95 -21.39
N LYS M 608 1.12 45.23 -21.30
CA LYS M 608 2.32 45.80 -20.71
C LYS M 608 3.32 46.29 -21.75
N SER M 609 3.01 46.16 -23.04
CA SER M 609 3.90 46.68 -24.07
C SER M 609 4.00 48.19 -23.97
N SER M 610 4.96 48.75 -24.71
CA SER M 610 5.26 50.18 -24.64
C SER M 610 4.66 50.97 -25.80
N MET M 611 4.09 50.30 -26.81
CA MET M 611 3.43 50.99 -27.90
C MET M 611 2.05 51.45 -27.44
N LYS M 612 1.21 51.85 -28.37
CA LYS M 612 -0.18 52.15 -28.06
C LYS M 612 -1.10 50.98 -28.38
N THR M 613 -0.54 49.78 -28.55
CA THR M 613 -1.36 48.59 -28.67
C THR M 613 -2.13 48.34 -27.38
N LEU M 614 -1.54 48.66 -26.22
CA LEU M 614 -2.22 48.43 -24.96
C LEU M 614 -3.48 49.28 -24.84
N ALA M 615 -3.57 50.36 -25.62
CA ALA M 615 -4.76 51.20 -25.57
C ALA M 615 -6.00 50.41 -25.94
N TYR M 616 -5.88 49.45 -26.86
CA TYR M 616 -6.99 48.53 -27.11
C TYR M 616 -7.16 47.58 -25.94
N LEU M 617 -6.15 46.77 -25.69
CA LEU M 617 -6.16 45.75 -24.65
C LEU M 617 -5.86 46.44 -23.31
N PHE M 618 -6.87 47.17 -22.82
CA PHE M 618 -6.66 48.05 -21.68
C PHE M 618 -6.29 47.26 -20.43
N SER M 619 -6.95 46.13 -20.19
CA SER M 619 -6.60 45.27 -19.06
C SER M 619 -6.88 43.81 -19.39
N LYS M 636 -20.01 38.87 -15.06
CA LYS M 636 -19.31 38.13 -14.01
C LYS M 636 -19.00 36.72 -14.47
N GLY M 637 -18.75 35.83 -13.51
CA GLY M 637 -18.48 34.44 -13.84
C GLY M 637 -19.62 33.77 -14.57
N ALA M 638 -20.86 34.18 -14.28
CA ALA M 638 -22.01 33.63 -14.97
C ALA M 638 -22.06 34.11 -16.41
N LYS M 639 -22.27 33.17 -17.33
CA LYS M 639 -22.42 33.35 -18.77
C LYS M 639 -21.13 33.78 -19.46
N LYS M 640 -20.04 33.98 -18.73
CA LYS M 640 -18.75 34.28 -19.35
C LYS M 640 -18.07 32.97 -19.71
N LYS M 641 -17.59 32.87 -20.93
CA LYS M 641 -16.94 31.65 -21.37
C LYS M 641 -15.44 31.74 -21.18
N GLY M 642 -14.77 30.62 -21.34
CA GLY M 642 -13.34 30.58 -21.13
C GLY M 642 -12.56 30.96 -22.35
N SER M 643 -11.30 31.32 -22.12
CA SER M 643 -10.41 31.70 -23.21
C SER M 643 -10.09 30.52 -24.10
N SER M 644 -10.62 29.34 -23.76
CA SER M 644 -10.47 28.16 -24.58
C SER M 644 -11.80 27.70 -25.18
N PHE M 645 -12.89 28.37 -24.85
CA PHE M 645 -14.20 28.08 -25.42
C PHE M 645 -14.66 29.19 -26.37
N GLN M 646 -13.77 30.11 -26.71
CA GLN M 646 -14.15 31.21 -27.59
C GLN M 646 -14.50 30.70 -28.98
N THR M 647 -15.44 31.37 -29.63
CA THR M 647 -15.89 30.99 -30.96
C THR M 647 -16.49 32.22 -31.62
N VAL M 648 -16.33 32.30 -32.95
CA VAL M 648 -16.76 33.48 -33.68
C VAL M 648 -18.28 33.63 -33.61
N SER M 649 -19.00 32.54 -33.90
CA SER M 649 -20.46 32.58 -33.92
C SER M 649 -21.04 33.15 -32.63
N ALA M 650 -20.36 32.93 -31.50
CA ALA M 650 -20.85 33.48 -30.24
C ALA M 650 -20.82 35.00 -30.26
N LEU M 651 -19.67 35.58 -30.60
CA LEU M 651 -19.55 37.03 -30.66
C LEU M 651 -20.52 37.61 -31.68
N PHE M 652 -20.72 36.90 -32.79
CA PHE M 652 -21.72 37.32 -33.77
C PHE M 652 -23.06 37.41 -33.06
N ARG M 653 -23.60 36.27 -32.63
CA ARG M 653 -24.92 36.24 -32.02
C ARG M 653 -25.03 37.19 -30.83
N GLU M 654 -23.91 37.64 -30.26
CA GLU M 654 -23.98 38.61 -29.19
C GLU M 654 -24.21 40.02 -29.72
N ASN M 655 -23.31 40.50 -30.58
CA ASN M 655 -23.47 41.87 -31.07
C ASN M 655 -24.67 41.99 -32.01
N LEU M 656 -25.03 40.90 -32.69
CA LEU M 656 -26.26 40.90 -33.48
C LEU M 656 -27.46 41.21 -32.60
N ASN M 657 -27.54 40.60 -31.42
CA ASN M 657 -28.64 40.95 -30.51
C ASN M 657 -28.48 42.36 -29.95
N LYS M 658 -27.24 42.81 -29.76
CA LYS M 658 -27.03 44.21 -29.38
C LYS M 658 -27.71 45.15 -30.37
N LEU M 659 -27.44 44.94 -31.67
CA LEU M 659 -28.17 45.67 -32.70
C LEU M 659 -29.66 45.46 -32.56
N MET M 660 -30.12 44.22 -32.75
CA MET M 660 -31.54 43.95 -32.81
C MET M 660 -32.31 44.42 -31.57
N THR M 661 -31.62 44.84 -30.51
CA THR M 661 -32.34 45.52 -29.43
C THR M 661 -32.24 47.05 -29.53
N ASN M 662 -31.04 47.62 -29.73
CA ASN M 662 -30.97 49.07 -29.76
C ASN M 662 -31.67 49.63 -31.00
N LEU M 663 -31.71 48.86 -32.08
CA LEU M 663 -32.50 49.19 -33.25
C LEU M 663 -33.99 48.97 -33.00
N ARG M 664 -34.34 47.93 -32.25
CA ARG M 664 -35.73 47.75 -31.84
C ARG M 664 -36.20 48.91 -30.97
N SER M 665 -35.27 49.68 -30.40
CA SER M 665 -35.62 50.87 -29.63
C SER M 665 -35.66 52.13 -30.48
N THR M 666 -36.01 52.01 -31.76
CA THR M 666 -35.93 53.15 -32.67
C THR M 666 -36.85 52.90 -33.87
N HIS M 667 -37.56 53.95 -34.28
CA HIS M 667 -38.57 53.81 -35.33
C HIS M 667 -37.93 53.59 -36.68
N PRO M 668 -38.38 52.61 -37.46
CA PRO M 668 -37.71 52.25 -38.71
C PRO M 668 -38.26 52.93 -39.95
N HIS M 669 -37.40 53.01 -40.96
CA HIS M 669 -37.74 53.44 -42.32
C HIS M 669 -36.80 52.73 -43.28
N PHE M 670 -37.22 52.64 -44.54
CA PHE M 670 -36.55 51.72 -45.47
C PHE M 670 -36.39 52.33 -46.85
N VAL M 671 -35.23 52.09 -47.45
CA VAL M 671 -34.91 52.51 -48.81
C VAL M 671 -34.13 51.39 -49.48
N ARG M 672 -34.48 51.11 -50.75
CA ARG M 672 -33.92 49.97 -51.48
C ARG M 672 -33.38 50.47 -52.81
N CYS M 673 -32.11 50.86 -52.85
CA CYS M 673 -31.49 51.32 -54.08
C CYS M 673 -31.20 50.14 -55.00
N ILE M 674 -31.99 49.98 -56.05
CA ILE M 674 -31.80 48.89 -57.01
C ILE M 674 -30.76 49.32 -58.03
N ILE M 675 -30.17 48.33 -58.70
CA ILE M 675 -29.48 48.55 -59.97
C ILE M 675 -30.27 47.79 -61.03
N PRO M 676 -30.98 48.48 -61.92
CA PRO M 676 -31.91 47.78 -62.82
C PRO M 676 -31.26 47.18 -64.05
N ASN M 677 -29.99 47.49 -64.32
CA ASN M 677 -29.37 47.07 -65.56
C ASN M 677 -27.89 46.79 -65.34
N GLU M 678 -27.35 45.87 -66.14
CA GLU M 678 -25.94 45.54 -66.08
C GLU M 678 -25.07 46.78 -66.29
N THR M 679 -25.22 47.43 -67.43
CA THR M 679 -24.45 48.60 -67.78
C THR M 679 -25.19 49.85 -67.31
N LYS M 680 -24.76 51.03 -67.78
CA LYS M 680 -25.29 52.30 -67.32
C LYS M 680 -26.31 52.89 -68.29
N THR M 681 -27.10 52.05 -68.94
CA THR M 681 -28.16 52.51 -69.84
C THR M 681 -29.44 52.77 -69.06
N PRO M 682 -29.76 54.02 -68.75
CA PRO M 682 -30.93 54.27 -67.90
C PRO M 682 -32.23 54.01 -68.64
N GLY M 683 -33.28 53.73 -67.87
CA GLY M 683 -34.59 53.48 -68.43
C GLY M 683 -34.80 52.04 -68.87
N ALA M 684 -33.73 51.40 -69.34
CA ALA M 684 -33.79 50.01 -69.76
C ALA M 684 -33.36 49.10 -68.62
N MET M 685 -34.09 48.01 -68.43
CA MET M 685 -33.83 47.08 -67.34
C MET M 685 -34.18 45.67 -67.77
N GLU M 686 -33.56 44.71 -67.09
CA GLU M 686 -33.87 43.30 -67.25
C GLU M 686 -34.46 42.77 -65.94
N HIS M 687 -35.42 41.85 -66.05
CA HIS M 687 -36.18 41.43 -64.88
C HIS M 687 -35.33 40.58 -63.94
N GLU M 688 -34.82 39.46 -64.44
CA GLU M 688 -34.09 38.47 -63.64
C GLU M 688 -33.09 39.11 -62.68
N LEU M 689 -32.37 40.14 -63.14
CA LEU M 689 -31.39 40.78 -62.27
C LEU M 689 -32.08 41.62 -61.19
N VAL M 690 -33.13 42.35 -61.57
CA VAL M 690 -33.91 43.07 -60.56
C VAL M 690 -34.74 42.11 -59.73
N LEU M 691 -35.09 40.95 -60.30
CA LEU M 691 -35.70 39.90 -59.51
C LEU M 691 -34.81 39.50 -58.34
N HIS M 692 -33.50 39.41 -58.57
CA HIS M 692 -32.58 39.12 -57.49
C HIS M 692 -32.61 40.24 -56.44
N GLN M 693 -32.53 41.49 -56.88
CA GLN M 693 -32.64 42.60 -55.94
C GLN M 693 -33.98 42.61 -55.22
N LEU M 694 -35.01 42.07 -55.88
CA LEU M 694 -36.31 41.92 -55.21
C LEU M 694 -36.19 41.07 -53.96
N ARG M 695 -35.58 39.89 -54.09
CA ARG M 695 -35.50 38.96 -52.98
C ARG M 695 -34.45 39.38 -51.95
N CYS M 696 -33.28 39.86 -52.39
CA CYS M 696 -32.29 40.35 -51.45
C CYS M 696 -32.84 41.48 -50.60
N ASN M 697 -33.73 42.30 -51.18
CA ASN M 697 -34.43 43.31 -50.40
C ASN M 697 -35.69 42.77 -49.76
N GLY M 698 -36.23 41.66 -50.27
CA GLY M 698 -37.38 41.03 -49.67
C GLY M 698 -38.63 41.89 -49.65
N VAL M 699 -38.70 42.92 -50.48
CA VAL M 699 -39.91 43.73 -50.53
C VAL M 699 -41.07 42.91 -51.07
N LEU M 700 -40.79 41.90 -51.89
CA LEU M 700 -41.84 40.99 -52.33
C LEU M 700 -42.43 40.24 -51.14
N GLU M 701 -41.66 40.03 -50.08
CA GLU M 701 -42.21 39.42 -48.89
C GLU M 701 -43.20 40.35 -48.21
N GLY M 702 -42.88 41.65 -48.18
CA GLY M 702 -43.85 42.61 -47.67
C GLY M 702 -45.12 42.65 -48.49
N ILE M 703 -44.98 42.66 -49.82
CA ILE M 703 -46.17 42.67 -50.64
C ILE M 703 -46.92 41.35 -50.55
N ARG M 704 -46.24 40.27 -50.18
CA ARG M 704 -46.92 38.99 -50.00
C ARG M 704 -47.71 38.98 -48.70
N ILE M 705 -47.11 39.45 -47.61
CA ILE M 705 -47.80 39.47 -46.33
C ILE M 705 -48.98 40.43 -46.38
N CYS M 706 -48.83 41.58 -47.05
CA CYS M 706 -49.97 42.45 -47.28
C CYS M 706 -50.83 41.98 -48.45
N ARG M 707 -50.44 40.89 -49.11
CA ARG M 707 -51.11 40.42 -50.31
C ARG M 707 -52.13 39.31 -50.04
N LYS M 708 -51.97 38.57 -48.95
CA LYS M 708 -52.92 37.53 -48.59
C LYS M 708 -54.04 38.04 -47.70
N GLY M 709 -54.20 39.36 -47.61
CA GLY M 709 -55.28 39.95 -46.85
C GLY M 709 -56.14 40.86 -47.71
N PHE M 710 -56.38 42.09 -47.26
CA PHE M 710 -57.16 43.08 -47.99
C PHE M 710 -56.24 44.19 -48.46
N PRO M 711 -55.55 44.04 -49.59
CA PRO M 711 -54.62 45.09 -50.02
C PRO M 711 -55.30 46.40 -50.41
N SER M 712 -56.56 46.36 -50.85
CA SER M 712 -57.22 47.53 -51.42
C SER M 712 -58.14 48.15 -50.38
N ARG M 713 -57.72 49.29 -49.84
CA ARG M 713 -58.51 50.09 -48.92
C ARG M 713 -58.88 51.39 -49.63
N ILE M 714 -60.11 51.46 -50.13
CA ILE M 714 -60.52 52.59 -50.97
C ILE M 714 -61.81 53.21 -50.42
N LEU M 715 -61.95 54.51 -50.66
CA LEU M 715 -63.12 55.27 -50.24
C LEU M 715 -64.25 55.10 -51.25
N TYR M 716 -65.28 55.94 -51.12
CA TYR M 716 -66.38 55.98 -52.07
C TYR M 716 -66.08 56.81 -53.30
N ALA M 717 -65.15 57.77 -53.19
CA ALA M 717 -64.89 58.76 -54.25
C ALA M 717 -64.89 58.16 -55.64
N ASP M 718 -64.15 57.07 -55.83
CA ASP M 718 -64.17 56.37 -57.11
C ASP M 718 -65.08 55.15 -57.10
N PHE M 719 -65.36 54.59 -55.92
CA PHE M 719 -66.19 53.39 -55.86
C PHE M 719 -67.58 53.66 -56.42
N LYS M 720 -68.26 54.69 -55.91
CA LYS M 720 -69.59 55.03 -56.39
C LYS M 720 -69.56 55.32 -57.89
N GLN M 721 -68.62 56.17 -58.32
CA GLN M 721 -68.61 56.64 -59.71
C GLN M 721 -68.20 55.55 -60.70
N ARG M 722 -67.55 54.49 -60.22
CA ARG M 722 -67.15 53.40 -61.10
C ARG M 722 -68.07 52.18 -60.98
N TYR M 723 -68.91 52.12 -59.95
CA TYR M 723 -69.77 50.97 -59.77
C TYR M 723 -71.26 51.29 -59.92
N LYS M 724 -71.62 52.56 -60.09
CA LYS M 724 -73.02 52.90 -60.35
C LYS M 724 -73.48 52.46 -61.74
N VAL M 725 -72.57 51.95 -62.58
CA VAL M 725 -72.93 51.58 -63.95
C VAL M 725 -73.66 50.25 -64.04
N LEU M 726 -73.84 49.54 -62.93
CA LEU M 726 -74.64 48.33 -62.91
C LEU M 726 -76.01 48.55 -62.28
N ASN M 727 -76.05 49.17 -61.10
CA ASN M 727 -77.29 49.60 -60.48
C ASN M 727 -77.31 51.12 -60.53
N ALA M 728 -77.82 51.67 -61.63
CA ALA M 728 -77.88 53.10 -61.82
C ALA M 728 -78.98 53.72 -60.96
N SER M 739 -74.45 57.09 -49.27
CA SER M 739 -73.10 56.83 -48.80
C SER M 739 -72.93 55.36 -48.41
N LYS M 740 -73.08 55.09 -47.11
CA LYS M 740 -72.94 53.73 -46.61
C LYS M 740 -74.01 52.81 -47.19
N LYS M 741 -75.27 53.24 -47.13
CA LYS M 741 -76.33 52.43 -47.72
C LYS M 741 -76.24 52.42 -49.24
N ALA M 742 -75.78 53.53 -49.82
CA ALA M 742 -75.51 53.54 -51.26
C ALA M 742 -74.41 52.55 -51.61
N SER M 743 -73.40 52.42 -50.74
CA SER M 743 -72.37 51.41 -50.96
C SER M 743 -72.96 50.00 -50.86
N GLU M 744 -73.84 49.78 -49.88
CA GLU M 744 -74.47 48.47 -49.76
C GLU M 744 -75.27 48.14 -51.02
N LYS M 745 -76.00 49.11 -51.55
CA LYS M 745 -76.75 48.89 -52.78
C LYS M 745 -75.80 48.61 -53.95
N LEU M 746 -74.75 49.43 -54.11
CA LEU M 746 -73.82 49.27 -55.21
C LEU M 746 -72.94 48.04 -55.07
N LEU M 747 -72.91 47.39 -53.92
CA LEU M 747 -72.15 46.16 -53.75
C LEU M 747 -73.03 44.91 -53.89
N GLY M 748 -74.23 44.91 -53.30
CA GLY M 748 -75.09 43.76 -53.45
C GLY M 748 -75.57 43.53 -54.87
N SER M 749 -75.47 44.55 -55.72
CA SER M 749 -76.02 44.50 -57.07
C SER M 749 -75.02 44.03 -58.12
N ILE M 750 -73.73 43.98 -57.81
CA ILE M 750 -72.75 43.66 -58.84
C ILE M 750 -72.08 42.31 -58.55
N ASP M 751 -72.82 41.42 -57.88
CA ASP M 751 -72.48 40.00 -57.80
C ASP M 751 -71.09 39.79 -57.19
N ILE M 752 -71.00 40.15 -55.91
CA ILE M 752 -69.83 39.80 -55.09
C ILE M 752 -70.33 39.16 -53.80
N ASP M 753 -69.65 38.11 -53.38
CA ASP M 753 -69.99 37.49 -52.11
C ASP M 753 -69.33 38.25 -50.96
N HIS M 754 -69.91 38.12 -49.78
CA HIS M 754 -69.52 38.92 -48.62
C HIS M 754 -68.33 38.33 -47.88
N THR M 755 -67.54 37.51 -48.55
CA THR M 755 -66.37 36.89 -47.94
C THR M 755 -65.11 37.71 -48.16
N GLN M 756 -64.81 38.02 -49.42
CA GLN M 756 -63.52 38.54 -49.84
C GLN M 756 -63.43 40.06 -49.76
N TYR M 757 -64.21 40.70 -48.89
CA TYR M 757 -64.14 42.14 -48.75
C TYR M 757 -64.77 42.55 -47.43
N LYS M 758 -64.55 43.81 -47.06
CA LYS M 758 -65.25 44.40 -45.92
C LYS M 758 -65.10 45.92 -45.90
N PHE M 759 -66.23 46.62 -45.86
CA PHE M 759 -66.25 48.07 -45.61
C PHE M 759 -66.54 48.24 -44.13
N GLY M 760 -65.51 48.60 -43.36
CA GLY M 760 -65.70 48.68 -41.93
C GLY M 760 -66.57 49.84 -41.50
N HIS M 761 -66.05 51.07 -41.54
CA HIS M 761 -66.88 52.24 -41.38
C HIS M 761 -66.52 53.41 -42.31
N THR M 762 -65.30 53.49 -42.83
CA THR M 762 -64.91 54.57 -43.71
C THR M 762 -64.53 54.09 -45.11
N LYS M 763 -63.62 53.12 -45.21
CA LYS M 763 -63.19 52.59 -46.49
C LYS M 763 -63.61 51.13 -46.61
N VAL M 764 -63.73 50.67 -47.84
CA VAL M 764 -64.03 49.27 -48.14
C VAL M 764 -62.71 48.54 -48.39
N PHE M 765 -62.59 47.34 -47.84
CA PHE M 765 -61.37 46.56 -47.93
C PHE M 765 -61.56 45.47 -48.97
N PHE M 766 -60.53 45.23 -49.77
CA PHE M 766 -60.64 44.34 -50.91
C PHE M 766 -59.39 43.49 -51.04
N LYS M 767 -59.56 42.21 -51.37
CA LYS M 767 -58.47 41.45 -51.94
C LYS M 767 -58.10 42.03 -53.30
N ALA M 768 -56.90 41.68 -53.78
CA ALA M 768 -56.45 42.21 -55.05
C ALA M 768 -57.30 41.69 -56.20
N GLY M 769 -57.32 40.38 -56.40
CA GLY M 769 -57.88 39.77 -57.59
C GLY M 769 -59.36 39.96 -57.80
N LEU M 770 -60.06 40.71 -56.95
CA LEU M 770 -61.49 40.88 -57.12
C LEU M 770 -61.85 42.13 -57.91
N LEU M 771 -61.05 43.19 -57.82
CA LEU M 771 -61.34 44.39 -58.60
C LEU M 771 -61.12 44.13 -60.09
N GLY M 772 -60.14 43.31 -60.43
CA GLY M 772 -59.99 42.90 -61.81
C GLY M 772 -61.22 42.22 -62.37
N LEU M 773 -61.84 41.35 -61.56
CA LEU M 773 -63.14 40.80 -61.91
C LEU M 773 -64.14 41.90 -62.22
N LEU M 774 -64.15 42.94 -61.39
CA LEU M 774 -65.04 44.07 -61.63
C LEU M 774 -64.53 44.97 -62.75
N GLU M 775 -63.21 45.18 -62.80
CA GLU M 775 -62.57 46.00 -63.83
C GLU M 775 -63.17 45.80 -65.21
N GLU M 776 -63.33 44.54 -65.62
CA GLU M 776 -63.92 44.23 -66.91
C GLU M 776 -65.44 44.29 -66.88
N MET M 777 -66.07 44.17 -65.71
CA MET M 777 -67.52 44.15 -65.61
C MET M 777 -68.11 45.49 -65.17
N ARG M 778 -67.37 46.30 -64.41
CA ARG M 778 -67.84 47.62 -64.00
C ARG M 778 -67.67 48.67 -65.09
N ASP M 779 -67.42 48.24 -66.33
CA ASP M 779 -67.24 49.16 -67.45
C ASP M 779 -68.44 49.19 -68.37
N ASP M 780 -69.41 48.30 -68.19
CA ASP M 780 -70.58 48.24 -69.07
C ASP M 780 -71.86 48.10 -68.26
N MET N 1 53.32 -79.88 28.55
CA MET N 1 51.88 -80.18 28.50
C MET N 1 51.20 -79.81 29.81
N ALA N 2 50.97 -80.82 30.65
CA ALA N 2 50.35 -80.61 31.96
C ALA N 2 51.38 -80.01 32.91
N VAL N 3 51.78 -78.78 32.59
CA VAL N 3 52.82 -78.09 33.36
C VAL N 3 52.16 -77.22 34.42
N PHE N 4 50.87 -77.41 34.62
CA PHE N 4 50.11 -76.60 35.56
C PHE N 4 49.32 -77.42 36.57
N GLY N 5 48.77 -78.55 36.16
CA GLY N 5 47.87 -79.30 37.03
C GLY N 5 47.01 -80.30 36.29
N GLU N 6 45.69 -80.25 36.51
CA GLU N 6 44.78 -81.25 35.98
C GLU N 6 43.66 -80.69 35.11
N ALA N 7 43.47 -79.38 35.08
CA ALA N 7 42.35 -78.76 34.38
C ALA N 7 42.52 -78.73 32.86
N ALA N 8 43.46 -79.51 32.33
CA ALA N 8 43.76 -79.46 30.91
C ALA N 8 42.58 -79.79 30.01
N PRO N 9 41.89 -80.94 30.15
CA PRO N 9 41.03 -81.43 29.06
C PRO N 9 39.99 -80.43 28.56
N TYR N 10 39.13 -79.94 29.45
CA TYR N 10 38.13 -78.96 29.02
C TYR N 10 38.75 -77.62 28.68
N LEU N 11 39.95 -77.33 29.20
CA LEU N 11 40.57 -76.04 28.96
C LEU N 11 41.27 -76.00 27.61
N ARG N 12 42.28 -76.85 27.42
CA ARG N 12 42.97 -76.91 26.13
C ARG N 12 43.38 -78.35 25.86
N LYS N 13 43.67 -78.62 24.59
CA LYS N 13 43.99 -79.97 24.14
C LYS N 13 45.49 -80.13 23.95
N SER N 14 45.98 -81.33 24.25
CA SER N 14 47.41 -81.61 24.25
C SER N 14 47.91 -81.85 22.82
N GLU N 15 49.15 -82.34 22.72
CA GLU N 15 49.78 -82.51 21.41
C GLU N 15 48.94 -83.39 20.49
N LYS N 16 48.31 -84.42 21.04
CA LYS N 16 47.59 -85.39 20.22
C LYS N 16 46.53 -84.71 19.36
N GLU N 17 45.58 -84.03 20.00
CA GLU N 17 44.51 -83.38 19.26
C GLU N 17 45.03 -82.21 18.43
N ARG N 18 46.02 -81.47 18.98
CA ARG N 18 46.60 -80.35 18.24
C ARG N 18 47.10 -80.80 16.87
N ILE N 19 48.02 -81.77 16.86
CA ILE N 19 48.59 -82.24 15.60
C ILE N 19 47.57 -83.06 14.81
N GLU N 20 46.59 -83.66 15.48
CA GLU N 20 45.57 -84.40 14.75
C GLU N 20 44.73 -83.47 13.88
N ALA N 21 44.24 -82.37 14.46
CA ALA N 21 43.50 -81.38 13.69
C ALA N 21 44.42 -80.45 12.91
N GLN N 22 45.73 -80.51 13.15
CA GLN N 22 46.66 -79.60 12.50
C GLN N 22 47.03 -80.07 11.10
N ASN N 23 47.56 -81.28 10.99
CA ASN N 23 47.90 -81.86 9.69
C ASN N 23 46.67 -82.59 9.15
N LYS N 24 45.85 -81.83 8.43
CA LYS N 24 44.66 -82.35 7.78
C LYS N 24 44.54 -81.72 6.40
N PRO N 25 44.11 -82.49 5.40
CA PRO N 25 43.96 -81.93 4.05
C PRO N 25 42.96 -80.77 4.05
N PHE N 26 43.34 -79.68 3.39
CA PHE N 26 42.51 -78.48 3.34
C PHE N 26 42.61 -77.88 1.94
N ASP N 27 41.62 -78.17 1.10
CA ASP N 27 41.51 -77.50 -0.18
C ASP N 27 41.14 -76.03 0.03
N ALA N 28 41.24 -75.26 -1.05
CA ALA N 28 40.81 -73.87 -1.04
C ALA N 28 39.88 -73.57 -2.22
N LYS N 29 39.29 -74.60 -2.82
CA LYS N 29 38.33 -74.43 -3.89
C LYS N 29 36.96 -74.97 -3.54
N SER N 30 36.80 -75.64 -2.39
CA SER N 30 35.49 -76.04 -1.90
C SER N 30 35.33 -75.80 -0.42
N SER N 31 36.36 -75.31 0.27
CA SER N 31 36.34 -74.96 1.68
C SER N 31 35.66 -73.62 1.95
N VAL N 32 34.92 -73.10 0.97
CA VAL N 32 34.26 -71.81 1.14
C VAL N 32 32.95 -71.99 1.91
N PHE N 33 32.58 -70.96 2.67
CA PHE N 33 31.33 -70.95 3.41
C PHE N 33 30.19 -70.54 2.47
N VAL N 34 29.04 -70.22 3.05
CA VAL N 34 27.90 -69.74 2.27
C VAL N 34 26.94 -69.04 3.21
N VAL N 35 26.19 -68.07 2.69
CA VAL N 35 25.06 -67.54 3.43
C VAL N 35 23.98 -68.60 3.49
N ASP N 36 23.21 -68.60 4.58
CA ASP N 36 22.25 -69.66 4.81
C ASP N 36 20.84 -69.10 4.94
N ALA N 37 19.87 -69.98 4.74
CA ALA N 37 18.48 -69.61 4.97
C ALA N 37 18.11 -69.72 6.44
N LYS N 38 18.24 -70.92 7.01
CA LYS N 38 17.88 -71.12 8.41
C LYS N 38 18.93 -70.48 9.34
N GLU N 39 20.19 -70.77 9.08
CA GLU N 39 21.28 -70.20 9.87
C GLU N 39 21.91 -69.04 9.11
N SER N 40 23.06 -68.58 9.59
CA SER N 40 23.83 -67.55 8.89
C SER N 40 24.91 -68.16 8.01
N PHE N 41 25.86 -68.87 8.61
CA PHE N 41 27.01 -69.42 7.90
C PHE N 41 27.20 -70.88 8.32
N VAL N 42 27.08 -71.79 7.36
CA VAL N 42 27.46 -73.18 7.58
C VAL N 42 28.62 -73.50 6.66
N LYS N 43 29.39 -74.52 7.06
CA LYS N 43 30.52 -74.97 6.25
C LYS N 43 29.98 -75.66 5.00
N ALA N 44 30.19 -75.03 3.85
CA ALA N 44 29.66 -75.52 2.59
C ALA N 44 30.72 -76.30 1.82
N THR N 45 30.29 -76.89 0.71
CA THR N 45 31.16 -77.71 -0.14
C THR N 45 30.72 -77.46 -1.58
N VAL N 46 31.53 -76.70 -2.32
CA VAL N 46 31.16 -76.30 -3.67
C VAL N 46 31.96 -77.12 -4.67
N GLN N 47 31.41 -77.25 -5.89
CA GLN N 47 32.13 -77.95 -6.94
C GLN N 47 33.37 -77.16 -7.38
N SER N 48 33.20 -75.88 -7.70
CA SER N 48 34.30 -75.01 -8.13
C SER N 48 33.78 -73.58 -8.09
N ARG N 49 34.55 -72.65 -8.66
CA ARG N 49 34.14 -71.26 -8.75
C ARG N 49 33.45 -71.04 -10.09
N GLU N 50 32.12 -71.20 -10.08
CA GLU N 50 31.31 -71.04 -11.28
C GLU N 50 30.69 -69.64 -11.28
N GLY N 51 31.51 -68.65 -11.59
CA GLY N 51 31.04 -67.28 -11.66
C GLY N 51 30.43 -66.84 -10.33
N GLY N 52 29.15 -66.46 -10.38
CA GLY N 52 28.41 -66.17 -9.18
C GLY N 52 27.44 -67.29 -8.84
N LYS N 53 27.76 -68.49 -9.32
CA LYS N 53 26.91 -69.67 -9.17
C LYS N 53 27.69 -70.76 -8.46
N VAL N 54 27.01 -71.50 -7.59
CA VAL N 54 27.64 -72.56 -6.80
C VAL N 54 26.67 -73.73 -6.67
N THR N 55 27.20 -74.89 -6.30
CA THR N 55 26.44 -75.97 -5.70
C THR N 55 27.13 -76.29 -4.38
N ALA N 56 26.79 -75.51 -3.36
CA ALA N 56 27.50 -75.53 -2.08
C ALA N 56 26.89 -76.58 -1.18
N LYS N 57 27.53 -77.75 -1.10
CA LYS N 57 27.02 -78.83 -0.29
C LYS N 57 27.24 -78.52 1.18
N THR N 58 26.15 -78.40 1.93
CA THR N 58 26.23 -78.27 3.37
C THR N 58 26.37 -79.65 4.00
N GLU N 59 26.18 -79.74 5.32
CA GLU N 59 26.13 -81.05 5.96
C GLU N 59 24.98 -81.87 5.42
N GLY N 60 23.87 -81.22 5.06
CA GLY N 60 22.81 -81.86 4.32
C GLY N 60 23.00 -81.88 2.82
N GLY N 61 24.09 -81.29 2.33
CA GLY N 61 24.40 -81.31 0.91
C GLY N 61 23.52 -80.38 0.08
N ALA N 62 23.65 -79.07 0.29
CA ALA N 62 22.87 -78.13 -0.48
C ALA N 62 23.45 -77.99 -1.89
N THR N 63 22.64 -77.42 -2.79
CA THR N 63 23.03 -77.32 -4.20
C THR N 63 22.69 -75.98 -4.82
N VAL N 64 22.23 -75.00 -4.05
CA VAL N 64 21.65 -73.79 -4.61
C VAL N 64 22.73 -72.86 -5.11
N THR N 65 22.36 -72.02 -6.07
CA THR N 65 23.26 -70.99 -6.60
C THR N 65 23.33 -69.82 -5.63
N VAL N 66 24.54 -69.46 -5.22
CA VAL N 66 24.77 -68.34 -4.32
C VAL N 66 25.90 -67.51 -4.90
N LYS N 67 25.81 -66.19 -4.73
CA LYS N 67 26.85 -65.30 -5.24
C LYS N 67 28.16 -65.50 -4.47
N ASP N 68 29.21 -64.87 -4.98
CA ASP N 68 30.55 -65.05 -4.42
C ASP N 68 30.76 -64.23 -3.15
N ASP N 69 30.16 -63.04 -3.07
CA ASP N 69 30.45 -62.14 -1.96
C ASP N 69 29.99 -62.69 -0.60
N GLN N 70 29.22 -63.77 -0.57
CA GLN N 70 28.79 -64.35 0.70
C GLN N 70 29.29 -65.77 0.93
N VAL N 71 30.02 -66.35 -0.03
CA VAL N 71 30.75 -67.58 0.25
C VAL N 71 32.12 -67.23 0.79
N PHE N 72 32.53 -67.90 1.87
CA PHE N 72 33.65 -67.43 2.66
C PHE N 72 34.68 -68.54 2.85
N PRO N 73 35.94 -68.32 2.49
CA PRO N 73 36.96 -69.34 2.71
C PRO N 73 37.18 -69.63 4.18
N MET N 74 37.23 -70.90 4.51
CA MET N 74 37.46 -71.34 5.89
C MET N 74 38.93 -71.20 6.26
N ASN N 75 39.17 -70.87 7.53
CA ASN N 75 40.53 -70.77 8.04
C ASN N 75 41.24 -72.11 7.93
N PRO N 76 42.57 -72.10 7.86
CA PRO N 76 43.34 -73.34 7.72
C PRO N 76 43.06 -74.31 8.86
N PRO N 77 43.33 -75.59 8.66
CA PRO N 77 43.11 -76.57 9.73
C PRO N 77 44.19 -76.46 10.80
N LYS N 78 45.38 -76.05 10.39
CA LYS N 78 46.43 -75.72 11.34
C LYS N 78 46.11 -74.47 12.15
N TYR N 79 45.08 -73.74 11.77
CA TYR N 79 44.61 -72.57 12.51
C TYR N 79 43.35 -72.87 13.31
N ASP N 80 42.93 -74.13 13.36
CA ASP N 80 41.75 -74.49 14.13
C ASP N 80 42.01 -74.32 15.61
N LYS N 81 41.00 -73.80 16.32
CA LYS N 81 40.99 -73.69 17.78
C LYS N 81 42.09 -72.78 18.32
N ILE N 82 42.55 -71.81 17.52
CA ILE N 82 43.59 -70.91 17.98
C ILE N 82 43.08 -70.03 19.11
N GLU N 83 43.95 -69.71 20.07
CA GLU N 83 43.53 -68.92 21.22
C GLU N 83 43.28 -67.47 20.84
N ASP N 84 44.17 -66.87 20.05
CA ASP N 84 44.03 -65.48 19.62
C ASP N 84 43.59 -65.47 18.15
N MET N 85 42.33 -65.15 17.91
CA MET N 85 41.78 -65.19 16.56
C MET N 85 42.32 -64.10 15.66
N ALA N 86 43.14 -63.18 16.17
CA ALA N 86 43.60 -62.07 15.35
C ALA N 86 44.65 -62.51 14.32
N MET N 87 45.17 -63.74 14.44
CA MET N 87 46.21 -64.18 13.55
C MET N 87 45.68 -64.96 12.35
N MET N 88 44.43 -65.44 12.42
CA MET N 88 43.88 -66.30 11.38
C MET N 88 43.90 -65.59 10.03
N THR N 89 44.41 -66.28 9.01
CA THR N 89 44.60 -65.69 7.69
C THR N 89 43.32 -65.59 6.88
N HIS N 90 42.19 -66.08 7.36
CA HIS N 90 40.90 -65.80 6.75
C HIS N 90 40.07 -65.13 7.83
N LEU N 91 40.23 -63.82 7.97
CA LEU N 91 39.51 -63.04 8.97
C LEU N 91 38.20 -62.56 8.38
N HIS N 92 37.10 -63.07 8.90
CA HIS N 92 35.76 -62.71 8.45
C HIS N 92 34.80 -62.96 9.60
N GLU N 93 33.49 -62.94 9.29
CA GLU N 93 32.50 -63.36 10.27
C GLU N 93 32.58 -64.85 10.55
N PRO N 94 32.55 -65.75 9.55
CA PRO N 94 32.60 -67.18 9.87
C PRO N 94 33.87 -67.57 10.58
N ALA N 95 34.95 -66.80 10.42
CA ALA N 95 36.20 -67.05 11.11
C ALA N 95 35.95 -67.13 12.62
N VAL N 96 35.53 -66.01 13.22
CA VAL N 96 35.23 -66.01 14.65
C VAL N 96 34.08 -66.95 14.95
N LEU N 97 33.05 -66.95 14.09
CA LEU N 97 31.86 -67.76 14.32
C LEU N 97 32.23 -69.20 14.63
N TYR N 98 32.92 -69.85 13.69
CA TYR N 98 33.22 -71.26 13.89
C TYR N 98 34.46 -71.49 14.75
N ASN N 99 35.44 -70.60 14.72
CA ASN N 99 36.56 -70.76 15.64
C ASN N 99 36.11 -70.75 17.09
N LEU N 100 34.95 -70.15 17.39
CA LEU N 100 34.40 -70.30 18.74
C LEU N 100 33.30 -71.35 18.84
N LYS N 101 32.58 -71.63 17.77
CA LYS N 101 31.60 -72.71 17.79
C LYS N 101 32.28 -74.04 18.09
N GLU N 102 33.34 -74.36 17.34
CA GLU N 102 34.07 -75.59 17.58
C GLU N 102 34.79 -75.59 18.92
N ARG N 103 35.19 -74.41 19.42
CA ARG N 103 35.86 -74.39 20.71
C ARG N 103 34.88 -74.64 21.84
N TYR N 104 33.66 -74.10 21.74
CA TYR N 104 32.62 -74.45 22.71
C TYR N 104 32.19 -75.90 22.56
N ALA N 105 32.25 -76.44 21.34
CA ALA N 105 32.03 -77.86 21.16
C ALA N 105 33.08 -78.67 21.93
N ALA N 106 34.36 -78.32 21.75
CA ALA N 106 35.46 -78.88 22.52
C ALA N 106 35.54 -78.29 23.92
N TRP N 107 34.58 -77.46 24.30
CA TRP N 107 34.45 -76.89 25.65
C TRP N 107 35.62 -75.98 26.01
N MET N 108 36.41 -75.55 25.03
CA MET N 108 37.46 -74.57 25.27
C MET N 108 36.80 -73.20 25.42
N ILE N 109 36.35 -72.92 26.64
CA ILE N 109 35.55 -71.73 26.91
C ILE N 109 36.38 -70.47 26.69
N TYR N 110 37.46 -70.33 27.44
CA TYR N 110 38.16 -69.06 27.55
C TYR N 110 39.12 -68.90 26.37
N THR N 111 38.75 -68.03 25.44
CA THR N 111 39.54 -67.72 24.26
C THR N 111 40.06 -66.29 24.36
N TYR N 112 40.84 -65.87 23.36
CA TYR N 112 41.32 -64.51 23.26
C TYR N 112 40.94 -63.93 21.91
N SER N 113 40.70 -62.61 21.90
CA SER N 113 40.32 -61.88 20.69
C SER N 113 41.02 -60.53 20.77
N GLY N 114 42.24 -60.45 20.27
CA GLY N 114 43.03 -59.24 20.44
C GLY N 114 43.12 -58.89 21.90
N LEU N 115 42.42 -57.83 22.30
CA LEU N 115 42.26 -57.50 23.71
C LEU N 115 41.05 -58.16 24.34
N PHE N 116 40.09 -58.58 23.54
CA PHE N 116 38.85 -59.14 24.08
C PHE N 116 39.10 -60.52 24.68
N CYS N 117 38.58 -60.74 25.88
CA CYS N 117 38.60 -62.05 26.52
C CYS N 117 37.22 -62.68 26.31
N VAL N 118 36.97 -63.13 25.08
CA VAL N 118 35.71 -63.77 24.75
C VAL N 118 35.51 -65.01 25.62
N THR N 119 34.34 -65.12 26.24
CA THR N 119 34.09 -66.18 27.21
C THR N 119 32.63 -66.61 27.11
N VAL N 120 32.41 -67.85 26.72
CA VAL N 120 31.07 -68.41 26.60
C VAL N 120 30.70 -69.04 27.93
N ASN N 121 29.40 -69.13 28.20
CA ASN N 121 29.04 -69.79 29.44
C ASN N 121 28.81 -71.28 29.20
N PRO N 122 29.05 -72.11 30.21
CA PRO N 122 28.62 -73.51 30.13
C PRO N 122 27.21 -73.68 30.66
N TYR N 123 26.71 -74.91 30.64
CA TYR N 123 25.45 -75.27 31.28
C TYR N 123 25.62 -76.56 32.06
N LYS N 124 26.79 -76.70 32.68
CA LYS N 124 27.16 -77.87 33.47
C LYS N 124 28.44 -77.51 34.22
N TRP N 125 28.73 -78.29 35.25
CA TRP N 125 29.88 -78.00 36.11
C TRP N 125 31.15 -78.39 35.36
N LEU N 126 31.77 -77.41 34.71
CA LEU N 126 33.11 -77.58 34.14
C LEU N 126 34.10 -76.82 35.00
N PRO N 127 34.79 -77.49 35.92
CA PRO N 127 35.64 -76.82 36.92
C PRO N 127 36.96 -76.29 36.34
N VAL N 128 36.88 -75.11 35.73
CA VAL N 128 38.05 -74.50 35.11
C VAL N 128 38.76 -73.50 36.02
N TYR N 129 38.10 -73.03 37.07
CA TYR N 129 38.60 -71.98 37.94
C TYR N 129 39.18 -72.51 39.24
N ASN N 130 39.58 -73.79 39.27
CA ASN N 130 39.87 -74.47 40.51
C ASN N 130 41.10 -73.88 41.21
N ALA N 131 41.35 -74.38 42.41
CA ALA N 131 42.35 -73.81 43.30
C ALA N 131 43.77 -74.03 42.83
N GLU N 132 44.01 -74.57 41.64
CA GLU N 132 45.35 -74.69 41.10
C GLU N 132 45.65 -73.71 39.99
N VAL N 133 44.66 -73.37 39.15
CA VAL N 133 44.89 -72.35 38.13
C VAL N 133 44.99 -70.96 38.73
N VAL N 134 44.68 -70.80 40.02
CA VAL N 134 44.89 -69.52 40.68
C VAL N 134 46.38 -69.22 40.80
N ALA N 135 47.19 -70.26 40.98
CA ALA N 135 48.63 -70.12 40.95
C ALA N 135 49.21 -70.36 39.57
N ALA N 136 48.57 -71.22 38.77
CA ALA N 136 49.02 -71.41 37.40
C ALA N 136 48.89 -70.14 36.58
N TYR N 137 47.92 -69.30 36.91
CA TYR N 137 47.74 -68.02 36.26
C TYR N 137 48.37 -66.87 37.01
N ARG N 138 48.89 -67.12 38.21
CA ARG N 138 49.59 -66.08 38.95
C ARG N 138 50.95 -65.80 38.31
N GLY N 139 51.36 -64.53 38.34
CA GLY N 139 52.66 -64.10 37.85
C GLY N 139 52.85 -64.13 36.36
N LYS N 140 51.95 -64.77 35.61
CA LYS N 140 52.10 -64.90 34.18
C LYS N 140 52.02 -63.53 33.50
N LYS N 141 52.60 -63.46 32.30
CA LYS N 141 52.23 -62.39 31.38
C LYS N 141 51.03 -62.88 30.56
N ARG N 142 50.59 -62.08 29.60
CA ARG N 142 49.29 -62.35 28.98
C ARG N 142 49.34 -63.62 28.13
N GLN N 143 50.22 -63.68 27.15
CA GLN N 143 50.09 -64.60 26.03
C GLN N 143 51.05 -65.78 26.09
N GLU N 144 51.29 -66.35 27.27
CA GLU N 144 51.97 -67.64 27.30
C GLU N 144 51.13 -68.74 27.92
N ALA N 145 50.34 -68.43 28.96
CA ALA N 145 49.46 -69.46 29.47
C ALA N 145 48.11 -69.39 28.77
N PRO N 146 47.37 -70.49 28.73
CA PRO N 146 46.13 -70.51 27.96
C PRO N 146 45.13 -69.51 28.53
N PRO N 147 44.22 -69.01 27.69
CA PRO N 147 43.36 -67.91 28.10
C PRO N 147 42.38 -68.28 29.20
N HIS N 148 42.03 -67.29 30.02
CA HIS N 148 41.06 -67.42 31.10
C HIS N 148 40.88 -66.05 31.73
N ILE N 149 39.76 -65.87 32.44
CA ILE N 149 39.50 -64.60 33.08
C ILE N 149 40.48 -64.33 34.20
N PHE N 150 40.91 -65.39 34.90
CA PHE N 150 41.94 -65.22 35.92
C PHE N 150 43.23 -64.70 35.30
N SER N 151 43.50 -65.08 34.06
CA SER N 151 44.68 -64.58 33.36
C SER N 151 44.67 -63.06 33.29
N ILE N 152 43.61 -62.49 32.71
CA ILE N 152 43.54 -61.04 32.55
C ILE N 152 43.42 -60.33 33.89
N SER N 153 42.77 -60.95 34.88
CA SER N 153 42.70 -60.32 36.20
C SER N 153 44.09 -60.21 36.81
N ASP N 154 44.86 -61.29 36.81
CA ASP N 154 46.23 -61.22 37.29
C ASP N 154 47.06 -60.28 36.45
N ASN N 155 46.78 -60.20 35.15
CA ASN N 155 47.45 -59.22 34.31
C ASN N 155 47.23 -57.81 34.82
N ALA N 156 45.98 -57.46 35.09
CA ALA N 156 45.68 -56.14 35.64
C ALA N 156 46.35 -55.94 36.99
N TYR N 157 46.36 -56.97 37.81
CA TYR N 157 46.99 -56.87 39.13
C TYR N 157 48.48 -56.54 39.00
N GLN N 158 49.22 -57.38 38.29
CA GLN N 158 50.64 -57.11 38.10
C GLN N 158 50.87 -55.78 37.40
N PHE N 159 49.98 -55.40 36.49
CA PHE N 159 50.12 -54.12 35.81
C PHE N 159 50.08 -52.96 36.79
N MET N 160 49.08 -52.95 37.67
CA MET N 160 49.04 -51.92 38.70
C MET N 160 50.23 -52.03 39.64
N LEU N 161 50.76 -53.24 39.82
CA LEU N 161 51.95 -53.40 40.64
C LEU N 161 53.19 -52.85 39.95
N THR N 162 53.16 -52.67 38.63
CA THR N 162 54.30 -52.05 37.94
C THR N 162 54.35 -50.55 38.17
N ASP N 163 53.26 -49.83 37.91
CA ASP N 163 53.32 -48.38 37.88
C ASP N 163 52.18 -47.73 38.65
N ARG N 164 51.65 -48.41 39.68
CA ARG N 164 50.65 -47.83 40.58
C ARG N 164 49.43 -47.31 39.82
N GLU N 165 49.14 -47.91 38.66
CA GLU N 165 48.14 -47.39 37.75
C GLU N 165 46.80 -48.07 37.96
N ASN N 166 45.73 -47.29 37.90
CA ASN N 166 44.39 -47.86 37.98
C ASN N 166 44.09 -48.70 36.75
N GLN N 167 43.34 -49.79 36.95
CA GLN N 167 42.93 -50.66 35.87
C GLN N 167 41.42 -50.82 35.89
N SER N 168 40.88 -51.40 34.82
CA SER N 168 39.44 -51.53 34.70
C SER N 168 39.10 -52.73 33.84
N ILE N 169 38.11 -53.50 34.27
CA ILE N 169 37.55 -54.60 33.50
C ILE N 169 36.12 -54.23 33.12
N LEU N 170 35.86 -54.19 31.82
CA LEU N 170 34.54 -53.83 31.29
C LEU N 170 33.90 -55.09 30.74
N ILE N 171 32.81 -55.50 31.37
CA ILE N 171 32.14 -56.76 31.05
C ILE N 171 30.72 -56.45 30.58
N THR N 172 30.21 -57.30 29.71
CA THR N 172 28.89 -57.09 29.11
C THR N 172 28.15 -58.42 29.04
N GLY N 173 27.36 -58.70 30.05
CA GLY N 173 26.53 -59.89 30.05
C GLY N 173 25.06 -59.53 30.23
N GLU N 174 24.20 -60.22 29.49
CA GLU N 174 22.77 -60.00 29.61
C GLU N 174 22.30 -60.32 31.03
N SER N 175 21.12 -59.81 31.37
CA SER N 175 20.56 -60.02 32.69
C SER N 175 20.36 -61.52 32.93
N GLY N 176 21.04 -62.05 33.93
CA GLY N 176 20.96 -63.48 34.21
C GLY N 176 21.68 -64.35 33.20
N ALA N 177 22.65 -63.79 32.47
CA ALA N 177 23.42 -64.56 31.50
C ALA N 177 24.64 -65.25 32.10
N GLY N 178 24.97 -64.94 33.35
CA GLY N 178 26.11 -65.54 34.02
C GLY N 178 27.21 -64.56 34.40
N LYS N 179 27.18 -63.34 33.88
CA LYS N 179 28.18 -62.35 34.26
C LYS N 179 28.11 -62.05 35.76
N THR N 180 26.90 -62.07 36.32
CA THR N 180 26.71 -61.92 37.76
C THR N 180 27.55 -62.92 38.55
N VAL N 181 27.97 -64.02 37.93
CA VAL N 181 28.85 -64.98 38.58
C VAL N 181 30.31 -64.64 38.34
N ASN N 182 30.65 -64.27 37.10
CA ASN N 182 32.03 -63.98 36.76
C ASN N 182 32.57 -62.80 37.55
N THR N 183 31.72 -61.81 37.84
CA THR N 183 32.17 -60.68 38.64
C THR N 183 32.65 -61.13 40.01
N LYS N 184 31.81 -61.87 40.74
CA LYS N 184 32.25 -62.36 42.04
C LYS N 184 33.43 -63.31 41.91
N ARG N 185 33.50 -64.05 40.81
CA ARG N 185 34.65 -64.91 40.55
C ARG N 185 35.95 -64.09 40.57
N VAL N 186 35.99 -63.01 39.79
CA VAL N 186 37.22 -62.24 39.68
C VAL N 186 37.50 -61.47 40.97
N ILE N 187 36.44 -61.01 41.67
CA ILE N 187 36.70 -60.25 42.89
C ILE N 187 37.22 -61.17 43.99
N GLN N 188 36.72 -62.40 44.06
CA GLN N 188 37.25 -63.33 45.05
C GLN N 188 38.63 -63.83 44.65
N TYR N 189 38.88 -63.96 43.34
CA TYR N 189 40.23 -64.23 42.87
C TYR N 189 41.21 -63.19 43.39
N PHE N 190 40.82 -61.92 43.30
CA PHE N 190 41.68 -60.86 43.83
C PHE N 190 41.76 -60.93 45.35
N ALA N 191 40.64 -61.20 46.02
CA ALA N 191 40.64 -61.29 47.47
C ALA N 191 41.59 -62.38 47.97
N THR N 192 41.79 -63.43 47.18
CA THR N 192 42.76 -64.46 47.55
C THR N 192 44.17 -64.07 47.15
N ILE N 193 44.35 -63.57 45.93
CA ILE N 193 45.68 -63.32 45.38
C ILE N 193 46.29 -62.06 46.01
N ALA N 194 45.52 -61.38 46.85
CA ALA N 194 46.00 -60.18 47.54
C ALA N 194 47.25 -60.48 48.36
N LEU N 213 34.16 -57.40 51.52
CA LEU N 213 34.54 -58.65 50.87
C LEU N 213 33.36 -59.14 50.03
N GLU N 214 33.64 -60.07 49.11
CA GLU N 214 32.67 -60.59 48.15
C GLU N 214 31.31 -60.91 48.78
N ASP N 215 31.32 -61.42 50.01
CA ASP N 215 30.05 -61.72 50.68
C ASP N 215 29.23 -60.44 50.86
N GLN N 216 29.87 -59.36 51.30
CA GLN N 216 29.17 -58.09 51.41
C GLN N 216 28.66 -57.61 50.06
N ILE N 217 29.46 -57.81 49.01
CA ILE N 217 29.06 -57.42 47.66
C ILE N 217 27.75 -58.10 47.27
N ILE N 218 27.76 -59.44 47.28
CA ILE N 218 26.58 -60.19 46.87
C ILE N 218 25.41 -59.93 47.81
N SER N 219 25.70 -59.60 49.07
CA SER N 219 24.65 -59.32 50.02
C SER N 219 23.94 -58.02 49.69
N ALA N 220 24.70 -56.98 49.34
CA ALA N 220 24.09 -55.71 48.97
C ALA N 220 23.48 -55.75 47.57
N ASN N 221 23.92 -56.70 46.73
CA ASN N 221 23.50 -56.75 45.33
C ASN N 221 21.99 -56.72 45.10
N PRO N 222 21.16 -57.54 45.75
CA PRO N 222 19.77 -57.67 45.28
C PRO N 222 18.94 -56.41 45.42
N LEU N 223 19.15 -55.64 46.50
CA LEU N 223 18.40 -54.40 46.70
C LEU N 223 18.59 -53.44 45.54
N LEU N 224 19.78 -53.43 44.93
CA LEU N 224 20.01 -52.60 43.77
C LEU N 224 19.01 -52.94 42.67
N GLU N 225 19.03 -54.19 42.19
CA GLU N 225 18.07 -54.60 41.17
C GLU N 225 16.63 -54.46 41.64
N ALA N 226 16.39 -54.44 42.95
CA ALA N 226 15.04 -54.16 43.42
C ALA N 226 14.63 -52.73 43.07
N PHE N 227 15.47 -51.77 43.43
CA PHE N 227 15.16 -50.37 43.13
C PHE N 227 15.19 -50.08 41.64
N GLY N 228 16.17 -50.61 40.91
CA GLY N 228 16.43 -50.16 39.57
C GLY N 228 16.47 -51.22 38.48
N ASN N 229 15.58 -52.20 38.53
CA ASN N 229 15.42 -53.16 37.44
C ASN N 229 13.95 -53.23 37.07
N ALA N 230 13.68 -53.76 35.88
CA ALA N 230 12.31 -53.87 35.40
C ALA N 230 12.24 -54.83 34.23
N LYS N 231 11.03 -55.30 33.96
CA LYS N 231 10.77 -56.08 32.76
C LYS N 231 10.99 -55.20 31.53
N THR N 232 11.33 -55.84 30.42
CA THR N 232 11.43 -55.17 29.13
C THR N 232 10.56 -55.88 28.10
N VAL N 233 10.64 -55.40 26.86
CA VAL N 233 10.08 -56.14 25.74
C VAL N 233 10.94 -57.34 25.41
N ARG N 234 12.19 -57.35 25.87
CA ARG N 234 13.12 -58.43 25.59
C ARG N 234 13.24 -59.39 26.77
N ASN N 235 13.60 -58.90 27.95
CA ASN N 235 13.83 -59.79 29.08
C ASN N 235 13.16 -59.30 30.37
N ASP N 236 13.50 -59.94 31.48
CA ASP N 236 12.75 -59.78 32.73
C ASP N 236 13.42 -58.87 33.74
N ASN N 237 14.68 -59.12 34.09
CA ASN N 237 15.34 -58.40 35.18
C ASN N 237 16.49 -57.54 34.69
N SER N 238 16.26 -56.82 33.60
CA SER N 238 17.23 -55.87 33.07
C SER N 238 17.68 -54.88 34.14
N SER N 239 18.99 -54.73 34.28
CA SER N 239 19.56 -53.71 35.15
C SER N 239 19.69 -52.43 34.34
N ARG N 240 18.76 -51.50 34.55
CA ARG N 240 18.73 -50.29 33.73
C ARG N 240 19.95 -49.41 34.00
N PHE N 241 20.36 -49.30 35.25
CA PHE N 241 21.44 -48.39 35.61
C PHE N 241 22.78 -48.95 35.14
N GLY N 242 23.84 -48.22 35.46
CA GLY N 242 25.20 -48.68 35.24
C GLY N 242 25.81 -49.05 36.58
N LYS N 243 26.75 -49.99 36.54
CA LYS N 243 27.38 -50.50 37.75
C LYS N 243 28.88 -50.44 37.59
N PHE N 244 29.57 -50.05 38.65
CA PHE N 244 31.01 -49.89 38.60
C PHE N 244 31.56 -50.04 40.02
N ILE N 245 32.53 -50.93 40.17
CA ILE N 245 33.06 -51.30 41.48
C ILE N 245 34.53 -50.90 41.55
N ARG N 246 34.88 -50.15 42.59
CA ARG N 246 36.26 -49.76 42.85
C ARG N 246 36.77 -50.58 44.03
N ILE N 247 37.85 -51.32 43.82
CA ILE N 247 38.51 -52.07 44.88
C ILE N 247 39.91 -51.48 45.01
N HIS N 248 40.05 -50.51 45.91
CA HIS N 248 41.35 -49.89 46.13
C HIS N 248 42.24 -50.81 46.97
N PHE N 249 43.54 -50.67 46.76
CA PHE N 249 44.55 -51.41 47.48
C PHE N 249 45.44 -50.45 48.25
N GLY N 250 46.42 -51.00 48.96
CA GLY N 250 47.45 -50.19 49.56
C GLY N 250 48.44 -49.73 48.50
N THR N 251 49.70 -49.59 48.87
CA THR N 251 50.72 -49.26 47.90
C THR N 251 51.47 -50.48 47.37
N THR N 252 51.23 -51.65 47.95
CA THR N 252 51.83 -52.90 47.48
C THR N 252 50.79 -53.89 46.97
N GLY N 253 49.51 -53.59 47.12
CA GLY N 253 48.45 -54.50 46.72
C GLY N 253 47.87 -55.20 47.92
N LYS N 254 46.77 -54.67 48.44
CA LYS N 254 46.11 -55.23 49.61
C LYS N 254 44.72 -54.63 49.68
N LEU N 255 43.69 -55.48 49.55
CA LEU N 255 42.32 -54.98 49.46
C LEU N 255 41.97 -54.05 50.62
N ALA N 256 41.76 -52.77 50.30
CA ALA N 256 41.49 -51.75 51.30
C ALA N 256 40.15 -51.07 51.07
N SER N 257 39.26 -51.68 50.30
CA SER N 257 37.99 -51.07 49.97
C SER N 257 37.06 -52.11 49.35
N ALA N 258 35.77 -51.79 49.38
CA ALA N 258 34.76 -52.51 48.61
C ALA N 258 33.70 -51.49 48.23
N ASP N 259 33.86 -50.89 47.05
CA ASP N 259 33.09 -49.72 46.65
C ASP N 259 32.23 -50.03 45.44
N ILE N 260 31.35 -49.07 45.12
CA ILE N 260 30.33 -49.27 44.10
C ILE N 260 29.92 -47.91 43.55
N GLU N 261 29.69 -47.85 42.25
CA GLU N 261 29.22 -46.65 41.57
C GLU N 261 27.99 -46.97 40.72
N THR N 262 26.95 -46.18 40.89
CA THR N 262 25.79 -46.22 40.01
C THR N 262 25.90 -45.10 38.99
N TYR N 263 25.66 -45.43 37.73
CA TYR N 263 25.91 -44.50 36.63
C TYR N 263 24.77 -44.55 35.63
N LEU N 264 24.35 -43.37 35.17
CA LEU N 264 23.34 -43.23 34.12
C LEU N 264 22.07 -44.01 34.46
N LEU N 265 21.67 -43.95 35.73
CA LEU N 265 20.40 -44.56 36.12
C LEU N 265 19.27 -43.95 35.31
N GLU N 266 18.45 -44.81 34.71
CA GLU N 266 17.32 -44.31 33.93
C GLU N 266 16.36 -43.57 34.85
N LYS N 267 15.72 -42.55 34.30
CA LYS N 267 14.82 -41.69 35.05
C LYS N 267 13.35 -41.90 34.67
N SER N 268 13.03 -41.88 33.39
CA SER N 268 11.64 -41.84 32.92
C SER N 268 10.85 -43.11 33.25
N ARG N 269 11.51 -44.20 33.66
CA ARG N 269 10.76 -45.38 34.07
C ARG N 269 9.75 -45.04 35.15
N VAL N 270 10.13 -44.18 36.09
CA VAL N 270 9.31 -43.90 37.25
C VAL N 270 7.97 -43.26 36.86
N THR N 271 7.87 -42.78 35.63
CA THR N 271 6.64 -42.15 35.18
C THR N 271 6.07 -42.77 33.91
N PHE N 272 6.92 -43.22 32.99
CA PHE N 272 6.45 -43.70 31.71
C PHE N 272 7.15 -45.01 31.35
N GLN N 273 6.38 -45.93 30.79
CA GLN N 273 6.92 -47.15 30.20
C GLN N 273 5.97 -47.61 29.11
N LEU N 274 6.53 -48.20 28.06
CA LEU N 274 5.69 -48.67 26.97
C LEU N 274 4.93 -49.93 27.39
N LYS N 275 4.05 -50.40 26.50
CA LYS N 275 3.09 -51.43 26.87
C LYS N 275 3.77 -52.75 27.24
N ALA N 276 4.88 -53.07 26.57
CA ALA N 276 5.49 -54.39 26.68
C ALA N 276 6.41 -54.52 27.88
N GLU N 277 6.24 -53.70 28.91
CA GLU N 277 7.09 -53.76 30.10
C GLU N 277 6.39 -53.02 31.23
N ARG N 278 7.06 -52.89 32.36
CA ARG N 278 6.51 -52.19 33.51
C ARG N 278 7.60 -51.34 34.14
N SER N 279 7.22 -50.58 35.17
CA SER N 279 8.15 -49.71 35.86
C SER N 279 9.05 -50.56 36.78
N TYR N 280 9.80 -49.90 37.65
CA TYR N 280 10.72 -50.60 38.53
C TYR N 280 9.96 -51.56 39.45
N HIS N 281 10.73 -52.46 40.08
CA HIS N 281 10.13 -53.57 40.82
C HIS N 281 9.37 -53.09 42.05
N ILE N 282 9.98 -52.19 42.83
CA ILE N 282 9.50 -51.88 44.18
C ILE N 282 8.02 -51.53 44.22
N PHE N 283 7.51 -50.90 43.16
CA PHE N 283 6.10 -50.51 43.17
C PHE N 283 5.20 -51.73 43.22
N TYR N 284 5.41 -52.68 42.30
CA TYR N 284 4.61 -53.90 42.33
C TYR N 284 4.97 -54.77 43.53
N GLN N 285 6.21 -54.65 44.02
CA GLN N 285 6.59 -55.34 45.24
C GLN N 285 5.68 -54.94 46.40
N ILE N 286 5.71 -53.66 46.76
CA ILE N 286 4.82 -53.17 47.82
C ILE N 286 3.36 -53.40 47.44
N MET N 287 3.07 -53.42 46.14
CA MET N 287 1.72 -53.75 45.71
C MET N 287 1.37 -55.19 46.02
N SER N 288 2.32 -56.11 45.83
CA SER N 288 2.16 -57.47 46.29
C SER N 288 1.97 -57.47 47.80
N ASN N 289 0.97 -58.23 48.27
CA ASN N 289 0.45 -58.05 49.62
C ASN N 289 1.09 -59.01 50.63
N LYS N 290 2.37 -59.34 50.48
CA LYS N 290 2.99 -60.21 51.47
C LYS N 290 3.07 -59.57 52.85
N LYS N 291 2.84 -58.27 52.96
CA LYS N 291 2.77 -57.59 54.25
C LYS N 291 1.90 -56.36 54.08
N PRO N 292 0.61 -56.47 54.39
CA PRO N 292 -0.29 -55.31 54.28
C PRO N 292 0.02 -54.19 55.26
N ASP N 293 1.03 -54.35 56.12
CA ASP N 293 1.44 -53.25 56.99
C ASP N 293 1.79 -52.01 56.17
N LEU N 294 2.55 -52.20 55.09
CA LEU N 294 2.84 -51.11 54.19
C LEU N 294 1.58 -50.62 53.48
N ILE N 295 0.82 -51.54 52.88
CA ILE N 295 -0.38 -51.20 52.14
C ILE N 295 -1.29 -50.27 52.95
N GLU N 296 -1.39 -50.51 54.25
CA GLU N 296 -2.17 -49.62 55.08
C GLU N 296 -1.36 -48.41 55.55
N MET N 297 -0.03 -48.53 55.65
CA MET N 297 0.78 -47.44 56.14
C MET N 297 1.15 -46.47 55.01
N LEU N 298 1.52 -46.98 53.85
CA LEU N 298 1.77 -46.12 52.70
C LEU N 298 0.49 -45.64 52.03
N LEU N 299 -0.67 -46.06 52.53
CA LEU N 299 -1.98 -45.66 52.03
C LEU N 299 -2.19 -46.04 50.56
N ILE N 300 -1.29 -46.83 49.98
CA ILE N 300 -1.45 -47.22 48.59
C ILE N 300 -2.55 -48.28 48.47
N THR N 301 -3.11 -48.38 47.28
CA THR N 301 -4.25 -49.25 47.07
C THR N 301 -3.78 -50.69 46.86
N THR N 302 -4.75 -51.57 46.60
CA THR N 302 -4.49 -52.99 46.42
C THR N 302 -4.56 -53.42 44.95
N ASN N 303 -4.85 -52.49 44.04
CA ASN N 303 -4.88 -52.78 42.62
C ASN N 303 -3.85 -51.92 41.91
N PRO N 304 -2.87 -52.50 41.22
CA PRO N 304 -1.83 -51.66 40.60
C PRO N 304 -2.32 -50.89 39.40
N TYR N 305 -3.39 -51.36 38.75
CA TYR N 305 -3.96 -50.64 37.61
C TYR N 305 -4.65 -49.36 38.06
N ASP N 306 -4.61 -49.06 39.35
CA ASP N 306 -5.25 -47.86 39.88
C ASP N 306 -4.29 -46.69 40.00
N TYR N 307 -2.98 -46.91 39.82
CA TYR N 307 -1.98 -45.87 40.01
C TYR N 307 -1.23 -45.65 38.70
N ALA N 308 -1.37 -44.46 38.15
CA ALA N 308 -1.09 -44.24 36.73
C ALA N 308 0.39 -44.34 36.41
N PHE N 309 1.26 -43.84 37.30
CA PHE N 309 2.69 -43.83 37.01
C PHE N 309 3.22 -45.21 36.68
N VAL N 310 2.62 -46.27 37.23
CA VAL N 310 3.11 -47.62 37.04
C VAL N 310 2.17 -48.49 36.21
N SER N 311 0.97 -47.99 35.88
CA SER N 311 -0.08 -48.80 35.29
C SER N 311 -0.24 -48.56 33.79
N GLN N 312 0.87 -48.38 33.08
CA GLN N 312 0.83 -48.20 31.63
C GLN N 312 1.47 -49.36 30.89
N GLY N 313 1.79 -50.44 31.58
CA GLY N 313 2.36 -51.61 30.93
C GLY N 313 1.73 -52.91 31.36
N GLU N 314 2.54 -53.84 31.83
CA GLU N 314 2.09 -55.15 32.30
C GLU N 314 2.42 -55.27 33.78
N ILE N 315 1.38 -55.32 34.61
CA ILE N 315 1.59 -55.28 36.06
C ILE N 315 2.23 -56.56 36.55
N THR N 316 1.56 -57.69 36.36
CA THR N 316 2.04 -58.98 36.85
C THR N 316 2.85 -59.68 35.77
N VAL N 317 4.07 -60.09 36.12
CA VAL N 317 4.96 -60.78 35.19
C VAL N 317 4.78 -62.27 35.37
N PRO N 318 4.77 -63.07 34.28
CA PRO N 318 4.71 -64.52 34.46
C PRO N 318 6.08 -65.14 34.68
N SER N 319 6.91 -64.52 35.51
CA SER N 319 8.19 -65.10 35.89
C SER N 319 8.33 -65.30 37.38
N ILE N 320 8.14 -64.26 38.18
CA ILE N 320 8.35 -64.30 39.62
C ILE N 320 7.33 -63.40 40.28
N ASP N 321 6.74 -63.88 41.38
CA ASP N 321 5.93 -63.01 42.22
C ASP N 321 6.85 -62.07 43.00
N ASP N 322 6.32 -60.91 43.32
CA ASP N 322 7.11 -59.92 44.05
C ASP N 322 7.11 -60.14 45.55
N GLN N 323 6.16 -60.93 46.06
CA GLN N 323 5.96 -61.05 47.50
C GLN N 323 7.25 -61.41 48.22
N GLU N 324 7.83 -62.56 47.90
CA GLU N 324 9.06 -63.01 48.57
C GLU N 324 10.16 -61.95 48.52
N GLU N 325 10.24 -61.24 47.39
CA GLU N 325 11.26 -60.21 47.24
C GLU N 325 11.12 -59.11 48.29
N LEU N 326 9.90 -58.89 48.79
CA LEU N 326 9.70 -57.92 49.86
C LEU N 326 10.65 -58.17 51.01
N MET N 327 10.53 -59.33 51.65
CA MET N 327 11.39 -59.62 52.79
C MET N 327 12.81 -59.95 52.38
N ALA N 328 13.00 -60.48 51.17
CA ALA N 328 14.36 -60.66 50.67
C ALA N 328 15.14 -59.35 50.71
N THR N 329 14.64 -58.34 50.00
CA THR N 329 15.29 -57.04 49.99
C THR N 329 15.20 -56.35 51.34
N ASP N 330 14.17 -56.66 52.14
CA ASP N 330 14.10 -56.10 53.48
C ASP N 330 15.29 -56.56 54.31
N SER N 331 15.59 -57.85 54.28
CA SER N 331 16.79 -58.35 54.94
C SER N 331 18.04 -57.75 54.32
N ALA N 332 18.08 -57.63 52.99
CA ALA N 332 19.19 -56.97 52.33
C ALA N 332 19.44 -55.60 52.93
N ILE N 333 18.37 -54.87 53.23
CA ILE N 333 18.48 -53.60 53.95
C ILE N 333 19.04 -53.85 55.36
N ASP N 334 18.36 -54.70 56.12
CA ASP N 334 18.63 -54.83 57.55
C ASP N 334 20.09 -55.15 57.81
N ILE N 335 20.66 -56.07 57.04
CA ILE N 335 22.05 -56.46 57.26
C ILE N 335 23.00 -55.30 56.99
N LEU N 336 22.58 -54.31 56.21
CA LEU N 336 23.43 -53.18 55.90
C LEU N 336 23.16 -52.02 56.86
N GLY N 337 23.95 -50.95 56.72
CA GLY N 337 23.95 -49.88 57.68
C GLY N 337 22.71 -48.99 57.65
N PHE N 338 21.55 -49.59 57.88
CA PHE N 338 20.28 -48.88 57.82
C PHE N 338 19.56 -48.96 59.16
N THR N 339 19.09 -47.82 59.65
CA THR N 339 18.18 -47.82 60.78
C THR N 339 16.77 -48.16 60.30
N SER N 340 15.84 -48.29 61.25
CA SER N 340 14.48 -48.70 60.90
C SER N 340 13.69 -47.53 60.33
N ASP N 341 13.67 -46.40 61.04
CA ASP N 341 13.00 -45.22 60.52
C ASP N 341 13.52 -44.85 59.14
N GLU N 342 14.80 -45.12 58.87
CA GLU N 342 15.34 -44.96 57.53
C GLU N 342 14.53 -45.78 56.53
N ARG N 343 14.18 -47.01 56.90
CA ARG N 343 13.47 -47.88 55.98
C ARG N 343 12.01 -47.47 55.83
N VAL N 344 11.37 -47.05 56.92
CA VAL N 344 10.00 -46.56 56.79
C VAL N 344 9.99 -45.29 55.96
N SER N 345 11.06 -44.48 56.03
CA SER N 345 11.17 -43.31 55.17
C SER N 345 11.28 -43.71 53.71
N ILE N 346 12.13 -44.68 53.40
CA ILE N 346 12.23 -45.18 52.03
C ILE N 346 10.85 -45.60 51.53
N TYR N 347 10.12 -46.35 52.35
CA TYR N 347 8.80 -46.83 51.95
C TYR N 347 7.83 -45.67 51.71
N LYS N 348 7.80 -44.70 52.64
CA LYS N 348 6.92 -43.56 52.49
C LYS N 348 7.25 -42.76 51.23
N LEU N 349 8.53 -42.64 50.91
CA LEU N 349 8.91 -41.90 49.71
C LEU N 349 8.46 -42.63 48.45
N THR N 350 8.65 -43.95 48.41
CA THR N 350 8.14 -44.71 47.27
C THR N 350 6.63 -44.57 47.15
N GLY N 351 5.93 -44.57 48.27
CA GLY N 351 4.49 -44.41 48.24
C GLY N 351 4.06 -43.05 47.72
N ALA N 352 4.78 -41.99 48.12
CA ALA N 352 4.46 -40.66 47.64
C ALA N 352 4.76 -40.53 46.15
N VAL N 353 5.88 -41.11 45.71
CA VAL N 353 6.17 -41.17 44.28
C VAL N 353 5.01 -41.80 43.54
N MET N 354 4.50 -42.91 44.06
CA MET N 354 3.38 -43.57 43.42
C MET N 354 2.11 -42.72 43.47
N HIS N 355 1.93 -41.96 44.54
CA HIS N 355 0.70 -41.18 44.71
C HIS N 355 0.65 -39.98 43.77
N TYR N 356 1.82 -39.37 43.50
CA TYR N 356 1.85 -38.18 42.66
C TYR N 356 1.04 -38.34 41.38
N GLY N 357 1.07 -39.54 40.79
CA GLY N 357 0.40 -39.76 39.52
C GLY N 357 -1.07 -39.39 39.54
N ASN N 358 -1.73 -39.53 40.68
CA ASN N 358 -3.16 -39.30 40.77
C ASN N 358 -3.52 -37.87 41.15
N MET N 359 -2.54 -36.99 41.34
CA MET N 359 -2.83 -35.59 41.57
C MET N 359 -3.46 -34.99 40.31
N LYS N 360 -4.62 -34.39 40.47
CA LYS N 360 -5.39 -33.88 39.35
C LYS N 360 -5.41 -32.35 39.37
N PHE N 361 -5.49 -31.76 38.20
CA PHE N 361 -5.49 -30.31 38.04
C PHE N 361 -6.43 -29.93 36.91
N LYS N 362 -7.11 -28.80 37.08
CA LYS N 362 -8.05 -28.31 36.09
C LYS N 362 -7.76 -26.85 35.80
N GLN N 363 -7.82 -26.49 34.52
CA GLN N 363 -7.61 -25.11 34.11
C GLN N 363 -8.66 -24.20 34.75
N LYS N 364 -8.22 -23.03 35.18
CA LYS N 364 -9.13 -22.09 35.81
C LYS N 364 -10.22 -21.65 34.83
N GLN N 365 -11.23 -20.96 35.36
CA GLN N 365 -12.41 -20.65 34.57
C GLN N 365 -12.08 -19.73 33.40
N ARG N 366 -11.42 -18.61 33.67
CA ARG N 366 -11.20 -17.62 32.64
C ARG N 366 -9.72 -17.32 32.42
N GLU N 367 -8.90 -18.36 32.35
CA GLU N 367 -7.46 -18.22 32.16
C GLU N 367 -6.92 -19.59 31.78
N GLU N 368 -5.61 -19.66 31.55
CA GLU N 368 -4.92 -20.92 31.38
C GLU N 368 -4.15 -21.33 32.62
N GLN N 369 -4.32 -20.60 33.71
CA GLN N 369 -3.66 -20.93 34.97
C GLN N 369 -4.23 -22.22 35.54
N ALA N 370 -3.38 -23.18 35.83
CA ALA N 370 -3.83 -24.42 36.42
C ALA N 370 -4.25 -24.21 37.88
N GLU N 371 -5.06 -25.13 38.37
CA GLU N 371 -5.53 -25.09 39.74
C GLU N 371 -6.00 -26.48 40.14
N PRO N 372 -5.98 -26.81 41.43
CA PRO N 372 -6.35 -28.16 41.85
C PRO N 372 -7.85 -28.34 42.04
N ASP N 373 -8.30 -29.58 41.77
CA ASP N 373 -9.69 -29.95 41.98
C ASP N 373 -9.89 -30.71 43.29
N GLY N 374 -9.17 -31.81 43.47
CA GLY N 374 -9.32 -32.62 44.66
C GLY N 374 -8.03 -32.76 45.44
N THR N 375 -8.02 -32.25 46.66
CA THR N 375 -6.82 -32.27 47.51
C THR N 375 -6.62 -33.62 48.19
N GLU N 376 -7.42 -34.63 47.86
CA GLU N 376 -7.35 -35.91 48.56
C GLU N 376 -5.99 -36.55 48.40
N VAL N 377 -5.63 -36.92 47.16
CA VAL N 377 -4.32 -37.47 46.90
C VAL N 377 -3.24 -36.47 47.25
N ALA N 378 -3.54 -35.18 47.11
CA ALA N 378 -2.63 -34.15 47.59
C ALA N 378 -2.40 -34.29 49.09
N ASP N 379 -3.48 -34.48 49.85
CA ASP N 379 -3.36 -34.68 51.29
C ASP N 379 -2.50 -35.89 51.59
N LYS N 380 -2.77 -37.01 50.92
CA LYS N 380 -2.00 -38.24 51.15
C LYS N 380 -0.51 -37.99 50.91
N ALA N 381 -0.17 -37.51 49.71
CA ALA N 381 1.23 -37.33 49.35
C ALA N 381 1.92 -36.34 50.30
N ALA N 382 1.26 -35.23 50.61
CA ALA N 382 1.86 -34.25 51.50
C ALA N 382 2.02 -34.77 52.91
N TYR N 383 1.15 -35.69 53.32
CA TYR N 383 1.29 -36.27 54.65
C TYR N 383 2.43 -37.27 54.68
N LEU N 384 2.64 -37.99 53.58
CA LEU N 384 3.75 -38.95 53.52
C LEU N 384 5.11 -38.29 53.68
N GLN N 385 5.20 -36.96 53.58
CA GLN N 385 6.45 -36.24 53.81
C GLN N 385 6.35 -35.25 54.95
N ASN N 386 5.22 -35.20 55.65
CA ASN N 386 5.03 -34.33 56.81
C ASN N 386 5.22 -32.86 56.45
N LEU N 387 4.39 -32.40 55.51
CA LEU N 387 4.37 -31.00 55.13
C LEU N 387 2.98 -30.69 54.60
N ASN N 388 2.57 -29.43 54.72
CA ASN N 388 1.19 -29.05 54.44
C ASN N 388 0.81 -29.39 53.00
N SER N 389 -0.46 -29.72 52.81
CA SER N 389 -0.95 -30.11 51.49
C SER N 389 -1.36 -28.89 50.67
N ALA N 390 -2.17 -28.01 51.26
CA ALA N 390 -2.53 -26.77 50.59
C ALA N 390 -1.29 -26.01 50.14
N ASP N 391 -0.29 -25.93 51.02
CA ASP N 391 0.96 -25.29 50.65
C ASP N 391 1.62 -25.98 49.47
N LEU N 392 1.59 -27.31 49.45
CA LEU N 392 2.23 -28.04 48.36
C LEU N 392 1.55 -27.74 47.03
N LEU N 393 0.22 -27.87 46.98
CA LEU N 393 -0.49 -27.63 45.73
C LEU N 393 -0.36 -26.19 45.29
N LYS N 394 -0.34 -25.26 46.24
CA LYS N 394 -0.10 -23.85 45.89
C LYS N 394 1.27 -23.69 45.25
N ALA N 395 2.31 -24.17 45.92
CA ALA N 395 3.67 -24.06 45.39
C ALA N 395 3.86 -24.83 44.08
N LEU N 396 2.95 -25.77 43.76
CA LEU N 396 2.99 -26.37 42.43
C LEU N 396 2.32 -25.46 41.40
N CYS N 397 1.20 -24.86 41.75
CA CYS N 397 0.42 -24.08 40.80
C CYS N 397 0.67 -22.57 40.92
N TYR N 398 1.59 -22.15 41.79
CA TYR N 398 2.05 -20.77 41.84
C TYR N 398 3.49 -20.72 42.29
N PRO N 399 4.42 -21.24 41.48
CA PRO N 399 5.83 -21.13 41.81
C PRO N 399 6.25 -19.67 41.84
N ARG N 400 7.48 -19.43 42.30
CA ARG N 400 8.00 -18.08 42.28
C ARG N 400 9.51 -18.14 42.14
N VAL N 401 10.05 -17.15 41.43
CA VAL N 401 11.44 -17.16 41.01
C VAL N 401 12.12 -15.89 41.52
N LYS N 402 13.41 -16.02 41.82
CA LYS N 402 14.21 -14.91 42.34
C LYS N 402 14.65 -14.04 41.17
N VAL N 403 14.00 -12.89 41.01
CA VAL N 403 14.35 -11.93 39.98
C VAL N 403 14.97 -10.71 40.66
N GLY N 404 16.12 -10.28 40.15
CA GLY N 404 16.83 -9.16 40.75
C GLY N 404 17.09 -9.39 42.23
N ASN N 405 16.44 -8.61 43.08
CA ASN N 405 16.51 -8.75 44.52
C ASN N 405 15.12 -8.83 45.11
N GLU N 406 14.20 -9.46 44.38
CA GLU N 406 12.85 -9.70 44.87
C GLU N 406 12.35 -10.98 44.23
N TYR N 407 11.04 -11.21 44.31
CA TYR N 407 10.44 -12.42 43.78
C TYR N 407 9.18 -12.07 43.00
N VAL N 408 8.85 -12.94 42.05
CA VAL N 408 7.62 -12.81 41.28
C VAL N 408 7.08 -14.22 41.06
N THR N 409 5.76 -14.34 41.00
CA THR N 409 5.11 -15.65 40.89
C THR N 409 4.84 -15.93 39.41
N LYS N 410 5.64 -16.81 38.83
CA LYS N 410 5.38 -17.23 37.46
C LYS N 410 4.02 -17.91 37.36
N GLY N 411 3.43 -17.83 36.17
CA GLY N 411 2.22 -18.56 35.91
C GLY N 411 2.49 -19.98 35.50
N GLN N 412 1.46 -20.81 35.56
CA GLN N 412 1.58 -22.22 35.22
C GLN N 412 0.32 -22.70 34.54
N THR N 413 0.48 -23.37 33.41
CA THR N 413 -0.62 -24.07 32.79
C THR N 413 -0.64 -25.53 33.24
N VAL N 414 -1.75 -26.21 32.96
CA VAL N 414 -1.94 -27.58 33.43
C VAL N 414 -0.77 -28.46 33.01
N GLN N 415 -0.51 -28.51 31.70
CA GLN N 415 0.60 -29.30 31.17
C GLN N 415 1.90 -28.99 31.89
N GLN N 416 2.15 -27.72 32.17
CA GLN N 416 3.36 -27.34 32.90
C GLN N 416 3.38 -27.97 34.28
N VAL N 417 2.23 -28.00 34.96
CA VAL N 417 2.19 -28.55 36.30
C VAL N 417 2.40 -30.06 36.26
N TYR N 418 1.85 -30.73 35.25
CA TYR N 418 2.07 -32.17 35.11
C TYR N 418 3.54 -32.48 34.87
N ASN N 419 4.18 -31.72 33.98
CA ASN N 419 5.61 -31.91 33.77
C ASN N 419 6.38 -31.65 35.06
N ALA N 420 5.95 -30.66 35.84
CA ALA N 420 6.63 -30.36 37.09
C ALA N 420 6.55 -31.51 38.07
N VAL N 421 5.34 -32.06 38.26
CA VAL N 421 5.20 -33.14 39.23
C VAL N 421 5.90 -34.39 38.74
N GLY N 422 5.90 -34.64 37.43
CA GLY N 422 6.66 -35.75 36.90
C GLY N 422 8.13 -35.62 37.21
N ALA N 423 8.71 -34.45 36.91
CA ALA N 423 10.11 -34.23 37.22
C ALA N 423 10.37 -34.33 38.72
N LEU N 424 9.40 -33.95 39.54
CA LEU N 424 9.58 -34.03 40.99
C LEU N 424 9.70 -35.47 41.45
N ALA N 425 8.74 -36.30 41.05
CA ALA N 425 8.81 -37.73 41.39
C ALA N 425 10.11 -38.34 40.89
N LYS N 426 10.45 -38.05 39.63
CA LYS N 426 11.67 -38.61 39.06
C LYS N 426 12.90 -38.21 39.88
N ALA N 427 12.99 -36.93 40.24
CA ALA N 427 14.15 -36.45 40.96
C ALA N 427 14.23 -37.06 42.36
N VAL N 428 13.11 -37.13 43.06
CA VAL N 428 13.15 -37.67 44.42
C VAL N 428 13.50 -39.16 44.39
N TYR N 429 13.02 -39.88 43.37
CA TYR N 429 13.35 -41.31 43.28
C TYR N 429 14.82 -41.50 42.96
N GLU N 430 15.35 -40.72 42.01
CA GLU N 430 16.76 -40.83 41.68
C GLU N 430 17.63 -40.47 42.87
N LYS N 431 17.21 -39.48 43.67
CA LYS N 431 17.98 -39.11 44.84
C LYS N 431 17.93 -40.21 45.90
N MET N 432 16.75 -40.83 46.07
CA MET N 432 16.67 -42.01 46.93
C MET N 432 17.69 -43.06 46.53
N PHE N 433 17.74 -43.37 45.24
CA PHE N 433 18.68 -44.36 44.74
C PHE N 433 20.12 -43.96 45.05
N LEU N 434 20.51 -42.74 44.69
CA LEU N 434 21.89 -42.35 44.88
C LEU N 434 22.29 -42.35 46.34
N TRP N 435 21.37 -41.98 47.24
CA TRP N 435 21.76 -41.92 48.64
C TRP N 435 21.73 -43.28 49.31
N MET N 436 20.84 -44.18 48.90
CA MET N 436 20.95 -45.54 49.41
C MET N 436 22.24 -46.18 48.95
N VAL N 437 22.67 -45.91 47.71
CA VAL N 437 23.99 -46.38 47.27
C VAL N 437 25.08 -45.77 48.13
N THR N 438 24.95 -44.48 48.44
CA THR N 438 25.91 -43.82 49.33
C THR N 438 26.02 -44.56 50.66
N ARG N 439 24.87 -44.85 51.27
CA ARG N 439 24.88 -45.57 52.55
C ARG N 439 25.53 -46.94 52.42
N ILE N 440 25.19 -47.67 51.36
CA ILE N 440 25.77 -49.00 51.15
C ILE N 440 27.28 -48.90 51.10
N ASN N 441 27.80 -48.12 50.16
CA ASN N 441 29.25 -47.95 50.06
C ASN N 441 29.85 -47.33 51.31
N GLN N 442 29.03 -46.71 52.17
CA GLN N 442 29.52 -46.16 53.42
C GLN N 442 29.69 -47.24 54.47
N GLN N 443 28.85 -48.27 54.43
CA GLN N 443 28.92 -49.37 55.40
C GLN N 443 30.00 -50.40 55.07
N LEU N 444 30.63 -50.33 53.89
CA LEU N 444 31.45 -51.42 53.41
C LEU N 444 32.95 -51.13 53.36
N ASP N 445 33.37 -49.88 53.44
CA ASP N 445 34.79 -49.56 53.27
C ASP N 445 35.61 -50.07 54.44
N THR N 446 36.84 -50.48 54.14
CA THR N 446 37.81 -50.87 55.15
C THR N 446 38.76 -49.72 55.39
N LYS N 447 39.05 -49.43 56.65
CA LYS N 447 39.74 -48.20 57.02
C LYS N 447 41.24 -48.23 56.71
N GLN N 448 41.73 -49.23 55.98
CA GLN N 448 43.11 -49.23 55.53
C GLN N 448 43.36 -48.04 54.60
N PRO N 449 44.61 -47.62 54.45
CA PRO N 449 44.93 -46.63 53.42
C PRO N 449 44.69 -47.20 52.04
N ARG N 450 44.25 -46.35 51.12
CA ARG N 450 43.85 -46.78 49.80
C ARG N 450 44.72 -46.13 48.74
N GLN N 451 44.87 -46.84 47.61
CA GLN N 451 45.53 -46.30 46.43
C GLN N 451 44.91 -46.99 45.23
N TYR N 452 45.63 -47.02 44.11
CA TYR N 452 45.14 -47.51 42.82
C TYR N 452 44.24 -48.74 42.97
N PHE N 453 43.15 -48.73 42.23
CA PHE N 453 42.07 -49.69 42.36
C PHE N 453 41.89 -50.47 41.07
N ILE N 454 40.83 -51.28 41.03
CA ILE N 454 40.40 -52.00 39.83
C ILE N 454 39.02 -51.49 39.45
N GLY N 455 38.70 -51.57 38.17
CA GLY N 455 37.38 -51.18 37.72
C GLY N 455 36.56 -52.33 37.19
N VAL N 456 35.56 -52.76 37.96
CA VAL N 456 34.61 -53.78 37.54
C VAL N 456 33.34 -53.05 37.11
N LEU N 457 33.06 -53.07 35.81
CA LEU N 457 31.97 -52.26 35.27
C LEU N 457 31.15 -53.07 34.28
N ASP N 458 29.89 -53.31 34.61
CA ASP N 458 28.91 -53.83 33.68
C ASP N 458 28.02 -52.68 33.19
N ILE N 459 27.33 -52.92 32.08
CA ILE N 459 26.49 -51.90 31.47
C ILE N 459 25.53 -52.60 30.52
N ALA N 460 24.42 -51.93 30.22
CA ALA N 460 23.50 -52.46 29.22
C ALA N 460 24.15 -52.44 27.85
N GLY N 461 23.96 -53.53 27.10
CA GLY N 461 24.62 -53.69 25.83
C GLY N 461 23.95 -52.89 24.72
N PHE N 462 24.40 -53.15 23.50
CA PHE N 462 23.91 -52.47 22.30
C PHE N 462 22.55 -53.04 21.93
N GLU N 463 21.60 -52.83 22.84
CA GLU N 463 20.29 -53.47 22.78
C GLU N 463 19.43 -52.75 21.75
N ILE N 464 19.40 -53.29 20.53
CA ILE N 464 18.54 -52.78 19.49
C ILE N 464 17.33 -53.69 19.38
N PHE N 465 16.16 -53.10 19.15
CA PHE N 465 14.90 -53.84 19.19
C PHE N 465 14.16 -53.65 17.88
N ASP N 466 12.89 -54.07 17.84
CA ASP N 466 12.03 -53.79 16.70
C ASP N 466 11.58 -52.33 16.71
N PHE N 467 11.05 -51.87 17.83
CA PHE N 467 10.45 -50.55 17.97
C PHE N 467 11.27 -49.76 18.98
N ASN N 468 12.22 -48.98 18.48
CA ASN N 468 13.12 -48.24 19.36
C ASN N 468 12.43 -47.01 19.92
N SER N 469 13.15 -46.30 20.78
CA SER N 469 12.64 -45.11 21.45
C SER N 469 13.84 -44.32 21.97
N LEU N 470 13.55 -43.35 22.83
CA LEU N 470 14.60 -42.49 23.38
C LEU N 470 15.67 -43.32 24.10
N GLU N 471 15.27 -44.03 25.16
CA GLU N 471 16.24 -44.70 26.02
C GLU N 471 17.10 -45.67 25.23
N GLN N 472 16.52 -46.33 24.24
CA GLN N 472 17.31 -47.20 23.37
C GLN N 472 18.41 -46.42 22.69
N LEU N 473 18.08 -45.24 22.17
CA LEU N 473 19.08 -44.41 21.51
C LEU N 473 20.14 -43.94 22.51
N CYS N 474 19.73 -43.63 23.74
CA CYS N 474 20.70 -43.20 24.75
C CYS N 474 21.68 -44.33 25.07
N ILE N 475 21.19 -45.55 25.23
CA ILE N 475 22.07 -46.68 25.51
C ILE N 475 23.00 -46.93 24.33
N ASN N 476 22.45 -46.89 23.12
CA ASN N 476 23.27 -47.04 21.93
C ASN N 476 24.37 -45.98 21.88
N PHE N 477 24.05 -44.75 22.27
CA PHE N 477 25.07 -43.71 22.31
C PHE N 477 26.13 -43.99 23.37
N THR N 478 25.70 -44.45 24.55
CA THR N 478 26.65 -44.76 25.61
C THR N 478 27.68 -45.77 25.14
N ASN N 479 27.22 -46.93 24.69
CA ASN N 479 28.20 -47.94 24.29
C ASN N 479 28.82 -47.62 22.94
N GLU N 480 28.26 -46.69 22.17
CA GLU N 480 28.99 -46.14 21.03
C GLU N 480 30.24 -45.41 21.49
N LYS N 481 30.09 -44.53 22.48
CA LYS N 481 31.25 -43.87 23.06
C LYS N 481 32.22 -44.87 23.64
N LEU N 482 31.71 -45.89 24.34
CA LEU N 482 32.57 -46.94 24.87
C LEU N 482 33.37 -47.63 23.77
N GLN N 483 32.69 -47.98 22.67
CA GLN N 483 33.35 -48.68 21.58
C GLN N 483 34.44 -47.82 20.96
N GLN N 484 34.14 -46.53 20.73
CA GLN N 484 35.18 -45.64 20.23
C GLN N 484 36.35 -45.55 21.19
N PHE N 485 36.07 -45.47 22.48
CA PHE N 485 37.14 -45.36 23.48
C PHE N 485 38.07 -46.56 23.42
N PHE N 486 37.53 -47.77 23.51
CA PHE N 486 38.48 -48.88 23.56
C PHE N 486 39.04 -49.20 22.19
N ASN N 487 38.34 -48.82 21.11
CA ASN N 487 38.95 -48.87 19.80
C ASN N 487 40.21 -48.02 19.75
N HIS N 488 40.12 -46.80 20.29
CA HIS N 488 41.30 -45.94 20.37
C HIS N 488 42.38 -46.52 21.27
N HIS N 489 41.98 -47.18 22.36
CA HIS N 489 42.98 -47.76 23.26
C HIS N 489 43.72 -48.90 22.57
N MET N 490 42.99 -49.80 21.92
CA MET N 490 43.63 -50.84 21.13
C MET N 490 44.49 -50.26 20.03
N PHE N 491 44.05 -49.15 19.43
CA PHE N 491 44.86 -48.48 18.42
C PHE N 491 46.21 -48.06 18.99
N VAL N 492 46.19 -47.34 20.11
CA VAL N 492 47.44 -46.83 20.66
C VAL N 492 48.34 -47.99 21.09
N LEU N 493 47.75 -49.02 21.69
CA LEU N 493 48.56 -50.18 22.09
C LEU N 493 49.23 -50.82 20.88
N GLU N 494 48.44 -51.18 19.86
CA GLU N 494 48.98 -51.80 18.66
C GLU N 494 50.07 -50.96 18.01
N GLN N 495 49.77 -49.69 17.72
CA GLN N 495 50.69 -48.87 16.95
C GLN N 495 51.93 -48.52 17.75
N GLU N 496 51.75 -48.12 19.01
CA GLU N 496 52.89 -47.81 19.87
C GLU N 496 53.64 -49.05 20.33
N GLU N 497 53.16 -50.24 19.98
CA GLU N 497 54.02 -51.42 20.04
C GLU N 497 54.81 -51.57 18.74
N TYR N 498 54.11 -51.62 17.62
CA TYR N 498 54.75 -51.87 16.33
C TYR N 498 55.63 -50.72 15.87
N LYS N 499 55.72 -49.64 16.64
CA LYS N 499 56.70 -48.59 16.37
C LYS N 499 58.10 -49.17 16.25
N LYS N 500 58.50 -50.02 17.20
CA LYS N 500 59.83 -50.59 17.24
C LYS N 500 60.06 -51.64 16.16
N GLU N 501 59.12 -51.82 15.23
CA GLU N 501 59.22 -52.84 14.20
C GLU N 501 59.72 -52.30 12.87
N GLY N 502 60.55 -51.24 12.91
CA GLY N 502 61.18 -50.71 11.72
C GLY N 502 60.24 -50.24 10.63
N ILE N 503 58.93 -50.28 10.89
CA ILE N 503 57.92 -49.87 9.92
C ILE N 503 56.61 -49.68 10.66
N GLU N 504 55.75 -48.82 10.12
CA GLU N 504 54.44 -48.58 10.67
C GLU N 504 53.37 -48.86 9.62
N TRP N 505 52.16 -49.10 10.09
CA TRP N 505 51.04 -49.37 9.20
C TRP N 505 49.75 -48.91 9.88
N GLU N 506 48.73 -48.67 9.06
CA GLU N 506 47.46 -48.13 9.53
C GLU N 506 47.69 -46.87 10.36
N PHE N 507 48.26 -45.87 9.70
CA PHE N 507 48.75 -44.66 10.38
C PHE N 507 47.64 -43.80 10.94
N ILE N 508 46.40 -43.97 10.47
CA ILE N 508 45.30 -43.17 10.97
C ILE N 508 44.86 -43.68 12.32
N ASP N 509 44.31 -42.79 13.14
CA ASP N 509 43.78 -43.19 14.43
C ASP N 509 42.55 -44.06 14.24
N PHE N 510 42.32 -44.95 15.20
CA PHE N 510 41.14 -45.80 15.18
C PHE N 510 40.00 -45.21 15.99
N GLY N 511 40.04 -43.92 16.26
CA GLY N 511 38.94 -43.25 16.92
C GLY N 511 37.99 -42.61 15.92
N MET N 512 38.56 -42.00 14.88
CA MET N 512 37.78 -41.28 13.88
C MET N 512 36.84 -42.16 13.07
N ASP N 513 36.91 -43.49 13.21
CA ASP N 513 36.01 -44.39 12.51
C ASP N 513 34.63 -44.43 13.13
N LEU N 514 34.43 -43.73 14.25
CA LEU N 514 33.10 -43.56 14.85
C LEU N 514 32.78 -42.11 15.14
N ALA N 515 33.74 -41.19 14.96
CA ALA N 515 33.50 -39.78 15.24
C ALA N 515 32.31 -39.25 14.47
N ALA N 516 32.04 -39.78 13.29
CA ALA N 516 30.89 -39.33 12.50
C ALA N 516 29.59 -39.70 13.20
N CYS N 517 29.43 -40.97 13.56
CA CYS N 517 28.23 -41.41 14.26
C CYS N 517 28.09 -40.76 15.62
N ILE N 518 29.19 -40.28 16.21
CA ILE N 518 29.08 -39.59 17.49
C ILE N 518 28.67 -38.13 17.29
N GLU N 519 29.34 -37.43 16.37
CA GLU N 519 29.02 -36.03 16.11
C GLU N 519 27.58 -35.89 15.62
N LEU N 520 27.07 -36.90 14.92
CA LEU N 520 25.67 -36.85 14.51
C LEU N 520 24.71 -36.80 15.69
N ILE N 521 25.19 -37.04 16.91
CA ILE N 521 24.29 -37.14 18.04
C ILE N 521 24.61 -36.09 19.11
N GLU N 522 25.88 -35.70 19.23
CA GLU N 522 26.26 -34.85 20.36
C GLU N 522 26.75 -33.45 20.00
N LYS N 523 27.13 -33.19 18.76
CA LYS N 523 27.62 -31.87 18.41
C LYS N 523 26.48 -30.87 18.36
N PRO N 524 26.78 -29.57 18.35
CA PRO N 524 25.73 -28.57 18.10
C PRO N 524 25.03 -28.85 16.78
N MET N 525 23.71 -28.64 16.79
CA MET N 525 22.78 -29.04 15.75
C MET N 525 22.64 -30.56 15.67
N GLY N 526 23.26 -31.30 16.56
CA GLY N 526 23.06 -32.73 16.63
C GLY N 526 21.66 -33.08 17.09
N ILE N 527 21.37 -34.38 17.12
CA ILE N 527 20.04 -34.86 17.44
C ILE N 527 19.62 -34.41 18.84
N PHE N 528 20.51 -34.55 19.81
CA PHE N 528 20.17 -34.16 21.18
C PHE N 528 19.95 -32.66 21.28
N SER N 529 20.82 -31.87 20.64
CA SER N 529 20.65 -30.43 20.63
C SER N 529 19.30 -30.05 20.06
N ILE N 530 18.95 -30.62 18.90
CA ILE N 530 17.67 -30.31 18.27
C ILE N 530 16.51 -30.71 19.17
N LEU N 531 16.64 -31.85 19.85
CA LEU N 531 15.60 -32.26 20.78
C LEU N 531 15.44 -31.24 21.90
N GLU N 532 16.55 -30.67 22.37
CA GLU N 532 16.47 -29.63 23.39
C GLU N 532 15.75 -28.40 22.84
N GLU N 533 16.17 -27.95 21.65
CA GLU N 533 15.51 -26.82 21.00
C GLU N 533 14.00 -27.01 20.96
N GLU N 534 13.56 -28.19 20.58
CA GLU N 534 12.14 -28.43 20.49
C GLU N 534 11.49 -28.56 21.87
N CYS N 535 12.25 -29.02 22.86
CA CYS N 535 11.72 -29.08 24.21
C CYS N 535 11.63 -27.70 24.87
N MET N 536 12.26 -26.69 24.29
CA MET N 536 12.10 -25.33 24.80
C MET N 536 11.30 -24.42 23.88
N PHE N 537 11.05 -24.82 22.64
CA PHE N 537 10.34 -23.98 21.70
C PHE N 537 8.87 -23.83 22.10
N PRO N 538 8.25 -22.69 21.81
CA PRO N 538 6.88 -22.42 22.27
C PRO N 538 5.84 -23.48 21.94
N LYS N 539 5.62 -23.77 20.66
CA LYS N 539 4.54 -24.69 20.30
C LYS N 539 5.05 -25.86 19.48
N ALA N 540 6.15 -26.46 19.92
CA ALA N 540 6.75 -27.55 19.16
C ALA N 540 5.81 -28.75 19.11
N THR N 541 5.97 -29.55 18.06
CA THR N 541 5.19 -30.78 17.89
C THR N 541 6.08 -31.85 17.29
N ASP N 542 5.63 -33.10 17.40
CA ASP N 542 6.40 -34.21 16.88
C ASP N 542 6.73 -34.02 15.39
N THR N 543 5.77 -33.52 14.62
CA THR N 543 6.01 -33.33 13.20
C THR N 543 7.05 -32.25 12.96
N SER N 544 6.98 -31.15 13.71
CA SER N 544 8.01 -30.12 13.61
C SER N 544 9.37 -30.66 13.97
N PHE N 545 9.43 -31.51 15.00
CA PHE N 545 10.69 -32.15 15.36
C PHE N 545 11.22 -32.97 14.19
N LYS N 546 10.39 -33.82 13.61
CA LYS N 546 10.81 -34.65 12.50
C LYS N 546 11.33 -33.80 11.35
N ASN N 547 10.59 -32.76 11.00
CA ASN N 547 11.04 -31.86 9.94
C ASN N 547 12.41 -31.27 10.28
N LYS N 548 12.48 -30.50 11.37
CA LYS N 548 13.73 -29.90 11.79
C LYS N 548 14.89 -30.88 11.70
N LEU N 549 14.69 -32.10 12.20
CA LEU N 549 15.70 -33.15 12.07
C LEU N 549 16.11 -33.35 10.62
N TYR N 550 15.12 -33.60 9.75
CA TYR N 550 15.42 -33.88 8.35
C TYR N 550 16.16 -32.72 7.70
N GLU N 551 15.57 -31.53 7.76
CA GLU N 551 16.18 -30.36 7.12
C GLU N 551 17.57 -30.06 7.67
N GLN N 552 17.82 -30.38 8.94
CA GLN N 552 19.17 -30.17 9.47
C GLN N 552 20.12 -31.29 9.08
N HIS N 553 19.64 -32.48 8.76
CA HIS N 553 20.61 -33.55 8.59
C HIS N 553 20.47 -34.31 7.29
N LEU N 554 19.26 -34.50 6.78
CA LEU N 554 19.04 -35.40 5.66
C LEU N 554 19.85 -34.97 4.43
N GLY N 555 20.59 -35.92 3.86
CA GLY N 555 21.41 -35.64 2.71
C GLY N 555 22.74 -35.00 3.07
N LYS N 556 22.76 -34.24 4.16
CA LYS N 556 23.95 -33.53 4.60
C LYS N 556 24.81 -34.37 5.53
N SER N 557 24.68 -35.69 5.49
CA SER N 557 25.52 -36.59 6.25
C SER N 557 25.40 -37.99 5.63
N ASN N 558 26.07 -38.95 6.25
CA ASN N 558 26.03 -40.33 5.79
C ASN N 558 25.41 -41.27 6.81
N ASN N 559 25.77 -41.12 8.09
CA ASN N 559 25.19 -41.97 9.12
C ASN N 559 23.67 -41.80 9.16
N PHE N 560 23.22 -40.57 9.06
CA PHE N 560 21.79 -40.27 9.08
C PHE N 560 21.19 -40.51 7.70
N GLN N 561 20.03 -41.16 7.67
CA GLN N 561 19.35 -41.40 6.40
C GLN N 561 17.91 -41.78 6.66
N LYS N 562 17.13 -41.82 5.59
CA LYS N 562 15.70 -42.06 5.71
C LYS N 562 15.42 -43.50 6.13
N PRO N 563 14.46 -43.71 7.01
CA PRO N 563 14.04 -45.09 7.31
C PRO N 563 13.35 -45.70 6.10
N LYS N 564 13.41 -47.02 6.03
CA LYS N 564 12.83 -47.75 4.90
C LYS N 564 11.55 -48.45 5.34
N PRO N 565 10.38 -48.04 4.86
CA PRO N 565 9.13 -48.72 5.24
C PRO N 565 9.08 -50.12 4.66
N ALA N 566 8.93 -51.11 5.54
CA ALA N 566 8.82 -52.51 5.15
C ALA N 566 8.35 -53.29 6.37
N LYS N 567 8.39 -54.62 6.28
CA LYS N 567 8.35 -55.57 7.37
C LYS N 567 7.12 -55.42 8.27
N GLY N 568 6.14 -54.63 7.88
CA GLY N 568 4.93 -54.48 8.68
C GLY N 568 5.15 -53.77 10.00
N LYS N 569 6.36 -53.24 10.21
CA LYS N 569 6.62 -52.44 11.39
C LYS N 569 5.82 -51.14 11.33
N VAL N 570 5.35 -50.69 12.50
CA VAL N 570 4.41 -49.58 12.54
C VAL N 570 5.03 -48.31 11.97
N GLU N 571 6.10 -47.81 12.59
CA GLU N 571 6.64 -46.51 12.21
C GLU N 571 8.12 -46.41 12.56
N ALA N 572 8.93 -46.08 11.56
CA ALA N 572 10.30 -45.65 11.75
C ALA N 572 10.44 -44.25 11.17
N HIS N 573 11.14 -43.38 11.87
CA HIS N 573 11.19 -41.98 11.50
C HIS N 573 12.56 -41.51 11.02
N PHE N 574 13.64 -42.06 11.54
CA PHE N 574 14.96 -41.77 11.00
C PHE N 574 15.90 -42.90 11.38
N SER N 575 16.83 -43.19 10.48
CA SER N 575 17.69 -44.36 10.58
C SER N 575 19.14 -43.91 10.67
N LEU N 576 19.82 -44.36 11.73
CA LEU N 576 21.24 -44.11 11.90
C LEU N 576 22.01 -45.41 11.75
N VAL N 577 23.31 -45.28 11.52
CA VAL N 577 24.20 -46.43 11.47
C VAL N 577 25.22 -46.28 12.58
N HIS N 578 25.60 -47.41 13.18
CA HIS N 578 26.61 -47.41 14.22
C HIS N 578 27.70 -48.41 13.89
N TYR N 579 28.62 -48.64 14.83
CA TYR N 579 29.55 -49.74 14.68
C TYR N 579 28.84 -51.09 14.68
N ALA N 580 27.66 -51.17 15.27
CA ALA N 580 26.88 -52.40 15.34
C ALA N 580 25.76 -52.43 14.30
N GLY N 581 25.98 -51.83 13.13
CA GLY N 581 24.99 -51.86 12.07
C GLY N 581 24.06 -50.68 12.10
N THR N 582 23.12 -50.69 11.15
CA THR N 582 22.12 -49.64 11.03
C THR N 582 20.93 -49.92 11.95
N VAL N 583 20.21 -48.85 12.27
CA VAL N 583 19.06 -48.95 13.15
C VAL N 583 18.24 -47.68 13.00
N ASP N 584 16.91 -47.84 13.02
CA ASP N 584 15.99 -46.73 12.86
C ASP N 584 15.12 -46.58 14.10
N TYR N 585 14.92 -45.34 14.52
CA TYR N 585 14.23 -45.01 15.76
C TYR N 585 12.84 -44.45 15.45
N ASN N 586 12.07 -44.28 16.52
CA ASN N 586 10.72 -43.74 16.44
C ASN N 586 10.63 -42.49 17.30
N ILE N 587 10.02 -41.44 16.75
CA ILE N 587 10.06 -40.13 17.39
C ILE N 587 8.88 -39.88 18.31
N ALA N 588 7.71 -40.43 17.97
CA ALA N 588 6.47 -40.08 18.67
C ALA N 588 6.60 -40.26 20.17
N GLY N 589 6.51 -39.14 20.91
CA GLY N 589 6.59 -39.14 22.34
C GLY N 589 7.87 -38.55 22.90
N TRP N 590 8.92 -38.41 22.07
CA TRP N 590 10.21 -37.96 22.57
C TRP N 590 10.13 -36.58 23.21
N LEU N 591 9.22 -35.73 22.74
CA LEU N 591 9.20 -34.35 23.21
C LEU N 591 8.73 -34.27 24.66
N ASP N 592 7.50 -34.70 24.93
CA ASP N 592 6.99 -34.64 26.29
C ASP N 592 7.65 -35.64 27.22
N LYS N 593 8.46 -36.55 26.68
CA LYS N 593 9.19 -37.51 27.51
C LYS N 593 10.51 -36.95 28.01
N ASN N 594 10.97 -35.83 27.47
CA ASN N 594 12.28 -35.30 27.79
C ASN N 594 12.26 -34.05 28.65
N LYS N 595 11.18 -33.29 28.62
CA LYS N 595 11.10 -32.07 29.41
C LYS N 595 10.80 -32.40 30.86
N ASP N 596 11.63 -31.86 31.77
CA ASP N 596 11.46 -32.08 33.21
C ASP N 596 11.80 -30.79 33.94
N PRO N 597 10.90 -29.81 33.89
CA PRO N 597 11.15 -28.57 34.61
C PRO N 597 11.06 -28.75 36.10
N LEU N 598 12.21 -28.76 36.78
CA LEU N 598 12.23 -28.96 38.22
C LEU N 598 11.76 -27.69 38.92
N ASN N 599 10.63 -27.78 39.62
CA ASN N 599 10.17 -26.67 40.44
C ASN N 599 11.18 -26.40 41.55
N GLU N 600 11.09 -25.21 42.14
CA GLU N 600 12.05 -24.78 43.14
C GLU N 600 11.45 -24.55 44.51
N THR N 601 10.30 -23.87 44.59
CA THR N 601 9.66 -23.67 45.88
C THR N 601 9.33 -24.98 46.56
N VAL N 602 8.95 -26.00 45.78
CA VAL N 602 8.66 -27.29 46.37
C VAL N 602 9.93 -27.98 46.82
N VAL N 603 11.04 -27.75 46.12
CA VAL N 603 12.31 -28.27 46.60
C VAL N 603 12.69 -27.60 47.91
N GLY N 604 12.34 -26.33 48.08
CA GLY N 604 12.52 -25.69 49.38
C GLY N 604 11.66 -26.34 50.44
N LEU N 605 10.40 -26.62 50.11
CA LEU N 605 9.53 -27.38 51.00
C LEU N 605 10.21 -28.67 51.45
N TYR N 606 10.76 -29.42 50.50
CA TYR N 606 11.48 -30.65 50.82
C TYR N 606 12.64 -30.36 51.77
N GLN N 607 13.42 -29.30 51.49
CA GLN N 607 14.52 -28.95 52.36
C GLN N 607 14.05 -28.68 53.79
N LYS N 608 12.84 -28.15 53.95
CA LYS N 608 12.34 -27.79 55.27
C LYS N 608 11.37 -28.82 55.82
N SER N 609 11.39 -30.04 55.29
CA SER N 609 10.53 -31.10 55.79
C SER N 609 11.06 -31.60 57.13
N SER N 610 10.45 -32.66 57.66
CA SER N 610 10.85 -33.22 58.94
C SER N 610 11.48 -34.59 58.83
N MET N 611 11.29 -35.30 57.73
CA MET N 611 11.91 -36.60 57.53
C MET N 611 13.36 -36.41 57.12
N LYS N 612 13.99 -37.48 56.65
CA LYS N 612 15.32 -37.40 56.06
C LYS N 612 15.26 -37.34 54.53
N THR N 613 14.10 -36.96 53.99
CA THR N 613 14.03 -36.60 52.57
C THR N 613 15.00 -35.48 52.26
N LEU N 614 14.96 -34.42 53.06
CA LEU N 614 15.87 -33.29 52.89
C LEU N 614 17.33 -33.70 52.88
N ALA N 615 17.67 -34.87 53.45
CA ALA N 615 19.04 -35.35 53.35
C ALA N 615 19.45 -35.54 51.90
N TYR N 616 18.50 -35.84 51.01
CA TYR N 616 18.77 -35.79 49.59
C TYR N 616 18.97 -34.34 49.14
N LEU N 617 18.01 -33.49 49.49
CA LEU N 617 17.87 -32.14 48.95
C LEU N 617 18.44 -31.10 49.89
N PHE N 618 19.59 -31.39 50.51
CA PHE N 618 20.17 -30.64 51.62
C PHE N 618 19.95 -29.13 51.54
N SER N 619 20.16 -28.53 50.37
CA SER N 619 19.79 -27.13 50.19
C SER N 619 19.07 -26.93 48.87
N LYS N 636 28.79 -22.54 38.91
CA LYS N 636 28.06 -21.28 39.05
C LYS N 636 26.88 -21.25 38.08
N GLY N 637 26.06 -20.20 38.18
CA GLY N 637 24.92 -20.07 37.27
C GLY N 637 25.34 -19.97 35.82
N ALA N 638 26.61 -19.69 35.56
CA ALA N 638 27.12 -19.71 34.20
C ALA N 638 27.25 -21.14 33.70
N LYS N 639 27.00 -21.32 32.40
CA LYS N 639 27.18 -22.56 31.67
C LYS N 639 26.16 -23.64 32.08
N LYS N 640 25.30 -23.33 33.05
CA LYS N 640 24.27 -24.26 33.49
C LYS N 640 22.90 -23.62 33.39
N LYS N 641 21.94 -24.37 32.87
CA LYS N 641 20.60 -23.85 32.60
C LYS N 641 19.86 -23.62 33.91
N GLY N 642 18.61 -23.17 33.77
CA GLY N 642 17.76 -22.89 34.90
C GLY N 642 16.71 -23.96 35.12
N SER N 643 15.90 -23.75 36.16
CA SER N 643 14.89 -24.70 36.57
C SER N 643 13.76 -24.86 35.56
N SER N 644 13.80 -24.15 34.44
CA SER N 644 12.78 -24.28 33.41
C SER N 644 13.35 -24.71 32.08
N PHE N 645 14.67 -24.87 31.97
CA PHE N 645 15.30 -25.38 30.78
C PHE N 645 15.89 -26.77 31.00
N GLN N 646 15.53 -27.42 32.09
CA GLN N 646 16.06 -28.75 32.38
C GLN N 646 15.56 -29.76 31.36
N THR N 647 16.39 -30.77 31.11
CA THR N 647 16.06 -31.83 30.16
C THR N 647 16.89 -33.05 30.50
N VAL N 648 16.32 -34.23 30.24
CA VAL N 648 16.97 -35.48 30.60
C VAL N 648 18.28 -35.64 29.84
N SER N 649 18.24 -35.47 28.52
CA SER N 649 19.41 -35.68 27.69
C SER N 649 20.60 -34.86 28.17
N ALA N 650 20.36 -33.69 28.76
CA ALA N 650 21.47 -32.89 29.29
C ALA N 650 22.18 -33.62 30.42
N LEU N 651 21.40 -34.07 31.42
CA LEU N 651 22.00 -34.80 32.53
C LEU N 651 22.68 -36.06 32.05
N PHE N 652 22.11 -36.71 31.03
CA PHE N 652 22.77 -37.85 30.43
C PHE N 652 24.15 -37.44 29.95
N ARG N 653 24.18 -36.58 28.93
CA ARG N 653 25.45 -36.16 28.33
C ARG N 653 26.41 -35.57 29.35
N GLU N 654 25.93 -35.19 30.54
CA GLU N 654 26.83 -34.73 31.58
C GLU N 654 27.49 -35.89 32.32
N ASN N 655 26.68 -36.76 32.92
CA ASN N 655 27.29 -37.85 33.68
C ASN N 655 27.96 -38.87 32.76
N LEU N 656 27.49 -38.98 31.52
CA LEU N 656 28.19 -39.81 30.54
C LEU N 656 29.61 -39.33 30.34
N ASN N 657 29.82 -38.01 30.24
CA ASN N 657 31.17 -37.50 30.11
C ASN N 657 31.93 -37.68 31.41
N LYS N 658 31.25 -37.58 32.55
CA LYS N 658 31.89 -37.88 33.83
C LYS N 658 32.51 -39.27 33.81
N LEU N 659 31.71 -40.27 33.39
CA LEU N 659 32.27 -41.61 33.17
C LEU N 659 33.42 -41.54 32.18
N MET N 660 33.14 -41.15 30.95
CA MET N 660 34.11 -41.29 29.88
C MET N 660 35.38 -40.50 30.13
N THR N 661 35.44 -39.73 31.23
CA THR N 661 36.72 -39.19 31.65
C THR N 661 37.34 -39.96 32.82
N ASN N 662 36.56 -40.32 33.86
CA ASN N 662 37.20 -41.06 34.93
C ASN N 662 37.60 -42.46 34.48
N LEU N 663 36.87 -43.03 33.53
CA LEU N 663 37.26 -44.26 32.85
C LEU N 663 38.36 -44.02 31.83
N ARG N 664 38.58 -42.78 31.41
CA ARG N 664 39.78 -42.45 30.65
C ARG N 664 40.99 -42.33 31.55
N SER N 665 40.78 -42.22 32.86
CA SER N 665 41.87 -42.17 33.82
C SER N 665 42.26 -43.55 34.35
N THR N 666 42.08 -44.62 33.58
CA THR N 666 42.37 -45.97 34.04
C THR N 666 42.85 -46.81 32.85
N HIS N 667 42.88 -48.13 33.04
CA HIS N 667 43.40 -49.06 32.04
C HIS N 667 42.33 -50.11 31.76
N PRO N 668 41.93 -50.30 30.51
CA PRO N 668 40.76 -51.15 30.22
C PRO N 668 41.09 -52.60 29.94
N HIS N 669 40.13 -53.46 30.29
CA HIS N 669 40.13 -54.87 29.93
C HIS N 669 38.69 -55.28 29.69
N PHE N 670 38.50 -56.37 28.93
CA PHE N 670 37.18 -56.66 28.38
C PHE N 670 36.85 -58.15 28.48
N VAL N 671 35.61 -58.43 28.91
CA VAL N 671 35.06 -59.78 28.89
C VAL N 671 33.65 -59.70 28.30
N ARG N 672 33.23 -60.79 27.65
CA ARG N 672 31.95 -60.86 26.96
C ARG N 672 31.32 -62.21 27.26
N CYS N 673 30.33 -62.25 28.16
CA CYS N 673 29.63 -63.48 28.50
C CYS N 673 28.55 -63.74 27.45
N ILE N 674 28.91 -64.47 26.39
CA ILE N 674 27.96 -64.80 25.35
C ILE N 674 26.94 -65.82 25.87
N ILE N 675 25.76 -65.83 25.26
CA ILE N 675 24.82 -66.93 25.40
C ILE N 675 24.73 -67.61 24.04
N PRO N 676 25.33 -68.78 23.85
CA PRO N 676 25.46 -69.36 22.51
C PRO N 676 24.22 -70.07 22.01
N ASN N 677 23.23 -70.29 22.86
CA ASN N 677 22.08 -71.09 22.48
C ASN N 677 20.85 -70.60 23.23
N GLU N 678 19.69 -70.78 22.59
CA GLU N 678 18.41 -70.41 23.19
C GLU N 678 18.25 -71.07 24.55
N THR N 679 18.25 -72.40 24.57
CA THR N 679 18.10 -73.16 25.81
C THR N 679 19.46 -73.31 26.48
N LYS N 680 19.55 -74.20 27.45
CA LYS N 680 20.77 -74.43 28.21
C LYS N 680 21.41 -75.77 27.86
N THR N 681 21.40 -76.12 26.57
CA THR N 681 22.11 -77.31 26.10
C THR N 681 23.53 -76.92 25.77
N PRO N 682 24.53 -77.30 26.57
CA PRO N 682 25.90 -76.88 26.28
C PRO N 682 26.41 -77.46 24.98
N GLY N 683 27.51 -76.90 24.50
CA GLY N 683 28.11 -77.32 23.24
C GLY N 683 27.44 -76.81 21.99
N ALA N 684 26.13 -76.99 21.88
CA ALA N 684 25.39 -76.55 20.71
C ALA N 684 25.31 -75.03 20.68
N MET N 685 25.49 -74.45 19.49
CA MET N 685 25.50 -73.00 19.34
C MET N 685 25.02 -72.65 17.95
N GLU N 686 23.88 -71.98 17.86
CA GLU N 686 23.37 -71.48 16.59
C GLU N 686 24.01 -70.13 16.30
N HIS N 687 24.19 -69.86 15.00
CA HIS N 687 24.99 -68.70 14.58
C HIS N 687 24.22 -67.39 14.72
N GLU N 688 22.95 -67.38 14.29
CA GLU N 688 22.20 -66.13 14.23
C GLU N 688 22.17 -65.42 15.58
N LEU N 689 22.00 -66.19 16.67
CA LEU N 689 21.85 -65.57 17.98
C LEU N 689 23.19 -65.05 18.50
N VAL N 690 24.22 -65.88 18.46
CA VAL N 690 25.54 -65.44 18.92
C VAL N 690 26.07 -64.33 18.03
N LEU N 691 25.65 -64.29 16.77
CA LEU N 691 26.02 -63.18 15.91
C LEU N 691 25.49 -61.87 16.44
N HIS N 692 24.27 -61.87 16.99
CA HIS N 692 23.77 -60.68 17.65
C HIS N 692 24.63 -60.30 18.85
N GLN N 693 25.15 -61.31 19.56
CA GLN N 693 26.11 -61.03 20.63
C GLN N 693 27.44 -60.57 20.05
N LEU N 694 27.77 -61.00 18.83
CA LEU N 694 28.96 -60.49 18.17
C LEU N 694 28.86 -58.98 17.96
N ARG N 695 27.72 -58.51 17.49
CA ARG N 695 27.53 -57.10 17.15
C ARG N 695 27.26 -56.22 18.37
N CYS N 696 26.40 -56.66 19.30
CA CYS N 696 26.13 -55.80 20.45
C CYS N 696 27.37 -55.63 21.30
N ASN N 697 28.20 -56.67 21.39
CA ASN N 697 29.51 -56.53 22.02
C ASN N 697 30.52 -55.88 21.10
N GLY N 698 30.26 -55.89 19.80
CA GLY N 698 31.18 -55.31 18.84
C GLY N 698 32.56 -55.89 18.86
N VAL N 699 32.70 -57.14 19.29
CA VAL N 699 34.02 -57.76 19.29
C VAL N 699 34.53 -57.96 17.87
N LEU N 700 33.63 -58.02 16.89
CA LEU N 700 34.06 -58.06 15.49
C LEU N 700 34.67 -56.74 15.03
N GLU N 701 34.43 -55.65 15.76
CA GLU N 701 34.99 -54.37 15.34
C GLU N 701 36.51 -54.35 15.45
N GLY N 702 37.04 -54.88 16.55
CA GLY N 702 38.48 -55.02 16.65
C GLY N 702 39.04 -55.91 15.56
N ILE N 703 38.38 -57.03 15.29
CA ILE N 703 38.91 -57.95 14.28
C ILE N 703 38.80 -57.36 12.89
N ARG N 704 37.85 -56.44 12.65
CA ARG N 704 37.73 -55.83 11.33
C ARG N 704 38.62 -54.63 11.17
N ILE N 705 38.96 -53.92 12.25
CA ILE N 705 39.96 -52.88 12.14
C ILE N 705 41.35 -53.50 11.97
N CYS N 706 41.58 -54.66 12.59
CA CYS N 706 42.86 -55.33 12.40
C CYS N 706 42.88 -56.21 11.15
N ARG N 707 41.74 -56.48 10.53
CA ARG N 707 41.72 -57.30 9.33
C ARG N 707 42.19 -56.55 8.10
N LYS N 708 42.29 -55.23 8.18
CA LYS N 708 42.72 -54.41 7.05
C LYS N 708 44.16 -53.93 7.22
N GLY N 709 44.95 -54.62 8.03
CA GLY N 709 46.35 -54.31 8.20
C GLY N 709 47.22 -55.54 8.09
N PHE N 710 48.04 -55.79 9.10
CA PHE N 710 48.88 -56.98 9.13
C PHE N 710 48.48 -57.87 10.30
N PRO N 711 47.36 -58.59 10.21
CA PRO N 711 46.91 -59.37 11.37
C PRO N 711 47.82 -60.52 11.73
N SER N 712 48.79 -60.88 10.88
CA SER N 712 49.63 -62.06 11.11
C SER N 712 51.06 -61.60 11.40
N ARG N 713 51.41 -61.58 12.68
CA ARG N 713 52.78 -61.34 13.14
C ARG N 713 53.35 -62.68 13.60
N ILE N 714 54.37 -63.18 12.89
CA ILE N 714 54.93 -64.48 13.18
C ILE N 714 56.45 -64.43 13.05
N LEU N 715 57.11 -65.28 13.83
CA LEU N 715 58.57 -65.43 13.79
C LEU N 715 58.98 -66.35 12.64
N TYR N 716 60.24 -66.76 12.65
CA TYR N 716 60.74 -67.72 11.67
C TYR N 716 60.43 -69.17 12.04
N ALA N 717 60.07 -69.42 13.30
CA ALA N 717 59.88 -70.78 13.81
C ALA N 717 59.08 -71.66 12.85
N ASP N 718 57.89 -71.21 12.46
CA ASP N 718 57.12 -71.94 11.47
C ASP N 718 57.43 -71.49 10.05
N PHE N 719 57.87 -70.24 9.88
CA PHE N 719 58.07 -69.70 8.54
C PHE N 719 59.12 -70.51 7.78
N LYS N 720 60.33 -70.62 8.34
CA LYS N 720 61.39 -71.36 7.67
C LYS N 720 60.98 -72.80 7.41
N GLN N 721 60.43 -73.47 8.43
CA GLN N 721 60.18 -74.90 8.33
C GLN N 721 59.01 -75.23 7.41
N ARG N 722 58.10 -74.28 7.16
CA ARG N 722 56.98 -74.53 6.27
C ARG N 722 57.12 -73.81 4.93
N TYR N 723 58.17 -73.03 4.74
CA TYR N 723 58.42 -72.40 3.46
C TYR N 723 59.69 -72.90 2.78
N LYS N 724 60.49 -73.72 3.45
CA LYS N 724 61.64 -74.34 2.78
C LYS N 724 61.22 -75.41 1.78
N VAL N 725 59.91 -75.60 1.55
CA VAL N 725 59.45 -76.65 0.65
C VAL N 725 59.35 -76.22 -0.80
N LEU N 726 59.62 -74.95 -1.10
CA LEU N 726 59.74 -74.50 -2.49
C LEU N 726 61.18 -74.18 -2.87
N ASN N 727 61.88 -73.39 -2.05
CA ASN N 727 63.32 -73.18 -2.23
C ASN N 727 64.04 -74.03 -1.18
N ALA N 728 64.22 -75.30 -1.52
CA ALA N 728 64.86 -76.25 -0.61
C ALA N 728 66.37 -76.08 -0.62
N SER N 739 68.74 -66.42 8.77
CA SER N 739 67.77 -65.63 9.51
C SER N 739 67.03 -64.65 8.59
N LYS N 740 67.43 -63.38 8.66
CA LYS N 740 66.77 -62.35 7.88
C LYS N 740 66.98 -62.57 6.38
N LYS N 741 68.24 -62.81 5.97
CA LYS N 741 68.50 -63.09 4.56
C LYS N 741 67.89 -64.43 4.16
N ALA N 742 67.90 -65.41 5.06
CA ALA N 742 67.20 -66.66 4.79
C ALA N 742 65.71 -66.42 4.63
N SER N 743 65.14 -65.46 5.37
CA SER N 743 63.74 -65.13 5.19
C SER N 743 63.50 -64.48 3.84
N GLU N 744 64.38 -63.57 3.43
CA GLU N 744 64.26 -62.96 2.11
C GLU N 744 64.29 -64.00 1.01
N LYS N 745 65.21 -64.98 1.13
CA LYS N 745 65.27 -66.05 0.15
C LYS N 745 64.01 -66.90 0.17
N LEU N 746 63.60 -67.35 1.36
CA LEU N 746 62.43 -68.21 1.47
C LEU N 746 61.11 -67.49 1.22
N LEU N 747 61.14 -66.17 1.04
CA LEU N 747 59.94 -65.44 0.65
C LEU N 747 59.93 -65.09 -0.83
N GLY N 748 60.99 -64.48 -1.35
CA GLY N 748 60.99 -64.07 -2.74
C GLY N 748 60.88 -65.22 -3.70
N SER N 749 61.30 -66.41 -3.28
CA SER N 749 61.29 -67.58 -4.15
C SER N 749 59.92 -68.22 -4.29
N ILE N 750 58.97 -67.90 -3.40
CA ILE N 750 57.68 -68.57 -3.41
C ILE N 750 56.59 -67.64 -3.92
N ASP N 751 56.98 -66.70 -4.79
CA ASP N 751 56.03 -65.88 -5.56
C ASP N 751 55.09 -65.12 -4.62
N ILE N 752 55.69 -64.20 -3.85
CA ILE N 752 54.95 -63.25 -3.04
C ILE N 752 55.20 -61.86 -3.61
N ASP N 753 54.17 -61.03 -3.61
CA ASP N 753 54.32 -59.64 -4.00
C ASP N 753 54.73 -58.81 -2.78
N HIS N 754 55.51 -57.78 -3.03
CA HIS N 754 56.12 -56.98 -1.97
C HIS N 754 55.16 -55.94 -1.40
N THR N 755 53.85 -56.10 -1.62
CA THR N 755 52.87 -55.14 -1.17
C THR N 755 52.31 -55.48 0.20
N GLN N 756 51.73 -56.67 0.34
CA GLN N 756 50.86 -57.00 1.46
C GLN N 756 51.58 -57.66 2.63
N TYR N 757 52.87 -57.39 2.81
CA TYR N 757 53.59 -57.99 3.92
C TYR N 757 54.75 -57.09 4.31
N LYS N 758 55.36 -57.42 5.44
CA LYS N 758 56.61 -56.79 5.86
C LYS N 758 57.26 -57.55 7.01
N PHE N 759 58.54 -57.84 6.90
CA PHE N 759 59.34 -58.28 8.04
C PHE N 759 60.12 -57.05 8.51
N GLY N 760 59.72 -56.48 9.64
CA GLY N 760 60.32 -55.23 10.05
C GLY N 760 61.76 -55.36 10.47
N HIS N 761 62.00 -55.93 11.66
CA HIS N 761 63.34 -56.35 12.02
C HIS N 761 63.40 -57.69 12.75
N THR N 762 62.32 -58.13 13.41
CA THR N 762 62.33 -59.39 14.14
C THR N 762 61.13 -60.28 13.84
N LYS N 763 60.03 -59.73 13.33
CA LYS N 763 58.85 -60.52 12.98
C LYS N 763 58.35 -60.06 11.62
N VAL N 764 57.65 -60.95 10.94
CA VAL N 764 57.10 -60.67 9.63
C VAL N 764 55.61 -60.35 9.77
N PHE N 765 55.16 -59.38 9.00
CA PHE N 765 53.78 -58.92 9.02
C PHE N 765 53.06 -59.40 7.76
N PHE N 766 51.79 -59.74 7.90
CA PHE N 766 51.05 -60.36 6.80
C PHE N 766 49.61 -59.90 6.82
N LYS N 767 49.14 -59.38 5.69
CA LYS N 767 47.71 -59.23 5.48
C LYS N 767 47.03 -60.57 5.64
N ALA N 768 45.76 -60.54 6.05
CA ALA N 768 45.06 -61.77 6.37
C ALA N 768 45.03 -62.72 5.19
N GLY N 769 44.33 -62.35 4.13
CA GLY N 769 44.07 -63.28 3.05
C GLY N 769 45.22 -63.52 2.10
N LEU N 770 46.40 -63.84 2.63
CA LEU N 770 47.51 -64.19 1.74
C LEU N 770 48.19 -65.48 2.20
N LEU N 771 48.16 -65.75 3.51
CA LEU N 771 48.74 -67.00 4.00
C LEU N 771 47.94 -68.20 3.54
N GLY N 772 46.63 -68.06 3.37
CA GLY N 772 45.84 -69.12 2.76
C GLY N 772 46.31 -69.43 1.36
N LEU N 773 46.63 -68.40 0.57
CA LEU N 773 47.27 -68.61 -0.72
C LEU N 773 48.52 -69.45 -0.58
N LEU N 774 49.28 -69.25 0.50
CA LEU N 774 50.46 -70.06 0.74
C LEU N 774 50.11 -71.39 1.40
N GLU N 775 49.15 -71.37 2.34
CA GLU N 775 48.72 -72.57 3.07
C GLU N 775 48.60 -73.79 2.18
N GLU N 776 47.95 -73.65 1.02
CA GLU N 776 47.78 -74.78 0.12
C GLU N 776 48.96 -74.98 -0.83
N MET N 777 49.88 -74.03 -0.92
CA MET N 777 51.06 -74.20 -1.76
C MET N 777 52.35 -74.39 -0.97
N ARG N 778 52.41 -73.93 0.28
CA ARG N 778 53.55 -74.23 1.14
C ARG N 778 53.52 -75.65 1.69
N ASP N 779 52.62 -76.49 1.18
CA ASP N 779 52.52 -77.88 1.58
C ASP N 779 53.01 -78.85 0.51
N ASP N 780 53.39 -78.34 -0.66
CA ASP N 780 53.85 -79.21 -1.75
C ASP N 780 55.11 -78.65 -2.40
N MET O 1 -24.32 42.93 -120.67
CA MET O 1 -23.69 41.64 -120.87
C MET O 1 -22.30 41.59 -120.23
N ALA O 2 -21.34 42.23 -120.88
CA ALA O 2 -19.98 42.34 -120.34
C ALA O 2 -19.93 43.45 -119.28
N VAL O 3 -20.78 43.30 -118.27
CA VAL O 3 -20.93 44.32 -117.23
C VAL O 3 -19.89 44.18 -116.14
N PHE O 4 -18.92 43.28 -116.29
CA PHE O 4 -17.89 43.05 -115.30
C PHE O 4 -16.48 43.19 -115.85
N GLY O 5 -16.24 42.77 -117.09
CA GLY O 5 -14.90 42.77 -117.64
C GLY O 5 -14.76 41.93 -118.89
N GLU O 6 -13.77 41.03 -118.92
CA GLU O 6 -13.44 40.27 -120.11
C GLU O 6 -13.53 38.75 -119.92
N ALA O 7 -13.72 38.26 -118.71
CA ALA O 7 -13.72 36.83 -118.45
C ALA O 7 -15.01 36.13 -118.87
N ALA O 8 -15.84 36.78 -119.70
CA ALA O 8 -17.14 36.20 -120.03
C ALA O 8 -17.03 34.96 -120.90
N PRO O 9 -16.34 34.97 -122.08
CA PRO O 9 -16.54 33.90 -123.07
C PRO O 9 -16.39 32.48 -122.52
N TYR O 10 -15.24 32.16 -121.94
CA TYR O 10 -15.08 30.82 -121.38
C TYR O 10 -16.00 30.58 -120.19
N LEU O 11 -16.29 31.64 -119.42
CA LEU O 11 -17.14 31.48 -118.25
C LEU O 11 -18.60 31.30 -118.65
N ARG O 12 -19.15 32.26 -119.38
CA ARG O 12 -20.52 32.12 -119.89
C ARG O 12 -20.65 32.89 -121.19
N LYS O 13 -21.41 32.33 -122.12
CA LYS O 13 -21.53 32.86 -123.47
C LYS O 13 -22.50 34.04 -123.51
N SER O 14 -22.29 34.92 -124.49
CA SER O 14 -23.05 36.17 -124.60
C SER O 14 -24.43 35.89 -125.18
N GLU O 15 -25.16 36.96 -125.50
CA GLU O 15 -26.58 36.84 -125.84
C GLU O 15 -26.80 36.05 -127.11
N LYS O 16 -26.24 36.52 -128.23
CA LYS O 16 -26.62 36.02 -129.54
C LYS O 16 -26.60 34.49 -129.61
N GLU O 17 -25.57 33.87 -129.04
CA GLU O 17 -25.53 32.42 -129.04
C GLU O 17 -26.55 31.82 -128.08
N ARG O 18 -26.81 32.47 -126.95
CA ARG O 18 -27.84 31.99 -126.04
C ARG O 18 -29.20 31.96 -126.73
N ILE O 19 -29.55 33.04 -127.41
CA ILE O 19 -30.83 33.10 -128.11
C ILE O 19 -30.86 32.11 -129.27
N GLU O 20 -29.76 32.03 -130.04
CA GLU O 20 -29.72 31.09 -131.16
C GLU O 20 -29.83 29.65 -130.67
N ALA O 21 -29.43 29.38 -129.43
CA ALA O 21 -29.67 28.08 -128.83
C ALA O 21 -31.11 27.94 -128.35
N GLN O 22 -31.73 29.04 -127.92
CA GLN O 22 -33.09 28.96 -127.39
C GLN O 22 -34.07 28.50 -128.46
N ASN O 23 -34.24 29.31 -129.51
CA ASN O 23 -35.23 29.00 -130.55
C ASN O 23 -34.60 28.04 -131.54
N LYS O 24 -34.88 26.75 -131.37
CA LYS O 24 -34.38 25.71 -132.25
C LYS O 24 -35.50 24.69 -132.45
N PRO O 25 -35.45 23.90 -133.52
CA PRO O 25 -36.45 22.85 -133.69
C PRO O 25 -36.24 21.74 -132.67
N PHE O 26 -37.14 21.66 -131.69
CA PHE O 26 -37.07 20.64 -130.65
C PHE O 26 -38.30 19.76 -130.74
N ASP O 27 -38.09 18.47 -130.98
CA ASP O 27 -39.15 17.49 -131.01
C ASP O 27 -39.44 16.98 -129.60
N ALA O 28 -40.39 16.04 -129.52
CA ALA O 28 -40.66 15.35 -128.26
C ALA O 28 -40.98 13.88 -128.49
N LYS O 29 -40.80 13.38 -129.73
CA LYS O 29 -41.04 11.98 -130.04
C LYS O 29 -39.81 11.26 -130.58
N SER O 30 -38.68 11.94 -130.72
CA SER O 30 -37.44 11.27 -131.08
C SER O 30 -36.22 11.82 -130.34
N SER O 31 -36.40 12.77 -129.42
CA SER O 31 -35.29 13.32 -128.64
C SER O 31 -34.87 12.43 -127.48
N VAL O 32 -35.54 11.29 -127.28
CA VAL O 32 -35.26 10.46 -126.11
C VAL O 32 -33.83 9.92 -126.18
N PHE O 33 -33.26 9.67 -125.00
CA PHE O 33 -31.92 9.10 -124.89
C PHE O 33 -32.00 7.58 -125.06
N VAL O 34 -30.91 6.88 -124.78
CA VAL O 34 -30.87 5.43 -124.94
C VAL O 34 -29.79 4.87 -124.03
N VAL O 35 -30.10 3.73 -123.41
CA VAL O 35 -29.07 2.99 -122.68
C VAL O 35 -28.02 2.51 -123.67
N ASP O 36 -26.75 2.65 -123.31
CA ASP O 36 -25.67 2.37 -124.23
C ASP O 36 -24.88 1.15 -123.79
N ALA O 37 -24.03 0.67 -124.69
CA ALA O 37 -23.08 -0.37 -124.35
C ALA O 37 -21.78 0.23 -123.80
N LYS O 38 -21.14 1.08 -124.61
CA LYS O 38 -19.86 1.65 -124.20
C LYS O 38 -20.03 2.76 -123.17
N GLU O 39 -20.96 3.68 -123.42
CA GLU O 39 -21.24 4.76 -122.50
C GLU O 39 -22.52 4.44 -121.73
N SER O 40 -23.00 5.40 -120.93
CA SER O 40 -24.28 5.22 -120.27
C SER O 40 -25.44 5.60 -121.19
N PHE O 41 -25.52 6.89 -121.53
CA PHE O 41 -26.61 7.45 -122.31
C PHE O 41 -26.05 8.37 -123.40
N VAL O 42 -26.67 8.32 -124.59
CA VAL O 42 -26.35 9.25 -125.66
C VAL O 42 -27.63 9.71 -126.32
N LYS O 43 -27.54 10.85 -127.02
CA LYS O 43 -28.68 11.44 -127.70
C LYS O 43 -29.13 10.50 -128.81
N ALA O 44 -30.28 9.87 -128.63
CA ALA O 44 -30.81 8.92 -129.59
C ALA O 44 -31.83 9.59 -130.50
N THR O 45 -32.20 8.87 -131.56
CA THR O 45 -33.20 9.33 -132.52
C THR O 45 -34.11 8.14 -132.83
N VAL O 46 -35.26 8.09 -132.15
CA VAL O 46 -36.17 6.97 -132.28
C VAL O 46 -37.17 7.29 -133.38
N GLN O 47 -37.68 6.23 -134.01
CA GLN O 47 -38.67 6.41 -135.08
C GLN O 47 -40.00 6.90 -134.51
N SER O 48 -40.50 6.22 -133.49
CA SER O 48 -41.78 6.52 -132.86
C SER O 48 -41.87 5.65 -131.61
N ARG O 49 -43.02 5.70 -130.93
CA ARG O 49 -43.25 4.83 -129.78
C ARG O 49 -43.80 3.51 -130.29
N GLU O 50 -42.90 2.57 -130.56
CA GLU O 50 -43.27 1.23 -131.03
C GLU O 50 -43.28 0.27 -129.83
N GLY O 51 -44.31 0.44 -129.00
CA GLY O 51 -44.42 -0.37 -127.79
C GLY O 51 -43.20 -0.19 -126.91
N GLY O 52 -42.58 -1.31 -126.56
CA GLY O 52 -41.31 -1.27 -125.86
C GLY O 52 -40.16 -1.52 -126.81
N LYS O 53 -40.37 -1.24 -128.09
CA LYS O 53 -39.39 -1.46 -129.14
C LYS O 53 -39.07 -0.11 -129.79
N VAL O 54 -37.81 0.09 -130.17
CA VAL O 54 -37.35 1.34 -130.76
C VAL O 54 -36.34 1.04 -131.85
N THR O 55 -36.15 2.01 -132.74
CA THR O 55 -34.95 2.12 -133.58
C THR O 55 -34.36 3.48 -133.26
N ALA O 56 -33.58 3.53 -132.19
CA ALA O 56 -33.07 4.80 -131.66
C ALA O 56 -31.72 5.09 -132.29
N LYS O 57 -31.65 6.09 -133.15
CA LYS O 57 -30.43 6.43 -133.86
C LYS O 57 -29.58 7.37 -133.01
N THR O 58 -28.36 6.94 -132.70
CA THR O 58 -27.39 7.80 -132.03
C THR O 58 -26.71 8.66 -133.09
N GLU O 59 -25.62 9.33 -132.71
CA GLU O 59 -24.83 10.06 -133.70
C GLU O 59 -24.28 9.11 -134.76
N GLY O 60 -23.91 7.89 -134.36
CA GLY O 60 -23.58 6.87 -135.33
C GLY O 60 -24.78 6.24 -136.00
N GLY O 61 -25.97 6.39 -135.42
CA GLY O 61 -27.19 5.88 -136.02
C GLY O 61 -27.57 4.49 -135.56
N ALA O 62 -27.69 4.29 -134.25
CA ALA O 62 -28.05 2.99 -133.73
C ALA O 62 -29.46 2.60 -134.15
N THR O 63 -29.72 1.28 -134.11
CA THR O 63 -31.01 0.76 -134.56
C THR O 63 -31.54 -0.33 -133.65
N VAL O 64 -31.12 -0.37 -132.40
CA VAL O 64 -31.39 -1.51 -131.52
C VAL O 64 -32.71 -1.31 -130.78
N THR O 65 -33.29 -2.43 -130.39
CA THR O 65 -34.50 -2.44 -129.57
C THR O 65 -34.19 -2.02 -128.15
N VAL O 66 -34.86 -0.98 -127.67
CA VAL O 66 -34.75 -0.53 -126.29
C VAL O 66 -36.15 -0.31 -125.75
N LYS O 67 -36.35 -0.67 -124.48
CA LYS O 67 -37.66 -0.56 -123.86
C LYS O 67 -38.04 0.91 -123.65
N ASP O 68 -39.21 1.12 -123.05
CA ASP O 68 -39.76 2.47 -122.95
C ASP O 68 -39.20 3.23 -121.75
N ASP O 69 -38.80 2.52 -120.70
CA ASP O 69 -38.43 3.21 -119.46
C ASP O 69 -37.04 3.81 -119.53
N GLN O 70 -36.07 3.10 -120.10
CA GLN O 70 -34.68 3.53 -120.05
C GLN O 70 -34.28 4.39 -121.25
N VAL O 71 -35.24 4.78 -122.08
CA VAL O 71 -35.02 5.80 -123.10
C VAL O 71 -35.50 7.13 -122.54
N PHE O 72 -34.56 8.06 -122.37
CA PHE O 72 -34.82 9.26 -121.57
C PHE O 72 -35.06 10.45 -122.48
N PRO O 73 -36.24 11.08 -122.44
CA PRO O 73 -36.45 12.31 -123.21
C PRO O 73 -35.51 13.41 -122.74
N MET O 74 -35.27 14.36 -123.64
CA MET O 74 -34.25 15.37 -123.45
C MET O 74 -34.86 16.74 -123.17
N ASN O 75 -34.10 17.58 -122.50
CA ASN O 75 -34.48 18.97 -122.33
C ASN O 75 -34.38 19.70 -123.67
N PRO O 76 -35.15 20.77 -123.86
CA PRO O 76 -35.06 21.54 -125.11
C PRO O 76 -33.76 22.32 -125.17
N PRO O 77 -33.35 22.76 -126.36
CA PRO O 77 -32.16 23.62 -126.44
C PRO O 77 -32.39 25.00 -125.84
N LYS O 78 -33.64 25.40 -125.65
CA LYS O 78 -33.94 26.57 -124.83
C LYS O 78 -33.63 26.34 -123.36
N TYR O 79 -33.36 25.09 -122.97
CA TYR O 79 -33.02 24.77 -121.60
C TYR O 79 -31.62 24.20 -121.45
N ASP O 80 -30.85 24.09 -122.53
CA ASP O 80 -29.48 23.63 -122.43
C ASP O 80 -28.57 24.76 -121.95
N LYS O 81 -27.42 24.36 -121.40
CA LYS O 81 -26.39 25.25 -120.89
C LYS O 81 -26.85 26.07 -119.69
N ILE O 82 -28.04 25.82 -119.16
CA ILE O 82 -28.54 26.60 -118.05
C ILE O 82 -27.68 26.36 -116.82
N GLU O 83 -27.40 27.44 -116.09
CA GLU O 83 -26.51 27.41 -114.94
C GLU O 83 -27.04 26.58 -113.78
N ASP O 84 -28.27 26.08 -113.85
CA ASP O 84 -28.81 25.26 -112.78
C ASP O 84 -29.76 24.22 -113.36
N MET O 85 -29.88 23.09 -112.65
CA MET O 85 -30.78 22.02 -113.03
C MET O 85 -32.04 21.99 -112.18
N ALA O 86 -32.35 23.07 -111.47
CA ALA O 86 -33.46 23.05 -110.53
C ALA O 86 -34.81 23.29 -111.18
N MET O 87 -34.85 23.86 -112.38
CA MET O 87 -36.10 24.17 -113.05
C MET O 87 -36.27 23.43 -114.37
N MET O 88 -35.28 22.64 -114.78
CA MET O 88 -35.33 22.00 -116.10
C MET O 88 -36.52 21.07 -116.21
N THR O 89 -37.21 21.15 -117.35
CA THR O 89 -38.41 20.35 -117.59
C THR O 89 -38.12 18.86 -117.74
N HIS O 90 -36.86 18.45 -117.79
CA HIS O 90 -36.50 17.04 -117.83
C HIS O 90 -35.51 16.81 -116.70
N LEU O 91 -35.98 16.22 -115.61
CA LEU O 91 -35.13 15.92 -114.46
C LEU O 91 -34.77 14.44 -114.54
N HIS O 92 -33.76 14.14 -115.35
CA HIS O 92 -33.26 12.80 -115.54
C HIS O 92 -31.83 12.75 -115.03
N GLU O 93 -31.21 11.56 -115.17
CA GLU O 93 -29.76 11.49 -115.03
C GLU O 93 -29.07 12.06 -116.27
N PRO O 94 -29.37 11.61 -117.49
CA PRO O 94 -28.72 12.22 -118.65
C PRO O 94 -29.01 13.70 -118.80
N ALA O 95 -30.09 14.18 -118.18
CA ALA O 95 -30.40 15.60 -118.21
C ALA O 95 -29.24 16.42 -117.66
N VAL O 96 -28.93 16.25 -116.38
CA VAL O 96 -27.80 16.97 -115.80
C VAL O 96 -26.48 16.48 -116.39
N LEU O 97 -26.41 15.20 -116.74
CA LEU O 97 -25.20 14.66 -117.36
C LEU O 97 -24.76 15.52 -118.53
N TYR O 98 -25.65 15.66 -119.52
CA TYR O 98 -25.31 16.46 -120.69
C TYR O 98 -25.36 17.95 -120.41
N ASN O 99 -26.26 18.42 -119.54
CA ASN O 99 -26.24 19.82 -119.16
C ASN O 99 -24.88 20.26 -118.66
N LEU O 100 -24.11 19.36 -118.06
CA LEU O 100 -22.74 19.71 -117.68
C LEU O 100 -21.71 19.28 -118.72
N LYS O 101 -22.00 18.22 -119.48
CA LYS O 101 -21.09 17.76 -120.52
C LYS O 101 -20.90 18.84 -121.60
N GLU O 102 -22.00 19.30 -122.20
CA GLU O 102 -21.88 20.35 -123.20
C GLU O 102 -21.39 21.67 -122.59
N ARG O 103 -21.57 21.88 -121.29
CA ARG O 103 -21.06 23.11 -120.68
C ARG O 103 -19.54 23.08 -120.58
N TYR O 104 -18.98 21.95 -120.16
CA TYR O 104 -17.53 21.81 -120.23
C TYR O 104 -17.02 21.76 -121.67
N ALA O 105 -17.85 21.29 -122.60
CA ALA O 105 -17.51 21.41 -124.01
C ALA O 105 -17.36 22.88 -124.40
N ALA O 106 -18.30 23.70 -123.98
CA ALA O 106 -18.21 25.16 -124.10
C ALA O 106 -17.30 25.77 -123.05
N TRP O 107 -16.62 24.93 -122.27
CA TRP O 107 -15.64 25.37 -121.26
C TRP O 107 -16.30 26.15 -120.12
N MET O 108 -17.59 25.94 -119.91
CA MET O 108 -18.29 26.57 -118.79
C MET O 108 -18.09 25.69 -117.56
N ILE O 109 -16.94 25.90 -116.90
CA ILE O 109 -16.58 25.09 -115.74
C ILE O 109 -17.61 25.24 -114.63
N TYR O 110 -17.80 26.46 -114.16
CA TYR O 110 -18.53 26.69 -112.93
C TYR O 110 -20.03 26.77 -113.20
N THR O 111 -20.81 26.03 -112.41
CA THR O 111 -22.23 25.91 -112.59
C THR O 111 -22.88 25.91 -111.21
N TYR O 112 -24.21 25.77 -111.19
CA TYR O 112 -24.99 25.64 -109.96
C TYR O 112 -25.86 24.41 -110.04
N SER O 113 -26.03 23.72 -108.91
CA SER O 113 -26.90 22.55 -108.83
C SER O 113 -27.55 22.59 -107.45
N GLY O 114 -28.76 23.15 -107.37
CA GLY O 114 -29.42 23.32 -106.10
C GLY O 114 -28.54 24.15 -105.17
N LEU O 115 -27.95 23.50 -104.17
CA LEU O 115 -26.97 24.14 -103.31
C LEU O 115 -25.53 23.77 -103.69
N PHE O 116 -25.35 22.88 -104.65
CA PHE O 116 -24.01 22.45 -105.04
C PHE O 116 -23.41 23.42 -106.04
N CYS O 117 -22.14 23.77 -105.82
CA CYS O 117 -21.36 24.54 -106.79
C CYS O 117 -20.51 23.56 -107.58
N VAL O 118 -21.15 22.86 -108.51
CA VAL O 118 -20.48 21.84 -109.30
C VAL O 118 -19.40 22.49 -110.15
N THR O 119 -18.14 22.14 -109.87
CA THR O 119 -17.00 22.73 -110.55
C THR O 119 -16.14 21.62 -111.14
N VAL O 120 -15.88 21.72 -112.44
CA VAL O 120 -15.06 20.74 -113.14
C VAL O 120 -13.64 21.28 -113.18
N ASN O 121 -12.68 20.40 -113.46
CA ASN O 121 -11.35 20.97 -113.52
C ASN O 121 -10.94 21.19 -114.98
N PRO O 122 -10.06 22.16 -115.23
CA PRO O 122 -9.50 22.32 -116.57
C PRO O 122 -8.20 21.54 -116.73
N TYR O 123 -7.97 21.08 -117.95
CA TYR O 123 -6.69 20.49 -118.34
C TYR O 123 -5.90 21.46 -119.22
N LYS O 124 -6.37 22.71 -119.30
CA LYS O 124 -5.69 23.79 -119.99
C LYS O 124 -5.84 25.04 -119.14
N TRP O 125 -4.93 25.99 -119.33
CA TRP O 125 -4.98 27.21 -118.54
C TRP O 125 -6.21 28.04 -118.92
N LEU O 126 -7.09 28.25 -117.96
CA LEU O 126 -8.27 29.10 -118.16
C LEU O 126 -8.34 30.13 -117.04
N PRO O 127 -7.93 31.36 -117.28
CA PRO O 127 -7.93 32.42 -116.23
C PRO O 127 -9.33 32.94 -115.91
N VAL O 128 -10.04 32.22 -115.05
CA VAL O 128 -11.43 32.54 -114.76
C VAL O 128 -11.57 33.34 -113.47
N TYR O 129 -10.63 33.21 -112.54
CA TYR O 129 -10.69 33.88 -111.25
C TYR O 129 -9.70 35.04 -111.16
N ASN O 130 -9.56 35.81 -112.23
CA ASN O 130 -8.54 36.85 -112.31
C ASN O 130 -8.90 38.03 -111.40
N ALA O 131 -8.03 39.04 -111.42
CA ALA O 131 -8.08 40.15 -110.47
C ALA O 131 -9.27 41.08 -110.68
N GLU O 132 -10.18 40.79 -111.60
CA GLU O 132 -11.37 41.60 -111.80
C GLU O 132 -12.64 40.94 -111.31
N VAL O 133 -12.79 39.63 -111.50
CA VAL O 133 -13.95 38.92 -110.96
C VAL O 133 -13.89 38.82 -109.44
N VAL O 134 -12.75 39.14 -108.82
CA VAL O 134 -12.68 39.18 -107.37
C VAL O 134 -13.58 40.30 -106.83
N ALA O 135 -13.71 41.39 -107.57
CA ALA O 135 -14.65 42.44 -107.23
C ALA O 135 -15.97 42.31 -107.97
N ALA O 136 -15.96 41.73 -109.18
CA ALA O 136 -17.20 41.48 -109.89
C ALA O 136 -18.08 40.50 -109.14
N TYR O 137 -17.48 39.63 -108.33
CA TYR O 137 -18.20 38.70 -107.49
C TYR O 137 -18.29 39.18 -106.04
N ARG O 138 -17.81 40.38 -105.75
CA ARG O 138 -17.91 40.94 -104.41
C ARG O 138 -19.28 41.54 -104.17
N GLY O 139 -19.75 41.45 -102.93
CA GLY O 139 -21.02 42.01 -102.52
C GLY O 139 -22.24 41.44 -103.20
N LYS O 140 -22.07 40.49 -104.11
CA LYS O 140 -23.16 39.98 -104.92
C LYS O 140 -24.10 39.12 -104.08
N LYS O 141 -25.29 38.88 -104.63
CA LYS O 141 -26.15 37.80 -104.20
C LYS O 141 -25.82 36.57 -105.06
N ARG O 142 -26.27 35.40 -104.61
CA ARG O 142 -25.85 34.17 -105.27
C ARG O 142 -26.41 34.04 -106.69
N GLN O 143 -27.63 34.50 -106.92
CA GLN O 143 -28.39 34.14 -108.12
C GLN O 143 -28.66 35.32 -109.04
N GLU O 144 -27.65 36.17 -109.27
CA GLU O 144 -27.76 37.15 -110.35
C GLU O 144 -26.51 37.13 -111.22
N ALA O 145 -25.38 36.77 -110.63
CA ALA O 145 -24.12 36.69 -111.35
C ALA O 145 -23.84 35.24 -111.74
N PRO O 146 -23.03 35.01 -112.77
CA PRO O 146 -22.79 33.64 -113.21
C PRO O 146 -21.99 32.86 -112.19
N PRO O 147 -22.15 31.54 -112.14
CA PRO O 147 -21.57 30.75 -111.05
C PRO O 147 -20.05 30.71 -111.09
N HIS O 148 -19.47 30.57 -109.89
CA HIS O 148 -18.04 30.40 -109.66
C HIS O 148 -17.84 30.17 -108.17
N ILE O 149 -16.74 29.52 -107.83
CA ILE O 149 -16.46 29.24 -106.41
C ILE O 149 -16.33 30.53 -105.62
N PHE O 150 -15.82 31.59 -106.24
CA PHE O 150 -15.75 32.88 -105.55
C PHE O 150 -17.13 33.40 -105.22
N SER O 151 -18.12 33.10 -106.06
CA SER O 151 -19.50 33.52 -105.79
C SER O 151 -19.96 32.99 -104.44
N ILE O 152 -19.94 31.67 -104.27
CA ILE O 152 -20.43 31.08 -103.03
C ILE O 152 -19.55 31.43 -101.85
N SER O 153 -18.22 31.53 -102.06
CA SER O 153 -17.36 31.92 -100.95
C SER O 153 -17.72 33.31 -100.43
N ASP O 154 -17.87 34.27 -101.35
CA ASP O 154 -18.23 35.62 -100.91
C ASP O 154 -19.65 35.68 -100.37
N ASN O 155 -20.53 34.81 -100.86
CA ASN O 155 -21.85 34.71 -100.25
C ASN O 155 -21.73 34.28 -98.80
N ALA O 156 -20.86 33.32 -98.52
CA ALA O 156 -20.62 32.91 -97.13
C ALA O 156 -20.02 34.05 -96.32
N TYR O 157 -19.12 34.82 -96.94
CA TYR O 157 -18.51 35.94 -96.23
C TYR O 157 -19.56 36.98 -95.84
N GLN O 158 -20.39 37.40 -96.80
CA GLN O 158 -21.43 38.37 -96.47
C GLN O 158 -22.45 37.77 -95.51
N PHE O 159 -22.66 36.45 -95.56
CA PHE O 159 -23.53 35.79 -94.59
C PHE O 159 -23.00 35.96 -93.18
N MET O 160 -21.73 35.61 -92.96
CA MET O 160 -21.14 35.80 -91.64
C MET O 160 -21.13 37.26 -91.25
N LEU O 161 -21.04 38.17 -92.22
CA LEU O 161 -21.11 39.59 -91.92
C LEU O 161 -22.53 40.03 -91.55
N THR O 162 -23.55 39.28 -91.96
CA THR O 162 -24.92 39.65 -91.63
C THR O 162 -25.26 39.31 -90.18
N ASP O 163 -24.97 38.08 -89.74
CA ASP O 163 -25.45 37.65 -88.44
C ASP O 163 -24.38 36.90 -87.64
N ARG O 164 -23.11 37.21 -87.86
CA ARG O 164 -22.01 36.62 -87.08
C ARG O 164 -22.02 35.10 -87.13
N GLU O 165 -22.57 34.54 -88.20
CA GLU O 165 -22.80 33.11 -88.29
C GLU O 165 -21.61 32.42 -88.94
N ASN O 166 -21.28 31.24 -88.43
CA ASN O 166 -20.19 30.45 -88.98
C ASN O 166 -20.62 29.77 -90.26
N GLN O 167 -19.73 29.75 -91.25
CA GLN O 167 -20.01 29.15 -92.53
C GLN O 167 -19.02 28.03 -92.80
N SER O 168 -19.37 27.17 -93.76
CA SER O 168 -18.55 26.00 -94.05
C SER O 168 -18.72 25.60 -95.50
N ILE O 169 -17.60 25.40 -96.19
CA ILE O 169 -17.59 24.89 -97.55
C ILE O 169 -17.19 23.42 -97.49
N LEU O 170 -18.01 22.56 -98.09
CA LEU O 170 -17.80 21.12 -98.06
C LEU O 170 -17.36 20.70 -99.45
N ILE O 171 -16.09 20.35 -99.58
CA ILE O 171 -15.49 20.02 -100.87
C ILE O 171 -15.20 18.53 -100.91
N THR O 172 -15.25 17.97 -102.12
CA THR O 172 -15.00 16.54 -102.34
C THR O 172 -14.11 16.38 -103.56
N GLY O 173 -12.80 16.33 -103.32
CA GLY O 173 -11.84 16.15 -104.38
C GLY O 173 -11.05 14.88 -104.26
N GLU O 174 -10.99 14.10 -105.34
CA GLU O 174 -10.17 12.89 -105.36
C GLU O 174 -8.69 13.26 -105.22
N SER O 175 -7.88 12.24 -105.01
CA SER O 175 -6.44 12.47 -104.88
C SER O 175 -5.87 12.99 -106.19
N GLY O 176 -5.15 14.10 -106.11
CA GLY O 176 -4.61 14.74 -107.30
C GLY O 176 -5.66 15.23 -108.26
N ALA O 177 -6.90 15.43 -107.79
CA ALA O 177 -7.98 15.89 -108.64
C ALA O 177 -8.01 17.41 -108.80
N GLY O 178 -7.12 18.13 -108.13
CA GLY O 178 -7.11 19.57 -108.18
C GLY O 178 -7.84 20.26 -107.04
N LYS O 179 -8.43 19.50 -106.12
CA LYS O 179 -9.06 20.12 -104.95
C LYS O 179 -8.04 20.91 -104.14
N THR O 180 -6.81 20.40 -104.05
CA THR O 180 -5.71 21.14 -103.45
C THR O 180 -5.54 22.52 -104.06
N VAL O 181 -5.98 22.70 -105.30
CA VAL O 181 -5.92 24.01 -105.95
C VAL O 181 -7.13 24.85 -105.60
N ASN O 182 -8.32 24.25 -105.58
CA ASN O 182 -9.52 25.02 -105.26
C ASN O 182 -9.47 25.56 -103.83
N THR O 183 -8.94 24.77 -102.90
CA THR O 183 -8.85 25.24 -101.52
C THR O 183 -7.90 26.44 -101.42
N LYS O 184 -6.76 26.38 -102.11
CA LYS O 184 -5.86 27.51 -102.10
C LYS O 184 -6.49 28.72 -102.77
N ARG O 185 -7.29 28.48 -103.82
CA ARG O 185 -8.02 29.57 -104.48
C ARG O 185 -8.92 30.28 -103.47
N VAL O 186 -9.75 29.53 -102.76
CA VAL O 186 -10.71 30.17 -101.86
C VAL O 186 -9.99 30.80 -100.67
N ILE O 187 -8.90 30.20 -100.19
CA ILE O 187 -8.24 30.75 -99.01
C ILE O 187 -7.52 32.05 -99.38
N GLN O 188 -6.86 32.10 -100.54
CA GLN O 188 -6.23 33.34 -100.94
C GLN O 188 -7.28 34.38 -101.32
N TYR O 189 -8.41 33.95 -101.88
CA TYR O 189 -9.51 34.86 -102.16
C TYR O 189 -9.95 35.57 -100.88
N PHE O 190 -10.14 34.81 -99.80
CA PHE O 190 -10.55 35.43 -98.55
C PHE O 190 -9.44 36.29 -97.96
N ALA O 191 -8.18 35.82 -98.07
CA ALA O 191 -7.05 36.59 -97.56
C ALA O 191 -6.96 37.96 -98.23
N THR O 192 -7.24 38.01 -99.53
CA THR O 192 -7.17 39.28 -100.25
C THR O 192 -8.42 40.13 -100.01
N ILE O 193 -9.60 39.51 -100.01
CA ILE O 193 -10.83 40.27 -99.83
C ILE O 193 -10.95 40.80 -98.42
N ALA O 194 -10.17 40.26 -97.48
CA ALA O 194 -10.15 40.79 -96.12
C ALA O 194 -9.62 42.22 -96.10
N LEU O 213 -1.12 32.43 -93.48
CA LEU O 213 -1.07 32.76 -94.90
C LEU O 213 -1.07 31.49 -95.75
N GLU O 214 -1.47 31.63 -97.01
CA GLU O 214 -1.54 30.50 -97.92
C GLU O 214 -0.19 29.78 -98.01
N ASP O 215 0.91 30.55 -98.03
CA ASP O 215 2.23 29.93 -98.07
C ASP O 215 2.50 29.16 -96.78
N GLN O 216 2.07 29.70 -95.64
CA GLN O 216 2.16 28.95 -94.39
C GLN O 216 1.39 27.64 -94.48
N ILE O 217 0.20 27.68 -95.09
CA ILE O 217 -0.59 26.46 -95.27
C ILE O 217 0.20 25.43 -96.05
N ILE O 218 0.59 25.78 -97.28
CA ILE O 218 1.28 24.83 -98.14
C ILE O 218 2.64 24.44 -97.59
N SER O 219 3.18 25.21 -96.65
CA SER O 219 4.44 24.84 -96.02
C SER O 219 4.33 23.51 -95.28
N ALA O 220 3.34 23.41 -94.41
CA ALA O 220 3.14 22.18 -93.63
C ALA O 220 2.22 21.18 -94.32
N ASN O 221 1.53 21.59 -95.39
CA ASN O 221 0.63 20.70 -96.12
C ASN O 221 1.24 19.38 -96.57
N PRO O 222 2.51 19.34 -97.01
CA PRO O 222 3.06 18.03 -97.43
C PRO O 222 3.31 17.08 -96.27
N LEU O 223 3.71 17.61 -95.12
CA LEU O 223 3.96 16.76 -93.95
C LEU O 223 2.71 15.98 -93.53
N LEU O 224 1.56 16.64 -93.61
CA LEU O 224 0.30 15.96 -93.29
C LEU O 224 0.16 14.68 -94.11
N GLU O 225 0.17 14.80 -95.44
CA GLU O 225 0.08 13.62 -96.28
C GLU O 225 1.29 12.70 -96.16
N ALA O 226 2.41 13.21 -95.65
CA ALA O 226 3.53 12.31 -95.37
C ALA O 226 3.18 11.34 -94.26
N PHE O 227 2.69 11.86 -93.13
CA PHE O 227 2.28 11.00 -92.03
C PHE O 227 1.07 10.16 -92.39
N GLY O 228 0.04 10.77 -92.96
CA GLY O 228 -1.25 10.12 -93.08
C GLY O 228 -1.78 9.89 -94.48
N ASN O 229 -0.93 9.47 -95.40
CA ASN O 229 -1.38 9.05 -96.72
C ASN O 229 -0.78 7.71 -97.09
N ALA O 230 -1.41 7.04 -98.04
CA ALA O 230 -0.92 5.78 -98.56
C ALA O 230 -1.59 5.52 -99.90
N LYS O 231 -1.10 4.50 -100.59
CA LYS O 231 -1.75 4.10 -101.84
C LYS O 231 -2.91 3.17 -101.53
N THR O 232 -3.77 2.97 -102.54
CA THR O 232 -4.90 2.06 -102.45
C THR O 232 -4.95 1.21 -103.71
N VAL O 233 -5.96 0.34 -103.78
CA VAL O 233 -6.24 -0.38 -105.01
C VAL O 233 -6.78 0.56 -106.08
N ARG O 234 -7.22 1.76 -105.68
CA ARG O 234 -7.74 2.75 -106.62
C ARG O 234 -6.67 3.74 -107.04
N ASN O 235 -6.02 4.40 -106.08
CA ASN O 235 -5.11 5.50 -106.35
C ASN O 235 -3.78 5.27 -105.63
N ASP O 236 -2.96 6.31 -105.61
CA ASP O 236 -1.60 6.23 -105.10
C ASP O 236 -1.34 7.10 -103.89
N ASN O 237 -1.97 8.26 -103.78
CA ASN O 237 -1.71 9.20 -102.69
C ASN O 237 -2.99 9.56 -101.97
N SER O 238 -3.76 8.52 -101.61
CA SER O 238 -5.00 8.72 -100.87
C SER O 238 -4.73 9.41 -99.53
N SER O 239 -5.50 10.45 -99.24
CA SER O 239 -5.41 11.15 -97.97
C SER O 239 -6.47 10.56 -97.04
N ARG O 240 -6.02 9.76 -96.07
CA ARG O 240 -6.95 8.97 -95.27
C ARG O 240 -7.71 9.85 -94.27
N PHE O 241 -7.00 10.74 -93.59
CA PHE O 241 -7.61 11.49 -92.50
C PHE O 241 -8.64 12.48 -93.03
N GLY O 242 -9.28 13.19 -92.11
CA GLY O 242 -10.21 14.24 -92.43
C GLY O 242 -9.52 15.59 -92.32
N LYS O 243 -9.59 16.37 -93.39
CA LYS O 243 -8.96 17.67 -93.45
C LYS O 243 -10.00 18.76 -93.24
N PHE O 244 -9.75 19.64 -92.28
CA PHE O 244 -10.69 20.71 -91.96
C PHE O 244 -9.90 21.90 -91.47
N ILE O 245 -10.24 23.08 -91.97
CA ILE O 245 -9.50 24.31 -91.70
C ILE O 245 -10.49 25.36 -91.20
N ARG O 246 -10.15 26.01 -90.09
CA ARG O 246 -10.97 27.05 -89.49
C ARG O 246 -10.21 28.37 -89.59
N ILE O 247 -10.77 29.32 -90.32
CA ILE O 247 -10.21 30.65 -90.44
C ILE O 247 -11.17 31.61 -89.76
N HIS O 248 -10.85 31.96 -88.52
CA HIS O 248 -11.68 32.87 -87.75
C HIS O 248 -11.30 34.32 -88.02
N PHE O 249 -12.30 35.17 -88.12
CA PHE O 249 -12.10 36.60 -88.38
C PHE O 249 -12.40 37.38 -87.11
N GLY O 250 -12.15 38.68 -87.17
CA GLY O 250 -12.54 39.57 -86.10
C GLY O 250 -14.04 39.71 -86.02
N THR O 251 -14.47 40.75 -85.31
CA THR O 251 -15.90 41.00 -85.17
C THR O 251 -16.49 41.65 -86.42
N THR O 252 -15.68 42.37 -87.19
CA THR O 252 -16.12 42.98 -88.43
C THR O 252 -15.58 42.26 -89.66
N GLY O 253 -14.77 41.25 -89.48
CA GLY O 253 -14.18 40.51 -90.59
C GLY O 253 -12.74 40.93 -90.80
N LYS O 254 -11.82 40.14 -90.27
CA LYS O 254 -10.39 40.39 -90.43
C LYS O 254 -9.67 39.11 -90.04
N LEU O 255 -8.95 38.51 -91.00
CA LEU O 255 -8.42 37.17 -90.82
C LEU O 255 -7.57 37.08 -89.56
N ALA O 256 -8.05 36.35 -88.56
CA ALA O 256 -7.43 36.32 -87.24
C ALA O 256 -7.18 34.89 -86.77
N SER O 257 -7.09 33.94 -87.69
CA SER O 257 -6.78 32.56 -87.32
C SER O 257 -6.44 31.78 -88.59
N ALA O 258 -5.39 30.97 -88.50
CA ALA O 258 -5.05 29.98 -89.53
C ALA O 258 -4.97 28.64 -88.81
N ASP O 259 -6.11 27.98 -88.67
CA ASP O 259 -6.24 26.80 -87.81
C ASP O 259 -6.49 25.55 -88.65
N ILE O 260 -6.06 24.42 -88.12
CA ILE O 260 -6.15 23.13 -88.79
C ILE O 260 -6.78 22.12 -87.84
N GLU O 261 -7.69 21.31 -88.37
CA GLU O 261 -8.43 20.33 -87.59
C GLU O 261 -8.41 18.99 -88.31
N THR O 262 -7.75 18.01 -87.71
CA THR O 262 -7.68 16.66 -88.26
C THR O 262 -8.78 15.81 -87.64
N TYR O 263 -9.42 14.99 -88.47
CA TYR O 263 -10.59 14.24 -88.06
C TYR O 263 -10.55 12.83 -88.64
N LEU O 264 -11.10 11.88 -87.88
CA LEU O 264 -11.35 10.52 -88.35
C LEU O 264 -10.12 9.89 -89.01
N LEU O 265 -8.94 10.16 -88.47
CA LEU O 265 -7.73 9.56 -89.02
C LEU O 265 -7.82 8.05 -88.96
N GLU O 266 -7.61 7.39 -90.10
CA GLU O 266 -7.58 5.94 -90.14
C GLU O 266 -6.49 5.43 -89.20
N LYS O 267 -6.74 4.25 -88.62
CA LYS O 267 -5.84 3.67 -87.63
C LYS O 267 -5.18 2.39 -88.09
N SER O 268 -5.96 1.43 -88.60
CA SER O 268 -5.47 0.08 -88.83
C SER O 268 -4.36 -0.01 -89.87
N ARG O 269 -4.26 0.97 -90.78
CA ARG O 269 -3.21 0.92 -91.78
C ARG O 269 -1.82 0.86 -91.15
N VAL O 270 -1.66 1.43 -89.96
CA VAL O 270 -0.38 1.40 -89.28
C VAL O 270 0.05 -0.03 -88.99
N THR O 271 -0.90 -0.96 -88.90
CA THR O 271 -0.61 -2.36 -88.64
C THR O 271 -0.97 -3.27 -89.80
N PHE O 272 -2.15 -3.09 -90.39
CA PHE O 272 -2.65 -4.01 -91.42
C PHE O 272 -3.15 -3.23 -92.62
N GLN O 273 -2.82 -3.71 -93.81
CA GLN O 273 -3.35 -3.18 -95.05
C GLN O 273 -3.47 -4.32 -96.06
N LEU O 274 -4.45 -4.22 -96.93
CA LEU O 274 -4.64 -5.27 -97.93
C LEU O 274 -3.50 -5.25 -98.94
N LYS O 275 -3.44 -6.33 -99.74
CA LYS O 275 -2.27 -6.56 -100.58
C LYS O 275 -2.10 -5.47 -101.64
N ALA O 276 -3.21 -4.98 -102.19
CA ALA O 276 -3.17 -4.02 -103.27
C ALA O 276 -2.84 -2.60 -102.80
N GLU O 277 -2.42 -2.43 -101.56
CA GLU O 277 -2.05 -1.12 -101.02
C GLU O 277 -0.90 -1.32 -100.04
N ARG O 278 -0.42 -0.20 -99.50
CA ARG O 278 0.65 -0.24 -98.52
C ARG O 278 0.30 0.68 -97.36
N SER O 279 1.12 0.63 -96.33
CA SER O 279 0.90 1.42 -95.12
C SER O 279 1.30 2.86 -95.38
N TYR O 280 1.34 3.67 -94.32
CA TYR O 280 1.63 5.09 -94.47
C TYR O 280 3.03 5.30 -95.07
N HIS O 281 3.25 6.52 -95.56
CA HIS O 281 4.44 6.80 -96.37
C HIS O 281 5.71 6.70 -95.54
N ILE O 282 5.71 7.28 -94.34
CA ILE O 282 6.94 7.55 -93.60
C ILE O 282 7.81 6.30 -93.46
N PHE O 283 7.18 5.14 -93.30
CA PHE O 283 7.97 3.92 -93.14
C PHE O 283 8.85 3.66 -94.36
N TYR O 284 8.21 3.45 -95.51
CA TYR O 284 8.98 3.25 -96.74
C TYR O 284 9.87 4.45 -97.05
N GLN O 285 9.47 5.65 -96.62
CA GLN O 285 10.33 6.82 -96.76
C GLN O 285 11.67 6.59 -96.08
N ILE O 286 11.64 6.24 -94.79
CA ILE O 286 12.89 5.98 -94.08
C ILE O 286 13.58 4.74 -94.64
N MET O 287 12.82 3.81 -95.23
CA MET O 287 13.45 2.67 -95.89
C MET O 287 14.28 3.13 -97.08
N SER O 288 13.79 4.12 -97.82
CA SER O 288 14.61 4.77 -98.84
C SER O 288 15.83 5.40 -98.17
N ASN O 289 17.01 4.98 -98.60
CA ASN O 289 18.25 5.21 -97.87
C ASN O 289 18.86 6.58 -98.10
N LYS O 290 18.10 7.58 -98.57
CA LYS O 290 18.69 8.88 -98.86
C LYS O 290 19.34 9.49 -97.63
N LYS O 291 18.82 9.18 -96.44
CA LYS O 291 19.34 9.71 -95.18
C LYS O 291 19.72 8.52 -94.32
N PRO O 292 20.89 7.90 -94.57
CA PRO O 292 21.29 6.71 -93.80
C PRO O 292 21.56 7.00 -92.33
N ASP O 293 21.63 8.26 -91.92
CA ASP O 293 21.71 8.57 -90.50
C ASP O 293 20.49 8.02 -89.76
N LEU O 294 19.32 8.10 -90.38
CA LEU O 294 18.13 7.48 -89.80
C LEU O 294 18.30 5.97 -89.72
N ILE O 295 18.62 5.33 -90.85
CA ILE O 295 18.77 3.88 -90.90
C ILE O 295 19.70 3.38 -89.81
N GLU O 296 20.84 4.07 -89.63
CA GLU O 296 21.77 3.66 -88.59
C GLU O 296 21.27 4.03 -87.20
N MET O 297 20.42 5.06 -87.11
CA MET O 297 19.97 5.57 -85.82
C MET O 297 18.68 4.90 -85.35
N LEU O 298 17.74 4.67 -86.27
CA LEU O 298 16.51 3.98 -85.92
C LEU O 298 16.68 2.46 -85.89
N LEU O 299 17.90 1.97 -86.06
CA LEU O 299 18.22 0.55 -85.98
C LEU O 299 17.39 -0.30 -86.95
N ILE O 300 16.81 0.32 -87.97
CA ILE O 300 16.00 -0.37 -88.95
C ILE O 300 16.85 -0.70 -90.17
N THR O 301 16.51 -1.79 -90.85
CA THR O 301 17.22 -2.20 -92.05
C THR O 301 16.75 -1.37 -93.24
N THR O 302 17.12 -1.78 -94.45
CA THR O 302 16.71 -1.09 -95.66
C THR O 302 15.64 -1.85 -96.44
N ASN O 303 15.50 -3.15 -96.21
CA ASN O 303 14.50 -3.96 -96.90
C ASN O 303 13.22 -4.02 -96.09
N PRO O 304 12.18 -3.25 -96.46
CA PRO O 304 10.95 -3.25 -95.65
C PRO O 304 10.12 -4.51 -95.79
N TYR O 305 10.58 -5.51 -96.54
CA TYR O 305 9.89 -6.80 -96.53
C TYR O 305 10.27 -7.65 -95.33
N ASP O 306 10.90 -7.03 -94.33
CA ASP O 306 11.29 -7.72 -93.11
C ASP O 306 10.41 -7.36 -91.92
N TYR O 307 9.51 -6.39 -92.08
CA TYR O 307 8.72 -5.85 -90.98
C TYR O 307 7.24 -6.02 -91.31
N ALA O 308 6.58 -6.90 -90.56
CA ALA O 308 5.24 -7.36 -90.94
C ALA O 308 4.20 -6.25 -90.89
N PHE O 309 4.45 -5.19 -90.10
CA PHE O 309 3.48 -4.10 -90.04
C PHE O 309 3.34 -3.40 -91.39
N VAL O 310 4.40 -3.38 -92.20
CA VAL O 310 4.37 -2.69 -93.48
C VAL O 310 4.47 -3.65 -94.66
N SER O 311 4.85 -4.90 -94.43
CA SER O 311 5.17 -5.84 -95.49
C SER O 311 3.99 -6.72 -95.87
N GLN O 312 2.77 -6.22 -95.73
CA GLN O 312 1.58 -6.93 -96.18
C GLN O 312 0.98 -6.28 -97.43
N GLY O 313 1.76 -5.46 -98.12
CA GLY O 313 1.34 -4.87 -99.37
C GLY O 313 2.45 -4.88 -100.40
N GLU O 314 2.77 -3.72 -100.97
CA GLU O 314 3.86 -3.57 -101.92
C GLU O 314 4.72 -2.40 -101.48
N ILE O 315 5.95 -2.70 -101.06
CA ILE O 315 6.80 -1.68 -100.46
C ILE O 315 7.25 -0.65 -101.50
N THR O 316 7.56 -1.10 -102.71
CA THR O 316 7.96 -0.21 -103.78
C THR O 316 6.76 0.13 -104.64
N VAL O 317 6.74 1.34 -105.18
CA VAL O 317 5.59 1.82 -105.95
C VAL O 317 6.10 2.44 -107.25
N PRO O 318 5.45 2.17 -108.40
CA PRO O 318 5.87 2.76 -109.68
C PRO O 318 5.27 4.14 -109.95
N SER O 319 5.29 4.99 -108.94
CA SER O 319 4.81 6.36 -109.13
C SER O 319 5.79 7.41 -108.67
N ILE O 320 6.50 7.16 -107.56
CA ILE O 320 7.42 8.14 -107.01
C ILE O 320 8.31 7.43 -105.99
N ASP O 321 9.57 7.85 -105.94
CA ASP O 321 10.46 7.34 -104.92
C ASP O 321 10.20 8.07 -103.60
N ASP O 322 10.80 7.54 -102.53
CA ASP O 322 10.62 8.10 -101.20
C ASP O 322 11.84 8.84 -100.70
N GLN O 323 12.96 8.79 -101.44
CA GLN O 323 14.17 9.49 -101.02
C GLN O 323 13.93 10.99 -100.98
N GLU O 324 13.63 11.60 -102.13
CA GLU O 324 13.41 13.03 -102.21
C GLU O 324 12.43 13.52 -101.15
N GLU O 325 11.37 12.74 -100.91
CA GLU O 325 10.36 13.14 -99.95
C GLU O 325 10.92 13.22 -98.54
N LEU O 326 11.98 12.47 -98.25
CA LEU O 326 12.64 12.57 -96.94
C LEU O 326 13.04 14.01 -96.65
N MET O 327 13.88 14.58 -97.50
CA MET O 327 14.34 15.96 -97.26
C MET O 327 13.22 16.96 -97.53
N ALA O 328 12.30 16.65 -98.44
CA ALA O 328 11.14 17.52 -98.63
C ALA O 328 10.39 17.71 -97.30
N THR O 329 9.99 16.60 -96.69
CA THR O 329 9.26 16.68 -95.43
C THR O 329 10.13 17.16 -94.29
N ASP O 330 11.42 16.83 -94.30
CA ASP O 330 12.32 17.34 -93.27
C ASP O 330 12.39 18.86 -93.31
N SER O 331 12.44 19.43 -94.53
CA SER O 331 12.37 20.88 -94.66
C SER O 331 11.01 21.39 -94.21
N ALA O 332 9.95 20.64 -94.50
CA ALA O 332 8.63 21.01 -93.98
C ALA O 332 8.65 21.09 -92.46
N ILE O 333 9.44 20.22 -91.82
CA ILE O 333 9.62 20.31 -90.37
C ILE O 333 10.39 21.58 -90.01
N ASP O 334 11.53 21.77 -90.68
CA ASP O 334 12.45 22.85 -90.30
C ASP O 334 11.78 24.21 -90.41
N ILE O 335 11.02 24.43 -91.48
CA ILE O 335 10.30 25.69 -91.64
C ILE O 335 9.21 25.82 -90.59
N LEU O 336 8.76 24.71 -90.01
CA LEU O 336 7.74 24.74 -88.98
C LEU O 336 8.38 24.91 -87.60
N GLY O 337 7.53 25.15 -86.60
CA GLY O 337 7.99 25.37 -85.24
C GLY O 337 8.44 24.10 -84.55
N PHE O 338 9.56 23.54 -84.98
CA PHE O 338 10.06 22.27 -84.47
C PHE O 338 11.51 22.42 -84.05
N THR O 339 11.81 22.00 -82.82
CA THR O 339 13.20 21.85 -82.42
C THR O 339 13.77 20.56 -83.03
N SER O 340 15.09 20.43 -82.98
CA SER O 340 15.75 19.29 -83.62
C SER O 340 15.44 18.00 -82.88
N ASP O 341 15.68 17.98 -81.57
CA ASP O 341 15.37 16.80 -80.75
C ASP O 341 13.93 16.36 -80.95
N GLU O 342 13.02 17.32 -81.14
CA GLU O 342 11.63 16.99 -81.44
C GLU O 342 11.54 16.13 -82.70
N ARG O 343 12.32 16.47 -83.73
CA ARG O 343 12.26 15.74 -84.98
C ARG O 343 12.91 14.36 -84.84
N VAL O 344 14.05 14.30 -84.16
CA VAL O 344 14.68 13.01 -83.95
C VAL O 344 13.79 12.11 -83.11
N SER O 345 12.99 12.70 -82.22
CA SER O 345 12.04 11.91 -81.44
C SER O 345 10.90 11.40 -82.31
N ILE O 346 10.41 12.24 -83.24
CA ILE O 346 9.44 11.77 -84.21
C ILE O 346 9.97 10.53 -84.93
N TYR O 347 11.22 10.62 -85.39
CA TYR O 347 11.80 9.48 -86.12
C TYR O 347 11.96 8.26 -85.21
N LYS O 348 12.35 8.47 -83.96
CA LYS O 348 12.46 7.35 -83.02
C LYS O 348 11.12 6.69 -82.78
N LEU O 349 10.05 7.48 -82.68
CA LEU O 349 8.71 6.91 -82.53
C LEU O 349 8.33 6.09 -83.75
N THR O 350 8.59 6.62 -84.95
CA THR O 350 8.32 5.85 -86.16
C THR O 350 9.10 4.55 -86.16
N GLY O 351 10.35 4.58 -85.69
CA GLY O 351 11.14 3.37 -85.62
C GLY O 351 10.65 2.38 -84.58
N ALA O 352 10.07 2.88 -83.50
CA ALA O 352 9.49 1.98 -82.50
C ALA O 352 8.25 1.29 -83.04
N VAL O 353 7.38 2.06 -83.71
CA VAL O 353 6.27 1.45 -84.44
C VAL O 353 6.80 0.43 -85.43
N MET O 354 7.91 0.74 -86.09
CA MET O 354 8.55 -0.19 -87.00
C MET O 354 8.93 -1.49 -86.30
N HIS O 355 9.51 -1.38 -85.11
CA HIS O 355 10.09 -2.54 -84.43
C HIS O 355 9.05 -3.42 -83.75
N TYR O 356 7.94 -2.83 -83.26
CA TYR O 356 6.96 -3.61 -82.51
C TYR O 356 6.55 -4.88 -83.23
N GLY O 357 6.41 -4.82 -84.56
CA GLY O 357 5.91 -5.95 -85.31
C GLY O 357 6.74 -7.21 -85.21
N ASN O 358 7.99 -7.10 -84.78
CA ASN O 358 8.91 -8.23 -84.75
C ASN O 358 9.07 -8.85 -83.37
N MET O 359 8.44 -8.30 -82.35
CA MET O 359 8.48 -8.91 -81.03
C MET O 359 7.66 -10.19 -81.05
N LYS O 360 8.31 -11.30 -80.72
CA LYS O 360 7.67 -12.61 -80.73
C LYS O 360 7.31 -13.03 -79.31
N PHE O 361 6.29 -13.87 -79.21
CA PHE O 361 5.85 -14.41 -77.94
C PHE O 361 5.47 -15.87 -78.11
N LYS O 362 5.80 -16.69 -77.12
CA LYS O 362 5.53 -18.11 -77.16
C LYS O 362 4.80 -18.52 -75.89
N GLN O 363 3.78 -19.36 -76.06
CA GLN O 363 3.03 -19.87 -74.93
C GLN O 363 3.92 -20.71 -74.03
N LYS O 364 3.71 -20.61 -72.72
CA LYS O 364 4.43 -21.47 -71.80
C LYS O 364 3.96 -22.91 -71.95
N GLN O 365 4.76 -23.83 -71.40
CA GLN O 365 4.52 -25.25 -71.64
C GLN O 365 3.23 -25.73 -70.97
N ARG O 366 2.99 -25.32 -69.73
CA ARG O 366 1.94 -25.90 -68.90
C ARG O 366 0.80 -24.93 -68.63
N GLU O 367 0.71 -23.86 -69.41
CA GLU O 367 -0.33 -22.84 -69.23
C GLU O 367 -0.58 -22.19 -70.59
N GLU O 368 -1.35 -21.10 -70.57
CA GLU O 368 -1.56 -20.27 -71.75
C GLU O 368 -1.00 -18.88 -71.58
N GLN O 369 -0.22 -18.64 -70.53
CA GLN O 369 0.43 -17.35 -70.35
C GLN O 369 1.49 -17.17 -71.43
N ALA O 370 1.41 -16.05 -72.15
CA ALA O 370 2.40 -15.75 -73.18
C ALA O 370 3.68 -15.24 -72.55
N GLU O 371 4.81 -15.78 -73.01
CA GLU O 371 6.12 -15.35 -72.55
C GLU O 371 6.98 -15.06 -73.77
N PRO O 372 7.94 -14.14 -73.64
CA PRO O 372 8.74 -13.74 -74.80
C PRO O 372 9.92 -14.68 -75.03
N ASP O 373 10.38 -14.69 -76.29
CA ASP O 373 11.56 -15.46 -76.67
C ASP O 373 12.70 -14.56 -77.12
N GLY O 374 12.47 -13.69 -78.10
CA GLY O 374 13.51 -12.82 -78.59
C GLY O 374 13.48 -11.44 -77.95
N THR O 375 14.34 -11.22 -76.96
CA THR O 375 14.41 -9.91 -76.32
C THR O 375 15.16 -8.89 -77.17
N GLU O 376 15.73 -9.31 -78.30
CA GLU O 376 16.54 -8.41 -79.12
C GLU O 376 15.71 -7.24 -79.63
N VAL O 377 14.70 -7.54 -80.44
CA VAL O 377 13.81 -6.49 -80.96
C VAL O 377 13.15 -5.74 -79.82
N ALA O 378 12.86 -6.43 -78.71
CA ALA O 378 12.36 -5.76 -77.53
C ALA O 378 13.36 -4.74 -77.02
N ASP O 379 14.65 -5.13 -76.96
CA ASP O 379 15.69 -4.20 -76.54
C ASP O 379 15.75 -2.99 -77.44
N LYS O 380 15.69 -3.22 -78.76
CA LYS O 380 15.73 -2.12 -79.71
C LYS O 380 14.58 -1.15 -79.47
N ALA O 381 13.35 -1.67 -79.46
CA ALA O 381 12.17 -0.82 -79.30
C ALA O 381 12.19 -0.09 -77.97
N ALA O 382 12.67 -0.74 -76.91
CA ALA O 382 12.67 -0.10 -75.60
C ALA O 382 13.73 0.99 -75.52
N TYR O 383 14.96 0.68 -75.94
CA TYR O 383 16.00 1.70 -76.00
C TYR O 383 15.57 2.89 -76.83
N LEU O 384 14.78 2.65 -77.88
CA LEU O 384 14.32 3.73 -78.74
C LEU O 384 13.41 4.72 -78.01
N GLN O 385 13.02 4.43 -76.77
CA GLN O 385 12.21 5.34 -75.97
C GLN O 385 12.78 5.58 -74.58
N ASN O 386 13.98 5.07 -74.29
CA ASN O 386 14.66 5.29 -73.02
C ASN O 386 13.85 4.72 -71.85
N LEU O 387 13.55 3.43 -71.93
CA LEU O 387 12.88 2.74 -70.84
C LEU O 387 13.27 1.26 -70.92
N ASN O 388 13.30 0.62 -69.75
CA ASN O 388 13.83 -0.74 -69.67
C ASN O 388 13.06 -1.69 -70.58
N SER O 389 13.77 -2.67 -71.12
CA SER O 389 13.17 -3.62 -72.05
C SER O 389 12.53 -4.79 -71.31
N ALA O 390 13.27 -5.40 -70.37
CA ALA O 390 12.70 -6.47 -69.56
C ALA O 390 11.41 -6.00 -68.89
N ASP O 391 11.44 -4.80 -68.31
CA ASP O 391 10.25 -4.24 -67.69
C ASP O 391 9.13 -4.10 -68.71
N LEU O 392 9.45 -3.59 -69.89
CA LEU O 392 8.42 -3.41 -70.92
C LEU O 392 7.75 -4.74 -71.27
N LEU O 393 8.55 -5.76 -71.58
CA LEU O 393 7.96 -7.03 -71.99
C LEU O 393 7.20 -7.67 -70.85
N LYS O 394 7.72 -7.58 -69.61
CA LYS O 394 7.00 -8.16 -68.50
C LYS O 394 5.69 -7.42 -68.22
N ALA O 395 5.63 -6.13 -68.55
CA ALA O 395 4.37 -5.41 -68.45
C ALA O 395 3.44 -5.73 -69.61
N LEU O 396 3.98 -6.18 -70.74
CA LEU O 396 3.11 -6.65 -71.81
C LEU O 396 2.48 -7.99 -71.46
N CYS O 397 3.26 -8.91 -70.88
CA CYS O 397 2.75 -10.25 -70.61
C CYS O 397 2.24 -10.41 -69.18
N TYR O 398 2.25 -9.35 -68.38
CA TYR O 398 1.66 -9.44 -67.05
C TYR O 398 1.05 -8.10 -66.65
N PRO O 399 0.08 -7.58 -67.38
CA PRO O 399 -0.55 -6.32 -66.97
C PRO O 399 -1.25 -6.51 -65.63
N ARG O 400 -1.39 -5.41 -64.90
CA ARG O 400 -2.08 -5.43 -63.64
C ARG O 400 -3.11 -4.32 -63.62
N VAL O 401 -4.22 -4.57 -62.93
CA VAL O 401 -5.39 -3.70 -62.96
C VAL O 401 -5.77 -3.30 -61.55
N LYS O 402 -6.29 -2.09 -61.42
CA LYS O 402 -6.70 -1.54 -60.13
C LYS O 402 -8.08 -2.08 -59.78
N VAL O 403 -8.13 -3.02 -58.85
CA VAL O 403 -9.38 -3.62 -58.38
C VAL O 403 -9.60 -3.19 -56.94
N GLY O 404 -10.81 -2.75 -56.63
CA GLY O 404 -11.10 -2.24 -55.31
C GLY O 404 -10.18 -1.09 -54.97
N ASN O 405 -9.24 -1.33 -54.06
CA ASN O 405 -8.18 -0.39 -53.75
C ASN O 405 -6.79 -0.95 -53.99
N GLU O 406 -6.66 -2.26 -54.15
CA GLU O 406 -5.39 -2.91 -54.41
C GLU O 406 -5.26 -3.22 -55.90
N TYR O 407 -4.24 -3.98 -56.26
CA TYR O 407 -3.97 -4.35 -57.63
C TYR O 407 -3.88 -5.86 -57.78
N VAL O 408 -4.45 -6.37 -58.87
CA VAL O 408 -4.31 -7.77 -59.23
C VAL O 408 -3.71 -7.82 -60.63
N THR O 409 -2.97 -8.88 -60.92
CA THR O 409 -2.28 -9.03 -62.19
C THR O 409 -3.06 -10.00 -63.09
N LYS O 410 -3.68 -9.45 -64.13
CA LYS O 410 -4.42 -10.28 -65.08
C LYS O 410 -3.47 -11.22 -65.82
N GLY O 411 -4.08 -12.18 -66.52
CA GLY O 411 -3.33 -13.09 -67.37
C GLY O 411 -3.46 -12.70 -68.83
N GLN O 412 -2.59 -13.30 -69.65
CA GLN O 412 -2.55 -12.99 -71.07
C GLN O 412 -2.26 -14.25 -71.86
N THR O 413 -2.80 -14.32 -73.07
CA THR O 413 -2.38 -15.31 -74.06
C THR O 413 -1.67 -14.60 -75.20
N VAL O 414 -1.11 -15.40 -76.11
CA VAL O 414 -0.33 -14.85 -77.22
C VAL O 414 -1.18 -13.91 -78.05
N GLN O 415 -2.37 -14.35 -78.45
CA GLN O 415 -3.28 -13.49 -79.18
C GLN O 415 -3.54 -12.19 -78.43
N GLN O 416 -3.67 -12.27 -77.11
CA GLN O 416 -3.94 -11.07 -76.32
C GLN O 416 -2.81 -10.08 -76.39
N VAL O 417 -1.57 -10.54 -76.21
CA VAL O 417 -0.45 -9.60 -76.24
C VAL O 417 -0.23 -9.06 -77.64
N TYR O 418 -0.55 -9.86 -78.67
CA TYR O 418 -0.44 -9.36 -80.03
C TYR O 418 -1.43 -8.22 -80.26
N ASN O 419 -2.69 -8.42 -79.87
CA ASN O 419 -3.66 -7.33 -79.99
C ASN O 419 -3.21 -6.13 -79.15
N ALA O 420 -2.60 -6.37 -78.01
CA ALA O 420 -2.15 -5.28 -77.15
C ALA O 420 -1.08 -4.45 -77.83
N VAL O 421 -0.05 -5.11 -78.38
CA VAL O 421 1.02 -4.36 -79.02
C VAL O 421 0.53 -3.68 -80.30
N GLY O 422 -0.41 -4.31 -81.01
CA GLY O 422 -0.99 -3.64 -82.16
C GLY O 422 -1.69 -2.35 -81.76
N ALA O 423 -2.55 -2.43 -80.75
CA ALA O 423 -3.22 -1.23 -80.26
C ALA O 423 -2.23 -0.21 -79.75
N LEU O 424 -1.13 -0.66 -79.16
CA LEU O 424 -0.12 0.26 -78.63
C LEU O 424 0.52 1.06 -79.76
N ALA O 425 1.00 0.37 -80.79
CA ALA O 425 1.59 1.05 -81.93
C ALA O 425 0.58 2.01 -82.56
N LYS O 426 -0.66 1.53 -82.76
CA LYS O 426 -1.69 2.37 -83.35
C LYS O 426 -1.89 3.64 -82.53
N ALA O 427 -1.99 3.50 -81.21
CA ALA O 427 -2.27 4.64 -80.36
C ALA O 427 -1.11 5.63 -80.34
N VAL O 428 0.12 5.13 -80.24
CA VAL O 428 1.25 6.05 -80.18
C VAL O 428 1.40 6.78 -81.51
N TYR O 429 1.13 6.10 -82.63
CA TYR O 429 1.21 6.77 -83.92
C TYR O 429 0.12 7.83 -84.06
N GLU O 430 -1.11 7.52 -83.65
CA GLU O 430 -2.18 8.50 -83.72
C GLU O 430 -1.88 9.69 -82.84
N LYS O 431 -1.30 9.47 -81.66
CA LYS O 431 -0.98 10.56 -80.77
C LYS O 431 0.13 11.42 -81.37
N MET O 432 1.16 10.80 -81.94
CA MET O 432 2.18 11.54 -82.67
C MET O 432 1.55 12.43 -83.73
N PHE O 433 0.58 11.89 -84.48
CA PHE O 433 -0.08 12.66 -85.52
C PHE O 433 -0.80 13.86 -84.94
N LEU O 434 -1.66 13.64 -83.95
CA LEU O 434 -2.46 14.76 -83.46
C LEU O 434 -1.60 15.79 -82.74
N TRP O 435 -0.47 15.38 -82.16
CA TRP O 435 0.37 16.36 -81.49
C TRP O 435 1.24 17.14 -82.46
N MET O 436 1.69 16.51 -83.55
CA MET O 436 2.34 17.31 -84.57
C MET O 436 1.34 18.28 -85.21
N VAL O 437 0.07 17.89 -85.34
CA VAL O 437 -0.95 18.84 -85.80
C VAL O 437 -1.07 19.99 -84.80
N THR O 438 -1.05 19.66 -83.51
CA THR O 438 -1.03 20.70 -82.48
C THR O 438 0.12 21.67 -82.70
N ARG O 439 1.32 21.13 -82.93
CA ARG O 439 2.49 21.99 -83.17
C ARG O 439 2.29 22.87 -84.41
N ILE O 440 1.76 22.28 -85.49
CA ILE O 440 1.50 23.05 -86.71
C ILE O 440 0.60 24.23 -86.40
N ASN O 441 -0.59 23.95 -85.87
CA ASN O 441 -1.52 25.02 -85.53
C ASN O 441 -1.00 25.93 -84.42
N GLN O 442 0.07 25.52 -83.74
CA GLN O 442 0.68 26.36 -82.70
C GLN O 442 1.70 27.32 -83.27
N GLN O 443 2.32 26.98 -84.39
CA GLN O 443 3.25 27.89 -85.05
C GLN O 443 2.58 28.79 -86.09
N LEU O 444 1.57 28.28 -86.79
CA LEU O 444 0.90 29.02 -87.85
C LEU O 444 -0.26 29.87 -87.35
N ASP O 445 -0.31 30.16 -86.05
CA ASP O 445 -1.40 30.94 -85.50
C ASP O 445 -1.09 32.43 -85.50
N THR O 446 -2.11 33.24 -85.77
CA THR O 446 -2.01 34.69 -85.70
C THR O 446 -2.77 35.19 -84.48
N LYS O 447 -2.19 36.19 -83.81
CA LYS O 447 -2.61 36.55 -82.47
C LYS O 447 -3.76 37.56 -82.42
N GLN O 448 -4.33 37.93 -83.55
CA GLN O 448 -5.46 38.85 -83.53
C GLN O 448 -6.66 38.19 -82.87
N PRO O 449 -7.32 38.84 -81.91
CA PRO O 449 -8.57 38.30 -81.37
C PRO O 449 -9.57 38.02 -82.49
N ARG O 450 -10.24 36.87 -82.41
CA ARG O 450 -11.01 36.35 -83.51
C ARG O 450 -12.44 36.04 -83.07
N GLN O 451 -13.29 35.80 -84.07
CA GLN O 451 -14.69 35.49 -83.90
C GLN O 451 -15.11 34.59 -85.06
N TYR O 452 -16.41 34.58 -85.36
CA TYR O 452 -17.02 33.66 -86.32
C TYR O 452 -16.13 33.39 -87.53
N PHE O 453 -16.06 32.11 -87.91
CA PHE O 453 -15.07 31.58 -88.83
C PHE O 453 -15.72 31.02 -90.09
N ILE O 454 -14.89 30.40 -90.93
CA ILE O 454 -15.32 29.72 -92.14
C ILE O 454 -14.85 28.27 -92.05
N GLY O 455 -15.64 27.37 -92.63
CA GLY O 455 -15.28 25.96 -92.62
C GLY O 455 -14.81 25.40 -93.95
N VAL O 456 -13.51 25.19 -94.08
CA VAL O 456 -12.93 24.55 -95.26
C VAL O 456 -12.65 23.10 -94.88
N LEU O 457 -13.43 22.17 -95.45
CA LEU O 457 -13.37 20.77 -95.05
C LEU O 457 -13.39 19.88 -96.28
N ASP O 458 -12.29 19.17 -96.50
CA ASP O 458 -12.26 18.06 -97.44
C ASP O 458 -12.42 16.75 -96.66
N ILE O 459 -12.69 15.68 -97.42
CA ILE O 459 -12.90 14.36 -96.83
C ILE O 459 -12.75 13.33 -97.92
N ALA O 460 -12.47 12.09 -97.53
CA ALA O 460 -12.52 10.97 -98.46
C ALA O 460 -13.99 10.63 -98.73
N GLY O 461 -14.47 10.94 -99.92
CA GLY O 461 -15.87 10.81 -100.23
C GLY O 461 -16.33 9.36 -100.30
N PHE O 462 -17.54 9.19 -100.83
CA PHE O 462 -18.13 7.87 -100.96
C PHE O 462 -17.27 6.99 -101.85
N GLU O 463 -17.03 5.76 -101.41
CA GLU O 463 -16.23 4.80 -102.15
C GLU O 463 -17.00 3.50 -102.31
N ILE O 464 -16.98 2.95 -103.52
CA ILE O 464 -17.57 1.66 -103.81
C ILE O 464 -16.65 0.93 -104.78
N PHE O 465 -16.05 -0.16 -104.31
CA PHE O 465 -15.05 -0.90 -105.05
C PHE O 465 -15.60 -2.29 -105.33
N ASP O 466 -14.74 -3.17 -105.87
CA ASP O 466 -15.14 -4.56 -106.03
C ASP O 466 -15.17 -5.29 -104.69
N PHE O 467 -14.13 -5.12 -103.89
CA PHE O 467 -13.94 -5.86 -102.64
C PHE O 467 -13.85 -4.84 -101.51
N ASN O 468 -14.91 -4.75 -100.72
CA ASN O 468 -14.97 -3.78 -99.64
C ASN O 468 -14.43 -4.39 -98.35
N SER O 469 -14.39 -3.58 -97.30
CA SER O 469 -13.85 -4.00 -96.01
C SER O 469 -14.36 -3.03 -94.95
N LEU O 470 -13.77 -3.12 -93.75
CA LEU O 470 -14.21 -2.30 -92.63
C LEU O 470 -14.08 -0.80 -92.95
N GLU O 471 -12.86 -0.35 -93.23
CA GLU O 471 -12.63 1.08 -93.43
C GLU O 471 -13.51 1.63 -94.54
N GLN O 472 -13.76 0.83 -95.58
CA GLN O 472 -14.68 1.24 -96.63
C GLN O 472 -16.06 1.52 -96.06
N LEU O 473 -16.54 0.66 -95.16
CA LEU O 473 -17.86 0.87 -94.59
C LEU O 473 -17.86 2.08 -93.66
N CYS O 474 -16.77 2.31 -92.93
CA CYS O 474 -16.69 3.49 -92.08
C CYS O 474 -16.76 4.77 -92.92
N ILE O 475 -16.03 4.78 -94.04
CA ILE O 475 -16.07 5.94 -94.94
C ILE O 475 -17.47 6.14 -95.50
N ASN O 476 -18.07 5.05 -95.99
CA ASN O 476 -19.43 5.13 -96.53
C ASN O 476 -20.41 5.63 -95.47
N PHE O 477 -20.21 5.23 -94.22
CA PHE O 477 -21.09 5.67 -93.14
C PHE O 477 -20.93 7.15 -92.86
N THR O 478 -19.67 7.64 -92.85
CA THR O 478 -19.45 9.08 -92.75
C THR O 478 -20.17 9.82 -93.87
N ASN O 479 -20.09 9.29 -95.09
CA ASN O 479 -20.76 9.93 -96.21
C ASN O 479 -22.27 9.92 -96.05
N GLU O 480 -22.82 8.81 -95.53
CA GLU O 480 -24.25 8.77 -95.22
C GLU O 480 -24.62 9.88 -94.25
N LYS O 481 -23.84 10.01 -93.18
CA LYS O 481 -24.12 11.02 -92.16
C LYS O 481 -24.16 12.41 -92.77
N LEU O 482 -23.09 12.77 -93.49
CA LEU O 482 -23.02 14.12 -94.04
C LEU O 482 -24.07 14.35 -95.11
N GLN O 483 -24.38 13.31 -95.89
CA GLN O 483 -25.39 13.46 -96.93
C GLN O 483 -26.76 13.71 -96.34
N GLN O 484 -27.13 12.96 -95.30
CA GLN O 484 -28.39 13.22 -94.62
C GLN O 484 -28.37 14.60 -93.97
N PHE O 485 -27.21 15.01 -93.45
CA PHE O 485 -27.07 16.33 -92.85
C PHE O 485 -27.47 17.42 -93.85
N PHE O 486 -26.80 17.49 -94.99
CA PHE O 486 -27.14 18.58 -95.90
C PHE O 486 -28.45 18.32 -96.63
N ASN O 487 -28.90 17.08 -96.72
CA ASN O 487 -30.25 16.82 -97.20
C ASN O 487 -31.27 17.51 -96.31
N HIS O 488 -31.11 17.37 -95.00
CA HIS O 488 -31.98 18.07 -94.06
C HIS O 488 -31.83 19.58 -94.14
N HIS O 489 -30.60 20.06 -94.39
CA HIS O 489 -30.39 21.50 -94.51
C HIS O 489 -31.12 22.07 -95.72
N MET O 490 -30.90 21.47 -96.90
CA MET O 490 -31.67 21.83 -98.08
C MET O 490 -33.16 21.71 -97.82
N PHE O 491 -33.58 20.68 -97.09
CA PHE O 491 -34.98 20.53 -96.75
C PHE O 491 -35.51 21.77 -96.05
N VAL O 492 -34.93 22.09 -94.89
CA VAL O 492 -35.46 23.22 -94.12
C VAL O 492 -35.44 24.49 -94.96
N LEU O 493 -34.29 24.82 -95.56
CA LEU O 493 -34.23 26.05 -96.33
C LEU O 493 -35.25 26.08 -97.47
N GLU O 494 -35.07 25.19 -98.45
CA GLU O 494 -35.93 25.19 -99.63
C GLU O 494 -37.40 25.08 -99.26
N GLN O 495 -37.78 24.03 -98.53
CA GLN O 495 -39.19 23.81 -98.22
C GLN O 495 -39.76 24.95 -97.41
N GLU O 496 -39.24 25.20 -96.20
CA GLU O 496 -39.87 26.20 -95.36
C GLU O 496 -39.64 27.63 -95.84
N GLU O 497 -38.95 27.83 -96.97
CA GLU O 497 -39.04 29.12 -97.64
C GLU O 497 -40.49 29.46 -97.97
N TYR O 498 -41.22 28.51 -98.55
CA TYR O 498 -42.51 28.71 -99.20
C TYR O 498 -43.63 29.05 -98.24
N LYS O 499 -43.36 29.28 -96.95
CA LYS O 499 -44.40 29.85 -96.09
C LYS O 499 -44.91 31.16 -96.67
N LYS O 500 -44.01 31.96 -97.25
CA LYS O 500 -44.40 33.20 -97.89
C LYS O 500 -45.16 32.97 -99.19
N GLU O 501 -45.02 31.78 -99.78
CA GLU O 501 -45.73 31.47 -101.02
C GLU O 501 -47.16 31.01 -100.79
N GLY O 502 -47.59 30.89 -99.53
CA GLY O 502 -48.94 30.44 -99.24
C GLY O 502 -49.21 29.00 -99.65
N ILE O 503 -48.22 28.35 -100.24
CA ILE O 503 -48.35 26.98 -100.72
C ILE O 503 -47.20 26.15 -100.15
N GLU O 504 -47.51 24.95 -99.71
CA GLU O 504 -46.52 24.00 -99.20
C GLU O 504 -46.69 22.69 -99.95
N TRP O 505 -45.57 22.06 -100.29
CA TRP O 505 -45.57 20.75 -100.91
C TRP O 505 -44.38 19.97 -100.38
N GLU O 506 -44.50 18.64 -100.42
CA GLU O 506 -43.47 17.73 -99.90
C GLU O 506 -43.20 18.03 -98.42
N PHE O 507 -44.23 17.80 -97.61
CA PHE O 507 -44.18 18.18 -96.20
C PHE O 507 -43.12 17.38 -95.44
N ILE O 508 -42.88 16.14 -95.86
CA ILE O 508 -42.00 15.26 -95.11
C ILE O 508 -40.57 15.80 -95.13
N ASP O 509 -39.83 15.48 -94.07
CA ASP O 509 -38.43 15.87 -93.99
C ASP O 509 -37.63 15.15 -95.09
N PHE O 510 -36.52 15.77 -95.47
CA PHE O 510 -35.66 15.17 -96.49
C PHE O 510 -34.53 14.35 -95.89
N GLY O 511 -34.32 14.43 -94.59
CA GLY O 511 -33.29 13.61 -93.97
C GLY O 511 -33.72 12.19 -93.72
N MET O 512 -35.01 11.97 -93.46
CA MET O 512 -35.51 10.65 -93.08
C MET O 512 -35.47 9.64 -94.21
N ASP O 513 -35.04 10.01 -95.41
CA ASP O 513 -34.87 9.05 -96.49
C ASP O 513 -33.52 8.35 -96.44
N LEU O 514 -32.67 8.69 -95.47
CA LEU O 514 -31.46 7.96 -95.17
C LEU O 514 -31.46 7.37 -93.78
N ALA O 515 -32.44 7.75 -92.95
CA ALA O 515 -32.52 7.26 -91.57
C ALA O 515 -32.49 5.75 -91.52
N ALA O 516 -33.06 5.07 -92.51
CA ALA O 516 -33.07 3.62 -92.52
C ALA O 516 -31.66 3.06 -92.67
N CYS O 517 -30.94 3.50 -93.71
CA CYS O 517 -29.58 3.05 -93.92
C CYS O 517 -28.66 3.46 -92.78
N ILE O 518 -29.02 4.50 -92.04
CA ILE O 518 -28.19 4.92 -90.90
C ILE O 518 -28.47 4.04 -89.68
N GLU O 519 -29.75 3.86 -89.35
CA GLU O 519 -30.11 3.03 -88.21
C GLU O 519 -29.66 1.60 -88.41
N LEU O 520 -29.57 1.13 -89.65
CA LEU O 520 -29.05 -0.20 -89.90
C LEU O 520 -27.60 -0.35 -89.44
N ILE O 521 -26.87 0.77 -89.30
CA ILE O 521 -25.46 0.71 -88.98
C ILE O 521 -25.14 1.21 -87.57
N GLU O 522 -25.94 2.10 -87.00
CA GLU O 522 -25.54 2.76 -85.78
C GLU O 522 -26.43 2.50 -84.56
N LYS O 523 -27.67 2.07 -84.76
CA LYS O 523 -28.56 1.83 -83.63
C LYS O 523 -28.13 0.58 -82.86
N PRO O 524 -28.64 0.39 -81.65
CA PRO O 524 -28.40 -0.89 -80.95
C PRO O 524 -28.90 -2.05 -81.79
N MET O 525 -28.18 -3.16 -81.69
CA MET O 525 -28.32 -4.33 -82.57
C MET O 525 -27.95 -4.02 -84.01
N GLY O 526 -27.42 -2.83 -84.28
CA GLY O 526 -26.91 -2.49 -85.58
C GLY O 526 -25.61 -3.21 -85.88
N ILE O 527 -25.10 -2.97 -87.08
CA ILE O 527 -23.92 -3.70 -87.54
C ILE O 527 -22.72 -3.45 -86.64
N PHE O 528 -22.50 -2.19 -86.25
CA PHE O 528 -21.37 -1.89 -85.39
C PHE O 528 -21.56 -2.50 -84.00
N SER O 529 -22.76 -2.41 -83.46
CA SER O 529 -23.03 -3.03 -82.16
C SER O 529 -22.80 -4.52 -82.21
N ILE O 530 -23.21 -5.18 -83.28
CA ILE O 530 -23.01 -6.62 -83.39
C ILE O 530 -21.54 -6.95 -83.52
N LEU O 531 -20.79 -6.13 -84.26
CA LEU O 531 -19.36 -6.31 -84.35
C LEU O 531 -18.71 -6.19 -82.97
N GLU O 532 -19.22 -5.28 -82.14
CA GLU O 532 -18.72 -5.16 -80.78
C GLU O 532 -19.03 -6.42 -79.98
N GLU O 533 -20.29 -6.88 -80.04
CA GLU O 533 -20.67 -8.11 -79.38
C GLU O 533 -19.72 -9.24 -79.72
N GLU O 534 -19.39 -9.38 -81.00
CA GLU O 534 -18.51 -10.46 -81.41
C GLU O 534 -17.07 -10.20 -81.00
N CYS O 535 -16.67 -8.93 -80.89
CA CYS O 535 -15.37 -8.64 -80.31
C CYS O 535 -15.35 -8.85 -78.80
N MET O 536 -16.49 -9.12 -78.18
CA MET O 536 -16.55 -9.43 -76.76
C MET O 536 -16.84 -10.89 -76.46
N PHE O 537 -17.61 -11.57 -77.30
CA PHE O 537 -17.99 -12.95 -77.01
C PHE O 537 -16.75 -13.83 -76.96
N PRO O 538 -16.74 -14.85 -76.10
CA PRO O 538 -15.49 -15.58 -75.83
C PRO O 538 -14.82 -16.21 -77.04
N LYS O 539 -15.57 -16.93 -77.87
CA LYS O 539 -14.98 -17.67 -78.99
C LYS O 539 -15.68 -17.34 -80.29
N ALA O 540 -15.88 -16.05 -80.55
CA ALA O 540 -16.53 -15.64 -81.78
C ALA O 540 -15.62 -15.90 -82.97
N THR O 541 -16.24 -16.23 -84.10
CA THR O 541 -15.55 -16.41 -85.36
C THR O 541 -16.28 -15.62 -86.44
N ASP O 542 -15.65 -15.55 -87.62
CA ASP O 542 -16.27 -14.84 -88.73
C ASP O 542 -17.60 -15.48 -89.11
N THR O 543 -17.68 -16.80 -89.05
CA THR O 543 -18.92 -17.48 -89.38
C THR O 543 -20.02 -17.16 -88.37
N SER O 544 -19.67 -17.17 -87.09
CA SER O 544 -20.64 -16.79 -86.07
C SER O 544 -21.09 -15.35 -86.24
N PHE O 545 -20.15 -14.46 -86.56
CA PHE O 545 -20.49 -13.07 -86.82
C PHE O 545 -21.48 -12.97 -87.97
N LYS O 546 -21.21 -13.69 -89.06
CA LYS O 546 -22.09 -13.63 -90.22
C LYS O 546 -23.48 -14.15 -89.88
N ASN O 547 -23.55 -15.28 -89.18
CA ASN O 547 -24.84 -15.84 -88.82
C ASN O 547 -25.61 -14.92 -87.89
N LYS O 548 -24.91 -14.28 -86.95
CA LYS O 548 -25.57 -13.33 -86.07
C LYS O 548 -26.12 -12.15 -86.84
N LEU O 549 -25.32 -11.61 -87.77
CA LEU O 549 -25.78 -10.54 -88.63
C LEU O 549 -27.05 -10.94 -89.37
N TYR O 550 -27.03 -12.11 -90.00
CA TYR O 550 -28.18 -12.57 -90.77
C TYR O 550 -29.40 -12.70 -89.89
N GLU O 551 -29.27 -13.40 -88.76
CA GLU O 551 -30.42 -13.64 -87.90
C GLU O 551 -30.96 -12.34 -87.30
N GLN O 552 -30.10 -11.37 -87.04
CA GLN O 552 -30.56 -10.10 -86.51
C GLN O 552 -31.15 -9.19 -87.59
N HIS O 553 -30.78 -9.37 -88.84
CA HIS O 553 -31.22 -8.37 -89.81
C HIS O 553 -31.92 -8.94 -91.04
N LEU O 554 -31.49 -10.10 -91.52
CA LEU O 554 -31.97 -10.57 -92.81
C LEU O 554 -33.48 -10.80 -92.80
N GLY O 555 -34.14 -10.35 -93.86
CA GLY O 555 -35.59 -10.44 -93.93
C GLY O 555 -36.32 -9.39 -93.13
N LYS O 556 -35.91 -9.17 -91.89
CA LYS O 556 -36.55 -8.22 -91.00
C LYS O 556 -36.26 -6.77 -91.36
N SER O 557 -35.50 -6.49 -92.42
CA SER O 557 -35.26 -5.13 -92.85
C SER O 557 -35.20 -5.11 -94.38
N ASN O 558 -35.09 -3.90 -94.93
CA ASN O 558 -35.10 -3.71 -96.38
C ASN O 558 -33.74 -3.30 -96.92
N ASN O 559 -33.06 -2.34 -96.28
CA ASN O 559 -31.72 -1.96 -96.72
C ASN O 559 -30.78 -3.14 -96.72
N PHE O 560 -30.59 -3.75 -95.56
CA PHE O 560 -29.81 -4.97 -95.46
C PHE O 560 -30.43 -6.05 -96.32
N GLN O 561 -29.59 -6.74 -97.10
CA GLN O 561 -30.10 -7.79 -97.96
C GLN O 561 -28.96 -8.75 -98.30
N LYS O 562 -29.36 -9.90 -98.82
CA LYS O 562 -28.39 -10.94 -99.15
C LYS O 562 -27.54 -10.51 -100.33
N PRO O 563 -26.24 -10.82 -100.32
CA PRO O 563 -25.42 -10.58 -101.50
C PRO O 563 -25.79 -11.52 -102.64
N LYS O 564 -25.34 -11.17 -103.83
CA LYS O 564 -25.57 -11.97 -105.02
C LYS O 564 -24.25 -12.56 -105.50
N PRO O 565 -24.07 -13.88 -105.44
CA PRO O 565 -22.84 -14.47 -106.00
C PRO O 565 -22.87 -14.52 -107.51
N ALA O 566 -22.02 -13.71 -108.15
CA ALA O 566 -21.97 -13.60 -109.60
C ALA O 566 -20.68 -12.87 -109.96
N LYS O 567 -20.56 -12.48 -111.23
CA LYS O 567 -19.59 -11.52 -111.75
C LYS O 567 -18.13 -11.88 -111.45
N GLY O 568 -17.86 -13.12 -111.04
CA GLY O 568 -16.50 -13.53 -110.77
C GLY O 568 -15.88 -12.93 -109.52
N LYS O 569 -16.59 -12.04 -108.82
CA LYS O 569 -16.08 -11.52 -107.55
C LYS O 569 -15.99 -12.64 -106.53
N VAL O 570 -14.95 -12.60 -105.71
CA VAL O 570 -14.61 -13.73 -104.86
C VAL O 570 -15.68 -13.95 -103.79
N GLU O 571 -15.88 -12.98 -102.90
CA GLU O 571 -16.68 -13.21 -101.71
C GLU O 571 -17.37 -11.93 -101.27
N ALA O 572 -18.69 -11.90 -101.40
CA ALA O 572 -19.53 -10.93 -100.72
C ALA O 572 -20.25 -11.63 -99.58
N HIS O 573 -20.67 -10.86 -98.58
CA HIS O 573 -21.29 -11.47 -97.41
C HIS O 573 -22.60 -10.81 -97.04
N PHE O 574 -22.72 -9.51 -97.29
CA PHE O 574 -23.96 -8.81 -97.02
C PHE O 574 -23.94 -7.47 -97.75
N SER O 575 -25.11 -7.05 -98.21
CA SER O 575 -25.24 -5.89 -99.09
C SER O 575 -26.19 -4.87 -98.49
N LEU O 576 -25.79 -3.60 -98.53
CA LEU O 576 -26.61 -2.49 -98.09
C LEU O 576 -26.88 -1.57 -99.27
N VAL O 577 -27.90 -0.73 -99.13
CA VAL O 577 -28.23 0.26 -100.15
C VAL O 577 -28.08 1.64 -99.52
N HIS O 578 -26.97 2.31 -99.84
CA HIS O 578 -26.74 3.66 -99.39
C HIS O 578 -27.46 4.63 -100.33
N TYR O 579 -27.23 5.93 -100.16
CA TYR O 579 -27.77 6.88 -101.13
C TYR O 579 -27.08 6.74 -102.48
N ALA O 580 -25.86 6.20 -102.49
CA ALA O 580 -25.12 5.97 -103.72
C ALA O 580 -25.31 4.57 -104.28
N GLY O 581 -26.46 3.95 -104.03
CA GLY O 581 -26.77 2.64 -104.56
C GLY O 581 -26.45 1.54 -103.57
N THR O 582 -26.44 0.31 -104.11
CA THR O 582 -26.16 -0.87 -103.31
C THR O 582 -24.65 -1.13 -103.26
N VAL O 583 -24.24 -1.83 -102.21
CA VAL O 583 -22.83 -2.19 -102.04
C VAL O 583 -22.77 -3.40 -101.11
N ASP O 584 -21.94 -4.36 -101.49
CA ASP O 584 -21.75 -5.58 -100.72
C ASP O 584 -20.35 -5.60 -100.13
N TYR O 585 -20.24 -6.09 -98.90
CA TYR O 585 -18.98 -6.05 -98.16
C TYR O 585 -18.50 -7.47 -97.87
N ASN O 586 -17.20 -7.59 -97.65
CA ASN O 586 -16.59 -8.82 -97.20
C ASN O 586 -16.30 -8.74 -95.72
N ILE O 587 -16.47 -9.86 -95.02
CA ILE O 587 -16.47 -9.85 -93.57
C ILE O 587 -15.23 -10.50 -92.98
N ALA O 588 -14.48 -11.27 -93.76
CA ALA O 588 -13.32 -12.00 -93.24
C ALA O 588 -12.27 -11.06 -92.68
N GLY O 589 -12.04 -11.12 -91.37
CA GLY O 589 -10.99 -10.36 -90.73
C GLY O 589 -11.48 -9.17 -89.93
N TRP O 590 -12.79 -8.87 -89.97
CA TRP O 590 -13.29 -7.70 -89.25
C TRP O 590 -13.09 -7.83 -87.75
N LEU O 591 -13.11 -9.05 -87.22
CA LEU O 591 -13.03 -9.23 -85.78
C LEU O 591 -11.66 -8.85 -85.26
N ASP O 592 -10.61 -9.52 -85.73
CA ASP O 592 -9.27 -9.22 -85.25
C ASP O 592 -8.74 -7.89 -85.77
N LYS O 593 -9.46 -7.23 -86.67
CA LYS O 593 -9.06 -5.89 -87.09
C LYS O 593 -9.63 -4.82 -86.18
N ASN O 594 -10.76 -5.10 -85.53
CA ASN O 594 -11.47 -4.11 -84.74
C ASN O 594 -11.09 -4.12 -83.26
N LYS O 595 -10.58 -5.24 -82.76
CA LYS O 595 -10.25 -5.34 -81.34
C LYS O 595 -8.88 -4.71 -81.09
N ASP O 596 -8.80 -3.86 -80.07
CA ASP O 596 -7.58 -3.15 -79.74
C ASP O 596 -7.54 -2.89 -78.24
N PRO O 597 -7.31 -3.92 -77.44
CA PRO O 597 -7.26 -3.71 -75.98
C PRO O 597 -6.03 -2.94 -75.57
N LEU O 598 -6.21 -1.67 -75.22
CA LEU O 598 -5.10 -0.83 -74.81
C LEU O 598 -4.60 -1.28 -73.44
N ASN O 599 -3.33 -1.66 -73.36
CA ASN O 599 -2.71 -1.94 -72.08
C ASN O 599 -2.57 -0.65 -71.28
N GLU O 600 -2.34 -0.80 -69.98
CA GLU O 600 -2.29 0.36 -69.09
C GLU O 600 -0.94 0.55 -68.42
N THR O 601 -0.34 -0.53 -67.89
CA THR O 601 0.97 -0.40 -67.26
C THR O 601 2.00 0.12 -68.24
N VAL O 602 1.90 -0.29 -69.51
CA VAL O 602 2.81 0.23 -70.52
C VAL O 602 2.54 1.70 -70.79
N VAL O 603 1.27 2.13 -70.69
CA VAL O 603 0.99 3.54 -70.83
C VAL O 603 1.59 4.32 -69.69
N GLY O 604 1.63 3.73 -68.48
CA GLY O 604 2.35 4.37 -67.39
C GLY O 604 3.84 4.47 -67.69
N LEU O 605 4.42 3.38 -68.18
CA LEU O 605 5.82 3.41 -68.63
C LEU O 605 6.05 4.57 -69.59
N TYR O 606 5.14 4.76 -70.54
CA TYR O 606 5.26 5.85 -71.49
C TYR O 606 5.15 7.21 -70.80
N GLN O 607 4.22 7.34 -69.86
CA GLN O 607 4.11 8.59 -69.11
C GLN O 607 5.39 8.90 -68.34
N LYS O 608 6.15 7.88 -67.96
CA LYS O 608 7.37 8.11 -67.20
C LYS O 608 8.65 8.02 -68.01
N SER O 609 8.56 7.65 -69.29
CA SER O 609 9.76 7.61 -70.13
C SER O 609 10.36 9.00 -70.28
N SER O 610 11.69 9.04 -70.30
CA SER O 610 12.42 10.32 -70.32
C SER O 610 12.37 11.01 -71.67
N MET O 611 11.95 10.32 -72.73
CA MET O 611 11.90 10.94 -74.05
C MET O 611 10.66 11.83 -74.10
N LYS O 612 10.30 12.31 -75.28
CA LYS O 612 9.12 13.14 -75.43
C LYS O 612 7.88 12.34 -75.82
N THR O 613 7.91 11.03 -75.61
CA THR O 613 6.69 10.23 -75.80
C THR O 613 5.66 10.56 -74.73
N LEU O 614 6.11 10.91 -73.53
CA LEU O 614 5.16 11.22 -72.45
C LEU O 614 4.34 12.45 -72.77
N ALA O 615 4.83 13.30 -73.69
CA ALA O 615 4.08 14.50 -74.05
C ALA O 615 2.72 14.12 -74.63
N TYR O 616 2.66 13.04 -75.41
CA TYR O 616 1.38 12.56 -75.91
C TYR O 616 0.60 11.87 -74.80
N LEU O 617 1.16 10.79 -74.27
CA LEU O 617 0.54 10.02 -73.19
C LEU O 617 0.78 10.75 -71.87
N PHE O 618 0.14 11.91 -71.75
CA PHE O 618 0.41 12.80 -70.62
C PHE O 618 0.07 12.14 -69.29
N SER O 619 -0.96 11.31 -69.27
CA SER O 619 -1.34 10.58 -68.05
C SER O 619 -1.98 9.25 -68.40
N LYS O 636 -16.51 10.37 -66.72
CA LYS O 636 -16.12 9.35 -65.76
C LYS O 636 -16.14 7.98 -66.42
N GLY O 637 -16.29 6.93 -65.60
CA GLY O 637 -16.42 5.58 -66.12
C GLY O 637 -17.77 5.29 -66.75
N ALA O 638 -18.69 6.25 -66.70
CA ALA O 638 -20.01 6.06 -67.30
C ALA O 638 -19.91 6.13 -68.80
N LYS O 639 -20.31 5.05 -69.47
CA LYS O 639 -20.23 4.90 -70.92
C LYS O 639 -18.80 5.03 -71.42
N LYS O 640 -17.83 4.88 -70.51
CA LYS O 640 -16.41 4.85 -70.85
C LYS O 640 -15.93 3.43 -70.57
N LYS O 641 -15.98 2.58 -71.59
CA LYS O 641 -15.65 1.18 -71.41
C LYS O 641 -14.21 1.02 -70.94
N GLY O 642 -13.94 -0.12 -70.33
CA GLY O 642 -12.62 -0.40 -69.82
C GLY O 642 -11.61 -0.63 -70.92
N SER O 643 -10.34 -0.63 -70.51
CA SER O 643 -9.25 -0.86 -71.47
C SER O 643 -9.44 -2.15 -72.23
N SER O 644 -9.90 -3.20 -71.57
CA SER O 644 -10.12 -4.49 -72.24
C SER O 644 -11.37 -4.50 -73.10
N PHE O 645 -12.08 -3.38 -73.19
CA PHE O 645 -13.30 -3.30 -73.99
C PHE O 645 -13.14 -2.36 -75.18
N GLN O 646 -11.94 -1.83 -75.41
CA GLN O 646 -11.74 -0.87 -76.48
C GLN O 646 -12.01 -1.51 -77.84
N THR O 647 -12.48 -0.69 -78.77
CA THR O 647 -12.77 -1.13 -80.12
C THR O 647 -12.73 0.08 -81.04
N VAL O 648 -12.26 -0.14 -82.27
CA VAL O 648 -12.06 0.97 -83.21
C VAL O 648 -13.40 1.61 -83.57
N SER O 649 -14.39 0.78 -83.92
CA SER O 649 -15.69 1.28 -84.33
C SER O 649 -16.28 2.26 -83.33
N ALA O 650 -16.02 2.05 -82.03
CA ALA O 650 -16.55 2.96 -81.03
C ALA O 650 -15.90 4.33 -81.14
N LEU O 651 -14.57 4.37 -81.22
CA LEU O 651 -13.88 5.66 -81.37
C LEU O 651 -14.31 6.37 -82.64
N PHE O 652 -14.55 5.61 -83.71
CA PHE O 652 -15.10 6.19 -84.92
C PHE O 652 -16.44 6.82 -84.61
N ARG O 653 -17.43 6.00 -84.26
CA ARG O 653 -18.78 6.51 -84.00
C ARG O 653 -18.78 7.66 -82.99
N GLU O 654 -17.73 7.81 -82.19
CA GLU O 654 -17.64 8.93 -81.26
C GLU O 654 -17.15 10.20 -81.95
N ASN O 655 -15.95 10.16 -82.53
CA ASN O 655 -15.45 11.39 -83.13
C ASN O 655 -16.20 11.77 -84.41
N LEU O 656 -16.76 10.78 -85.10
CA LEU O 656 -17.73 11.05 -86.15
C LEU O 656 -18.86 11.94 -85.64
N ASN O 657 -19.38 11.63 -84.45
CA ASN O 657 -20.42 12.48 -83.88
C ASN O 657 -19.87 13.83 -83.47
N LYS O 658 -18.61 13.88 -83.02
CA LYS O 658 -17.96 15.14 -82.72
C LYS O 658 -18.02 16.07 -83.93
N LEU O 659 -17.58 15.57 -85.09
CA LEU O 659 -17.78 16.31 -86.34
C LEU O 659 -19.25 16.64 -86.54
N MET O 660 -20.08 15.60 -86.68
CA MET O 660 -21.46 15.78 -87.07
C MET O 660 -22.26 16.62 -86.08
N THR O 661 -21.64 17.12 -85.00
CA THR O 661 -22.27 18.19 -84.23
C THR O 661 -21.57 19.55 -84.44
N ASN O 662 -20.24 19.60 -84.36
CA ASN O 662 -19.58 20.89 -84.57
C ASN O 662 -19.77 21.40 -85.99
N LEU O 663 -20.21 20.54 -86.91
CA LEU O 663 -20.60 20.93 -88.25
C LEU O 663 -22.10 21.22 -88.35
N ARG O 664 -22.90 20.66 -87.43
CA ARG O 664 -24.28 21.12 -87.30
C ARG O 664 -24.34 22.55 -86.78
N SER O 665 -23.27 23.01 -86.13
CA SER O 665 -23.23 24.37 -85.59
C SER O 665 -22.60 25.35 -86.58
N THR O 666 -22.79 25.13 -87.88
CA THR O 666 -22.12 25.96 -88.89
C THR O 666 -22.88 25.87 -90.20
N HIS O 667 -22.95 26.99 -90.92
CA HIS O 667 -23.72 27.06 -92.17
C HIS O 667 -22.96 26.34 -93.28
N PRO O 668 -23.59 25.41 -93.99
CA PRO O 668 -22.87 24.61 -94.99
C PRO O 668 -22.91 25.18 -96.40
N HIS O 669 -21.85 24.85 -97.15
CA HIS O 669 -21.76 25.09 -98.58
C HIS O 669 -20.96 23.95 -99.19
N PHE O 670 -21.05 23.82 -100.52
CA PHE O 670 -20.61 22.59 -101.17
C PHE O 670 -19.93 22.88 -102.50
N VAL O 671 -18.85 22.14 -102.77
CA VAL O 671 -18.13 22.19 -104.04
C VAL O 671 -17.73 20.78 -104.41
N ARG O 672 -17.93 20.42 -105.68
CA ARG O 672 -17.71 19.05 -106.17
C ARG O 672 -16.76 19.09 -107.36
N CYS O 673 -15.46 18.94 -107.09
CA CYS O 673 -14.48 18.87 -108.17
C CYS O 673 -14.51 17.50 -108.82
N ILE O 674 -14.87 17.45 -110.11
CA ILE O 674 -14.96 16.20 -110.84
C ILE O 674 -13.66 16.01 -111.63
N ILE O 675 -13.37 14.75 -111.97
CA ILE O 675 -12.39 14.43 -112.99
C ILE O 675 -13.17 13.95 -114.21
N PRO O 676 -13.43 14.82 -115.19
CA PRO O 676 -14.32 14.45 -116.30
C PRO O 676 -13.69 13.52 -117.33
N ASN O 677 -12.36 13.41 -117.36
CA ASN O 677 -11.69 12.59 -118.35
C ASN O 677 -10.58 11.80 -117.68
N GLU O 678 -10.38 10.57 -118.15
CA GLU O 678 -9.27 9.76 -117.67
C GLU O 678 -7.95 10.48 -117.88
N THR O 679 -7.64 10.80 -119.12
CA THR O 679 -6.45 11.55 -119.46
C THR O 679 -6.70 13.03 -119.21
N LYS O 680 -5.82 13.88 -119.75
CA LYS O 680 -5.88 15.32 -119.53
C LYS O 680 -6.32 16.07 -120.79
N THR O 681 -7.30 15.54 -121.51
CA THR O 681 -7.85 16.22 -122.67
C THR O 681 -9.07 17.02 -122.21
N PRO O 682 -8.97 18.33 -122.07
CA PRO O 682 -10.11 19.10 -121.55
C PRO O 682 -11.25 19.15 -122.56
N GLY O 683 -12.47 19.20 -122.03
CA GLY O 683 -13.66 19.28 -122.85
C GLY O 683 -14.13 17.96 -123.42
N ALA O 684 -13.39 16.88 -123.24
CA ALA O 684 -13.79 15.55 -123.67
C ALA O 684 -14.19 14.74 -122.45
N MET O 685 -15.46 14.33 -122.40
CA MET O 685 -16.01 13.66 -121.22
C MET O 685 -16.46 12.26 -121.59
N GLU O 686 -16.61 11.44 -120.55
CA GLU O 686 -17.26 10.14 -120.64
C GLU O 686 -18.20 10.02 -119.45
N HIS O 687 -19.41 9.56 -119.71
CA HIS O 687 -20.48 9.63 -118.71
C HIS O 687 -20.20 8.71 -117.53
N GLU O 688 -20.03 7.41 -117.79
CA GLU O 688 -19.85 6.39 -116.76
C GLU O 688 -18.93 6.82 -115.64
N LEU O 689 -17.80 7.45 -115.98
CA LEU O 689 -16.85 7.87 -114.95
C LEU O 689 -17.42 9.01 -114.12
N VAL O 690 -17.89 10.07 -114.79
CA VAL O 690 -18.53 11.16 -114.07
C VAL O 690 -19.84 10.71 -113.45
N LEU O 691 -20.50 9.72 -114.05
CA LEU O 691 -21.64 9.08 -113.40
C LEU O 691 -21.26 8.57 -112.02
N HIS O 692 -20.11 7.89 -111.92
CA HIS O 692 -19.61 7.48 -110.62
C HIS O 692 -19.44 8.67 -109.69
N GLN O 693 -18.98 9.80 -110.23
CA GLN O 693 -18.93 11.03 -109.45
C GLN O 693 -20.31 11.64 -109.25
N LEU O 694 -21.24 11.40 -110.19
CA LEU O 694 -22.60 11.86 -109.99
C LEU O 694 -23.26 11.17 -108.81
N ARG O 695 -22.80 9.97 -108.46
CA ARG O 695 -23.34 9.22 -107.34
C ARG O 695 -22.55 9.43 -106.05
N CYS O 696 -21.23 9.25 -106.08
CA CYS O 696 -20.46 9.35 -104.84
C CYS O 696 -20.52 10.76 -104.26
N ASN O 697 -20.57 11.79 -105.11
CA ASN O 697 -20.77 13.14 -104.62
C ASN O 697 -22.20 13.36 -104.13
N GLY O 698 -23.11 12.44 -104.43
CA GLY O 698 -24.49 12.59 -104.00
C GLY O 698 -25.19 13.80 -104.58
N VAL O 699 -24.67 14.38 -105.65
CA VAL O 699 -25.29 15.56 -106.21
C VAL O 699 -26.64 15.21 -106.85
N LEU O 700 -26.83 13.96 -107.26
CA LEU O 700 -28.14 13.60 -107.81
C LEU O 700 -29.18 13.41 -106.73
N GLU O 701 -28.79 13.31 -105.46
CA GLU O 701 -29.78 13.15 -104.41
C GLU O 701 -30.62 14.41 -104.25
N GLY O 702 -29.99 15.58 -104.33
CA GLY O 702 -30.75 16.82 -104.28
C GLY O 702 -31.68 16.97 -105.47
N ILE O 703 -31.18 16.67 -106.67
CA ILE O 703 -32.03 16.79 -107.85
C ILE O 703 -33.15 15.76 -107.81
N ARG O 704 -32.95 14.64 -107.10
CA ARG O 704 -34.01 13.65 -106.97
C ARG O 704 -35.05 14.08 -105.96
N ILE O 705 -34.64 14.62 -104.83
CA ILE O 705 -35.61 15.02 -103.82
C ILE O 705 -36.43 16.21 -104.33
N CYS O 706 -35.79 17.16 -105.02
CA CYS O 706 -36.57 18.22 -105.65
C CYS O 706 -37.25 17.73 -106.91
N ARG O 707 -36.84 16.58 -107.44
CA ARG O 707 -37.41 16.03 -108.66
C ARG O 707 -38.81 15.47 -108.47
N LYS O 708 -39.14 15.00 -107.26
CA LYS O 708 -40.46 14.47 -106.97
C LYS O 708 -41.36 15.51 -106.31
N GLY O 709 -41.02 16.79 -106.45
CA GLY O 709 -41.87 17.87 -105.96
C GLY O 709 -42.24 18.84 -107.06
N PHE O 710 -42.07 20.13 -106.80
CA PHE O 710 -42.32 21.19 -107.77
C PHE O 710 -40.97 21.80 -108.17
N PRO O 711 -40.25 21.22 -109.12
CA PRO O 711 -38.93 21.77 -109.49
C PRO O 711 -38.99 23.16 -110.10
N SER O 712 -39.84 23.34 -111.11
CA SER O 712 -39.82 24.56 -111.92
C SER O 712 -40.58 25.66 -111.21
N ARG O 713 -39.85 26.61 -110.63
CA ARG O 713 -40.40 27.83 -110.05
C ARG O 713 -40.04 28.98 -110.98
N ILE O 714 -41.05 29.60 -111.59
CA ILE O 714 -40.83 30.62 -112.60
C ILE O 714 -41.83 31.76 -112.43
N LEU O 715 -41.44 32.94 -112.89
CA LEU O 715 -42.25 34.14 -112.83
C LEU O 715 -43.20 34.21 -114.02
N TYR O 716 -43.84 35.37 -114.20
CA TYR O 716 -44.69 35.61 -115.36
C TYR O 716 -43.89 36.05 -116.58
N ALA O 717 -42.70 36.61 -116.36
CA ALA O 717 -41.94 37.28 -117.43
C ALA O 717 -41.87 36.45 -118.70
N ASP O 718 -41.62 35.15 -118.57
CA ASP O 718 -41.61 34.26 -119.72
C ASP O 718 -42.90 33.47 -119.87
N PHE O 719 -43.63 33.26 -118.76
CA PHE O 719 -44.86 32.50 -118.81
C PHE O 719 -45.89 33.16 -119.72
N LYS O 720 -46.19 34.43 -119.47
CA LYS O 720 -47.16 35.15 -120.30
C LYS O 720 -46.76 35.10 -121.77
N GLN O 721 -45.51 35.46 -122.07
CA GLN O 721 -45.09 35.64 -123.45
C GLN O 721 -44.90 34.33 -124.20
N ARG O 722 -44.73 33.21 -123.50
CA ARG O 722 -44.60 31.92 -124.17
C ARG O 722 -45.87 31.08 -124.08
N TYR O 723 -46.87 31.49 -123.30
CA TYR O 723 -48.13 30.78 -123.24
C TYR O 723 -49.29 31.56 -123.83
N LYS O 724 -49.08 32.81 -124.26
CA LYS O 724 -50.13 33.56 -124.94
C LYS O 724 -50.42 33.04 -126.35
N VAL O 725 -49.83 31.92 -126.75
CA VAL O 725 -50.00 31.42 -128.12
C VAL O 725 -51.19 30.48 -128.20
N LEU O 726 -51.93 30.35 -127.10
CA LEU O 726 -53.19 29.61 -127.08
C LEU O 726 -54.39 30.49 -126.84
N ASN O 727 -54.38 31.27 -125.76
CA ASN O 727 -55.40 32.28 -125.49
C ASN O 727 -54.70 33.64 -125.62
N ALA O 728 -54.65 34.14 -126.85
CA ALA O 728 -53.97 35.41 -127.12
C ALA O 728 -54.84 36.59 -126.70
N SER O 739 -52.53 40.24 -114.62
CA SER O 739 -51.39 39.63 -113.95
C SER O 739 -51.73 38.21 -113.49
N LYS O 740 -52.15 38.09 -112.23
CA LYS O 740 -52.53 36.78 -111.70
C LYS O 740 -53.75 36.24 -112.43
N LYS O 741 -54.73 37.10 -112.72
CA LYS O 741 -55.89 36.67 -113.47
C LYS O 741 -55.53 36.35 -114.92
N ALA O 742 -54.57 37.10 -115.49
CA ALA O 742 -54.05 36.74 -116.80
C ALA O 742 -53.40 35.36 -116.76
N SER O 743 -52.72 35.03 -115.66
CA SER O 743 -52.16 33.69 -115.53
C SER O 743 -53.26 32.65 -115.41
N GLU O 744 -54.33 32.97 -114.69
CA GLU O 744 -55.45 32.02 -114.59
C GLU O 744 -56.06 31.75 -115.96
N LYS O 745 -56.24 32.80 -116.75
CA LYS O 745 -56.72 32.62 -118.12
C LYS O 745 -55.74 31.78 -118.94
N LEU O 746 -54.45 32.09 -118.84
CA LEU O 746 -53.45 31.39 -119.63
C LEU O 746 -53.20 29.97 -119.16
N LEU O 747 -53.64 29.60 -117.97
CA LEU O 747 -53.50 28.23 -117.49
C LEU O 747 -54.75 27.40 -117.72
N GLY O 748 -55.94 27.99 -117.55
CA GLY O 748 -57.15 27.25 -117.86
C GLY O 748 -57.32 26.94 -119.33
N SER O 749 -56.63 27.68 -120.19
CA SER O 749 -56.82 27.59 -121.64
C SER O 749 -55.83 26.66 -122.33
N ILE O 750 -54.84 26.12 -121.61
CA ILE O 750 -53.81 25.30 -122.24
C ILE O 750 -53.82 23.87 -121.68
N ASP O 751 -54.95 23.47 -121.08
CA ASP O 751 -55.23 22.06 -120.77
C ASP O 751 -54.18 21.46 -119.84
N ILE O 752 -54.14 21.99 -118.61
CA ILE O 752 -53.34 21.43 -117.54
C ILE O 752 -54.21 21.28 -116.30
N ASP O 753 -54.13 20.12 -115.67
CA ASP O 753 -54.88 19.89 -114.44
C ASP O 753 -54.19 20.53 -113.25
N HIS O 754 -54.97 20.76 -112.20
CA HIS O 754 -54.50 21.53 -111.04
C HIS O 754 -53.63 20.71 -110.10
N THR O 755 -53.11 19.58 -110.55
CA THR O 755 -52.21 18.77 -109.74
C THR O 755 -50.76 19.19 -109.95
N GLN O 756 -50.31 19.17 -111.20
CA GLN O 756 -48.90 19.36 -111.51
C GLN O 756 -48.45 20.81 -111.48
N TYR O 757 -49.33 21.76 -111.16
CA TYR O 757 -48.92 23.16 -111.10
C TYR O 757 -49.49 23.80 -109.85
N LYS O 758 -48.76 24.80 -109.34
CA LYS O 758 -49.23 25.63 -108.24
C LYS O 758 -48.63 27.01 -108.38
N PHE O 759 -49.48 28.04 -108.38
CA PHE O 759 -49.05 29.42 -108.32
C PHE O 759 -49.47 29.97 -106.96
N GLY O 760 -48.51 30.09 -106.04
CA GLY O 760 -48.88 30.54 -104.70
C GLY O 760 -49.28 31.99 -104.66
N HIS O 761 -48.32 32.90 -104.78
CA HIS O 761 -48.64 34.32 -104.92
C HIS O 761 -47.78 35.08 -105.92
N THR O 762 -46.56 34.64 -106.21
CA THR O 762 -45.68 35.36 -107.11
C THR O 762 -45.12 34.50 -108.23
N LYS O 763 -44.77 33.25 -107.94
CA LYS O 763 -44.23 32.35 -108.95
C LYS O 763 -45.11 31.12 -109.06
N VAL O 764 -45.18 30.57 -110.26
CA VAL O 764 -45.93 29.34 -110.50
C VAL O 764 -44.98 28.16 -110.35
N PHE O 765 -45.44 27.12 -109.67
CA PHE O 765 -44.63 25.95 -109.38
C PHE O 765 -45.02 24.83 -110.33
N PHE O 766 -44.04 24.20 -110.95
CA PHE O 766 -44.28 23.19 -111.96
C PHE O 766 -43.49 21.93 -111.66
N LYS O 767 -44.03 20.79 -112.09
CA LYS O 767 -43.24 19.59 -112.18
C LYS O 767 -42.36 19.64 -113.42
N ALA O 768 -41.45 18.67 -113.54
CA ALA O 768 -40.53 18.66 -114.66
C ALA O 768 -41.25 18.40 -115.97
N GLY O 769 -41.84 17.23 -116.11
CA GLY O 769 -42.31 16.75 -117.39
C GLY O 769 -43.49 17.47 -118.00
N LEU O 770 -43.86 18.63 -117.48
CA LEU O 770 -44.99 19.37 -118.01
C LEU O 770 -44.56 20.52 -118.93
N LEU O 771 -43.48 21.22 -118.59
CA LEU O 771 -43.00 22.27 -119.49
C LEU O 771 -42.58 21.69 -120.84
N GLY O 772 -41.85 20.57 -120.81
CA GLY O 772 -41.57 19.87 -122.06
C GLY O 772 -42.83 19.44 -122.78
N LEU O 773 -43.81 18.92 -122.02
CA LEU O 773 -45.12 18.62 -122.60
C LEU O 773 -45.70 19.86 -123.26
N LEU O 774 -45.47 21.03 -122.68
CA LEU O 774 -45.95 22.27 -123.27
C LEU O 774 -44.96 22.83 -124.29
N GLU O 775 -43.66 22.62 -124.06
CA GLU O 775 -42.59 23.04 -124.96
C GLU O 775 -42.89 22.73 -126.42
N GLU O 776 -43.46 21.54 -126.68
CA GLU O 776 -43.82 21.16 -128.03
C GLU O 776 -45.08 21.84 -128.53
N MET O 777 -45.88 22.46 -127.64
CA MET O 777 -47.14 23.06 -128.06
C MET O 777 -47.29 24.52 -127.67
N ARG O 778 -46.50 25.04 -126.72
CA ARG O 778 -46.49 26.46 -126.41
C ARG O 778 -45.74 27.28 -127.44
N ASP O 779 -45.40 26.69 -128.59
CA ASP O 779 -44.68 27.37 -129.65
C ASP O 779 -45.50 27.51 -130.93
N ASP O 780 -46.66 26.87 -131.03
CA ASP O 780 -47.46 26.90 -132.25
C ASP O 780 -48.89 27.31 -131.96
N MET P 1 -3.97 -116.82 4.72
CA MET P 1 -5.24 -116.38 4.16
C MET P 1 -6.04 -115.58 5.18
N ALA P 2 -6.90 -116.28 5.93
CA ALA P 2 -7.66 -115.63 6.99
C ALA P 2 -6.75 -115.34 8.18
N VAL P 3 -5.79 -114.44 7.99
CA VAL P 3 -4.78 -114.16 9.01
C VAL P 3 -5.21 -112.98 9.85
N PHE P 4 -6.48 -112.62 9.75
CA PHE P 4 -7.02 -111.49 10.48
C PHE P 4 -8.27 -111.84 11.28
N GLY P 5 -9.14 -112.69 10.76
CA GLY P 5 -10.40 -112.97 11.41
C GLY P 5 -11.42 -113.65 10.51
N GLU P 6 -12.62 -113.10 10.45
CA GLU P 6 -13.74 -113.73 9.74
C GLU P 6 -14.34 -112.88 8.63
N ALA P 7 -13.89 -111.63 8.45
CA ALA P 7 -14.46 -110.73 7.46
C ALA P 7 -13.96 -110.99 6.05
N ALA P 8 -13.40 -112.18 5.80
CA ALA P 8 -12.76 -112.45 4.51
C ALA P 8 -13.76 -112.57 3.36
N PRO P 9 -14.80 -113.43 3.42
CA PRO P 9 -15.48 -113.88 2.19
C PRO P 9 -16.01 -112.75 1.31
N TYR P 10 -16.87 -111.90 1.86
CA TYR P 10 -17.38 -110.78 1.07
C TYR P 10 -16.28 -109.79 0.74
N LEU P 11 -15.25 -109.68 1.57
CA LEU P 11 -14.21 -108.68 1.35
C LEU P 11 -13.28 -109.11 0.22
N ARG P 12 -12.61 -110.25 0.39
CA ARG P 12 -11.79 -110.82 -0.67
C ARG P 12 -11.86 -112.34 -0.59
N LYS P 13 -11.74 -112.99 -1.74
CA LYS P 13 -11.81 -114.44 -1.81
C LYS P 13 -10.46 -115.06 -1.50
N SER P 14 -10.50 -116.30 -1.00
CA SER P 14 -9.31 -117.01 -0.59
C SER P 14 -8.58 -117.57 -1.81
N GLU P 15 -7.61 -118.44 -1.57
CA GLU P 15 -6.79 -119.01 -2.64
C GLU P 15 -7.64 -119.65 -3.73
N LYS P 16 -8.67 -120.40 -3.33
CA LYS P 16 -9.41 -121.22 -4.28
C LYS P 16 -9.95 -120.40 -5.44
N GLU P 17 -10.74 -119.36 -5.15
CA GLU P 17 -11.31 -118.56 -6.23
C GLU P 17 -10.23 -117.78 -6.98
N ARG P 18 -9.20 -117.31 -6.26
CA ARG P 18 -8.13 -116.57 -6.92
C ARG P 18 -7.48 -117.41 -8.01
N ILE P 19 -6.98 -118.59 -7.66
CA ILE P 19 -6.35 -119.45 -8.65
C ILE P 19 -7.36 -119.98 -9.65
N GLU P 20 -8.63 -120.12 -9.24
CA GLU P 20 -9.65 -120.62 -10.17
C GLU P 20 -9.89 -119.63 -11.30
N ALA P 21 -10.19 -118.37 -10.98
CA ALA P 21 -10.36 -117.35 -12.00
C ALA P 21 -9.03 -116.92 -12.61
N GLN P 22 -7.90 -117.30 -12.01
CA GLN P 22 -6.61 -116.90 -12.52
C GLN P 22 -6.22 -117.73 -13.74
N ASN P 23 -6.14 -119.05 -13.58
CA ASN P 23 -5.84 -119.94 -14.69
C ASN P 23 -7.14 -120.26 -15.42
N LYS P 24 -7.42 -119.48 -16.46
CA LYS P 24 -8.60 -119.66 -17.29
C LYS P 24 -8.18 -119.33 -18.71
N PRO P 25 -8.72 -120.04 -19.71
CA PRO P 25 -8.39 -119.70 -21.10
C PRO P 25 -8.87 -118.30 -21.44
N PHE P 26 -8.00 -117.53 -22.10
CA PHE P 26 -8.33 -116.17 -22.50
C PHE P 26 -7.83 -115.94 -23.92
N ASP P 27 -8.77 -115.77 -24.85
CA ASP P 27 -8.45 -115.45 -26.22
C ASP P 27 -7.88 -114.05 -26.33
N ALA P 28 -7.26 -113.77 -27.48
CA ALA P 28 -6.73 -112.44 -27.78
C ALA P 28 -7.33 -111.86 -29.04
N LYS P 29 -8.21 -112.58 -29.72
CA LYS P 29 -8.82 -112.11 -30.95
C LYS P 29 -10.34 -112.04 -30.87
N SER P 30 -10.93 -112.35 -29.71
CA SER P 30 -12.36 -112.21 -29.54
C SER P 30 -12.76 -111.62 -28.19
N SER P 31 -11.82 -111.31 -27.32
CA SER P 31 -12.10 -110.70 -26.02
C SER P 31 -12.42 -109.22 -26.12
N VAL P 32 -12.56 -108.67 -27.33
CA VAL P 32 -12.79 -107.24 -27.49
C VAL P 32 -14.21 -106.88 -27.05
N PHE P 33 -14.34 -105.68 -26.49
CA PHE P 33 -15.64 -105.15 -26.08
C PHE P 33 -16.36 -104.58 -27.29
N VAL P 34 -17.44 -103.83 -27.06
CA VAL P 34 -18.19 -103.24 -28.15
C VAL P 34 -19.01 -102.08 -27.58
N VAL P 35 -19.10 -101.00 -28.36
CA VAL P 35 -20.06 -99.95 -28.05
C VAL P 35 -21.46 -100.52 -28.11
N ASP P 36 -22.31 -100.11 -27.18
CA ASP P 36 -23.63 -100.70 -27.04
C ASP P 36 -24.72 -99.66 -27.29
N ALA P 37 -25.93 -100.16 -27.53
CA ALA P 37 -27.10 -99.28 -27.62
C ALA P 37 -27.67 -98.99 -26.23
N LYS P 38 -28.08 -100.03 -25.52
CA LYS P 38 -28.71 -99.83 -24.21
C LYS P 38 -27.70 -99.47 -23.15
N GLU P 39 -26.58 -100.19 -23.09
CA GLU P 39 -25.52 -99.90 -22.13
C GLU P 39 -24.37 -99.20 -22.86
N SER P 40 -23.27 -98.98 -22.15
CA SER P 40 -22.08 -98.43 -22.80
C SER P 40 -21.26 -99.55 -23.45
N PHE P 41 -20.68 -100.42 -22.63
CA PHE P 41 -19.82 -101.51 -23.08
C PHE P 41 -20.26 -102.80 -22.40
N VAL P 42 -20.52 -103.83 -23.19
CA VAL P 42 -20.74 -105.18 -22.67
C VAL P 42 -19.68 -106.09 -23.28
N LYS P 43 -19.42 -107.19 -22.58
CA LYS P 43 -18.43 -108.15 -23.05
C LYS P 43 -18.95 -108.85 -24.30
N ALA P 44 -18.20 -108.71 -25.39
CA ALA P 44 -18.60 -109.25 -26.69
C ALA P 44 -17.68 -110.39 -27.09
N THR P 45 -17.99 -110.97 -28.26
CA THR P 45 -17.24 -112.12 -28.77
C THR P 45 -17.26 -112.03 -30.29
N VAL P 46 -16.18 -111.52 -30.87
CA VAL P 46 -16.07 -111.35 -32.30
C VAL P 46 -15.42 -112.58 -32.90
N GLN P 47 -15.62 -112.77 -34.21
CA GLN P 47 -14.96 -113.88 -34.90
C GLN P 47 -13.48 -113.59 -35.08
N SER P 48 -13.14 -112.43 -35.63
CA SER P 48 -11.76 -112.07 -35.99
C SER P 48 -11.75 -110.58 -36.26
N ARG P 49 -10.63 -110.10 -36.79
CA ARG P 49 -10.50 -108.69 -37.17
C ARG P 49 -11.02 -108.53 -38.60
N GLU P 50 -12.26 -108.08 -38.73
CA GLU P 50 -12.87 -107.84 -40.04
C GLU P 50 -12.75 -106.36 -40.40
N GLY P 51 -11.50 -105.92 -40.52
CA GLY P 51 -11.21 -104.53 -40.85
C GLY P 51 -11.86 -103.53 -39.91
N GLY P 52 -12.71 -102.65 -40.45
CA GLY P 52 -13.47 -101.74 -39.62
C GLY P 52 -14.85 -102.28 -39.34
N LYS P 53 -15.00 -103.61 -39.43
CA LYS P 53 -16.26 -104.29 -39.26
C LYS P 53 -16.08 -105.41 -38.24
N VAL P 54 -17.15 -105.73 -37.52
CA VAL P 54 -17.16 -106.87 -36.60
C VAL P 54 -18.51 -107.57 -36.69
N THR P 55 -18.55 -108.79 -36.17
CA THR P 55 -19.78 -109.46 -35.75
C THR P 55 -19.50 -110.04 -34.36
N ALA P 56 -19.68 -109.19 -33.35
CA ALA P 56 -19.23 -109.48 -31.99
C ALA P 56 -20.41 -110.02 -31.18
N LYS P 57 -20.31 -111.27 -30.75
CA LYS P 57 -21.38 -111.89 -29.96
C LYS P 57 -21.29 -111.38 -28.53
N THR P 58 -22.25 -110.55 -28.13
CA THR P 58 -22.33 -110.07 -26.76
C THR P 58 -22.97 -111.15 -25.89
N GLU P 59 -23.37 -110.78 -24.67
CA GLU P 59 -24.09 -111.71 -23.81
C GLU P 59 -25.37 -112.18 -24.49
N GLY P 60 -26.02 -111.31 -25.25
CA GLY P 60 -27.11 -111.72 -26.11
C GLY P 60 -26.68 -112.33 -27.42
N GLY P 61 -25.40 -112.22 -27.77
CA GLY P 61 -24.87 -112.78 -28.99
C GLY P 61 -25.07 -111.88 -30.19
N ALA P 62 -24.66 -110.62 -30.08
CA ALA P 62 -24.88 -109.66 -31.14
C ALA P 62 -24.07 -110.02 -32.38
N THR P 63 -24.41 -109.37 -33.50
CA THR P 63 -23.75 -109.63 -34.76
C THR P 63 -23.52 -108.36 -35.57
N VAL P 64 -23.65 -107.19 -34.96
CA VAL P 64 -23.68 -105.93 -35.71
C VAL P 64 -22.28 -105.50 -36.12
N THR P 65 -22.21 -104.70 -37.17
CA THR P 65 -20.96 -104.11 -37.65
C THR P 65 -20.55 -102.97 -36.75
N VAL P 66 -19.36 -103.08 -36.16
CA VAL P 66 -18.79 -102.03 -35.31
C VAL P 66 -17.34 -101.82 -35.74
N LYS P 67 -16.91 -100.57 -35.69
CA LYS P 67 -15.55 -100.24 -36.09
C LYS P 67 -14.55 -100.78 -35.06
N ASP P 68 -13.27 -100.65 -35.38
CA ASP P 68 -12.21 -101.23 -34.56
C ASP P 68 -11.87 -100.37 -33.36
N ASP P 69 -11.85 -99.05 -33.53
CA ASP P 69 -11.34 -98.17 -32.48
C ASP P 69 -12.24 -98.10 -31.25
N GLN P 70 -13.43 -98.70 -31.29
CA GLN P 70 -14.31 -98.69 -30.12
C GLN P 70 -14.63 -100.09 -29.61
N VAL P 71 -13.96 -101.12 -30.12
CA VAL P 71 -13.96 -102.42 -29.47
C VAL P 71 -12.76 -102.48 -28.55
N PHE P 72 -12.95 -103.04 -27.35
CA PHE P 72 -11.97 -102.93 -26.29
C PHE P 72 -11.55 -104.31 -25.81
N PRO P 73 -10.28 -104.68 -25.93
CA PRO P 73 -9.83 -105.97 -25.39
C PRO P 73 -9.91 -105.98 -23.87
N MET P 74 -10.52 -107.03 -23.33
CA MET P 74 -10.70 -107.15 -21.89
C MET P 74 -9.38 -107.52 -21.20
N ASN P 75 -9.25 -107.11 -19.94
CA ASN P 75 -8.09 -107.44 -19.14
C ASN P 75 -7.88 -108.96 -19.06
N PRO P 76 -6.67 -109.40 -18.78
CA PRO P 76 -6.40 -110.83 -18.64
C PRO P 76 -7.26 -111.45 -17.55
N PRO P 77 -7.43 -112.77 -17.57
CA PRO P 77 -8.25 -113.42 -16.53
C PRO P 77 -7.49 -113.52 -15.22
N LYS P 78 -6.17 -113.70 -15.32
CA LYS P 78 -5.30 -113.60 -14.15
C LYS P 78 -5.24 -112.18 -13.61
N TYR P 79 -5.78 -111.20 -14.34
CA TYR P 79 -5.80 -109.81 -13.91
C TYR P 79 -7.19 -109.36 -13.50
N ASP P 80 -8.14 -110.27 -13.37
CA ASP P 80 -9.48 -109.91 -12.95
C ASP P 80 -9.55 -109.78 -11.43
N LYS P 81 -10.51 -108.98 -10.98
CA LYS P 81 -10.80 -108.75 -9.56
C LYS P 81 -9.64 -108.11 -8.80
N ILE P 82 -8.64 -107.59 -9.51
CA ILE P 82 -7.46 -107.04 -8.84
C ILE P 82 -7.84 -105.81 -8.03
N GLU P 83 -7.26 -105.71 -6.83
CA GLU P 83 -7.58 -104.61 -5.93
C GLU P 83 -7.05 -103.27 -6.42
N ASP P 84 -6.11 -103.26 -7.35
CA ASP P 84 -5.59 -102.03 -7.95
C ASP P 84 -5.81 -102.09 -9.45
N MET P 85 -6.67 -101.21 -9.96
CA MET P 85 -6.96 -101.17 -11.39
C MET P 85 -5.86 -100.52 -12.21
N ALA P 86 -4.87 -99.91 -11.56
CA ALA P 86 -3.78 -99.25 -12.28
C ALA P 86 -2.76 -100.24 -12.81
N MET P 87 -2.77 -101.47 -12.29
CA MET P 87 -1.79 -102.47 -12.72
C MET P 87 -2.25 -103.27 -13.93
N MET P 88 -3.54 -103.24 -14.25
CA MET P 88 -4.05 -104.00 -15.39
C MET P 88 -3.37 -103.54 -16.67
N THR P 89 -3.07 -104.50 -17.55
CA THR P 89 -2.36 -104.19 -18.78
C THR P 89 -3.27 -103.72 -19.90
N HIS P 90 -4.57 -104.01 -19.84
CA HIS P 90 -5.52 -103.47 -20.81
C HIS P 90 -6.21 -102.31 -20.11
N LEU P 91 -5.54 -101.15 -20.08
CA LEU P 91 -6.04 -99.98 -19.38
C LEU P 91 -7.03 -99.27 -20.29
N HIS P 92 -8.31 -99.53 -20.07
CA HIS P 92 -9.37 -98.89 -20.81
C HIS P 92 -10.37 -98.29 -19.84
N GLU P 93 -11.49 -97.77 -20.36
CA GLU P 93 -12.63 -97.50 -19.49
C GLU P 93 -13.34 -98.80 -19.10
N PRO P 94 -13.75 -99.65 -20.03
CA PRO P 94 -14.41 -100.91 -19.62
C PRO P 94 -13.52 -101.76 -18.74
N ALA P 95 -12.21 -101.56 -18.78
CA ALA P 95 -11.30 -102.28 -17.91
C ALA P 95 -11.70 -102.09 -16.46
N VAL P 96 -11.61 -100.85 -15.96
CA VAL P 96 -11.99 -100.59 -14.58
C VAL P 96 -13.49 -100.74 -14.40
N LEU P 97 -14.26 -100.44 -15.44
CA LEU P 97 -15.70 -100.58 -15.36
C LEU P 97 -16.09 -101.97 -14.89
N TYR P 98 -15.65 -102.99 -15.61
CA TYR P 98 -15.97 -104.36 -15.20
C TYR P 98 -15.11 -104.82 -14.03
N ASN P 99 -13.85 -104.37 -13.95
CA ASN P 99 -13.02 -104.69 -12.80
C ASN P 99 -13.68 -104.29 -11.50
N LEU P 100 -14.62 -103.35 -11.54
CA LEU P 100 -15.44 -103.03 -10.36
C LEU P 100 -16.84 -103.63 -10.42
N LYS P 101 -17.39 -103.82 -11.62
CA LYS P 101 -18.71 -104.44 -11.74
C LYS P 101 -18.71 -105.84 -11.16
N GLU P 102 -17.77 -106.68 -11.60
CA GLU P 102 -17.72 -108.05 -11.08
C GLU P 102 -17.30 -108.07 -9.62
N ARG P 103 -16.57 -107.05 -9.15
CA ARG P 103 -16.22 -107.02 -7.74
C ARG P 103 -17.44 -106.71 -6.87
N TYR P 104 -18.28 -105.76 -7.32
CA TYR P 104 -19.53 -105.52 -6.63
C TYR P 104 -20.46 -106.72 -6.73
N ALA P 105 -20.39 -107.45 -7.84
CA ALA P 105 -21.12 -108.71 -7.95
C ALA P 105 -20.66 -109.69 -6.87
N ALA P 106 -19.35 -109.84 -6.73
CA ALA P 106 -18.76 -110.63 -5.66
C ALA P 106 -18.76 -109.90 -4.32
N TRP P 107 -19.43 -108.76 -4.24
CA TRP P 107 -19.57 -107.97 -3.01
C TRP P 107 -18.22 -107.49 -2.49
N MET P 108 -17.22 -107.41 -3.37
CA MET P 108 -15.92 -106.85 -3.00
C MET P 108 -16.02 -105.33 -3.13
N ILE P 109 -16.59 -104.72 -2.10
CA ILE P 109 -16.87 -103.29 -2.12
C ILE P 109 -15.58 -102.49 -2.27
N TYR P 110 -14.67 -102.63 -1.30
CA TYR P 110 -13.55 -101.70 -1.18
C TYR P 110 -12.41 -102.13 -2.10
N THR P 111 -11.91 -101.19 -2.88
CA THR P 111 -10.87 -101.42 -3.87
C THR P 111 -9.91 -100.23 -3.84
N TYR P 112 -8.93 -100.23 -4.73
CA TYR P 112 -7.93 -99.16 -4.81
C TYR P 112 -7.77 -98.74 -6.27
N SER P 113 -8.08 -97.48 -6.56
CA SER P 113 -7.84 -96.89 -7.87
C SER P 113 -6.70 -95.90 -7.72
N GLY P 114 -5.48 -96.34 -8.00
CA GLY P 114 -4.33 -95.47 -7.84
C GLY P 114 -4.26 -94.95 -6.41
N LEU P 115 -4.60 -93.68 -6.24
CA LEU P 115 -4.74 -93.09 -4.91
C LEU P 115 -6.17 -93.10 -4.41
N PHE P 116 -7.15 -93.36 -5.28
CA PHE P 116 -8.54 -93.35 -4.88
C PHE P 116 -8.90 -94.62 -4.13
N CYS P 117 -9.68 -94.47 -3.06
CA CYS P 117 -10.27 -95.61 -2.36
C CYS P 117 -11.71 -95.78 -2.84
N VAL P 118 -11.81 -96.31 -4.05
CA VAL P 118 -13.12 -96.48 -4.69
C VAL P 118 -13.99 -97.37 -3.83
N THR P 119 -15.14 -96.85 -3.41
CA THR P 119 -16.04 -97.57 -2.52
C THR P 119 -17.46 -97.48 -3.05
N VAL P 120 -18.10 -98.64 -3.23
CA VAL P 120 -19.46 -98.72 -3.68
C VAL P 120 -20.35 -98.91 -2.45
N ASN P 121 -21.64 -98.69 -2.61
CA ASN P 121 -22.41 -98.93 -1.40
C ASN P 121 -23.25 -100.20 -1.51
N PRO P 122 -23.46 -100.89 -0.41
CA PRO P 122 -24.41 -102.01 -0.39
C PRO P 122 -25.79 -101.55 0.05
N TYR P 123 -26.80 -102.28 -0.43
CA TYR P 123 -28.18 -102.08 0.02
C TYR P 123 -28.63 -103.22 0.90
N LYS P 124 -27.70 -103.78 1.67
CA LYS P 124 -27.98 -104.83 2.62
C LYS P 124 -26.94 -104.75 3.72
N TRP P 125 -27.14 -105.52 4.78
CA TRP P 125 -26.23 -105.50 5.92
C TRP P 125 -25.00 -106.33 5.58
N LEU P 126 -23.93 -105.65 5.18
CA LEU P 126 -22.63 -106.28 5.00
C LEU P 126 -21.66 -105.68 6.00
N PRO P 127 -21.46 -106.30 7.15
CA PRO P 127 -20.59 -105.76 8.21
C PRO P 127 -19.11 -105.91 7.90
N VAL P 128 -18.58 -104.94 7.15
CA VAL P 128 -17.20 -105.05 6.68
C VAL P 128 -16.18 -104.36 7.60
N TYR P 129 -16.62 -103.48 8.49
CA TYR P 129 -15.73 -102.72 9.36
C TYR P 129 -15.98 -103.04 10.82
N ASN P 130 -16.09 -104.33 11.15
CA ASN P 130 -16.43 -104.77 12.48
C ASN P 130 -15.24 -104.62 13.43
N ALA P 131 -15.45 -105.02 14.68
CA ALA P 131 -14.52 -104.73 15.75
C ALA P 131 -13.20 -105.48 15.66
N GLU P 132 -12.97 -106.24 14.60
CA GLU P 132 -11.70 -106.94 14.43
C GLU P 132 -10.82 -106.35 13.33
N VAL P 133 -11.40 -105.88 12.23
CA VAL P 133 -10.61 -105.17 11.24
C VAL P 133 -10.17 -103.80 11.70
N VAL P 134 -10.70 -103.33 12.84
CA VAL P 134 -10.20 -102.08 13.42
C VAL P 134 -8.76 -102.26 13.87
N ALA P 135 -8.38 -103.48 14.26
CA ALA P 135 -6.99 -103.79 14.56
C ALA P 135 -6.29 -104.51 13.42
N ALA P 136 -7.03 -105.27 12.61
CA ALA P 136 -6.43 -105.92 11.44
C ALA P 136 -5.91 -104.89 10.45
N TYR P 137 -6.49 -103.69 10.45
CA TYR P 137 -6.03 -102.59 9.61
C TYR P 137 -5.21 -101.57 10.39
N ARG P 138 -4.96 -101.82 11.68
CA ARG P 138 -4.11 -100.95 12.47
C ARG P 138 -2.65 -101.22 12.17
N GLY P 139 -1.84 -100.16 12.18
CA GLY P 139 -0.41 -100.24 11.99
C GLY P 139 0.05 -100.64 10.60
N LYS P 140 -0.87 -101.06 9.73
CA LYS P 140 -0.52 -101.49 8.39
C LYS P 140 0.07 -100.33 7.58
N LYS P 141 0.82 -100.69 6.54
CA LYS P 141 1.10 -99.75 5.47
C LYS P 141 -0.02 -99.92 4.43
N ARG P 142 0.08 -99.23 3.29
CA ARG P 142 -1.07 -99.14 2.40
C ARG P 142 -1.37 -100.46 1.70
N GLN P 143 -0.40 -100.98 0.94
CA GLN P 143 -0.69 -101.99 -0.08
C GLN P 143 -0.26 -103.39 0.31
N GLU P 144 -0.41 -103.80 1.57
CA GLU P 144 -0.23 -105.22 1.90
C GLU P 144 -1.50 -105.88 2.41
N ALA P 145 -2.39 -105.14 3.06
CA ALA P 145 -3.69 -105.60 3.50
C ALA P 145 -4.76 -105.18 2.50
N PRO P 146 -5.89 -105.89 2.46
CA PRO P 146 -6.88 -105.61 1.41
C PRO P 146 -7.49 -104.25 1.60
N PRO P 147 -7.95 -103.60 0.51
CA PRO P 147 -8.40 -102.21 0.60
C PRO P 147 -9.68 -102.06 1.41
N HIS P 148 -9.80 -100.90 2.05
CA HIS P 148 -10.97 -100.51 2.83
C HIS P 148 -10.72 -99.08 3.31
N ILE P 149 -11.81 -98.40 3.67
CA ILE P 149 -11.69 -97.01 4.09
C ILE P 149 -10.87 -96.90 5.38
N PHE P 150 -11.02 -97.87 6.27
CA PHE P 150 -10.24 -97.86 7.50
C PHE P 150 -8.75 -97.98 7.20
N SER P 151 -8.40 -98.69 6.13
CA SER P 151 -7.01 -98.79 5.72
C SER P 151 -6.41 -97.42 5.47
N ILE P 152 -7.02 -96.65 4.58
CA ILE P 152 -6.48 -95.34 4.22
C ILE P 152 -6.57 -94.37 5.38
N SER P 153 -7.61 -94.47 6.20
CA SER P 153 -7.70 -93.58 7.36
C SER P 153 -6.55 -93.84 8.32
N ASP P 154 -6.28 -95.12 8.63
CA ASP P 154 -5.16 -95.41 9.51
C ASP P 154 -3.83 -95.08 8.87
N ASN P 155 -3.74 -95.19 7.55
CA ASN P 155 -2.54 -94.73 6.85
C ASN P 155 -2.32 -93.25 7.11
N ALA P 156 -3.38 -92.45 7.01
CA ALA P 156 -3.28 -91.03 7.31
C ALA P 156 -2.88 -90.80 8.76
N TYR P 157 -3.43 -91.59 9.67
CA TYR P 157 -3.11 -91.43 11.08
C TYR P 157 -1.63 -91.68 11.32
N GLN P 158 -1.12 -92.82 10.87
CA GLN P 158 0.30 -93.11 11.04
C GLN P 158 1.17 -92.11 10.31
N PHE P 159 0.69 -91.59 9.16
CA PHE P 159 1.44 -90.56 8.44
C PHE P 159 1.61 -89.32 9.31
N MET P 160 0.51 -88.85 9.91
CA MET P 160 0.63 -87.71 10.81
C MET P 160 1.49 -88.03 12.01
N LEU P 161 1.49 -89.29 12.44
CA LEU P 161 2.34 -89.68 13.55
C LEU P 161 3.81 -89.73 13.16
N THR P 162 4.11 -89.81 11.86
CA THR P 162 5.50 -89.81 11.42
C THR P 162 6.11 -88.42 11.50
N ASP P 163 5.44 -87.41 10.95
CA ASP P 163 6.06 -86.10 10.81
C ASP P 163 5.11 -84.95 11.17
N ARG P 164 4.17 -85.19 12.09
CA ARG P 164 3.30 -84.14 12.62
C ARG P 164 2.53 -83.42 11.52
N GLU P 165 2.31 -84.09 10.39
CA GLU P 165 1.74 -83.45 9.21
C GLU P 165 0.22 -83.56 9.21
N ASN P 166 -0.42 -82.50 8.72
CA ASN P 166 -1.87 -82.54 8.56
C ASN P 166 -2.25 -83.40 7.37
N GLN P 167 -3.32 -84.18 7.52
CA GLN P 167 -3.81 -85.04 6.46
C GLN P 167 -5.26 -84.70 6.15
N SER P 168 -5.72 -85.14 4.98
CA SER P 168 -7.06 -84.79 4.55
C SER P 168 -7.62 -85.90 3.66
N ILE P 169 -8.85 -86.30 3.95
CA ILE P 169 -9.59 -87.24 3.13
C ILE P 169 -10.63 -86.46 2.34
N LEU P 170 -10.61 -86.61 1.03
CA LEU P 170 -11.49 -85.89 0.12
C LEU P 170 -12.52 -86.87 -0.40
N ILE P 171 -13.75 -86.71 0.05
CA ILE P 171 -14.83 -87.63 -0.29
C ILE P 171 -15.82 -86.93 -1.21
N THR P 172 -16.46 -87.72 -2.06
CA THR P 172 -17.42 -87.19 -3.05
C THR P 172 -18.64 -88.10 -3.06
N GLY P 173 -19.64 -87.75 -2.26
CA GLY P 173 -20.87 -88.52 -2.21
C GLY P 173 -22.09 -87.72 -2.58
N GLU P 174 -22.89 -88.25 -3.49
CA GLU P 174 -24.15 -87.63 -3.86
C GLU P 174 -25.07 -87.52 -2.64
N SER P 175 -26.10 -86.69 -2.77
CA SER P 175 -27.05 -86.54 -1.68
C SER P 175 -27.76 -87.85 -1.40
N GLY P 176 -27.74 -88.27 -0.15
CA GLY P 176 -28.35 -89.54 0.21
C GLY P 176 -27.66 -90.76 -0.37
N ALA P 177 -26.40 -90.63 -0.76
CA ALA P 177 -25.65 -91.73 -1.35
C ALA P 177 -24.93 -92.58 -0.32
N GLY P 178 -24.99 -92.20 0.97
CA GLY P 178 -24.33 -92.94 2.02
C GLY P 178 -23.03 -92.33 2.52
N LYS P 179 -22.60 -91.22 1.93
CA LYS P 179 -21.39 -90.55 2.41
C LYS P 179 -21.57 -90.08 3.85
N THR P 180 -22.78 -89.62 4.19
CA THR P 180 -23.10 -89.24 5.55
C THR P 180 -22.81 -90.37 6.53
N VAL P 181 -22.85 -91.61 6.05
CA VAL P 181 -22.49 -92.74 6.90
C VAL P 181 -20.98 -92.90 6.99
N ASN P 182 -20.30 -92.82 5.84
CA ASN P 182 -18.87 -93.09 5.78
C ASN P 182 -18.09 -92.07 6.61
N THR P 183 -18.54 -90.81 6.61
CA THR P 183 -17.83 -89.79 7.39
C THR P 183 -17.84 -90.13 8.87
N LYS P 184 -19.02 -90.41 9.43
CA LYS P 184 -19.08 -90.78 10.84
C LYS P 184 -18.34 -92.09 11.09
N ARG P 185 -18.37 -93.00 10.11
CA ARG P 185 -17.60 -94.23 10.22
C ARG P 185 -16.13 -93.93 10.48
N VAL P 186 -15.52 -93.09 9.63
CA VAL P 186 -14.09 -92.87 9.76
C VAL P 186 -13.77 -92.03 10.99
N ILE P 187 -14.65 -91.09 11.35
CA ILE P 187 -14.35 -90.27 12.53
C ILE P 187 -14.46 -91.10 13.81
N GLN P 188 -15.46 -91.98 13.90
CA GLN P 188 -15.53 -92.85 15.07
C GLN P 188 -14.42 -93.87 15.06
N TYR P 189 -13.99 -94.32 13.88
CA TYR P 189 -12.83 -95.18 13.79
C TYR P 189 -11.61 -94.51 14.41
N PHE P 190 -11.40 -93.24 14.08
CA PHE P 190 -10.29 -92.51 14.69
C PHE P 190 -10.50 -92.34 16.20
N ALA P 191 -11.72 -92.04 16.61
CA ALA P 191 -12.01 -91.87 18.03
C ALA P 191 -11.66 -93.12 18.82
N THR P 192 -11.95 -94.30 18.25
CA THR P 192 -11.60 -95.55 18.94
C THR P 192 -10.10 -95.82 18.86
N ILE P 193 -9.50 -95.73 17.67
CA ILE P 193 -8.10 -96.08 17.50
C ILE P 193 -7.18 -95.13 18.23
N ALA P 194 -7.67 -93.96 18.64
CA ALA P 194 -6.85 -93.02 19.38
C ALA P 194 -6.66 -93.47 20.82
N LEU P 213 -17.82 -85.34 20.33
CA LEU P 213 -18.16 -86.73 20.03
C LEU P 213 -18.96 -86.81 18.73
N GLU P 214 -18.92 -87.97 18.08
CA GLU P 214 -19.61 -88.16 16.81
C GLU P 214 -21.10 -87.83 16.92
N ASP P 215 -21.69 -88.06 18.10
CA ASP P 215 -23.09 -87.72 18.28
C ASP P 215 -23.32 -86.23 18.14
N GLN P 216 -22.39 -85.41 18.65
CA GLN P 216 -22.45 -83.97 18.43
C GLN P 216 -22.48 -83.65 16.93
N ILE P 217 -21.62 -84.31 16.16
CA ILE P 217 -21.54 -84.09 14.72
C ILE P 217 -22.88 -84.38 14.07
N ILE P 218 -23.38 -85.60 14.28
CA ILE P 218 -24.60 -86.02 13.60
C ILE P 218 -25.81 -85.23 14.10
N SER P 219 -25.76 -84.70 15.32
CA SER P 219 -26.87 -83.89 15.81
C SER P 219 -26.81 -82.48 15.25
N ALA P 220 -25.62 -81.98 14.95
CA ALA P 220 -25.51 -80.66 14.35
C ALA P 220 -25.81 -80.68 12.86
N ASN P 221 -25.55 -81.79 12.20
CA ASN P 221 -25.77 -81.89 10.75
C ASN P 221 -27.17 -81.48 10.28
N PRO P 222 -28.27 -81.83 10.96
CA PRO P 222 -29.59 -81.45 10.42
C PRO P 222 -29.80 -79.96 10.32
N LEU P 223 -29.38 -79.18 11.33
CA LEU P 223 -29.45 -77.73 11.23
C LEU P 223 -28.75 -77.22 9.97
N LEU P 224 -27.55 -77.72 9.73
CA LEU P 224 -26.82 -77.35 8.53
C LEU P 224 -27.63 -77.65 7.29
N GLU P 225 -27.97 -78.92 7.08
CA GLU P 225 -28.74 -79.29 5.89
C GLU P 225 -30.12 -78.63 5.85
N ALA P 226 -30.53 -77.95 6.93
CA ALA P 226 -31.76 -77.18 6.87
C ALA P 226 -31.51 -75.77 6.33
N PHE P 227 -30.45 -75.13 6.81
CA PHE P 227 -30.11 -73.80 6.32
C PHE P 227 -29.59 -73.83 4.89
N GLY P 228 -28.71 -74.77 4.58
CA GLY P 228 -28.01 -74.76 3.30
C GLY P 228 -28.27 -75.92 2.38
N ASN P 229 -29.53 -76.36 2.28
CA ASN P 229 -29.91 -77.36 1.30
C ASN P 229 -31.18 -76.93 0.59
N ALA P 230 -31.37 -77.48 -0.60
CA ALA P 230 -32.54 -77.17 -1.40
C ALA P 230 -32.71 -78.23 -2.48
N LYS P 231 -33.94 -78.34 -2.98
CA LYS P 231 -34.20 -79.18 -4.13
C LYS P 231 -33.43 -78.65 -5.34
N THR P 232 -33.05 -79.56 -6.23
CA THR P 232 -32.43 -79.20 -7.49
C THR P 232 -33.32 -79.66 -8.65
N VAL P 233 -32.82 -79.46 -9.87
CA VAL P 233 -33.44 -80.10 -11.03
C VAL P 233 -33.14 -81.59 -11.04
N ARG P 234 -32.14 -82.03 -10.29
CA ARG P 234 -31.71 -83.43 -10.29
C ARG P 234 -32.23 -84.18 -9.06
N ASN P 235 -31.92 -83.70 -7.86
CA ASN P 235 -32.25 -84.44 -6.64
C ASN P 235 -32.83 -83.46 -5.62
N ASP P 236 -33.10 -83.97 -4.42
CA ASP P 236 -33.88 -83.23 -3.42
C ASP P 236 -33.02 -82.58 -2.34
N ASN P 237 -32.26 -83.36 -1.59
CA ASN P 237 -31.56 -82.83 -0.42
C ASN P 237 -30.10 -82.54 -0.75
N SER P 238 -29.91 -81.57 -1.63
CA SER P 238 -28.58 -81.18 -2.08
C SER P 238 -27.96 -80.19 -1.11
N SER P 239 -26.78 -80.53 -0.59
CA SER P 239 -26.04 -79.60 0.27
C SER P 239 -25.27 -78.66 -0.64
N ARG P 240 -25.78 -77.44 -0.79
CA ARG P 240 -25.17 -76.50 -1.73
C ARG P 240 -23.77 -76.08 -1.29
N PHE P 241 -23.58 -75.86 0.01
CA PHE P 241 -22.31 -75.34 0.50
C PHE P 241 -21.25 -76.43 0.45
N GLY P 242 -20.07 -76.08 0.94
CA GLY P 242 -18.98 -77.03 1.12
C GLY P 242 -18.88 -77.42 2.58
N LYS P 243 -18.49 -78.67 2.82
CA LYS P 243 -18.37 -79.21 4.15
C LYS P 243 -16.93 -79.62 4.41
N PHE P 244 -16.43 -79.26 5.59
CA PHE P 244 -15.07 -79.60 5.95
C PHE P 244 -14.96 -79.65 7.46
N ILE P 245 -14.30 -80.68 7.97
CA ILE P 245 -14.22 -80.95 9.40
C ILE P 245 -12.77 -81.16 9.78
N ARG P 246 -12.32 -80.47 10.82
CA ARG P 246 -10.97 -80.59 11.35
C ARG P 246 -11.05 -81.27 12.70
N ILE P 247 -10.34 -82.38 12.84
CA ILE P 247 -10.23 -83.10 14.11
C ILE P 247 -8.78 -83.01 14.55
N HIS P 248 -8.46 -82.01 15.35
CA HIS P 248 -7.10 -81.84 15.84
C HIS P 248 -6.81 -82.82 16.96
N PHE P 249 -5.55 -83.22 17.05
CA PHE P 249 -5.07 -84.10 18.10
C PHE P 249 -4.01 -83.39 18.92
N GLY P 250 -3.55 -84.07 19.96
CA GLY P 250 -2.39 -83.60 20.70
C GLY P 250 -1.14 -83.79 19.89
N THR P 251 0.03 -83.77 20.55
CA THR P 251 1.27 -83.99 19.84
C THR P 251 1.56 -85.47 19.61
N THR P 252 0.89 -86.36 20.35
CA THR P 252 1.03 -87.80 20.15
C THR P 252 -0.20 -88.45 19.55
N GLY P 253 -1.28 -87.70 19.37
CA GLY P 253 -2.52 -88.24 18.86
C GLY P 253 -3.52 -88.43 19.98
N LYS P 254 -4.41 -87.46 20.13
CA LYS P 254 -5.46 -87.50 21.14
C LYS P 254 -6.50 -86.48 20.75
N LEU P 255 -7.72 -86.93 20.46
CA LEU P 255 -8.72 -86.07 19.81
C LEU P 255 -8.95 -84.80 20.60
N ALA P 256 -8.51 -83.66 20.05
CA ALA P 256 -8.51 -82.39 20.76
C ALA P 256 -9.36 -81.33 20.06
N SER P 257 -10.20 -81.74 19.12
CA SER P 257 -11.08 -80.80 18.44
C SER P 257 -12.15 -81.55 17.67
N ALA P 258 -13.35 -80.98 17.65
CA ALA P 258 -14.42 -81.39 16.74
C ALA P 258 -14.85 -80.13 16.00
N ASP P 259 -14.14 -79.80 14.92
CA ASP P 259 -14.29 -78.55 14.21
C ASP P 259 -15.05 -78.75 12.90
N ILE P 260 -15.52 -77.64 12.34
CA ILE P 260 -16.39 -77.67 11.18
C ILE P 260 -16.13 -76.43 10.34
N GLU P 261 -16.04 -76.62 9.02
CA GLU P 261 -15.82 -75.54 8.08
C GLU P 261 -16.83 -75.62 6.95
N THR P 262 -17.56 -74.55 6.73
CA THR P 262 -18.43 -74.40 5.58
C THR P 262 -17.78 -73.45 4.58
N TYR P 263 -17.83 -73.83 3.30
CA TYR P 263 -17.05 -73.18 2.28
C TYR P 263 -17.87 -72.99 1.02
N LEU P 264 -17.72 -71.82 0.39
CA LEU P 264 -18.35 -71.53 -0.89
C LEU P 264 -19.85 -71.78 -0.85
N LEU P 265 -20.47 -71.36 0.24
CA LEU P 265 -21.92 -71.43 0.35
C LEU P 265 -22.56 -70.69 -0.81
N GLU P 266 -23.45 -71.37 -1.53
CA GLU P 266 -24.21 -70.72 -2.59
C GLU P 266 -24.96 -69.53 -2.01
N LYS P 267 -25.10 -68.49 -2.83
CA LYS P 267 -25.71 -67.24 -2.39
C LYS P 267 -27.03 -66.95 -3.10
N SER P 268 -27.05 -67.05 -4.43
CA SER P 268 -28.18 -66.56 -5.22
C SER P 268 -29.48 -67.31 -4.93
N ARG P 269 -29.41 -68.54 -4.40
CA ARG P 269 -30.64 -69.28 -4.13
C ARG P 269 -31.55 -68.53 -3.18
N VAL P 270 -30.97 -67.75 -2.26
CA VAL P 270 -31.77 -67.00 -1.31
C VAL P 270 -32.66 -65.99 -2.01
N THR P 271 -32.35 -65.66 -3.26
CA THR P 271 -33.15 -64.72 -4.03
C THR P 271 -33.71 -65.32 -5.31
N PHE P 272 -32.94 -66.12 -6.02
CA PHE P 272 -33.35 -66.62 -7.32
C PHE P 272 -33.05 -68.09 -7.46
N GLN P 273 -34.00 -68.85 -8.00
CA GLN P 273 -33.80 -70.24 -8.38
C GLN P 273 -34.65 -70.53 -9.60
N LEU P 274 -34.17 -71.43 -10.45
CA LEU P 274 -34.92 -71.76 -11.65
C LEU P 274 -36.16 -72.59 -11.30
N LYS P 275 -37.01 -72.78 -12.30
CA LYS P 275 -38.35 -73.31 -12.06
C LYS P 275 -38.33 -74.72 -11.49
N ALA P 276 -37.33 -75.51 -11.85
CA ALA P 276 -37.29 -76.93 -11.49
C ALA P 276 -36.73 -77.18 -10.10
N GLU P 277 -36.73 -76.17 -9.23
CA GLU P 277 -36.22 -76.32 -7.87
C GLU P 277 -36.72 -75.16 -7.04
N ARG P 278 -36.48 -75.24 -5.73
CA ARG P 278 -36.88 -74.20 -4.80
C ARG P 278 -35.66 -73.69 -4.05
N SER P 279 -35.87 -72.67 -3.23
CA SER P 279 -34.81 -72.07 -2.44
C SER P 279 -34.55 -72.93 -1.22
N TYR P 280 -33.79 -72.40 -0.27
CA TYR P 280 -33.41 -73.16 0.91
C TYR P 280 -34.66 -73.59 1.69
N HIS P 281 -34.47 -74.59 2.56
CA HIS P 281 -35.59 -75.26 3.19
C HIS P 281 -36.36 -74.33 4.13
N ILE P 282 -35.64 -73.56 4.94
CA ILE P 282 -36.22 -72.92 6.12
C ILE P 282 -37.45 -72.09 5.77
N PHE P 283 -37.45 -71.45 4.61
CA PHE P 283 -38.60 -70.63 4.23
C PHE P 283 -39.86 -71.47 4.14
N TYR P 284 -39.88 -72.44 3.22
CA TYR P 284 -41.02 -73.34 3.09
C TYR P 284 -41.30 -74.09 4.38
N GLN P 285 -40.25 -74.32 5.19
CA GLN P 285 -40.46 -74.91 6.51
C GLN P 285 -41.40 -74.07 7.34
N ILE P 286 -41.01 -72.81 7.60
CA ILE P 286 -41.87 -71.94 8.39
C ILE P 286 -43.19 -71.69 7.70
N MET P 287 -43.24 -71.82 6.37
CA MET P 287 -44.53 -71.79 5.68
C MET P 287 -45.41 -72.96 6.10
N SER P 288 -44.83 -74.16 6.18
CA SER P 288 -45.51 -75.28 6.79
C SER P 288 -45.90 -74.93 8.21
N ASN P 289 -47.16 -75.17 8.57
CA ASN P 289 -47.77 -74.56 9.75
C ASN P 289 -47.78 -75.47 10.97
N LYS P 290 -46.73 -76.25 11.19
CA LYS P 290 -46.73 -77.10 12.38
C LYS P 290 -46.72 -76.27 13.67
N LYS P 291 -46.33 -75.00 13.59
CA LYS P 291 -46.34 -74.12 14.74
C LYS P 291 -46.64 -72.70 14.26
N PRO P 292 -47.90 -72.27 14.32
CA PRO P 292 -48.24 -70.92 13.84
C PRO P 292 -47.72 -69.80 14.73
N ASP P 293 -47.05 -70.11 15.85
CA ASP P 293 -46.45 -69.06 16.65
C ASP P 293 -45.49 -68.22 15.82
N LEU P 294 -44.66 -68.89 15.01
CA LEU P 294 -43.79 -68.16 14.09
C LEU P 294 -44.61 -67.42 13.04
N ILE P 295 -45.55 -68.12 12.40
CA ILE P 295 -46.35 -67.53 11.33
C ILE P 295 -46.94 -66.20 11.76
N GLU P 296 -47.45 -66.12 12.99
CA GLU P 296 -47.98 -64.85 13.48
C GLU P 296 -46.88 -63.94 13.99
N MET P 297 -45.76 -64.50 14.43
CA MET P 297 -44.69 -63.68 14.99
C MET P 297 -43.80 -63.11 13.90
N LEU P 298 -43.45 -63.91 12.89
CA LEU P 298 -42.68 -63.42 11.76
C LEU P 298 -43.54 -62.70 10.74
N LEU P 299 -44.83 -62.53 11.03
CA LEU P 299 -45.77 -61.79 10.18
C LEU P 299 -45.86 -62.34 8.76
N ILE P 300 -45.33 -63.53 8.53
CA ILE P 300 -45.33 -64.13 7.20
C ILE P 300 -46.63 -64.89 6.98
N THR P 301 -47.03 -64.99 5.72
CA THR P 301 -48.26 -65.69 5.35
C THR P 301 -48.01 -67.19 5.41
N THR P 302 -48.99 -67.96 4.93
CA THR P 302 -48.84 -69.41 4.82
C THR P 302 -48.84 -69.87 3.37
N ASN P 303 -48.97 -68.95 2.42
CA ASN P 303 -48.90 -69.28 1.01
C ASN P 303 -47.54 -68.87 0.46
N PRO P 304 -46.58 -69.79 0.34
CA PRO P 304 -45.25 -69.42 -0.17
C PRO P 304 -45.25 -68.95 -1.61
N TYR P 305 -46.35 -69.10 -2.34
CA TYR P 305 -46.49 -68.49 -3.65
C TYR P 305 -46.82 -67.01 -3.58
N ASP P 306 -46.72 -66.40 -2.41
CA ASP P 306 -46.99 -64.99 -2.22
C ASP P 306 -45.73 -64.18 -1.94
N TYR P 307 -44.57 -64.82 -1.88
CA TYR P 307 -43.32 -64.16 -1.53
C TYR P 307 -42.31 -64.41 -2.64
N ALA P 308 -41.90 -63.34 -3.31
CA ALA P 308 -41.23 -63.46 -4.60
C ALA P 308 -39.89 -64.19 -4.48
N PHE P 309 -39.17 -63.98 -3.38
CA PHE P 309 -37.82 -64.55 -3.26
C PHE P 309 -37.85 -66.07 -3.33
N VAL P 310 -38.93 -66.71 -2.91
CA VAL P 310 -39.02 -68.17 -2.88
C VAL P 310 -40.01 -68.71 -3.89
N SER P 311 -40.84 -67.87 -4.49
CA SER P 311 -41.98 -68.31 -5.30
C SER P 311 -41.64 -68.37 -6.79
N GLN P 312 -40.40 -68.69 -7.13
CA GLN P 312 -40.01 -68.88 -8.52
C GLN P 312 -39.65 -70.33 -8.82
N GLY P 313 -40.09 -71.26 -7.99
CA GLY P 313 -39.85 -72.67 -8.21
C GLY P 313 -41.01 -73.56 -7.78
N GLU P 314 -40.71 -74.61 -7.02
CA GLU P 314 -41.71 -75.54 -6.53
C GLU P 314 -41.72 -75.48 -5.01
N ILE P 315 -42.80 -74.94 -4.45
CA ILE P 315 -42.86 -74.73 -3.01
C ILE P 315 -43.04 -76.04 -2.26
N THR P 316 -43.86 -76.93 -2.78
CA THR P 316 -44.15 -78.22 -2.14
C THR P 316 -43.53 -79.34 -2.98
N VAL P 317 -42.60 -80.07 -2.39
CA VAL P 317 -41.88 -81.14 -3.06
C VAL P 317 -42.44 -82.48 -2.58
N PRO P 318 -42.72 -83.44 -3.49
CA PRO P 318 -43.28 -84.74 -3.10
C PRO P 318 -42.22 -85.74 -2.62
N SER P 319 -41.36 -85.30 -1.71
CA SER P 319 -40.36 -86.20 -1.15
C SER P 319 -40.44 -86.20 0.37
N ILE P 320 -40.77 -85.06 0.95
CA ILE P 320 -40.86 -84.93 2.40
C ILE P 320 -41.59 -83.64 2.75
N ASP P 321 -42.40 -83.68 3.81
CA ASP P 321 -43.01 -82.46 4.31
C ASP P 321 -42.00 -81.69 5.15
N ASP P 322 -42.32 -80.43 5.42
CA ASP P 322 -41.43 -79.57 6.18
C ASP P 322 -41.82 -79.42 7.64
N GLN P 323 -43.08 -79.69 7.98
CA GLN P 323 -43.57 -79.50 9.35
C GLN P 323 -42.66 -80.19 10.36
N GLU P 324 -42.55 -81.53 10.26
CA GLU P 324 -41.72 -82.30 11.18
C GLU P 324 -40.34 -81.67 11.36
N GLU P 325 -39.75 -81.19 10.26
CA GLU P 325 -38.41 -80.63 10.32
C GLU P 325 -38.36 -79.37 11.18
N LEU P 326 -39.49 -78.66 11.32
CA LEU P 326 -39.53 -77.50 12.21
C LEU P 326 -39.01 -77.86 13.60
N MET P 327 -39.69 -78.76 14.29
CA MET P 327 -39.28 -79.14 15.62
C MET P 327 -38.03 -80.02 15.60
N ALA P 328 -37.81 -80.77 14.52
CA ALA P 328 -36.55 -81.52 14.39
C ALA P 328 -35.35 -80.58 14.52
N THR P 329 -35.25 -79.62 13.60
CA THR P 329 -34.13 -78.68 13.63
C THR P 329 -34.21 -77.75 14.83
N ASP P 330 -35.41 -77.46 15.34
CA ASP P 330 -35.50 -76.65 16.55
C ASP P 330 -34.83 -77.36 17.72
N SER P 331 -35.07 -78.67 17.86
CA SER P 331 -34.37 -79.44 18.89
C SER P 331 -32.88 -79.51 18.59
N ALA P 332 -32.52 -79.63 17.31
CA ALA P 332 -31.10 -79.58 16.93
C ALA P 332 -30.46 -78.29 17.43
N ILE P 333 -31.21 -77.20 17.41
CA ILE P 333 -30.75 -75.95 18.00
C ILE P 333 -30.66 -76.09 19.51
N ASP P 334 -31.75 -76.56 20.13
CA ASP P 334 -31.86 -76.56 21.59
C ASP P 334 -30.72 -77.33 22.24
N ILE P 335 -30.36 -78.47 21.66
CA ILE P 335 -29.26 -79.25 22.23
C ILE P 335 -27.95 -78.48 22.14
N LEU P 336 -27.76 -77.70 21.08
CA LEU P 336 -26.52 -77.00 20.89
C LEU P 336 -26.52 -75.69 21.70
N GLY P 337 -25.37 -75.01 21.69
CA GLY P 337 -25.18 -73.86 22.56
C GLY P 337 -25.94 -72.63 22.13
N PHE P 338 -27.26 -72.66 22.27
CA PHE P 338 -28.13 -71.58 21.81
C PHE P 338 -29.07 -71.16 22.93
N THR P 339 -29.14 -69.86 23.17
CA THR P 339 -30.17 -69.31 24.03
C THR P 339 -31.49 -69.25 23.24
N SER P 340 -32.54 -68.74 23.89
CA SER P 340 -33.85 -68.69 23.25
C SER P 340 -33.97 -67.45 22.35
N ASP P 341 -33.67 -66.27 22.91
CA ASP P 341 -33.66 -65.06 22.10
C ASP P 341 -32.80 -65.23 20.86
N GLU P 342 -31.71 -65.99 20.97
CA GLU P 342 -30.92 -66.33 19.80
C GLU P 342 -31.77 -66.97 18.71
N ARG P 343 -32.65 -67.89 19.10
CA ARG P 343 -33.46 -68.62 18.13
C ARG P 343 -34.58 -67.74 17.57
N VAL P 344 -35.20 -66.93 18.43
CA VAL P 344 -36.22 -66.03 17.92
C VAL P 344 -35.58 -65.00 16.99
N SER P 345 -34.32 -64.64 17.22
CA SER P 345 -33.61 -63.76 16.32
C SER P 345 -33.35 -64.44 14.98
N ILE P 346 -32.92 -65.71 15.01
CA ILE P 346 -32.79 -66.49 13.78
C ILE P 346 -34.08 -66.39 12.97
N TYR P 347 -35.21 -66.65 13.63
CA TYR P 347 -36.48 -66.65 12.92
C TYR P 347 -36.83 -65.26 12.40
N LYS P 348 -36.58 -64.22 13.20
CA LYS P 348 -36.87 -62.87 12.75
C LYS P 348 -36.03 -62.48 11.53
N LEU P 349 -34.77 -62.88 11.52
CA LEU P 349 -33.93 -62.58 10.36
C LEU P 349 -34.41 -63.34 9.13
N THR P 350 -34.78 -64.61 9.30
CA THR P 350 -35.32 -65.36 8.17
C THR P 350 -36.60 -64.70 7.65
N GLY P 351 -37.42 -64.16 8.56
CA GLY P 351 -38.62 -63.47 8.13
C GLY P 351 -38.34 -62.15 7.45
N ALA P 352 -37.27 -61.47 7.84
CA ALA P 352 -36.89 -60.24 7.16
C ALA P 352 -36.39 -60.53 5.75
N VAL P 353 -35.58 -61.57 5.60
CA VAL P 353 -35.20 -62.04 4.28
C VAL P 353 -36.46 -62.39 3.48
N MET P 354 -37.43 -63.01 4.15
CA MET P 354 -38.70 -63.32 3.51
C MET P 354 -39.38 -62.06 3.01
N HIS P 355 -39.37 -61.00 3.81
CA HIS P 355 -40.19 -59.82 3.53
C HIS P 355 -39.55 -58.89 2.52
N TYR P 356 -38.21 -58.84 2.46
CA TYR P 356 -37.53 -57.92 1.56
C TYR P 356 -38.07 -58.00 0.13
N GLY P 357 -38.35 -59.21 -0.35
CA GLY P 357 -38.75 -59.37 -1.74
C GLY P 357 -40.00 -58.59 -2.12
N ASN P 358 -40.84 -58.26 -1.14
CA ASN P 358 -42.11 -57.62 -1.42
C ASN P 358 -42.06 -56.10 -1.34
N MET P 359 -40.89 -55.53 -1.03
CA MET P 359 -40.76 -54.08 -1.02
C MET P 359 -40.78 -53.56 -2.45
N LYS P 360 -41.70 -52.65 -2.74
CA LYS P 360 -41.87 -52.10 -4.07
C LYS P 360 -41.25 -50.71 -4.15
N PHE P 361 -40.89 -50.31 -5.37
CA PHE P 361 -40.30 -49.01 -5.61
C PHE P 361 -40.75 -48.48 -6.95
N LYS P 362 -41.01 -47.18 -7.00
CA LYS P 362 -41.43 -46.52 -8.24
C LYS P 362 -40.59 -45.26 -8.40
N GLN P 363 -39.99 -45.10 -9.58
CA GLN P 363 -39.19 -43.92 -9.85
C GLN P 363 -40.09 -42.69 -9.92
N LYS P 364 -39.55 -41.56 -9.49
CA LYS P 364 -40.32 -40.33 -9.52
C LYS P 364 -40.64 -39.92 -10.94
N GLN P 365 -41.64 -39.05 -11.08
CA GLN P 365 -42.17 -38.71 -12.40
C GLN P 365 -41.16 -37.92 -13.23
N ARG P 366 -40.45 -36.98 -12.60
CA ARG P 366 -39.61 -36.03 -13.32
C ARG P 366 -38.13 -36.38 -13.25
N GLU P 367 -37.77 -37.57 -12.78
CA GLU P 367 -36.37 -37.97 -12.67
C GLU P 367 -36.29 -39.48 -12.85
N GLU P 368 -35.14 -40.03 -12.48
CA GLU P 368 -34.95 -41.48 -12.42
C GLU P 368 -34.67 -41.95 -10.99
N GLN P 369 -34.77 -41.06 -10.01
CA GLN P 369 -34.60 -41.45 -8.62
C GLN P 369 -35.74 -42.33 -8.18
N ALA P 370 -35.41 -43.47 -7.58
CA ALA P 370 -36.44 -44.39 -7.12
C ALA P 370 -36.93 -43.98 -5.73
N GLU P 371 -38.25 -43.98 -5.57
CA GLU P 371 -38.89 -43.67 -4.31
C GLU P 371 -39.88 -44.78 -3.97
N PRO P 372 -40.18 -44.97 -2.69
CA PRO P 372 -41.06 -46.08 -2.30
C PRO P 372 -42.54 -45.72 -2.41
N ASP P 373 -43.34 -46.76 -2.65
CA ASP P 373 -44.79 -46.62 -2.72
C ASP P 373 -45.48 -47.20 -1.49
N GLY P 374 -45.23 -48.47 -1.17
CA GLY P 374 -45.86 -49.11 -0.04
C GLY P 374 -44.92 -49.33 1.12
N THR P 375 -45.07 -48.53 2.18
CA THR P 375 -44.24 -48.68 3.37
C THR P 375 -44.69 -49.83 4.27
N GLU P 376 -45.74 -50.55 3.88
CA GLU P 376 -46.27 -51.62 4.74
C GLU P 376 -45.24 -52.71 4.96
N VAL P 377 -44.85 -53.39 3.89
CA VAL P 377 -43.81 -54.42 3.99
C VAL P 377 -42.51 -53.83 4.51
N ALA P 378 -42.24 -52.56 4.18
CA ALA P 378 -41.11 -51.87 4.77
C ALA P 378 -41.24 -51.80 6.28
N ASP P 379 -42.42 -51.42 6.76
CA ASP P 379 -42.67 -51.36 8.20
C ASP P 379 -42.43 -52.72 8.84
N LYS P 380 -42.98 -53.77 8.24
CA LYS P 380 -42.83 -55.11 8.80
C LYS P 380 -41.35 -55.50 8.89
N ALA P 381 -40.64 -55.40 7.78
CA ALA P 381 -39.24 -55.82 7.75
C ALA P 381 -38.40 -54.99 8.72
N ALA P 382 -38.70 -53.69 8.82
CA ALA P 382 -37.90 -52.83 9.70
C ALA P 382 -38.17 -53.12 11.16
N TYR P 383 -39.44 -53.25 11.54
CA TYR P 383 -39.76 -53.62 12.91
C TYR P 383 -39.15 -54.97 13.26
N LEU P 384 -39.09 -55.88 12.30
CA LEU P 384 -38.53 -57.20 12.54
C LEU P 384 -37.06 -57.14 12.95
N GLN P 385 -36.41 -55.99 12.85
CA GLN P 385 -35.06 -55.80 13.34
C GLN P 385 -34.93 -54.63 14.31
N ASN P 386 -36.05 -54.00 14.68
CA ASN P 386 -36.07 -52.91 15.66
C ASN P 386 -35.24 -51.71 15.18
N LEU P 387 -35.63 -51.20 14.01
CA LEU P 387 -35.05 -49.98 13.47
C LEU P 387 -36.08 -49.32 12.57
N ASN P 388 -36.05 -47.99 12.52
CA ASN P 388 -37.11 -47.23 11.86
C ASN P 388 -37.26 -47.66 10.41
N SER P 389 -38.49 -47.61 9.92
CA SER P 389 -38.79 -48.03 8.56
C SER P 389 -38.56 -46.90 7.57
N ALA P 390 -39.09 -45.71 7.87
CA ALA P 390 -38.84 -44.55 7.02
C ALA P 390 -37.35 -44.35 6.83
N ASP P 391 -36.58 -44.45 7.92
CA ASP P 391 -35.13 -44.33 7.83
C ASP P 391 -34.55 -45.41 6.94
N LEU P 392 -35.05 -46.64 7.06
CA LEU P 392 -34.52 -47.73 6.26
C LEU P 392 -34.73 -47.47 4.77
N LEU P 393 -35.97 -47.17 4.38
CA LEU P 393 -36.25 -46.95 2.97
C LEU P 393 -35.51 -45.71 2.44
N LYS P 394 -35.35 -44.69 3.29
CA LYS P 394 -34.58 -43.52 2.89
C LYS P 394 -33.13 -43.90 2.61
N ALA P 395 -32.52 -44.69 3.50
CA ALA P 395 -31.15 -45.12 3.30
C ALA P 395 -31.02 -46.07 2.11
N LEU P 396 -32.09 -46.77 1.75
CA LEU P 396 -32.03 -47.58 0.54
C LEU P 396 -32.08 -46.72 -0.72
N CYS P 397 -32.92 -45.69 -0.71
CA CYS P 397 -33.13 -44.88 -1.91
C CYS P 397 -32.36 -43.57 -1.87
N TYR P 398 -31.53 -43.35 -0.86
CA TYR P 398 -30.62 -42.21 -0.85
C TYR P 398 -29.33 -42.55 -0.10
N PRO P 399 -28.56 -43.53 -0.54
CA PRO P 399 -27.30 -43.82 0.13
C PRO P 399 -26.36 -42.63 0.05
N ARG P 400 -25.37 -42.61 0.93
CA ARG P 400 -24.37 -41.57 0.91
C ARG P 400 -23.00 -42.18 1.16
N VAL P 401 -22.00 -41.61 0.51
CA VAL P 401 -20.66 -42.20 0.47
C VAL P 401 -19.65 -41.18 0.98
N LYS P 402 -18.63 -41.68 1.66
CA LYS P 402 -17.59 -40.85 2.25
C LYS P 402 -16.62 -40.43 1.15
N VAL P 403 -16.70 -39.18 0.74
CA VAL P 403 -15.80 -38.62 -0.27
C VAL P 403 -14.92 -37.57 0.40
N GLY P 404 -13.63 -37.63 0.12
CA GLY P 404 -12.68 -36.73 0.76
C GLY P 404 -12.78 -36.80 2.27
N ASN P 405 -13.25 -35.73 2.89
CA ASN P 405 -13.49 -35.67 4.32
C ASN P 405 -14.89 -35.18 4.59
N GLU P 406 -15.82 -35.50 3.71
CA GLU P 406 -17.23 -35.18 3.88
C GLU P 406 -18.05 -36.29 3.24
N TYR P 407 -19.33 -36.04 3.05
CA TYR P 407 -20.24 -37.05 2.53
C TYR P 407 -21.11 -36.46 1.44
N VAL P 408 -21.28 -37.22 0.36
CA VAL P 408 -22.21 -36.87 -0.70
C VAL P 408 -23.23 -37.99 -0.84
N THR P 409 -24.44 -37.63 -1.26
CA THR P 409 -25.54 -38.58 -1.36
C THR P 409 -25.72 -38.99 -2.81
N LYS P 410 -25.30 -40.21 -3.12
CA LYS P 410 -25.44 -40.74 -4.47
C LYS P 410 -26.91 -40.85 -4.86
N GLY P 411 -27.16 -40.97 -6.16
CA GLY P 411 -28.49 -41.23 -6.65
C GLY P 411 -28.73 -42.70 -6.89
N GLN P 412 -29.99 -43.05 -7.11
CA GLN P 412 -30.38 -44.44 -7.30
C GLN P 412 -31.51 -44.54 -8.30
N THR P 413 -31.42 -45.53 -9.18
CA THR P 413 -32.56 -45.92 -10.00
C THR P 413 -33.19 -47.18 -9.41
N VAL P 414 -34.39 -47.50 -9.90
CA VAL P 414 -35.15 -48.62 -9.35
C VAL P 414 -34.33 -49.89 -9.38
N GLN P 415 -33.84 -50.27 -10.56
CA GLN P 415 -33.01 -51.46 -10.70
C GLN P 415 -31.88 -51.47 -9.68
N GLN P 416 -31.25 -50.31 -9.46
CA GLN P 416 -30.18 -50.23 -8.48
C GLN P 416 -30.68 -50.60 -7.09
N VAL P 417 -31.85 -50.09 -6.70
CA VAL P 417 -32.39 -50.38 -5.38
C VAL P 417 -32.72 -51.86 -5.25
N TYR P 418 -33.26 -52.45 -6.31
CA TYR P 418 -33.58 -53.88 -6.27
C TYR P 418 -32.31 -54.71 -6.08
N ASN P 419 -31.26 -54.39 -6.84
CA ASN P 419 -30.00 -55.09 -6.66
C ASN P 419 -29.46 -54.89 -5.25
N ALA P 420 -29.65 -53.69 -4.70
CA ALA P 420 -29.17 -53.41 -3.35
C ALA P 420 -29.88 -54.28 -2.31
N VAL P 421 -31.21 -54.35 -2.38
CA VAL P 421 -31.94 -55.13 -1.39
C VAL P 421 -31.68 -56.63 -1.59
N GLY P 422 -31.49 -57.06 -2.83
CA GLY P 422 -31.11 -58.44 -3.06
C GLY P 422 -29.79 -58.78 -2.40
N ALA P 423 -28.77 -57.95 -2.65
CA ALA P 423 -27.48 -58.17 -2.01
C ALA P 423 -27.59 -58.10 -0.49
N LEU P 424 -28.48 -57.26 0.03
CA LEU P 424 -28.65 -57.14 1.47
C LEU P 424 -29.17 -58.44 2.06
N ALA P 425 -30.27 -58.96 1.49
CA ALA P 425 -30.81 -60.23 1.98
C ALA P 425 -29.77 -61.34 1.85
N LYS P 426 -29.09 -61.41 0.71
CA LYS P 426 -28.07 -62.44 0.53
C LYS P 426 -27.00 -62.35 1.60
N ALA P 427 -26.52 -61.14 1.87
CA ALA P 427 -25.43 -60.97 2.82
C ALA P 427 -25.88 -61.31 4.24
N VAL P 428 -27.07 -60.86 4.63
CA VAL P 428 -27.51 -61.14 5.99
C VAL P 428 -27.75 -62.64 6.18
N TYR P 429 -28.25 -63.32 5.15
CA TYR P 429 -28.44 -64.76 5.27
C TYR P 429 -27.12 -65.51 5.34
N GLU P 430 -26.14 -65.10 4.53
CA GLU P 430 -24.83 -65.73 4.59
C GLU P 430 -24.18 -65.52 5.96
N LYS P 431 -24.32 -64.30 6.51
CA LYS P 431 -23.78 -64.03 7.83
C LYS P 431 -24.48 -64.87 8.89
N MET P 432 -25.80 -65.02 8.77
CA MET P 432 -26.52 -65.93 9.66
C MET P 432 -25.92 -67.32 9.62
N PHE P 433 -25.70 -67.84 8.42
CA PHE P 433 -25.13 -69.19 8.29
C PHE P 433 -23.77 -69.30 8.96
N LEU P 434 -22.88 -68.36 8.67
CA LEU P 434 -21.52 -68.49 9.19
C LEU P 434 -21.48 -68.26 10.70
N TRP P 435 -22.39 -67.47 11.25
CA TRP P 435 -22.42 -67.32 12.70
C TRP P 435 -23.07 -68.53 13.36
N MET P 436 -24.02 -69.17 12.70
CA MET P 436 -24.48 -70.49 13.14
C MET P 436 -23.30 -71.43 13.30
N VAL P 437 -22.47 -71.53 12.26
CA VAL P 437 -21.32 -72.42 12.31
C VAL P 437 -20.37 -71.98 13.41
N THR P 438 -20.22 -70.67 13.61
CA THR P 438 -19.42 -70.15 14.70
C THR P 438 -19.89 -70.71 16.04
N ARG P 439 -21.18 -70.53 16.34
CA ARG P 439 -21.73 -71.01 17.60
C ARG P 439 -21.56 -72.52 17.73
N ILE P 440 -21.80 -73.26 16.64
CA ILE P 440 -21.70 -74.72 16.69
C ILE P 440 -20.29 -75.14 17.06
N ASN P 441 -19.31 -74.74 16.27
CA ASN P 441 -17.93 -75.06 16.58
C ASN P 441 -17.46 -74.41 17.87
N GLN P 442 -18.23 -73.47 18.43
CA GLN P 442 -17.92 -72.87 19.71
C GLN P 442 -18.41 -73.71 20.88
N GLN P 443 -19.51 -74.45 20.70
CA GLN P 443 -20.03 -75.30 21.76
C GLN P 443 -19.51 -76.73 21.68
N LEU P 444 -18.99 -77.17 20.53
CA LEU P 444 -18.58 -78.54 20.31
C LEU P 444 -17.08 -78.78 20.43
N ASP P 445 -16.34 -77.85 21.01
CA ASP P 445 -14.89 -77.99 21.07
C ASP P 445 -14.44 -78.52 22.43
N THR P 446 -13.43 -79.38 22.39
CA THR P 446 -12.80 -79.91 23.60
C THR P 446 -11.49 -79.16 23.85
N LYS P 447 -11.21 -78.90 25.13
CA LYS P 447 -10.17 -77.97 25.53
C LYS P 447 -8.78 -78.57 25.59
N GLN P 448 -8.57 -79.76 25.05
CA GLN P 448 -7.24 -80.34 25.05
C GLN P 448 -6.32 -79.50 24.16
N PRO P 449 -5.03 -79.36 24.52
CA PRO P 449 -4.08 -78.71 23.61
C PRO P 449 -4.00 -79.48 22.31
N ARG P 450 -4.25 -78.78 21.20
CA ARG P 450 -4.42 -79.42 19.91
C ARG P 450 -3.22 -79.19 19.00
N GLN P 451 -3.09 -80.08 18.03
CA GLN P 451 -2.06 -79.97 16.99
C GLN P 451 -2.61 -80.61 15.73
N TYR P 452 -1.71 -81.03 14.84
CA TYR P 452 -2.03 -81.53 13.51
C TYR P 452 -3.30 -82.36 13.48
N PHE P 453 -4.18 -82.05 12.52
CA PHE P 453 -5.54 -82.53 12.45
C PHE P 453 -5.72 -83.45 11.24
N ILE P 454 -6.97 -83.84 11.00
CA ILE P 454 -7.37 -84.57 9.81
C ILE P 454 -8.32 -83.70 9.01
N GLY P 455 -8.30 -83.89 7.69
CA GLY P 455 -9.22 -83.18 6.83
C GLY P 455 -10.34 -84.03 6.27
N VAL P 456 -11.54 -83.89 6.81
CA VAL P 456 -12.73 -84.54 6.28
C VAL P 456 -13.49 -83.49 5.50
N LEU P 457 -13.60 -83.67 4.18
CA LEU P 457 -14.19 -82.66 3.31
C LEU P 457 -15.05 -83.32 2.26
N ASP P 458 -16.35 -83.05 2.31
CA ASP P 458 -17.26 -83.34 1.22
C ASP P 458 -17.48 -82.08 0.40
N ILE P 459 -18.00 -82.25 -0.82
CA ILE P 459 -18.19 -81.14 -1.74
C ILE P 459 -19.18 -81.59 -2.81
N ALA P 460 -19.81 -80.63 -3.47
CA ALA P 460 -20.59 -80.95 -4.65
C ALA P 460 -19.65 -81.39 -5.77
N GLY P 461 -20.02 -82.46 -6.45
CA GLY P 461 -19.14 -83.08 -7.44
C GLY P 461 -19.06 -82.31 -8.74
N PHE P 462 -18.87 -83.03 -9.83
CA PHE P 462 -18.84 -82.46 -11.17
C PHE P 462 -20.20 -82.65 -11.83
N GLU P 463 -21.20 -81.96 -11.27
CA GLU P 463 -22.57 -82.13 -11.72
C GLU P 463 -22.78 -81.33 -13.00
N ILE P 464 -23.00 -82.03 -14.11
CA ILE P 464 -23.35 -81.41 -15.37
C ILE P 464 -24.75 -81.85 -15.74
N PHE P 465 -25.52 -80.94 -16.31
CA PHE P 465 -26.93 -81.16 -16.60
C PHE P 465 -27.15 -80.91 -18.09
N ASP P 466 -28.43 -80.88 -18.48
CA ASP P 466 -28.76 -80.48 -19.84
C ASP P 466 -28.65 -78.97 -20.02
N PHE P 467 -29.21 -78.21 -19.07
CA PHE P 467 -29.28 -76.76 -19.15
C PHE P 467 -28.48 -76.18 -17.98
N ASN P 468 -27.25 -75.77 -18.26
CA ASN P 468 -26.37 -75.27 -17.22
C ASN P 468 -26.67 -73.79 -16.93
N SER P 469 -25.93 -73.24 -15.98
CA SER P 469 -26.11 -71.87 -15.56
C SER P 469 -24.85 -71.42 -14.81
N LEU P 470 -24.94 -70.28 -14.13
CA LEU P 470 -23.80 -69.73 -13.42
C LEU P 470 -23.29 -70.71 -12.36
N GLU P 471 -24.14 -71.04 -11.38
CA GLU P 471 -23.71 -71.85 -10.25
C GLU P 471 -23.15 -73.18 -10.70
N GLN P 472 -23.71 -73.76 -11.76
CA GLN P 472 -23.15 -74.98 -12.32
C GLN P 472 -21.70 -74.75 -12.77
N LEU P 473 -21.45 -73.64 -13.44
CA LEU P 473 -20.10 -73.34 -13.88
C LEU P 473 -19.17 -73.10 -12.69
N CYS P 474 -19.69 -72.48 -11.62
CA CYS P 474 -18.87 -72.26 -10.44
C CYS P 474 -18.47 -73.59 -9.81
N ILE P 475 -19.42 -74.52 -9.69
CA ILE P 475 -19.11 -75.83 -9.12
C ILE P 475 -18.12 -76.58 -10.00
N ASN P 476 -18.34 -76.55 -11.32
CA ASN P 476 -17.42 -77.19 -12.24
C ASN P 476 -16.03 -76.59 -12.12
N PHE P 477 -15.93 -75.28 -11.91
CA PHE P 477 -14.63 -74.66 -11.73
C PHE P 477 -13.98 -75.11 -10.43
N THR P 478 -14.75 -75.19 -9.35
CA THR P 478 -14.22 -75.64 -8.07
C THR P 478 -13.60 -77.03 -8.21
N ASN P 479 -14.39 -77.99 -8.68
CA ASN P 479 -13.86 -79.35 -8.76
C ASN P 479 -12.85 -79.49 -9.89
N GLU P 480 -12.84 -78.58 -10.86
CA GLU P 480 -11.74 -78.52 -11.82
C GLU P 480 -10.44 -78.19 -11.12
N LYS P 481 -10.45 -77.16 -10.27
CA LYS P 481 -9.27 -76.82 -9.49
C LYS P 481 -8.85 -77.99 -8.60
N LEU P 482 -9.83 -78.64 -7.96
CA LEU P 482 -9.51 -79.81 -7.13
C LEU P 482 -8.83 -80.90 -7.95
N GLN P 483 -9.38 -81.20 -9.13
CA GLN P 483 -8.83 -82.28 -9.94
C GLN P 483 -7.42 -81.94 -10.40
N GLN P 484 -7.19 -80.70 -10.81
CA GLN P 484 -5.83 -80.30 -11.17
C GLN P 484 -4.88 -80.42 -9.98
N PHE P 485 -5.36 -80.02 -8.81
CA PHE P 485 -4.55 -80.12 -7.60
C PHE P 485 -4.10 -81.56 -7.34
N PHE P 486 -5.05 -82.48 -7.23
CA PHE P 486 -4.59 -83.83 -6.89
C PHE P 486 -3.98 -84.55 -8.09
N ASN P 487 -4.24 -84.10 -9.31
CA ASN P 487 -3.46 -84.58 -10.44
C ASN P 487 -1.99 -84.25 -10.24
N HIS P 488 -1.69 -83.00 -9.90
CA HIS P 488 -0.31 -82.64 -9.59
C HIS P 488 0.21 -83.40 -8.38
N HIS P 489 -0.66 -83.73 -7.43
CA HIS P 489 -0.21 -84.44 -6.24
C HIS P 489 0.17 -85.89 -6.55
N MET P 490 -0.68 -86.59 -7.29
CA MET P 490 -0.30 -87.92 -7.75
C MET P 490 0.93 -87.85 -8.64
N PHE P 491 1.09 -86.77 -9.40
CA PHE P 491 2.31 -86.56 -10.17
C PHE P 491 3.54 -86.56 -9.27
N VAL P 492 3.55 -85.67 -8.27
CA VAL P 492 4.74 -85.57 -7.43
C VAL P 492 4.99 -86.89 -6.73
N LEU P 493 3.96 -87.49 -6.15
CA LEU P 493 4.16 -88.78 -5.49
C LEU P 493 4.78 -89.81 -6.43
N GLU P 494 4.06 -90.16 -7.49
CA GLU P 494 4.52 -91.19 -8.43
C GLU P 494 5.92 -90.89 -8.97
N GLN P 495 6.09 -89.73 -9.61
CA GLN P 495 7.33 -89.46 -10.34
C GLN P 495 8.50 -89.24 -9.39
N GLU P 496 8.33 -88.39 -8.36
CA GLU P 496 9.39 -88.18 -7.39
C GLU P 496 9.72 -89.44 -6.62
N GLU P 497 8.80 -90.41 -6.55
CA GLU P 497 9.18 -91.73 -6.08
C GLU P 497 10.08 -92.41 -7.09
N TYR P 498 9.58 -92.62 -8.31
CA TYR P 498 10.31 -93.37 -9.32
C TYR P 498 11.64 -92.72 -9.69
N LYS P 499 11.92 -91.52 -9.20
CA LYS P 499 13.27 -90.97 -9.33
C LYS P 499 14.32 -91.95 -8.83
N LYS P 500 14.07 -92.56 -7.67
CA LYS P 500 15.03 -93.53 -7.12
C LYS P 500 15.23 -94.74 -8.02
N GLU P 501 14.31 -94.99 -8.94
CA GLU P 501 14.34 -96.20 -9.75
C GLU P 501 15.37 -96.13 -10.88
N GLY P 502 16.19 -95.09 -10.94
CA GLY P 502 17.19 -94.98 -11.98
C GLY P 502 16.62 -94.79 -13.37
N ILE P 503 15.30 -94.86 -13.49
CA ILE P 503 14.62 -94.66 -14.77
C ILE P 503 13.49 -93.67 -14.55
N GLU P 504 13.40 -92.68 -15.43
CA GLU P 504 12.39 -91.64 -15.34
C GLU P 504 11.59 -91.61 -16.64
N TRP P 505 10.29 -91.39 -16.51
CA TRP P 505 9.40 -91.32 -17.66
C TRP P 505 8.29 -90.33 -17.35
N GLU P 506 7.71 -89.76 -18.41
CA GLU P 506 6.67 -88.75 -18.30
C GLU P 506 7.14 -87.57 -17.44
N PHE P 507 8.14 -86.86 -17.97
CA PHE P 507 8.80 -85.82 -17.20
C PHE P 507 7.89 -84.64 -16.89
N ILE P 508 6.87 -84.40 -17.73
CA ILE P 508 6.05 -83.22 -17.57
C ILE P 508 5.19 -83.33 -16.32
N ASP P 509 4.86 -82.19 -15.73
CA ASP P 509 3.93 -82.18 -14.60
C ASP P 509 2.55 -82.64 -15.07
N PHE P 510 1.79 -83.20 -14.14
CA PHE P 510 0.45 -83.68 -14.45
C PHE P 510 -0.61 -82.63 -14.17
N GLY P 511 -0.25 -81.48 -13.61
CA GLY P 511 -1.22 -80.42 -13.41
C GLY P 511 -1.45 -79.58 -14.64
N MET P 512 -0.43 -79.39 -15.47
CA MET P 512 -0.51 -78.49 -16.61
C MET P 512 -1.47 -78.98 -17.70
N ASP P 513 -2.00 -80.19 -17.60
CA ASP P 513 -2.98 -80.67 -18.57
C ASP P 513 -4.39 -80.20 -18.26
N LEU P 514 -4.55 -79.36 -17.24
CA LEU P 514 -5.82 -78.70 -16.93
C LEU P 514 -5.68 -77.18 -16.88
N ALA P 515 -4.45 -76.67 -16.85
CA ALA P 515 -4.25 -75.22 -16.89
C ALA P 515 -4.94 -74.60 -18.10
N ALA P 516 -5.03 -75.33 -19.20
CA ALA P 516 -5.74 -74.82 -20.36
C ALA P 516 -7.20 -74.51 -20.05
N CYS P 517 -7.86 -75.40 -19.31
CA CYS P 517 -9.25 -75.17 -18.93
C CYS P 517 -9.38 -74.19 -17.78
N ILE P 518 -8.34 -74.03 -16.96
CA ILE P 518 -8.43 -73.13 -15.81
C ILE P 518 -8.20 -71.68 -16.24
N GLU P 519 -7.18 -71.44 -17.06
CA GLU P 519 -6.88 -70.09 -17.53
C GLU P 519 -8.06 -69.50 -18.28
N LEU P 520 -8.81 -70.33 -19.00
CA LEU P 520 -9.99 -69.85 -19.71
C LEU P 520 -11.05 -69.29 -18.78
N ILE P 521 -10.94 -69.57 -17.49
CA ILE P 521 -11.98 -69.15 -16.55
C ILE P 521 -11.48 -68.17 -15.50
N GLU P 522 -10.20 -68.16 -15.15
CA GLU P 522 -9.77 -67.30 -14.05
C GLU P 522 -8.73 -66.24 -14.43
N LYS P 523 -8.00 -66.40 -15.52
CA LYS P 523 -7.01 -65.41 -15.88
C LYS P 523 -7.67 -64.11 -16.31
N PRO P 524 -6.90 -63.02 -16.36
CA PRO P 524 -7.46 -61.78 -16.93
C PRO P 524 -7.91 -62.00 -18.36
N MET P 525 -9.00 -61.31 -18.72
CA MET P 525 -9.76 -61.53 -19.94
C MET P 525 -10.44 -62.90 -19.95
N GLY P 526 -10.40 -63.62 -18.84
CA GLY P 526 -11.13 -64.87 -18.72
C GLY P 526 -12.63 -64.62 -18.61
N ILE P 527 -13.36 -65.73 -18.52
CA ILE P 527 -14.82 -65.65 -18.51
C ILE P 527 -15.31 -64.85 -17.30
N PHE P 528 -14.75 -65.12 -16.13
CA PHE P 528 -15.18 -64.40 -14.93
C PHE P 528 -14.82 -62.92 -15.03
N SER P 529 -13.62 -62.61 -15.51
CA SER P 529 -13.24 -61.22 -15.67
C SER P 529 -14.17 -60.51 -16.65
N ILE P 530 -14.54 -61.18 -17.74
CA ILE P 530 -15.42 -60.56 -18.73
C ILE P 530 -16.79 -60.33 -18.13
N LEU P 531 -17.29 -61.29 -17.35
CA LEU P 531 -18.56 -61.10 -16.66
C LEU P 531 -18.48 -59.91 -15.71
N GLU P 532 -17.33 -59.72 -15.05
CA GLU P 532 -17.15 -58.55 -14.21
C GLU P 532 -17.23 -57.27 -15.03
N GLU P 533 -16.50 -57.23 -16.15
CA GLU P 533 -16.56 -56.08 -17.04
C GLU P 533 -18.01 -55.74 -17.39
N GLU P 534 -18.76 -56.74 -17.85
CA GLU P 534 -20.13 -56.48 -18.23
C GLU P 534 -21.01 -56.12 -17.04
N CYS P 535 -20.63 -56.52 -15.84
CA CYS P 535 -21.31 -56.03 -14.66
C CYS P 535 -20.91 -54.60 -14.30
N MET P 536 -19.84 -54.09 -14.89
CA MET P 536 -19.45 -52.69 -14.71
C MET P 536 -19.91 -51.80 -15.85
N PHE P 537 -19.89 -52.29 -17.08
CA PHE P 537 -20.15 -51.45 -18.24
C PHE P 537 -21.55 -50.85 -18.17
N PRO P 538 -21.73 -49.60 -18.59
CA PRO P 538 -22.98 -48.88 -18.35
C PRO P 538 -24.26 -49.56 -18.82
N LYS P 539 -24.36 -49.90 -20.10
CA LYS P 539 -25.60 -50.44 -20.61
C LYS P 539 -25.40 -51.84 -21.18
N ALA P 540 -24.69 -52.68 -20.45
CA ALA P 540 -24.42 -54.03 -20.92
C ALA P 540 -25.71 -54.82 -21.06
N THR P 541 -25.64 -55.88 -21.86
CA THR P 541 -26.79 -56.74 -22.10
C THR P 541 -26.29 -58.13 -22.45
N ASP P 542 -27.19 -59.11 -22.34
CA ASP P 542 -26.81 -60.50 -22.56
C ASP P 542 -26.19 -60.69 -23.94
N THR P 543 -26.72 -60.01 -24.96
CA THR P 543 -26.16 -60.14 -26.29
C THR P 543 -24.76 -59.55 -26.36
N SER P 544 -24.55 -58.40 -25.73
CA SER P 544 -23.22 -57.80 -25.68
C SER P 544 -22.25 -58.70 -24.95
N PHE P 545 -22.71 -59.33 -23.86
CA PHE P 545 -21.86 -60.26 -23.13
C PHE P 545 -21.46 -61.43 -24.02
N LYS P 546 -22.44 -62.04 -24.70
CA LYS P 546 -22.16 -63.16 -25.59
C LYS P 546 -21.15 -62.76 -26.66
N ASN P 547 -21.36 -61.60 -27.27
CA ASN P 547 -20.42 -61.11 -28.28
C ASN P 547 -19.03 -60.98 -27.69
N LYS P 548 -18.87 -60.11 -26.70
CA LYS P 548 -17.59 -59.89 -26.04
C LYS P 548 -16.89 -61.21 -25.74
N LEU P 549 -17.63 -62.18 -25.21
CA LEU P 549 -17.08 -63.51 -24.97
C LEU P 549 -16.50 -64.11 -26.24
N TYR P 550 -17.32 -64.17 -27.30
CA TYR P 550 -16.89 -64.78 -28.55
C TYR P 550 -15.65 -64.07 -29.11
N GLU P 551 -15.76 -62.76 -29.29
CA GLU P 551 -14.67 -61.97 -29.86
C GLU P 551 -13.39 -62.07 -29.04
N GLN P 552 -13.52 -62.27 -27.72
CA GLN P 552 -12.33 -62.43 -26.90
C GLN P 552 -11.78 -63.85 -26.93
N HIS P 553 -12.61 -64.83 -27.24
CA HIS P 553 -12.10 -66.19 -27.08
C HIS P 553 -12.24 -67.07 -28.30
N LEU P 554 -13.33 -66.92 -29.07
CA LEU P 554 -13.63 -67.88 -30.13
C LEU P 554 -12.52 -67.93 -31.17
N GLY P 555 -12.13 -69.15 -31.53
CA GLY P 555 -11.06 -69.34 -32.49
C GLY P 555 -9.68 -69.17 -31.86
N LYS P 556 -9.54 -68.16 -31.02
CA LYS P 556 -8.27 -67.85 -30.38
C LYS P 556 -7.94 -68.79 -29.23
N SER P 557 -8.69 -69.88 -29.07
CA SER P 557 -8.40 -70.88 -28.06
C SER P 557 -8.99 -72.21 -28.54
N ASN P 558 -8.72 -73.26 -27.77
CA ASN P 558 -9.17 -74.61 -28.13
C ASN P 558 -10.23 -75.15 -27.18
N ASN P 559 -10.04 -75.01 -25.87
CA ASN P 559 -11.05 -75.44 -24.91
C ASN P 559 -12.38 -74.76 -25.17
N PHE P 560 -12.38 -73.43 -25.15
CA PHE P 560 -13.57 -72.68 -25.53
C PHE P 560 -13.91 -72.98 -26.98
N GLN P 561 -15.19 -73.24 -27.24
CA GLN P 561 -15.61 -73.53 -28.61
C GLN P 561 -17.12 -73.29 -28.72
N LYS P 562 -17.58 -73.26 -29.95
CA LYS P 562 -18.97 -72.94 -30.24
C LYS P 562 -19.88 -74.08 -29.80
N PRO P 563 -21.03 -73.79 -29.22
CA PRO P 563 -22.01 -74.85 -28.93
C PRO P 563 -22.59 -75.42 -30.21
N LYS P 564 -23.20 -76.60 -30.08
CA LYS P 564 -23.79 -77.29 -31.21
C LYS P 564 -25.30 -77.29 -31.06
N PRO P 565 -26.03 -76.62 -31.96
CA PRO P 565 -27.51 -76.65 -31.91
C PRO P 565 -28.03 -78.01 -32.37
N ALA P 566 -28.61 -78.76 -31.44
CA ALA P 566 -29.13 -80.09 -31.71
C ALA P 566 -29.99 -80.50 -30.51
N LYS P 567 -30.40 -81.77 -30.50
CA LYS P 567 -30.96 -82.48 -29.34
C LYS P 567 -32.19 -81.80 -28.74
N GLY P 568 -32.79 -80.84 -29.44
CA GLY P 568 -33.99 -80.20 -28.95
C GLY P 568 -33.80 -79.38 -27.69
N LYS P 569 -32.56 -79.20 -27.26
CA LYS P 569 -32.28 -78.36 -26.10
C LYS P 569 -32.56 -76.91 -26.43
N VAL P 570 -32.92 -76.14 -25.40
CA VAL P 570 -33.45 -74.79 -25.62
C VAL P 570 -32.37 -73.88 -26.18
N GLU P 571 -31.30 -73.63 -25.42
CA GLU P 571 -30.31 -72.62 -25.81
C GLU P 571 -28.98 -72.94 -25.14
N ALA P 572 -27.98 -73.25 -25.95
CA ALA P 572 -26.60 -73.23 -25.53
C ALA P 572 -25.92 -72.02 -26.13
N HIS P 573 -24.91 -71.50 -25.43
CA HIS P 573 -24.31 -70.24 -25.87
C HIS P 573 -22.81 -70.35 -26.03
N PHE P 574 -22.15 -71.15 -25.19
CA PHE P 574 -20.73 -71.42 -25.37
C PHE P 574 -20.39 -72.71 -24.67
N SER P 575 -19.55 -73.51 -25.31
CA SER P 575 -19.24 -74.86 -24.86
C SER P 575 -17.80 -74.93 -24.39
N LEU P 576 -17.61 -75.40 -23.17
CA LEU P 576 -16.29 -75.60 -22.58
C LEU P 576 -16.01 -77.09 -22.41
N VAL P 577 -14.74 -77.43 -22.47
CA VAL P 577 -14.32 -78.79 -22.16
C VAL P 577 -13.66 -78.79 -20.79
N HIS P 578 -13.71 -79.93 -20.12
CA HIS P 578 -13.07 -80.09 -18.83
C HIS P 578 -12.37 -81.44 -18.76
N TYR P 579 -11.86 -81.80 -17.58
CA TYR P 579 -11.41 -83.16 -17.38
C TYR P 579 -12.57 -84.15 -17.40
N ALA P 580 -13.79 -83.67 -17.17
CA ALA P 580 -14.98 -84.51 -17.24
C ALA P 580 -15.73 -84.35 -18.55
N GLY P 581 -15.01 -84.06 -19.64
CA GLY P 581 -15.64 -83.91 -20.93
C GLY P 581 -16.02 -82.47 -21.25
N THR P 582 -16.80 -82.34 -22.32
CA THR P 582 -17.28 -81.04 -22.75
C THR P 582 -18.64 -80.73 -22.13
N VAL P 583 -18.94 -79.43 -22.07
CA VAL P 583 -20.21 -78.97 -21.52
C VAL P 583 -20.46 -77.56 -22.05
N ASP P 584 -21.71 -77.31 -22.45
CA ASP P 584 -22.11 -76.01 -22.94
C ASP P 584 -23.07 -75.35 -21.95
N TYR P 585 -22.92 -74.05 -21.77
CA TYR P 585 -23.67 -73.31 -20.76
C TYR P 585 -24.60 -72.32 -21.43
N ASN P 586 -25.62 -71.92 -20.68
CA ASN P 586 -26.58 -70.91 -21.11
C ASN P 586 -26.28 -69.61 -20.38
N ILE P 587 -26.34 -68.50 -21.12
CA ILE P 587 -25.81 -67.24 -20.62
C ILE P 587 -26.92 -66.29 -20.16
N ALA P 588 -28.17 -66.52 -20.56
CA ALA P 588 -29.27 -65.62 -20.23
C ALA P 588 -29.45 -65.47 -18.74
N GLY P 589 -29.20 -64.27 -18.21
CA GLY P 589 -29.44 -63.96 -16.82
C GLY P 589 -28.20 -63.84 -15.97
N TRP P 590 -27.02 -64.19 -16.50
CA TRP P 590 -25.80 -64.15 -15.71
C TRP P 590 -25.48 -62.74 -15.23
N LEU P 591 -25.93 -61.73 -15.97
CA LEU P 591 -25.56 -60.35 -15.63
C LEU P 591 -26.25 -59.88 -14.37
N ASP P 592 -27.58 -59.83 -14.39
CA ASP P 592 -28.31 -59.37 -13.22
C ASP P 592 -28.33 -60.39 -12.09
N LYS P 593 -27.76 -61.57 -12.30
CA LYS P 593 -27.63 -62.55 -11.22
C LYS P 593 -26.31 -62.42 -10.48
N ASN P 594 -25.33 -61.73 -11.06
CA ASN P 594 -24.00 -61.64 -10.47
C ASN P 594 -23.73 -60.31 -9.79
N LYS P 595 -24.44 -59.25 -10.17
CA LYS P 595 -24.24 -57.94 -9.56
C LYS P 595 -24.94 -57.89 -8.22
N ASP P 596 -24.22 -57.42 -7.20
CA ASP P 596 -24.76 -57.34 -5.83
C ASP P 596 -24.12 -56.17 -5.12
N PRO P 597 -24.51 -54.95 -5.48
CA PRO P 597 -23.92 -53.77 -4.84
C PRO P 597 -24.40 -53.62 -3.41
N LEU P 598 -23.51 -53.91 -2.47
CA LEU P 598 -23.87 -53.85 -1.06
C LEU P 598 -23.95 -52.39 -0.62
N ASN P 599 -25.12 -51.98 -0.13
CA ASN P 599 -25.25 -50.65 0.42
C ASN P 599 -24.46 -50.56 1.73
N GLU P 600 -24.17 -49.33 2.14
CA GLU P 600 -23.34 -49.08 3.32
C GLU P 600 -24.09 -48.42 4.46
N THR P 601 -24.89 -47.39 4.19
CA THR P 601 -25.64 -46.75 5.25
C THR P 601 -26.59 -47.72 5.93
N VAL P 602 -27.16 -48.65 5.17
CA VAL P 602 -28.03 -49.65 5.77
C VAL P 602 -27.23 -50.63 6.62
N VAL P 603 -25.98 -50.90 6.23
CA VAL P 603 -25.13 -51.73 7.07
C VAL P 603 -24.82 -51.02 8.38
N GLY P 604 -24.65 -49.70 8.32
CA GLY P 604 -24.52 -48.94 9.55
C GLY P 604 -25.77 -49.03 10.40
N LEU P 605 -26.94 -48.92 9.78
CA LEU P 605 -28.20 -49.15 10.48
C LEU P 605 -28.18 -50.47 11.21
N TYR P 606 -27.79 -51.53 10.51
CA TYR P 606 -27.72 -52.86 11.12
C TYR P 606 -26.77 -52.86 12.31
N GLN P 607 -25.59 -52.26 12.14
CA GLN P 607 -24.62 -52.22 13.24
C GLN P 607 -25.16 -51.46 14.44
N LYS P 608 -26.07 -50.51 14.23
CA LYS P 608 -26.62 -49.72 15.31
C LYS P 608 -27.99 -50.22 15.76
N SER P 609 -28.38 -51.43 15.36
CA SER P 609 -29.66 -51.98 15.75
C SER P 609 -29.63 -52.40 17.22
N SER P 610 -30.69 -53.06 17.66
CA SER P 610 -30.79 -53.54 19.04
C SER P 610 -30.77 -55.06 19.14
N MET P 611 -31.07 -55.78 18.07
CA MET P 611 -31.04 -57.23 18.10
C MET P 611 -29.59 -57.71 17.95
N LYS P 612 -29.42 -59.00 17.68
CA LYS P 612 -28.12 -59.56 17.39
C LYS P 612 -27.83 -59.63 15.90
N THR P 613 -28.59 -58.90 15.08
CA THR P 613 -28.20 -58.73 13.68
C THR P 613 -26.86 -58.03 13.59
N LEU P 614 -26.60 -57.07 14.49
CA LEU P 614 -25.31 -56.40 14.51
C LEU P 614 -24.18 -57.32 14.92
N ALA P 615 -24.49 -58.44 15.60
CA ALA P 615 -23.44 -59.38 15.94
C ALA P 615 -22.73 -59.91 14.70
N TYR P 616 -23.47 -60.09 13.61
CA TYR P 616 -22.83 -60.42 12.34
C TYR P 616 -22.11 -59.22 11.77
N LEU P 617 -22.87 -58.17 11.47
CA LEU P 617 -22.33 -56.93 10.92
C LEU P 617 -21.69 -56.13 12.05
N PHE P 618 -20.51 -56.59 12.45
CA PHE P 618 -19.90 -56.09 13.68
C PHE P 618 -19.50 -54.63 13.54
N SER P 619 -18.89 -54.26 12.42
CA SER P 619 -18.43 -52.90 12.20
C SER P 619 -18.31 -52.59 10.71
N LYS P 636 -7.41 -53.54 2.80
CA LYS P 636 -7.69 -52.12 2.68
C LYS P 636 -8.22 -51.79 1.29
N GLY P 637 -8.49 -50.50 1.04
CA GLY P 637 -8.99 -50.10 -0.27
C GLY P 637 -8.10 -50.53 -1.42
N ALA P 638 -6.82 -50.78 -1.14
CA ALA P 638 -5.94 -51.36 -2.15
C ALA P 638 -6.34 -52.81 -2.41
N LYS P 639 -6.71 -53.08 -3.67
CA LYS P 639 -7.12 -54.39 -4.19
C LYS P 639 -8.49 -54.83 -3.69
N LYS P 640 -9.18 -54.03 -2.87
CA LYS P 640 -10.52 -54.34 -2.41
C LYS P 640 -11.49 -53.37 -3.06
N LYS P 641 -12.27 -53.86 -4.01
CA LYS P 641 -13.19 -53.01 -4.75
C LYS P 641 -14.20 -52.35 -3.83
N GLY P 642 -14.77 -51.25 -4.31
CA GLY P 642 -15.77 -50.54 -3.54
C GLY P 642 -17.09 -51.28 -3.50
N SER P 643 -17.97 -50.78 -2.64
CA SER P 643 -19.28 -51.39 -2.48
C SER P 643 -20.04 -51.44 -3.79
N SER P 644 -19.91 -50.42 -4.62
CA SER P 644 -20.59 -50.39 -5.91
C SER P 644 -19.94 -51.29 -6.94
N PHE P 645 -18.86 -51.99 -6.60
CA PHE P 645 -18.20 -52.90 -7.51
C PHE P 645 -18.27 -54.34 -7.06
N GLN P 646 -19.10 -54.64 -6.07
CA GLN P 646 -19.20 -56.01 -5.57
C GLN P 646 -19.78 -56.93 -6.65
N THR P 647 -19.35 -58.18 -6.61
CA THR P 647 -19.82 -59.19 -7.55
C THR P 647 -19.59 -60.56 -6.93
N VAL P 648 -20.51 -61.48 -7.19
CA VAL P 648 -20.48 -62.79 -6.55
C VAL P 648 -19.22 -63.56 -6.96
N SER P 649 -18.96 -63.62 -8.26
CA SER P 649 -17.81 -64.35 -8.77
C SER P 649 -16.52 -63.96 -8.08
N ALA P 650 -16.39 -62.70 -7.66
CA ALA P 650 -15.18 -62.27 -6.96
C ALA P 650 -15.06 -62.97 -5.61
N LEU P 651 -16.12 -62.94 -4.82
CA LEU P 651 -16.09 -63.61 -3.53
C LEU P 651 -15.86 -65.11 -3.69
N PHE P 652 -16.41 -65.69 -4.76
CA PHE P 652 -16.13 -67.09 -5.05
C PHE P 652 -14.63 -67.25 -5.24
N ARG P 653 -14.08 -66.66 -6.31
CA ARG P 653 -12.67 -66.82 -6.61
C ARG P 653 -11.77 -66.44 -5.44
N GLU P 654 -12.29 -65.71 -4.46
CA GLU P 654 -11.51 -65.41 -3.26
C GLU P 654 -11.50 -66.59 -2.30
N ASN P 655 -12.68 -67.00 -1.82
CA ASN P 655 -12.68 -68.06 -0.82
C ASN P 655 -12.32 -69.41 -1.42
N LEU P 656 -12.58 -69.59 -2.72
CA LEU P 656 -12.07 -70.76 -3.43
C LEU P 656 -10.55 -70.85 -3.29
N ASN P 657 -9.86 -69.73 -3.46
CA ASN P 657 -8.41 -69.76 -3.27
C ASN P 657 -8.04 -69.93 -1.81
N LYS P 658 -8.86 -69.40 -0.90
CA LYS P 658 -8.64 -69.68 0.52
C LYS P 658 -8.57 -71.17 0.78
N LEU P 659 -9.57 -71.91 0.30
CA LEU P 659 -9.50 -73.37 0.34
C LEU P 659 -8.25 -73.87 -0.37
N MET P 660 -8.15 -73.59 -1.67
CA MET P 660 -7.12 -74.19 -2.49
C MET P 660 -5.72 -73.77 -2.08
N THR P 661 -5.58 -73.03 -0.98
CA THR P 661 -4.29 -72.94 -0.32
C THR P 661 -4.26 -73.67 1.03
N ASN P 662 -5.26 -73.47 1.90
CA ASN P 662 -5.18 -74.14 3.19
C ASN P 662 -5.28 -75.66 3.03
N LEU P 663 -5.80 -76.12 1.90
CA LEU P 663 -5.78 -77.54 1.56
C LEU P 663 -4.47 -77.94 0.92
N ARG P 664 -3.82 -77.04 0.17
CA ARG P 664 -2.45 -77.28 -0.26
C ARG P 664 -1.52 -77.47 0.92
N SER P 665 -1.88 -76.95 2.09
CA SER P 665 -1.07 -77.13 3.28
C SER P 665 -1.43 -78.40 4.07
N THR P 666 -1.89 -79.45 3.38
CA THR P 666 -2.39 -80.63 4.07
C THR P 666 -2.34 -81.82 3.11
N HIS P 667 -1.94 -82.97 3.64
CA HIS P 667 -1.77 -84.18 2.82
C HIS P 667 -3.13 -84.73 2.39
N PRO P 668 -3.34 -84.99 1.10
CA PRO P 668 -4.66 -85.41 0.63
C PRO P 668 -4.87 -86.91 0.55
N HIS P 669 -6.14 -87.29 0.65
CA HIS P 669 -6.59 -88.66 0.41
C HIS P 669 -7.99 -88.58 -0.20
N PHE P 670 -8.44 -89.69 -0.77
CA PHE P 670 -9.62 -89.64 -1.64
C PHE P 670 -10.51 -90.85 -1.42
N VAL P 671 -11.82 -90.61 -1.44
CA VAL P 671 -12.83 -91.65 -1.35
C VAL P 671 -13.99 -91.27 -2.26
N ARG P 672 -14.50 -92.24 -3.03
CA ARG P 672 -15.52 -92.00 -4.04
C ARG P 672 -16.68 -92.97 -3.79
N CYS P 673 -17.69 -92.53 -3.06
CA CYS P 673 -18.88 -93.35 -2.84
C CYS P 673 -19.77 -93.32 -4.08
N ILE P 674 -19.82 -94.43 -4.81
CA ILE P 674 -20.62 -94.53 -6.03
C ILE P 674 -22.03 -94.95 -5.67
N ILE P 675 -22.98 -94.60 -6.52
CA ILE P 675 -24.29 -95.24 -6.56
C ILE P 675 -24.33 -96.12 -7.80
N PRO P 676 -24.18 -97.43 -7.66
CA PRO P 676 -23.98 -98.29 -8.83
C PRO P 676 -25.24 -98.56 -9.63
N ASN P 677 -26.43 -98.37 -9.06
CA ASN P 677 -27.66 -98.74 -9.73
C ASN P 677 -28.76 -97.75 -9.37
N GLU P 678 -29.75 -97.65 -10.27
CA GLU P 678 -30.89 -96.75 -10.07
C GLU P 678 -31.61 -97.10 -8.77
N THR P 679 -32.16 -98.31 -8.71
CA THR P 679 -32.83 -98.80 -7.52
C THR P 679 -31.78 -99.27 -6.51
N LYS P 680 -32.21 -100.01 -5.49
CA LYS P 680 -31.32 -100.46 -4.43
C LYS P 680 -31.15 -101.97 -4.44
N THR P 681 -30.94 -102.55 -5.61
CA THR P 681 -30.65 -103.98 -5.73
C THR P 681 -29.14 -104.16 -5.76
N PRO P 682 -28.51 -104.59 -4.67
CA PRO P 682 -27.05 -104.71 -4.66
C PRO P 682 -26.54 -105.73 -5.66
N GLY P 683 -25.24 -105.66 -5.92
CA GLY P 683 -24.59 -106.54 -6.87
C GLY P 683 -24.71 -106.15 -8.32
N ALA P 684 -25.95 -105.94 -8.79
CA ALA P 684 -26.17 -105.55 -10.18
C ALA P 684 -25.97 -104.05 -10.35
N MET P 685 -25.30 -103.67 -11.44
CA MET P 685 -25.03 -102.27 -11.71
C MET P 685 -24.87 -102.06 -13.20
N GLU P 686 -25.53 -101.03 -13.72
CA GLU P 686 -25.42 -100.66 -15.11
C GLU P 686 -24.16 -99.83 -15.33
N HIS P 687 -23.81 -99.61 -16.60
CA HIS P 687 -22.53 -99.01 -16.91
C HIS P 687 -22.65 -97.50 -17.08
N GLU P 688 -23.57 -97.05 -17.93
CA GLU P 688 -23.70 -95.64 -18.26
C GLU P 688 -23.83 -94.77 -17.01
N LEU P 689 -24.61 -95.23 -16.03
CA LEU P 689 -24.84 -94.41 -14.84
C LEU P 689 -23.56 -94.29 -14.02
N VAL P 690 -22.93 -95.42 -13.70
CA VAL P 690 -21.66 -95.37 -12.98
C VAL P 690 -20.59 -94.68 -13.79
N LEU P 691 -20.72 -94.70 -15.13
CA LEU P 691 -19.79 -93.95 -15.96
C LEU P 691 -19.90 -92.45 -15.69
N HIS P 692 -21.12 -91.96 -15.45
CA HIS P 692 -21.25 -90.57 -15.02
C HIS P 692 -20.57 -90.35 -13.68
N GLN P 693 -20.69 -91.32 -12.76
CA GLN P 693 -19.93 -91.25 -11.52
C GLN P 693 -18.44 -91.41 -11.78
N LEU P 694 -18.07 -92.12 -12.83
CA LEU P 694 -16.66 -92.19 -13.21
C LEU P 694 -16.13 -90.81 -13.56
N ARG P 695 -16.84 -90.09 -14.44
CA ARG P 695 -16.35 -88.80 -14.91
C ARG P 695 -16.44 -87.72 -13.84
N CYS P 696 -17.56 -87.64 -13.12
CA CYS P 696 -17.69 -86.58 -12.13
C CYS P 696 -16.72 -86.76 -10.98
N ASN P 697 -16.30 -88.00 -10.72
CA ASN P 697 -15.24 -88.25 -9.77
C ASN P 697 -13.86 -88.15 -10.39
N GLY P 698 -13.78 -88.25 -11.72
CA GLY P 698 -12.52 -88.08 -12.42
C GLY P 698 -11.47 -89.12 -12.10
N VAL P 699 -11.86 -90.27 -11.58
CA VAL P 699 -10.88 -91.33 -11.36
C VAL P 699 -10.34 -91.85 -12.68
N LEU P 700 -11.16 -91.81 -13.73
CA LEU P 700 -10.66 -92.15 -15.06
C LEU P 700 -9.54 -91.22 -15.49
N GLU P 701 -9.53 -89.99 -15.00
CA GLU P 701 -8.42 -89.10 -15.32
C GLU P 701 -7.13 -89.62 -14.72
N GLY P 702 -7.19 -90.11 -13.48
CA GLY P 702 -6.02 -90.76 -12.91
C GLY P 702 -5.60 -91.99 -13.69
N ILE P 703 -6.57 -92.83 -14.05
CA ILE P 703 -6.19 -94.07 -14.73
C ILE P 703 -5.63 -93.78 -16.12
N ARG P 704 -6.03 -92.64 -16.71
CA ARG P 704 -5.50 -92.32 -18.04
C ARG P 704 -4.20 -91.56 -17.98
N ILE P 705 -3.96 -90.78 -16.93
CA ILE P 705 -2.64 -90.16 -16.80
C ILE P 705 -1.59 -91.21 -16.47
N CYS P 706 -1.96 -92.22 -15.68
CA CYS P 706 -1.02 -93.34 -15.50
C CYS P 706 -1.07 -94.32 -16.66
N ARG P 707 -2.09 -94.22 -17.52
CA ARG P 707 -2.22 -95.14 -18.64
C ARG P 707 -1.23 -94.84 -19.75
N LYS P 708 -0.92 -93.56 -19.99
CA LYS P 708 0.00 -93.18 -21.03
C LYS P 708 1.45 -93.20 -20.57
N GLY P 709 1.76 -93.91 -19.50
CA GLY P 709 3.12 -94.09 -19.04
C GLY P 709 3.49 -95.55 -18.90
N PHE P 710 4.08 -95.91 -17.76
CA PHE P 710 4.42 -97.29 -17.44
C PHE P 710 3.53 -97.80 -16.32
N PRO P 711 2.31 -98.24 -16.61
CA PRO P 711 1.41 -98.65 -15.52
C PRO P 711 1.86 -99.90 -14.78
N SER P 712 2.54 -100.84 -15.45
CA SER P 712 2.85 -102.14 -14.88
C SER P 712 4.24 -102.12 -14.27
N ARG P 713 4.31 -101.95 -12.96
CA ARG P 713 5.54 -102.05 -12.19
C ARG P 713 5.50 -103.38 -11.43
N ILE P 714 6.30 -104.36 -11.86
CA ILE P 714 6.25 -105.70 -11.29
C ILE P 714 7.65 -106.20 -11.01
N LEU P 715 7.75 -107.09 -10.02
CA LEU P 715 9.00 -107.72 -9.62
C LEU P 715 9.31 -108.89 -10.55
N TYR P 716 10.29 -109.70 -10.16
CA TYR P 716 10.61 -110.92 -10.87
C TYR P 716 9.78 -112.12 -10.44
N ALA P 717 9.18 -112.05 -9.24
CA ALA P 717 8.48 -113.18 -8.64
C ALA P 717 7.58 -113.92 -9.63
N ASP P 718 6.79 -113.18 -10.40
CA ASP P 718 5.98 -113.79 -11.44
C ASP P 718 6.58 -113.63 -12.82
N PHE P 719 7.44 -112.64 -13.03
CA PHE P 719 8.06 -112.43 -14.34
C PHE P 719 8.85 -113.67 -14.76
N LYS P 720 9.79 -114.09 -13.92
CA LYS P 720 10.58 -115.29 -14.22
C LYS P 720 9.68 -116.48 -14.47
N GLN P 721 8.75 -116.74 -13.55
CA GLN P 721 7.97 -117.97 -13.56
C GLN P 721 6.93 -118.02 -14.66
N ARG P 722 6.56 -116.88 -15.24
CA ARG P 722 5.61 -116.88 -16.35
C ARG P 722 6.25 -116.51 -17.68
N TYR P 723 7.52 -116.13 -17.70
CA TYR P 723 8.22 -115.87 -18.95
C TYR P 723 9.33 -116.87 -19.25
N LYS P 724 9.59 -117.82 -18.35
CA LYS P 724 10.55 -118.87 -18.67
C LYS P 724 10.01 -119.90 -19.68
N VAL P 725 8.86 -119.64 -20.32
CA VAL P 725 8.26 -120.61 -21.22
C VAL P 725 8.70 -120.44 -22.67
N LEU P 726 9.63 -119.53 -22.95
CA LEU P 726 10.24 -119.42 -24.27
C LEU P 726 11.73 -119.72 -24.25
N ASN P 727 12.47 -119.11 -23.34
CA ASN P 727 13.86 -119.47 -23.08
C ASN P 727 13.89 -120.18 -21.73
N ALA P 728 13.66 -121.48 -21.75
CA ALA P 728 13.61 -122.27 -20.52
C ALA P 728 15.02 -122.58 -20.01
N SER P 739 19.37 -113.08 -11.62
CA SER P 739 18.45 -112.03 -11.23
C SER P 739 18.12 -111.12 -12.40
N LYS P 740 18.80 -109.96 -12.45
CA LYS P 740 18.57 -109.02 -13.53
C LYS P 740 19.06 -109.58 -14.87
N LYS P 741 20.15 -110.35 -14.84
CA LYS P 741 20.65 -110.92 -16.08
C LYS P 741 19.71 -111.99 -16.62
N ALA P 742 19.09 -112.76 -15.73
CA ALA P 742 18.07 -113.70 -16.17
C ALA P 742 16.88 -112.97 -16.77
N SER P 743 16.55 -111.79 -16.25
CA SER P 743 15.49 -110.99 -16.86
C SER P 743 15.91 -110.50 -18.25
N GLU P 744 17.18 -110.12 -18.41
CA GLU P 744 17.67 -109.73 -19.72
C GLU P 744 17.55 -110.89 -20.71
N LYS P 745 17.90 -112.09 -20.26
CA LYS P 745 17.76 -113.27 -21.11
C LYS P 745 16.30 -113.53 -21.45
N LEU P 746 15.40 -113.35 -20.47
CA LEU P 746 14.00 -113.61 -20.71
C LEU P 746 13.33 -112.54 -21.56
N LEU P 747 13.88 -111.33 -21.61
CA LEU P 747 13.31 -110.29 -22.46
C LEU P 747 13.87 -110.36 -23.88
N GLY P 748 15.18 -110.60 -24.03
CA GLY P 748 15.73 -110.75 -25.36
C GLY P 748 15.17 -111.93 -26.12
N SER P 749 14.50 -112.85 -25.44
CA SER P 749 14.07 -114.11 -26.04
C SER P 749 12.62 -114.14 -26.47
N ILE P 750 11.75 -113.31 -25.91
CA ILE P 750 10.32 -113.42 -26.17
C ILE P 750 9.84 -112.24 -27.00
N ASP P 751 10.73 -111.68 -27.82
CA ASP P 751 10.35 -110.71 -28.86
C ASP P 751 9.64 -109.50 -28.28
N ILE P 752 10.37 -108.75 -27.47
CA ILE P 752 9.91 -107.45 -26.97
C ILE P 752 10.85 -106.37 -27.50
N ASP P 753 10.28 -105.28 -27.99
CA ASP P 753 11.10 -104.15 -28.40
C ASP P 753 11.56 -103.38 -27.18
N HIS P 754 12.72 -102.72 -27.32
CA HIS P 754 13.38 -102.07 -26.19
C HIS P 754 12.77 -100.71 -25.86
N THR P 755 11.59 -100.40 -26.37
CA THR P 755 10.94 -99.12 -26.11
C THR P 755 9.96 -99.21 -24.95
N GLN P 756 8.97 -100.09 -25.04
CA GLN P 756 7.82 -100.08 -24.15
C GLN P 756 8.08 -100.72 -22.80
N TYR P 757 9.33 -101.01 -22.44
CA TYR P 757 9.62 -101.59 -21.14
C TYR P 757 10.91 -101.00 -20.58
N LYS P 758 10.98 -100.92 -19.26
CA LYS P 758 12.20 -100.55 -18.56
C LYS P 758 12.27 -101.21 -17.19
N PHE P 759 13.39 -101.86 -16.89
CA PHE P 759 13.70 -102.35 -15.55
C PHE P 759 14.79 -101.45 -14.98
N GLY P 760 14.42 -100.57 -14.06
CA GLY P 760 15.38 -99.60 -13.56
C GLY P 760 16.48 -100.22 -12.73
N HIS P 761 16.17 -100.61 -11.49
CA HIS P 761 17.10 -101.44 -10.73
C HIS P 761 16.44 -102.58 -9.96
N THR P 762 15.15 -102.50 -9.64
CA THR P 762 14.52 -103.53 -8.82
C THR P 762 13.22 -104.02 -9.43
N LYS P 763 12.53 -103.15 -10.18
CA LYS P 763 11.25 -103.49 -10.78
C LYS P 763 11.28 -103.13 -12.26
N VAL P 764 10.56 -103.92 -13.04
CA VAL P 764 10.45 -103.70 -14.48
C VAL P 764 9.17 -102.92 -14.76
N PHE P 765 9.28 -101.93 -15.63
CA PHE P 765 8.19 -101.02 -15.93
C PHE P 765 7.64 -101.33 -17.31
N PHE P 766 6.32 -101.36 -17.43
CA PHE P 766 5.68 -101.75 -18.67
C PHE P 766 4.59 -100.75 -19.02
N LYS P 767 4.54 -100.35 -20.29
CA LYS P 767 3.34 -99.69 -20.80
C LYS P 767 2.16 -100.66 -20.74
N ALA P 768 0.96 -100.12 -20.95
CA ALA P 768 -0.24 -100.92 -20.81
C ALA P 768 -0.26 -102.09 -21.80
N GLY P 769 -0.37 -101.77 -23.08
CA GLY P 769 -0.67 -102.80 -24.08
C GLY P 769 0.47 -103.70 -24.49
N LEU P 770 1.16 -104.30 -23.53
CA LEU P 770 2.23 -105.23 -23.88
C LEU P 770 2.11 -106.55 -23.13
N LEU P 771 1.59 -106.53 -21.90
CA LEU P 771 1.46 -107.78 -21.16
C LEU P 771 0.35 -108.64 -21.72
N GLY P 772 -0.77 -108.03 -22.13
CA GLY P 772 -1.80 -108.79 -22.83
C GLY P 772 -1.26 -109.45 -24.09
N LEU P 773 -0.40 -108.74 -24.83
CA LEU P 773 0.33 -109.36 -25.93
C LEU P 773 1.09 -110.59 -25.46
N LEU P 774 1.73 -110.49 -24.30
CA LEU P 774 2.47 -111.62 -23.75
C LEU P 774 1.53 -112.62 -23.08
N GLU P 775 0.50 -112.12 -22.40
CA GLU P 775 -0.50 -112.97 -21.74
C GLU P 775 -0.90 -114.17 -22.57
N GLU P 776 -1.15 -113.95 -23.86
CA GLU P 776 -1.48 -115.04 -24.77
C GLU P 776 -0.25 -115.81 -25.23
N MET P 777 0.94 -115.22 -25.13
CA MET P 777 2.15 -115.87 -25.61
C MET P 777 3.09 -116.36 -24.51
N ARG P 778 2.98 -115.81 -23.29
CA ARG P 778 3.76 -116.30 -22.16
C ARG P 778 3.17 -117.55 -21.53
N ASP P 779 2.22 -118.20 -22.21
CA ASP P 779 1.55 -119.38 -21.68
C ASP P 779 1.84 -120.65 -22.49
N ASP P 780 2.50 -120.53 -23.64
CA ASP P 780 2.76 -121.69 -24.48
C ASP P 780 4.23 -121.77 -24.90
#